data_3DY3
#
_entry.id   3DY3
#
_cell.length_a   135.148
_cell.length_b   301.860
_cell.length_c   144.084
_cell.angle_alpha   90.00
_cell.angle_beta   112.81
_cell.angle_gamma   90.00
#
_symmetry.space_group_name_H-M   'P 1 21 1'
#
loop_
_entity.id
_entity.type
_entity.pdbx_description
1 polymer 'Proteasome component Y7'
2 polymer 'Proteasome component Y13'
3 polymer 'Proteasome component PRE6'
4 polymer 'Proteasome component PUP2'
5 polymer 'Proteasome component PRE5'
6 polymer 'Proteasome component C1'
7 polymer 'Proteasome component C7-alpha'
8 polymer 'Proteasome component PUP1'
9 polymer 'Proteasome component PUP3'
10 polymer 'Proteasome component C11'
11 polymer 'Proteasome component PRE2'
12 polymer 'Proteasome component C5'
13 polymer 'Proteasome component PRE4'
14 polymer 'Proteasome component PRE3'
15 non-polymer (3R,4R)-3-hydroxy-2-[(1S)-1-hydroxy-2-methylpropyl]-4-methyl-5-oxo-D-proline
16 water water
#
loop_
_entity_poly.entity_id
_entity_poly.type
_entity_poly.pdbx_seq_one_letter_code
_entity_poly.pdbx_strand_id
1 'polypeptide(L)'
;MTDRYSFSLTTFSPSGKLGQIDYALTAVKQGVTSLGIKATNGVVIATEKKSSSPLAMSETLSKVSLLTPDIGAVYSGMGP
DYRVLVDKSRKVAHTSYKRIYGEYPPTKLLVSEVAKIMQEATQSGGVRPFGVSLLIAGHDEFNGFSLYQVDPSGSYFPWK
ATAIGKGSVAAKTFLEKRWNDELELEDAIHIALLTLKESVEGEFNGDTIELAIIGDENPDLLGYTGIPTDKGPRFRKLTS
QEINDRLEAL
;
A,O
2 'polypeptide(L)'
;GSRRYDSRTTIFSPEGRLYQVEYALESISHAGTAIGIMASDGIVLAAERKVTSTLLEQDTSTEKLYKLNDKIAVAVAGLT
ADAEILINTARIHAQNYLKTYNEDIPVEILVRRLSDIKQGYTQHGGLRPFGVSFIYAGYDDRYGYQLYTSNPSGNYTGWK
AISVGANTSAAQTLLQMDYKDDMKVDDAIELALKTLSKTTDSSALTYDRLEFATIRKGANDGEVYQKIFKPQEIKDILVK
TGIT
;
B,P
3 'polypeptide(L)'
;GYDRALSIFSPDGHIFQVEYALEAVKRGTCAVGVKGKNCVVLGCERRSTLKLQDTRITPSKVSKIDSHVVLSFSGLNADS
RILIEKARVEAQSHRLTLEDPVTVEYLTRYVAGVQQRYTQSGGVRPFGVSTLIAGFDPRDDEPKLYQTEPSGIYSSWSAQ
TIGRNSKTVREFLEKNYDRKEPPATVEECVKLTVRSLLEVVQTGAKNIEITVVKPDSDIVALSSEEINQYVTQIEQEKQE
Q
;
C,Q
4 'polypeptide(L)'
;DRGVSTFSPEGRLFQVEYSLEAIKLGSTAIGIATKEGVVLGVEKRATSPLLESDSIEKIVEIDRHIGCAMSGLTADARSM
IEHARTAAVTHNLYYDEDINVESLTQSVCDLALRFGEGASGEERLMSRPFGVALLIAGHDADDGYQLFHAEPSGTFYRYN
AKAIGSGSEGAQAELLNEWHSSLTLKEAELLVLKILKQVMEEKLDENNAQLSCITKQDGFKIYDNEKTAELIKELKEKEA
AE
;
D,R
5 'polypeptide(L)'
;FRNNYDGDTVTFSPTGRLFQVEYALEAIKQGSVTVGLRSNTHAVLVALKRNADELSSYQKKIIKCDEHMGLSLAGLAPDA
RVLSNYLRQQCNYSSLVFNRKLAVERAGHLLCDKAQKNTQSYGGRPYGVGLLIIGYDKSGAHLLEFQPSGNVTELYGTAI
GARSQGAKTYLERTLDTFIKIDGNPDELIKAGVEAISQSLRDESLTVDNLSIAIVGKDTPFTIYDGEAVAKYI
;
E,S
6 'polypeptide(L)'
;GTGYDLSNSVFSPDGRNFQVEYAVKAVENGTTSIGIKCNDGVVFAVEKLITSKLLVPQKNVKIQVVDRHIGCVYSGLIPD
GRHLVNRGREEAASFKKLYKTPIPIPAFADRLGQYVQAHTLYNSVRPFGVSTIFGGVDKNGAHLYMLEPSGSYWGYKGAA
TGKGRQSAKAELEKLVDHHPEGLSAREAVKQAAKIIYLAHEDNKEKDFELEISWCSLSETNGLHKFVKGDLLQEAIDFAQ
KEIN
;
F,T
7 'polypeptide(L)'
;AGYDRHITIFSPEGRLYQVEYAFKATNQTNINSLAVRGKDCTVVISQKKVPDKLLDPTTVSYIFCISRTIGMVVNGPIPD
ARNAALRAKAEAAEFRYKYGYDMPCDVLAKRMANLSQIYTQRAYMRPLGVILTFVSVDEELGPSIYKTDPAGYYVGYKAT
ATGPKQQEITTNLENHFKKSKIDHINEESWEKVVEFAITHMIDALGTEFSKNDLEVGVATKDKFFTLSAENIEERLVAIA
EQD
;
G,U
8 'polypeptide(L)'
;TTIVGVKFNNGVVIAADTRSTQGPIVADKNCAKLHRISPKIWCAGAGTAADTEAVTQLIGSNIELHSLYTSREPRVVSAL
QMLKQHLFKYQGHIGAYLIVAGVDPTGSHLFSIHAHGSTDVGYYLSLGSGSLAAMAVLESHWKQDLTKEEAIKLASDAIQ
AGIWNDLGSGSNVDVCVMEIGKDAEYLRNYLTPNVREEKQKSYKFPRGTTAVLKESIVNICD
;
H,V
9 'polypeptide(L)'
;SDPSSINGGIVVAMTGKDCVAIACDLRLGSQSLGVSNKFEKIFHYGHVFLGITGLATDVTTLNEMFRYKTNLYKLKEERA
IEPETFTQLVSSSLYERRFGPYFVGPVVAGINSKSGKPFIAGFDLIGCIDEAKDFIVSGTASDQLFGMCESLYEPNLEPE
DLFETISQALLNAADRDALSGWGAVVYIIKKDEVVKRYLKMRQD
;
I,W
10 'polypeptide(L)'
;MDIILGIRVQDSVILASSKAVTRGISVLKDSDDKTRQLSPHTLMSFAGEAGDTVQFAEYIQANIQLYSIREDYELSPQAV
SSFVRQELAKSIRSRRPYQVNVLIGGYDKKKNKPELYQIDYLGTKVELPYGAHGYSGFYTFSLLDHHYRPDMTTEEGLDL
LKLCVQELEKRMPMDFKGVIVKIVDKDGIRQVDDFQAQ
;
J,X
11 'polypeptide(L)'
;TTTLAFRFQGGIIVAVDSRATAGNWVASQTVKKVIEINPFLLGTMAGGAADCQFWETWLGSQCRLHELREKERISVAAAS
KILSNLVYQYKGAGLSMGTMICGYTRKEGPTIYYVDSDGTRLKGDIFCVGSGQTFAYGVLDSNYKWDLSVEDALYLGKRS
ILAAAHRDAYSGGSVNLYHVTEDGWIYHGNHDVGELFWKVKEEEGSFNNVIG
;
K,Y
12 'polypeptide(L)'
;QFNPYGDNGGTILGIAGEDFAVLAGDTRNITDYSINSRYEPKVFDCGDNIVMSANGFAADGDALVKRFKNSVKWYHFDHN
DKKLSINSAARNIQHLLYGKRFFPYYVHTIIAGLDEDGKGAVYSFDPVGSYEREQCRAGGAAASLIMPFLDNQVNFKNQY
EPGTNGKVKKPLKYLSVEEVIKLVRDSFTSATERHIQVGDGLEILIVTKDGVRKEFYELKRD
;
L,Z
13 'polypeptide(L)'
;TQQPIVTGTSVISMKYDNGVIIAADNLGSYGSLLRFNGVERLIPVGDNTVVGISGDISDMQHIERLLKDLVTENAYDNPL
ADAEEALEPSYIFEYLATVMYQRRSKMNPLWNAIIVAGVQSNGDQFLRYVNLLGVTYSSPTLATGFGAHMANPLLRKVVD
RESDIPKTTVQVAEEAIVNAMRVLYYRDARSSRNFSLAIIDKNTGLTFKKNLQVENMKWDFAKDIKGYGTQKI
;
M,1
14 'polypeptide(L)'
;TSIMAVTFKDGVILGADSRTTTGAYIANRVTDKLTRVHDKIWCCRSGSAADTQAIADIVQYHLELYTSQYGTPSTETAAS
VFKELCYENKDNLTAGIIVAGYDDKNKGEVYTIPLGGSVHKLPYAIAGSGSTFIYGYCDKNFRENMSKEETVDFIKHSLS
QAIKWDGSSGGVIRMVVLTAAGVERLIFYPDEYEQL
;
N,2
#
# COMPACT_ATOMS: atom_id res chain seq x y z
N MET A 1 25.32 46.10 -19.02
CA MET A 1 23.85 46.20 -19.10
C MET A 1 23.32 46.46 -17.69
N THR A 2 22.18 45.86 -17.39
CA THR A 2 21.54 45.99 -16.08
C THR A 2 21.45 47.45 -15.67
N ASP A 3 20.21 47.94 -15.65
CA ASP A 3 19.95 49.32 -15.26
C ASP A 3 20.74 49.62 -13.99
N ARG A 4 21.64 50.59 -14.07
CA ARG A 4 22.45 50.97 -12.92
C ARG A 4 21.94 52.30 -12.38
N TYR A 5 20.79 52.72 -12.91
CA TYR A 5 20.13 53.98 -12.52
C TYR A 5 19.10 53.66 -11.45
N SER A 6 19.60 53.27 -10.28
CA SER A 6 18.75 52.93 -9.14
C SER A 6 18.50 54.13 -8.22
N PHE A 7 19.00 55.29 -8.61
CA PHE A 7 18.84 56.52 -7.84
C PHE A 7 17.81 57.45 -8.50
N SER A 8 17.25 58.37 -7.72
CA SER A 8 16.25 59.29 -8.24
C SER A 8 16.83 60.28 -9.24
N LEU A 9 16.09 60.52 -10.32
CA LEU A 9 16.53 61.47 -11.32
C LEU A 9 15.79 62.79 -11.07
N THR A 10 14.90 62.79 -10.08
CA THR A 10 14.16 63.98 -9.69
C THR A 10 14.50 64.22 -8.23
N THR A 11 15.14 65.34 -7.93
CA THR A 11 15.54 65.65 -6.56
C THR A 11 15.20 67.10 -6.19
N PHE A 12 15.28 67.42 -4.91
CA PHE A 12 14.97 68.77 -4.46
C PHE A 12 16.11 69.74 -4.72
N SER A 13 15.80 70.90 -5.26
CA SER A 13 16.82 71.90 -5.50
C SER A 13 16.89 72.72 -4.21
N PRO A 14 17.99 73.45 -3.99
CA PRO A 14 18.09 74.24 -2.76
C PRO A 14 16.87 75.11 -2.47
N SER A 15 16.14 75.51 -3.51
CA SER A 15 14.97 76.36 -3.30
C SER A 15 13.73 75.53 -3.01
N GLY A 16 13.92 74.21 -2.95
CA GLY A 16 12.81 73.32 -2.68
C GLY A 16 12.05 72.87 -3.92
N LYS A 17 12.50 73.27 -5.10
CA LYS A 17 11.82 72.89 -6.34
C LYS A 17 12.23 71.50 -6.82
N LEU A 18 11.28 70.78 -7.41
CA LEU A 18 11.56 69.47 -7.98
C LEU A 18 11.61 69.72 -9.49
N GLY A 19 12.82 70.06 -9.96
CA GLY A 19 13.05 70.36 -11.35
C GLY A 19 12.29 69.61 -12.41
N GLN A 20 12.51 68.30 -12.48
CA GLN A 20 11.86 67.47 -13.48
C GLN A 20 10.34 67.58 -13.53
N ILE A 21 9.71 67.72 -12.38
CA ILE A 21 8.26 67.87 -12.34
C ILE A 21 7.88 69.22 -12.95
N ASP A 22 8.66 70.25 -12.62
CA ASP A 22 8.41 71.57 -13.18
C ASP A 22 8.51 71.51 -14.69
N TYR A 23 9.66 71.03 -15.19
CA TYR A 23 9.88 70.93 -16.62
C TYR A 23 8.77 70.14 -17.29
N ALA A 24 8.36 69.05 -16.65
CA ALA A 24 7.30 68.23 -17.19
C ALA A 24 6.04 69.09 -17.35
N LEU A 25 5.75 69.95 -16.38
CA LEU A 25 4.59 70.83 -16.47
C LEU A 25 4.74 71.80 -17.64
N THR A 26 5.97 72.23 -17.89
CA THR A 26 6.26 73.14 -19.01
C THR A 26 5.87 72.45 -20.30
N ALA A 27 6.26 71.19 -20.42
CA ALA A 27 5.95 70.41 -21.61
C ALA A 27 4.44 70.34 -21.79
N VAL A 28 3.71 70.28 -20.68
CA VAL A 28 2.26 70.23 -20.75
C VAL A 28 1.70 71.54 -21.29
N LYS A 29 2.24 72.67 -20.85
CA LYS A 29 1.79 73.97 -21.32
C LYS A 29 1.94 74.10 -22.83
N GLN A 30 3.02 73.56 -23.38
CA GLN A 30 3.27 73.60 -24.81
C GLN A 30 2.26 72.75 -25.56
N GLY A 31 1.64 71.82 -24.84
CA GLY A 31 0.69 70.92 -25.47
C GLY A 31 -0.58 71.56 -25.99
N VAL A 32 -1.27 70.81 -26.85
CA VAL A 32 -2.53 71.27 -27.40
C VAL A 32 -3.58 71.36 -26.31
N THR A 33 -4.45 72.36 -26.41
CA THR A 33 -5.48 72.55 -25.42
C THR A 33 -6.47 71.39 -25.38
N SER A 34 -6.94 71.05 -24.19
CA SER A 34 -7.95 70.01 -23.98
C SER A 34 -8.76 70.50 -22.75
N LEU A 35 -10.05 70.22 -22.72
CA LEU A 35 -10.87 70.70 -21.61
C LEU A 35 -11.92 69.72 -21.14
N GLY A 36 -12.59 70.07 -20.06
CA GLY A 36 -13.63 69.23 -19.50
C GLY A 36 -14.68 70.04 -18.78
N ILE A 37 -15.94 69.70 -19.00
CA ILE A 37 -17.04 70.42 -18.37
C ILE A 37 -18.03 69.45 -17.77
N LYS A 38 -18.33 69.63 -16.50
CA LYS A 38 -19.28 68.76 -15.82
C LYS A 38 -20.67 69.39 -15.78
N ALA A 39 -21.67 68.67 -16.25
CA ALA A 39 -23.04 69.15 -16.24
C ALA A 39 -23.78 68.41 -15.13
N THR A 40 -25.09 68.59 -15.06
CA THR A 40 -25.85 67.92 -14.01
C THR A 40 -26.12 66.47 -14.39
N ASN A 41 -26.20 66.20 -15.69
CA ASN A 41 -26.47 64.84 -16.13
C ASN A 41 -25.42 64.31 -17.09
N GLY A 42 -24.16 64.69 -16.86
CA GLY A 42 -23.10 64.22 -17.72
C GLY A 42 -21.85 65.05 -17.63
N VAL A 43 -20.81 64.62 -18.34
CA VAL A 43 -19.55 65.35 -18.35
C VAL A 43 -19.09 65.31 -19.79
N VAL A 44 -18.24 66.24 -20.19
CA VAL A 44 -17.73 66.23 -21.55
C VAL A 44 -16.26 66.62 -21.53
N ILE A 45 -15.46 65.88 -22.30
CA ILE A 45 -14.04 66.17 -22.42
C ILE A 45 -13.78 66.35 -23.90
N ALA A 46 -12.94 67.33 -24.24
CA ALA A 46 -12.65 67.62 -25.64
C ALA A 46 -11.25 68.16 -25.83
N THR A 47 -10.77 68.05 -27.06
CA THR A 47 -9.45 68.52 -27.41
C THR A 47 -9.40 68.68 -28.93
N GLU A 48 -8.34 69.28 -29.42
CA GLU A 48 -8.14 69.48 -30.85
C GLU A 48 -7.21 68.39 -31.40
N LYS A 49 -7.50 67.89 -32.58
CA LYS A 49 -6.66 66.87 -33.22
C LYS A 49 -5.69 67.60 -34.15
N LYS A 50 -4.56 68.01 -33.57
CA LYS A 50 -3.51 68.72 -34.28
C LYS A 50 -2.79 67.78 -35.25
N SER A 51 -3.46 67.40 -36.34
CA SER A 51 -2.88 66.49 -37.33
C SER A 51 -1.46 66.93 -37.71
N SER A 52 -0.48 66.10 -37.37
CA SER A 52 0.92 66.41 -37.65
C SER A 52 1.34 66.26 -39.11
N SER A 53 0.37 66.08 -39.99
CA SER A 53 0.61 65.94 -41.43
C SER A 53 -0.72 65.71 -42.14
N PRO A 54 -0.91 66.35 -43.31
CA PRO A 54 -2.16 66.16 -44.04
C PRO A 54 -2.28 64.74 -44.59
N LEU A 55 -1.16 64.01 -44.61
CA LEU A 55 -1.15 62.65 -45.10
C LEU A 55 -1.46 61.64 -44.00
N ALA A 56 -1.46 62.12 -42.75
CA ALA A 56 -1.75 61.27 -41.61
C ALA A 56 -3.26 61.09 -41.60
N MET A 57 -3.74 60.15 -40.78
CA MET A 57 -5.16 59.92 -40.67
C MET A 57 -5.60 60.13 -39.24
N SER A 58 -6.01 61.36 -38.96
CA SER A 58 -6.44 61.76 -37.63
C SER A 58 -7.26 60.74 -36.84
N GLU A 59 -8.06 59.91 -37.53
CA GLU A 59 -8.88 58.92 -36.84
C GLU A 59 -8.03 57.83 -36.20
N THR A 60 -6.94 57.46 -36.86
CA THR A 60 -6.06 56.42 -36.34
C THR A 60 -5.37 56.82 -35.04
N LEU A 61 -5.50 58.08 -34.66
CA LEU A 61 -4.88 58.54 -33.42
C LEU A 61 -5.92 59.27 -32.57
N SER A 62 -6.41 58.61 -31.53
CA SER A 62 -7.40 59.20 -30.65
C SER A 62 -6.78 59.76 -29.38
N LYS A 63 -7.16 60.98 -29.05
CA LYS A 63 -6.65 61.65 -27.86
C LYS A 63 -7.63 61.47 -26.71
N VAL A 64 -8.82 60.97 -27.03
CA VAL A 64 -9.86 60.73 -26.04
C VAL A 64 -10.03 59.21 -25.89
N SER A 65 -9.60 58.68 -24.75
CA SER A 65 -9.65 57.23 -24.52
C SER A 65 -10.62 56.74 -23.46
N LEU A 66 -11.27 55.61 -23.76
CA LEU A 66 -12.17 54.98 -22.81
C LEU A 66 -11.29 54.18 -21.86
N LEU A 67 -11.45 54.40 -20.55
CA LEU A 67 -10.67 53.69 -19.55
C LEU A 67 -11.48 52.50 -19.04
N THR A 68 -12.75 52.76 -18.74
CA THR A 68 -13.68 51.73 -18.30
C THR A 68 -14.95 52.13 -19.04
N PRO A 69 -16.01 51.32 -18.96
CA PRO A 69 -17.20 51.76 -19.70
C PRO A 69 -17.91 53.03 -19.19
N ASP A 70 -17.45 53.59 -18.07
CA ASP A 70 -18.03 54.82 -17.54
C ASP A 70 -16.96 55.86 -17.24
N ILE A 71 -15.77 55.68 -17.81
CA ILE A 71 -14.69 56.63 -17.56
C ILE A 71 -13.90 56.88 -18.82
N GLY A 72 -13.64 58.15 -19.08
CA GLY A 72 -12.88 58.52 -20.25
C GLY A 72 -11.74 59.43 -19.83
N ALA A 73 -10.74 59.56 -20.70
CA ALA A 73 -9.61 60.40 -20.40
C ALA A 73 -9.13 61.17 -21.61
N VAL A 74 -8.56 62.33 -21.36
CA VAL A 74 -8.01 63.20 -22.40
C VAL A 74 -6.77 63.87 -21.80
N TYR A 75 -5.88 64.36 -22.65
CA TYR A 75 -4.66 64.95 -22.14
C TYR A 75 -4.14 66.16 -22.89
N SER A 76 -3.01 66.66 -22.38
CA SER A 76 -2.26 67.76 -22.95
C SER A 76 -0.82 67.49 -22.59
N GLY A 77 0.07 67.54 -23.57
CA GLY A 77 1.46 67.26 -23.30
C GLY A 77 2.02 66.22 -24.25
N MET A 78 2.77 65.27 -23.73
CA MET A 78 3.37 64.24 -24.55
C MET A 78 2.49 63.04 -24.89
N GLY A 79 2.01 63.01 -26.13
CA GLY A 79 1.15 61.94 -26.59
C GLY A 79 1.62 60.54 -26.24
N PRO A 80 2.89 60.18 -26.55
CA PRO A 80 3.35 58.83 -26.22
C PRO A 80 3.23 58.48 -24.73
N ASP A 81 3.55 59.43 -23.85
CA ASP A 81 3.43 59.17 -22.42
C ASP A 81 1.97 58.87 -22.07
N TYR A 82 1.06 59.64 -22.67
CA TYR A 82 -0.36 59.44 -22.43
C TYR A 82 -0.82 58.06 -22.90
N ARG A 83 -0.31 57.62 -24.03
CA ARG A 83 -0.68 56.32 -24.57
C ARG A 83 -0.40 55.18 -23.58
N VAL A 84 0.83 55.12 -23.05
CA VAL A 84 1.15 54.05 -22.11
C VAL A 84 0.38 54.23 -20.83
N LEU A 85 0.12 55.47 -20.42
CA LEU A 85 -0.64 55.71 -19.19
C LEU A 85 -2.05 55.14 -19.38
N VAL A 86 -2.60 55.33 -20.59
CA VAL A 86 -3.92 54.82 -20.88
C VAL A 86 -3.96 53.27 -20.78
N ASP A 87 -2.91 52.61 -21.23
CA ASP A 87 -2.87 51.16 -21.16
C ASP A 87 -2.75 50.72 -19.69
N LYS A 88 -1.85 51.38 -18.96
CA LYS A 88 -1.65 51.08 -17.55
C LYS A 88 -2.94 51.31 -16.77
N SER A 89 -3.63 52.41 -17.08
CA SER A 89 -4.88 52.75 -16.41
C SER A 89 -5.94 51.69 -16.67
N ARG A 90 -6.09 51.27 -17.91
CA ARG A 90 -7.09 50.27 -18.24
C ARG A 90 -6.78 48.98 -17.51
N LYS A 91 -5.51 48.63 -17.45
CA LYS A 91 -5.13 47.39 -16.78
C LYS A 91 -5.34 47.47 -15.28
N VAL A 92 -4.88 48.56 -14.66
CA VAL A 92 -5.01 48.71 -13.22
C VAL A 92 -6.48 48.70 -12.79
N ALA A 93 -7.36 49.15 -13.68
CA ALA A 93 -8.78 49.18 -13.37
C ALA A 93 -9.27 47.75 -13.19
N HIS A 94 -8.57 46.79 -13.79
CA HIS A 94 -8.95 45.38 -13.68
C HIS A 94 -8.21 44.66 -12.57
N THR A 95 -6.89 44.62 -12.66
CA THR A 95 -6.06 43.95 -11.67
C THR A 95 -6.30 44.42 -10.25
N SER A 96 -6.48 45.71 -10.07
CA SER A 96 -6.68 46.25 -8.73
C SER A 96 -8.11 46.52 -8.33
N TYR A 97 -9.07 46.08 -9.14
CA TYR A 97 -10.44 46.33 -8.78
C TYR A 97 -11.44 45.35 -9.35
N LYS A 98 -11.68 45.38 -10.65
CA LYS A 98 -12.67 44.48 -11.23
C LYS A 98 -12.40 43.01 -10.94
N ARG A 99 -11.13 42.62 -10.81
CA ARG A 99 -10.79 41.23 -10.53
C ARG A 99 -10.96 40.87 -9.06
N ILE A 100 -11.25 41.86 -8.25
CA ILE A 100 -11.44 41.67 -6.83
C ILE A 100 -12.90 41.81 -6.43
N TYR A 101 -13.49 42.95 -6.77
CA TYR A 101 -14.88 43.25 -6.42
C TYR A 101 -15.88 42.94 -7.50
N GLY A 102 -15.40 42.53 -8.67
CA GLY A 102 -16.33 42.21 -9.74
C GLY A 102 -17.04 43.40 -10.33
N GLU A 103 -16.49 44.59 -10.15
CA GLU A 103 -17.07 45.80 -10.71
C GLU A 103 -15.97 46.79 -11.04
N TYR A 104 -16.23 47.70 -11.98
CA TYR A 104 -15.25 48.71 -12.38
C TYR A 104 -15.07 49.71 -11.24
N PRO A 105 -13.86 50.24 -11.09
CA PRO A 105 -13.61 51.21 -10.01
C PRO A 105 -14.33 52.54 -10.14
N PRO A 106 -14.60 53.21 -9.02
CA PRO A 106 -15.28 54.52 -9.09
C PRO A 106 -14.23 55.52 -9.60
N THR A 107 -14.67 56.53 -10.33
CA THR A 107 -13.77 57.53 -10.90
C THR A 107 -12.61 57.99 -9.99
N LYS A 108 -12.92 58.50 -8.81
CA LYS A 108 -11.87 58.98 -7.91
C LYS A 108 -10.78 57.95 -7.66
N LEU A 109 -11.15 56.70 -7.43
CA LEU A 109 -10.15 55.67 -7.16
C LEU A 109 -9.26 55.34 -8.36
N LEU A 110 -9.84 55.16 -9.54
CA LEU A 110 -9.05 54.87 -10.73
C LEU A 110 -8.10 56.04 -10.91
N VAL A 111 -8.64 57.25 -10.77
CA VAL A 111 -7.87 58.48 -10.87
C VAL A 111 -6.73 58.42 -9.88
N SER A 112 -7.04 57.91 -8.70
CA SER A 112 -6.05 57.80 -7.66
C SER A 112 -4.94 56.82 -8.05
N GLU A 113 -5.32 55.71 -8.68
CA GLU A 113 -4.37 54.72 -9.12
C GLU A 113 -3.44 55.33 -10.14
N VAL A 114 -4.03 56.01 -11.11
CA VAL A 114 -3.26 56.66 -12.17
C VAL A 114 -2.26 57.62 -11.55
N ALA A 115 -2.76 58.46 -10.66
CA ALA A 115 -1.92 59.45 -10.00
C ALA A 115 -0.74 58.77 -9.33
N LYS A 116 -0.99 57.64 -8.69
CA LYS A 116 0.07 56.93 -8.02
C LYS A 116 1.17 56.53 -9.03
N ILE A 117 0.77 55.99 -10.16
CA ILE A 117 1.72 55.59 -11.20
C ILE A 117 2.58 56.78 -11.56
N MET A 118 1.95 57.94 -11.64
CA MET A 118 2.70 59.14 -11.98
C MET A 118 3.60 59.57 -10.84
N GLN A 119 3.10 59.50 -9.61
CA GLN A 119 3.92 59.88 -8.46
C GLN A 119 5.20 59.06 -8.45
N GLU A 120 5.07 57.76 -8.67
CA GLU A 120 6.22 56.88 -8.66
C GLU A 120 7.29 57.25 -9.69
N ALA A 121 6.86 57.79 -10.83
CA ALA A 121 7.79 58.19 -11.90
C ALA A 121 8.48 59.48 -11.52
N THR A 122 8.18 59.94 -10.32
CA THR A 122 8.71 61.19 -9.77
C THR A 122 9.76 60.89 -8.70
N GLN A 123 9.79 59.63 -8.25
CA GLN A 123 10.68 59.22 -7.18
C GLN A 123 11.48 57.94 -7.46
N SER A 124 10.89 57.00 -8.19
CA SER A 124 11.59 55.75 -8.51
C SER A 124 12.95 56.02 -9.11
N GLY A 125 13.81 55.01 -9.08
CA GLY A 125 15.14 55.20 -9.62
C GLY A 125 15.18 55.11 -11.13
N GLY A 126 16.06 55.88 -11.73
CA GLY A 126 16.23 55.84 -13.18
C GLY A 126 15.15 56.26 -14.17
N VAL A 127 14.16 57.04 -13.76
CA VAL A 127 13.15 57.47 -14.72
C VAL A 127 12.87 58.95 -14.61
N ARG A 128 12.06 59.46 -15.53
CA ARG A 128 11.67 60.86 -15.53
C ARG A 128 10.16 60.89 -15.33
N PRO A 129 9.61 62.03 -14.89
CA PRO A 129 8.17 62.11 -14.69
C PRO A 129 7.47 62.01 -16.03
N PHE A 130 6.17 61.75 -16.02
CA PHE A 130 5.41 61.70 -17.26
C PHE A 130 5.19 63.16 -17.67
N GLY A 131 5.34 63.43 -18.96
CA GLY A 131 5.17 64.79 -19.44
C GLY A 131 3.74 65.08 -19.87
N VAL A 132 2.77 64.68 -19.04
CA VAL A 132 1.37 64.93 -19.39
C VAL A 132 0.49 65.22 -18.20
N SER A 133 -0.62 65.89 -18.46
CA SER A 133 -1.62 66.18 -17.44
C SER A 133 -2.86 65.52 -18.02
N LEU A 134 -3.65 64.89 -17.19
CA LEU A 134 -4.85 64.23 -17.69
C LEU A 134 -6.12 64.87 -17.15
N LEU A 135 -7.21 64.64 -17.86
CA LEU A 135 -8.53 65.09 -17.45
C LEU A 135 -9.34 63.82 -17.58
N ILE A 136 -9.80 63.28 -16.45
CA ILE A 136 -10.57 62.06 -16.44
C ILE A 136 -11.99 62.39 -16.03
N ALA A 137 -12.94 61.94 -16.84
CA ALA A 137 -14.35 62.17 -16.56
C ALA A 137 -15.04 60.83 -16.50
N GLY A 138 -15.81 60.63 -15.45
CA GLY A 138 -16.52 59.37 -15.33
C GLY A 138 -17.76 59.48 -14.48
N HIS A 139 -18.35 58.32 -14.19
CA HIS A 139 -19.53 58.26 -13.38
C HIS A 139 -19.61 56.92 -12.69
N ASP A 140 -19.96 56.95 -11.42
CA ASP A 140 -20.14 55.72 -10.68
C ASP A 140 -21.41 55.90 -9.87
N GLU A 141 -22.09 54.78 -9.60
CA GLU A 141 -23.36 54.80 -8.88
C GLU A 141 -23.44 55.62 -7.60
N PHE A 142 -22.43 55.54 -6.75
CA PHE A 142 -22.48 56.29 -5.50
C PHE A 142 -21.89 57.70 -5.53
N ASN A 143 -21.25 58.09 -6.61
CA ASN A 143 -20.65 59.42 -6.66
C ASN A 143 -21.14 60.24 -7.86
N GLY A 144 -22.03 59.66 -8.65
CA GLY A 144 -22.54 60.37 -9.82
C GLY A 144 -21.44 60.72 -10.80
N PHE A 145 -21.56 61.90 -11.42
CA PHE A 145 -20.58 62.34 -12.40
C PHE A 145 -19.46 63.09 -11.73
N SER A 146 -18.26 62.99 -12.29
CA SER A 146 -17.11 63.71 -11.75
C SER A 146 -16.07 63.98 -12.84
N LEU A 147 -15.22 64.97 -12.58
CA LEU A 147 -14.17 65.35 -13.53
C LEU A 147 -12.90 65.60 -12.74
N TYR A 148 -11.81 64.96 -13.13
CA TYR A 148 -10.55 65.12 -12.41
C TYR A 148 -9.39 65.52 -13.31
N GLN A 149 -8.41 66.16 -12.70
CA GLN A 149 -7.21 66.58 -13.41
C GLN A 149 -6.05 65.91 -12.68
N VAL A 150 -5.17 65.25 -13.41
CA VAL A 150 -4.02 64.59 -12.78
C VAL A 150 -2.78 65.20 -13.40
N ASP A 151 -1.85 65.65 -12.55
CA ASP A 151 -0.61 66.28 -12.99
C ASP A 151 0.62 65.40 -12.89
N PRO A 152 1.70 65.78 -13.60
CA PRO A 152 2.97 65.06 -13.62
C PRO A 152 3.52 64.71 -12.24
N SER A 153 3.15 65.52 -11.25
CA SER A 153 3.61 65.30 -9.89
C SER A 153 2.85 64.15 -9.26
N GLY A 154 1.65 63.90 -9.76
CA GLY A 154 0.85 62.83 -9.19
C GLY A 154 -0.30 63.41 -8.39
N SER A 155 -0.47 64.72 -8.49
CA SER A 155 -1.54 65.40 -7.78
C SER A 155 -2.78 65.37 -8.63
N TYR A 156 -3.95 65.43 -8.00
CA TYR A 156 -5.18 65.46 -8.76
C TYR A 156 -6.20 66.25 -7.96
N PHE A 157 -7.17 66.82 -8.67
CA PHE A 157 -8.21 67.62 -8.05
C PHE A 157 -9.47 67.56 -8.87
N PRO A 158 -10.62 67.66 -8.20
CA PRO A 158 -11.93 67.63 -8.84
C PRO A 158 -12.29 69.00 -9.42
N TRP A 159 -12.95 69.01 -10.57
CA TRP A 159 -13.34 70.26 -11.21
C TRP A 159 -14.77 70.28 -11.70
N LYS A 160 -15.34 71.49 -11.77
CA LYS A 160 -16.69 71.65 -12.29
C LYS A 160 -16.44 71.81 -13.79
N ALA A 161 -15.33 72.46 -14.10
CA ALA A 161 -14.89 72.70 -15.48
C ALA A 161 -13.45 73.23 -15.46
N THR A 162 -12.67 72.91 -16.47
CA THR A 162 -11.29 73.38 -16.55
C THR A 162 -10.65 73.05 -17.89
N ALA A 163 -9.45 73.59 -18.09
CA ALA A 163 -8.71 73.37 -19.32
C ALA A 163 -7.24 73.25 -18.98
N ILE A 164 -6.48 72.63 -19.87
CA ILE A 164 -5.05 72.44 -19.69
C ILE A 164 -4.43 72.58 -21.06
N GLY A 165 -3.13 72.87 -21.10
CA GLY A 165 -2.45 73.00 -22.37
C GLY A 165 -2.25 74.44 -22.78
N LYS A 166 -1.93 74.65 -24.07
CA LYS A 166 -1.68 75.97 -24.64
C LYS A 166 -2.53 77.13 -24.11
N GLY A 167 -3.81 77.17 -24.48
CA GLY A 167 -4.63 78.28 -24.05
C GLY A 167 -5.49 78.07 -22.81
N SER A 168 -4.97 77.29 -21.86
CA SER A 168 -5.71 77.01 -20.65
C SER A 168 -6.11 78.24 -19.86
N VAL A 169 -5.23 79.24 -19.80
CA VAL A 169 -5.55 80.45 -19.04
C VAL A 169 -6.80 81.13 -19.57
N ALA A 170 -6.82 81.35 -20.88
CA ALA A 170 -7.96 81.98 -21.54
C ALA A 170 -9.22 81.12 -21.42
N ALA A 171 -9.09 79.86 -21.80
CA ALA A 171 -10.21 78.93 -21.75
C ALA A 171 -10.79 78.83 -20.35
N LYS A 172 -9.93 78.73 -19.34
CA LYS A 172 -10.43 78.65 -17.98
C LYS A 172 -11.27 79.87 -17.66
N THR A 173 -10.83 81.03 -18.12
CA THR A 173 -11.58 82.26 -17.87
C THR A 173 -12.92 82.23 -18.60
N PHE A 174 -12.92 81.76 -19.84
CA PHE A 174 -14.16 81.71 -20.60
C PHE A 174 -15.15 80.76 -19.92
N LEU A 175 -14.64 79.66 -19.39
CA LEU A 175 -15.48 78.70 -18.72
C LEU A 175 -16.09 79.25 -17.43
N GLU A 176 -15.28 79.99 -16.66
CA GLU A 176 -15.77 80.57 -15.41
C GLU A 176 -16.97 81.47 -15.66
N LYS A 177 -17.01 82.07 -16.83
CA LYS A 177 -18.11 82.96 -17.19
C LYS A 177 -19.37 82.21 -17.61
N ARG A 178 -19.19 81.10 -18.32
CA ARG A 178 -20.32 80.34 -18.82
C ARG A 178 -20.80 79.16 -17.97
N TRP A 179 -20.04 78.77 -16.94
CA TRP A 179 -20.45 77.63 -16.13
C TRP A 179 -21.37 78.00 -14.99
N ASN A 180 -22.30 77.10 -14.68
CA ASN A 180 -23.24 77.27 -13.57
C ASN A 180 -23.64 75.87 -13.11
N ASP A 181 -24.21 75.76 -11.91
CA ASP A 181 -24.59 74.46 -11.38
C ASP A 181 -25.94 73.94 -11.90
N GLU A 182 -26.39 74.45 -13.04
CA GLU A 182 -27.66 74.01 -13.62
C GLU A 182 -27.56 73.63 -15.09
N LEU A 183 -26.34 73.42 -15.57
CA LEU A 183 -26.11 73.04 -16.95
C LEU A 183 -26.56 71.62 -17.25
N GLU A 184 -27.19 71.45 -18.40
CA GLU A 184 -27.63 70.14 -18.85
C GLU A 184 -26.46 69.72 -19.75
N LEU A 185 -26.32 68.42 -20.01
CA LEU A 185 -25.20 67.96 -20.83
C LEU A 185 -25.05 68.67 -22.18
N GLU A 186 -26.15 68.91 -22.88
CA GLU A 186 -26.11 69.59 -24.17
C GLU A 186 -25.52 70.98 -24.05
N ASP A 187 -25.81 71.64 -22.94
CA ASP A 187 -25.32 72.98 -22.67
C ASP A 187 -23.81 72.95 -22.51
N ALA A 188 -23.31 71.92 -21.82
CA ALA A 188 -21.88 71.77 -21.59
C ALA A 188 -21.16 71.47 -22.90
N ILE A 189 -21.76 70.62 -23.74
CA ILE A 189 -21.15 70.28 -25.01
C ILE A 189 -21.06 71.54 -25.88
N HIS A 190 -22.09 72.37 -25.79
CA HIS A 190 -22.14 73.61 -26.54
C HIS A 190 -20.99 74.52 -26.06
N ILE A 191 -20.97 74.80 -24.76
CA ILE A 191 -19.95 75.65 -24.18
C ILE A 191 -18.57 75.09 -24.49
N ALA A 192 -18.48 73.76 -24.53
CA ALA A 192 -17.23 73.09 -24.83
C ALA A 192 -16.77 73.52 -26.22
N LEU A 193 -17.64 73.34 -27.20
CA LEU A 193 -17.30 73.69 -28.56
C LEU A 193 -16.93 75.18 -28.69
N LEU A 194 -17.63 76.04 -27.97
CA LEU A 194 -17.35 77.47 -28.01
C LEU A 194 -15.96 77.72 -27.48
N THR A 195 -15.68 77.18 -26.30
CA THR A 195 -14.38 77.34 -25.65
C THR A 195 -13.24 76.87 -26.54
N LEU A 196 -13.44 75.73 -27.19
CA LEU A 196 -12.43 75.16 -28.05
C LEU A 196 -12.18 76.01 -29.29
N LYS A 197 -13.21 76.69 -29.76
CA LYS A 197 -13.09 77.54 -30.95
C LYS A 197 -12.00 78.59 -30.82
N GLU A 198 -11.94 79.28 -29.68
CA GLU A 198 -10.93 80.30 -29.45
C GLU A 198 -9.52 79.74 -29.56
N SER A 199 -9.32 78.55 -29.01
CA SER A 199 -8.00 77.89 -29.01
C SER A 199 -7.59 77.32 -30.38
N VAL A 200 -8.55 77.16 -31.28
CA VAL A 200 -8.25 76.61 -32.60
C VAL A 200 -7.92 77.71 -33.62
N GLU A 201 -6.87 77.46 -34.39
CA GLU A 201 -6.38 78.40 -35.41
C GLU A 201 -7.09 78.24 -36.75
N GLY A 202 -6.84 77.11 -37.42
CA GLY A 202 -7.42 76.87 -38.72
C GLY A 202 -8.78 76.20 -38.77
N GLU A 203 -8.82 75.02 -39.39
CA GLU A 203 -10.07 74.27 -39.53
C GLU A 203 -10.66 73.84 -38.21
N PHE A 204 -11.97 73.99 -38.11
CA PHE A 204 -12.70 73.63 -36.90
C PHE A 204 -13.91 72.84 -37.36
N ASN A 205 -13.80 71.52 -37.36
CA ASN A 205 -14.88 70.65 -37.78
C ASN A 205 -14.83 69.32 -37.06
N GLY A 206 -15.80 68.46 -37.36
CA GLY A 206 -15.86 67.16 -36.73
C GLY A 206 -14.64 66.29 -36.99
N ASP A 207 -13.81 66.68 -37.95
CA ASP A 207 -12.63 65.91 -38.29
C ASP A 207 -11.35 66.42 -37.62
N THR A 208 -11.43 67.63 -37.05
CA THR A 208 -10.28 68.24 -36.38
C THR A 208 -10.53 68.35 -34.88
N ILE A 209 -11.74 67.98 -34.46
CA ILE A 209 -12.14 68.03 -33.06
C ILE A 209 -12.45 66.62 -32.56
N GLU A 210 -12.03 66.33 -31.33
CA GLU A 210 -12.28 65.04 -30.71
C GLU A 210 -13.03 65.35 -29.43
N LEU A 211 -14.21 64.77 -29.27
CA LEU A 211 -15.02 65.03 -28.09
C LEU A 211 -15.83 63.81 -27.65
N ALA A 212 -15.77 63.50 -26.37
CA ALA A 212 -16.50 62.36 -25.80
C ALA A 212 -17.31 62.82 -24.59
N ILE A 213 -18.27 62.01 -24.18
CA ILE A 213 -19.10 62.36 -23.04
C ILE A 213 -19.34 61.18 -22.10
N ILE A 214 -19.81 61.50 -20.91
CA ILE A 214 -20.15 60.49 -19.92
C ILE A 214 -21.58 60.91 -19.58
N GLY A 215 -22.55 60.16 -20.08
CA GLY A 215 -23.94 60.49 -19.81
C GLY A 215 -24.78 59.29 -19.50
N ASP A 216 -25.91 59.16 -20.18
CA ASP A 216 -26.79 58.03 -19.93
C ASP A 216 -26.14 56.74 -20.38
N GLU A 217 -26.76 55.63 -19.99
CA GLU A 217 -26.28 54.31 -20.34
C GLU A 217 -26.74 53.99 -21.77
N ASN A 218 -25.83 53.47 -22.59
CA ASN A 218 -26.13 53.14 -23.98
C ASN A 218 -26.39 51.64 -24.14
N PRO A 219 -27.61 51.18 -23.81
CA PRO A 219 -27.89 49.76 -23.95
C PRO A 219 -27.55 49.28 -25.37
N ASP A 220 -27.81 50.14 -26.33
CA ASP A 220 -27.55 49.83 -27.74
C ASP A 220 -26.07 49.63 -28.03
N LEU A 221 -25.22 49.90 -27.05
CA LEU A 221 -23.77 49.73 -27.23
C LEU A 221 -23.24 48.61 -26.34
N LEU A 222 -24.16 47.89 -25.69
CA LEU A 222 -23.79 46.81 -24.77
C LEU A 222 -23.29 45.57 -25.51
N GLY A 223 -23.94 45.25 -26.63
CA GLY A 223 -23.52 44.09 -27.41
C GLY A 223 -24.35 42.83 -27.21
N TYR A 224 -25.15 42.81 -26.14
CA TYR A 224 -25.99 41.66 -25.87
C TYR A 224 -27.23 42.09 -25.08
N THR A 225 -28.27 41.27 -25.15
CA THR A 225 -29.50 41.55 -24.41
C THR A 225 -29.81 40.32 -23.57
N GLY A 226 -30.61 40.50 -22.51
CA GLY A 226 -30.97 39.39 -21.66
C GLY A 226 -30.70 39.58 -20.18
N ILE A 227 -29.91 40.59 -19.83
CA ILE A 227 -29.60 40.84 -18.43
C ILE A 227 -30.06 42.24 -18.03
N PRO A 228 -31.24 42.35 -17.42
CA PRO A 228 -31.85 43.60 -16.95
C PRO A 228 -30.92 44.58 -16.24
N THR A 229 -30.18 44.08 -15.25
CA THR A 229 -29.26 44.91 -14.48
C THR A 229 -28.13 45.52 -15.30
N ASP A 230 -27.83 44.92 -16.45
CA ASP A 230 -26.77 45.42 -17.34
C ASP A 230 -27.43 46.34 -18.36
N LYS A 231 -27.08 47.62 -18.35
CA LYS A 231 -27.72 48.55 -19.29
C LYS A 231 -26.84 49.26 -20.33
N GLY A 232 -25.53 49.03 -20.29
CA GLY A 232 -24.67 49.67 -21.27
C GLY A 232 -23.74 50.73 -20.71
N PRO A 233 -22.71 51.13 -21.49
CA PRO A 233 -21.73 52.15 -21.09
C PRO A 233 -22.24 53.58 -21.11
N ARG A 234 -21.70 54.41 -20.23
CA ARG A 234 -22.08 55.81 -20.16
C ARG A 234 -21.14 56.62 -21.04
N PHE A 235 -19.97 56.07 -21.29
CA PHE A 235 -18.98 56.73 -22.13
C PHE A 235 -19.35 56.60 -23.60
N ARG A 236 -19.28 57.71 -24.33
CA ARG A 236 -19.56 57.69 -25.75
C ARG A 236 -18.84 58.82 -26.46
N LYS A 237 -18.08 58.42 -27.46
CA LYS A 237 -17.31 59.36 -28.26
C LYS A 237 -18.25 59.83 -29.38
N LEU A 238 -18.34 61.15 -29.57
CA LEU A 238 -19.20 61.68 -30.62
C LEU A 238 -18.57 61.42 -31.98
N THR A 239 -19.42 61.32 -33.00
CA THR A 239 -18.95 61.09 -34.35
C THR A 239 -18.63 62.42 -35.02
N SER A 240 -17.84 62.36 -36.08
CA SER A 240 -17.48 63.56 -36.81
C SER A 240 -18.78 64.26 -37.21
N GLN A 241 -19.71 63.46 -37.72
CA GLN A 241 -21.01 63.95 -38.14
C GLN A 241 -21.75 64.64 -37.00
N GLU A 242 -21.79 64.00 -35.84
CA GLU A 242 -22.47 64.57 -34.68
C GLU A 242 -21.90 65.91 -34.30
N ILE A 243 -20.59 66.05 -34.42
CA ILE A 243 -19.92 67.30 -34.07
C ILE A 243 -20.32 68.39 -35.05
N ASN A 244 -20.30 68.07 -36.34
CA ASN A 244 -20.66 69.05 -37.36
C ASN A 244 -22.10 69.52 -37.19
N ASP A 245 -23.01 68.59 -36.98
CA ASP A 245 -24.42 68.96 -36.80
C ASP A 245 -24.54 69.98 -35.68
N ARG A 246 -23.68 69.88 -34.68
CA ARG A 246 -23.71 70.81 -33.56
C ARG A 246 -23.02 72.11 -33.88
N LEU A 247 -22.00 72.05 -34.74
CA LEU A 247 -21.26 73.26 -35.10
C LEU A 247 -22.16 74.26 -35.81
N GLU A 248 -23.24 73.75 -36.42
CA GLU A 248 -24.17 74.61 -37.12
C GLU A 248 -24.98 75.49 -36.16
N ALA A 249 -25.34 74.93 -35.01
CA ALA A 249 -26.08 75.66 -34.00
C ALA A 249 -25.12 76.32 -33.02
N LEU A 250 -23.89 76.57 -33.48
CA LEU A 250 -22.85 77.17 -32.65
C LEU A 250 -22.99 78.69 -32.57
N GLY B 1 30.09 54.86 -16.47
CA GLY B 1 28.80 54.28 -15.99
C GLY B 1 27.72 55.29 -15.66
N SER B 2 26.87 54.95 -14.68
CA SER B 2 25.76 55.81 -14.24
C SER B 2 26.15 56.83 -13.17
N ARG B 3 27.19 56.52 -12.41
CA ARG B 3 27.72 57.37 -11.35
C ARG B 3 27.66 58.85 -11.69
N ARG B 4 27.88 59.15 -12.97
CA ARG B 4 27.91 60.52 -13.49
C ARG B 4 26.66 61.37 -13.19
N TYR B 5 25.49 60.73 -13.20
CA TYR B 5 24.24 61.46 -12.99
C TYR B 5 23.61 61.23 -11.61
N ASP B 6 24.35 60.57 -10.73
CA ASP B 6 23.85 60.28 -9.38
C ASP B 6 24.01 61.49 -8.46
N SER B 7 22.88 62.06 -8.05
CA SER B 7 22.84 63.24 -7.18
C SER B 7 23.33 62.97 -5.76
N ARG B 8 23.16 61.72 -5.31
CA ARG B 8 23.55 61.30 -3.95
C ARG B 8 22.66 61.98 -2.92
N THR B 9 21.37 61.64 -2.97
CA THR B 9 20.37 62.20 -2.09
C THR B 9 20.51 61.83 -0.63
N THR B 10 21.47 60.98 -0.28
CA THR B 10 21.63 60.58 1.13
C THR B 10 23.04 60.76 1.71
N ILE B 11 23.56 61.98 1.70
CA ILE B 11 24.88 62.23 2.27
C ILE B 11 24.86 63.46 3.17
N PHE B 12 25.86 63.56 4.02
CA PHE B 12 25.99 64.67 4.96
C PHE B 12 26.70 65.85 4.34
N SER B 13 26.34 67.05 4.77
CA SER B 13 27.01 68.26 4.29
C SER B 13 28.24 68.36 5.18
N PRO B 14 29.20 69.23 4.84
CA PRO B 14 30.36 69.28 5.74
C PRO B 14 29.95 69.73 7.15
N GLU B 15 28.76 70.29 7.26
CA GLU B 15 28.25 70.77 8.53
C GLU B 15 27.40 69.71 9.23
N GLY B 16 27.35 68.53 8.64
CA GLY B 16 26.57 67.45 9.24
C GLY B 16 25.08 67.56 9.01
N ARG B 17 24.69 68.19 7.91
CA ARG B 17 23.28 68.34 7.57
C ARG B 17 22.92 67.44 6.39
N LEU B 18 21.62 67.18 6.22
CA LEU B 18 21.16 66.35 5.11
C LEU B 18 20.46 67.22 4.05
N TYR B 19 21.24 67.65 3.07
CA TYR B 19 20.77 68.50 1.99
C TYR B 19 19.32 68.30 1.59
N GLN B 20 19.01 67.12 1.05
CA GLN B 20 17.65 66.83 0.60
C GLN B 20 16.58 67.08 1.66
N VAL B 21 16.86 66.69 2.91
CA VAL B 21 15.90 66.91 3.97
C VAL B 21 15.73 68.43 4.13
N GLU B 22 16.85 69.15 4.09
CA GLU B 22 16.82 70.60 4.23
C GLU B 22 15.98 71.20 3.12
N TYR B 23 16.30 70.83 1.89
CA TYR B 23 15.58 71.35 0.73
C TYR B 23 14.12 70.93 0.71
N ALA B 24 13.84 69.70 1.17
CA ALA B 24 12.46 69.22 1.20
C ALA B 24 11.69 70.15 2.11
N LEU B 25 12.30 70.50 3.25
CA LEU B 25 11.67 71.41 4.19
C LEU B 25 11.44 72.76 3.54
N GLU B 26 12.43 73.20 2.77
CA GLU B 26 12.32 74.47 2.06
C GLU B 26 11.09 74.45 1.18
N SER B 27 10.82 73.29 0.61
CA SER B 27 9.68 73.09 -0.27
C SER B 27 8.38 73.17 0.53
N ILE B 28 8.37 72.45 1.65
CA ILE B 28 7.22 72.40 2.53
C ILE B 28 6.83 73.78 3.09
N SER B 29 7.83 74.64 3.24
CA SER B 29 7.62 75.98 3.77
C SER B 29 6.75 76.85 2.85
N HIS B 30 6.47 76.38 1.65
CA HIS B 30 5.66 77.15 0.71
C HIS B 30 4.28 76.53 0.58
N ALA B 31 4.05 75.44 1.31
CA ALA B 31 2.76 74.77 1.26
C ALA B 31 1.70 75.42 2.15
N GLY B 32 0.44 75.34 1.73
CA GLY B 32 -0.63 75.91 2.53
C GLY B 32 -0.42 75.56 4.00
N THR B 33 -0.69 76.51 4.87
CA THR B 33 -0.50 76.30 6.30
C THR B 33 -1.47 75.31 6.94
N ALA B 34 -0.91 74.46 7.82
CA ALA B 34 -1.69 73.44 8.53
C ALA B 34 -1.48 73.65 10.02
N ILE B 35 -2.58 73.66 10.76
CA ILE B 35 -2.52 73.86 12.20
C ILE B 35 -3.21 72.77 13.00
N GLY B 36 -2.58 72.38 14.11
CA GLY B 36 -3.14 71.38 14.99
C GLY B 36 -3.13 71.93 16.40
N ILE B 37 -4.31 71.99 17.02
CA ILE B 37 -4.43 72.48 18.38
C ILE B 37 -5.12 71.42 19.22
N MET B 38 -4.48 71.04 20.31
CA MET B 38 -5.02 70.02 21.19
C MET B 38 -5.58 70.57 22.50
N ALA B 39 -6.90 70.45 22.68
CA ALA B 39 -7.57 70.92 23.89
C ALA B 39 -7.57 69.76 24.90
N SER B 40 -8.39 69.89 25.93
CA SER B 40 -8.47 68.85 26.96
C SER B 40 -9.54 67.80 26.62
N ASP B 41 -10.55 68.23 25.88
CA ASP B 41 -11.65 67.35 25.48
C ASP B 41 -11.69 67.10 23.98
N GLY B 42 -10.57 67.28 23.29
CA GLY B 42 -10.55 67.06 21.85
C GLY B 42 -9.40 67.70 21.12
N ILE B 43 -9.30 67.45 19.81
CA ILE B 43 -8.23 68.04 19.01
C ILE B 43 -8.80 68.71 17.79
N VAL B 44 -8.10 69.72 17.29
CA VAL B 44 -8.55 70.45 16.11
C VAL B 44 -7.49 70.50 15.02
N LEU B 45 -7.90 70.19 13.80
CA LEU B 45 -7.01 70.24 12.64
C LEU B 45 -7.60 71.23 11.65
N ALA B 46 -6.78 72.20 11.24
CA ALA B 46 -7.19 73.23 10.29
C ALA B 46 -6.09 73.45 9.25
N ALA B 47 -6.47 73.47 7.99
CA ALA B 47 -5.51 73.68 6.90
C ALA B 47 -6.06 74.66 5.86
N GLU B 48 -5.15 75.41 5.25
CA GLU B 48 -5.52 76.39 4.23
C GLU B 48 -5.22 75.82 2.86
N ARG B 49 -6.24 75.67 2.03
CA ARG B 49 -6.09 75.13 0.67
C ARG B 49 -5.23 76.06 -0.17
N LYS B 50 -4.06 75.60 -0.58
CA LYS B 50 -3.22 76.43 -1.40
C LYS B 50 -3.74 76.38 -2.83
N VAL B 51 -3.87 77.55 -3.46
CA VAL B 51 -4.38 77.67 -4.83
C VAL B 51 -5.80 77.08 -5.03
N THR B 52 -6.72 77.97 -5.37
CA THR B 52 -8.11 77.60 -5.60
C THR B 52 -8.70 78.41 -6.76
N SER B 53 -9.90 78.04 -7.18
CA SER B 53 -10.58 78.72 -8.27
C SER B 53 -12.08 78.64 -8.09
N THR B 54 -12.81 79.39 -8.91
CA THR B 54 -14.26 79.41 -8.85
C THR B 54 -14.76 78.01 -9.21
N LEU B 55 -14.13 77.44 -10.24
CA LEU B 55 -14.50 76.14 -10.77
C LEU B 55 -14.07 74.94 -9.95
N LEU B 56 -13.03 75.09 -9.13
CA LEU B 56 -12.55 73.99 -8.31
C LEU B 56 -13.70 73.43 -7.48
N GLU B 57 -14.04 72.17 -7.71
CA GLU B 57 -15.11 71.46 -7.01
C GLU B 57 -14.64 71.24 -5.59
N GLN B 58 -15.24 71.93 -4.63
CA GLN B 58 -14.80 71.79 -3.26
C GLN B 58 -15.42 70.65 -2.47
N ASP B 59 -16.66 70.31 -2.79
CA ASP B 59 -17.34 69.24 -2.08
C ASP B 59 -16.66 67.90 -2.28
N THR B 60 -15.98 67.74 -3.41
CA THR B 60 -15.28 66.50 -3.72
C THR B 60 -13.78 66.63 -3.51
N SER B 61 -13.35 67.75 -2.92
CA SER B 61 -11.93 67.99 -2.72
C SER B 61 -11.43 67.69 -1.30
N THR B 62 -10.25 67.07 -1.23
CA THR B 62 -9.59 66.70 0.03
C THR B 62 -8.09 66.69 -0.23
N GLU B 63 -7.45 67.84 -0.08
CA GLU B 63 -6.01 67.94 -0.33
C GLU B 63 -5.14 68.07 0.92
N LYS B 64 -5.74 68.17 2.10
CA LYS B 64 -4.93 68.32 3.30
C LYS B 64 -5.31 67.50 4.53
N LEU B 65 -6.58 67.12 4.64
CA LEU B 65 -7.03 66.33 5.79
C LEU B 65 -7.45 64.92 5.38
N TYR B 66 -6.71 63.93 5.89
CA TYR B 66 -6.98 62.54 5.57
C TYR B 66 -7.25 61.71 6.82
N LYS B 67 -8.26 60.86 6.75
CA LYS B 67 -8.61 59.98 7.85
C LYS B 67 -7.73 58.74 7.71
N LEU B 68 -6.94 58.44 8.74
CA LEU B 68 -6.06 57.27 8.67
C LEU B 68 -6.71 56.04 9.29
N ASN B 69 -7.42 56.29 10.39
CA ASN B 69 -8.06 55.27 11.19
C ASN B 69 -9.34 55.93 11.71
N ASP B 70 -10.10 55.24 12.55
CA ASP B 70 -11.30 55.86 13.08
C ASP B 70 -10.97 56.85 14.19
N LYS B 71 -9.76 56.72 14.74
CA LYS B 71 -9.36 57.62 15.81
C LYS B 71 -8.12 58.44 15.51
N ILE B 72 -7.63 58.35 14.29
CA ILE B 72 -6.43 59.10 13.87
C ILE B 72 -6.60 59.76 12.51
N ALA B 73 -6.21 61.03 12.40
CA ALA B 73 -6.29 61.75 11.15
C ALA B 73 -5.02 62.57 11.05
N VAL B 74 -4.65 62.97 9.83
CA VAL B 74 -3.45 63.76 9.65
C VAL B 74 -3.73 64.96 8.78
N ALA B 75 -2.94 66.01 8.99
CA ALA B 75 -3.05 67.22 8.20
C ALA B 75 -1.74 67.21 7.42
N VAL B 76 -1.86 67.40 6.11
CA VAL B 76 -0.71 67.37 5.21
C VAL B 76 -0.17 68.74 4.80
N ALA B 77 1.15 68.84 4.70
CA ALA B 77 1.79 70.07 4.25
C ALA B 77 2.94 69.68 3.32
N GLY B 78 2.75 69.90 2.02
CA GLY B 78 3.79 69.55 1.05
C GLY B 78 3.23 68.90 -0.20
N LEU B 79 3.97 67.94 -0.78
CA LEU B 79 3.54 67.23 -1.99
C LEU B 79 2.39 66.26 -1.72
N THR B 80 1.19 66.61 -2.16
CA THR B 80 0.04 65.74 -1.94
C THR B 80 0.27 64.30 -2.39
N ALA B 81 0.81 64.14 -3.60
CA ALA B 81 1.09 62.82 -4.16
C ALA B 81 1.99 62.01 -3.24
N ASP B 82 3.03 62.64 -2.69
CA ASP B 82 3.94 61.96 -1.76
C ASP B 82 3.17 61.54 -0.51
N ALA B 83 2.38 62.48 0.00
CA ALA B 83 1.58 62.25 1.18
C ALA B 83 0.72 61.02 1.01
N GLU B 84 -0.03 60.92 -0.08
CA GLU B 84 -0.89 59.76 -0.30
C GLU B 84 -0.14 58.44 -0.22
N ILE B 85 1.06 58.36 -0.79
CA ILE B 85 1.82 57.12 -0.71
C ILE B 85 1.96 56.74 0.77
N LEU B 86 2.45 57.69 1.56
CA LEU B 86 2.65 57.47 2.99
C LEU B 86 1.34 57.18 3.72
N ILE B 87 0.35 58.03 3.49
CA ILE B 87 -0.96 57.88 4.13
C ILE B 87 -1.48 56.46 3.97
N ASN B 88 -1.37 55.93 2.77
CA ASN B 88 -1.85 54.58 2.54
C ASN B 88 -1.08 53.51 3.30
N THR B 89 0.25 53.57 3.32
CA THR B 89 0.97 52.52 4.04
C THR B 89 0.57 52.63 5.51
N ALA B 90 0.18 53.84 5.93
CA ALA B 90 -0.24 54.08 7.30
C ALA B 90 -1.58 53.39 7.59
N ARG B 91 -2.58 53.62 6.75
CA ARG B 91 -3.88 53.00 6.94
C ARG B 91 -3.73 51.49 7.05
N ILE B 92 -2.84 50.93 6.23
CA ILE B 92 -2.59 49.49 6.24
C ILE B 92 -1.96 49.07 7.56
N HIS B 93 -0.95 49.82 7.99
CA HIS B 93 -0.27 49.52 9.25
C HIS B 93 -1.28 49.44 10.40
N ALA B 94 -2.23 50.38 10.42
CA ALA B 94 -3.24 50.41 11.46
C ALA B 94 -4.03 49.12 11.48
N GLN B 95 -4.45 48.68 10.30
CA GLN B 95 -5.21 47.44 10.18
C GLN B 95 -4.40 46.21 10.53
N ASN B 96 -3.11 46.19 10.20
CA ASN B 96 -2.29 45.03 10.53
C ASN B 96 -2.24 44.88 12.03
N TYR B 97 -2.07 46.01 12.73
CA TYR B 97 -2.00 46.01 14.18
C TYR B 97 -3.30 45.43 14.74
N LEU B 98 -4.42 45.97 14.24
CA LEU B 98 -5.74 45.53 14.68
C LEU B 98 -5.93 44.04 14.43
N LYS B 99 -5.49 43.58 13.27
CA LYS B 99 -5.64 42.17 12.93
C LYS B 99 -4.79 41.29 13.86
N THR B 100 -3.61 41.76 14.20
CA THR B 100 -2.71 41.00 15.05
C THR B 100 -3.10 40.96 16.52
N TYR B 101 -3.53 42.09 17.06
CA TYR B 101 -3.88 42.22 18.47
C TYR B 101 -5.34 42.36 18.84
N ASN B 102 -6.17 42.75 17.89
CA ASN B 102 -7.59 42.97 18.17
C ASN B 102 -7.78 44.18 19.03
N GLU B 103 -6.87 45.13 18.86
CA GLU B 103 -6.88 46.38 19.58
C GLU B 103 -6.45 47.48 18.61
N ASP B 104 -7.16 48.62 18.63
CA ASP B 104 -6.80 49.72 17.76
C ASP B 104 -5.38 50.15 18.04
N ILE B 105 -4.66 50.50 16.98
CA ILE B 105 -3.26 50.89 17.13
C ILE B 105 -3.04 52.19 17.91
N PRO B 106 -2.19 52.13 18.95
CA PRO B 106 -1.90 53.32 19.77
C PRO B 106 -1.34 54.39 18.84
N VAL B 107 -1.80 55.63 19.02
CA VAL B 107 -1.38 56.72 18.14
C VAL B 107 0.11 56.85 17.88
N GLU B 108 0.92 56.85 18.92
CA GLU B 108 2.35 56.99 18.68
C GLU B 108 2.93 55.86 17.85
N ILE B 109 2.49 54.63 18.11
CA ILE B 109 3.00 53.48 17.37
C ILE B 109 2.85 53.68 15.86
N LEU B 110 1.70 54.21 15.44
CA LEU B 110 1.47 54.48 14.03
C LEU B 110 2.41 55.61 13.56
N VAL B 111 2.56 56.63 14.39
CA VAL B 111 3.42 57.75 14.03
C VAL B 111 4.89 57.34 13.91
N ARG B 112 5.38 56.53 14.83
CA ARG B 112 6.78 56.10 14.79
C ARG B 112 7.14 55.32 13.53
N ARG B 113 6.21 54.48 13.08
CA ARG B 113 6.44 53.66 11.90
C ARG B 113 6.54 54.52 10.66
N LEU B 114 5.53 55.38 10.49
CA LEU B 114 5.49 56.27 9.33
C LEU B 114 6.75 57.12 9.30
N SER B 115 7.18 57.56 10.48
CA SER B 115 8.39 58.38 10.57
C SER B 115 9.61 57.56 10.20
N ASP B 116 9.62 56.30 10.63
CA ASP B 116 10.73 55.41 10.33
C ASP B 116 10.88 55.21 8.81
N ILE B 117 9.75 55.11 8.11
CA ILE B 117 9.76 54.94 6.66
C ILE B 117 10.45 56.15 6.05
N LYS B 118 10.06 57.34 6.52
CA LYS B 118 10.67 58.57 6.02
C LYS B 118 12.17 58.55 6.28
N GLN B 119 12.54 58.16 7.48
CA GLN B 119 13.93 58.11 7.88
C GLN B 119 14.74 57.25 6.92
N GLY B 120 14.15 56.17 6.44
CA GLY B 120 14.83 55.27 5.52
C GLY B 120 15.32 55.95 4.26
N TYR B 121 14.44 56.68 3.59
CA TYR B 121 14.79 57.38 2.35
C TYR B 121 15.88 58.38 2.62
N THR B 122 16.26 58.48 3.89
CA THR B 122 17.28 59.40 4.34
C THR B 122 18.64 58.74 4.47
N GLN B 123 18.64 57.42 4.68
CA GLN B 123 19.90 56.72 4.92
C GLN B 123 20.37 55.71 3.89
N HIS B 124 19.47 55.28 3.01
CA HIS B 124 19.85 54.31 1.99
C HIS B 124 18.90 54.34 0.81
N GLY B 125 19.32 53.75 -0.30
CA GLY B 125 18.46 53.68 -1.47
C GLY B 125 18.67 54.70 -2.57
N GLY B 126 19.42 55.76 -2.29
CA GLY B 126 19.66 56.77 -3.31
C GLY B 126 18.45 57.45 -3.93
N LEU B 127 17.32 57.45 -3.22
CA LEU B 127 16.09 58.09 -3.72
C LEU B 127 15.86 59.41 -2.98
N ARG B 128 15.00 60.27 -3.52
CA ARG B 128 14.71 61.54 -2.84
C ARG B 128 13.74 61.29 -1.68
N PRO B 129 13.78 62.15 -0.65
CA PRO B 129 12.88 61.98 0.49
C PRO B 129 11.48 62.37 0.08
N PHE B 130 10.50 62.12 0.95
CA PHE B 130 9.12 62.50 0.65
C PHE B 130 8.99 63.97 1.05
N GLY B 131 8.57 64.83 0.12
CA GLY B 131 8.43 66.24 0.44
C GLY B 131 7.13 66.48 1.21
N VAL B 132 7.05 65.89 2.40
CA VAL B 132 5.86 66.01 3.22
C VAL B 132 6.09 66.16 4.72
N SER B 133 5.23 66.92 5.39
CA SER B 133 5.28 67.10 6.83
C SER B 133 3.86 66.82 7.30
N PHE B 134 3.75 66.04 8.37
CA PHE B 134 2.45 65.67 8.91
C PHE B 134 2.17 66.20 10.30
N ILE B 135 0.88 66.40 10.58
CA ILE B 135 0.43 66.80 11.90
C ILE B 135 -0.57 65.71 12.17
N TYR B 136 -0.31 64.86 13.16
CA TYR B 136 -1.24 63.79 13.48
C TYR B 136 -2.11 64.15 14.67
N ALA B 137 -3.41 63.97 14.50
CA ALA B 137 -4.38 64.24 15.57
C ALA B 137 -5.05 62.91 15.82
N GLY B 138 -4.85 62.35 17.00
CA GLY B 138 -5.45 61.06 17.28
C GLY B 138 -5.74 60.86 18.74
N TYR B 139 -6.38 59.73 19.05
CA TYR B 139 -6.74 59.42 20.41
C TYR B 139 -6.69 57.94 20.75
N ASP B 140 -6.16 57.62 21.92
CA ASP B 140 -6.13 56.23 22.35
C ASP B 140 -6.28 56.19 23.87
N ASP B 141 -6.70 55.03 24.38
CA ASP B 141 -6.93 54.88 25.81
C ASP B 141 -5.68 54.77 26.67
N ARG B 142 -4.53 55.23 26.17
CA ARG B 142 -3.32 55.18 26.98
C ARG B 142 -2.75 56.57 27.24
N TYR B 143 -2.89 57.45 26.26
CA TYR B 143 -2.38 58.80 26.39
C TYR B 143 -3.47 59.79 26.02
N GLY B 144 -4.67 59.28 25.72
CA GLY B 144 -5.76 60.18 25.36
C GLY B 144 -5.41 61.00 24.14
N TYR B 145 -6.10 62.11 23.94
CA TYR B 145 -5.85 62.97 22.79
C TYR B 145 -4.37 63.30 22.67
N GLN B 146 -3.82 63.12 21.47
CA GLN B 146 -2.41 63.38 21.23
C GLN B 146 -2.24 64.17 19.95
N LEU B 147 -1.17 64.96 19.89
CA LEU B 147 -0.88 65.75 18.70
C LEU B 147 0.58 65.56 18.40
N TYR B 148 0.88 65.04 17.20
CA TYR B 148 2.25 64.79 16.78
C TYR B 148 2.59 65.47 15.47
N THR B 149 3.87 65.45 15.11
CA THR B 149 4.32 66.06 13.88
C THR B 149 5.54 65.34 13.36
N SER B 150 5.60 65.12 12.04
CA SER B 150 6.75 64.48 11.42
C SER B 150 7.08 65.22 10.12
N ASN B 151 8.34 65.21 9.75
CA ASN B 151 8.79 65.88 8.54
C ASN B 151 9.71 64.97 7.74
N PRO B 152 10.19 65.42 6.57
CA PRO B 152 11.09 64.63 5.72
C PRO B 152 12.26 63.91 6.41
N SER B 153 12.79 64.49 7.47
CA SER B 153 13.91 63.91 8.18
C SER B 153 13.55 62.55 8.76
N GLY B 154 12.32 62.42 9.23
CA GLY B 154 11.87 61.18 9.82
C GLY B 154 11.80 61.36 11.32
N ASN B 155 11.96 62.60 11.77
CA ASN B 155 11.88 62.87 13.19
C ASN B 155 10.45 63.27 13.52
N TYR B 156 9.99 62.94 14.72
CA TYR B 156 8.64 63.33 15.12
C TYR B 156 8.66 63.80 16.57
N THR B 157 7.70 64.66 16.92
CA THR B 157 7.59 65.18 18.27
C THR B 157 6.13 65.43 18.63
N GLY B 158 5.86 65.66 19.90
CA GLY B 158 4.51 65.90 20.37
C GLY B 158 4.27 67.36 20.68
N TRP B 159 3.03 67.82 20.54
CA TRP B 159 2.74 69.22 20.79
C TRP B 159 1.38 69.43 21.42
N LYS B 160 1.18 70.62 21.98
CA LYS B 160 -0.10 71.01 22.56
C LYS B 160 -0.77 71.76 21.42
N ALA B 161 0.05 72.49 20.67
CA ALA B 161 -0.37 73.27 19.50
C ALA B 161 0.83 73.40 18.57
N ILE B 162 0.59 73.28 17.27
CA ILE B 162 1.66 73.35 16.28
C ILE B 162 1.13 73.64 14.87
N SER B 163 2.01 74.15 14.03
CA SER B 163 1.65 74.44 12.65
C SER B 163 2.80 73.99 11.75
N VAL B 164 2.49 73.67 10.50
CA VAL B 164 3.49 73.26 9.54
C VAL B 164 3.13 73.91 8.21
N GLY B 165 4.12 74.03 7.34
CA GLY B 165 3.88 74.65 6.04
C GLY B 165 4.35 76.09 6.01
N ALA B 166 3.58 76.94 5.35
CA ALA B 166 3.94 78.34 5.24
C ALA B 166 3.67 79.16 6.49
N ASN B 167 4.49 80.18 6.67
CA ASN B 167 4.37 81.11 7.79
C ASN B 167 4.26 80.45 9.16
N THR B 168 4.99 79.38 9.37
CA THR B 168 4.94 78.70 10.67
C THR B 168 5.48 79.60 11.77
N SER B 169 6.55 80.32 11.45
CA SER B 169 7.16 81.24 12.42
C SER B 169 6.07 82.14 13.01
N ALA B 170 5.35 82.84 12.13
CA ALA B 170 4.29 83.72 12.57
C ALA B 170 3.21 82.96 13.34
N ALA B 171 2.71 81.88 12.76
CA ALA B 171 1.66 81.08 13.37
C ALA B 171 2.06 80.56 14.74
N GLN B 172 3.29 80.08 14.85
CA GLN B 172 3.79 79.55 16.10
C GLN B 172 3.79 80.60 17.20
N THR B 173 4.21 81.81 16.85
CA THR B 173 4.23 82.92 17.81
C THR B 173 2.80 83.20 18.30
N LEU B 174 1.87 83.33 17.37
CA LEU B 174 0.47 83.59 17.70
C LEU B 174 -0.15 82.53 18.60
N LEU B 175 0.25 81.28 18.39
CA LEU B 175 -0.28 80.17 19.17
C LEU B 175 0.31 80.13 20.58
N GLN B 176 1.59 80.46 20.66
CA GLN B 176 2.30 80.48 21.93
C GLN B 176 1.87 81.68 22.75
N MET B 177 1.11 82.55 22.12
CA MET B 177 0.63 83.76 22.74
C MET B 177 -0.77 83.61 23.34
N ASP B 178 -1.59 82.74 22.76
CA ASP B 178 -2.96 82.58 23.25
C ASP B 178 -3.35 81.18 23.68
N TYR B 179 -2.42 80.25 23.65
CA TYR B 179 -2.75 78.89 24.05
C TYR B 179 -2.77 78.79 25.57
N LYS B 180 -3.69 78.00 26.09
CA LYS B 180 -3.80 77.80 27.53
C LYS B 180 -4.25 76.36 27.80
N ASP B 181 -3.49 75.65 28.63
CA ASP B 181 -3.75 74.26 28.98
C ASP B 181 -5.20 73.89 29.22
N ASP B 182 -5.94 74.79 29.85
CA ASP B 182 -7.35 74.56 30.16
C ASP B 182 -8.31 74.76 28.99
N MET B 183 -7.77 75.02 27.80
CA MET B 183 -8.62 75.23 26.63
C MET B 183 -9.61 74.11 26.37
N LYS B 184 -10.77 74.49 25.87
CA LYS B 184 -11.80 73.53 25.54
C LYS B 184 -11.81 73.48 24.02
N VAL B 185 -12.14 72.32 23.45
CA VAL B 185 -12.18 72.14 22.00
C VAL B 185 -12.63 73.38 21.22
N ASP B 186 -13.81 73.91 21.55
CA ASP B 186 -14.33 75.07 20.86
C ASP B 186 -13.42 76.28 20.98
N ASP B 187 -12.71 76.38 22.09
CA ASP B 187 -11.78 77.48 22.28
C ASP B 187 -10.65 77.27 21.28
N ALA B 188 -10.20 76.02 21.19
CA ALA B 188 -9.13 75.62 20.28
C ALA B 188 -9.53 75.84 18.83
N ILE B 189 -10.78 75.52 18.52
CA ILE B 189 -11.31 75.71 17.16
C ILE B 189 -11.18 77.17 16.77
N GLU B 190 -11.61 78.04 17.68
CA GLU B 190 -11.55 79.47 17.45
C GLU B 190 -10.12 79.96 17.31
N LEU B 191 -9.23 79.48 18.17
CA LEU B 191 -7.82 79.89 18.13
C LEU B 191 -7.22 79.53 16.77
N ALA B 192 -7.53 78.33 16.30
CA ALA B 192 -7.03 77.86 15.02
C ALA B 192 -7.41 78.77 13.86
N LEU B 193 -8.71 79.04 13.72
CA LEU B 193 -9.19 79.91 12.66
C LEU B 193 -8.57 81.29 12.74
N LYS B 194 -8.45 81.81 13.94
CA LYS B 194 -7.86 83.13 14.12
C LYS B 194 -6.41 83.14 13.64
N THR B 195 -5.63 82.16 14.09
CA THR B 195 -4.23 82.07 13.70
C THR B 195 -4.08 82.06 12.19
N LEU B 196 -4.82 81.17 11.53
CA LEU B 196 -4.77 81.07 10.08
C LEU B 196 -5.15 82.40 9.46
N SER B 197 -6.23 82.98 9.96
CA SER B 197 -6.72 84.26 9.48
C SER B 197 -5.66 85.36 9.52
N LYS B 198 -4.73 85.27 10.47
CA LYS B 198 -3.68 86.28 10.60
C LYS B 198 -2.41 85.94 9.83
N THR B 199 -2.20 84.67 9.50
CA THR B 199 -1.01 84.26 8.77
C THR B 199 -1.19 84.13 7.26
N THR B 200 -2.45 84.16 6.82
CA THR B 200 -2.76 84.03 5.40
C THR B 200 -2.04 85.01 4.50
N ASP B 201 -1.85 84.61 3.25
CA ASP B 201 -1.24 85.47 2.27
C ASP B 201 -2.44 86.00 1.47
N SER B 202 -3.59 85.39 1.69
CA SER B 202 -4.82 85.78 1.00
C SER B 202 -5.43 87.04 1.59
N SER B 203 -6.44 87.53 0.89
CA SER B 203 -7.14 88.73 1.31
C SER B 203 -7.92 88.38 2.57
N ALA B 204 -9.00 87.63 2.38
CA ALA B 204 -9.82 87.23 3.51
C ALA B 204 -9.70 85.72 3.62
N LEU B 205 -10.22 85.18 4.72
CA LEU B 205 -10.17 83.74 4.95
C LEU B 205 -11.59 83.20 4.79
N THR B 206 -11.90 82.75 3.58
CA THR B 206 -13.22 82.20 3.30
C THR B 206 -13.19 80.68 3.40
N TYR B 207 -14.36 80.08 3.55
CA TYR B 207 -14.48 78.63 3.69
C TYR B 207 -13.95 77.82 2.50
N ASP B 208 -14.13 78.33 1.30
CA ASP B 208 -13.69 77.64 0.10
C ASP B 208 -12.17 77.46 0.03
N ARG B 209 -11.48 77.94 1.06
CA ARG B 209 -10.03 77.82 1.10
C ARG B 209 -9.60 77.11 2.38
N LEU B 210 -10.54 76.43 3.02
CA LEU B 210 -10.26 75.74 4.27
C LEU B 210 -10.72 74.30 4.39
N GLU B 211 -10.00 73.55 5.22
CA GLU B 211 -10.31 72.17 5.52
C GLU B 211 -10.27 72.10 7.04
N PHE B 212 -11.27 71.43 7.61
CA PHE B 212 -11.37 71.37 9.06
C PHE B 212 -11.79 70.01 9.59
N ALA B 213 -11.22 69.62 10.74
CA ALA B 213 -11.55 68.35 11.36
C ALA B 213 -11.39 68.43 12.86
N THR B 214 -12.22 67.68 13.59
CA THR B 214 -12.18 67.67 15.05
C THR B 214 -12.31 66.26 15.59
N ILE B 215 -11.53 65.94 16.61
CA ILE B 215 -11.61 64.63 17.24
C ILE B 215 -12.05 64.84 18.67
N ARG B 216 -13.36 64.85 18.88
CA ARG B 216 -13.93 65.05 20.20
C ARG B 216 -14.53 63.77 20.73
N LYS B 217 -14.96 63.83 21.99
CA LYS B 217 -15.58 62.68 22.60
C LYS B 217 -17.03 63.04 22.83
N GLY B 218 -17.86 62.85 21.81
CA GLY B 218 -19.28 63.16 21.94
C GLY B 218 -19.83 62.66 23.26
N ALA B 219 -19.81 63.55 24.27
CA ALA B 219 -20.29 63.25 25.64
C ALA B 219 -21.45 62.28 25.70
N ASN B 220 -22.46 62.54 24.88
CA ASN B 220 -23.63 61.67 24.82
C ASN B 220 -23.23 60.43 24.01
N ASP B 221 -22.40 59.59 24.63
CA ASP B 221 -21.93 58.37 23.99
C ASP B 221 -20.86 57.64 24.82
N GLY B 222 -19.73 58.30 25.04
CA GLY B 222 -18.66 57.69 25.81
C GLY B 222 -17.51 57.26 24.90
N GLU B 223 -17.67 57.51 23.61
CA GLU B 223 -16.66 57.18 22.60
C GLU B 223 -16.20 58.44 21.88
N VAL B 224 -15.05 58.36 21.24
CA VAL B 224 -14.48 59.49 20.49
C VAL B 224 -15.02 59.50 19.06
N TYR B 225 -15.07 60.69 18.45
CA TYR B 225 -15.59 60.81 17.09
C TYR B 225 -14.82 61.78 16.22
N GLN B 226 -14.46 61.33 15.02
CA GLN B 226 -13.74 62.18 14.07
C GLN B 226 -14.79 62.83 13.20
N LYS B 227 -14.53 64.06 12.78
CA LYS B 227 -15.49 64.77 11.94
C LYS B 227 -14.76 65.71 11.01
N ILE B 228 -14.77 65.41 9.72
CA ILE B 228 -14.12 66.29 8.78
C ILE B 228 -15.22 67.20 8.25
N PHE B 229 -15.22 68.44 8.74
CA PHE B 229 -16.22 69.43 8.37
C PHE B 229 -16.44 69.52 6.87
N LYS B 230 -17.70 69.73 6.51
CA LYS B 230 -18.07 69.86 5.11
C LYS B 230 -18.04 71.35 4.78
N PRO B 231 -18.00 71.70 3.48
CA PRO B 231 -17.95 73.11 3.07
C PRO B 231 -18.90 74.05 3.84
N GLN B 232 -20.17 73.67 3.99
CA GLN B 232 -21.12 74.51 4.69
C GLN B 232 -20.83 74.55 6.19
N GLU B 233 -20.30 73.45 6.71
CA GLU B 233 -19.98 73.37 8.14
C GLU B 233 -18.83 74.32 8.48
N ILE B 234 -17.90 74.46 7.53
CA ILE B 234 -16.75 75.34 7.71
C ILE B 234 -17.25 76.77 7.54
N LYS B 235 -18.21 76.95 6.64
CA LYS B 235 -18.78 78.26 6.37
C LYS B 235 -19.50 78.77 7.62
N ASP B 236 -20.19 77.88 8.33
CA ASP B 236 -20.92 78.22 9.54
C ASP B 236 -19.94 78.62 10.64
N ILE B 237 -19.11 77.65 11.05
CA ILE B 237 -18.11 77.87 12.09
C ILE B 237 -17.31 79.16 11.84
N LEU B 238 -17.16 79.51 10.57
CA LEU B 238 -16.42 80.71 10.19
C LEU B 238 -17.19 81.97 10.58
N VAL B 239 -18.51 81.93 10.42
CA VAL B 239 -19.34 83.06 10.78
C VAL B 239 -19.40 83.23 12.29
N LYS B 240 -19.62 82.12 12.99
CA LYS B 240 -19.72 82.14 14.44
C LYS B 240 -18.48 82.67 15.15
N THR B 241 -17.30 82.16 14.80
CA THR B 241 -16.08 82.61 15.43
C THR B 241 -15.83 84.08 15.10
N GLY B 242 -16.75 84.68 14.34
CA GLY B 242 -16.62 86.08 13.99
C GLY B 242 -15.64 86.43 12.90
N ILE B 243 -15.61 85.63 11.84
CA ILE B 243 -14.73 85.89 10.72
C ILE B 243 -15.66 85.99 9.51
N THR B 244 -16.94 85.71 9.75
CA THR B 244 -18.00 85.73 8.74
C THR B 244 -17.55 85.14 7.41
N GLY C 1 19.91 47.17 -4.89
CA GLY C 1 20.04 48.03 -6.10
C GLY C 1 21.09 49.11 -5.94
N TYR C 2 20.80 50.13 -5.14
CA TYR C 2 21.73 51.24 -4.94
C TYR C 2 22.88 50.85 -4.02
N ASP C 3 24.11 50.85 -4.54
CA ASP C 3 25.26 50.48 -3.72
C ASP C 3 26.46 51.41 -3.87
N ARG C 4 26.21 52.67 -4.25
CA ARG C 4 27.29 53.64 -4.41
C ARG C 4 28.06 53.72 -3.10
N ALA C 5 29.38 53.73 -3.18
CA ALA C 5 30.22 53.85 -2.00
C ALA C 5 30.14 55.31 -1.54
N LEU C 6 29.33 55.56 -0.51
CA LEU C 6 29.16 56.90 0.02
C LEU C 6 30.21 57.32 1.05
N SER C 7 30.89 56.34 1.65
CA SER C 7 31.93 56.61 2.63
C SER C 7 33.21 56.07 2.05
N ILE C 8 34.09 56.97 1.60
CA ILE C 8 35.36 56.54 1.02
C ILE C 8 36.52 57.39 1.54
N PHE C 9 37.74 56.99 1.20
CA PHE C 9 38.92 57.72 1.64
C PHE C 9 39.25 58.89 0.73
N SER C 10 39.75 59.96 1.33
CA SER C 10 40.17 61.14 0.58
C SER C 10 41.69 61.14 0.75
N PRO C 11 42.41 61.85 -0.13
CA PRO C 11 43.88 61.96 -0.11
C PRO C 11 44.61 61.93 1.25
N ASP C 12 44.11 62.69 2.21
CA ASP C 12 44.75 62.76 3.53
C ASP C 12 44.38 61.58 4.45
N GLY C 13 43.63 60.62 3.93
CA GLY C 13 43.25 59.46 4.72
C GLY C 13 42.01 59.66 5.57
N HIS C 14 41.13 60.58 5.19
CA HIS C 14 39.90 60.83 5.95
C HIS C 14 38.69 60.23 5.25
N ILE C 15 37.62 60.07 6.01
CA ILE C 15 36.36 59.56 5.48
C ILE C 15 35.35 60.62 5.88
N PHE C 16 35.27 61.66 5.06
CA PHE C 16 34.41 62.80 5.31
C PHE C 16 32.99 62.51 5.74
N GLN C 17 32.35 61.49 5.15
CA GLN C 17 30.98 61.20 5.55
C GLN C 17 30.90 60.86 7.04
N VAL C 18 31.90 60.14 7.54
CA VAL C 18 31.91 59.79 8.95
C VAL C 18 32.22 61.04 9.76
N GLU C 19 33.16 61.84 9.26
CA GLU C 19 33.55 63.07 9.94
C GLU C 19 32.36 64.04 9.99
N TYR C 20 31.63 64.11 8.88
CA TYR C 20 30.46 64.96 8.82
C TYR C 20 29.37 64.39 9.71
N ALA C 21 29.42 63.08 9.93
CA ALA C 21 28.44 62.44 10.79
C ALA C 21 28.64 62.99 12.20
N LEU C 22 29.90 63.22 12.59
CA LEU C 22 30.20 63.77 13.90
C LEU C 22 29.69 65.19 14.03
N GLU C 23 29.77 65.94 12.93
CA GLU C 23 29.28 67.31 12.94
C GLU C 23 27.82 67.32 13.34
N ALA C 24 27.08 66.32 12.87
CA ALA C 24 25.67 66.22 13.19
C ALA C 24 25.53 66.04 14.69
N VAL C 25 26.44 65.25 15.26
CA VAL C 25 26.44 64.98 16.69
C VAL C 25 26.72 66.28 17.46
N LYS C 26 27.75 67.02 17.03
CA LYS C 26 28.12 68.28 17.68
C LYS C 26 26.93 69.23 17.80
N ARG C 27 26.07 69.22 16.80
CA ARG C 27 24.90 70.08 16.78
C ARG C 27 23.75 69.56 17.65
N GLY C 28 23.80 68.29 18.04
CA GLY C 28 22.72 67.73 18.85
C GLY C 28 22.71 68.22 20.28
N THR C 29 21.56 68.11 20.94
CA THR C 29 21.45 68.53 22.33
C THR C 29 22.45 67.74 23.16
N CYS C 30 22.98 68.37 24.20
CA CYS C 30 23.98 67.73 25.05
C CYS C 30 23.48 66.54 25.86
N ALA C 31 24.35 65.55 26.00
CA ALA C 31 24.04 64.36 26.77
C ALA C 31 25.24 64.11 27.67
N VAL C 32 24.99 63.64 28.89
CA VAL C 32 26.08 63.39 29.82
C VAL C 32 25.76 62.18 30.69
N GLY C 33 26.81 61.53 31.18
CA GLY C 33 26.64 60.37 32.03
C GLY C 33 27.79 60.25 33.02
N VAL C 34 27.47 59.99 34.27
CA VAL C 34 28.50 59.86 35.30
C VAL C 34 28.20 58.64 36.15
N LYS C 35 29.22 57.84 36.40
CA LYS C 35 29.00 56.66 37.22
C LYS C 35 29.40 56.92 38.67
N GLY C 36 28.53 56.50 39.58
CA GLY C 36 28.77 56.68 41.00
C GLY C 36 29.47 55.46 41.53
N LYS C 37 29.27 55.17 42.82
CA LYS C 37 29.91 54.02 43.41
C LYS C 37 28.99 52.82 43.31
N ASN C 38 27.71 53.08 43.06
CA ASN C 38 26.73 52.02 42.96
C ASN C 38 25.52 52.52 42.18
N CYS C 39 25.81 53.19 41.07
CA CYS C 39 24.78 53.73 40.20
C CYS C 39 25.42 54.47 39.05
N VAL C 40 24.62 54.76 38.04
CA VAL C 40 25.07 55.52 36.87
C VAL C 40 23.92 56.47 36.61
N VAL C 41 24.22 57.70 36.23
CA VAL C 41 23.17 58.67 35.95
C VAL C 41 23.38 59.24 34.57
N LEU C 42 22.27 59.43 33.86
CA LEU C 42 22.31 59.99 32.53
C LEU C 42 21.47 61.25 32.49
N GLY C 43 22.08 62.32 31.99
CA GLY C 43 21.39 63.58 31.89
C GLY C 43 21.43 64.05 30.45
N CYS C 44 20.34 64.68 30.02
CA CYS C 44 20.24 65.20 28.65
C CYS C 44 19.55 66.55 28.72
N GLU C 45 19.87 67.43 27.79
CA GLU C 45 19.25 68.76 27.75
C GLU C 45 18.14 68.76 26.72
N ARG C 46 17.21 69.69 26.87
CA ARG C 46 16.09 69.81 25.93
C ARG C 46 16.20 71.13 25.18
N ARG C 47 16.06 71.06 23.86
CA ARG C 47 16.13 72.25 23.03
C ARG C 47 14.97 73.17 23.40
N SER C 48 14.95 74.38 22.83
CA SER C 48 13.87 75.33 23.09
C SER C 48 13.56 76.17 21.85
N THR C 49 14.11 75.77 20.71
CA THR C 49 13.88 76.46 19.43
C THR C 49 12.37 76.73 19.26
N LEU C 50 11.58 75.87 19.90
CA LEU C 50 10.12 75.96 19.91
C LEU C 50 9.67 75.29 21.21
N LYS C 51 8.73 75.92 21.90
CA LYS C 51 8.23 75.38 23.14
C LYS C 51 6.71 75.56 23.18
N LEU C 52 6.00 74.45 23.18
CA LEU C 52 4.54 74.41 23.21
C LEU C 52 4.25 72.94 22.94
N GLN C 53 5.25 72.13 23.29
CA GLN C 53 5.22 70.69 23.11
C GLN C 53 4.38 69.97 24.15
N ASP C 54 4.18 68.69 23.91
CA ASP C 54 3.43 67.87 24.85
C ASP C 54 4.42 66.84 25.37
N THR C 55 5.15 67.25 26.39
CA THR C 55 6.17 66.42 27.04
C THR C 55 5.72 64.99 27.40
N ARG C 56 4.42 64.79 27.58
CA ARG C 56 3.91 63.46 27.92
C ARG C 56 4.24 62.48 26.81
N ILE C 57 3.85 62.85 25.59
CA ILE C 57 4.04 62.01 24.42
C ILE C 57 5.32 62.20 23.61
N THR C 58 5.93 63.38 23.66
CA THR C 58 7.15 63.59 22.89
C THR C 58 8.23 62.62 23.36
N PRO C 59 8.81 61.84 22.42
CA PRO C 59 9.85 60.86 22.72
C PRO C 59 11.02 61.45 23.53
N SER C 60 11.35 60.81 24.65
CA SER C 60 12.43 61.26 25.52
C SER C 60 13.80 60.80 25.01
N LYS C 61 14.87 61.37 25.57
CA LYS C 61 16.21 61.05 25.12
C LYS C 61 16.85 59.78 25.67
N VAL C 62 16.51 59.41 26.91
CA VAL C 62 17.06 58.19 27.50
C VAL C 62 16.13 57.03 27.21
N SER C 63 16.66 56.01 26.55
CA SER C 63 15.87 54.82 26.20
C SER C 63 16.35 53.55 26.87
N LYS C 64 15.41 52.70 27.27
CA LYS C 64 15.75 51.42 27.87
C LYS C 64 15.93 50.41 26.75
N ILE C 65 17.01 49.64 26.84
CA ILE C 65 17.29 48.61 25.84
C ILE C 65 16.78 47.31 26.45
N ASP C 66 17.05 47.14 27.75
CA ASP C 66 16.56 45.99 28.50
C ASP C 66 16.28 46.55 29.89
N SER C 67 15.69 45.74 30.76
CA SER C 67 15.36 46.21 32.10
C SER C 67 16.57 46.74 32.88
N HIS C 68 17.77 46.37 32.48
CA HIS C 68 18.97 46.79 33.18
C HIS C 68 19.94 47.68 32.43
N VAL C 69 19.64 48.04 31.18
CA VAL C 69 20.56 48.88 30.42
C VAL C 69 19.83 49.98 29.68
N VAL C 70 20.41 51.17 29.65
CA VAL C 70 19.78 52.28 28.95
C VAL C 70 20.72 52.96 27.97
N LEU C 71 20.12 53.72 27.05
CA LEU C 71 20.90 54.42 26.04
C LEU C 71 20.35 55.81 25.76
N SER C 72 21.26 56.79 25.77
CA SER C 72 20.93 58.17 25.48
C SER C 72 21.86 58.49 24.31
N PHE C 73 21.67 59.65 23.69
CA PHE C 73 22.48 59.99 22.52
C PHE C 73 22.43 61.47 22.16
N SER C 74 23.30 61.84 21.23
CA SER C 74 23.36 63.20 20.71
C SER C 74 23.49 63.07 19.21
N GLY C 75 22.72 63.87 18.47
CA GLY C 75 22.74 63.81 17.03
C GLY C 75 21.34 63.72 16.44
N LEU C 76 21.24 63.11 15.27
CA LEU C 76 19.96 62.96 14.59
C LEU C 76 19.02 62.02 15.35
N ASN C 77 17.82 62.51 15.64
CA ASN C 77 16.84 61.69 16.35
C ASN C 77 16.32 60.55 15.51
N ALA C 78 15.99 60.84 14.26
CA ALA C 78 15.48 59.79 13.38
C ALA C 78 16.47 58.63 13.33
N ASP C 79 17.77 58.94 13.29
CA ASP C 79 18.80 57.90 13.26
C ASP C 79 18.85 57.09 14.56
N SER C 80 18.78 57.78 15.69
CA SER C 80 18.84 57.11 16.98
C SER C 80 17.83 55.98 17.10
N ARG C 81 16.61 56.20 16.60
CA ARG C 81 15.55 55.20 16.68
C ARG C 81 15.96 53.88 16.06
N ILE C 82 16.59 53.95 14.90
CA ILE C 82 17.03 52.75 14.20
C ILE C 82 18.08 52.00 15.04
N LEU C 83 19.02 52.73 15.63
CA LEU C 83 20.01 52.08 16.48
C LEU C 83 19.36 51.48 17.72
N ILE C 84 18.44 52.24 18.32
CA ILE C 84 17.75 51.77 19.52
C ILE C 84 16.89 50.54 19.24
N GLU C 85 16.18 50.51 18.13
CA GLU C 85 15.36 49.35 17.80
C GLU C 85 16.26 48.14 17.64
N LYS C 86 17.32 48.27 16.85
CA LYS C 86 18.24 47.16 16.63
C LYS C 86 18.83 46.63 17.93
N ALA C 87 19.18 47.53 18.83
CA ALA C 87 19.75 47.13 20.11
C ALA C 87 18.73 46.35 20.94
N ARG C 88 17.50 46.83 20.96
CA ARG C 88 16.45 46.19 21.75
C ARG C 88 16.16 44.78 21.26
N VAL C 89 16.20 44.62 19.94
CA VAL C 89 15.96 43.32 19.33
C VAL C 89 17.12 42.37 19.64
N GLU C 90 18.35 42.88 19.54
CA GLU C 90 19.51 42.06 19.83
C GLU C 90 19.49 41.62 21.30
N ALA C 91 18.98 42.49 22.17
CA ALA C 91 18.90 42.19 23.59
C ALA C 91 18.01 40.98 23.87
N GLN C 92 16.84 40.94 23.23
CA GLN C 92 15.94 39.81 23.41
C GLN C 92 16.54 38.55 22.79
N SER C 93 17.21 38.73 21.66
CA SER C 93 17.82 37.60 20.97
C SER C 93 18.91 36.97 21.82
N HIS C 94 19.68 37.79 22.53
CA HIS C 94 20.75 37.28 23.38
C HIS C 94 20.19 36.47 24.54
N ARG C 95 19.12 36.99 25.14
CA ARG C 95 18.45 36.29 26.24
C ARG C 95 17.95 34.95 25.75
N LEU C 96 17.32 34.96 24.58
CA LEU C 96 16.75 33.75 24.00
C LEU C 96 17.76 32.68 23.59
N THR C 97 18.95 33.08 23.16
CA THR C 97 19.92 32.08 22.73
C THR C 97 20.96 31.70 23.78
N LEU C 98 21.39 32.66 24.59
CA LEU C 98 22.38 32.36 25.63
C LEU C 98 21.75 32.20 27.00
N GLU C 99 20.45 32.47 27.08
CA GLU C 99 19.74 32.40 28.35
C GLU C 99 20.41 33.27 29.39
N ASP C 100 20.65 34.53 29.03
CA ASP C 100 21.29 35.48 29.93
C ASP C 100 21.28 36.86 29.30
N PRO C 101 20.81 37.87 30.05
CA PRO C 101 20.79 39.22 29.48
C PRO C 101 22.19 39.71 29.10
N VAL C 102 22.23 40.63 28.15
CA VAL C 102 23.49 41.18 27.66
C VAL C 102 24.26 41.96 28.73
N THR C 103 25.58 41.92 28.63
CA THR C 103 26.40 42.71 29.54
C THR C 103 26.34 44.09 28.90
N VAL C 104 26.58 45.15 29.66
CA VAL C 104 26.54 46.50 29.09
C VAL C 104 27.59 46.65 28.00
N GLU C 105 28.74 46.04 28.21
CA GLU C 105 29.82 46.11 27.24
C GLU C 105 29.42 45.42 25.92
N TYR C 106 28.69 44.31 26.03
CA TYR C 106 28.27 43.59 24.84
C TYR C 106 27.25 44.39 24.03
N LEU C 107 26.21 44.89 24.69
CA LEU C 107 25.19 45.67 24.02
C LEU C 107 25.84 46.87 23.34
N THR C 108 26.94 47.34 23.92
CA THR C 108 27.68 48.47 23.38
C THR C 108 28.46 48.05 22.15
N ARG C 109 29.19 46.94 22.28
CA ARG C 109 29.97 46.43 21.16
C ARG C 109 29.06 46.16 19.96
N TYR C 110 27.83 45.75 20.24
CA TYR C 110 26.89 45.48 19.17
C TYR C 110 26.53 46.75 18.43
N VAL C 111 26.09 47.76 19.18
CA VAL C 111 25.70 49.03 18.59
C VAL C 111 26.87 49.66 17.84
N ALA C 112 28.05 49.59 18.42
CA ALA C 112 29.22 50.17 17.76
C ALA C 112 29.45 49.40 16.46
N GLY C 113 29.18 48.11 16.48
CA GLY C 113 29.36 47.30 15.29
C GLY C 113 28.44 47.75 14.16
N VAL C 114 27.17 48.03 14.50
CA VAL C 114 26.21 48.46 13.50
C VAL C 114 26.70 49.77 12.90
N GLN C 115 27.06 50.72 13.76
CA GLN C 115 27.56 52.00 13.27
C GLN C 115 28.75 51.82 12.33
N GLN C 116 29.74 51.02 12.74
CA GLN C 116 30.91 50.82 11.91
C GLN C 116 30.55 50.28 10.54
N ARG C 117 29.66 49.29 10.55
CA ARG C 117 29.19 48.63 9.33
C ARG C 117 28.58 49.65 8.36
N TYR C 118 27.92 50.67 8.87
CA TYR C 118 27.32 51.67 8.02
C TYR C 118 28.35 52.68 7.50
N THR C 119 29.63 52.40 7.70
CA THR C 119 30.66 53.31 7.21
C THR C 119 31.48 52.65 6.10
N GLN C 120 31.26 51.37 5.88
CA GLN C 120 31.96 50.70 4.79
C GLN C 120 31.06 49.74 4.03
N SER C 121 29.79 50.13 3.91
CA SER C 121 28.78 49.39 3.17
C SER C 121 28.23 50.29 2.08
N GLY C 122 27.97 49.71 0.90
CA GLY C 122 27.44 50.50 -0.20
C GLY C 122 26.01 50.98 -0.08
N GLY C 123 25.76 52.17 -0.62
CA GLY C 123 24.42 52.74 -0.62
C GLY C 123 23.83 53.27 0.67
N VAL C 124 24.66 53.48 1.68
CA VAL C 124 24.15 53.98 2.97
C VAL C 124 25.08 55.02 3.58
N ARG C 125 24.51 55.94 4.35
CA ARG C 125 25.33 56.95 5.01
C ARG C 125 25.49 56.56 6.48
N PRO C 126 26.59 57.01 7.12
CA PRO C 126 26.83 56.68 8.53
C PRO C 126 25.76 57.30 9.40
N PHE C 127 25.59 56.75 10.60
CA PHE C 127 24.60 57.29 11.53
C PHE C 127 25.15 58.60 12.08
N GLY C 128 24.31 59.64 12.11
CA GLY C 128 24.74 60.91 12.65
C GLY C 128 24.40 60.86 14.12
N VAL C 129 25.02 59.92 14.81
CA VAL C 129 24.74 59.70 16.23
C VAL C 129 25.93 59.17 17.05
N SER C 130 25.99 59.63 18.30
CA SER C 130 26.98 59.17 19.26
C SER C 130 26.09 58.76 20.43
N THR C 131 26.43 57.68 21.10
CA THR C 131 25.60 57.23 22.19
C THR C 131 26.32 57.01 23.49
N LEU C 132 25.54 56.99 24.56
CA LEU C 132 26.02 56.73 25.92
C LEU C 132 25.15 55.54 26.36
N ILE C 133 25.80 54.43 26.65
CA ILE C 133 25.10 53.24 27.08
C ILE C 133 25.57 52.94 28.49
N ALA C 134 24.61 52.73 29.40
CA ALA C 134 24.94 52.48 30.80
C ALA C 134 23.96 51.56 31.50
N GLY C 135 24.47 50.87 32.53
CA GLY C 135 23.67 49.95 33.31
C GLY C 135 24.56 49.00 34.10
N PHE C 136 23.97 47.92 34.61
CA PHE C 136 24.71 46.93 35.38
C PHE C 136 24.60 45.53 34.78
N ASP C 137 25.73 44.86 34.63
CA ASP C 137 25.73 43.51 34.09
C ASP C 137 24.89 42.64 35.03
N PRO C 138 24.33 41.54 34.49
CA PRO C 138 23.51 40.63 35.29
C PRO C 138 24.25 40.13 36.53
N ARG C 139 23.59 40.26 37.68
CA ARG C 139 24.19 39.81 38.93
C ARG C 139 25.59 40.40 39.15
N ASP C 140 25.69 41.71 39.01
CA ASP C 140 26.95 42.44 39.22
C ASP C 140 26.52 43.82 39.72
N ASP C 141 27.34 44.42 40.57
CA ASP C 141 27.02 45.72 41.15
C ASP C 141 27.95 46.85 40.72
N GLU C 142 28.91 46.53 39.86
CA GLU C 142 29.86 47.52 39.36
C GLU C 142 29.27 48.28 38.14
N PRO C 143 28.96 49.57 38.31
CA PRO C 143 28.39 50.39 37.23
C PRO C 143 29.21 50.41 35.94
N LYS C 144 28.48 50.42 34.83
CA LYS C 144 29.09 50.43 33.50
C LYS C 144 28.63 51.65 32.70
N LEU C 145 29.57 52.30 32.01
CA LEU C 145 29.26 53.47 31.20
C LEU C 145 30.14 53.45 29.96
N TYR C 146 29.52 53.34 28.80
CA TYR C 146 30.25 53.29 27.52
C TYR C 146 29.74 54.36 26.57
N GLN C 147 30.56 54.66 25.56
CA GLN C 147 30.18 55.65 24.55
C GLN C 147 30.54 55.16 23.15
N THR C 148 29.69 55.48 22.18
CA THR C 148 29.96 55.08 20.81
C THR C 148 29.81 56.27 19.88
N GLU C 149 30.49 56.23 18.75
CA GLU C 149 30.40 57.31 17.77
C GLU C 149 30.20 56.78 16.34
N PRO C 150 29.85 57.67 15.41
CA PRO C 150 29.63 57.26 14.02
C PRO C 150 30.68 56.33 13.43
N SER C 151 31.94 56.54 13.76
CA SER C 151 33.02 55.71 13.23
C SER C 151 32.86 54.26 13.62
N GLY C 152 32.19 54.01 14.74
CA GLY C 152 31.99 52.65 15.21
C GLY C 152 32.89 52.32 16.40
N ILE C 153 33.68 53.32 16.80
CA ILE C 153 34.58 53.19 17.93
C ILE C 153 33.85 53.39 19.26
N TYR C 154 34.26 52.66 20.29
CA TYR C 154 33.64 52.81 21.59
C TYR C 154 34.65 52.58 22.70
N SER C 155 34.25 52.89 23.93
CA SER C 155 35.09 52.74 25.11
C SER C 155 34.32 53.16 26.37
N SER C 156 34.81 52.77 27.55
CA SER C 156 34.12 53.12 28.79
C SER C 156 34.69 54.36 29.44
N TRP C 157 33.83 55.06 30.16
CA TRP C 157 34.20 56.29 30.81
C TRP C 157 33.68 56.33 32.23
N SER C 158 34.39 57.04 33.10
CA SER C 158 33.97 57.20 34.48
C SER C 158 32.81 58.21 34.39
N ALA C 159 32.95 59.13 33.45
CA ALA C 159 31.96 60.17 33.19
C ALA C 159 32.28 60.71 31.80
N GLN C 160 31.25 61.03 31.05
CA GLN C 160 31.45 61.53 29.70
C GLN C 160 30.24 62.31 29.24
N THR C 161 30.43 63.12 28.21
CA THR C 161 29.37 63.94 27.65
C THR C 161 29.56 64.08 26.15
N ILE C 162 28.45 64.17 25.42
CA ILE C 162 28.48 64.32 23.97
C ILE C 162 27.45 65.36 23.57
N GLY C 163 27.63 65.96 22.41
CA GLY C 163 26.68 66.95 21.97
C GLY C 163 27.25 68.35 22.02
N ARG C 164 26.38 69.34 21.78
CA ARG C 164 26.82 70.73 21.79
C ARG C 164 27.34 71.17 23.15
N ASN C 165 28.47 71.89 23.14
CA ASN C 165 29.09 72.38 24.36
C ASN C 165 29.61 71.26 25.23
N SER C 166 29.69 70.05 24.68
CA SER C 166 30.18 68.91 25.44
C SER C 166 31.64 69.18 25.84
N LYS C 167 32.28 70.11 25.14
CA LYS C 167 33.68 70.47 25.44
C LYS C 167 33.65 71.13 26.81
N THR C 168 32.72 72.05 26.96
CA THR C 168 32.54 72.78 28.20
C THR C 168 32.26 71.82 29.35
N VAL C 169 31.11 71.17 29.31
CA VAL C 169 30.72 70.24 30.35
C VAL C 169 31.74 69.12 30.60
N ARG C 170 32.60 68.82 29.63
CA ARG C 170 33.60 67.78 29.86
C ARG C 170 34.68 68.34 30.77
N GLU C 171 35.10 69.56 30.48
CA GLU C 171 36.11 70.27 31.26
C GLU C 171 35.63 70.27 32.71
N PHE C 172 34.37 70.67 32.89
CA PHE C 172 33.77 70.70 34.22
C PHE C 172 34.05 69.36 34.88
N LEU C 173 33.58 68.29 34.23
CA LEU C 173 33.76 66.94 34.75
C LEU C 173 35.20 66.53 35.02
N GLU C 174 36.14 66.93 34.16
CA GLU C 174 37.54 66.57 34.37
C GLU C 174 38.11 67.15 35.67
N LYS C 175 37.59 68.30 36.10
CA LYS C 175 38.04 68.92 37.34
C LYS C 175 36.85 69.01 38.30
N ASN C 176 36.19 67.89 38.51
CA ASN C 176 35.04 67.80 39.40
C ASN C 176 34.68 66.34 39.66
N TYR C 177 35.43 65.43 39.03
CA TYR C 177 35.21 64.01 39.20
C TYR C 177 36.53 63.37 39.61
N ASP C 178 36.51 62.70 40.76
CA ASP C 178 37.69 62.04 41.26
C ASP C 178 37.43 60.53 41.20
N ARG C 179 38.25 59.80 40.45
CA ARG C 179 38.06 58.37 40.36
C ARG C 179 38.33 57.75 41.73
N LYS C 180 39.19 58.40 42.50
CA LYS C 180 39.54 57.95 43.83
C LYS C 180 38.26 57.87 44.67
N GLU C 181 37.41 58.87 44.52
CA GLU C 181 36.16 58.93 45.26
C GLU C 181 34.97 59.32 44.40
N PRO C 182 34.35 58.34 43.71
CA PRO C 182 33.20 58.58 42.85
C PRO C 182 31.96 58.88 43.68
N PRO C 183 31.03 59.70 43.17
CA PRO C 183 29.80 60.05 43.89
C PRO C 183 29.20 58.84 44.60
N ALA C 184 29.61 58.63 45.86
CA ALA C 184 29.14 57.50 46.64
C ALA C 184 27.64 57.47 46.91
N THR C 185 26.90 58.41 46.36
CA THR C 185 25.46 58.45 46.59
C THR C 185 24.66 58.83 45.36
N VAL C 186 23.53 58.18 45.19
CA VAL C 186 22.66 58.48 44.07
C VAL C 186 22.40 59.98 44.02
N GLU C 187 22.13 60.56 45.19
CA GLU C 187 21.86 61.99 45.28
C GLU C 187 23.09 62.83 44.90
N GLU C 188 24.25 62.50 45.45
CA GLU C 188 25.43 63.29 45.14
C GLU C 188 25.96 63.02 43.74
N CYS C 189 25.45 61.97 43.11
CA CYS C 189 25.84 61.63 41.74
C CYS C 189 24.92 62.39 40.78
N VAL C 190 23.65 62.45 41.15
CA VAL C 190 22.67 63.17 40.34
C VAL C 190 22.93 64.67 40.42
N LYS C 191 23.58 65.09 41.51
CA LYS C 191 23.89 66.50 41.70
C LYS C 191 25.03 66.89 40.78
N LEU C 192 26.11 66.12 40.79
CA LEU C 192 27.26 66.40 39.94
C LEU C 192 26.82 66.44 38.47
N THR C 193 25.87 65.58 38.12
CA THR C 193 25.33 65.53 36.77
C THR C 193 24.64 66.84 36.42
N VAL C 194 23.67 67.25 37.25
CA VAL C 194 22.96 68.49 37.03
C VAL C 194 23.91 69.69 37.01
N ARG C 195 24.92 69.66 37.86
CA ARG C 195 25.89 70.75 37.91
C ARG C 195 26.56 70.90 36.55
N SER C 196 26.98 69.78 35.98
CA SER C 196 27.65 69.77 34.69
C SER C 196 26.73 70.28 33.58
N LEU C 197 25.45 69.92 33.64
CA LEU C 197 24.50 70.36 32.63
C LEU C 197 24.20 71.84 32.76
N LEU C 198 24.12 72.34 33.99
CA LEU C 198 23.83 73.75 34.21
C LEU C 198 24.93 74.64 33.63
N GLU C 199 26.13 74.08 33.48
CA GLU C 199 27.24 74.82 32.91
C GLU C 199 26.93 75.21 31.47
N VAL C 200 25.92 74.59 30.89
CA VAL C 200 25.56 74.85 29.50
C VAL C 200 24.07 75.04 29.21
N VAL C 201 23.21 74.39 29.98
CA VAL C 201 21.76 74.50 29.75
C VAL C 201 21.25 75.92 29.94
N GLN C 202 21.92 76.69 30.80
CA GLN C 202 21.53 78.06 31.07
C GLN C 202 20.10 78.08 31.63
N THR C 203 20.01 77.86 32.93
CA THR C 203 18.74 77.82 33.65
C THR C 203 17.66 77.12 32.83
N GLY C 204 17.54 75.82 33.04
CA GLY C 204 16.56 75.04 32.31
C GLY C 204 16.06 73.89 33.17
N ALA C 205 15.16 74.18 34.09
CA ALA C 205 14.60 73.16 34.95
C ALA C 205 13.80 72.17 34.10
N LYS C 206 13.05 72.70 33.14
CA LYS C 206 12.23 71.88 32.25
C LYS C 206 13.05 71.52 31.01
N ASN C 207 14.30 71.94 30.99
CA ASN C 207 15.21 71.66 29.87
C ASN C 207 16.21 70.57 30.24
N ILE C 208 16.14 70.12 31.49
CA ILE C 208 17.04 69.09 31.95
C ILE C 208 16.26 67.88 32.48
N GLU C 209 16.61 66.70 31.98
CA GLU C 209 15.97 65.47 32.44
C GLU C 209 17.04 64.49 32.92
N ILE C 210 16.74 63.77 33.99
CA ILE C 210 17.68 62.82 34.57
C ILE C 210 17.07 61.43 34.71
N THR C 211 17.92 60.42 34.62
CA THR C 211 17.50 59.04 34.78
C THR C 211 18.57 58.31 35.59
N VAL C 212 18.15 57.66 36.67
CA VAL C 212 19.06 56.95 37.56
C VAL C 212 18.95 55.45 37.36
N VAL C 213 20.10 54.79 37.29
CA VAL C 213 20.13 53.35 37.13
C VAL C 213 20.89 52.74 38.31
N LYS C 214 20.26 51.77 38.97
CA LYS C 214 20.84 51.08 40.11
C LYS C 214 20.90 49.60 39.77
N PRO C 215 21.75 48.83 40.46
CA PRO C 215 21.88 47.40 40.18
C PRO C 215 20.52 46.66 40.19
N ASP C 216 20.48 45.54 39.48
CA ASP C 216 19.28 44.70 39.38
C ASP C 216 18.04 45.36 38.77
N SER C 217 18.19 45.86 37.55
CA SER C 217 17.11 46.48 36.81
C SER C 217 16.29 47.55 37.54
N ASP C 218 16.99 48.45 38.24
CA ASP C 218 16.33 49.53 38.95
C ASP C 218 16.56 50.82 38.16
N ILE C 219 15.65 51.11 37.24
CA ILE C 219 15.77 52.30 36.40
C ILE C 219 14.58 53.22 36.59
N VAL C 220 14.87 54.49 36.83
CA VAL C 220 13.82 55.48 37.04
C VAL C 220 14.23 56.88 36.56
N ALA C 221 13.26 57.60 36.01
CA ALA C 221 13.50 58.94 35.53
C ALA C 221 12.86 59.95 36.49
N LEU C 222 13.66 60.91 36.94
CA LEU C 222 13.20 61.93 37.86
C LEU C 222 12.19 62.86 37.19
N SER C 223 11.41 63.57 38.00
CA SER C 223 10.41 64.50 37.49
C SER C 223 10.93 65.93 37.67
N SER C 224 10.32 66.87 36.95
CA SER C 224 10.73 68.26 37.01
C SER C 224 11.13 68.69 38.41
N GLU C 225 10.21 68.55 39.35
CA GLU C 225 10.43 68.94 40.74
C GLU C 225 11.71 68.35 41.32
N GLU C 226 11.77 67.02 41.36
CA GLU C 226 12.95 66.34 41.90
C GLU C 226 14.22 66.96 41.35
N ILE C 227 14.20 67.27 40.06
CA ILE C 227 15.33 67.89 39.38
C ILE C 227 15.43 69.36 39.75
N ASN C 228 14.28 70.03 39.74
CA ASN C 228 14.22 71.45 40.07
C ASN C 228 14.82 71.69 41.45
N GLN C 229 14.68 70.70 42.32
CA GLN C 229 15.23 70.79 43.67
C GLN C 229 16.74 70.83 43.60
N TYR C 230 17.33 69.91 42.83
CA TYR C 230 18.79 69.85 42.68
C TYR C 230 19.31 71.18 42.14
N VAL C 231 18.57 71.75 41.20
CA VAL C 231 18.95 73.01 40.60
C VAL C 231 19.01 74.06 41.71
N THR C 232 17.98 74.10 42.54
CA THR C 232 17.88 75.03 43.66
C THR C 232 19.07 74.93 44.59
N GLN C 233 19.20 73.78 45.26
CA GLN C 233 20.30 73.56 46.19
C GLN C 233 21.66 73.91 45.59
N ILE C 234 21.78 73.82 44.27
CA ILE C 234 23.03 74.12 43.59
C ILE C 234 23.26 75.62 43.43
N GLU C 235 22.20 76.36 43.15
CA GLU C 235 22.31 77.80 42.97
C GLU C 235 22.65 78.53 44.26
N GLN C 236 22.42 77.87 45.38
CA GLN C 236 22.73 78.44 46.68
C GLN C 236 24.21 78.27 46.95
N GLU C 237 24.74 77.10 46.59
CA GLU C 237 26.15 76.81 46.78
C GLU C 237 26.96 77.99 46.23
N LYS C 238 26.52 78.52 45.10
CA LYS C 238 27.18 79.66 44.45
C LYS C 238 27.03 80.95 45.24
N GLN C 239 25.78 81.37 45.44
CA GLN C 239 25.46 82.59 46.18
C GLN C 239 26.12 82.59 47.55
N GLU C 240 26.15 81.43 48.20
CA GLU C 240 26.78 81.29 49.50
C GLU C 240 28.29 81.38 49.29
N GLN C 241 28.71 82.43 48.59
CA GLN C 241 30.11 82.66 48.28
C GLN C 241 30.26 83.87 47.36
N ASP D 1 31.82 61.09 -9.93
CA ASP D 1 33.11 61.16 -9.18
C ASP D 1 34.16 60.24 -9.83
N ARG D 2 34.67 59.26 -9.08
CA ARG D 2 35.68 58.33 -9.59
C ARG D 2 35.56 57.01 -8.83
N GLY D 3 35.44 55.90 -9.56
CA GLY D 3 35.29 54.60 -8.93
C GLY D 3 36.22 54.35 -7.75
N VAL D 4 35.76 53.56 -6.78
CA VAL D 4 36.56 53.26 -5.59
C VAL D 4 37.69 52.31 -5.90
N SER D 5 37.66 51.69 -7.07
CA SER D 5 38.72 50.76 -7.43
C SER D 5 39.45 51.20 -8.71
N THR D 6 39.69 52.49 -8.83
CA THR D 6 40.38 53.06 -9.97
C THR D 6 41.89 53.05 -9.77
N PHE D 7 42.64 53.03 -10.87
CA PHE D 7 44.10 53.04 -10.84
C PHE D 7 44.60 54.46 -11.09
N SER D 8 45.71 54.81 -10.44
CA SER D 8 46.31 56.13 -10.63
C SER D 8 47.19 56.00 -11.87
N PRO D 9 47.65 57.12 -12.42
CA PRO D 9 48.49 56.97 -13.61
C PRO D 9 49.81 56.26 -13.28
N GLU D 10 50.11 56.12 -11.99
CA GLU D 10 51.33 55.47 -11.55
C GLU D 10 51.12 54.00 -11.22
N GLY D 11 49.95 53.46 -11.57
CA GLY D 11 49.67 52.06 -11.31
C GLY D 11 49.33 51.67 -9.88
N ARG D 12 48.71 52.58 -9.15
CA ARG D 12 48.34 52.29 -7.78
C ARG D 12 46.85 52.50 -7.61
N LEU D 13 46.27 51.83 -6.63
CA LEU D 13 44.84 51.99 -6.37
C LEU D 13 44.62 53.10 -5.38
N PHE D 14 44.02 54.19 -5.86
CA PHE D 14 43.75 55.37 -5.03
C PHE D 14 43.22 55.05 -3.63
N GLN D 15 42.07 54.39 -3.56
CA GLN D 15 41.51 54.08 -2.25
C GLN D 15 42.46 53.35 -1.31
N VAL D 16 43.31 52.48 -1.85
CA VAL D 16 44.26 51.75 -1.01
C VAL D 16 45.38 52.68 -0.51
N GLU D 17 45.88 53.55 -1.38
CA GLU D 17 46.92 54.49 -1.00
C GLU D 17 46.43 55.43 0.09
N TYR D 18 45.22 55.97 -0.10
CA TYR D 18 44.65 56.88 0.87
C TYR D 18 44.46 56.13 2.16
N SER D 19 44.05 54.87 2.04
CA SER D 19 43.85 54.03 3.19
C SER D 19 45.12 54.07 4.05
N LEU D 20 46.26 53.88 3.39
CA LEU D 20 47.55 53.90 4.08
C LEU D 20 47.80 55.20 4.84
N GLU D 21 47.28 56.32 4.34
CA GLU D 21 47.46 57.60 5.01
C GLU D 21 46.78 57.59 6.36
N ALA D 22 45.53 57.14 6.39
CA ALA D 22 44.78 57.10 7.63
C ALA D 22 45.53 56.30 8.69
N ILE D 23 46.24 55.27 8.26
CA ILE D 23 46.99 54.41 9.17
C ILE D 23 48.21 55.10 9.77
N LYS D 24 48.79 56.06 9.04
CA LYS D 24 49.95 56.78 9.54
C LYS D 24 49.57 57.63 10.75
N LEU D 25 48.30 57.98 10.85
CA LEU D 25 47.80 58.79 11.96
C LEU D 25 47.45 57.95 13.17
N GLY D 26 47.47 56.64 13.00
CA GLY D 26 47.11 55.74 14.08
C GLY D 26 48.13 55.63 15.21
N SER D 27 47.67 55.13 16.35
CA SER D 27 48.50 54.93 17.52
C SER D 27 49.61 53.94 17.18
N THR D 28 50.78 54.16 17.77
CA THR D 28 51.93 53.31 17.52
C THR D 28 51.72 51.87 17.99
N ALA D 29 52.19 50.94 17.17
CA ALA D 29 52.11 49.52 17.48
C ALA D 29 53.45 48.95 17.11
N ILE D 30 54.02 48.13 17.99
CA ILE D 30 55.34 47.54 17.72
C ILE D 30 55.39 46.05 18.03
N GLY D 31 56.10 45.32 17.18
CA GLY D 31 56.24 43.89 17.37
C GLY D 31 57.68 43.44 17.17
N ILE D 32 58.17 42.59 18.07
CA ILE D 32 59.53 42.07 17.97
C ILE D 32 59.55 40.56 18.14
N ALA D 33 60.25 39.89 17.23
CA ALA D 33 60.34 38.43 17.27
C ALA D 33 61.67 37.97 17.82
N THR D 34 61.64 36.90 18.61
CA THR D 34 62.84 36.33 19.21
C THR D 34 62.65 34.83 19.34
N LYS D 35 63.73 34.06 19.28
CA LYS D 35 63.67 32.61 19.39
C LYS D 35 63.05 32.16 20.72
N GLU D 36 62.65 33.11 21.56
CA GLU D 36 62.04 32.80 22.85
C GLU D 36 60.58 33.24 22.86
N GLY D 37 60.12 33.82 21.75
CA GLY D 37 58.75 34.28 21.69
C GLY D 37 58.65 35.58 20.93
N VAL D 38 57.43 36.13 20.86
CA VAL D 38 57.23 37.39 20.15
C VAL D 38 56.49 38.36 21.06
N VAL D 39 57.01 39.60 21.10
CA VAL D 39 56.40 40.64 21.93
C VAL D 39 55.60 41.58 21.04
N LEU D 40 54.47 42.03 21.58
CA LEU D 40 53.59 42.92 20.84
C LEU D 40 53.21 44.05 21.80
N GLY D 41 53.52 45.28 21.42
CA GLY D 41 53.20 46.43 22.26
C GLY D 41 52.48 47.51 21.50
N VAL D 42 51.62 48.25 22.18
CA VAL D 42 50.84 49.32 21.55
C VAL D 42 50.68 50.53 22.46
N GLU D 43 50.39 51.67 21.84
CA GLU D 43 50.16 52.93 22.55
C GLU D 43 48.65 53.10 22.72
N LYS D 44 48.15 53.00 23.95
CA LYS D 44 46.72 53.17 24.18
C LYS D 44 46.24 54.49 23.60
N ARG D 45 46.74 55.60 24.15
CA ARG D 45 46.38 56.94 23.70
C ARG D 45 44.91 57.30 23.99
N ALA D 46 44.62 57.58 25.25
CA ALA D 46 43.28 57.98 25.66
C ALA D 46 43.08 59.45 25.25
N THR D 47 41.86 59.81 24.88
CA THR D 47 41.58 61.18 24.47
C THR D 47 41.10 62.05 25.63
N SER D 48 41.16 61.52 26.85
CA SER D 48 40.74 62.25 28.04
C SER D 48 41.05 61.43 29.28
N PRO D 49 41.22 62.11 30.42
CA PRO D 49 41.52 61.42 31.68
C PRO D 49 40.32 60.63 32.23
N LEU D 50 39.13 60.98 31.76
CA LEU D 50 37.91 60.31 32.21
C LEU D 50 37.68 58.96 31.51
N LEU D 51 38.48 58.70 30.47
CA LEU D 51 38.38 57.45 29.72
C LEU D 51 39.11 56.35 30.45
N GLU D 52 38.39 55.30 30.85
CA GLU D 52 39.02 54.20 31.55
C GLU D 52 39.95 53.52 30.55
N SER D 53 41.25 53.79 30.67
CA SER D 53 42.25 53.27 29.75
C SER D 53 42.25 51.77 29.46
N ASP D 54 41.72 50.96 30.36
CA ASP D 54 41.74 49.53 30.10
C ASP D 54 40.64 49.08 29.13
N SER D 55 39.71 49.99 28.82
CA SER D 55 38.66 49.64 27.87
C SER D 55 39.18 49.90 26.45
N ILE D 56 40.49 50.08 26.33
CA ILE D 56 41.13 50.32 25.04
C ILE D 56 41.81 49.03 24.59
N GLU D 57 41.12 48.26 23.76
CA GLU D 57 41.63 46.98 23.27
C GLU D 57 42.27 47.05 21.88
N LYS D 58 43.60 47.18 21.85
CA LYS D 58 44.31 47.26 20.58
C LYS D 58 45.24 46.07 20.36
N ILE D 59 45.12 45.09 21.25
CA ILE D 59 45.88 43.85 21.17
C ILE D 59 44.83 42.78 21.46
N VAL D 60 44.65 41.85 20.54
CA VAL D 60 43.65 40.81 20.73
C VAL D 60 44.17 39.42 20.42
N GLU D 61 43.49 38.43 21.02
CA GLU D 61 43.79 37.02 20.82
C GLU D 61 42.99 36.51 19.61
N ILE D 62 43.69 35.86 18.69
CA ILE D 62 43.06 35.29 17.52
C ILE D 62 42.84 33.81 17.85
N ASP D 63 43.88 33.21 18.43
CA ASP D 63 43.84 31.82 18.86
C ASP D 63 44.82 31.75 20.04
N ARG D 64 45.02 30.56 20.60
CA ARG D 64 45.93 30.44 21.73
C ARG D 64 47.38 30.65 21.33
N HIS D 65 47.68 30.46 20.06
CA HIS D 65 49.06 30.62 19.59
C HIS D 65 49.17 31.76 18.59
N ILE D 66 48.17 32.62 18.57
CA ILE D 66 48.15 33.76 17.63
C ILE D 66 47.43 34.97 18.21
N GLY D 67 48.13 36.11 18.21
CA GLY D 67 47.54 37.35 18.70
C GLY D 67 47.94 38.46 17.75
N CYS D 68 47.26 39.60 17.80
CA CYS D 68 47.67 40.67 16.90
C CYS D 68 47.43 42.05 17.49
N ALA D 69 48.15 43.04 16.95
CA ALA D 69 48.02 44.43 17.38
C ALA D 69 47.60 45.25 16.16
N MET D 70 46.76 46.24 16.39
CA MET D 70 46.25 47.08 15.30
C MET D 70 46.63 48.56 15.39
N SER D 71 46.56 49.24 14.26
CA SER D 71 46.84 50.68 14.18
C SER D 71 46.07 51.31 13.02
N GLY D 72 45.38 52.41 13.29
CA GLY D 72 44.61 53.06 12.24
C GLY D 72 43.16 53.18 12.70
N LEU D 73 42.22 53.18 11.77
CA LEU D 73 40.81 53.27 12.14
C LEU D 73 40.50 51.91 12.76
N THR D 74 40.68 51.78 14.07
CA THR D 74 40.47 50.52 14.75
C THR D 74 39.09 49.88 14.71
N ALA D 75 38.05 50.66 14.46
CA ALA D 75 36.71 50.06 14.40
C ALA D 75 36.67 49.09 13.21
N ASP D 76 37.41 49.41 12.16
CA ASP D 76 37.48 48.59 10.96
C ASP D 76 38.04 47.20 11.22
N ALA D 77 38.84 47.05 12.25
CA ALA D 77 39.47 45.77 12.56
C ALA D 77 38.57 44.72 13.19
N ARG D 78 37.37 45.09 13.63
CA ARG D 78 36.46 44.13 14.26
C ARG D 78 36.14 42.94 13.37
N SER D 79 35.68 43.19 12.15
CA SER D 79 35.34 42.11 11.24
C SER D 79 36.59 41.34 10.84
N MET D 80 37.73 42.02 10.79
CA MET D 80 38.99 41.37 10.43
C MET D 80 39.34 40.31 11.48
N ILE D 81 39.19 40.70 12.75
CA ILE D 81 39.49 39.80 13.86
C ILE D 81 38.50 38.64 13.83
N GLU D 82 37.22 38.96 13.66
CA GLU D 82 36.18 37.93 13.62
C GLU D 82 36.49 36.89 12.56
N HIS D 83 36.84 37.36 11.37
CA HIS D 83 37.19 36.48 10.27
C HIS D 83 38.38 35.62 10.69
N ALA D 84 39.41 36.28 11.21
CA ALA D 84 40.63 35.60 11.63
C ALA D 84 40.41 34.52 12.66
N ARG D 85 39.62 34.82 13.69
CA ARG D 85 39.33 33.85 14.73
C ARG D 85 38.56 32.68 14.17
N THR D 86 37.58 32.98 13.32
CA THR D 86 36.78 31.93 12.71
C THR D 86 37.65 31.03 11.84
N ALA D 87 38.62 31.62 11.14
CA ALA D 87 39.51 30.83 10.29
C ALA D 87 40.34 29.86 11.11
N ALA D 88 40.92 30.37 12.19
CA ALA D 88 41.75 29.54 13.06
C ALA D 88 40.94 28.41 13.67
N VAL D 89 39.75 28.74 14.17
CA VAL D 89 38.87 27.75 14.79
C VAL D 89 38.37 26.73 13.77
N THR D 90 37.94 27.24 12.62
CA THR D 90 37.44 26.40 11.54
C THR D 90 38.51 25.44 11.05
N HIS D 91 39.74 25.93 10.89
CA HIS D 91 40.79 25.06 10.41
C HIS D 91 40.98 23.91 11.38
N ASN D 92 40.82 24.20 12.67
CA ASN D 92 40.98 23.16 13.67
C ASN D 92 39.87 22.12 13.56
N LEU D 93 38.65 22.60 13.34
CA LEU D 93 37.51 21.71 13.21
C LEU D 93 37.65 20.79 12.00
N TYR D 94 38.17 21.34 10.90
CA TYR D 94 38.32 20.56 9.68
C TYR D 94 39.58 19.72 9.58
N TYR D 95 40.64 20.11 10.28
CA TYR D 95 41.88 19.36 10.20
C TYR D 95 42.48 18.81 11.49
N ASP D 96 41.76 19.02 12.59
CA ASP D 96 42.22 18.52 13.88
C ASP D 96 43.68 18.97 14.13
N GLU D 97 43.93 20.25 13.91
CA GLU D 97 45.27 20.79 14.10
C GLU D 97 45.19 22.32 14.13
N ASP D 98 46.26 22.96 14.59
CA ASP D 98 46.33 24.41 14.66
C ASP D 98 46.58 24.98 13.27
N ILE D 99 46.13 26.20 13.04
CA ILE D 99 46.33 26.86 11.76
C ILE D 99 47.73 27.46 11.76
N ASN D 100 48.42 27.40 10.64
CA ASN D 100 49.76 27.96 10.57
C ASN D 100 49.63 29.48 10.61
N VAL D 101 50.54 30.15 11.30
CA VAL D 101 50.48 31.59 11.41
C VAL D 101 50.41 32.26 10.04
N GLU D 102 51.22 31.80 9.10
CA GLU D 102 51.23 32.43 7.78
C GLU D 102 49.88 32.29 7.09
N SER D 103 49.29 31.09 7.16
CA SER D 103 47.98 30.85 6.54
C SER D 103 46.95 31.80 7.13
N LEU D 104 46.90 31.90 8.45
CA LEU D 104 45.96 32.79 9.10
C LEU D 104 46.13 34.18 8.52
N THR D 105 47.38 34.59 8.34
CA THR D 105 47.64 35.92 7.80
C THR D 105 47.12 36.06 6.36
N GLN D 106 47.40 35.06 5.53
CA GLN D 106 46.97 35.05 4.14
C GLN D 106 45.45 35.15 4.06
N SER D 107 44.78 34.43 4.95
CA SER D 107 43.32 34.40 5.06
C SER D 107 42.77 35.82 5.30
N VAL D 108 43.41 36.55 6.22
CA VAL D 108 42.99 37.90 6.55
C VAL D 108 43.24 38.83 5.37
N CYS D 109 44.40 38.68 4.73
CA CYS D 109 44.75 39.51 3.60
C CYS D 109 43.81 39.32 2.43
N ASP D 110 43.20 38.14 2.35
CA ASP D 110 42.28 37.84 1.27
C ASP D 110 41.00 38.68 1.32
N LEU D 111 40.66 39.23 2.48
CA LEU D 111 39.47 40.05 2.62
C LEU D 111 39.77 41.46 2.11
N ALA D 112 41.01 41.86 2.31
CA ALA D 112 41.49 43.17 1.95
C ALA D 112 41.00 43.78 0.64
N LEU D 113 41.27 43.13 -0.49
CA LEU D 113 40.84 43.68 -1.78
C LEU D 113 39.37 43.41 -2.15
N ARG D 114 38.62 42.84 -1.21
CA ARG D 114 37.20 42.56 -1.43
C ARG D 114 36.33 43.79 -1.32
N PHE D 115 36.67 44.84 -2.02
CA PHE D 115 35.85 46.04 -1.97
C PHE D 115 35.56 46.53 -3.37
N GLY D 116 34.53 47.38 -3.48
CA GLY D 116 34.14 47.94 -4.75
C GLY D 116 32.65 48.23 -4.85
N GLU D 117 32.21 48.70 -6.01
CA GLU D 117 30.80 49.00 -6.26
C GLU D 117 30.23 48.03 -7.30
N GLY D 118 31.07 47.07 -7.70
CA GLY D 118 30.66 46.08 -8.69
C GLY D 118 31.85 45.59 -9.50
N ALA D 119 32.91 45.18 -8.80
CA ALA D 119 34.13 44.68 -9.45
C ALA D 119 34.01 43.25 -9.99
N SER D 120 34.12 43.11 -11.31
CA SER D 120 34.02 41.83 -12.01
C SER D 120 35.10 40.82 -11.58
N GLY D 121 34.72 39.84 -10.76
CA GLY D 121 35.66 38.84 -10.31
C GLY D 121 35.03 37.86 -9.32
N GLU D 122 33.90 38.28 -8.75
CA GLU D 122 33.16 37.49 -7.78
C GLU D 122 32.02 38.38 -7.26
N GLU D 123 31.98 38.61 -5.95
CA GLU D 123 30.96 39.48 -5.37
C GLU D 123 31.52 40.28 -4.20
N ARG D 124 32.54 41.09 -4.49
CA ARG D 124 33.18 41.92 -3.49
C ARG D 124 32.28 43.03 -2.95
N LEU D 125 31.62 42.74 -1.84
CA LEU D 125 30.75 43.73 -1.23
C LEU D 125 31.38 44.28 0.07
N MET D 126 31.73 45.56 -0.02
CA MET D 126 32.35 46.34 1.04
C MET D 126 32.71 47.57 0.22
N SER D 127 32.14 48.71 0.58
CA SER D 127 32.36 49.94 -0.17
C SER D 127 33.76 50.53 -0.22
N ARG D 128 34.59 50.25 0.78
CA ARG D 128 35.93 50.81 0.84
C ARG D 128 36.91 49.84 1.48
N PRO D 129 38.22 50.09 1.33
CA PRO D 129 39.23 49.22 1.91
C PRO D 129 39.23 49.45 3.43
N PHE D 130 39.95 48.62 4.17
CA PHE D 130 40.02 48.78 5.62
C PHE D 130 41.02 49.90 5.88
N GLY D 131 40.80 50.68 6.94
CA GLY D 131 41.74 51.75 7.24
C GLY D 131 42.59 51.41 8.46
N VAL D 132 43.03 50.16 8.54
CA VAL D 132 43.83 49.72 9.67
C VAL D 132 44.82 48.63 9.28
N ALA D 133 46.03 48.68 9.83
CA ALA D 133 47.03 47.67 9.56
C ALA D 133 47.10 46.75 10.77
N LEU D 134 47.69 45.58 10.60
CA LEU D 134 47.78 44.63 11.71
C LEU D 134 49.14 43.96 11.82
N LEU D 135 49.54 43.70 13.05
CA LEU D 135 50.78 43.01 13.31
C LEU D 135 50.29 41.70 13.88
N ILE D 136 50.44 40.63 13.12
CA ILE D 136 50.00 39.33 13.57
C ILE D 136 51.21 38.56 14.05
N ALA D 137 51.18 38.21 15.34
CA ALA D 137 52.28 37.47 15.95
C ALA D 137 51.78 36.13 16.47
N GLY D 138 52.60 35.10 16.28
CA GLY D 138 52.22 33.79 16.74
C GLY D 138 53.30 32.75 16.56
N HIS D 139 52.93 31.50 16.84
CA HIS D 139 53.86 30.39 16.72
C HIS D 139 53.17 29.13 16.24
N ASP D 140 53.88 28.35 15.43
CA ASP D 140 53.37 27.08 14.94
C ASP D 140 54.55 26.13 14.78
N ALA D 141 54.28 24.84 14.78
CA ALA D 141 55.35 23.84 14.67
C ALA D 141 56.15 23.90 13.39
N ASP D 142 55.61 24.51 12.34
CA ASP D 142 56.32 24.57 11.07
C ASP D 142 57.44 25.61 10.98
N ASP D 143 57.15 26.85 11.36
CA ASP D 143 58.17 27.91 11.30
C ASP D 143 58.32 28.65 12.63
N GLY D 144 57.95 27.98 13.71
CA GLY D 144 58.05 28.57 15.03
C GLY D 144 57.50 29.98 15.16
N TYR D 145 58.22 30.79 15.92
CA TYR D 145 57.82 32.18 16.16
C TYR D 145 57.85 33.05 14.92
N GLN D 146 56.73 33.70 14.65
CA GLN D 146 56.60 34.57 13.48
C GLN D 146 55.87 35.87 13.78
N LEU D 147 56.20 36.89 12.99
CA LEU D 147 55.58 38.19 13.10
C LEU D 147 55.23 38.64 11.68
N PHE D 148 53.98 39.05 11.49
CA PHE D 148 53.52 39.48 10.18
C PHE D 148 52.90 40.86 10.20
N HIS D 149 53.08 41.57 9.10
CA HIS D 149 52.50 42.90 8.95
C HIS D 149 51.53 42.77 7.77
N ALA D 150 50.23 42.92 8.05
CA ALA D 150 49.20 42.81 7.01
C ALA D 150 48.56 44.17 6.75
N GLU D 151 48.55 44.60 5.49
CA GLU D 151 47.98 45.91 5.14
C GLU D 151 46.69 45.84 4.33
N PRO D 152 45.98 46.98 4.20
CA PRO D 152 44.72 47.06 3.44
C PRO D 152 44.95 46.80 1.95
N SER D 153 46.21 46.67 1.56
CA SER D 153 46.59 46.40 0.18
C SER D 153 46.39 44.93 -0.14
N GLY D 154 46.23 44.13 0.90
CA GLY D 154 46.05 42.70 0.71
C GLY D 154 47.38 41.98 0.75
N THR D 155 48.46 42.75 0.86
CA THR D 155 49.78 42.15 0.93
C THR D 155 50.23 42.08 2.39
N PHE D 156 51.17 41.17 2.66
CA PHE D 156 51.69 41.01 4.01
C PHE D 156 53.15 40.62 3.93
N TYR D 157 53.92 41.04 4.92
CA TYR D 157 55.35 40.75 4.98
C TYR D 157 55.66 40.14 6.33
N ARG D 158 56.73 39.34 6.35
CA ARG D 158 57.18 38.74 7.59
C ARG D 158 58.29 39.64 8.11
N TYR D 159 58.32 39.88 9.42
CA TYR D 159 59.34 40.74 10.02
C TYR D 159 59.96 40.14 11.28
N ASN D 160 61.18 40.60 11.58
CA ASN D 160 61.89 40.18 12.78
C ASN D 160 61.47 41.20 13.83
N ALA D 161 61.16 42.39 13.35
CA ALA D 161 60.71 43.51 14.16
C ALA D 161 59.97 44.46 13.23
N LYS D 162 58.94 45.12 13.74
CA LYS D 162 58.18 46.03 12.91
C LYS D 162 57.37 47.00 13.75
N ALA D 163 57.32 48.25 13.30
CA ALA D 163 56.56 49.27 13.99
C ALA D 163 55.68 49.98 12.98
N ILE D 164 54.41 50.16 13.35
CA ILE D 164 53.43 50.82 12.50
C ILE D 164 52.73 51.86 13.36
N GLY D 165 52.18 52.89 12.71
CA GLY D 165 51.51 53.93 13.45
C GLY D 165 52.26 55.25 13.37
N SER D 166 51.71 56.28 13.99
CA SER D 166 52.33 57.61 13.96
C SER D 166 53.85 57.66 14.16
N GLY D 167 54.40 56.88 15.06
CA GLY D 167 55.84 56.94 15.26
C GLY D 167 56.69 55.97 14.45
N SER D 168 56.04 55.11 13.66
CA SER D 168 56.72 54.09 12.86
C SER D 168 58.07 54.37 12.20
N GLU D 169 58.15 55.31 11.25
CA GLU D 169 59.41 55.61 10.55
C GLU D 169 60.63 55.72 11.47
N GLY D 170 60.47 56.50 12.54
CA GLY D 170 61.57 56.66 13.48
C GLY D 170 61.81 55.36 14.22
N ALA D 171 60.74 54.76 14.73
CA ALA D 171 60.82 53.51 15.46
C ALA D 171 61.41 52.38 14.64
N GLN D 172 61.14 52.37 13.34
CA GLN D 172 61.65 51.31 12.47
C GLN D 172 63.16 51.43 12.33
N ALA D 173 63.64 52.66 12.16
CA ALA D 173 65.07 52.92 12.03
C ALA D 173 65.75 52.41 13.30
N GLU D 174 65.11 52.68 14.43
CA GLU D 174 65.60 52.24 15.72
C GLU D 174 65.80 50.72 15.65
N LEU D 175 64.68 50.02 15.47
CA LEU D 175 64.65 48.56 15.37
C LEU D 175 65.69 48.04 14.41
N LEU D 176 65.88 48.75 13.31
CA LEU D 176 66.86 48.36 12.32
C LEU D 176 68.21 48.07 12.96
N ASN D 177 68.55 48.88 13.97
CA ASN D 177 69.82 48.74 14.68
C ASN D 177 69.73 47.85 15.92
N GLU D 178 68.80 48.18 16.82
CA GLU D 178 68.60 47.45 18.07
C GLU D 178 68.43 45.93 17.92
N TRP D 179 67.70 45.51 16.90
CA TRP D 179 67.41 44.09 16.68
C TRP D 179 68.56 43.25 16.17
N HIS D 180 68.67 42.05 16.74
CA HIS D 180 69.67 41.08 16.35
C HIS D 180 69.11 39.70 16.72
N SER D 181 69.44 38.70 15.91
CA SER D 181 68.93 37.34 16.08
C SER D 181 69.13 36.62 17.41
N SER D 182 69.73 37.26 18.41
CA SER D 182 69.95 36.59 19.69
C SER D 182 69.25 37.27 20.86
N LEU D 183 68.33 38.17 20.57
CA LEU D 183 67.59 38.86 21.61
C LEU D 183 66.83 37.85 22.46
N THR D 184 66.62 38.17 23.73
CA THR D 184 65.87 37.28 24.60
C THR D 184 64.50 37.93 24.69
N LEU D 185 63.52 37.19 25.17
CA LEU D 185 62.18 37.75 25.30
C LEU D 185 62.23 39.02 26.16
N LYS D 186 62.88 38.92 27.32
CA LYS D 186 63.00 40.07 28.22
C LYS D 186 63.63 41.29 27.55
N GLU D 187 64.66 41.07 26.75
CA GLU D 187 65.33 42.16 26.07
C GLU D 187 64.34 42.80 25.11
N ALA D 188 63.60 41.95 24.40
CA ALA D 188 62.59 42.41 23.44
C ALA D 188 61.53 43.26 24.13
N GLU D 189 61.08 42.80 25.29
CA GLU D 189 60.07 43.51 26.06
C GLU D 189 60.52 44.95 26.33
N LEU D 190 61.72 45.08 26.88
CA LEU D 190 62.28 46.39 27.20
C LEU D 190 62.46 47.27 25.95
N LEU D 191 62.99 46.67 24.88
CA LEU D 191 63.22 47.40 23.64
C LEU D 191 61.92 48.00 23.11
N VAL D 192 60.83 47.23 23.17
CA VAL D 192 59.53 47.71 22.71
C VAL D 192 59.11 48.87 23.60
N LEU D 193 59.14 48.62 24.90
CA LEU D 193 58.79 49.62 25.90
C LEU D 193 59.62 50.89 25.70
N LYS D 194 60.88 50.71 25.35
CA LYS D 194 61.77 51.85 25.13
C LYS D 194 61.37 52.69 23.92
N ILE D 195 61.25 52.05 22.76
CA ILE D 195 60.87 52.73 21.52
C ILE D 195 59.50 53.39 21.63
N LEU D 196 58.56 52.74 22.32
CA LEU D 196 57.23 53.31 22.49
C LEU D 196 57.39 54.62 23.23
N LYS D 197 58.17 54.56 24.31
CA LYS D 197 58.45 55.71 25.16
C LYS D 197 59.01 56.89 24.35
N GLN D 198 59.95 56.61 23.47
CA GLN D 198 60.57 57.65 22.65
C GLN D 198 59.61 58.33 21.66
N VAL D 199 58.70 57.56 21.06
CA VAL D 199 57.79 58.13 20.08
C VAL D 199 56.47 58.63 20.62
N MET D 200 56.12 58.26 21.85
CA MET D 200 54.87 58.70 22.44
C MET D 200 54.92 60.13 22.96
N GLU D 201 53.87 60.89 22.68
CA GLU D 201 53.78 62.27 23.16
C GLU D 201 53.69 62.17 24.67
N GLU D 202 52.84 61.26 25.13
CA GLU D 202 52.62 61.03 26.54
C GLU D 202 53.80 60.35 27.23
N LYS D 203 53.86 60.48 28.55
CA LYS D 203 54.92 59.85 29.31
C LYS D 203 54.46 58.42 29.56
N LEU D 204 55.12 57.49 28.89
CA LEU D 204 54.80 56.08 28.99
C LEU D 204 54.73 55.57 30.42
N ASP D 205 53.57 55.02 30.78
CA ASP D 205 53.35 54.42 32.08
C ASP D 205 52.54 53.17 31.79
N GLU D 206 52.15 52.41 32.80
CA GLU D 206 51.40 51.18 32.52
C GLU D 206 49.90 51.41 32.29
N ASN D 207 49.53 52.63 31.90
CA ASN D 207 48.12 52.92 31.64
C ASN D 207 47.88 53.37 30.22
N ASN D 208 48.87 53.98 29.59
CA ASN D 208 48.73 54.42 28.21
C ASN D 208 49.59 53.58 27.27
N ALA D 209 50.07 52.46 27.80
CA ALA D 209 50.89 51.53 27.03
C ALA D 209 50.52 50.13 27.47
N GLN D 210 50.68 49.16 26.58
CA GLN D 210 50.33 47.78 26.89
C GLN D 210 51.23 46.78 26.19
N LEU D 211 51.64 45.76 26.92
CA LEU D 211 52.50 44.72 26.38
C LEU D 211 51.78 43.37 26.37
N SER D 212 52.32 42.46 25.58
CA SER D 212 51.76 41.12 25.46
C SER D 212 52.77 40.30 24.68
N CYS D 213 52.60 38.99 24.71
CA CYS D 213 53.51 38.14 23.98
C CYS D 213 52.88 36.79 23.69
N ILE D 214 53.57 36.02 22.87
CA ILE D 214 53.15 34.69 22.48
C ILE D 214 54.37 33.80 22.59
N THR D 215 54.24 32.75 23.38
CA THR D 215 55.30 31.77 23.57
C THR D 215 54.71 30.38 23.42
N LYS D 216 55.50 29.46 22.86
CA LYS D 216 55.04 28.10 22.64
C LYS D 216 54.37 27.49 23.87
N GLN D 217 55.00 27.65 25.03
CA GLN D 217 54.45 27.06 26.25
C GLN D 217 53.16 27.66 26.77
N ASP D 218 53.10 28.98 26.94
CA ASP D 218 51.90 29.59 27.50
C ASP D 218 50.99 30.29 26.50
N GLY D 219 51.43 30.32 25.24
CA GLY D 219 50.64 30.93 24.19
C GLY D 219 50.58 32.45 24.27
N PHE D 220 49.51 33.01 23.72
CA PHE D 220 49.32 34.44 23.70
C PHE D 220 48.77 34.95 25.03
N LYS D 221 49.48 35.93 25.60
CA LYS D 221 49.09 36.52 26.88
C LYS D 221 49.29 38.03 26.84
N ILE D 222 48.35 38.75 27.42
CA ILE D 222 48.44 40.20 27.49
C ILE D 222 48.89 40.54 28.91
N TYR D 223 50.06 41.18 29.04
CA TYR D 223 50.56 41.54 30.36
C TYR D 223 49.63 42.50 31.09
N ASP D 224 49.34 42.22 32.35
CA ASP D 224 48.49 43.11 33.13
C ASP D 224 49.36 44.29 33.56
N ASN D 225 48.72 45.40 33.89
CA ASN D 225 49.42 46.61 34.30
C ASN D 225 50.59 46.44 35.26
N GLU D 226 50.36 45.73 36.37
CA GLU D 226 51.42 45.51 37.35
C GLU D 226 52.66 44.95 36.68
N LYS D 227 52.50 43.85 35.95
CA LYS D 227 53.63 43.23 35.29
C LYS D 227 54.37 44.20 34.37
N THR D 228 53.62 45.05 33.69
CA THR D 228 54.22 46.02 32.78
C THR D 228 54.88 47.16 33.54
N ALA D 229 54.20 47.65 34.57
CA ALA D 229 54.73 48.74 35.39
C ALA D 229 56.17 48.44 35.78
N GLU D 230 56.38 47.23 36.33
CA GLU D 230 57.71 46.80 36.76
C GLU D 230 58.71 46.78 35.63
N LEU D 231 58.28 46.38 34.44
CA LEU D 231 59.18 46.35 33.30
C LEU D 231 59.54 47.77 32.91
N ILE D 232 58.60 48.71 33.12
CA ILE D 232 58.84 50.12 32.82
C ILE D 232 59.92 50.62 33.78
N LYS D 233 59.69 50.38 35.07
CA LYS D 233 60.63 50.76 36.13
C LYS D 233 62.01 50.18 35.79
N GLU D 234 62.04 48.87 35.61
CA GLU D 234 63.27 48.17 35.27
C GLU D 234 63.98 48.84 34.10
N LEU D 235 63.20 49.46 33.21
CA LEU D 235 63.77 50.12 32.03
C LEU D 235 64.43 51.45 32.42
N LYS D 236 63.72 52.26 33.21
CA LYS D 236 64.22 53.56 33.63
C LYS D 236 65.58 53.42 34.33
N GLU D 237 65.69 52.38 35.14
CA GLU D 237 66.91 52.09 35.88
C GLU D 237 68.07 51.74 34.97
N LYS D 238 67.82 50.87 34.00
CA LYS D 238 68.88 50.46 33.09
C LYS D 238 69.33 51.62 32.21
N GLU D 239 68.41 52.50 31.85
CA GLU D 239 68.75 53.65 31.00
C GLU D 239 69.59 54.65 31.77
N ALA D 240 69.13 54.99 32.98
CA ALA D 240 69.85 55.94 33.83
C ALA D 240 71.19 55.33 34.22
N ALA D 241 71.33 54.03 34.02
CA ALA D 241 72.56 53.31 34.35
C ALA D 241 73.71 53.71 33.45
N GLU D 242 73.45 54.58 32.48
CA GLU D 242 74.47 55.06 31.55
C GLU D 242 73.81 55.72 30.35
N PHE E 1 42.56 66.48 -21.61
CA PHE E 1 42.54 65.24 -22.44
C PHE E 1 42.35 63.99 -21.55
N ARG E 2 43.38 63.15 -21.53
CA ARG E 2 43.41 61.89 -20.77
C ARG E 2 42.57 61.87 -19.51
N ASN E 3 42.61 62.98 -18.77
CA ASN E 3 41.87 63.11 -17.53
C ASN E 3 40.39 62.79 -17.69
N ASN E 4 39.82 63.19 -18.83
CA ASN E 4 38.40 62.96 -19.09
C ASN E 4 38.08 61.57 -19.60
N TYR E 5 39.09 60.74 -19.80
CA TYR E 5 38.88 59.40 -20.32
C TYR E 5 39.49 58.24 -19.53
N ASP E 6 40.16 58.54 -18.42
CA ASP E 6 40.81 57.49 -17.65
C ASP E 6 40.14 57.17 -16.31
N GLY E 7 38.84 57.44 -16.20
CA GLY E 7 38.13 57.18 -14.96
C GLY E 7 37.62 55.75 -14.79
N ASP E 8 37.66 54.97 -15.85
CA ASP E 8 37.21 53.59 -15.83
C ASP E 8 37.59 52.86 -17.11
N THR E 9 37.29 51.57 -17.18
CA THR E 9 37.65 50.80 -18.37
C THR E 9 36.54 50.71 -19.38
N VAL E 10 35.42 51.34 -19.07
CA VAL E 10 34.30 51.29 -19.98
C VAL E 10 34.32 52.54 -20.89
N THR E 11 35.47 53.21 -20.94
CA THR E 11 35.63 54.43 -21.76
C THR E 11 36.86 54.42 -22.66
N PHE E 12 36.63 54.71 -23.94
CA PHE E 12 37.68 54.76 -24.94
C PHE E 12 38.14 56.21 -25.04
N SER E 13 39.42 56.42 -25.34
CA SER E 13 39.92 57.78 -25.51
C SER E 13 39.70 58.13 -26.97
N PRO E 14 39.79 59.42 -27.32
CA PRO E 14 39.57 59.81 -28.71
C PRO E 14 40.49 59.09 -29.70
N THR E 15 41.59 58.54 -29.20
CA THR E 15 42.53 57.83 -30.06
C THR E 15 42.39 56.31 -29.95
N GLY E 16 41.32 55.88 -29.30
CA GLY E 16 41.04 54.47 -29.16
C GLY E 16 41.80 53.73 -28.07
N ARG E 17 42.26 54.44 -27.04
CA ARG E 17 43.00 53.79 -25.96
C ARG E 17 42.14 53.54 -24.72
N LEU E 18 42.61 52.64 -23.87
CA LEU E 18 41.92 52.32 -22.63
C LEU E 18 42.90 52.59 -21.49
N PHE E 19 42.89 53.82 -21.00
CA PHE E 19 43.80 54.26 -19.95
C PHE E 19 43.83 53.44 -18.68
N GLN E 20 42.66 53.12 -18.13
CA GLN E 20 42.65 52.32 -16.92
C GLN E 20 43.49 51.06 -17.13
N VAL E 21 43.40 50.49 -18.33
CA VAL E 21 44.18 49.29 -18.64
C VAL E 21 45.66 49.65 -18.71
N GLU E 22 45.95 50.76 -19.38
CA GLU E 22 47.33 51.21 -19.50
C GLU E 22 47.94 51.49 -18.13
N TYR E 23 47.16 52.08 -17.24
CA TYR E 23 47.65 52.36 -15.89
C TYR E 23 47.94 51.04 -15.20
N ALA E 24 47.09 50.04 -15.44
CA ALA E 24 47.29 48.75 -14.84
C ALA E 24 48.67 48.24 -15.30
N LEU E 25 48.93 48.35 -16.60
CA LEU E 25 50.20 47.93 -17.17
C LEU E 25 51.38 48.61 -16.50
N GLU E 26 51.19 49.84 -16.04
CA GLU E 26 52.26 50.55 -15.38
C GLU E 26 52.66 49.85 -14.09
N ALA E 27 51.68 49.33 -13.36
CA ALA E 27 51.94 48.65 -12.10
C ALA E 27 52.99 47.56 -12.31
N ILE E 28 52.96 46.94 -13.47
CA ILE E 28 53.91 45.88 -13.78
C ILE E 28 55.32 46.45 -13.92
N LYS E 29 55.46 47.50 -14.73
CA LYS E 29 56.76 48.12 -14.93
C LYS E 29 57.41 48.45 -13.60
N GLN E 30 56.60 48.94 -12.67
CA GLN E 30 57.06 49.33 -11.35
C GLN E 30 57.42 48.12 -10.49
N GLY E 31 57.07 46.93 -10.97
CA GLY E 31 57.37 45.71 -10.22
C GLY E 31 58.79 45.22 -10.40
N SER E 32 59.14 44.17 -9.65
CA SER E 32 60.48 43.60 -9.70
C SER E 32 60.68 42.68 -10.90
N VAL E 33 61.84 42.78 -11.54
CA VAL E 33 62.16 41.98 -12.72
C VAL E 33 62.08 40.47 -12.55
N THR E 34 61.55 39.81 -13.57
CA THR E 34 61.43 38.36 -13.59
C THR E 34 61.65 37.91 -15.05
N VAL E 35 62.34 36.79 -15.20
CA VAL E 35 62.67 36.27 -16.52
C VAL E 35 62.15 34.86 -16.77
N GLY E 36 61.88 34.55 -18.03
CA GLY E 36 61.41 33.23 -18.41
C GLY E 36 62.06 32.84 -19.72
N LEU E 37 62.46 31.58 -19.85
CA LEU E 37 63.08 31.08 -21.09
C LEU E 37 62.95 29.56 -21.12
N ARG E 38 63.04 28.97 -22.31
CA ARG E 38 62.90 27.52 -22.43
C ARG E 38 63.71 26.90 -23.57
N SER E 39 64.05 25.63 -23.41
CA SER E 39 64.75 24.89 -24.44
C SER E 39 63.66 23.97 -25.01
N ASN E 40 64.02 22.76 -25.44
CA ASN E 40 63.02 21.84 -25.95
C ASN E 40 62.67 20.82 -24.90
N THR E 41 63.46 20.80 -23.82
CA THR E 41 63.22 19.85 -22.76
C THR E 41 62.81 20.50 -21.43
N HIS E 42 63.09 21.80 -21.28
CA HIS E 42 62.75 22.51 -20.06
C HIS E 42 62.34 23.95 -20.25
N ALA E 43 61.66 24.49 -19.24
CA ALA E 43 61.22 25.88 -19.24
C ALA E 43 61.69 26.39 -17.88
N VAL E 44 62.29 27.58 -17.86
CA VAL E 44 62.81 28.12 -16.62
C VAL E 44 62.29 29.50 -16.27
N LEU E 45 62.13 29.72 -14.98
CA LEU E 45 61.68 31.00 -14.47
C LEU E 45 62.70 31.48 -13.45
N VAL E 46 63.16 32.72 -13.62
CA VAL E 46 64.11 33.31 -12.68
C VAL E 46 63.45 34.63 -12.27
N ALA E 47 63.46 34.94 -10.98
CA ALA E 47 62.85 36.16 -10.52
C ALA E 47 63.65 36.83 -9.40
N LEU E 48 63.61 38.16 -9.39
CA LEU E 48 64.31 38.93 -8.38
C LEU E 48 63.32 39.27 -7.27
N LYS E 49 63.50 38.69 -6.10
CA LYS E 49 62.60 38.97 -4.99
C LYS E 49 62.97 40.31 -4.35
N ARG E 50 61.97 41.03 -3.91
CA ARG E 50 62.15 42.34 -3.31
C ARG E 50 61.72 42.30 -1.84
N ASN E 51 62.30 43.15 -1.01
CA ASN E 51 61.96 43.18 0.42
C ASN E 51 61.64 44.61 0.85
N ALA E 52 61.04 44.76 2.02
CA ALA E 52 60.68 46.09 2.52
C ALA E 52 61.80 46.72 3.33
N ASP E 53 62.20 46.07 4.42
CA ASP E 53 63.28 46.51 5.30
C ASP E 53 64.30 45.41 5.17
N GLU E 54 65.19 45.34 6.14
CA GLU E 54 66.17 44.27 6.15
C GLU E 54 65.72 43.41 7.33
N LEU E 55 64.59 43.79 7.90
CA LEU E 55 63.98 43.07 9.00
C LEU E 55 62.80 42.29 8.44
N SER E 56 62.42 42.64 7.22
CA SER E 56 61.30 41.99 6.53
C SER E 56 61.81 40.82 5.73
N SER E 57 60.89 40.12 5.08
CA SER E 57 61.24 38.98 4.26
C SER E 57 61.18 39.44 2.81
N TYR E 58 61.51 38.53 1.90
CA TYR E 58 61.45 38.84 0.49
C TYR E 58 60.15 38.25 -0.04
N GLN E 59 59.38 39.05 -0.78
CA GLN E 59 58.10 38.62 -1.33
C GLN E 59 58.28 37.55 -2.40
N LYS E 60 57.49 36.47 -2.33
CA LYS E 60 57.61 35.40 -3.31
C LYS E 60 57.12 35.85 -4.67
N LYS E 61 57.83 35.45 -5.72
CA LYS E 61 57.48 35.83 -7.09
C LYS E 61 57.07 34.64 -7.97
N ILE E 62 57.23 33.42 -7.45
CA ILE E 62 56.89 32.24 -8.23
C ILE E 62 55.81 31.38 -7.57
N ILE E 63 54.80 31.01 -8.35
CA ILE E 63 53.70 30.19 -7.85
C ILE E 63 53.45 28.95 -8.72
N LYS E 64 53.27 27.82 -8.06
CA LYS E 64 53.01 26.55 -8.76
C LYS E 64 51.50 26.39 -8.96
N CYS E 65 51.10 26.08 -10.18
CA CYS E 65 49.68 25.92 -10.48
C CYS E 65 49.28 24.47 -10.67
N ASP E 66 50.27 23.61 -10.90
CA ASP E 66 50.06 22.18 -11.09
C ASP E 66 51.42 21.52 -11.20
N GLU E 67 51.45 20.20 -11.36
CA GLU E 67 52.71 19.49 -11.46
C GLU E 67 53.49 19.78 -12.73
N HIS E 68 52.81 20.35 -13.72
CA HIS E 68 53.43 20.63 -15.01
C HIS E 68 53.32 22.11 -15.39
N MET E 69 52.90 22.94 -14.45
CA MET E 69 52.71 24.35 -14.77
C MET E 69 52.86 25.30 -13.60
N GLY E 70 53.41 26.49 -13.88
CA GLY E 70 53.60 27.48 -12.84
C GLY E 70 53.87 28.83 -13.47
N LEU E 71 53.98 29.87 -12.63
CA LEU E 71 54.23 31.19 -13.16
C LEU E 71 55.01 32.08 -12.19
N SER E 72 55.51 33.20 -12.73
CA SER E 72 56.23 34.19 -11.92
C SER E 72 55.42 35.46 -12.14
N LEU E 73 55.45 36.36 -11.16
CA LEU E 73 54.67 37.58 -11.24
C LEU E 73 55.45 38.90 -11.09
N ALA E 74 54.86 39.97 -11.61
CA ALA E 74 55.42 41.31 -11.53
C ALA E 74 54.20 42.21 -11.47
N GLY E 75 54.02 42.90 -10.34
CA GLY E 75 52.88 43.77 -10.19
C GLY E 75 52.16 43.51 -8.88
N LEU E 76 50.85 43.69 -8.86
CA LEU E 76 50.05 43.48 -7.65
C LEU E 76 50.05 42.03 -7.20
N ALA E 77 50.82 41.73 -6.15
CA ALA E 77 50.88 40.38 -5.63
C ALA E 77 49.49 39.74 -5.48
N PRO E 78 48.55 40.46 -4.83
CA PRO E 78 47.18 39.94 -4.64
C PRO E 78 46.56 39.40 -5.93
N ASP E 79 46.62 40.18 -6.99
CA ASP E 79 46.05 39.75 -8.25
C ASP E 79 46.70 38.45 -8.74
N ALA E 80 48.01 38.32 -8.56
CA ALA E 80 48.72 37.11 -8.97
C ALA E 80 48.11 35.90 -8.25
N ARG E 81 47.72 36.12 -7.01
CA ARG E 81 47.12 35.08 -6.21
C ARG E 81 45.75 34.72 -6.81
N VAL E 82 44.96 35.74 -7.15
CA VAL E 82 43.64 35.50 -7.75
C VAL E 82 43.77 34.74 -9.06
N LEU E 83 44.68 35.20 -9.92
CA LEU E 83 44.88 34.57 -11.23
C LEU E 83 45.50 33.18 -11.16
N SER E 84 46.58 33.02 -10.37
CA SER E 84 47.22 31.72 -10.27
C SER E 84 46.26 30.71 -9.64
N ASN E 85 45.38 31.21 -8.77
CA ASN E 85 44.43 30.34 -8.11
C ASN E 85 43.38 29.89 -9.10
N TYR E 86 43.05 30.77 -10.04
CA TYR E 86 42.08 30.47 -11.07
C TYR E 86 42.70 29.46 -12.02
N LEU E 87 43.99 29.62 -12.28
CA LEU E 87 44.72 28.71 -13.17
C LEU E 87 44.85 27.32 -12.51
N ARG E 88 44.93 27.29 -11.19
CA ARG E 88 45.03 26.00 -10.51
C ARG E 88 43.72 25.24 -10.70
N GLN E 89 42.59 25.96 -10.58
CA GLN E 89 41.27 25.35 -10.75
C GLN E 89 41.10 24.78 -12.14
N GLN E 90 41.55 25.54 -13.14
CA GLN E 90 41.44 25.09 -14.52
C GLN E 90 42.26 23.83 -14.75
N CYS E 91 43.44 23.77 -14.17
CA CYS E 91 44.29 22.59 -14.30
C CYS E 91 43.56 21.43 -13.65
N ASN E 92 43.04 21.71 -12.47
CA ASN E 92 42.31 20.73 -11.68
C ASN E 92 41.07 20.21 -12.42
N TYR E 93 40.30 21.13 -12.98
CA TYR E 93 39.10 20.76 -13.72
C TYR E 93 39.41 19.83 -14.87
N SER E 94 40.43 20.17 -15.65
CA SER E 94 40.85 19.36 -16.79
C SER E 94 41.20 17.93 -16.36
N SER E 95 41.81 17.80 -15.17
CA SER E 95 42.19 16.48 -14.68
C SER E 95 41.01 15.65 -14.20
N LEU E 96 40.17 16.25 -13.37
CA LEU E 96 39.01 15.56 -12.83
C LEU E 96 38.01 15.15 -13.89
N VAL E 97 37.63 16.08 -14.75
CA VAL E 97 36.64 15.78 -15.77
C VAL E 97 37.15 15.03 -16.97
N PHE E 98 38.36 15.35 -17.42
CA PHE E 98 38.90 14.68 -18.60
C PHE E 98 40.13 13.83 -18.41
N ASN E 99 40.65 13.76 -17.19
CA ASN E 99 41.87 12.99 -16.94
C ASN E 99 42.88 13.47 -18.00
N ARG E 100 42.99 14.79 -18.11
CA ARG E 100 43.84 15.42 -19.11
C ARG E 100 44.61 16.59 -18.53
N LYS E 101 45.93 16.63 -18.75
CA LYS E 101 46.72 17.75 -18.25
C LYS E 101 46.39 18.95 -19.11
N LEU E 102 46.06 20.06 -18.47
CA LEU E 102 45.73 21.28 -19.20
C LEU E 102 46.94 21.77 -19.99
N ALA E 103 46.75 22.04 -21.28
CA ALA E 103 47.82 22.52 -22.12
C ALA E 103 48.14 23.97 -21.82
N VAL E 104 49.42 24.31 -21.89
CA VAL E 104 49.85 25.67 -21.61
C VAL E 104 49.14 26.66 -22.50
N GLU E 105 49.03 26.32 -23.78
CA GLU E 105 48.36 27.22 -24.72
C GLU E 105 46.89 27.46 -24.34
N ARG E 106 46.25 26.42 -23.83
CA ARG E 106 44.86 26.50 -23.40
C ARG E 106 44.77 27.40 -22.18
N ALA E 107 45.65 27.16 -21.21
CA ALA E 107 45.67 27.95 -19.99
C ALA E 107 45.80 29.42 -20.39
N GLY E 108 46.68 29.70 -21.35
CA GLY E 108 46.87 31.06 -21.80
C GLY E 108 45.58 31.68 -22.26
N HIS E 109 44.78 30.93 -23.03
CA HIS E 109 43.51 31.43 -23.54
C HIS E 109 42.55 31.72 -22.39
N LEU E 110 42.50 30.82 -21.41
CA LEU E 110 41.62 31.01 -20.28
C LEU E 110 42.02 32.29 -19.57
N LEU E 111 43.30 32.47 -19.33
CA LEU E 111 43.77 33.68 -18.65
C LEU E 111 43.37 34.91 -19.45
N CYS E 112 43.68 34.89 -20.75
CA CYS E 112 43.32 36.02 -21.59
C CYS E 112 41.85 36.39 -21.44
N ASP E 113 40.96 35.41 -21.64
CA ASP E 113 39.53 35.66 -21.55
C ASP E 113 39.07 36.17 -20.18
N LYS E 114 39.73 35.74 -19.11
CA LYS E 114 39.34 36.18 -17.78
C LYS E 114 39.72 37.63 -17.59
N ALA E 115 40.96 37.95 -17.96
CA ALA E 115 41.44 39.30 -17.83
C ALA E 115 40.59 40.28 -18.64
N GLN E 116 40.15 39.83 -19.82
CA GLN E 116 39.38 40.68 -20.70
C GLN E 116 38.05 41.12 -20.12
N LYS E 117 37.44 40.27 -19.30
CA LYS E 117 36.15 40.60 -18.72
C LYS E 117 36.19 41.83 -17.83
N ASN E 118 37.34 42.07 -17.22
CA ASN E 118 37.49 43.22 -16.35
C ASN E 118 37.99 44.45 -17.08
N THR E 119 37.71 44.53 -18.38
CA THR E 119 38.14 45.67 -19.18
C THR E 119 37.04 46.14 -20.12
N GLN E 120 35.83 45.60 -19.96
CA GLN E 120 34.73 45.98 -20.83
C GLN E 120 33.42 46.21 -20.07
N SER E 121 33.44 45.88 -18.78
CA SER E 121 32.26 46.02 -17.93
C SER E 121 32.45 47.03 -16.81
N TYR E 122 31.42 47.82 -16.56
CA TYR E 122 31.45 48.83 -15.52
C TYR E 122 31.64 48.16 -14.16
N GLY E 123 32.32 48.85 -13.25
CA GLY E 123 32.52 48.29 -11.93
C GLY E 123 33.83 47.57 -11.71
N GLY E 124 34.20 46.69 -12.63
CA GLY E 124 35.45 45.96 -12.47
C GLY E 124 36.67 46.82 -12.74
N ARG E 125 37.85 46.27 -12.50
CA ARG E 125 39.09 46.97 -12.75
C ARG E 125 40.01 45.96 -13.39
N PRO E 126 40.94 46.40 -14.23
CA PRO E 126 41.84 45.44 -14.86
C PRO E 126 42.75 44.86 -13.80
N TYR E 127 43.37 43.73 -14.09
CA TYR E 127 44.28 43.15 -13.13
C TYR E 127 45.56 43.96 -13.23
N GLY E 128 46.23 44.17 -12.11
CA GLY E 128 47.45 44.95 -12.13
C GLY E 128 48.69 44.09 -11.95
N VAL E 129 48.77 43.03 -12.74
CA VAL E 129 49.90 42.14 -12.64
C VAL E 129 50.27 41.46 -13.95
N GLY E 130 51.57 41.21 -14.14
CA GLY E 130 52.05 40.54 -15.33
C GLY E 130 52.41 39.14 -14.91
N LEU E 131 52.29 38.17 -15.81
CA LEU E 131 52.61 36.79 -15.47
C LEU E 131 53.43 36.09 -16.54
N LEU E 132 54.40 35.30 -16.11
CA LEU E 132 55.22 34.52 -17.02
C LEU E 132 54.84 33.10 -16.66
N ILE E 133 54.30 32.38 -17.63
CA ILE E 133 53.86 31.00 -17.41
C ILE E 133 54.72 29.99 -18.14
N ILE E 134 55.24 29.01 -17.42
CA ILE E 134 56.04 27.98 -18.04
C ILE E 134 55.37 26.66 -17.70
N GLY E 135 55.44 25.72 -18.62
CA GLY E 135 54.83 24.42 -18.39
C GLY E 135 55.30 23.43 -19.42
N TYR E 136 55.18 22.16 -19.10
CA TYR E 136 55.57 21.11 -20.03
C TYR E 136 54.32 20.27 -20.28
N ASP E 137 53.86 20.21 -21.53
CA ASP E 137 52.66 19.43 -21.85
C ASP E 137 52.89 18.47 -23.03
N LYS E 138 51.81 17.95 -23.59
CA LYS E 138 51.94 17.00 -24.70
C LYS E 138 52.67 17.52 -25.93
N SER E 139 52.89 18.83 -26.03
CA SER E 139 53.61 19.34 -27.18
C SER E 139 54.97 19.91 -26.78
N GLY E 140 55.43 19.56 -25.58
CA GLY E 140 56.73 20.03 -25.13
C GLY E 140 56.77 21.14 -24.09
N ALA E 141 57.88 21.88 -24.10
CA ALA E 141 58.10 22.98 -23.16
C ALA E 141 57.44 24.25 -23.69
N HIS E 142 56.99 25.12 -22.79
CA HIS E 142 56.32 26.36 -23.18
C HIS E 142 56.56 27.52 -22.25
N LEU E 143 56.55 28.72 -22.79
CA LEU E 143 56.70 29.95 -22.02
C LEU E 143 55.65 30.93 -22.57
N LEU E 144 54.85 31.46 -21.66
CA LEU E 144 53.80 32.38 -22.03
C LEU E 144 53.97 33.68 -21.28
N GLU E 145 53.55 34.79 -21.89
CA GLU E 145 53.62 36.08 -21.22
C GLU E 145 52.21 36.66 -21.16
N PHE E 146 51.72 36.85 -19.94
CA PHE E 146 50.38 37.39 -19.73
C PHE E 146 50.41 38.87 -19.37
N GLN E 147 49.59 39.66 -20.04
CA GLN E 147 49.48 41.10 -19.75
C GLN E 147 48.04 41.40 -19.35
N PRO E 148 47.85 42.29 -18.37
CA PRO E 148 46.55 42.73 -17.83
C PRO E 148 45.53 43.13 -18.89
N SER E 149 46.03 43.49 -20.06
CA SER E 149 45.18 43.88 -21.17
C SER E 149 44.45 42.65 -21.70
N GLY E 150 45.03 41.48 -21.47
CA GLY E 150 44.44 40.25 -21.94
C GLY E 150 45.38 39.56 -22.91
N ASN E 151 46.32 40.33 -23.46
CA ASN E 151 47.28 39.78 -24.39
C ASN E 151 48.19 38.73 -23.77
N VAL E 152 48.15 37.51 -24.32
CA VAL E 152 48.99 36.43 -23.83
C VAL E 152 49.81 35.96 -25.02
N THR E 153 51.11 35.81 -24.86
CA THR E 153 51.94 35.42 -26.00
C THR E 153 52.93 34.30 -25.70
N GLU E 154 53.16 33.43 -26.68
CA GLU E 154 54.10 32.35 -26.50
C GLU E 154 55.46 32.81 -27.02
N LEU E 155 56.47 32.65 -26.18
CA LEU E 155 57.83 33.08 -26.52
C LEU E 155 58.87 32.06 -26.12
N TYR E 156 60.09 32.22 -26.62
CA TYR E 156 61.20 31.33 -26.29
C TYR E 156 61.73 31.81 -24.95
N GLY E 157 61.61 33.11 -24.75
CA GLY E 157 62.06 33.72 -23.52
C GLY E 157 61.57 35.16 -23.48
N THR E 158 61.57 35.75 -22.29
CA THR E 158 61.13 37.13 -22.15
C THR E 158 61.36 37.56 -20.71
N ALA E 159 61.05 38.82 -20.42
CA ALA E 159 61.19 39.36 -19.07
C ALA E 159 60.26 40.54 -18.89
N ILE E 160 59.76 40.71 -17.67
CA ILE E 160 58.87 41.82 -17.35
C ILE E 160 59.31 42.44 -16.03
N GLY E 161 58.90 43.68 -15.79
CA GLY E 161 59.28 44.37 -14.57
C GLY E 161 60.23 45.52 -14.87
N ALA E 162 60.70 46.18 -13.82
CA ALA E 162 61.60 47.29 -13.97
C ALA E 162 62.95 46.83 -14.54
N ARG E 163 63.47 47.56 -15.52
CA ARG E 163 64.75 47.25 -16.15
C ARG E 163 64.69 45.93 -16.93
N SER E 164 63.48 45.40 -17.10
CA SER E 164 63.29 44.14 -17.81
C SER E 164 63.96 44.17 -19.18
N GLN E 165 63.93 45.33 -19.82
CA GLN E 165 64.51 45.49 -21.15
C GLN E 165 65.91 44.91 -21.26
N GLY E 166 66.67 45.01 -20.17
CA GLY E 166 68.02 44.48 -20.17
C GLY E 166 68.05 43.02 -20.57
N ALA E 167 67.41 42.19 -19.76
CA ALA E 167 67.36 40.76 -20.01
C ALA E 167 66.72 40.43 -21.35
N LYS E 168 65.62 41.10 -21.66
CA LYS E 168 64.93 40.84 -22.93
C LYS E 168 65.89 40.96 -24.12
N THR E 169 66.85 41.89 -24.03
CA THR E 169 67.82 42.07 -25.11
C THR E 169 68.80 40.91 -25.10
N TYR E 170 69.32 40.60 -23.92
CA TYR E 170 70.26 39.50 -23.75
C TYR E 170 69.67 38.20 -24.30
N LEU E 171 68.40 37.94 -24.00
CA LEU E 171 67.73 36.73 -24.45
C LEU E 171 67.55 36.77 -25.95
N GLU E 172 67.10 37.93 -26.45
CA GLU E 172 66.88 38.10 -27.88
C GLU E 172 68.21 37.88 -28.59
N ARG E 173 69.29 38.04 -27.83
CA ARG E 173 70.65 37.92 -28.32
C ARG E 173 71.16 36.47 -28.24
N THR E 174 70.87 35.82 -27.12
CA THR E 174 71.30 34.44 -26.86
C THR E 174 70.35 33.38 -27.46
N LEU E 175 69.19 33.82 -27.91
CA LEU E 175 68.18 32.93 -28.47
C LEU E 175 68.67 31.62 -29.10
N ASP E 176 69.44 31.71 -30.17
CA ASP E 176 69.95 30.54 -30.88
C ASP E 176 70.69 29.54 -30.00
N THR E 177 71.25 30.03 -28.91
CA THR E 177 72.02 29.18 -28.01
C THR E 177 71.21 28.46 -26.93
N PHE E 178 70.44 29.22 -26.14
CA PHE E 178 69.67 28.60 -25.06
C PHE E 178 68.50 27.73 -25.53
N ILE E 179 67.91 28.08 -26.66
CA ILE E 179 66.79 27.32 -27.18
C ILE E 179 67.20 25.87 -27.44
N LYS E 180 68.52 25.62 -27.39
CA LYS E 180 69.05 24.28 -27.64
C LYS E 180 69.65 23.60 -26.41
N ILE E 181 69.47 24.19 -25.23
CA ILE E 181 70.01 23.60 -24.01
C ILE E 181 69.10 22.50 -23.52
N ASP E 182 69.03 21.41 -24.28
CA ASP E 182 68.19 20.29 -23.93
C ASP E 182 68.91 19.23 -23.11
N GLY E 183 68.23 18.71 -22.10
CA GLY E 183 68.81 17.67 -21.27
C GLY E 183 69.91 18.14 -20.33
N ASN E 184 69.91 19.43 -20.02
CA ASN E 184 70.90 19.98 -19.10
C ASN E 184 70.29 21.18 -18.39
N PRO E 185 69.34 20.91 -17.48
CA PRO E 185 68.64 21.95 -16.72
C PRO E 185 69.53 23.00 -16.06
N ASP E 186 70.64 22.58 -15.46
CA ASP E 186 71.52 23.54 -14.80
C ASP E 186 72.04 24.60 -15.76
N GLU E 187 72.30 24.20 -17.00
CA GLU E 187 72.78 25.15 -17.98
C GLU E 187 71.69 26.16 -18.32
N LEU E 188 70.48 25.67 -18.53
CA LEU E 188 69.35 26.54 -18.86
C LEU E 188 69.13 27.56 -17.74
N ILE E 189 69.23 27.11 -16.49
CA ILE E 189 69.03 27.99 -15.35
C ILE E 189 70.11 29.06 -15.32
N LYS E 190 71.36 28.66 -15.54
CA LYS E 190 72.48 29.61 -15.55
C LYS E 190 72.26 30.67 -16.62
N ALA E 191 71.66 30.28 -17.73
CA ALA E 191 71.38 31.20 -18.82
C ALA E 191 70.31 32.18 -18.36
N GLY E 192 69.36 31.68 -17.57
CA GLY E 192 68.29 32.53 -17.07
C GLY E 192 68.83 33.51 -16.05
N VAL E 193 69.72 33.04 -15.20
CA VAL E 193 70.32 33.87 -14.16
C VAL E 193 71.19 34.95 -14.79
N GLU E 194 71.84 34.61 -15.90
CA GLU E 194 72.69 35.57 -16.58
C GLU E 194 71.79 36.64 -17.21
N ALA E 195 70.64 36.20 -17.73
CA ALA E 195 69.69 37.10 -18.34
C ALA E 195 69.13 38.10 -17.34
N ILE E 196 68.70 37.62 -16.19
CA ILE E 196 68.12 38.50 -15.19
C ILE E 196 69.14 39.46 -14.59
N SER E 197 70.40 39.06 -14.55
CA SER E 197 71.44 39.91 -13.98
C SER E 197 71.72 41.07 -14.92
N GLN E 198 71.20 40.99 -16.13
CA GLN E 198 71.37 42.05 -17.11
C GLN E 198 70.39 43.18 -16.81
N SER E 199 69.57 43.01 -15.76
CA SER E 199 68.58 44.00 -15.37
C SER E 199 68.80 44.49 -13.95
N LEU E 200 69.91 44.08 -13.37
CA LEU E 200 70.28 44.50 -12.01
C LEU E 200 70.76 45.94 -12.07
N ARG E 201 71.03 46.55 -10.92
CA ARG E 201 71.48 47.94 -10.88
C ARG E 201 71.71 48.29 -9.43
N ASP E 202 70.63 48.22 -8.66
CA ASP E 202 70.66 48.51 -7.24
C ASP E 202 71.72 47.62 -6.58
N GLU E 203 71.47 46.31 -6.57
CA GLU E 203 72.37 45.34 -5.93
C GLU E 203 72.80 44.21 -6.85
N SER E 204 73.22 43.11 -6.21
CA SER E 204 73.66 41.89 -6.90
C SER E 204 72.80 40.76 -6.32
N LEU E 205 72.52 39.75 -7.13
CA LEU E 205 71.67 38.66 -6.67
C LEU E 205 72.28 37.76 -5.61
N THR E 206 71.65 37.77 -4.44
CA THR E 206 72.07 36.99 -3.28
C THR E 206 71.27 35.71 -3.14
N VAL E 207 71.52 34.99 -2.05
CA VAL E 207 70.86 33.73 -1.80
C VAL E 207 69.42 33.86 -1.30
N ASP E 208 69.13 34.88 -0.50
CA ASP E 208 67.76 35.04 -0.02
C ASP E 208 67.04 36.11 -0.82
N ASN E 209 67.57 36.39 -2.00
CA ASN E 209 67.01 37.40 -2.88
C ASN E 209 66.72 36.81 -4.28
N LEU E 210 67.30 35.66 -4.58
CA LEU E 210 67.10 34.99 -5.88
C LEU E 210 66.07 33.86 -5.79
N SER E 211 65.24 33.73 -6.81
CA SER E 211 64.19 32.71 -6.88
C SER E 211 64.14 32.11 -8.28
N ILE E 212 64.30 30.80 -8.36
CA ILE E 212 64.28 30.08 -9.64
C ILE E 212 63.27 28.94 -9.63
N ALA E 213 62.66 28.68 -10.79
CA ALA E 213 61.69 27.62 -10.93
C ALA E 213 61.97 26.86 -12.21
N ILE E 214 61.68 25.57 -12.23
CA ILE E 214 61.92 24.76 -13.43
C ILE E 214 60.88 23.66 -13.63
N VAL E 215 60.66 23.29 -14.89
CA VAL E 215 59.71 22.27 -15.27
C VAL E 215 60.17 21.65 -16.60
N GLY E 216 59.92 20.37 -16.78
CA GLY E 216 60.33 19.75 -18.02
C GLY E 216 60.00 18.28 -18.15
N LYS E 217 60.42 17.70 -19.28
CA LYS E 217 60.19 16.29 -19.63
C LYS E 217 59.87 15.37 -18.45
N ASP E 218 60.84 15.15 -17.59
CA ASP E 218 60.60 14.29 -16.44
C ASP E 218 60.92 15.06 -15.18
N THR E 219 60.51 16.32 -15.18
CA THR E 219 60.75 17.21 -14.06
C THR E 219 59.50 17.94 -13.60
N PRO E 220 58.89 17.48 -12.51
CA PRO E 220 57.70 18.22 -12.08
C PRO E 220 58.11 19.63 -11.71
N PHE E 221 57.23 20.59 -11.99
CA PHE E 221 57.49 22.00 -11.69
C PHE E 221 57.96 22.15 -10.23
N THR E 222 59.18 22.65 -10.05
CA THR E 222 59.71 22.85 -8.70
C THR E 222 60.36 24.22 -8.52
N ILE E 223 60.26 24.75 -7.30
CA ILE E 223 60.80 26.06 -6.97
C ILE E 223 62.02 25.97 -6.07
N TYR E 224 63.01 26.82 -6.34
CA TYR E 224 64.23 26.84 -5.53
C TYR E 224 64.42 28.22 -4.91
N ASP E 225 64.75 28.24 -3.62
CA ASP E 225 64.98 29.47 -2.89
C ASP E 225 66.10 29.29 -1.88
N GLY E 226 66.69 30.40 -1.45
CA GLY E 226 67.78 30.34 -0.49
C GLY E 226 68.94 29.48 -0.95
N GLU E 227 69.48 28.71 -0.02
CA GLU E 227 70.61 27.81 -0.27
C GLU E 227 70.43 26.99 -1.55
N ALA E 228 69.17 26.72 -1.90
CA ALA E 228 68.84 25.95 -3.08
C ALA E 228 69.31 26.63 -4.36
N VAL E 229 69.39 27.96 -4.35
CA VAL E 229 69.83 28.71 -5.54
C VAL E 229 71.29 29.14 -5.41
N ALA E 230 71.89 28.83 -4.28
CA ALA E 230 73.28 29.18 -4.01
C ALA E 230 74.24 28.77 -5.12
N LYS E 231 74.15 27.53 -5.57
CA LYS E 231 75.05 27.02 -6.61
C LYS E 231 74.91 27.74 -7.96
N TYR E 232 74.12 28.81 -8.00
CA TYR E 232 73.94 29.55 -9.25
C TYR E 232 74.39 31.00 -9.11
N ILE E 233 74.65 31.44 -7.89
CA ILE E 233 75.09 32.81 -7.64
C ILE E 233 76.61 32.89 -7.74
N GLY F 1 26.11 71.64 -25.94
CA GLY F 1 27.38 71.74 -25.15
C GLY F 1 28.46 70.77 -25.63
N THR F 2 29.09 70.07 -24.69
CA THR F 2 30.14 69.09 -24.99
C THR F 2 30.09 67.89 -24.04
N GLY F 3 31.03 66.97 -24.21
CA GLY F 3 31.05 65.80 -23.36
C GLY F 3 30.13 64.69 -23.85
N TYR F 4 29.71 64.80 -25.10
CA TYR F 4 28.84 63.80 -25.70
C TYR F 4 29.66 62.58 -26.06
N ASP F 5 30.95 62.62 -25.75
CA ASP F 5 31.85 61.53 -26.08
C ASP F 5 32.45 60.83 -24.87
N LEU F 6 31.89 61.07 -23.69
CA LEU F 6 32.44 60.44 -22.49
C LEU F 6 31.64 59.22 -22.02
N SER F 7 30.41 59.10 -22.52
CA SER F 7 29.51 58.01 -22.16
C SER F 7 29.11 57.25 -23.43
N ASN F 8 29.12 55.92 -23.38
CA ASN F 8 28.82 55.07 -24.53
C ASN F 8 27.47 55.18 -25.26
N SER F 9 26.33 55.22 -24.58
CA SER F 9 25.11 55.26 -25.39
C SER F 9 24.58 56.65 -25.75
N VAL F 10 25.41 57.67 -25.62
CA VAL F 10 24.97 59.03 -25.88
C VAL F 10 25.00 59.53 -27.32
N PHE F 11 23.87 60.07 -27.77
CA PHE F 11 23.76 60.62 -29.10
C PHE F 11 24.30 62.05 -29.03
N SER F 12 25.23 62.40 -29.91
CA SER F 12 25.75 63.77 -29.94
C SER F 12 24.70 64.59 -30.68
N PRO F 13 24.83 65.92 -30.68
CA PRO F 13 23.85 66.77 -31.37
C PRO F 13 23.67 66.46 -32.85
N ASP F 14 24.70 65.94 -33.50
CA ASP F 14 24.61 65.58 -34.91
C ASP F 14 24.13 64.12 -35.09
N GLY F 15 23.83 63.44 -33.99
CA GLY F 15 23.34 62.08 -34.08
C GLY F 15 24.37 60.96 -34.07
N ARG F 16 25.61 61.28 -33.73
CA ARG F 16 26.67 60.27 -33.69
C ARG F 16 26.90 59.72 -32.29
N ASN F 17 27.68 58.64 -32.23
CA ASN F 17 28.04 57.98 -30.97
C ASN F 17 29.56 57.91 -30.95
N PHE F 18 30.18 58.98 -30.46
CA PHE F 18 31.62 59.07 -30.42
C PHE F 18 32.36 57.87 -29.84
N GLN F 19 31.80 57.27 -28.79
CA GLN F 19 32.46 56.14 -28.20
C GLN F 19 32.67 55.00 -29.19
N VAL F 20 31.70 54.81 -30.08
CA VAL F 20 31.82 53.78 -31.08
C VAL F 20 32.91 54.20 -32.05
N GLU F 21 32.87 55.47 -32.42
CA GLU F 21 33.85 56.01 -33.33
C GLU F 21 35.26 55.88 -32.77
N TYR F 22 35.42 56.10 -31.47
CA TYR F 22 36.73 55.98 -30.84
C TYR F 22 37.13 54.52 -30.86
N ALA F 23 36.14 53.64 -30.78
CA ALA F 23 36.40 52.22 -30.81
C ALA F 23 37.02 51.90 -32.17
N VAL F 24 36.45 52.49 -33.22
CA VAL F 24 36.95 52.28 -34.57
C VAL F 24 38.43 52.64 -34.62
N LYS F 25 38.81 53.70 -33.92
CA LYS F 25 40.21 54.11 -33.90
C LYS F 25 41.11 52.97 -33.43
N ALA F 26 40.66 52.23 -32.43
CA ALA F 26 41.46 51.10 -31.92
C ALA F 26 41.57 50.04 -33.01
N VAL F 27 40.52 49.89 -33.81
CA VAL F 27 40.53 48.91 -34.89
C VAL F 27 41.53 49.30 -35.96
N GLU F 28 41.39 50.53 -36.45
CA GLU F 28 42.25 51.05 -37.50
C GLU F 28 43.72 50.95 -37.12
N ASN F 29 43.99 51.00 -35.82
CA ASN F 29 45.36 50.93 -35.36
C ASN F 29 45.86 49.49 -35.27
N GLY F 30 44.99 48.54 -35.56
CA GLY F 30 45.39 47.15 -35.50
C GLY F 30 45.96 46.58 -36.78
N THR F 31 46.45 45.35 -36.68
CA THR F 31 47.03 44.63 -37.81
C THR F 31 46.04 44.55 -38.96
N THR F 32 46.55 44.35 -40.16
CA THR F 32 45.67 44.25 -41.30
C THR F 32 45.26 42.80 -41.52
N SER F 33 43.97 42.59 -41.83
CA SER F 33 43.42 41.26 -42.07
C SER F 33 42.37 41.35 -43.16
N ILE F 34 42.21 40.27 -43.92
CA ILE F 34 41.27 40.28 -45.04
C ILE F 34 40.52 38.99 -45.27
N GLY F 35 39.53 39.10 -46.15
CA GLY F 35 38.72 37.98 -46.52
C GLY F 35 38.35 38.08 -47.99
N ILE F 36 38.49 36.97 -48.70
CA ILE F 36 38.17 36.93 -50.12
C ILE F 36 37.13 35.85 -50.37
N LYS F 37 36.03 36.22 -51.00
CA LYS F 37 34.99 35.24 -51.30
C LYS F 37 35.26 34.65 -52.67
N CYS F 38 35.57 33.36 -52.72
CA CYS F 38 35.83 32.72 -54.01
C CYS F 38 34.56 32.04 -54.54
N ASN F 39 34.70 31.31 -55.64
CA ASN F 39 33.55 30.67 -56.27
C ASN F 39 32.87 29.51 -55.53
N ASP F 40 33.47 29.01 -54.45
CA ASP F 40 32.83 27.93 -53.69
C ASP F 40 33.30 27.88 -52.23
N GLY F 41 33.64 29.05 -51.70
CA GLY F 41 34.12 29.10 -50.34
C GLY F 41 34.68 30.46 -50.05
N VAL F 42 35.46 30.57 -48.98
CA VAL F 42 36.05 31.84 -48.60
C VAL F 42 37.46 31.64 -48.08
N VAL F 43 38.27 32.69 -48.18
CA VAL F 43 39.65 32.64 -47.73
C VAL F 43 39.94 33.76 -46.74
N PHE F 44 40.61 33.43 -45.65
CA PHE F 44 40.96 34.42 -44.65
C PHE F 44 42.48 34.53 -44.52
N ALA F 45 42.97 35.76 -44.37
CA ALA F 45 44.41 36.00 -44.22
C ALA F 45 44.64 37.14 -43.25
N VAL F 46 45.80 37.12 -42.59
CA VAL F 46 46.12 38.16 -41.63
C VAL F 46 47.62 38.36 -41.40
N GLU F 47 47.97 39.61 -41.12
CA GLU F 47 49.33 40.04 -40.85
C GLU F 47 49.64 39.80 -39.37
N LYS F 48 50.78 39.16 -39.09
CA LYS F 48 51.17 38.90 -37.72
C LYS F 48 52.52 39.58 -37.50
N LEU F 49 52.50 40.74 -36.86
CA LEU F 49 53.74 41.47 -36.62
C LEU F 49 54.68 40.75 -35.67
N ILE F 50 55.90 40.50 -36.15
CA ILE F 50 56.92 39.85 -35.35
C ILE F 50 57.55 40.93 -34.47
N THR F 51 56.97 41.14 -33.30
CA THR F 51 57.46 42.13 -32.36
C THR F 51 58.90 41.86 -31.94
N SER F 52 59.33 40.60 -32.05
CA SER F 52 60.69 40.23 -31.67
C SER F 52 61.01 38.79 -32.03
N LYS F 53 62.28 38.50 -32.23
CA LYS F 53 62.72 37.16 -32.56
C LYS F 53 62.19 36.16 -31.54
N LEU F 54 61.94 36.65 -30.33
CA LEU F 54 61.46 35.84 -29.23
C LEU F 54 60.09 35.17 -29.42
N LEU F 55 59.25 35.73 -30.27
CA LEU F 55 57.94 35.13 -30.52
C LEU F 55 58.13 33.81 -31.27
N VAL F 56 57.68 32.71 -30.68
CA VAL F 56 57.80 31.42 -31.33
C VAL F 56 57.02 31.49 -32.63
N PRO F 57 57.67 31.16 -33.76
CA PRO F 57 57.00 31.20 -35.06
C PRO F 57 55.84 30.21 -35.20
N GLN F 58 54.84 30.61 -35.98
CA GLN F 58 53.66 29.79 -36.24
C GLN F 58 52.81 29.48 -35.01
N LYS F 59 53.19 29.98 -33.84
CA LYS F 59 52.45 29.68 -32.64
C LYS F 59 51.24 30.52 -32.23
N ASN F 60 51.43 31.81 -31.99
CA ASN F 60 50.30 32.62 -31.57
C ASN F 60 49.27 32.77 -32.68
N VAL F 61 48.49 31.71 -32.94
CA VAL F 61 47.49 31.72 -34.00
C VAL F 61 46.35 32.72 -33.80
N LYS F 62 46.08 33.53 -34.82
CA LYS F 62 45.03 34.55 -34.74
C LYS F 62 43.65 34.12 -35.24
N ILE F 63 43.58 33.50 -36.41
CA ILE F 63 42.29 33.08 -36.95
C ILE F 63 41.61 31.99 -36.10
N GLN F 64 40.33 32.19 -35.83
CA GLN F 64 39.57 31.24 -35.02
C GLN F 64 38.42 30.61 -35.78
N VAL F 65 38.10 29.37 -35.41
CA VAL F 65 36.99 28.68 -36.07
C VAL F 65 35.78 28.73 -35.14
N VAL F 66 34.60 28.69 -35.72
CA VAL F 66 33.37 28.67 -34.97
C VAL F 66 32.67 27.44 -35.52
N ASP F 67 32.26 26.55 -34.63
CA ASP F 67 31.63 25.29 -35.03
C ASP F 67 32.69 24.58 -35.87
N ARG F 68 32.30 24.09 -37.05
CA ARG F 68 33.26 23.40 -37.90
C ARG F 68 33.34 24.01 -39.31
N HIS F 69 32.42 24.91 -39.63
CA HIS F 69 32.36 25.50 -40.96
C HIS F 69 32.56 27.01 -41.04
N ILE F 70 32.83 27.67 -39.92
CA ILE F 70 32.99 29.12 -39.95
C ILE F 70 34.38 29.60 -39.54
N GLY F 71 34.86 30.61 -40.25
CA GLY F 71 36.16 31.18 -39.95
C GLY F 71 36.04 32.62 -39.52
N CYS F 72 36.82 33.01 -38.52
CA CYS F 72 36.79 34.38 -38.02
C CYS F 72 38.19 34.97 -37.84
N VAL F 73 38.34 36.21 -38.28
CA VAL F 73 39.59 36.92 -38.16
C VAL F 73 39.20 38.36 -37.86
N TYR F 74 40.01 39.05 -37.06
CA TYR F 74 39.71 40.43 -36.69
C TYR F 74 40.95 41.29 -36.44
N SER F 75 40.73 42.61 -36.48
CA SER F 75 41.79 43.58 -36.26
C SER F 75 41.34 44.49 -35.13
N GLY F 76 42.28 44.86 -34.28
CA GLY F 76 41.96 45.72 -33.16
C GLY F 76 42.41 45.10 -31.87
N LEU F 77 41.57 45.19 -30.84
CA LEU F 77 41.86 44.61 -29.53
C LEU F 77 41.61 43.12 -29.57
N ILE F 78 42.68 42.33 -29.56
CA ILE F 78 42.57 40.88 -29.63
C ILE F 78 41.66 40.26 -28.60
N PRO F 79 41.87 40.59 -27.32
CA PRO F 79 40.98 39.99 -26.31
C PRO F 79 39.51 40.27 -26.61
N ASP F 80 39.22 41.45 -27.19
CA ASP F 80 37.84 41.77 -27.55
C ASP F 80 37.36 40.82 -28.64
N GLY F 81 38.26 40.47 -29.55
CA GLY F 81 37.95 39.57 -30.64
C GLY F 81 37.60 38.18 -30.11
N ARG F 82 38.46 37.63 -29.27
CA ARG F 82 38.21 36.31 -28.70
C ARG F 82 36.86 36.30 -28.00
N HIS F 83 36.60 37.34 -27.22
CA HIS F 83 35.33 37.47 -26.52
C HIS F 83 34.16 37.31 -27.48
N LEU F 84 34.23 38.00 -28.62
CA LEU F 84 33.15 37.91 -29.61
C LEU F 84 33.05 36.50 -30.20
N VAL F 85 34.18 35.83 -30.41
CA VAL F 85 34.17 34.48 -30.97
C VAL F 85 33.55 33.50 -29.97
N ASN F 86 33.86 33.69 -28.70
CA ASN F 86 33.31 32.84 -27.65
C ASN F 86 31.81 32.93 -27.69
N ARG F 87 31.31 34.15 -27.89
CA ARG F 87 29.89 34.38 -27.96
C ARG F 87 29.35 33.68 -29.20
N GLY F 88 30.12 33.78 -30.28
CA GLY F 88 29.71 33.17 -31.53
C GLY F 88 29.62 31.68 -31.41
N ARG F 89 30.55 31.09 -30.69
CA ARG F 89 30.54 29.64 -30.51
C ARG F 89 29.31 29.21 -29.73
N GLU F 90 28.96 29.99 -28.70
CA GLU F 90 27.77 29.68 -27.91
C GLU F 90 26.54 29.86 -28.80
N GLU F 91 26.55 30.96 -29.53
CA GLU F 91 25.48 31.31 -30.44
C GLU F 91 25.22 30.16 -31.44
N ALA F 92 26.29 29.66 -32.04
CA ALA F 92 26.20 28.57 -33.00
C ALA F 92 25.78 27.26 -32.36
N ALA F 93 26.30 26.99 -31.16
CA ALA F 93 25.98 25.77 -30.45
C ALA F 93 24.50 25.68 -30.11
N SER F 94 23.95 26.73 -29.51
CA SER F 94 22.54 26.72 -29.13
C SER F 94 21.66 26.55 -30.38
N PHE F 95 22.06 27.18 -31.47
CA PHE F 95 21.31 27.09 -32.70
C PHE F 95 21.28 25.64 -33.19
N LYS F 96 22.43 24.98 -33.24
CA LYS F 96 22.49 23.60 -33.71
C LYS F 96 21.69 22.69 -32.79
N LYS F 97 21.78 22.95 -31.49
CA LYS F 97 21.09 22.17 -30.47
C LYS F 97 19.58 22.09 -30.70
N LEU F 98 18.97 23.20 -31.10
CA LEU F 98 17.53 23.23 -31.32
C LEU F 98 17.10 22.93 -32.75
N TYR F 99 17.92 23.33 -33.71
CA TYR F 99 17.60 23.14 -35.13
C TYR F 99 18.33 22.02 -35.85
N LYS F 100 19.31 21.42 -35.18
CA LYS F 100 20.08 20.31 -35.73
C LYS F 100 21.08 20.71 -36.79
N THR F 101 20.61 21.51 -37.73
CA THR F 101 21.46 21.99 -38.80
C THR F 101 22.51 22.98 -38.31
N PRO F 102 23.77 22.83 -38.73
CA PRO F 102 24.79 23.78 -38.28
C PRO F 102 24.36 25.18 -38.77
N ILE F 103 24.57 26.18 -37.93
CA ILE F 103 24.15 27.54 -38.24
C ILE F 103 24.56 28.13 -39.59
N PRO F 104 23.57 28.60 -40.37
CA PRO F 104 23.79 29.22 -41.69
C PRO F 104 24.60 30.51 -41.49
N ILE F 105 25.57 30.74 -42.36
CA ILE F 105 26.41 31.93 -42.23
C ILE F 105 25.63 33.22 -42.07
N PRO F 106 24.61 33.44 -42.89
CA PRO F 106 23.85 34.68 -42.74
C PRO F 106 23.24 34.79 -41.35
N ALA F 107 22.72 33.68 -40.83
CA ALA F 107 22.11 33.65 -39.50
C ALA F 107 23.18 33.95 -38.44
N PHE F 108 24.37 33.40 -38.62
CA PHE F 108 25.47 33.59 -37.68
C PHE F 108 25.84 35.06 -37.67
N ALA F 109 25.82 35.66 -38.85
CA ALA F 109 26.18 37.05 -39.00
C ALA F 109 25.27 37.92 -38.16
N ASP F 110 23.96 37.69 -38.23
CA ASP F 110 23.07 38.54 -37.45
C ASP F 110 23.22 38.31 -35.95
N ARG F 111 23.53 37.08 -35.55
CA ARG F 111 23.74 36.81 -34.14
C ARG F 111 24.86 37.72 -33.63
N LEU F 112 26.01 37.70 -34.33
CA LEU F 112 27.13 38.54 -33.93
C LEU F 112 26.75 40.01 -34.01
N GLY F 113 25.99 40.35 -35.04
CA GLY F 113 25.55 41.72 -35.22
C GLY F 113 24.71 42.23 -34.07
N GLN F 114 23.68 41.46 -33.71
CA GLN F 114 22.79 41.84 -32.61
C GLN F 114 23.57 41.97 -31.31
N TYR F 115 24.54 41.09 -31.12
CA TYR F 115 25.37 41.09 -29.92
C TYR F 115 26.23 42.36 -29.87
N VAL F 116 26.96 42.61 -30.95
CA VAL F 116 27.82 43.78 -31.00
C VAL F 116 27.01 45.08 -30.90
N GLN F 117 25.85 45.11 -31.54
CA GLN F 117 25.00 46.30 -31.50
C GLN F 117 24.52 46.55 -30.08
N ALA F 118 24.30 45.47 -29.35
CA ALA F 118 23.84 45.57 -27.98
C ALA F 118 24.84 46.35 -27.11
N HIS F 119 26.12 46.31 -27.47
CA HIS F 119 27.14 47.02 -26.70
C HIS F 119 27.27 48.50 -27.05
N THR F 120 26.22 49.04 -27.63
CA THR F 120 26.21 50.45 -28.00
C THR F 120 24.90 51.03 -27.48
N LEU F 121 24.22 50.24 -26.66
CA LEU F 121 22.93 50.63 -26.09
C LEU F 121 22.95 51.20 -24.68
N TYR F 122 23.99 50.86 -23.91
CA TYR F 122 24.11 51.30 -22.52
C TYR F 122 25.46 51.91 -22.24
N ASN F 123 25.53 52.76 -21.23
CA ASN F 123 26.79 53.38 -20.86
C ASN F 123 27.54 52.50 -19.89
N SER F 124 26.94 51.38 -19.48
CA SER F 124 27.57 50.48 -18.54
C SER F 124 28.48 49.48 -19.27
N VAL F 125 28.55 49.58 -20.58
CA VAL F 125 29.41 48.71 -21.35
C VAL F 125 30.17 49.54 -22.36
N ARG F 126 31.24 48.95 -22.86
CA ARG F 126 32.09 49.59 -23.84
C ARG F 126 31.90 48.86 -25.17
N PRO F 127 31.92 49.59 -26.29
CA PRO F 127 31.76 48.95 -27.61
C PRO F 127 32.95 48.03 -27.89
N PHE F 128 32.79 47.10 -28.82
CA PHE F 128 33.89 46.20 -29.16
C PHE F 128 34.98 46.91 -29.95
N GLY F 129 36.22 46.69 -29.55
CA GLY F 129 37.34 47.31 -30.24
C GLY F 129 37.91 46.47 -31.36
N VAL F 130 37.05 45.88 -32.18
CA VAL F 130 37.50 45.08 -33.32
C VAL F 130 36.51 45.06 -34.48
N SER F 131 37.05 44.87 -35.67
CA SER F 131 36.22 44.74 -36.86
C SER F 131 36.51 43.29 -37.18
N THR F 132 35.47 42.52 -37.47
CA THR F 132 35.63 41.11 -37.72
C THR F 132 35.21 40.66 -39.10
N ILE F 133 36.08 39.89 -39.73
CA ILE F 133 35.83 39.34 -41.06
C ILE F 133 35.62 37.85 -40.80
N PHE F 134 34.47 37.34 -41.22
CA PHE F 134 34.14 35.95 -41.00
C PHE F 134 33.22 35.44 -42.10
N GLY F 135 33.10 34.13 -42.20
CA GLY F 135 32.25 33.55 -43.21
C GLY F 135 32.46 32.06 -43.32
N GLY F 136 31.75 31.45 -44.26
CA GLY F 136 31.89 30.01 -44.44
C GLY F 136 30.93 29.53 -45.49
N VAL F 137 30.80 28.22 -45.61
CA VAL F 137 29.92 27.61 -46.60
C VAL F 137 28.71 26.97 -45.93
N ASP F 138 27.55 27.12 -46.54
CA ASP F 138 26.37 26.52 -45.98
C ASP F 138 25.46 25.98 -47.07
N LYS F 139 24.23 25.66 -46.71
CA LYS F 139 23.26 25.11 -47.65
C LYS F 139 23.21 25.89 -48.96
N ASN F 140 23.48 27.18 -48.93
CA ASN F 140 23.42 27.99 -50.15
C ASN F 140 24.75 28.62 -50.60
N GLY F 141 25.84 27.87 -50.50
CA GLY F 141 27.09 28.42 -50.95
C GLY F 141 27.93 29.15 -49.94
N ALA F 142 28.83 30.00 -50.45
CA ALA F 142 29.74 30.75 -49.63
C ALA F 142 29.24 32.13 -49.26
N HIS F 143 29.67 32.59 -48.09
CA HIS F 143 29.29 33.91 -47.61
C HIS F 143 30.48 34.53 -46.85
N LEU F 144 30.75 35.80 -47.13
CA LEU F 144 31.82 36.54 -46.47
C LEU F 144 31.21 37.79 -45.84
N TYR F 145 31.55 38.06 -44.58
CA TYR F 145 31.01 39.22 -43.89
C TYR F 145 32.08 39.96 -43.10
N MET F 146 31.77 41.23 -42.79
CA MET F 146 32.63 42.07 -41.98
C MET F 146 31.71 42.87 -41.04
N LEU F 147 32.03 42.78 -39.75
CA LEU F 147 31.26 43.41 -38.69
C LEU F 147 32.04 44.56 -38.04
N GLU F 148 31.43 45.74 -37.98
CA GLU F 148 32.06 46.94 -37.39
C GLU F 148 31.67 47.12 -35.92
N PRO F 149 32.51 47.82 -35.14
CA PRO F 149 32.21 48.05 -33.72
C PRO F 149 30.80 48.61 -33.49
N SER F 150 30.24 49.24 -34.50
CA SER F 150 28.91 49.81 -34.36
C SER F 150 27.86 48.72 -34.42
N GLY F 151 28.26 47.53 -34.86
CA GLY F 151 27.31 46.43 -34.99
C GLY F 151 26.87 46.27 -36.43
N SER F 152 27.25 47.21 -37.28
CA SER F 152 26.91 47.16 -38.69
C SER F 152 27.74 46.11 -39.41
N TYR F 153 27.10 45.43 -40.36
CA TYR F 153 27.78 44.42 -41.16
C TYR F 153 26.99 44.20 -42.45
N TRP F 154 27.71 43.77 -43.49
CA TRP F 154 27.13 43.47 -44.79
C TRP F 154 27.90 42.31 -45.39
N GLY F 155 27.40 41.79 -46.52
CA GLY F 155 28.09 40.70 -47.19
C GLY F 155 29.08 41.31 -48.16
N TYR F 156 30.24 40.69 -48.32
CA TYR F 156 31.28 41.23 -49.21
C TYR F 156 31.80 40.24 -50.23
N LYS F 157 32.46 40.78 -51.25
CA LYS F 157 33.09 39.97 -52.30
C LYS F 157 34.52 39.87 -51.79
N GLY F 158 34.97 40.96 -51.18
CA GLY F 158 36.30 41.02 -50.61
C GLY F 158 36.21 41.98 -49.43
N ALA F 159 37.05 41.77 -48.42
CA ALA F 159 36.99 42.65 -47.26
C ALA F 159 38.33 42.81 -46.58
N ALA F 160 38.56 44.00 -46.04
CA ALA F 160 39.79 44.28 -45.36
C ALA F 160 39.55 45.27 -44.24
N THR F 161 40.39 45.21 -43.22
CA THR F 161 40.30 46.08 -42.06
C THR F 161 41.67 46.13 -41.39
N GLY F 162 41.98 47.23 -40.71
CA GLY F 162 43.26 47.35 -40.05
C GLY F 162 44.15 48.48 -40.57
N LYS F 163 45.42 48.45 -40.17
CA LYS F 163 46.39 49.45 -40.56
C LYS F 163 46.46 49.64 -42.07
N GLY F 164 46.69 48.56 -42.82
CA GLY F 164 46.78 48.66 -44.26
C GLY F 164 45.52 48.36 -45.03
N ARG F 165 44.38 48.64 -44.41
CA ARG F 165 43.08 48.38 -45.04
C ARG F 165 42.91 49.05 -46.41
N GLN F 166 43.55 50.20 -46.60
CA GLN F 166 43.44 50.92 -47.87
C GLN F 166 44.13 50.19 -49.01
N SER F 167 45.35 49.71 -48.79
CA SER F 167 46.08 48.99 -49.82
C SER F 167 45.21 47.82 -50.24
N ALA F 168 44.81 47.04 -49.25
CA ALA F 168 43.99 45.86 -49.47
C ALA F 168 42.73 46.19 -50.28
N LYS F 169 41.94 47.15 -49.83
CA LYS F 169 40.72 47.48 -50.56
C LYS F 169 41.04 47.81 -52.02
N ALA F 170 42.17 48.49 -52.24
CA ALA F 170 42.59 48.83 -53.60
C ALA F 170 42.84 47.55 -54.36
N GLU F 171 43.61 46.65 -53.76
CA GLU F 171 43.93 45.36 -54.38
C GLU F 171 42.70 44.48 -54.57
N LEU F 172 41.87 44.38 -53.52
CA LEU F 172 40.66 43.57 -53.60
C LEU F 172 39.77 44.06 -54.74
N GLU F 173 39.62 45.38 -54.87
CA GLU F 173 38.78 45.93 -55.93
C GLU F 173 39.31 45.57 -57.31
N LYS F 174 40.63 45.42 -57.43
CA LYS F 174 41.23 45.05 -58.70
C LYS F 174 40.83 43.62 -59.04
N LEU F 175 40.91 42.73 -58.06
CA LEU F 175 40.50 41.35 -58.26
C LEU F 175 39.07 41.28 -58.76
N VAL F 176 38.18 42.01 -58.10
CA VAL F 176 36.77 42.03 -58.48
C VAL F 176 36.58 42.34 -59.97
N ASP F 177 37.30 43.34 -60.47
CA ASP F 177 37.19 43.73 -61.87
C ASP F 177 37.81 42.73 -62.83
N HIS F 178 38.99 42.24 -62.49
CA HIS F 178 39.71 41.29 -63.34
C HIS F 178 39.26 39.85 -63.19
N HIS F 179 38.09 39.64 -62.61
CA HIS F 179 37.56 38.29 -62.43
C HIS F 179 36.05 38.35 -62.27
N PRO F 180 35.34 38.77 -63.32
CA PRO F 180 33.88 38.85 -63.27
C PRO F 180 33.24 37.47 -63.20
N GLU F 181 33.99 36.46 -63.58
CA GLU F 181 33.50 35.07 -63.57
C GLU F 181 33.77 34.34 -62.25
N GLY F 182 34.61 34.92 -61.40
CA GLY F 182 34.90 34.31 -60.11
C GLY F 182 36.33 33.82 -59.95
N LEU F 183 36.81 33.82 -58.71
CA LEU F 183 38.15 33.38 -58.39
C LEU F 183 38.03 31.98 -57.79
N SER F 184 39.06 31.15 -57.91
CA SER F 184 38.99 29.81 -57.34
C SER F 184 39.59 29.80 -55.94
N ALA F 185 39.31 28.74 -55.19
CA ALA F 185 39.83 28.63 -53.84
C ALA F 185 41.36 28.70 -53.86
N ARG F 186 41.99 27.86 -54.68
CA ARG F 186 43.44 27.82 -54.81
C ARG F 186 44.00 29.20 -55.11
N GLU F 187 43.35 29.89 -56.04
CA GLU F 187 43.76 31.22 -56.45
C GLU F 187 43.59 32.29 -55.39
N ALA F 188 42.44 32.27 -54.71
CA ALA F 188 42.14 33.23 -53.65
C ALA F 188 43.21 33.16 -52.57
N VAL F 189 43.71 31.96 -52.30
CA VAL F 189 44.75 31.77 -51.30
C VAL F 189 46.01 32.56 -51.68
N LYS F 190 46.47 32.39 -52.93
CA LYS F 190 47.66 33.11 -53.40
C LYS F 190 47.41 34.61 -53.38
N GLN F 191 46.31 35.00 -54.00
CA GLN F 191 45.91 36.41 -54.09
C GLN F 191 45.81 37.05 -52.69
N ALA F 192 45.47 36.23 -51.70
CA ALA F 192 45.35 36.71 -50.33
C ALA F 192 46.75 36.95 -49.77
N ALA F 193 47.64 35.99 -50.01
CA ALA F 193 49.02 36.07 -49.55
C ALA F 193 49.68 37.30 -50.16
N LYS F 194 49.29 37.65 -51.37
CA LYS F 194 49.87 38.81 -52.03
C LYS F 194 49.37 40.10 -51.38
N ILE F 195 48.04 40.26 -51.35
CA ILE F 195 47.44 41.45 -50.78
C ILE F 195 47.95 41.74 -49.37
N ILE F 196 48.23 40.70 -48.60
CA ILE F 196 48.74 40.91 -47.25
C ILE F 196 50.16 41.47 -47.33
N TYR F 197 50.95 40.91 -48.24
CA TYR F 197 52.33 41.37 -48.42
C TYR F 197 52.38 42.84 -48.86
N LEU F 198 51.46 43.22 -49.74
CA LEU F 198 51.39 44.59 -50.24
C LEU F 198 50.95 45.52 -49.12
N ALA F 199 49.92 45.09 -48.38
CA ALA F 199 49.37 45.88 -47.28
C ALA F 199 50.38 46.04 -46.16
N HIS F 200 51.38 45.17 -46.12
CA HIS F 200 52.38 45.25 -45.08
C HIS F 200 53.31 46.44 -45.24
N GLU F 201 53.12 47.23 -46.30
CA GLU F 201 53.97 48.41 -46.52
C GLU F 201 53.68 49.54 -45.54
N ASP F 202 52.42 49.66 -45.14
CA ASP F 202 51.99 50.69 -44.19
C ASP F 202 52.33 50.19 -42.78
N ASN F 203 53.44 49.46 -42.69
CA ASN F 203 53.88 48.88 -41.42
C ASN F 203 55.22 48.19 -41.64
N LYS F 204 55.83 48.50 -42.80
CA LYS F 204 57.11 47.93 -43.25
C LYS F 204 58.26 47.98 -42.25
N GLU F 205 58.01 48.53 -41.07
CA GLU F 205 59.05 48.64 -40.05
C GLU F 205 59.38 47.32 -39.35
N LYS F 206 58.35 46.65 -38.85
CA LYS F 206 58.53 45.37 -38.16
C LYS F 206 58.33 44.23 -39.15
N ASP F 207 59.06 43.13 -38.97
CA ASP F 207 58.91 41.99 -39.87
C ASP F 207 57.62 41.27 -39.47
N PHE F 208 56.97 40.59 -40.40
CA PHE F 208 55.71 39.92 -40.09
C PHE F 208 55.63 38.45 -40.49
N GLU F 209 54.55 37.81 -40.03
CA GLU F 209 54.28 36.40 -40.32
C GLU F 209 52.87 36.30 -40.90
N LEU F 210 52.75 35.61 -42.03
CA LEU F 210 51.48 35.45 -42.70
C LEU F 210 50.70 34.23 -42.20
N GLU F 211 49.37 34.37 -42.15
CA GLU F 211 48.50 33.30 -41.72
C GLU F 211 47.31 33.25 -42.66
N ILE F 212 46.98 32.06 -43.14
CA ILE F 212 45.86 31.89 -44.06
C ILE F 212 45.02 30.66 -43.72
N SER F 213 43.71 30.79 -43.91
CA SER F 213 42.79 29.69 -43.67
C SER F 213 41.75 29.80 -44.75
N TRP F 214 41.02 28.71 -44.99
CA TRP F 214 39.99 28.73 -46.01
C TRP F 214 38.91 27.71 -45.73
N CYS F 215 37.76 27.95 -46.34
CA CYS F 215 36.61 27.08 -46.21
C CYS F 215 36.08 26.96 -47.65
N SER F 216 36.35 25.83 -48.28
CA SER F 216 35.94 25.59 -49.66
C SER F 216 35.18 24.29 -49.81
N LEU F 217 34.12 24.34 -50.60
CA LEU F 217 33.30 23.16 -50.84
C LEU F 217 34.11 22.05 -51.49
N SER F 218 34.94 22.41 -52.46
CA SER F 218 35.75 21.43 -53.17
C SER F 218 37.13 21.15 -52.56
N GLU F 219 37.71 22.15 -51.88
CA GLU F 219 39.03 21.97 -51.29
C GLU F 219 39.08 21.52 -49.83
N THR F 220 38.04 21.84 -49.06
CA THR F 220 38.00 21.48 -47.64
C THR F 220 36.73 20.74 -47.25
N ASN F 221 35.86 20.53 -48.22
CA ASN F 221 34.61 19.83 -47.99
C ASN F 221 33.67 20.65 -47.13
N GLY F 222 33.77 21.98 -47.26
CA GLY F 222 32.91 22.86 -46.49
C GLY F 222 33.36 23.16 -45.08
N LEU F 223 34.38 22.44 -44.61
CA LEU F 223 34.87 22.67 -43.26
C LEU F 223 36.01 23.68 -43.27
N HIS F 224 36.10 24.49 -42.22
CA HIS F 224 37.15 25.50 -42.12
C HIS F 224 38.49 24.85 -41.79
N LYS F 225 39.54 25.27 -42.49
CA LYS F 225 40.87 24.71 -42.26
C LYS F 225 41.99 25.73 -42.49
N PHE F 226 43.12 25.49 -41.85
CA PHE F 226 44.27 26.38 -42.01
C PHE F 226 45.14 25.94 -43.16
N VAL F 227 45.62 26.90 -43.93
CA VAL F 227 46.50 26.61 -45.05
C VAL F 227 47.89 26.44 -44.44
N LYS F 228 48.47 25.26 -44.60
CA LYS F 228 49.79 24.99 -44.03
C LYS F 228 50.72 24.27 -45.01
N GLY F 229 51.93 23.99 -44.55
CA GLY F 229 52.91 23.29 -45.35
C GLY F 229 53.23 23.84 -46.73
N ASP F 230 53.12 22.99 -47.74
CA ASP F 230 53.43 23.35 -49.11
C ASP F 230 52.54 24.43 -49.73
N LEU F 231 51.23 24.22 -49.71
CA LEU F 231 50.32 25.19 -50.29
C LEU F 231 50.55 26.58 -49.69
N LEU F 232 50.96 26.60 -48.42
CA LEU F 232 51.23 27.87 -47.74
C LEU F 232 52.49 28.53 -48.28
N GLN F 233 53.61 27.81 -48.19
CA GLN F 233 54.89 28.32 -48.67
C GLN F 233 54.75 28.80 -50.10
N GLU F 234 54.00 28.01 -50.87
CA GLU F 234 53.74 28.30 -52.26
C GLU F 234 53.11 29.69 -52.45
N ALA F 235 52.10 30.00 -51.65
CA ALA F 235 51.44 31.30 -51.73
C ALA F 235 52.39 32.39 -51.23
N ILE F 236 53.22 32.04 -50.26
CA ILE F 236 54.19 32.97 -49.73
C ILE F 236 55.13 33.35 -50.87
N ASP F 237 55.45 32.39 -51.72
CA ASP F 237 56.31 32.66 -52.86
C ASP F 237 55.59 33.53 -53.87
N PHE F 238 54.42 33.09 -54.32
CA PHE F 238 53.65 33.87 -55.27
C PHE F 238 53.56 35.34 -54.86
N ALA F 239 53.60 35.59 -53.56
CA ALA F 239 53.53 36.96 -53.04
C ALA F 239 54.90 37.62 -53.06
N GLN F 240 55.89 36.94 -52.48
CA GLN F 240 57.26 37.45 -52.44
C GLN F 240 57.78 37.76 -53.84
N LYS F 241 57.23 37.09 -54.83
CA LYS F 241 57.63 37.30 -56.21
C LYS F 241 57.01 38.59 -56.75
N GLU F 242 55.70 38.72 -56.62
CA GLU F 242 55.00 39.89 -57.11
C GLU F 242 55.24 41.17 -56.32
N ILE F 243 55.92 41.06 -55.18
CA ILE F 243 56.21 42.25 -54.38
C ILE F 243 57.48 42.87 -54.92
N ASN F 244 58.06 42.23 -55.94
CA ASN F 244 59.29 42.71 -56.58
C ASN F 244 59.15 42.66 -58.11
N ALA G 1 23.85 69.26 -14.17
CA ALA G 1 22.89 70.27 -14.69
C ALA G 1 22.82 70.25 -16.21
N GLY G 2 23.98 70.16 -16.86
CA GLY G 2 24.04 70.13 -18.31
C GLY G 2 23.95 68.70 -18.84
N TYR G 3 23.66 67.78 -17.94
CA TYR G 3 23.53 66.37 -18.30
C TYR G 3 22.12 66.05 -18.77
N ASP G 4 21.29 67.07 -18.85
CA ASP G 4 19.91 66.89 -19.30
C ASP G 4 19.98 66.80 -20.82
N ARG G 5 21.20 66.63 -21.32
CA ARG G 5 21.42 66.52 -22.75
C ARG G 5 22.12 65.22 -23.10
N HIS G 6 22.38 64.38 -22.10
CA HIS G 6 23.05 63.11 -22.30
C HIS G 6 22.15 61.91 -22.01
N ILE G 7 21.13 62.12 -21.19
CA ILE G 7 20.20 61.05 -20.86
C ILE G 7 18.78 61.56 -21.05
N THR G 8 17.83 60.65 -21.18
CA THR G 8 16.45 61.03 -21.41
C THR G 8 15.66 61.68 -20.27
N ILE G 9 16.14 62.82 -19.78
CA ILE G 9 15.43 63.54 -18.73
C ILE G 9 15.09 64.92 -19.31
N PHE G 10 14.11 65.59 -18.72
CA PHE G 10 13.70 66.90 -19.20
C PHE G 10 14.71 68.02 -19.13
N SER G 11 14.67 68.89 -20.14
CA SER G 11 15.53 70.07 -20.19
C SER G 11 14.62 71.12 -19.57
N PRO G 12 15.17 72.27 -19.17
CA PRO G 12 14.30 73.28 -18.56
C PRO G 12 13.14 73.71 -19.49
N GLU G 13 13.30 73.52 -20.79
CA GLU G 13 12.24 73.89 -21.74
C GLU G 13 11.24 72.74 -21.90
N GLY G 14 11.44 71.66 -21.16
CA GLY G 14 10.56 70.52 -21.25
C GLY G 14 10.85 69.66 -22.47
N ARG G 15 12.10 69.64 -22.90
CA ARG G 15 12.47 68.86 -24.07
C ARG G 15 13.39 67.69 -23.76
N LEU G 16 13.47 66.76 -24.69
CA LEU G 16 14.34 65.60 -24.55
C LEU G 16 15.36 65.59 -25.67
N TYR G 17 16.45 66.29 -25.48
CA TYR G 17 17.49 66.37 -26.50
C TYR G 17 17.95 65.04 -27.06
N GLN G 18 18.13 64.04 -26.21
CA GLN G 18 18.56 62.72 -26.67
C GLN G 18 17.58 62.13 -27.67
N VAL G 19 16.29 62.43 -27.50
CA VAL G 19 15.29 61.94 -28.45
C VAL G 19 15.45 62.77 -29.73
N GLU G 20 15.72 64.06 -29.59
CA GLU G 20 15.89 64.90 -30.75
C GLU G 20 17.10 64.47 -31.58
N TYR G 21 18.20 64.17 -30.91
CA TYR G 21 19.41 63.75 -31.60
C TYR G 21 19.21 62.39 -32.25
N ALA G 22 18.38 61.53 -31.66
CA ALA G 22 18.13 60.20 -32.21
C ALA G 22 17.48 60.40 -33.58
N PHE G 23 16.57 61.36 -33.66
CA PHE G 23 15.91 61.68 -34.91
C PHE G 23 17.01 62.07 -35.89
N LYS G 24 17.96 62.85 -35.41
CA LYS G 24 19.06 63.29 -36.24
C LYS G 24 19.76 62.12 -36.91
N ALA G 25 19.98 61.05 -36.16
CA ALA G 25 20.68 59.90 -36.70
C ALA G 25 19.90 59.12 -37.74
N THR G 26 18.58 59.28 -37.79
CA THR G 26 17.81 58.52 -38.77
C THR G 26 18.20 58.86 -40.21
N ASN G 27 18.83 60.01 -40.43
CA ASN G 27 19.20 60.37 -41.79
C ASN G 27 20.61 59.94 -42.15
N GLN G 28 21.33 59.36 -41.21
CA GLN G 28 22.70 58.91 -41.43
C GLN G 28 22.91 58.20 -42.77
N THR G 29 21.96 57.35 -43.14
CA THR G 29 22.04 56.57 -44.37
C THR G 29 21.82 57.37 -45.65
N ASN G 30 21.27 58.58 -45.52
CA ASN G 30 21.00 59.43 -46.68
C ASN G 30 20.15 58.69 -47.71
N ILE G 31 19.12 58.00 -47.22
CA ILE G 31 18.22 57.25 -48.07
C ILE G 31 16.80 57.72 -47.82
N ASN G 32 16.01 57.85 -48.89
CA ASN G 32 14.62 58.28 -48.73
C ASN G 32 13.75 57.09 -49.06
N SER G 33 12.52 57.11 -48.57
CA SER G 33 11.57 56.04 -48.83
C SER G 33 10.16 56.60 -48.78
N LEU G 34 9.23 55.88 -49.40
CA LEU G 34 7.84 56.31 -49.37
C LEU G 34 6.94 55.11 -49.51
N ALA G 35 5.74 55.23 -48.98
CA ALA G 35 4.78 54.14 -49.03
C ALA G 35 3.45 54.71 -49.45
N VAL G 36 2.73 53.95 -50.27
CA VAL G 36 1.42 54.37 -50.74
C VAL G 36 0.49 53.18 -50.64
N ARG G 37 -0.80 53.47 -50.54
CA ARG G 37 -1.81 52.43 -50.46
C ARG G 37 -2.56 52.27 -51.77
N GLY G 38 -2.69 51.02 -52.22
CA GLY G 38 -3.41 50.72 -53.44
C GLY G 38 -4.87 50.45 -53.13
N LYS G 39 -5.59 49.94 -54.11
CA LYS G 39 -7.01 49.62 -53.93
C LYS G 39 -7.04 48.42 -52.97
N ASP G 40 -6.10 47.51 -53.16
CA ASP G 40 -6.03 46.33 -52.30
C ASP G 40 -4.61 45.80 -52.15
N CYS G 41 -3.66 46.72 -52.01
CA CYS G 41 -2.25 46.37 -51.80
C CYS G 41 -1.56 47.57 -51.12
N THR G 42 -0.32 47.39 -50.71
CA THR G 42 0.44 48.47 -50.08
C THR G 42 1.87 48.35 -50.60
N VAL G 43 2.44 49.50 -50.97
CA VAL G 43 3.78 49.51 -51.53
C VAL G 43 4.75 50.45 -50.84
N VAL G 44 5.98 49.99 -50.68
CA VAL G 44 7.02 50.81 -50.07
C VAL G 44 8.24 50.86 -50.97
N ILE G 45 8.66 52.08 -51.26
CA ILE G 45 9.82 52.29 -52.09
C ILE G 45 10.91 52.88 -51.21
N SER G 46 12.15 52.49 -51.49
CA SER G 46 13.29 52.98 -50.74
C SER G 46 14.50 53.04 -51.62
N GLN G 47 15.25 54.14 -51.54
CA GLN G 47 16.44 54.27 -52.33
C GLN G 47 17.46 53.24 -51.86
N LYS G 48 18.29 52.78 -52.77
CA LYS G 48 19.32 51.81 -52.45
C LYS G 48 20.63 52.35 -53.01
N LYS G 49 21.63 52.49 -52.15
CA LYS G 49 22.93 53.03 -52.56
C LYS G 49 24.11 52.18 -52.09
N VAL G 50 24.63 51.35 -52.99
CA VAL G 50 25.76 50.48 -52.65
C VAL G 50 27.00 50.87 -53.46
N PRO G 51 27.66 51.97 -53.03
CA PRO G 51 28.87 52.53 -53.64
C PRO G 51 30.09 51.62 -53.62
N ASP G 52 30.34 50.95 -52.50
CA ASP G 52 31.51 50.08 -52.42
C ASP G 52 31.37 48.94 -53.44
N LYS G 53 32.43 48.64 -54.17
CA LYS G 53 32.40 47.57 -55.16
C LYS G 53 32.64 46.22 -54.53
N LEU G 54 33.18 46.22 -53.31
CA LEU G 54 33.48 44.99 -52.59
C LEU G 54 32.26 44.39 -51.86
N LEU G 55 31.18 45.17 -51.80
CA LEU G 55 29.98 44.73 -51.13
C LEU G 55 29.14 43.84 -52.03
N ASP G 56 28.41 42.93 -51.42
CA ASP G 56 27.52 42.06 -52.16
C ASP G 56 26.19 42.79 -52.06
N PRO G 57 25.82 43.50 -53.13
CA PRO G 57 24.59 44.29 -53.26
C PRO G 57 23.34 43.58 -52.77
N THR G 58 23.31 42.26 -52.94
CA THR G 58 22.14 41.48 -52.56
C THR G 58 21.95 41.37 -51.05
N THR G 59 22.99 41.65 -50.28
CA THR G 59 22.89 41.57 -48.84
C THR G 59 22.74 42.94 -48.21
N VAL G 60 22.37 43.93 -49.02
CA VAL G 60 22.20 45.28 -48.53
C VAL G 60 20.74 45.67 -48.64
N SER G 61 20.03 45.74 -47.52
CA SER G 61 18.62 46.09 -47.56
C SER G 61 18.17 46.79 -46.29
N TYR G 62 17.08 47.55 -46.37
CA TYR G 62 16.53 48.22 -45.21
C TYR G 62 15.05 47.91 -45.17
N ILE G 63 14.67 46.87 -45.90
CA ILE G 63 13.29 46.42 -45.94
C ILE G 63 13.29 45.02 -45.31
N PHE G 64 12.36 44.79 -44.39
CA PHE G 64 12.28 43.51 -43.70
C PHE G 64 10.91 42.86 -43.79
N CYS G 65 10.88 41.53 -43.73
CA CYS G 65 9.62 40.79 -43.75
C CYS G 65 9.41 40.36 -42.29
N ILE G 66 8.60 41.11 -41.57
CA ILE G 66 8.36 40.81 -40.16
C ILE G 66 7.53 39.54 -40.01
N SER G 67 6.56 39.36 -40.90
CA SER G 67 5.72 38.17 -40.88
C SER G 67 5.17 37.96 -42.27
N ARG G 68 4.44 36.86 -42.45
CA ARG G 68 3.85 36.55 -43.76
C ARG G 68 3.10 37.77 -44.31
N THR G 69 2.51 38.56 -43.43
CA THR G 69 1.73 39.71 -43.86
C THR G 69 2.29 41.09 -43.60
N ILE G 70 3.15 41.23 -42.60
CA ILE G 70 3.71 42.54 -42.30
C ILE G 70 5.13 42.77 -42.84
N GLY G 71 5.30 43.95 -43.44
CA GLY G 71 6.59 44.33 -43.98
C GLY G 71 7.03 45.60 -43.29
N MET G 72 8.34 45.78 -43.13
CA MET G 72 8.84 46.96 -42.47
C MET G 72 10.07 47.54 -43.17
N VAL G 73 10.03 48.84 -43.42
CA VAL G 73 11.16 49.52 -44.04
C VAL G 73 11.70 50.47 -42.97
N VAL G 74 13.02 50.56 -42.87
CA VAL G 74 13.66 51.38 -41.85
C VAL G 74 14.51 52.52 -42.37
N ASN G 75 14.32 53.71 -41.81
CA ASN G 75 15.11 54.87 -42.16
C ASN G 75 16.03 55.09 -40.97
N GLY G 76 17.28 54.64 -41.08
CA GLY G 76 18.23 54.81 -40.00
C GLY G 76 19.38 53.83 -40.12
N PRO G 77 20.42 53.96 -39.28
CA PRO G 77 21.61 53.07 -39.30
C PRO G 77 21.17 51.61 -39.31
N ILE G 78 21.94 50.75 -39.97
CA ILE G 78 21.56 49.36 -40.06
C ILE G 78 21.59 48.53 -38.77
N PRO G 79 22.55 48.80 -37.86
CA PRO G 79 22.48 47.96 -36.67
C PRO G 79 21.25 48.22 -35.81
N ASP G 80 20.77 49.46 -35.75
CA ASP G 80 19.56 49.75 -34.98
C ASP G 80 18.36 49.23 -35.75
N ALA G 81 18.45 49.28 -37.08
CA ALA G 81 17.35 48.80 -37.93
C ALA G 81 17.15 47.33 -37.70
N ARG G 82 18.25 46.58 -37.70
CA ARG G 82 18.19 45.13 -37.49
C ARG G 82 17.73 44.77 -36.06
N ASN G 83 18.07 45.60 -35.09
CA ASN G 83 17.64 45.38 -33.72
C ASN G 83 16.10 45.49 -33.73
N ALA G 84 15.60 46.57 -34.31
CA ALA G 84 14.16 46.80 -34.38
C ALA G 84 13.45 45.70 -35.17
N ALA G 85 14.10 45.22 -36.23
CA ALA G 85 13.51 44.17 -37.06
C ALA G 85 13.37 42.88 -36.26
N LEU G 86 14.45 42.47 -35.63
CA LEU G 86 14.44 41.24 -34.85
C LEU G 86 13.34 41.27 -33.79
N ARG G 87 13.24 42.39 -33.07
CA ARG G 87 12.24 42.56 -32.03
C ARG G 87 10.83 42.43 -32.57
N ALA G 88 10.55 43.16 -33.64
CA ALA G 88 9.24 43.14 -34.27
C ALA G 88 8.86 41.71 -34.69
N LYS G 89 9.82 40.99 -35.26
CA LYS G 89 9.59 39.62 -35.69
C LYS G 89 9.20 38.75 -34.50
N ALA G 90 9.92 38.95 -33.39
CA ALA G 90 9.64 38.21 -32.17
C ALA G 90 8.24 38.57 -31.69
N GLU G 91 7.95 39.87 -31.60
CA GLU G 91 6.65 40.34 -31.15
C GLU G 91 5.52 39.76 -31.99
N ALA G 92 5.73 39.69 -33.31
CA ALA G 92 4.71 39.16 -34.20
C ALA G 92 4.45 37.66 -34.02
N ALA G 93 5.52 36.90 -33.84
CA ALA G 93 5.41 35.45 -33.65
C ALA G 93 4.67 35.20 -32.34
N GLU G 94 5.15 35.83 -31.29
CA GLU G 94 4.54 35.67 -29.99
C GLU G 94 3.06 36.03 -30.00
N PHE G 95 2.70 37.13 -30.63
CA PHE G 95 1.31 37.55 -30.68
C PHE G 95 0.44 36.45 -31.30
N ARG G 96 0.89 35.89 -32.40
CA ARG G 96 0.14 34.84 -33.07
C ARG G 96 -0.07 33.65 -32.15
N TYR G 97 1.00 33.27 -31.47
CA TYR G 97 0.96 32.14 -30.56
C TYR G 97 -0.01 32.31 -29.39
N LYS G 98 0.04 33.49 -28.76
CA LYS G 98 -0.82 33.77 -27.63
C LYS G 98 -2.29 34.06 -27.93
N TYR G 99 -2.55 34.81 -29.01
CA TYR G 99 -3.91 35.21 -29.33
C TYR G 99 -4.61 34.49 -30.46
N GLY G 100 -3.89 33.59 -31.11
CA GLY G 100 -4.49 32.79 -32.16
C GLY G 100 -4.72 33.39 -33.53
N TYR G 101 -4.27 34.62 -33.74
CA TYR G 101 -4.43 35.24 -35.05
C TYR G 101 -3.25 36.14 -35.35
N ASP G 102 -2.99 36.36 -36.62
CA ASP G 102 -1.88 37.18 -37.07
C ASP G 102 -1.92 38.60 -36.52
N MET G 103 -0.82 39.03 -35.93
CA MET G 103 -0.76 40.36 -35.38
C MET G 103 -0.96 41.41 -36.47
N PRO G 104 -1.91 42.34 -36.25
CA PRO G 104 -2.18 43.40 -37.22
C PRO G 104 -1.04 44.42 -37.28
N CYS G 105 -0.85 45.00 -38.45
CA CYS G 105 0.18 45.99 -38.68
C CYS G 105 0.09 47.17 -37.70
N ASP G 106 -1.11 47.70 -37.48
CA ASP G 106 -1.26 48.82 -36.56
C ASP G 106 -0.94 48.44 -35.12
N VAL G 107 -1.22 47.19 -34.76
CA VAL G 107 -0.94 46.74 -33.41
C VAL G 107 0.56 46.57 -33.22
N LEU G 108 1.23 45.98 -34.22
CA LEU G 108 2.68 45.83 -34.13
C LEU G 108 3.32 47.20 -34.05
N ALA G 109 2.79 48.17 -34.79
CA ALA G 109 3.34 49.52 -34.75
C ALA G 109 3.20 50.10 -33.34
N LYS G 110 2.01 49.97 -32.76
CA LYS G 110 1.76 50.49 -31.42
C LYS G 110 2.73 49.86 -30.40
N ARG G 111 2.85 48.55 -30.46
CA ARG G 111 3.73 47.83 -29.56
C ARG G 111 5.19 48.31 -29.66
N MET G 112 5.69 48.52 -30.88
CA MET G 112 7.07 49.00 -31.03
C MET G 112 7.15 50.47 -30.60
N ALA G 113 6.09 51.22 -30.85
CA ALA G 113 6.05 52.62 -30.46
C ALA G 113 6.14 52.67 -28.94
N ASN G 114 5.41 51.78 -28.27
CA ASN G 114 5.45 51.74 -26.81
C ASN G 114 6.83 51.38 -26.31
N LEU G 115 7.50 50.50 -27.02
CA LEU G 115 8.85 50.11 -26.61
C LEU G 115 9.78 51.33 -26.69
N SER G 116 9.64 52.12 -27.74
CA SER G 116 10.47 53.31 -27.93
C SER G 116 10.15 54.34 -26.87
N GLN G 117 8.85 54.51 -26.57
CA GLN G 117 8.42 55.47 -25.57
C GLN G 117 9.18 55.22 -24.28
N ILE G 118 9.40 53.94 -23.95
CA ILE G 118 10.14 53.58 -22.75
C ILE G 118 11.58 54.09 -22.77
N TYR G 119 12.31 53.90 -23.87
CA TYR G 119 13.70 54.36 -23.92
C TYR G 119 13.74 55.88 -23.69
N THR G 120 12.58 56.49 -23.89
CA THR G 120 12.37 57.92 -23.72
C THR G 120 12.25 58.31 -22.24
N GLN G 121 11.77 57.36 -21.43
CA GLN G 121 11.54 57.58 -20.00
C GLN G 121 12.56 56.89 -19.08
N ARG G 122 13.08 55.75 -19.49
CA ARG G 122 14.08 55.06 -18.68
C ARG G 122 15.47 55.54 -19.09
N ALA G 123 16.26 55.93 -18.09
CA ALA G 123 17.60 56.46 -18.29
C ALA G 123 18.68 55.57 -18.91
N TYR G 124 18.69 54.28 -18.59
CA TYR G 124 19.76 53.45 -19.13
C TYR G 124 19.57 52.98 -20.56
N MET G 125 18.36 53.08 -21.10
CA MET G 125 18.09 52.68 -22.47
C MET G 125 18.19 53.92 -23.38
N ARG G 126 18.98 53.82 -24.45
CA ARG G 126 19.10 54.94 -25.39
C ARG G 126 18.06 54.74 -26.49
N PRO G 127 17.53 55.84 -27.04
CA PRO G 127 16.55 55.62 -28.10
C PRO G 127 17.27 54.98 -29.31
N LEU G 128 16.50 54.35 -30.20
CA LEU G 128 17.08 53.77 -31.41
C LEU G 128 16.99 54.86 -32.49
N GLY G 129 18.07 55.06 -33.24
CA GLY G 129 18.05 56.10 -34.26
C GLY G 129 17.37 55.64 -35.54
N VAL G 130 16.10 55.28 -35.42
CA VAL G 130 15.40 54.80 -36.59
C VAL G 130 13.93 55.16 -36.61
N ILE G 131 13.37 55.18 -37.81
CA ILE G 131 11.96 55.45 -38.02
C ILE G 131 11.49 54.19 -38.74
N LEU G 132 10.41 53.60 -38.24
CA LEU G 132 9.90 52.37 -38.79
C LEU G 132 8.57 52.54 -39.52
N THR G 133 8.52 52.08 -40.76
CA THR G 133 7.30 52.17 -41.54
C THR G 133 6.77 50.76 -41.71
N PHE G 134 5.64 50.46 -41.06
CA PHE G 134 5.05 49.13 -41.16
C PHE G 134 3.94 49.18 -42.18
N VAL G 135 3.89 48.16 -43.02
CA VAL G 135 2.87 48.07 -44.07
C VAL G 135 2.31 46.68 -44.20
N SER G 136 1.07 46.58 -44.67
CA SER G 136 0.41 45.30 -44.88
C SER G 136 -0.98 45.53 -45.46
N VAL G 137 -1.74 44.45 -45.55
CA VAL G 137 -3.11 44.49 -46.01
C VAL G 137 -3.86 43.80 -44.88
N ASP G 138 -4.17 44.56 -43.84
CA ASP G 138 -4.88 44.03 -42.68
C ASP G 138 -6.18 43.32 -43.02
N GLU G 139 -6.48 42.21 -42.35
CA GLU G 139 -7.70 41.49 -42.64
C GLU G 139 -8.94 42.25 -42.18
N GLU G 140 -8.75 43.34 -41.45
CA GLU G 140 -9.89 44.11 -40.97
C GLU G 140 -9.86 45.54 -41.51
N LEU G 141 -8.68 46.13 -41.55
CA LEU G 141 -8.51 47.50 -41.99
C LEU G 141 -8.06 47.68 -43.43
N GLY G 142 -7.75 46.60 -44.13
CA GLY G 142 -7.30 46.73 -45.50
C GLY G 142 -5.87 47.28 -45.57
N PRO G 143 -5.43 47.81 -46.73
CA PRO G 143 -4.09 48.36 -46.92
C PRO G 143 -3.71 49.27 -45.77
N SER G 144 -2.54 49.07 -45.17
CA SER G 144 -2.15 49.88 -44.03
C SER G 144 -0.71 50.36 -43.96
N ILE G 145 -0.54 51.59 -43.48
CA ILE G 145 0.78 52.19 -43.30
C ILE G 145 0.78 52.82 -41.91
N TYR G 146 1.69 52.36 -41.06
CA TYR G 146 1.82 52.88 -39.71
C TYR G 146 3.31 53.09 -39.51
N LYS G 147 3.69 54.29 -39.08
CA LYS G 147 5.10 54.61 -38.89
C LYS G 147 5.37 55.09 -37.48
N THR G 148 6.50 54.65 -36.92
CA THR G 148 6.87 55.02 -35.56
C THR G 148 8.25 55.65 -35.56
N ASP G 149 8.51 56.49 -34.56
CA ASP G 149 9.79 57.20 -34.46
C ASP G 149 10.45 57.11 -33.09
N PRO G 150 11.69 57.62 -32.96
CA PRO G 150 12.43 57.59 -31.70
C PRO G 150 11.73 58.22 -30.51
N ALA G 151 10.62 58.91 -30.76
CA ALA G 151 9.87 59.57 -29.69
C ALA G 151 8.75 58.71 -29.13
N GLY G 152 8.50 57.58 -29.76
CA GLY G 152 7.44 56.70 -29.30
C GLY G 152 6.13 57.08 -29.94
N TYR G 153 6.20 58.01 -30.88
CA TYR G 153 5.01 58.45 -31.59
C TYR G 153 4.75 57.53 -32.79
N TYR G 154 3.49 57.44 -33.19
CA TYR G 154 3.12 56.63 -34.35
C TYR G 154 1.71 57.00 -34.78
N VAL G 155 1.41 56.78 -36.04
CA VAL G 155 0.09 57.08 -36.57
C VAL G 155 -0.07 56.39 -37.91
N GLY G 156 -1.30 56.32 -38.39
CA GLY G 156 -1.57 55.70 -39.68
C GLY G 156 -1.57 56.74 -40.78
N TYR G 157 -1.22 56.36 -42.00
CA TYR G 157 -1.17 57.30 -43.13
C TYR G 157 -1.87 56.81 -44.40
N LYS G 158 -2.22 57.77 -45.26
CA LYS G 158 -2.85 57.50 -46.56
C LYS G 158 -1.67 57.09 -47.43
N ALA G 159 -0.56 57.74 -47.16
CA ALA G 159 0.73 57.52 -47.81
C ALA G 159 1.76 58.29 -46.96
N THR G 160 3.04 58.02 -47.13
CA THR G 160 4.04 58.71 -46.32
C THR G 160 5.44 58.61 -46.91
N ALA G 161 6.32 59.49 -46.43
CA ALA G 161 7.69 59.51 -46.91
C ALA G 161 8.64 59.77 -45.75
N THR G 162 9.86 59.25 -45.86
CA THR G 162 10.84 59.43 -44.80
C THR G 162 12.25 59.53 -45.35
N GLY G 163 13.05 60.40 -44.73
CA GLY G 163 14.42 60.58 -45.15
C GLY G 163 14.86 62.04 -45.23
N PRO G 164 16.08 62.30 -45.69
CA PRO G 164 16.59 63.68 -45.80
C PRO G 164 15.65 64.56 -46.61
N LYS G 165 15.11 64.01 -47.71
CA LYS G 165 14.21 64.78 -48.57
C LYS G 165 12.75 64.38 -48.40
N GLN G 166 12.41 63.99 -47.18
CA GLN G 166 11.06 63.59 -46.87
C GLN G 166 10.05 64.66 -47.28
N GLN G 167 10.37 65.93 -47.02
CA GLN G 167 9.45 67.02 -47.33
C GLN G 167 9.02 67.15 -48.79
N GLU G 168 9.98 67.03 -49.70
CA GLU G 168 9.70 67.12 -51.14
C GLU G 168 8.75 66.01 -51.56
N ILE G 169 9.09 64.79 -51.16
CA ILE G 169 8.28 63.64 -51.48
C ILE G 169 6.88 63.79 -50.89
N THR G 170 6.80 64.30 -49.67
CA THR G 170 5.51 64.49 -49.01
C THR G 170 4.60 65.46 -49.75
N THR G 171 5.07 66.69 -49.98
CA THR G 171 4.26 67.68 -50.67
C THR G 171 3.85 67.19 -52.07
N ASN G 172 4.72 66.44 -52.73
CA ASN G 172 4.37 65.90 -54.03
C ASN G 172 3.11 65.05 -53.84
N LEU G 173 3.19 64.10 -52.90
CA LEU G 173 2.07 63.23 -52.59
C LEU G 173 0.83 64.00 -52.10
N GLU G 174 1.02 65.01 -51.25
CA GLU G 174 -0.11 65.79 -50.76
C GLU G 174 -0.91 66.33 -51.92
N ASN G 175 -0.19 66.90 -52.88
CA ASN G 175 -0.77 67.47 -54.07
C ASN G 175 -1.61 66.44 -54.80
N HIS G 176 -0.99 65.31 -55.10
CA HIS G 176 -1.68 64.25 -55.81
C HIS G 176 -3.02 63.86 -55.17
N PHE G 177 -3.08 63.86 -53.84
CA PHE G 177 -4.31 63.48 -53.18
C PHE G 177 -5.34 64.60 -53.18
N LYS G 178 -4.90 65.84 -53.06
CA LYS G 178 -5.81 66.98 -53.09
C LYS G 178 -6.55 66.92 -54.44
N LYS G 179 -5.84 66.45 -55.45
CA LYS G 179 -6.36 66.32 -56.80
C LYS G 179 -7.34 65.15 -56.88
N SER G 180 -6.83 63.93 -56.66
CA SER G 180 -7.64 62.70 -56.74
C SER G 180 -8.84 62.68 -55.78
N LYS G 181 -8.72 63.39 -54.66
CA LYS G 181 -9.80 63.47 -53.68
C LYS G 181 -10.08 62.16 -52.93
N ILE G 182 -9.30 61.12 -53.22
CA ILE G 182 -9.45 59.85 -52.54
C ILE G 182 -8.20 59.59 -51.70
N ASP G 183 -8.30 58.68 -50.74
CA ASP G 183 -7.19 58.39 -49.86
C ASP G 183 -6.31 57.22 -50.31
N HIS G 184 -6.24 56.96 -51.61
CA HIS G 184 -5.41 55.88 -52.10
C HIS G 184 -5.26 55.89 -53.62
N ILE G 185 -4.42 55.02 -54.13
CA ILE G 185 -4.19 54.93 -55.57
C ILE G 185 -5.22 54.00 -56.16
N ASN G 186 -6.16 54.53 -56.95
CA ASN G 186 -7.19 53.69 -57.54
C ASN G 186 -6.59 52.81 -58.62
N GLU G 187 -5.90 51.76 -58.19
CA GLU G 187 -5.27 50.83 -59.11
C GLU G 187 -5.50 49.40 -58.63
N GLU G 188 -5.86 48.53 -59.56
CA GLU G 188 -6.14 47.14 -59.23
C GLU G 188 -4.85 46.35 -59.02
N SER G 189 -3.94 46.40 -59.97
CA SER G 189 -2.70 45.65 -59.84
C SER G 189 -1.65 46.41 -59.05
N TRP G 190 -0.86 45.67 -58.27
CA TRP G 190 0.19 46.29 -57.48
C TRP G 190 1.32 46.76 -58.38
N GLU G 191 1.51 46.08 -59.51
CA GLU G 191 2.56 46.46 -60.45
C GLU G 191 2.38 47.92 -60.81
N LYS G 192 1.13 48.31 -61.04
CA LYS G 192 0.81 49.70 -61.38
C LYS G 192 1.00 50.63 -60.18
N VAL G 193 0.69 50.16 -58.98
CA VAL G 193 0.87 50.99 -57.78
C VAL G 193 2.36 51.20 -57.53
N VAL G 194 3.16 50.18 -57.84
CA VAL G 194 4.61 50.30 -57.68
C VAL G 194 5.11 51.33 -58.67
N GLU G 195 4.57 51.32 -59.88
CA GLU G 195 4.97 52.27 -60.92
C GLU G 195 4.58 53.68 -60.50
N PHE G 196 3.40 53.80 -59.89
CA PHE G 196 2.95 55.10 -59.42
C PHE G 196 3.96 55.61 -58.41
N ALA G 197 4.28 54.77 -57.44
CA ALA G 197 5.24 55.12 -56.39
C ALA G 197 6.56 55.59 -56.96
N ILE G 198 7.21 54.76 -57.76
CA ILE G 198 8.50 55.15 -58.34
C ILE G 198 8.41 56.44 -59.13
N THR G 199 7.34 56.59 -59.92
CA THR G 199 7.16 57.80 -60.72
C THR G 199 7.21 59.07 -59.85
N HIS G 200 6.36 59.14 -58.83
CA HIS G 200 6.33 60.29 -57.96
C HIS G 200 7.60 60.49 -57.17
N MET G 201 8.30 59.39 -56.91
CA MET G 201 9.57 59.48 -56.19
C MET G 201 10.52 60.24 -57.11
N ILE G 202 10.45 59.93 -58.40
CA ILE G 202 11.29 60.58 -59.40
C ILE G 202 10.94 62.05 -59.54
N ASP G 203 9.64 62.34 -59.67
CA ASP G 203 9.19 63.71 -59.80
C ASP G 203 9.65 64.54 -58.60
N ALA G 204 9.33 64.05 -57.40
CA ALA G 204 9.69 64.76 -56.19
C ALA G 204 11.19 64.98 -56.01
N LEU G 205 12.00 63.96 -56.29
CA LEU G 205 13.44 64.11 -56.11
C LEU G 205 14.12 64.62 -57.37
N GLY G 206 13.37 64.75 -58.45
CA GLY G 206 13.96 65.20 -59.70
C GLY G 206 15.08 64.26 -60.12
N THR G 207 14.91 62.96 -59.90
CA THR G 207 15.95 62.00 -60.25
C THR G 207 15.41 60.76 -60.93
N GLU G 208 16.22 60.23 -61.83
CA GLU G 208 15.90 59.02 -62.57
C GLU G 208 16.55 57.89 -61.80
N PHE G 209 16.01 56.67 -61.91
CA PHE G 209 16.57 55.52 -61.19
C PHE G 209 16.83 54.35 -62.11
N SER G 210 17.82 53.54 -61.76
CA SER G 210 18.14 52.34 -62.52
C SER G 210 17.58 51.22 -61.63
N LYS G 211 17.69 49.96 -62.06
CA LYS G 211 17.16 48.86 -61.27
C LYS G 211 17.88 48.61 -59.95
N ASN G 212 19.08 49.18 -59.81
CA ASN G 212 19.85 48.98 -58.59
C ASN G 212 19.80 50.18 -57.67
N ASP G 213 19.04 51.19 -58.05
CA ASP G 213 18.92 52.42 -57.25
C ASP G 213 17.70 52.36 -56.36
N LEU G 214 16.93 51.29 -56.49
CA LEU G 214 15.72 51.15 -55.69
C LEU G 214 15.61 49.81 -55.01
N GLU G 215 14.72 49.79 -54.03
CA GLU G 215 14.40 48.62 -53.24
C GLU G 215 12.87 48.72 -53.13
N VAL G 216 12.18 47.63 -53.42
CA VAL G 216 10.73 47.67 -53.37
C VAL G 216 10.08 46.50 -52.62
N GLY G 217 9.05 46.85 -51.85
CA GLY G 217 8.31 45.86 -51.10
C GLY G 217 6.84 46.02 -51.42
N VAL G 218 6.12 44.91 -51.44
CA VAL G 218 4.70 44.93 -51.74
C VAL G 218 3.93 44.02 -50.77
N ALA G 219 2.81 44.51 -50.29
CA ALA G 219 1.97 43.75 -49.38
C ALA G 219 0.60 43.55 -50.01
N THR G 220 0.17 42.30 -50.07
CA THR G 220 -1.12 41.97 -50.63
C THR G 220 -1.86 41.13 -49.59
N LYS G 221 -3.10 40.78 -49.89
CA LYS G 221 -3.88 39.94 -48.99
C LYS G 221 -3.03 38.68 -48.71
N ASP G 222 -2.76 38.44 -47.44
CA ASP G 222 -1.98 37.28 -47.04
C ASP G 222 -0.57 37.09 -47.63
N LYS G 223 0.17 38.17 -47.83
CA LYS G 223 1.56 38.08 -48.30
C LYS G 223 2.28 39.37 -48.62
N PHE G 224 3.41 39.57 -47.94
CA PHE G 224 4.26 40.72 -48.18
C PHE G 224 5.52 40.12 -48.78
N PHE G 225 6.05 40.76 -49.81
CA PHE G 225 7.24 40.28 -50.49
C PHE G 225 7.98 41.48 -51.07
N THR G 226 9.23 41.27 -51.45
CA THR G 226 10.03 42.33 -52.04
C THR G 226 10.43 41.95 -53.46
N LEU G 227 10.50 42.95 -54.34
CA LEU G 227 10.84 42.72 -55.74
C LEU G 227 12.34 42.54 -55.96
N SER G 228 12.70 41.84 -57.04
CA SER G 228 14.10 41.61 -57.38
C SER G 228 14.54 42.74 -58.30
N ALA G 229 15.82 42.78 -58.64
CA ALA G 229 16.30 43.84 -59.53
C ALA G 229 15.53 43.76 -60.84
N GLU G 230 15.29 42.53 -61.28
CA GLU G 230 14.57 42.30 -62.52
C GLU G 230 13.12 42.68 -62.44
N ASN G 231 12.46 42.33 -61.35
CA ASN G 231 11.06 42.67 -61.15
C ASN G 231 10.93 44.18 -61.26
N ILE G 232 11.94 44.87 -60.74
CA ILE G 232 11.99 46.33 -60.74
C ILE G 232 12.26 46.85 -62.16
N GLU G 233 13.26 46.28 -62.82
CA GLU G 233 13.60 46.69 -64.18
C GLU G 233 12.35 46.73 -65.04
N GLU G 234 11.56 45.67 -64.93
CA GLU G 234 10.31 45.59 -65.69
C GLU G 234 9.42 46.76 -65.33
N ARG G 235 9.39 47.11 -64.04
CA ARG G 235 8.59 48.23 -63.55
C ARG G 235 9.13 49.55 -64.12
N LEU G 236 10.45 49.67 -64.14
CA LEU G 236 11.13 50.84 -64.67
C LEU G 236 10.89 50.99 -66.17
N VAL G 237 11.00 49.88 -66.89
CA VAL G 237 10.77 49.89 -68.34
C VAL G 237 9.35 50.35 -68.61
N ALA G 238 8.42 49.93 -67.76
CA ALA G 238 7.03 50.31 -67.91
C ALA G 238 6.85 51.82 -67.83
N ILE G 239 7.37 52.45 -66.77
CA ILE G 239 7.21 53.90 -66.63
C ILE G 239 7.87 54.64 -67.80
N ALA G 240 8.92 54.04 -68.35
CA ALA G 240 9.65 54.64 -69.47
C ALA G 240 8.73 54.82 -70.66
N GLU G 241 7.92 53.80 -70.93
CA GLU G 241 6.98 53.82 -72.05
C GLU G 241 5.68 54.52 -71.68
N GLN G 242 5.80 55.76 -71.24
CA GLN G 242 4.65 56.57 -70.86
C GLN G 242 5.13 58.01 -70.89
N ASP G 243 6.45 58.17 -70.70
CA ASP G 243 7.12 59.46 -70.71
C ASP G 243 7.78 59.64 -72.08
N THR H 1 -24.78 18.46 -14.54
CA THR H 1 -24.74 19.55 -15.55
C THR H 1 -24.86 19.01 -16.97
N THR H 2 -25.57 19.78 -17.80
CA THR H 2 -25.73 19.46 -19.21
C THR H 2 -25.58 20.77 -19.97
N ILE H 3 -24.53 20.86 -20.78
CA ILE H 3 -24.31 22.05 -21.59
C ILE H 3 -24.12 21.57 -23.03
N VAL H 4 -24.66 22.31 -23.99
CA VAL H 4 -24.53 21.96 -25.40
C VAL H 4 -24.22 23.17 -26.25
N GLY H 5 -23.68 22.91 -27.44
CA GLY H 5 -23.36 23.98 -28.35
C GLY H 5 -23.82 23.51 -29.72
N VAL H 6 -24.54 24.37 -30.44
CA VAL H 6 -25.06 24.03 -31.76
C VAL H 6 -24.90 25.17 -32.75
N LYS H 7 -24.24 24.89 -33.87
CA LYS H 7 -24.04 25.91 -34.91
C LYS H 7 -25.19 25.86 -35.90
N PHE H 8 -25.63 27.04 -36.35
CA PHE H 8 -26.70 27.12 -37.35
C PHE H 8 -26.21 27.97 -38.54
N ASN H 9 -27.00 28.01 -39.62
CA ASN H 9 -26.59 28.74 -40.84
C ASN H 9 -25.97 30.13 -40.72
N ASN H 10 -26.22 30.85 -39.63
CA ASN H 10 -25.65 32.19 -39.53
C ASN H 10 -25.29 32.57 -38.11
N GLY H 11 -24.85 31.59 -37.33
CA GLY H 11 -24.48 31.84 -35.95
C GLY H 11 -24.28 30.58 -35.15
N VAL H 12 -24.37 30.71 -33.84
CA VAL H 12 -24.18 29.59 -32.93
C VAL H 12 -25.01 29.83 -31.67
N VAL H 13 -25.47 28.74 -31.08
CA VAL H 13 -26.26 28.80 -29.87
C VAL H 13 -25.72 27.85 -28.81
N ILE H 14 -25.77 28.26 -27.54
CA ILE H 14 -25.35 27.41 -26.44
C ILE H 14 -26.43 27.41 -25.37
N ALA H 15 -26.64 26.25 -24.77
CA ALA H 15 -27.65 26.11 -23.73
C ALA H 15 -27.13 25.24 -22.60
N ALA H 16 -27.79 25.34 -21.45
CA ALA H 16 -27.40 24.57 -20.28
C ALA H 16 -28.59 24.41 -19.34
N ASP H 17 -28.48 23.46 -18.41
CA ASP H 17 -29.53 23.26 -17.43
C ASP H 17 -29.24 24.24 -16.30
N THR H 18 -30.06 24.22 -15.25
CA THR H 18 -29.86 25.14 -14.14
C THR H 18 -29.64 24.52 -12.76
N ARG H 19 -29.41 23.21 -12.71
CA ARG H 19 -29.18 22.52 -11.44
C ARG H 19 -27.72 22.56 -11.00
N SER H 20 -27.50 22.91 -9.73
CA SER H 20 -26.17 22.97 -9.14
C SER H 20 -26.18 21.97 -7.98
N THR H 21 -25.21 21.07 -7.92
CA THR H 21 -25.22 20.06 -6.86
C THR H 21 -23.96 19.82 -6.05
N GLN H 22 -24.15 19.46 -4.78
CA GLN H 22 -23.06 19.12 -3.85
C GLN H 22 -23.31 17.67 -3.51
N GLY H 23 -22.62 16.77 -4.19
CA GLY H 23 -22.84 15.37 -3.93
C GLY H 23 -24.22 15.02 -4.47
N PRO H 24 -25.13 14.51 -3.61
CA PRO H 24 -26.44 14.18 -4.13
C PRO H 24 -27.47 15.25 -3.78
N ILE H 25 -26.98 16.36 -3.23
CA ILE H 25 -27.87 17.45 -2.84
C ILE H 25 -27.89 18.61 -3.84
N VAL H 26 -29.09 19.11 -4.12
CA VAL H 26 -29.24 20.24 -5.03
C VAL H 26 -29.08 21.50 -4.19
N ALA H 27 -27.95 22.18 -4.36
CA ALA H 27 -27.66 23.42 -3.63
C ALA H 27 -28.43 24.56 -4.26
N ASP H 28 -28.22 24.78 -5.55
CA ASP H 28 -28.91 25.84 -6.26
C ASP H 28 -29.81 25.19 -7.30
N LYS H 29 -31.11 25.40 -7.17
CA LYS H 29 -32.07 24.81 -8.07
C LYS H 29 -32.18 25.55 -9.39
N ASN H 30 -31.57 26.73 -9.47
CA ASN H 30 -31.65 27.51 -10.69
C ASN H 30 -30.45 28.43 -10.89
N CYS H 31 -29.25 27.87 -10.97
CA CYS H 31 -28.10 28.73 -11.18
C CYS H 31 -27.92 28.94 -12.67
N ALA H 32 -27.13 29.94 -13.03
CA ALA H 32 -26.87 30.25 -14.44
C ALA H 32 -25.49 29.72 -14.80
N LYS H 33 -25.44 28.74 -15.68
CA LYS H 33 -24.17 28.16 -16.07
C LYS H 33 -23.58 28.84 -17.30
N LEU H 34 -24.34 29.78 -17.86
CA LEU H 34 -23.95 30.52 -19.05
C LEU H 34 -23.26 31.84 -18.69
N HIS H 35 -21.94 31.87 -18.84
CA HIS H 35 -21.15 33.06 -18.53
C HIS H 35 -20.74 33.79 -19.79
N ARG H 36 -20.40 35.07 -19.64
CA ARG H 36 -19.99 35.88 -20.76
C ARG H 36 -18.48 36.11 -20.74
N ILE H 37 -17.82 35.89 -21.87
CA ILE H 37 -16.38 36.14 -21.93
C ILE H 37 -16.22 37.54 -22.51
N SER H 38 -17.16 37.90 -23.37
CA SER H 38 -17.20 39.22 -24.00
C SER H 38 -18.64 39.37 -24.50
N PRO H 39 -19.05 40.57 -24.89
CA PRO H 39 -20.44 40.68 -25.35
C PRO H 39 -20.91 39.55 -26.26
N LYS H 40 -20.11 39.19 -27.26
CA LYS H 40 -20.55 38.16 -28.19
C LYS H 40 -19.82 36.83 -28.18
N ILE H 41 -19.22 36.49 -27.04
CA ILE H 41 -18.52 35.23 -26.87
C ILE H 41 -18.98 34.69 -25.53
N TRP H 42 -19.85 33.70 -25.55
CA TRP H 42 -20.35 33.14 -24.30
C TRP H 42 -19.74 31.80 -23.94
N CYS H 43 -19.91 31.43 -22.69
CA CYS H 43 -19.30 30.23 -22.16
C CYS H 43 -20.23 29.48 -21.24
N ALA H 44 -20.06 28.17 -21.20
CA ALA H 44 -20.83 27.29 -20.33
C ALA H 44 -19.83 26.28 -19.78
N GLY H 45 -19.90 25.97 -18.49
CA GLY H 45 -18.94 25.04 -17.97
C GLY H 45 -19.43 23.96 -17.04
N ALA H 46 -18.58 22.96 -16.85
CA ALA H 46 -18.86 21.82 -15.97
C ALA H 46 -17.54 21.55 -15.25
N GLY H 47 -17.57 20.71 -14.23
CA GLY H 47 -16.35 20.44 -13.49
C GLY H 47 -16.33 21.32 -12.25
N THR H 48 -15.16 21.52 -11.66
CA THR H 48 -15.06 22.36 -10.47
C THR H 48 -15.67 23.73 -10.76
N ALA H 49 -16.83 24.00 -10.19
CA ALA H 49 -17.54 25.26 -10.42
C ALA H 49 -16.69 26.51 -10.19
N ALA H 50 -16.08 26.62 -9.03
CA ALA H 50 -15.23 27.76 -8.74
C ALA H 50 -14.22 27.96 -9.86
N ASP H 51 -13.73 26.86 -10.40
CA ASP H 51 -12.74 26.90 -11.49
C ASP H 51 -13.28 27.40 -12.82
N THR H 52 -14.44 26.91 -13.25
CA THR H 52 -14.97 27.38 -14.52
C THR H 52 -15.34 28.85 -14.40
N GLU H 53 -15.76 29.24 -13.20
CA GLU H 53 -16.14 30.62 -12.97
C GLU H 53 -14.92 31.54 -12.98
N ALA H 54 -13.89 31.12 -12.26
CA ALA H 54 -12.65 31.89 -12.15
C ALA H 54 -11.92 32.03 -13.47
N VAL H 55 -11.80 30.94 -14.21
CA VAL H 55 -11.08 30.98 -15.47
C VAL H 55 -11.85 31.80 -16.51
N THR H 56 -13.17 31.76 -16.44
CA THR H 56 -14.03 32.51 -17.36
C THR H 56 -13.81 34.01 -17.19
N GLN H 57 -13.60 34.43 -15.95
CA GLN H 57 -13.41 35.84 -15.70
C GLN H 57 -11.99 36.29 -15.96
N LEU H 58 -11.02 35.42 -15.73
CA LEU H 58 -9.63 35.77 -15.97
C LEU H 58 -9.45 36.05 -17.46
N ILE H 59 -9.82 35.08 -18.29
CA ILE H 59 -9.69 35.25 -19.72
C ILE H 59 -10.62 36.37 -20.17
N GLY H 60 -11.80 36.45 -19.55
CA GLY H 60 -12.73 37.49 -19.91
C GLY H 60 -12.11 38.86 -19.76
N SER H 61 -11.45 39.06 -18.63
CA SER H 61 -10.78 40.32 -18.32
C SER H 61 -9.66 40.59 -19.30
N ASN H 62 -8.85 39.57 -19.57
CA ASN H 62 -7.74 39.74 -20.49
C ASN H 62 -8.18 40.02 -21.91
N ILE H 63 -9.26 39.36 -22.32
CA ILE H 63 -9.81 39.54 -23.65
C ILE H 63 -10.24 41.00 -23.79
N GLU H 64 -10.85 41.54 -22.74
CA GLU H 64 -11.29 42.92 -22.76
C GLU H 64 -10.11 43.85 -22.95
N LEU H 65 -9.09 43.69 -22.11
CA LEU H 65 -7.90 44.53 -22.20
C LEU H 65 -7.25 44.38 -23.57
N HIS H 66 -7.27 43.16 -24.11
CA HIS H 66 -6.67 42.93 -25.43
C HIS H 66 -7.46 43.70 -26.48
N SER H 67 -8.79 43.62 -26.37
CA SER H 67 -9.68 44.31 -27.29
C SER H 67 -9.41 45.82 -27.26
N LEU H 68 -9.31 46.40 -26.07
CA LEU H 68 -9.04 47.81 -25.96
C LEU H 68 -7.69 48.14 -26.58
N TYR H 69 -6.70 47.30 -26.31
CA TYR H 69 -5.36 47.50 -26.82
C TYR H 69 -5.25 47.45 -28.33
N THR H 70 -5.92 46.48 -28.94
CA THR H 70 -5.83 46.30 -30.39
C THR H 70 -6.95 47.02 -31.14
N SER H 71 -7.87 47.61 -30.39
CA SER H 71 -8.98 48.32 -31.00
C SER H 71 -9.72 47.38 -31.95
N ARG H 72 -9.89 46.13 -31.55
CA ARG H 72 -10.59 45.15 -32.36
C ARG H 72 -11.54 44.34 -31.52
N GLU H 73 -12.60 43.84 -32.13
CA GLU H 73 -13.57 43.04 -31.43
C GLU H 73 -12.87 41.76 -30.97
N PRO H 74 -13.22 41.27 -29.78
CA PRO H 74 -12.60 40.05 -29.26
C PRO H 74 -12.88 38.90 -30.20
N ARG H 75 -11.91 38.01 -30.39
CA ARG H 75 -12.12 36.85 -31.25
C ARG H 75 -12.20 35.58 -30.43
N VAL H 76 -13.05 34.66 -30.87
CA VAL H 76 -13.22 33.41 -30.15
C VAL H 76 -11.92 32.62 -30.10
N VAL H 77 -11.14 32.57 -31.18
CA VAL H 77 -9.87 31.82 -31.14
C VAL H 77 -8.93 32.37 -30.07
N SER H 78 -9.05 33.65 -29.74
CA SER H 78 -8.18 34.23 -28.71
C SER H 78 -8.57 33.68 -27.34
N ALA H 79 -9.87 33.69 -27.05
CA ALA H 79 -10.35 33.16 -25.78
C ALA H 79 -9.91 31.71 -25.66
N LEU H 80 -9.95 31.01 -26.78
CA LEU H 80 -9.58 29.59 -26.83
C LEU H 80 -8.09 29.37 -26.55
N GLN H 81 -7.26 30.18 -27.18
CA GLN H 81 -5.82 30.02 -27.01
C GLN H 81 -5.39 30.42 -25.59
N MET H 82 -5.96 31.51 -25.07
CA MET H 82 -5.62 31.97 -23.74
C MET H 82 -6.07 30.97 -22.67
N LEU H 83 -7.26 30.42 -22.83
CA LEU H 83 -7.80 29.44 -21.90
C LEU H 83 -6.99 28.16 -21.88
N LYS H 84 -6.77 27.57 -23.04
CA LYS H 84 -6.03 26.33 -23.09
C LYS H 84 -4.59 26.43 -22.58
N GLN H 85 -3.87 27.49 -22.92
CA GLN H 85 -2.49 27.60 -22.46
C GLN H 85 -2.43 27.77 -20.94
N HIS H 86 -3.51 28.31 -20.37
CA HIS H 86 -3.64 28.51 -18.93
C HIS H 86 -3.91 27.16 -18.25
N LEU H 87 -4.91 26.44 -18.78
CA LEU H 87 -5.25 25.14 -18.23
C LEU H 87 -4.08 24.18 -18.39
N PHE H 88 -3.39 24.24 -19.52
CA PHE H 88 -2.26 23.34 -19.73
C PHE H 88 -1.14 23.65 -18.74
N LYS H 89 -0.92 24.94 -18.48
CA LYS H 89 0.10 25.35 -17.53
C LYS H 89 -0.16 24.74 -16.16
N TYR H 90 -1.42 24.49 -15.84
CA TYR H 90 -1.79 23.92 -14.56
C TYR H 90 -2.01 22.41 -14.55
N GLN H 91 -1.37 21.71 -15.49
CA GLN H 91 -1.49 20.27 -15.57
C GLN H 91 -2.84 19.70 -15.16
N GLY H 92 -3.92 20.33 -15.60
CA GLY H 92 -5.25 19.82 -15.28
C GLY H 92 -5.76 20.05 -13.86
N HIS H 93 -4.95 20.70 -13.02
CA HIS H 93 -5.37 20.95 -11.65
C HIS H 93 -6.52 21.94 -11.55
N ILE H 94 -6.82 22.63 -12.64
CA ILE H 94 -7.93 23.56 -12.65
C ILE H 94 -9.04 22.81 -13.37
N GLY H 95 -9.96 22.25 -12.60
CA GLY H 95 -11.05 21.47 -13.16
C GLY H 95 -12.05 22.18 -14.04
N ALA H 96 -11.58 22.88 -15.05
CA ALA H 96 -12.47 23.59 -15.96
C ALA H 96 -12.69 22.83 -17.26
N TYR H 97 -13.96 22.64 -17.59
CA TYR H 97 -14.40 21.97 -18.82
C TYR H 97 -15.43 22.95 -19.38
N LEU H 98 -15.20 23.42 -20.59
CA LEU H 98 -16.08 24.40 -21.16
C LEU H 98 -16.41 24.24 -22.62
N ILE H 99 -17.56 24.81 -22.98
CA ILE H 99 -17.98 24.85 -24.36
C ILE H 99 -18.03 26.35 -24.56
N VAL H 100 -17.20 26.84 -25.49
CA VAL H 100 -17.14 28.26 -25.78
C VAL H 100 -17.65 28.53 -27.19
N ALA H 101 -18.57 29.49 -27.29
CA ALA H 101 -19.17 29.86 -28.57
C ALA H 101 -19.24 31.36 -28.73
N GLY H 102 -19.29 31.81 -29.97
CA GLY H 102 -19.37 33.23 -30.23
C GLY H 102 -19.19 33.60 -31.68
N VAL H 103 -19.42 34.88 -31.95
CA VAL H 103 -19.28 35.42 -33.29
C VAL H 103 -18.31 36.60 -33.21
N ASP H 104 -17.55 36.80 -34.27
CA ASP H 104 -16.58 37.88 -34.31
C ASP H 104 -16.29 38.25 -35.77
N PRO H 105 -15.43 39.25 -36.00
CA PRO H 105 -15.12 39.65 -37.37
C PRO H 105 -14.87 38.51 -38.34
N THR H 106 -14.47 37.35 -37.83
CA THR H 106 -14.18 36.23 -38.73
C THR H 106 -15.32 35.20 -38.92
N GLY H 107 -16.44 35.39 -38.22
CA GLY H 107 -17.55 34.46 -38.37
C GLY H 107 -18.08 33.91 -37.06
N SER H 108 -18.70 32.73 -37.11
CA SER H 108 -19.23 32.12 -35.89
C SER H 108 -18.39 30.90 -35.52
N HIS H 109 -18.14 30.72 -34.23
CA HIS H 109 -17.30 29.62 -33.76
C HIS H 109 -17.88 28.77 -32.62
N LEU H 110 -17.41 27.53 -32.55
CA LEU H 110 -17.85 26.60 -31.51
C LEU H 110 -16.70 25.65 -31.14
N PHE H 111 -16.23 25.75 -29.91
CA PHE H 111 -15.15 24.91 -29.41
C PHE H 111 -15.48 24.34 -28.03
N SER H 112 -14.67 23.38 -27.60
CA SER H 112 -14.81 22.81 -26.28
C SER H 112 -13.37 22.73 -25.75
N ILE H 113 -13.20 22.98 -24.46
CA ILE H 113 -11.89 22.95 -23.83
C ILE H 113 -11.97 22.03 -22.64
N HIS H 114 -10.94 21.22 -22.46
CA HIS H 114 -10.91 20.28 -21.35
C HIS H 114 -9.85 20.69 -20.33
N ALA H 115 -10.08 20.31 -19.08
CA ALA H 115 -9.21 20.65 -17.97
C ALA H 115 -7.71 20.54 -18.27
N HIS H 116 -7.29 19.54 -19.01
CA HIS H 116 -5.86 19.40 -19.30
C HIS H 116 -5.34 20.34 -20.38
N GLY H 117 -6.24 20.98 -21.11
CA GLY H 117 -5.81 21.91 -22.13
C GLY H 117 -6.08 21.56 -23.58
N SER H 118 -6.65 20.39 -23.85
CA SER H 118 -6.93 20.03 -25.23
C SER H 118 -8.19 20.78 -25.65
N THR H 119 -8.35 20.99 -26.95
CA THR H 119 -9.54 21.68 -27.43
C THR H 119 -10.06 20.95 -28.66
N ASP H 120 -11.36 21.06 -28.88
CA ASP H 120 -12.00 20.41 -30.03
C ASP H 120 -12.90 21.43 -30.71
N VAL H 121 -13.13 21.22 -32.01
CA VAL H 121 -13.97 22.11 -32.78
C VAL H 121 -15.06 21.29 -33.45
N GLY H 122 -16.27 21.84 -33.56
CA GLY H 122 -17.34 21.10 -34.20
C GLY H 122 -18.62 21.88 -34.40
N TYR H 123 -19.61 21.24 -35.02
CA TYR H 123 -20.90 21.88 -35.27
C TYR H 123 -21.87 21.68 -34.13
N TYR H 124 -21.59 20.68 -33.28
CA TYR H 124 -22.42 20.41 -32.12
C TYR H 124 -21.60 19.67 -31.05
N LEU H 125 -21.72 20.14 -29.81
CA LEU H 125 -20.97 19.56 -28.71
C LEU H 125 -21.79 19.50 -27.43
N SER H 126 -21.34 18.69 -26.47
CA SER H 126 -21.99 18.59 -25.17
C SER H 126 -20.96 18.27 -24.07
N LEU H 127 -21.19 18.78 -22.87
CA LEU H 127 -20.29 18.51 -21.75
C LEU H 127 -21.16 18.35 -20.53
N GLY H 128 -20.58 17.80 -19.47
CA GLY H 128 -21.30 17.62 -18.23
C GLY H 128 -21.72 16.19 -18.03
N SER H 129 -22.36 15.91 -16.90
CA SER H 129 -22.82 14.57 -16.60
C SER H 129 -23.95 14.19 -17.56
N GLY H 130 -24.68 15.19 -18.05
CA GLY H 130 -25.78 14.94 -18.98
C GLY H 130 -25.27 14.76 -20.40
N SER H 131 -23.97 15.02 -20.56
CA SER H 131 -23.27 14.91 -21.81
C SER H 131 -23.81 13.85 -22.79
N LEU H 132 -23.88 12.60 -22.33
CA LEU H 132 -24.36 11.52 -23.18
C LEU H 132 -25.84 11.58 -23.55
N ALA H 133 -26.67 12.05 -22.63
CA ALA H 133 -28.10 12.16 -22.91
C ALA H 133 -28.29 13.21 -24.00
N ALA H 134 -27.64 14.36 -23.82
CA ALA H 134 -27.72 15.44 -24.79
C ALA H 134 -27.19 15.01 -26.14
N MET H 135 -26.04 14.33 -26.15
CA MET H 135 -25.42 13.90 -27.41
C MET H 135 -26.29 12.91 -28.18
N ALA H 136 -27.07 12.11 -27.49
CA ALA H 136 -27.93 11.16 -28.19
C ALA H 136 -28.93 11.94 -29.04
N VAL H 137 -29.46 13.02 -28.47
CA VAL H 137 -30.41 13.85 -29.18
C VAL H 137 -29.74 14.55 -30.38
N LEU H 138 -28.59 15.16 -30.14
CA LEU H 138 -27.85 15.83 -31.21
C LEU H 138 -27.50 14.86 -32.34
N GLU H 139 -27.09 13.65 -32.01
CA GLU H 139 -26.75 12.67 -33.04
C GLU H 139 -28.00 12.20 -33.76
N SER H 140 -29.16 12.49 -33.18
CA SER H 140 -30.43 12.08 -33.76
C SER H 140 -31.15 13.13 -34.57
N HIS H 141 -30.85 14.40 -34.34
CA HIS H 141 -31.55 15.45 -35.05
C HIS H 141 -30.72 16.55 -35.71
N TRP H 142 -29.43 16.60 -35.43
CA TRP H 142 -28.61 17.63 -36.06
C TRP H 142 -28.53 17.34 -37.54
N LYS H 143 -28.43 18.41 -38.32
CA LYS H 143 -28.29 18.31 -39.76
C LYS H 143 -27.56 19.57 -40.18
N GLN H 144 -26.95 19.53 -41.36
CA GLN H 144 -26.23 20.69 -41.86
C GLN H 144 -27.22 21.80 -42.23
N ASP H 145 -26.83 23.05 -42.04
CA ASP H 145 -27.69 24.18 -42.38
C ASP H 145 -28.97 24.33 -41.57
N LEU H 146 -28.87 24.30 -40.25
CA LEU H 146 -30.05 24.47 -39.42
C LEU H 146 -30.38 25.96 -39.40
N THR H 147 -31.63 26.30 -39.17
CA THR H 147 -32.01 27.70 -39.10
C THR H 147 -31.99 28.11 -37.64
N LYS H 148 -31.88 29.40 -37.38
CA LYS H 148 -31.84 29.87 -36.01
C LYS H 148 -32.85 29.14 -35.12
N GLU H 149 -34.08 28.98 -35.58
CA GLU H 149 -35.09 28.32 -34.77
C GLU H 149 -34.86 26.82 -34.60
N GLU H 150 -34.39 26.17 -35.66
CA GLU H 150 -34.11 24.75 -35.59
C GLU H 150 -33.01 24.53 -34.56
N ALA H 151 -31.94 25.30 -34.68
CA ALA H 151 -30.81 25.22 -33.76
C ALA H 151 -31.25 25.40 -32.32
N ILE H 152 -32.07 26.43 -32.03
CA ILE H 152 -32.53 26.65 -30.67
C ILE H 152 -33.34 25.45 -30.14
N LYS H 153 -34.23 24.91 -30.97
CA LYS H 153 -35.05 23.77 -30.57
C LYS H 153 -34.13 22.62 -30.17
N LEU H 154 -33.24 22.25 -31.09
CA LEU H 154 -32.29 21.17 -30.87
C LEU H 154 -31.49 21.34 -29.58
N ALA H 155 -30.92 22.51 -29.36
CA ALA H 155 -30.15 22.75 -28.16
C ALA H 155 -31.04 22.52 -26.96
N SER H 156 -32.22 23.12 -26.99
CA SER H 156 -33.17 23.02 -25.89
C SER H 156 -33.60 21.56 -25.63
N ASP H 157 -33.77 20.79 -26.71
CA ASP H 157 -34.17 19.41 -26.57
C ASP H 157 -33.03 18.60 -25.95
N ALA H 158 -31.82 18.81 -26.44
CA ALA H 158 -30.66 18.10 -25.91
C ALA H 158 -30.52 18.35 -24.40
N ILE H 159 -30.68 19.60 -23.98
CA ILE H 159 -30.57 19.94 -22.56
C ILE H 159 -31.66 19.19 -21.80
N GLN H 160 -32.84 19.11 -22.41
CA GLN H 160 -33.93 18.41 -21.75
C GLN H 160 -33.60 16.93 -21.55
N ALA H 161 -32.91 16.33 -22.51
CA ALA H 161 -32.51 14.94 -22.40
C ALA H 161 -31.71 14.78 -21.12
N GLY H 162 -30.89 15.79 -20.82
CA GLY H 162 -30.07 15.78 -19.62
C GLY H 162 -30.93 15.95 -18.38
N ILE H 163 -31.71 17.03 -18.34
CA ILE H 163 -32.58 17.31 -17.20
C ILE H 163 -33.39 16.10 -16.77
N TRP H 164 -34.05 15.47 -17.71
CA TRP H 164 -34.89 14.32 -17.42
C TRP H 164 -34.17 13.01 -17.12
N ASN H 165 -33.11 12.72 -17.87
CA ASN H 165 -32.40 11.46 -17.68
C ASN H 165 -31.13 11.42 -16.83
N ASP H 166 -30.54 12.59 -16.55
CA ASP H 166 -29.32 12.67 -15.75
C ASP H 166 -29.62 13.25 -14.38
N LEU H 167 -29.21 12.53 -13.33
CA LEU H 167 -29.44 12.96 -11.96
C LEU H 167 -28.60 14.20 -11.64
N GLY H 168 -27.54 14.42 -12.41
CA GLY H 168 -26.69 15.57 -12.16
C GLY H 168 -27.22 16.85 -12.80
N SER H 169 -28.27 16.70 -13.60
CA SER H 169 -28.86 17.83 -14.29
C SER H 169 -30.35 17.97 -13.97
N GLY H 170 -30.86 19.20 -14.11
CA GLY H 170 -32.25 19.43 -13.85
C GLY H 170 -32.73 20.87 -13.89
N SER H 171 -33.99 21.05 -13.50
CA SER H 171 -34.62 22.36 -13.48
C SER H 171 -34.94 22.97 -14.84
N ASN H 172 -34.26 24.07 -15.16
CA ASN H 172 -34.55 24.79 -16.40
C ASN H 172 -33.53 24.71 -17.51
N VAL H 173 -33.85 25.41 -18.60
CA VAL H 173 -33.00 25.49 -19.77
C VAL H 173 -32.68 26.94 -20.05
N ASP H 174 -31.39 27.27 -20.06
CA ASP H 174 -30.93 28.63 -20.36
C ASP H 174 -30.31 28.60 -21.74
N VAL H 175 -30.60 29.62 -22.54
CA VAL H 175 -30.07 29.69 -23.88
C VAL H 175 -29.47 31.06 -24.20
N CYS H 176 -28.55 31.07 -25.15
CA CYS H 176 -27.92 32.30 -25.61
C CYS H 176 -27.67 32.15 -27.10
N VAL H 177 -28.32 33.01 -27.88
CA VAL H 177 -28.19 32.95 -29.33
C VAL H 177 -27.23 34.02 -29.84
N MET H 178 -26.22 33.60 -30.59
CA MET H 178 -25.25 34.53 -31.15
C MET H 178 -25.28 34.46 -32.66
N GLU H 179 -26.03 35.38 -33.26
CA GLU H 179 -26.14 35.43 -34.71
C GLU H 179 -25.08 36.39 -35.25
N ILE H 180 -24.46 36.00 -36.36
CA ILE H 180 -23.39 36.78 -36.98
C ILE H 180 -23.59 38.28 -37.13
N GLY H 181 -24.78 38.72 -37.50
CA GLY H 181 -24.93 40.15 -37.67
C GLY H 181 -25.38 40.95 -36.47
N LYS H 182 -26.15 40.30 -35.60
CA LYS H 182 -26.72 40.98 -34.45
C LYS H 182 -26.01 40.85 -33.10
N ASP H 183 -26.67 41.35 -32.06
CA ASP H 183 -26.19 41.29 -30.69
C ASP H 183 -26.48 39.89 -30.18
N ALA H 184 -25.67 39.40 -29.25
CA ALA H 184 -25.93 38.08 -28.70
C ALA H 184 -27.17 38.22 -27.83
N GLU H 185 -28.07 37.24 -27.87
CA GLU H 185 -29.23 37.35 -27.00
C GLU H 185 -29.37 36.24 -25.97
N TYR H 186 -29.12 36.63 -24.73
CA TYR H 186 -29.17 35.75 -23.58
C TYR H 186 -30.62 35.53 -23.17
N LEU H 187 -31.05 34.27 -23.25
CA LEU H 187 -32.42 33.92 -22.90
C LEU H 187 -32.48 33.12 -21.62
N ARG H 188 -32.32 33.80 -20.49
CA ARG H 188 -32.36 33.14 -19.18
C ARG H 188 -33.70 32.44 -18.94
N ASN H 189 -33.64 31.21 -18.45
CA ASN H 189 -34.84 30.41 -18.19
C ASN H 189 -35.74 30.33 -19.41
N TYR H 190 -35.11 30.04 -20.55
CA TYR H 190 -35.82 29.91 -21.81
C TYR H 190 -36.92 28.87 -21.64
N LEU H 191 -36.64 27.86 -20.83
CA LEU H 191 -37.58 26.79 -20.52
C LEU H 191 -37.65 26.57 -19.00
N THR H 192 -38.83 26.35 -18.47
CA THR H 192 -39.01 26.13 -17.04
C THR H 192 -40.07 25.04 -16.81
N PRO H 193 -39.72 23.79 -17.14
CA PRO H 193 -40.62 22.64 -16.99
C PRO H 193 -40.61 21.94 -15.64
N ASN H 194 -40.01 22.56 -14.63
CA ASN H 194 -39.95 21.92 -13.31
C ASN H 194 -40.41 22.78 -12.16
N VAL H 195 -41.69 23.18 -12.18
CA VAL H 195 -42.26 24.01 -11.12
C VAL H 195 -42.78 23.12 -9.99
N ARG H 196 -42.34 23.38 -8.77
CA ARG H 196 -42.77 22.60 -7.61
C ARG H 196 -44.26 22.83 -7.39
N GLU H 197 -45.02 21.75 -7.21
CA GLU H 197 -46.45 21.88 -6.98
C GLU H 197 -46.69 22.64 -5.69
N GLU H 198 -47.88 23.22 -5.56
CA GLU H 198 -48.22 23.96 -4.37
C GLU H 198 -48.21 22.97 -3.21
N LYS H 199 -47.51 23.32 -2.14
CA LYS H 199 -47.43 22.42 -1.00
C LYS H 199 -48.81 22.15 -0.41
N GLN H 200 -48.92 20.99 0.22
CA GLN H 200 -50.16 20.53 0.82
C GLN H 200 -50.62 21.30 2.06
N LYS H 201 -49.71 22.08 2.64
CA LYS H 201 -50.02 22.80 3.86
C LYS H 201 -49.04 23.95 4.03
N SER H 202 -49.39 24.93 4.84
CA SER H 202 -48.49 26.05 5.08
C SER H 202 -47.79 25.79 6.41
N TYR H 203 -46.48 26.04 6.46
CA TYR H 203 -45.75 25.78 7.69
C TYR H 203 -45.36 27.04 8.42
N LYS H 204 -46.13 28.09 8.15
CA LYS H 204 -45.94 29.38 8.79
C LYS H 204 -46.30 29.13 10.27
N PHE H 205 -45.34 29.35 11.16
CA PHE H 205 -45.53 29.13 12.59
C PHE H 205 -46.26 30.29 13.23
N PRO H 206 -46.98 30.02 14.33
CA PRO H 206 -47.69 31.12 14.99
C PRO H 206 -46.61 31.86 15.81
N ARG H 207 -46.64 33.19 15.79
CA ARG H 207 -45.66 33.97 16.51
C ARG H 207 -45.60 33.55 17.96
N GLY H 208 -44.38 33.49 18.49
CA GLY H 208 -44.20 33.10 19.88
C GLY H 208 -43.91 31.61 20.00
N THR H 209 -43.94 30.89 18.89
CA THR H 209 -43.68 29.45 18.90
C THR H 209 -42.26 29.12 19.32
N THR H 210 -41.33 30.03 19.08
CA THR H 210 -39.92 29.81 19.42
C THR H 210 -39.58 30.42 20.78
N ALA H 211 -38.82 29.67 21.58
CA ALA H 211 -38.42 30.15 22.90
C ALA H 211 -37.15 30.99 22.81
N VAL H 212 -37.23 32.22 23.28
CA VAL H 212 -36.10 33.14 23.23
C VAL H 212 -35.51 33.36 24.62
N LEU H 213 -34.19 33.32 24.72
CA LEU H 213 -33.54 33.52 26.02
C LEU H 213 -33.17 34.98 26.28
N LYS H 214 -32.71 35.68 25.25
CA LYS H 214 -32.30 37.07 25.41
C LYS H 214 -32.48 37.84 24.10
N GLU H 215 -32.81 39.11 24.20
CA GLU H 215 -33.03 39.92 23.01
C GLU H 215 -32.31 41.25 23.15
N SER H 216 -31.86 41.80 22.02
CA SER H 216 -31.16 43.08 22.02
C SER H 216 -31.11 43.65 20.62
N ILE H 217 -30.85 44.95 20.51
CA ILE H 217 -30.77 45.60 19.22
C ILE H 217 -29.30 45.79 18.89
N VAL H 218 -28.93 45.47 17.66
CA VAL H 218 -27.55 45.59 17.21
C VAL H 218 -27.30 46.96 16.61
N ASN H 219 -26.13 47.51 16.89
CA ASN H 219 -25.77 48.83 16.37
C ASN H 219 -24.94 48.71 15.09
N ILE H 220 -25.57 49.07 13.97
CA ILE H 220 -24.93 49.02 12.65
C ILE H 220 -24.35 50.38 12.29
N CYS H 221 -24.97 51.44 12.82
CA CYS H 221 -24.52 52.80 12.55
C CYS H 221 -23.24 53.08 13.33
N ASP H 222 -22.20 53.51 12.60
CA ASP H 222 -20.91 53.80 13.24
C ASP H 222 -20.92 55.14 13.98
N SER I 1 -9.80 14.23 10.77
CA SER I 1 -9.59 14.02 9.30
C SER I 1 -10.19 15.16 8.48
N ASP I 2 -11.50 15.10 8.24
CA ASP I 2 -12.19 16.13 7.48
C ASP I 2 -12.18 17.41 8.29
N PRO I 3 -11.40 18.41 7.85
CA PRO I 3 -11.28 19.71 8.52
C PRO I 3 -12.63 20.37 8.82
N SER I 4 -13.61 20.09 7.98
CA SER I 4 -14.94 20.68 8.13
C SER I 4 -15.82 19.95 9.13
N SER I 5 -15.28 18.88 9.74
CA SER I 5 -16.04 18.11 10.71
C SER I 5 -15.31 17.99 12.03
N ILE I 6 -14.39 18.91 12.30
CA ILE I 6 -13.63 18.87 13.53
C ILE I 6 -14.30 19.70 14.62
N ASN I 7 -14.68 20.92 14.27
CA ASN I 7 -15.30 21.84 15.22
C ASN I 7 -16.83 21.82 15.21
N GLY I 8 -17.43 21.54 14.05
CA GLY I 8 -18.87 21.49 13.94
C GLY I 8 -19.50 22.87 13.85
N GLY I 9 -20.81 22.93 13.67
CA GLY I 9 -21.47 24.21 13.58
C GLY I 9 -22.26 24.39 12.29
N ILE I 10 -23.22 25.30 12.32
CA ILE I 10 -24.06 25.58 11.16
C ILE I 10 -24.48 27.03 11.09
N VAL I 11 -24.84 27.47 9.89
CA VAL I 11 -25.30 28.83 9.63
C VAL I 11 -26.42 28.70 8.60
N VAL I 12 -27.40 29.60 8.64
CA VAL I 12 -28.49 29.58 7.68
C VAL I 12 -28.96 31.02 7.43
N ALA I 13 -29.30 31.34 6.19
CA ALA I 13 -29.77 32.68 5.87
C ALA I 13 -31.03 32.60 5.02
N MET I 14 -31.96 33.51 5.30
CA MET I 14 -33.24 33.56 4.58
C MET I 14 -33.65 34.98 4.25
N THR I 15 -34.44 35.13 3.19
CA THR I 15 -34.92 36.45 2.80
C THR I 15 -36.41 36.53 3.11
N GLY I 16 -36.84 37.70 3.53
CA GLY I 16 -38.24 37.91 3.84
C GLY I 16 -38.65 39.23 3.22
N LYS I 17 -39.86 39.70 3.56
CA LYS I 17 -40.38 40.95 3.01
C LYS I 17 -39.58 42.16 3.52
N ASP I 18 -38.71 42.66 2.67
CA ASP I 18 -37.88 43.82 3.01
C ASP I 18 -36.97 43.53 4.19
N CYS I 19 -36.52 42.29 4.30
CA CYS I 19 -35.65 41.90 5.39
C CYS I 19 -34.93 40.60 5.07
N VAL I 20 -33.85 40.34 5.80
CA VAL I 20 -33.09 39.12 5.65
C VAL I 20 -32.81 38.67 7.07
N ALA I 21 -32.57 37.38 7.24
CA ALA I 21 -32.27 36.83 8.55
C ALA I 21 -31.10 35.87 8.42
N ILE I 22 -30.27 35.80 9.44
CA ILE I 22 -29.15 34.89 9.42
C ILE I 22 -28.95 34.38 10.84
N ALA I 23 -28.81 33.06 10.98
CA ALA I 23 -28.64 32.46 12.31
C ALA I 23 -27.54 31.41 12.34
N CYS I 24 -27.07 31.11 13.54
CA CYS I 24 -26.01 30.13 13.71
C CYS I 24 -26.08 29.53 15.11
N ASP I 25 -25.51 28.32 15.27
CA ASP I 25 -25.48 27.68 16.58
C ASP I 25 -24.30 28.29 17.32
N LEU I 26 -24.01 27.83 18.54
CA LEU I 26 -22.91 28.42 19.29
C LEU I 26 -21.82 27.43 19.68
N ARG I 27 -21.92 26.21 19.16
CA ARG I 27 -20.96 25.18 19.48
C ARG I 27 -19.60 25.28 18.81
N LEU I 28 -18.59 24.84 19.55
CA LEU I 28 -17.21 24.78 19.09
C LEU I 28 -16.74 23.54 19.82
N GLY I 29 -16.51 22.46 19.08
CA GLY I 29 -16.05 21.26 19.74
C GLY I 29 -14.73 20.81 19.16
N SER I 30 -14.24 19.71 19.69
CA SER I 30 -13.02 19.10 19.22
C SER I 30 -13.44 17.63 19.16
N GLN I 31 -14.02 17.25 18.02
CA GLN I 31 -14.53 15.91 17.83
C GLN I 31 -15.78 15.81 18.71
N SER I 32 -15.88 14.72 19.45
CA SER I 32 -17.00 14.47 20.34
C SER I 32 -17.08 15.50 21.47
N LEU I 33 -15.92 15.93 21.94
CA LEU I 33 -15.82 16.89 23.05
C LEU I 33 -16.32 18.31 22.79
N GLY I 34 -17.34 18.72 23.53
CA GLY I 34 -17.85 20.08 23.40
C GLY I 34 -16.87 20.98 24.14
N VAL I 35 -16.39 22.03 23.48
CA VAL I 35 -15.41 22.93 24.10
C VAL I 35 -15.94 24.30 24.46
N SER I 36 -16.84 24.84 23.64
CA SER I 36 -17.39 26.16 23.92
C SER I 36 -18.82 26.32 23.42
N ASN I 37 -19.60 27.09 24.16
CA ASN I 37 -21.00 27.33 23.83
C ASN I 37 -21.20 28.81 23.56
N LYS I 38 -20.12 29.47 23.17
CA LYS I 38 -20.18 30.89 22.88
C LYS I 38 -19.50 31.25 21.57
N PHE I 39 -19.15 30.24 20.80
CA PHE I 39 -18.48 30.49 19.53
C PHE I 39 -19.51 30.91 18.50
N GLU I 40 -19.76 32.22 18.42
CA GLU I 40 -20.71 32.72 17.45
C GLU I 40 -20.05 32.67 16.08
N LYS I 41 -20.83 32.40 15.05
CA LYS I 41 -20.29 32.28 13.71
C LYS I 41 -20.79 33.37 12.79
N ILE I 42 -21.36 34.42 13.36
CA ILE I 42 -21.87 35.52 12.56
C ILE I 42 -21.17 36.84 12.92
N PHE I 43 -20.70 37.53 11.88
CA PHE I 43 -20.02 38.81 12.05
C PHE I 43 -20.64 39.79 11.08
N HIS I 44 -20.29 41.06 11.22
CA HIS I 44 -20.81 42.06 10.31
C HIS I 44 -19.80 43.19 10.13
N TYR I 45 -19.80 43.75 8.93
CA TYR I 45 -18.91 44.85 8.58
C TYR I 45 -19.88 45.86 8.01
N GLY I 46 -20.15 46.91 8.79
CA GLY I 46 -21.12 47.90 8.34
C GLY I 46 -22.48 47.23 8.49
N HIS I 47 -23.25 47.21 7.40
CA HIS I 47 -24.57 46.59 7.43
C HIS I 47 -24.58 45.25 6.70
N VAL I 48 -23.40 44.70 6.42
CA VAL I 48 -23.31 43.42 5.74
C VAL I 48 -22.93 42.34 6.75
N PHE I 49 -23.69 41.26 6.80
CA PHE I 49 -23.41 40.19 7.75
C PHE I 49 -22.76 38.99 7.09
N LEU I 50 -21.85 38.35 7.81
CA LEU I 50 -21.15 37.18 7.31
C LEU I 50 -21.14 36.03 8.32
N GLY I 51 -21.68 34.89 7.89
CA GLY I 51 -21.68 33.71 8.75
C GLY I 51 -20.61 32.77 8.20
N ILE I 52 -19.82 32.15 9.05
CA ILE I 52 -18.79 31.25 8.55
C ILE I 52 -18.77 29.94 9.32
N THR I 53 -19.01 28.82 8.63
CA THR I 53 -18.95 27.49 9.28
C THR I 53 -17.63 26.82 8.87
N GLY I 54 -17.28 25.74 9.53
CA GLY I 54 -16.06 25.04 9.17
C GLY I 54 -15.01 24.99 10.27
N LEU I 55 -13.74 24.92 9.88
CA LEU I 55 -12.62 24.89 10.83
C LEU I 55 -12.59 26.24 11.56
N ALA I 56 -12.76 26.19 12.88
CA ALA I 56 -12.81 27.40 13.71
C ALA I 56 -11.66 28.37 13.48
N THR I 57 -10.43 27.86 13.50
CA THR I 57 -9.30 28.75 13.29
C THR I 57 -9.46 29.59 12.01
N ASP I 58 -9.96 28.96 10.95
CA ASP I 58 -10.18 29.64 9.69
C ASP I 58 -11.35 30.61 9.79
N VAL I 59 -12.39 30.22 10.54
CA VAL I 59 -13.54 31.08 10.73
C VAL I 59 -13.03 32.38 11.35
N THR I 60 -12.20 32.23 12.38
CA THR I 60 -11.62 33.39 13.06
C THR I 60 -10.75 34.18 12.09
N THR I 61 -9.82 33.49 11.42
CA THR I 61 -8.92 34.14 10.48
C THR I 61 -9.65 34.91 9.38
N LEU I 62 -10.68 34.30 8.79
CA LEU I 62 -11.43 34.99 7.73
C LEU I 62 -12.12 36.24 8.28
N ASN I 63 -12.73 36.14 9.45
CA ASN I 63 -13.39 37.31 10.00
C ASN I 63 -12.38 38.44 10.17
N GLU I 64 -11.21 38.13 10.74
CA GLU I 64 -10.19 39.15 10.95
C GLU I 64 -9.73 39.75 9.62
N MET I 65 -9.74 38.93 8.57
CA MET I 65 -9.33 39.38 7.25
C MET I 65 -10.35 40.32 6.62
N PHE I 66 -11.61 39.91 6.66
CA PHE I 66 -12.65 40.74 6.07
C PHE I 66 -12.85 42.04 6.82
N ARG I 67 -12.57 42.04 8.11
CA ARG I 67 -12.68 43.28 8.87
C ARG I 67 -11.63 44.20 8.27
N TYR I 68 -10.41 43.71 8.19
CA TYR I 68 -9.27 44.43 7.63
C TYR I 68 -9.61 45.01 6.24
N LYS I 69 -10.07 44.15 5.34
CA LYS I 69 -10.40 44.59 4.00
C LYS I 69 -11.56 45.57 3.95
N THR I 70 -12.63 45.30 4.69
CA THR I 70 -13.76 46.22 4.67
C THR I 70 -13.40 47.55 5.32
N ASN I 71 -12.48 47.54 6.27
CA ASN I 71 -12.07 48.78 6.89
C ASN I 71 -11.38 49.69 5.88
N LEU I 72 -10.39 49.14 5.18
CA LEU I 72 -9.65 49.88 4.18
C LEU I 72 -10.56 50.30 3.04
N TYR I 73 -11.51 49.44 2.72
CA TYR I 73 -12.45 49.73 1.65
C TYR I 73 -13.23 51.00 1.97
N LYS I 74 -13.74 51.08 3.19
CA LYS I 74 -14.51 52.24 3.62
C LYS I 74 -13.65 53.50 3.60
N LEU I 75 -12.40 53.37 4.00
CA LEU I 75 -11.49 54.50 4.02
C LEU I 75 -11.27 55.07 2.62
N LYS I 76 -11.14 54.20 1.62
CA LYS I 76 -10.91 54.65 0.24
C LYS I 76 -12.18 55.01 -0.49
N GLU I 77 -13.16 54.11 -0.43
CA GLU I 77 -14.43 54.32 -1.12
C GLU I 77 -15.23 55.39 -0.40
N GLU I 78 -14.96 55.57 0.89
CA GLU I 78 -15.68 56.53 1.70
C GLU I 78 -17.16 56.18 1.82
N ARG I 79 -17.44 54.88 1.84
CA ARG I 79 -18.79 54.39 1.99
C ARG I 79 -18.69 52.93 2.40
N ALA I 80 -19.65 52.44 3.17
CA ALA I 80 -19.64 51.06 3.62
C ALA I 80 -19.91 50.14 2.43
N ILE I 81 -19.22 49.01 2.40
CA ILE I 81 -19.37 48.06 1.32
C ILE I 81 -20.79 47.47 1.30
N GLU I 82 -21.26 47.09 0.12
CA GLU I 82 -22.59 46.51 -0.04
C GLU I 82 -22.54 44.98 -0.10
N PRO I 83 -23.68 44.32 0.14
CA PRO I 83 -23.76 42.85 0.11
C PRO I 83 -23.17 42.26 -1.17
N GLU I 84 -23.68 42.71 -2.32
CA GLU I 84 -23.24 42.22 -3.62
C GLU I 84 -21.71 42.33 -3.80
N THR I 85 -21.17 43.50 -3.47
CA THR I 85 -19.74 43.75 -3.62
C THR I 85 -18.95 42.87 -2.66
N PHE I 86 -19.43 42.80 -1.42
CA PHE I 86 -18.75 42.00 -0.41
C PHE I 86 -18.71 40.54 -0.84
N THR I 87 -19.79 40.07 -1.43
CA THR I 87 -19.86 38.68 -1.88
C THR I 87 -18.72 38.44 -2.85
N GLN I 88 -18.52 39.38 -3.77
CA GLN I 88 -17.46 39.25 -4.76
C GLN I 88 -16.10 39.25 -4.08
N LEU I 89 -15.97 40.07 -3.05
CA LEU I 89 -14.72 40.14 -2.32
C LEU I 89 -14.44 38.81 -1.63
N VAL I 90 -15.49 38.24 -1.02
CA VAL I 90 -15.35 36.97 -0.33
C VAL I 90 -14.93 35.91 -1.34
N SER I 91 -15.61 35.91 -2.47
CA SER I 91 -15.34 34.96 -3.53
C SER I 91 -13.88 35.00 -4.01
N SER I 92 -13.42 36.17 -4.45
CA SER I 92 -12.05 36.30 -4.93
C SER I 92 -11.04 35.98 -3.82
N SER I 93 -11.32 36.45 -2.60
CA SER I 93 -10.41 36.20 -1.50
C SER I 93 -10.22 34.69 -1.31
N LEU I 94 -11.32 33.95 -1.39
CA LEU I 94 -11.25 32.50 -1.22
C LEU I 94 -10.48 31.82 -2.35
N TYR I 95 -10.80 32.17 -3.59
CA TYR I 95 -10.14 31.56 -4.74
C TYR I 95 -8.65 31.87 -4.78
N GLU I 96 -8.25 32.89 -4.05
CA GLU I 96 -6.86 33.25 -4.03
C GLU I 96 -6.06 32.16 -3.34
N ARG I 97 -6.76 31.27 -2.65
CA ARG I 97 -6.12 30.17 -1.94
C ARG I 97 -6.58 28.86 -2.53
N ARG I 98 -6.87 28.90 -3.83
CA ARG I 98 -7.37 27.74 -4.58
C ARG I 98 -6.74 26.39 -4.25
N PHE I 99 -5.42 26.35 -4.09
CA PHE I 99 -4.73 25.10 -3.81
C PHE I 99 -4.17 24.99 -2.39
N GLY I 100 -5.00 25.35 -1.42
CA GLY I 100 -4.62 25.31 -0.02
C GLY I 100 -5.62 26.24 0.61
N PRO I 101 -6.91 25.96 0.38
CA PRO I 101 -8.05 26.73 0.88
C PRO I 101 -8.33 26.72 2.36
N TYR I 102 -9.16 27.67 2.74
CA TYR I 102 -9.61 27.77 4.12
C TYR I 102 -10.76 26.78 4.13
N PHE I 103 -10.89 26.01 5.20
CA PHE I 103 -11.96 25.04 5.26
C PHE I 103 -13.18 25.67 5.91
N VAL I 104 -13.85 26.51 5.14
CA VAL I 104 -15.02 27.24 5.60
C VAL I 104 -16.18 27.20 4.61
N GLY I 105 -17.35 27.57 5.09
CA GLY I 105 -18.54 27.60 4.25
C GLY I 105 -19.21 28.93 4.56
N PRO I 106 -18.77 30.02 3.92
CA PRO I 106 -19.30 31.37 4.12
C PRO I 106 -20.74 31.63 3.63
N VAL I 107 -21.42 32.54 4.33
CA VAL I 107 -22.78 32.92 3.99
C VAL I 107 -22.88 34.44 4.16
N VAL I 108 -23.37 35.14 3.14
CA VAL I 108 -23.50 36.59 3.21
C VAL I 108 -24.96 37.00 3.25
N ALA I 109 -25.30 37.92 4.15
CA ALA I 109 -26.66 38.44 4.28
C ALA I 109 -26.67 39.93 4.55
N GLY I 110 -27.61 40.63 3.94
CA GLY I 110 -27.72 42.07 4.13
C GLY I 110 -28.70 42.70 3.16
N ILE I 111 -28.94 43.99 3.36
CA ILE I 111 -29.86 44.73 2.51
C ILE I 111 -29.08 45.85 1.84
N ASN I 112 -29.22 45.98 0.52
CA ASN I 112 -28.53 47.02 -0.22
C ASN I 112 -28.99 48.41 0.22
N SER I 113 -28.08 49.18 0.81
CA SER I 113 -28.41 50.51 1.29
C SER I 113 -29.03 51.44 0.23
N LYS I 114 -28.65 51.24 -1.04
CA LYS I 114 -29.17 52.09 -2.11
C LYS I 114 -30.47 51.55 -2.72
N SER I 115 -30.50 50.26 -3.04
CA SER I 115 -31.69 49.65 -3.64
C SER I 115 -32.69 49.14 -2.60
N GLY I 116 -32.21 48.89 -1.38
CA GLY I 116 -33.08 48.39 -0.32
C GLY I 116 -33.45 46.93 -0.52
N LYS I 117 -32.93 46.32 -1.57
CA LYS I 117 -33.21 44.93 -1.90
C LYS I 117 -32.50 43.93 -0.98
N PRO I 118 -33.23 42.95 -0.44
CA PRO I 118 -32.67 41.92 0.44
C PRO I 118 -31.72 41.02 -0.33
N PHE I 119 -30.59 40.66 0.27
CA PHE I 119 -29.58 39.83 -0.41
C PHE I 119 -28.91 38.78 0.49
N ILE I 120 -28.73 37.58 -0.07
CA ILE I 120 -28.07 36.46 0.62
C ILE I 120 -27.27 35.63 -0.38
N ALA I 121 -26.15 35.08 0.07
CA ALA I 121 -25.32 34.24 -0.80
C ALA I 121 -24.45 33.27 0.00
N GLY I 122 -24.10 32.15 -0.63
CA GLY I 122 -23.26 31.16 0.01
C GLY I 122 -22.09 30.83 -0.90
N PHE I 123 -21.01 30.25 -0.36
CA PHE I 123 -19.85 29.90 -1.17
C PHE I 123 -19.24 28.60 -0.70
N ASP I 124 -18.50 27.93 -1.57
CA ASP I 124 -17.81 26.71 -1.16
C ASP I 124 -16.41 27.14 -0.71
N LEU I 125 -15.64 26.23 -0.12
CA LEU I 125 -14.32 26.59 0.38
C LEU I 125 -13.39 27.30 -0.59
N ILE I 126 -13.65 27.23 -1.90
CA ILE I 126 -12.77 27.93 -2.83
C ILE I 126 -13.41 29.11 -3.55
N GLY I 127 -14.55 29.58 -3.05
CA GLY I 127 -15.16 30.75 -3.65
C GLY I 127 -16.38 30.66 -4.56
N CYS I 128 -16.75 29.47 -5.03
CA CYS I 128 -17.91 29.39 -5.92
C CYS I 128 -19.15 29.98 -5.24
N ILE I 129 -19.72 31.00 -5.87
CA ILE I 129 -20.89 31.69 -5.31
C ILE I 129 -22.22 31.06 -5.68
N ASP I 130 -23.06 30.88 -4.66
CA ASP I 130 -24.40 30.33 -4.81
C ASP I 130 -25.30 31.49 -4.41
N GLU I 131 -26.03 32.04 -5.37
CA GLU I 131 -26.90 33.17 -5.04
C GLU I 131 -28.37 32.80 -5.15
N ALA I 132 -28.88 32.17 -4.10
CA ALA I 132 -30.27 31.78 -4.08
C ALA I 132 -31.02 32.93 -3.41
N LYS I 133 -32.27 33.12 -3.84
CA LYS I 133 -33.11 34.18 -3.29
C LYS I 133 -33.74 33.78 -1.95
N ASP I 134 -34.16 32.52 -1.86
CA ASP I 134 -34.83 32.04 -0.65
C ASP I 134 -33.93 31.84 0.57
N PHE I 135 -33.07 30.84 0.52
CA PHE I 135 -32.21 30.55 1.65
C PHE I 135 -30.86 29.97 1.28
N ILE I 136 -29.94 30.04 2.24
CA ILE I 136 -28.58 29.51 2.09
C ILE I 136 -28.26 28.76 3.38
N VAL I 137 -27.77 27.54 3.25
CA VAL I 137 -27.43 26.73 4.42
C VAL I 137 -25.96 26.35 4.40
N SER I 138 -25.39 26.11 5.57
CA SER I 138 -23.98 25.74 5.67
C SER I 138 -23.69 25.03 6.97
N GLY I 139 -22.74 24.10 6.96
CA GLY I 139 -22.39 23.42 8.19
C GLY I 139 -22.59 21.92 8.25
N THR I 140 -22.19 21.33 9.37
CA THR I 140 -22.27 19.89 9.59
C THR I 140 -23.68 19.32 9.57
N ALA I 141 -24.68 20.21 9.51
CA ALA I 141 -26.08 19.77 9.48
C ALA I 141 -26.79 20.45 8.30
N SER I 142 -26.06 20.64 7.21
CA SER I 142 -26.60 21.28 6.03
C SER I 142 -27.72 20.45 5.37
N ASP I 143 -27.56 19.13 5.37
CA ASP I 143 -28.58 18.27 4.78
C ASP I 143 -29.88 18.51 5.55
N GLN I 144 -29.79 18.48 6.87
CA GLN I 144 -30.96 18.70 7.70
C GLN I 144 -31.54 20.08 7.43
N LEU I 145 -30.66 21.08 7.34
CA LEU I 145 -31.08 22.45 7.05
C LEU I 145 -31.81 22.57 5.71
N PHE I 146 -31.29 21.93 4.67
CA PHE I 146 -31.94 21.96 3.36
C PHE I 146 -33.34 21.42 3.53
N GLY I 147 -33.44 20.29 4.23
CA GLY I 147 -34.72 19.66 4.47
C GLY I 147 -35.69 20.58 5.18
N MET I 148 -35.23 21.19 6.28
CA MET I 148 -36.09 22.10 7.03
C MET I 148 -36.53 23.26 6.15
N CYS I 149 -35.54 23.98 5.63
CA CYS I 149 -35.80 25.13 4.78
C CYS I 149 -36.74 24.86 3.61
N GLU I 150 -36.54 23.76 2.90
CA GLU I 150 -37.37 23.45 1.75
C GLU I 150 -38.85 23.31 2.11
N SER I 151 -39.12 22.78 3.29
CA SER I 151 -40.50 22.59 3.73
C SER I 151 -41.07 23.83 4.41
N LEU I 152 -40.33 24.39 5.36
CA LEU I 152 -40.78 25.56 6.10
C LEU I 152 -40.87 26.88 5.35
N TYR I 153 -39.91 27.14 4.47
CA TYR I 153 -39.88 28.42 3.75
C TYR I 153 -41.01 28.77 2.81
N GLU I 154 -41.29 30.06 2.75
CA GLU I 154 -42.28 30.65 1.86
C GLU I 154 -41.82 32.10 1.70
N PRO I 155 -41.99 32.68 0.50
CA PRO I 155 -41.61 34.05 0.15
C PRO I 155 -42.23 35.19 0.96
N ASN I 156 -41.54 36.33 0.94
CA ASN I 156 -41.98 37.56 1.59
C ASN I 156 -42.55 37.46 2.99
N LEU I 157 -41.90 36.70 3.87
CA LEU I 157 -42.40 36.61 5.22
C LEU I 157 -42.08 37.91 5.95
N GLU I 158 -42.98 38.36 6.81
CA GLU I 158 -42.75 39.56 7.57
C GLU I 158 -41.66 39.24 8.59
N PRO I 159 -40.89 40.25 9.02
CA PRO I 159 -39.81 40.05 10.00
C PRO I 159 -40.17 39.12 11.17
N GLU I 160 -41.32 39.35 11.79
CA GLU I 160 -41.76 38.55 12.95
C GLU I 160 -42.01 37.09 12.61
N ASP I 161 -42.40 36.84 11.37
CA ASP I 161 -42.67 35.48 10.93
C ASP I 161 -41.38 34.80 10.49
N LEU I 162 -40.54 35.54 9.78
CA LEU I 162 -39.27 35.00 9.31
C LEU I 162 -38.48 34.49 10.50
N PHE I 163 -38.54 35.22 11.60
CA PHE I 163 -37.83 34.80 12.79
C PHE I 163 -38.26 33.39 13.21
N GLU I 164 -39.57 33.17 13.31
CA GLU I 164 -40.08 31.86 13.71
C GLU I 164 -39.59 30.80 12.74
N THR I 165 -39.68 31.09 11.45
CA THR I 165 -39.27 30.16 10.41
C THR I 165 -37.78 29.81 10.45
N ILE I 166 -36.92 30.82 10.42
CA ILE I 166 -35.50 30.52 10.44
C ILE I 166 -35.11 29.82 11.74
N SER I 167 -35.71 30.22 12.85
CA SER I 167 -35.39 29.63 14.16
C SER I 167 -35.74 28.16 14.24
N GLN I 168 -36.90 27.81 13.70
CA GLN I 168 -37.35 26.44 13.70
C GLN I 168 -36.47 25.61 12.79
N ALA I 169 -36.02 26.22 11.70
CA ALA I 169 -35.17 25.53 10.74
C ALA I 169 -33.83 25.22 11.39
N LEU I 170 -33.25 26.22 12.04
CA LEU I 170 -31.97 26.04 12.72
C LEU I 170 -32.08 25.03 13.85
N LEU I 171 -33.00 25.27 14.78
CA LEU I 171 -33.24 24.41 15.94
C LEU I 171 -33.46 22.93 15.65
N ASN I 172 -34.35 22.62 14.72
CA ASN I 172 -34.64 21.23 14.40
C ASN I 172 -33.55 20.52 13.61
N ALA I 173 -32.74 21.29 12.90
CA ALA I 173 -31.65 20.70 12.14
C ALA I 173 -30.55 20.34 13.14
N ALA I 174 -30.15 21.33 13.95
CA ALA I 174 -29.10 21.15 14.94
C ALA I 174 -29.38 19.99 15.90
N ASP I 175 -30.66 19.71 16.12
CA ASP I 175 -31.01 18.64 17.03
C ASP I 175 -30.78 17.26 16.43
N ARG I 176 -30.56 17.21 15.12
CA ARG I 176 -30.30 15.94 14.44
C ARG I 176 -28.82 15.84 14.09
N ASP I 177 -28.05 16.82 14.53
CA ASP I 177 -26.62 16.84 14.27
C ASP I 177 -25.86 16.78 15.58
N ALA I 178 -24.99 15.79 15.69
CA ALA I 178 -24.18 15.61 16.88
C ALA I 178 -23.16 16.74 17.08
N LEU I 179 -22.81 17.43 16.00
CA LEU I 179 -21.82 18.50 16.10
C LEU I 179 -22.37 19.93 16.09
N SER I 180 -23.68 20.05 16.22
CA SER I 180 -24.33 21.37 16.23
C SER I 180 -25.24 21.55 17.43
N GLY I 181 -25.42 22.81 17.82
CA GLY I 181 -26.27 23.14 18.96
C GLY I 181 -25.54 23.91 20.04
N TRP I 182 -25.85 23.58 21.30
CA TRP I 182 -25.24 24.24 22.45
C TRP I 182 -25.52 25.73 22.46
N GLY I 183 -26.67 26.10 21.93
CA GLY I 183 -27.03 27.50 21.88
C GLY I 183 -27.20 27.95 20.45
N ALA I 184 -27.92 29.05 20.25
CA ALA I 184 -28.16 29.56 18.92
C ALA I 184 -28.51 31.03 18.99
N VAL I 185 -28.10 31.78 17.96
CA VAL I 185 -28.39 33.19 17.89
C VAL I 185 -29.03 33.48 16.52
N VAL I 186 -30.04 34.34 16.50
CA VAL I 186 -30.73 34.69 15.26
C VAL I 186 -30.73 36.20 15.05
N TYR I 187 -30.42 36.60 13.82
CA TYR I 187 -30.38 38.02 13.48
C TYR I 187 -31.49 38.33 12.49
N ILE I 188 -32.31 39.33 12.80
CA ILE I 188 -33.37 39.76 11.89
C ILE I 188 -32.90 41.14 11.44
N ILE I 189 -32.75 41.31 10.14
CA ILE I 189 -32.23 42.55 9.58
C ILE I 189 -33.20 43.29 8.66
N LYS I 190 -33.46 44.56 9.00
CA LYS I 190 -34.34 45.44 8.24
C LYS I 190 -33.53 46.68 7.88
N LYS I 191 -33.95 47.41 6.85
CA LYS I 191 -33.22 48.62 6.43
C LYS I 191 -32.84 49.56 7.57
N ASP I 192 -33.73 49.71 8.54
CA ASP I 192 -33.52 50.61 9.66
C ASP I 192 -32.97 49.98 10.94
N GLU I 193 -33.42 48.78 11.30
CA GLU I 193 -32.92 48.15 12.53
C GLU I 193 -32.55 46.67 12.41
N VAL I 194 -31.65 46.26 13.31
CA VAL I 194 -31.18 44.89 13.37
C VAL I 194 -31.36 44.35 14.80
N VAL I 195 -32.14 43.28 14.93
CA VAL I 195 -32.40 42.67 16.23
C VAL I 195 -31.70 41.32 16.35
N LYS I 196 -31.13 41.06 17.51
CA LYS I 196 -30.41 39.83 17.78
C LYS I 196 -31.04 39.06 18.95
N ARG I 197 -31.45 37.83 18.70
CA ARG I 197 -32.07 37.02 19.74
C ARG I 197 -31.36 35.69 19.94
N TYR I 198 -31.13 35.32 21.21
CA TYR I 198 -30.51 34.03 21.53
C TYR I 198 -31.67 33.09 21.78
N LEU I 199 -31.63 31.92 21.17
CA LEU I 199 -32.70 30.93 21.31
C LEU I 199 -32.45 29.95 22.44
N LYS I 200 -33.52 29.29 22.89
CA LYS I 200 -33.43 28.31 23.97
C LYS I 200 -33.55 26.93 23.33
N MET I 201 -32.54 26.09 23.55
CA MET I 201 -32.54 24.75 22.98
C MET I 201 -31.85 23.77 23.91
N ARG I 202 -32.01 22.47 23.65
CA ARG I 202 -31.38 21.46 24.48
C ARG I 202 -29.87 21.68 24.50
N GLN I 203 -29.21 21.20 25.55
CA GLN I 203 -27.76 21.36 25.67
C GLN I 203 -27.00 20.04 25.69
N ASP I 204 -27.48 19.06 24.93
CA ASP I 204 -26.83 17.75 24.87
C ASP I 204 -26.25 17.38 23.49
N MET J 1 -0.42 12.67 26.06
CA MET J 1 -0.07 14.10 26.27
C MET J 1 -0.07 14.46 27.77
N ASP J 2 0.55 15.60 28.09
CA ASP J 2 0.66 16.08 29.44
C ASP J 2 -0.65 16.73 29.92
N ILE J 3 -0.69 17.15 31.17
CA ILE J 3 -1.89 17.78 31.71
C ILE J 3 -1.72 19.28 31.79
N ILE J 4 -2.67 19.99 31.20
CA ILE J 4 -2.67 21.44 31.17
C ILE J 4 -4.08 21.89 31.54
N LEU J 5 -4.23 22.35 32.77
CA LEU J 5 -5.52 22.79 33.27
C LEU J 5 -5.48 24.26 33.59
N GLY J 6 -6.64 24.90 33.50
CA GLY J 6 -6.72 26.31 33.80
C GLY J 6 -8.10 26.64 34.29
N ILE J 7 -8.18 27.46 35.32
CA ILE J 7 -9.46 27.86 35.87
C ILE J 7 -9.40 29.32 36.31
N ARG J 8 -10.35 30.10 35.82
CA ARG J 8 -10.43 31.52 36.15
C ARG J 8 -11.50 31.76 37.22
N VAL J 9 -11.04 32.20 38.39
CA VAL J 9 -11.96 32.47 39.48
C VAL J 9 -12.34 33.95 39.52
N GLN J 10 -12.67 34.45 40.71
CA GLN J 10 -13.07 35.84 40.85
C GLN J 10 -11.97 36.84 40.53
N ASP J 11 -10.81 36.70 41.16
CA ASP J 11 -9.75 37.66 40.94
C ASP J 11 -8.41 37.11 40.57
N SER J 12 -8.41 36.00 39.85
CA SER J 12 -7.17 35.40 39.41
C SER J 12 -7.43 34.20 38.53
N VAL J 13 -6.38 33.72 37.90
CA VAL J 13 -6.45 32.56 37.03
C VAL J 13 -5.44 31.58 37.59
N ILE J 14 -5.86 30.32 37.64
CA ILE J 14 -5.00 29.28 38.16
C ILE J 14 -4.64 28.30 37.05
N LEU J 15 -3.34 28.00 36.93
CA LEU J 15 -2.85 27.06 35.93
C LEU J 15 -2.16 25.90 36.64
N ALA J 16 -2.57 24.68 36.29
CA ALA J 16 -2.00 23.48 36.86
C ALA J 16 -1.39 22.72 35.70
N SER J 17 -0.15 22.28 35.84
CA SER J 17 0.54 21.59 34.75
C SER J 17 1.33 20.41 35.28
N SER J 18 1.11 19.24 34.69
CA SER J 18 1.80 18.03 35.13
C SER J 18 3.31 18.22 35.11
N LYS J 19 3.98 17.56 36.05
CA LYS J 19 5.42 17.68 36.19
C LYS J 19 6.22 16.58 35.50
N ALA J 20 5.55 15.52 35.09
CA ALA J 20 6.25 14.40 34.45
C ALA J 20 6.75 14.66 33.03
N VAL J 21 7.94 14.15 32.73
CA VAL J 21 8.53 14.26 31.40
C VAL J 21 8.96 12.84 31.04
N THR J 22 8.12 12.19 30.24
CA THR J 22 8.35 10.82 29.82
C THR J 22 8.89 10.73 28.42
N ARG J 23 9.88 9.87 28.23
CA ARG J 23 10.46 9.66 26.91
C ARG J 23 10.48 8.18 26.60
N GLY J 24 9.38 7.72 26.02
CA GLY J 24 9.26 6.33 25.65
C GLY J 24 9.00 5.41 26.81
N ILE J 25 10.03 4.66 27.18
CA ILE J 25 9.96 3.69 28.27
C ILE J 25 10.31 4.25 29.65
N SER J 26 11.03 5.37 29.68
CA SER J 26 11.43 5.99 30.94
C SER J 26 10.89 7.38 31.21
N VAL J 27 10.61 7.65 32.49
CA VAL J 27 10.15 8.96 32.93
C VAL J 27 11.45 9.67 33.30
N LEU J 28 11.90 10.61 32.47
CA LEU J 28 13.15 11.32 32.70
C LEU J 28 13.16 12.36 33.82
N LYS J 29 12.04 13.01 34.04
CA LYS J 29 11.97 14.04 35.07
C LYS J 29 10.58 14.04 35.69
N ASP J 30 10.48 14.61 36.90
CA ASP J 30 9.20 14.66 37.61
C ASP J 30 8.98 16.03 38.26
N SER J 31 9.72 17.01 37.77
CA SER J 31 9.64 18.35 38.30
C SER J 31 9.75 19.34 37.15
N ASP J 32 9.06 19.03 36.05
CA ASP J 32 9.12 19.91 34.90
C ASP J 32 8.06 21.00 34.96
N ASP J 33 8.50 22.25 34.80
CA ASP J 33 7.60 23.39 34.83
C ASP J 33 7.21 23.75 33.39
N LYS J 34 6.04 23.28 32.98
CA LYS J 34 5.55 23.51 31.62
C LYS J 34 4.92 24.88 31.42
N THR J 35 5.68 25.93 31.76
CA THR J 35 5.17 27.28 31.65
C THR J 35 6.25 28.36 31.43
N ARG J 36 5.86 29.47 30.80
CA ARG J 36 6.75 30.61 30.59
C ARG J 36 5.97 31.87 30.96
N GLN J 37 6.67 32.85 31.52
CA GLN J 37 6.01 34.11 31.87
C GLN J 37 6.20 35.09 30.69
N LEU J 38 5.10 35.48 30.08
CA LEU J 38 5.16 36.38 28.93
C LEU J 38 5.35 37.84 29.36
N SER J 39 4.80 38.18 30.52
CA SER J 39 4.92 39.53 31.08
C SER J 39 4.51 39.43 32.55
N PRO J 40 4.89 40.42 33.36
CA PRO J 40 4.55 40.39 34.78
C PRO J 40 3.15 39.88 35.16
N HIS J 41 2.16 40.14 34.33
CA HIS J 41 0.80 39.68 34.61
C HIS J 41 0.20 38.67 33.61
N THR J 42 1.07 38.03 32.83
CA THR J 42 0.61 37.05 31.86
C THR J 42 1.50 35.81 31.87
N LEU J 43 0.87 34.65 32.04
CA LEU J 43 1.56 33.38 32.09
C LEU J 43 0.96 32.44 31.05
N MET J 44 1.83 31.65 30.40
CA MET J 44 1.36 30.69 29.40
C MET J 44 1.88 29.27 29.66
N SER J 45 0.95 28.32 29.73
CA SER J 45 1.31 26.92 29.94
C SER J 45 1.26 26.24 28.56
N PHE J 46 1.92 25.10 28.43
CA PHE J 46 1.93 24.42 27.13
C PHE J 46 2.21 22.92 27.13
N ALA J 47 1.78 22.25 26.06
CA ALA J 47 1.96 20.80 25.90
C ALA J 47 1.92 20.47 24.41
N GLY J 48 2.58 19.38 24.02
CA GLY J 48 2.58 18.99 22.61
C GLY J 48 3.87 18.34 22.15
N GLU J 49 4.20 18.51 20.87
CA GLU J 49 5.40 17.93 20.27
C GLU J 49 6.68 18.27 21.06
N ALA J 50 7.59 17.30 21.14
CA ALA J 50 8.84 17.43 21.87
C ALA J 50 9.62 18.74 21.79
N GLY J 51 10.19 19.05 20.63
CA GLY J 51 10.95 20.29 20.60
C GLY J 51 10.11 21.55 20.48
N ASP J 52 9.13 21.50 19.60
CA ASP J 52 8.23 22.61 19.30
C ASP J 52 7.67 23.34 20.50
N THR J 53 7.28 22.57 21.50
CA THR J 53 6.69 23.08 22.73
C THR J 53 7.44 24.27 23.35
N VAL J 54 8.65 24.04 23.80
CA VAL J 54 9.45 25.10 24.40
C VAL J 54 9.93 26.11 23.36
N GLN J 55 10.31 25.64 22.18
CA GLN J 55 10.76 26.55 21.14
C GLN J 55 9.70 27.61 20.89
N PHE J 56 8.44 27.19 20.85
CA PHE J 56 7.34 28.12 20.62
C PHE J 56 7.13 29.06 21.81
N ALA J 57 7.06 28.49 23.00
CA ALA J 57 6.87 29.30 24.19
C ALA J 57 7.94 30.38 24.35
N GLU J 58 9.22 30.00 24.19
CA GLU J 58 10.30 30.98 24.34
C GLU J 58 10.25 32.04 23.23
N TYR J 59 9.86 31.62 22.05
CA TYR J 59 9.76 32.56 20.93
C TYR J 59 8.68 33.59 21.24
N ILE J 60 7.56 33.14 21.79
CA ILE J 60 6.48 34.07 22.12
C ILE J 60 6.95 35.00 23.24
N GLN J 61 7.57 34.43 24.26
CA GLN J 61 8.07 35.21 25.38
C GLN J 61 8.99 36.33 24.89
N ALA J 62 10.01 35.95 24.13
CA ALA J 62 10.95 36.92 23.62
C ALA J 62 10.22 38.06 22.93
N ASN J 63 9.21 37.76 22.14
CA ASN J 63 8.49 38.81 21.45
C ASN J 63 7.68 39.73 22.34
N ILE J 64 7.00 39.17 23.34
CA ILE J 64 6.21 40.01 24.23
C ILE J 64 7.13 40.89 25.07
N GLN J 65 8.29 40.36 25.44
CA GLN J 65 9.25 41.13 26.22
C GLN J 65 9.76 42.30 25.39
N LEU J 66 9.96 42.05 24.09
CA LEU J 66 10.43 43.11 23.18
C LEU J 66 9.36 44.20 23.10
N TYR J 67 8.10 43.81 22.92
CA TYR J 67 7.01 44.78 22.83
C TYR J 67 6.98 45.64 24.10
N SER J 68 7.11 44.99 25.24
CA SER J 68 7.08 45.70 26.51
C SER J 68 8.14 46.78 26.58
N ILE J 69 9.38 46.45 26.23
CA ILE J 69 10.43 47.45 26.28
C ILE J 69 10.22 48.58 25.29
N ARG J 70 9.91 48.25 24.05
CA ARG J 70 9.70 49.26 23.03
C ARG J 70 8.59 50.23 23.41
N GLU J 71 7.50 49.71 23.95
CA GLU J 71 6.36 50.54 24.30
C GLU J 71 6.29 50.92 25.77
N ASP J 72 7.18 50.35 26.59
CA ASP J 72 7.17 50.60 28.04
C ASP J 72 5.73 50.42 28.46
N TYR J 73 5.17 49.25 28.15
CA TYR J 73 3.79 48.97 28.47
C TYR J 73 3.59 47.47 28.43
N GLU J 74 2.60 46.98 29.17
CA GLU J 74 2.30 45.56 29.19
C GLU J 74 1.01 45.32 28.44
N LEU J 75 1.10 44.64 27.30
CA LEU J 75 -0.08 44.36 26.48
C LEU J 75 -1.11 43.62 27.29
N SER J 76 -2.39 43.89 27.04
CA SER J 76 -3.45 43.22 27.77
C SER J 76 -3.38 41.72 27.49
N PRO J 77 -3.99 40.92 28.35
CA PRO J 77 -3.99 39.47 28.14
C PRO J 77 -4.63 39.14 26.79
N GLN J 78 -5.72 39.83 26.49
CA GLN J 78 -6.44 39.60 25.26
C GLN J 78 -5.56 39.85 24.06
N ALA J 79 -4.78 40.92 24.11
CA ALA J 79 -3.88 41.27 23.01
C ALA J 79 -2.78 40.22 22.87
N VAL J 80 -2.25 39.78 24.00
CA VAL J 80 -1.20 38.78 23.97
C VAL J 80 -1.75 37.50 23.39
N SER J 81 -2.98 37.14 23.76
CA SER J 81 -3.57 35.90 23.26
C SER J 81 -3.86 35.98 21.76
N SER J 82 -4.19 37.16 21.25
CA SER J 82 -4.46 37.33 19.83
C SER J 82 -3.17 37.17 19.05
N PHE J 83 -2.10 37.70 19.60
CA PHE J 83 -0.82 37.59 18.94
C PHE J 83 -0.43 36.12 18.84
N VAL J 84 -0.61 35.41 19.93
CA VAL J 84 -0.28 34.01 19.98
C VAL J 84 -1.13 33.17 19.01
N ARG J 85 -2.42 33.51 18.89
CA ARG J 85 -3.26 32.76 17.98
C ARG J 85 -2.73 32.97 16.56
N GLN J 86 -2.48 34.22 16.20
CA GLN J 86 -1.97 34.52 14.87
C GLN J 86 -0.72 33.70 14.55
N GLU J 87 0.20 33.63 15.51
CA GLU J 87 1.40 32.87 15.27
C GLU J 87 1.11 31.38 15.03
N LEU J 88 0.20 30.79 15.82
CA LEU J 88 -0.11 29.38 15.64
C LEU J 88 -0.85 29.16 14.32
N ALA J 89 -1.71 30.10 13.96
CA ALA J 89 -2.46 29.99 12.71
C ALA J 89 -1.50 29.95 11.50
N LYS J 90 -0.39 30.68 11.59
CA LYS J 90 0.62 30.71 10.52
C LYS J 90 1.24 29.32 10.47
N SER J 91 1.75 28.90 11.62
CA SER J 91 2.39 27.62 11.76
C SER J 91 1.64 26.49 11.08
N ILE J 92 0.32 26.52 11.18
CA ILE J 92 -0.49 25.45 10.61
C ILE J 92 -0.34 25.23 9.11
N ARG J 93 -0.01 26.28 8.35
CA ARG J 93 0.15 26.14 6.90
C ARG J 93 1.61 26.32 6.48
N SER J 94 2.53 26.15 7.43
CA SER J 94 3.96 26.30 7.17
C SER J 94 4.60 24.97 6.75
N ARG J 95 5.90 25.00 6.47
CA ARG J 95 6.60 23.79 6.04
C ARG J 95 6.58 22.71 7.12
N ARG J 96 6.81 23.10 8.37
CA ARG J 96 6.76 22.13 9.48
C ARG J 96 6.10 22.82 10.67
N PRO J 97 4.78 22.64 10.83
CA PRO J 97 3.95 23.22 11.89
C PRO J 97 4.31 22.86 13.33
N TYR J 98 4.24 23.89 14.19
CA TYR J 98 4.49 23.73 15.61
C TYR J 98 3.30 22.95 16.16
N GLN J 99 3.55 21.81 16.76
CA GLN J 99 2.46 21.04 17.35
C GLN J 99 2.44 21.38 18.85
N VAL J 100 1.87 22.55 19.16
CA VAL J 100 1.81 23.04 20.53
C VAL J 100 0.43 23.56 20.89
N ASN J 101 -0.04 23.21 22.07
CA ASN J 101 -1.32 23.66 22.58
C ASN J 101 -1.01 24.47 23.83
N VAL J 102 -1.67 25.62 23.98
CA VAL J 102 -1.37 26.45 25.12
C VAL J 102 -2.57 27.01 25.83
N LEU J 103 -2.33 27.42 27.08
CA LEU J 103 -3.33 28.06 27.91
C LEU J 103 -2.68 29.37 28.30
N ILE J 104 -3.41 30.46 28.16
CA ILE J 104 -2.86 31.74 28.56
C ILE J 104 -3.70 32.30 29.71
N GLY J 105 -3.04 32.50 30.85
CA GLY J 105 -3.69 33.05 32.01
C GLY J 105 -3.11 34.41 32.32
N GLY J 106 -3.97 35.43 32.36
CA GLY J 106 -3.49 36.76 32.64
C GLY J 106 -4.47 37.62 33.41
N TYR J 107 -3.94 38.68 34.02
CA TYR J 107 -4.77 39.62 34.77
C TYR J 107 -4.65 40.98 34.08
N ASP J 108 -5.77 41.46 33.56
CA ASP J 108 -5.82 42.74 32.86
C ASP J 108 -5.82 43.86 33.91
N LYS J 109 -4.67 44.49 34.10
CA LYS J 109 -4.55 45.55 35.08
C LYS J 109 -5.42 46.78 34.77
N LYS J 110 -5.96 46.85 33.55
CA LYS J 110 -6.81 47.97 33.18
C LYS J 110 -8.27 47.66 33.47
N LYS J 111 -8.72 46.47 33.04
CA LYS J 111 -10.08 46.02 33.27
C LYS J 111 -10.24 45.53 34.71
N ASN J 112 -9.11 45.17 35.30
CA ASN J 112 -9.07 44.64 36.68
C ASN J 112 -9.84 43.35 36.77
N LYS J 113 -9.61 42.48 35.79
CA LYS J 113 -10.29 41.19 35.72
C LYS J 113 -9.31 40.14 35.26
N PRO J 114 -9.48 38.90 35.74
CA PRO J 114 -8.60 37.81 35.34
C PRO J 114 -9.16 37.18 34.05
N GLU J 115 -8.28 36.67 33.20
CA GLU J 115 -8.73 36.07 31.94
C GLU J 115 -7.99 34.80 31.57
N LEU J 116 -8.73 33.82 31.07
CA LEU J 116 -8.15 32.53 30.66
C LEU J 116 -8.41 32.28 29.18
N TYR J 117 -7.34 32.01 28.45
CA TYR J 117 -7.43 31.75 27.01
C TYR J 117 -6.89 30.37 26.65
N GLN J 118 -7.66 29.64 25.85
CA GLN J 118 -7.26 28.33 25.40
C GLN J 118 -7.02 28.40 23.89
N ILE J 119 -5.85 27.94 23.46
CA ILE J 119 -5.51 27.96 22.04
C ILE J 119 -4.82 26.67 21.66
N ASP J 120 -5.31 25.98 20.64
CA ASP J 120 -4.66 24.74 20.22
C ASP J 120 -3.68 25.01 19.07
N TYR J 121 -2.95 23.97 18.66
CA TYR J 121 -1.95 24.09 17.60
C TYR J 121 -2.48 24.60 16.25
N LEU J 122 -3.79 24.59 16.06
CA LEU J 122 -4.37 25.08 14.81
C LEU J 122 -4.63 26.59 14.87
N GLY J 123 -4.48 27.17 16.06
CA GLY J 123 -4.76 28.58 16.21
C GLY J 123 -6.23 28.75 16.55
N THR J 124 -6.80 27.74 17.20
CA THR J 124 -8.20 27.78 17.61
C THR J 124 -8.23 28.44 18.98
N LYS J 125 -8.72 29.66 19.06
CA LYS J 125 -8.75 30.36 20.33
C LYS J 125 -10.16 30.53 20.88
N VAL J 126 -10.29 30.34 22.19
CA VAL J 126 -11.56 30.50 22.84
C VAL J 126 -11.28 30.95 24.28
N GLU J 127 -12.12 31.83 24.81
CA GLU J 127 -11.97 32.33 26.18
C GLU J 127 -12.88 31.52 27.08
N LEU J 128 -12.39 31.11 28.24
CA LEU J 128 -13.18 30.27 29.12
C LEU J 128 -13.02 30.48 30.62
N PRO J 129 -13.99 29.98 31.41
CA PRO J 129 -14.02 30.05 32.87
C PRO J 129 -12.93 29.09 33.31
N TYR J 130 -12.86 27.98 32.59
CA TYR J 130 -11.88 26.93 32.83
C TYR J 130 -11.73 26.12 31.56
N GLY J 131 -10.54 25.56 31.35
CA GLY J 131 -10.29 24.78 30.16
C GLY J 131 -9.10 23.85 30.35
N ALA J 132 -8.86 23.01 29.35
CA ALA J 132 -7.75 22.05 29.38
C ALA J 132 -7.46 21.56 27.97
N HIS J 133 -6.26 21.06 27.76
CA HIS J 133 -5.90 20.53 26.46
C HIS J 133 -5.73 19.02 26.57
N GLY J 134 -5.87 18.34 25.45
CA GLY J 134 -5.69 16.89 25.46
C GLY J 134 -6.90 16.20 26.01
N TYR J 135 -6.65 15.15 26.80
CA TYR J 135 -7.71 14.37 27.40
C TYR J 135 -8.14 14.86 28.77
N SER J 136 -7.31 15.67 29.39
CA SER J 136 -7.58 16.20 30.71
C SER J 136 -9.01 16.66 30.93
N GLY J 137 -9.59 17.35 29.95
CA GLY J 137 -10.95 17.82 30.12
C GLY J 137 -11.96 16.71 30.30
N PHE J 138 -11.69 15.58 29.65
CA PHE J 138 -12.57 14.41 29.71
C PHE J 138 -12.86 13.89 31.11
N TYR J 139 -11.94 14.07 32.03
CA TYR J 139 -12.14 13.59 33.40
C TYR J 139 -12.52 14.72 34.35
N THR J 140 -12.06 15.93 34.03
CA THR J 140 -12.30 17.09 34.87
C THR J 140 -13.51 17.99 34.56
N PHE J 141 -13.85 18.14 33.29
CA PHE J 141 -14.95 19.02 32.95
C PHE J 141 -16.26 18.78 33.69
N SER J 142 -16.62 17.51 33.89
CA SER J 142 -17.87 17.21 34.57
C SER J 142 -17.86 17.80 35.99
N LEU J 143 -16.69 17.79 36.63
CA LEU J 143 -16.56 18.35 37.97
C LEU J 143 -16.71 19.87 37.95
N LEU J 144 -15.95 20.51 37.06
CA LEU J 144 -15.99 21.96 36.92
C LEU J 144 -17.37 22.44 36.49
N ASP J 145 -17.95 21.81 35.47
CA ASP J 145 -19.29 22.22 35.02
C ASP J 145 -20.26 22.26 36.21
N HIS J 146 -20.01 21.38 37.16
CA HIS J 146 -20.85 21.27 38.34
C HIS J 146 -20.58 22.31 39.41
N HIS J 147 -19.37 22.30 39.95
CA HIS J 147 -18.99 23.21 41.03
C HIS J 147 -18.47 24.61 40.70
N TYR J 148 -18.01 24.82 39.48
CA TYR J 148 -17.49 26.14 39.13
C TYR J 148 -18.51 27.27 39.31
N ARG J 149 -18.03 28.37 39.89
CA ARG J 149 -18.82 29.58 40.10
C ARG J 149 -17.91 30.79 39.82
N PRO J 150 -18.39 31.75 39.04
CA PRO J 150 -17.66 32.98 38.66
C PRO J 150 -17.08 33.77 39.82
N ASP J 151 -17.81 33.80 40.94
CA ASP J 151 -17.41 34.53 42.14
C ASP J 151 -16.52 33.71 43.09
N MET J 152 -16.04 32.56 42.65
CA MET J 152 -15.19 31.71 43.50
C MET J 152 -13.97 32.47 43.98
N THR J 153 -13.41 32.03 45.10
CA THR J 153 -12.21 32.66 45.62
C THR J 153 -11.03 31.83 45.18
N THR J 154 -9.84 32.43 45.17
CA THR J 154 -8.65 31.73 44.75
C THR J 154 -8.50 30.45 45.57
N GLU J 155 -8.97 30.48 46.82
CA GLU J 155 -8.87 29.30 47.66
C GLU J 155 -9.87 28.23 47.23
N GLU J 156 -11.10 28.66 46.92
CA GLU J 156 -12.12 27.73 46.48
C GLU J 156 -11.66 27.10 45.17
N GLY J 157 -11.09 27.92 44.30
CA GLY J 157 -10.58 27.42 43.03
C GLY J 157 -9.58 26.33 43.31
N LEU J 158 -8.50 26.67 44.00
CA LEU J 158 -7.47 25.69 44.32
C LEU J 158 -8.05 24.40 44.90
N ASP J 159 -9.21 24.51 45.56
CA ASP J 159 -9.84 23.33 46.15
C ASP J 159 -10.53 22.51 45.07
N LEU J 160 -11.25 23.20 44.20
CA LEU J 160 -11.95 22.56 43.09
C LEU J 160 -10.91 21.92 42.16
N LEU J 161 -9.74 22.54 42.09
CA LEU J 161 -8.64 22.05 41.26
C LEU J 161 -8.09 20.77 41.84
N LYS J 162 -7.85 20.81 43.15
CA LYS J 162 -7.33 19.63 43.85
C LYS J 162 -8.30 18.48 43.60
N LEU J 163 -9.58 18.83 43.52
CA LEU J 163 -10.61 17.85 43.29
C LEU J 163 -10.39 17.21 41.91
N CYS J 164 -10.10 18.06 40.92
CA CYS J 164 -9.85 17.61 39.56
C CYS J 164 -8.61 16.73 39.46
N VAL J 165 -7.51 17.18 40.04
CA VAL J 165 -6.27 16.41 39.99
C VAL J 165 -6.47 15.02 40.59
N GLN J 166 -7.35 14.90 41.57
CA GLN J 166 -7.58 13.59 42.20
C GLN J 166 -8.29 12.65 41.25
N GLU J 167 -9.26 13.18 40.53
CA GLU J 167 -10.01 12.38 39.56
C GLU J 167 -9.07 11.90 38.48
N LEU J 168 -8.12 12.76 38.11
CA LEU J 168 -7.13 12.41 37.08
C LEU J 168 -6.19 11.33 37.61
N GLU J 169 -5.91 11.38 38.90
CA GLU J 169 -5.00 10.40 39.46
C GLU J 169 -5.72 9.07 39.64
N LYS J 170 -7.03 9.11 39.69
CA LYS J 170 -7.80 7.88 39.86
C LYS J 170 -8.07 7.16 38.54
N ARG J 171 -8.62 7.88 37.56
CA ARG J 171 -8.99 7.30 36.27
C ARG J 171 -8.01 7.34 35.10
N MET J 172 -7.04 8.24 35.12
CA MET J 172 -6.10 8.32 34.00
C MET J 172 -4.98 7.28 34.10
N PRO J 173 -4.75 6.50 33.04
CA PRO J 173 -3.74 5.45 32.94
C PRO J 173 -2.29 5.82 33.23
N MET J 174 -1.92 7.06 32.97
CA MET J 174 -0.54 7.44 33.18
C MET J 174 -0.25 8.18 34.48
N ASP J 175 0.98 8.02 34.95
CA ASP J 175 1.46 8.67 36.17
C ASP J 175 2.09 10.00 35.77
N PHE J 176 1.34 11.09 35.83
CA PHE J 176 1.87 12.39 35.44
C PHE J 176 2.68 13.11 36.52
N LYS J 177 3.00 12.39 37.59
CA LYS J 177 3.80 12.91 38.69
C LYS J 177 3.33 14.22 39.31
N GLY J 178 2.01 14.38 39.42
CA GLY J 178 1.46 15.60 40.02
C GLY J 178 1.55 16.84 39.15
N VAL J 179 1.02 17.94 39.69
CA VAL J 179 1.02 19.21 38.96
C VAL J 179 1.72 20.33 39.72
N ILE J 180 2.11 21.37 38.98
CA ILE J 180 2.70 22.56 39.57
C ILE J 180 1.60 23.57 39.37
N VAL J 181 1.19 24.25 40.43
CA VAL J 181 0.11 25.22 40.33
C VAL J 181 0.65 26.65 40.40
N LYS J 182 0.06 27.55 39.62
CA LYS J 182 0.49 28.94 39.62
C LYS J 182 -0.71 29.85 39.55
N ILE J 183 -0.59 31.00 40.19
CA ILE J 183 -1.69 31.95 40.22
C ILE J 183 -1.28 33.30 39.62
N VAL J 184 -2.18 33.87 38.83
CA VAL J 184 -1.97 35.16 38.20
C VAL J 184 -3.10 36.06 38.69
N ASP J 185 -2.73 37.17 39.32
CA ASP J 185 -3.70 38.11 39.84
C ASP J 185 -3.14 39.52 39.70
N LYS J 186 -3.83 40.48 40.30
CA LYS J 186 -3.42 41.87 40.24
C LYS J 186 -1.98 42.10 40.67
N ASP J 187 -1.48 41.27 41.57
CA ASP J 187 -0.12 41.45 42.05
C ASP J 187 0.94 40.70 41.28
N GLY J 188 0.53 39.95 40.25
CA GLY J 188 1.49 39.22 39.44
C GLY J 188 1.31 37.71 39.38
N ILE J 189 2.43 37.01 39.22
CA ILE J 189 2.44 35.56 39.12
C ILE J 189 3.16 34.93 40.30
N ARG J 190 2.55 33.91 40.90
CA ARG J 190 3.17 33.22 42.04
C ARG J 190 2.87 31.73 41.98
N GLN J 191 3.79 30.92 42.50
CA GLN J 191 3.63 29.48 42.51
C GLN J 191 3.24 28.95 43.88
N VAL J 192 2.18 28.13 43.93
CA VAL J 192 1.70 27.53 45.15
C VAL J 192 2.55 26.31 45.47
N ASP J 193 3.81 26.54 45.82
CA ASP J 193 4.78 25.48 46.13
C ASP J 193 4.32 24.37 47.09
N ASP J 194 3.11 24.50 47.62
CA ASP J 194 2.57 23.48 48.53
C ASP J 194 1.20 22.97 48.08
N PHE J 195 1.21 22.12 47.06
CA PHE J 195 -0.03 21.55 46.53
C PHE J 195 0.12 20.03 46.55
N GLN J 196 1.35 19.59 46.83
CA GLN J 196 1.69 18.16 46.91
C GLN J 196 0.95 17.52 48.09
N ALA J 197 0.15 18.34 48.78
CA ALA J 197 -0.64 17.92 49.94
C ALA J 197 -1.35 19.15 50.52
N GLN J 198 -2.12 19.85 49.68
CA GLN J 198 -2.86 21.04 50.07
C GLN J 198 -4.35 20.77 50.31
N THR K 1 23.77 0.59 23.50
CA THR K 1 24.33 1.82 24.13
C THR K 1 23.76 2.10 25.50
N THR K 2 24.64 2.49 26.42
CA THR K 2 24.22 2.87 27.77
C THR K 2 25.10 4.04 28.18
N THR K 3 24.47 5.14 28.54
CA THR K 3 25.19 6.33 28.96
C THR K 3 24.47 7.00 30.12
N LEU K 4 25.24 7.42 31.12
CA LEU K 4 24.65 8.10 32.25
C LEU K 4 25.50 9.27 32.68
N ALA K 5 24.89 10.14 33.47
CA ALA K 5 25.59 11.30 33.99
C ALA K 5 24.74 11.80 35.15
N PHE K 6 25.40 12.00 36.30
CA PHE K 6 24.68 12.50 37.46
C PHE K 6 25.49 13.56 38.21
N ARG K 7 24.75 14.44 38.86
CA ARG K 7 25.29 15.54 39.64
C ARG K 7 25.41 15.12 41.09
N PHE K 8 26.47 15.57 41.77
CA PHE K 8 26.65 15.24 43.18
C PHE K 8 27.61 16.21 43.88
N GLN K 9 27.69 16.07 45.19
CA GLN K 9 28.56 16.91 46.02
C GLN K 9 29.89 17.26 45.33
N GLY K 10 30.54 16.25 44.73
CA GLY K 10 31.82 16.48 44.09
C GLY K 10 31.85 16.90 42.64
N GLY K 11 30.68 17.18 42.07
CA GLY K 11 30.61 17.57 40.67
C GLY K 11 29.74 16.65 39.83
N ILE K 12 30.28 16.15 38.73
CA ILE K 12 29.51 15.26 37.87
C ILE K 12 30.27 14.02 37.49
N ILE K 13 29.56 12.90 37.44
CA ILE K 13 30.14 11.62 37.05
C ILE K 13 29.54 11.24 35.71
N VAL K 14 30.39 10.87 34.77
CA VAL K 14 29.93 10.50 33.45
C VAL K 14 30.48 9.11 33.16
N ALA K 15 29.57 8.19 32.89
CA ALA K 15 29.94 6.80 32.59
C ALA K 15 29.18 6.30 31.36
N VAL K 16 29.91 5.68 30.42
CA VAL K 16 29.32 5.16 29.20
C VAL K 16 29.91 3.80 28.86
N ASP K 17 29.28 3.10 27.91
CA ASP K 17 29.79 1.81 27.48
C ASP K 17 30.52 2.08 26.17
N SER K 18 30.92 1.06 25.42
CA SER K 18 31.64 1.36 24.20
C SER K 18 31.39 0.40 23.07
N ARG K 19 30.17 -0.14 23.02
CA ARG K 19 29.84 -1.09 21.96
C ARG K 19 29.05 -0.43 20.82
N ALA K 20 29.30 -0.91 19.62
CA ALA K 20 28.63 -0.43 18.42
C ALA K 20 28.08 -1.64 17.69
N THR K 21 26.78 -1.62 17.43
CA THR K 21 26.15 -2.71 16.72
C THR K 21 25.39 -2.24 15.47
N ALA K 22 25.48 -3.05 14.43
CA ALA K 22 24.79 -2.81 13.18
C ALA K 22 23.92 -4.09 13.11
N GLY K 23 22.71 -4.00 13.65
CA GLY K 23 21.86 -5.17 13.69
C GLY K 23 22.34 -6.02 14.85
N ASN K 24 22.67 -7.27 14.57
CA ASN K 24 23.18 -8.17 15.61
C ASN K 24 24.69 -8.14 15.57
N TRP K 25 25.23 -7.52 14.51
CA TRP K 25 26.65 -7.44 14.32
C TRP K 25 27.31 -6.41 15.24
N VAL K 26 28.28 -6.88 16.02
CA VAL K 26 29.02 -6.02 16.92
C VAL K 26 30.14 -5.43 16.08
N ALA K 27 29.95 -4.18 15.65
CA ALA K 27 30.91 -3.50 14.82
C ALA K 27 32.13 -3.06 15.58
N SER K 28 31.92 -2.71 16.85
CA SER K 28 33.04 -2.27 17.68
C SER K 28 32.74 -2.29 19.17
N GLN K 29 33.80 -2.45 19.95
CA GLN K 29 33.70 -2.46 21.41
C GLN K 29 34.69 -1.42 21.95
N THR K 30 35.19 -0.57 21.04
CA THR K 30 36.17 0.44 21.40
C THR K 30 35.77 1.82 20.89
N VAL K 31 34.52 2.20 21.16
CA VAL K 31 33.98 3.47 20.73
C VAL K 31 34.03 4.46 21.89
N LYS K 32 34.42 5.71 21.61
CA LYS K 32 34.45 6.71 22.65
C LYS K 32 33.07 7.36 22.67
N LYS K 33 32.23 6.95 23.62
CA LYS K 33 30.88 7.51 23.70
C LYS K 33 30.84 8.78 24.53
N VAL K 34 32.01 9.21 24.98
CA VAL K 34 32.10 10.46 25.71
C VAL K 34 32.88 11.35 24.76
N ILE K 35 32.29 12.48 24.40
CA ILE K 35 32.97 13.38 23.50
C ILE K 35 33.49 14.55 24.31
N GLU K 36 34.80 14.80 24.18
CA GLU K 36 35.43 15.89 24.91
C GLU K 36 35.31 17.23 24.19
N ILE K 37 34.16 17.87 24.38
CA ILE K 37 33.85 19.16 23.77
C ILE K 37 35.03 20.11 23.94
N ASN K 38 35.53 20.21 25.17
CA ASN K 38 36.70 21.02 25.49
C ASN K 38 37.07 20.61 26.92
N PRO K 39 38.18 21.15 27.46
CA PRO K 39 38.61 20.80 28.81
C PRO K 39 37.61 20.94 29.96
N PHE K 40 36.50 21.65 29.74
CA PHE K 40 35.53 21.85 30.81
C PHE K 40 34.14 21.33 30.49
N LEU K 41 33.96 20.79 29.28
CA LEU K 41 32.66 20.29 28.86
C LEU K 41 32.70 18.88 28.26
N LEU K 42 31.72 18.08 28.62
CA LEU K 42 31.62 16.72 28.10
C LEU K 42 30.26 16.44 27.44
N GLY K 43 30.27 15.55 26.45
CA GLY K 43 29.06 15.17 25.77
C GLY K 43 29.04 13.67 25.64
N THR K 44 27.86 13.06 25.82
CA THR K 44 27.72 11.60 25.70
C THR K 44 27.13 11.22 24.35
N MET K 45 27.51 10.06 23.84
CA MET K 45 26.95 9.56 22.55
C MET K 45 25.98 8.49 22.61
N ALA K 46 24.79 8.80 22.12
CA ALA K 46 23.69 7.85 22.09
C ALA K 46 22.89 8.16 20.83
N GLY K 47 22.47 7.11 20.11
CA GLY K 47 21.73 7.32 18.87
C GLY K 47 22.70 7.11 17.72
N GLY K 48 22.87 8.12 16.85
CA GLY K 48 23.77 7.99 15.73
C GLY K 48 25.16 8.51 16.06
N ALA K 49 26.17 7.64 15.94
CA ALA K 49 27.55 8.02 16.25
C ALA K 49 28.02 9.26 15.52
N ALA K 50 27.98 9.22 14.20
CA ALA K 50 28.39 10.36 13.40
C ALA K 50 27.67 11.63 13.85
N ASP K 51 26.35 11.55 14.02
CA ASP K 51 25.58 12.72 14.45
C ASP K 51 26.10 13.35 15.74
N CYS K 52 26.31 12.53 16.78
CA CYS K 52 26.82 13.06 18.04
C CYS K 52 28.26 13.55 17.89
N GLN K 53 29.11 12.68 17.39
CA GLN K 53 30.53 12.98 17.20
C GLN K 53 30.76 14.27 16.40
N PHE K 54 30.06 14.42 15.27
CA PHE K 54 30.22 15.58 14.41
C PHE K 54 29.73 16.89 15.05
N TRP K 55 28.45 16.94 15.38
CA TRP K 55 27.88 18.15 15.94
C TRP K 55 28.41 18.56 17.29
N GLU K 56 28.92 17.62 18.07
CA GLU K 56 29.47 18.01 19.36
C GLU K 56 30.90 18.51 19.20
N THR K 57 31.58 18.04 18.15
CA THR K 57 32.92 18.53 17.87
C THR K 57 32.67 19.96 17.39
N TRP K 58 31.64 20.12 16.56
CA TRP K 58 31.26 21.43 16.04
C TRP K 58 30.96 22.34 17.24
N LEU K 59 30.24 21.79 18.22
CA LEU K 59 29.88 22.56 19.40
C LEU K 59 31.14 23.11 20.05
N GLY K 60 32.18 22.28 20.08
CA GLY K 60 33.44 22.68 20.66
C GLY K 60 33.94 23.93 19.98
N SER K 61 33.83 23.96 18.66
CA SER K 61 34.26 25.11 17.90
C SER K 61 33.47 26.33 18.33
N GLN K 62 32.15 26.20 18.39
CA GLN K 62 31.29 27.30 18.76
C GLN K 62 31.60 27.86 20.13
N CYS K 63 31.84 26.97 21.09
CA CYS K 63 32.16 27.38 22.45
C CYS K 63 33.45 28.19 22.48
N ARG K 64 34.47 27.67 21.79
CA ARG K 64 35.76 28.34 21.72
C ARG K 64 35.66 29.73 21.11
N LEU K 65 34.79 29.87 20.11
CA LEU K 65 34.57 31.13 19.44
C LEU K 65 33.83 32.11 20.36
N HIS K 66 32.89 31.58 21.14
CA HIS K 66 32.13 32.41 22.06
C HIS K 66 33.09 32.98 23.10
N GLU K 67 34.01 32.15 23.56
CA GLU K 67 34.97 32.54 24.57
C GLU K 67 36.01 33.54 24.07
N LEU K 68 36.43 33.43 22.82
CA LEU K 68 37.39 34.40 22.28
C LEU K 68 36.70 35.75 22.14
N ARG K 69 35.43 35.71 21.78
CA ARG K 69 34.62 36.90 21.56
C ARG K 69 34.28 37.64 22.85
N GLU K 70 33.81 36.90 23.84
CA GLU K 70 33.39 37.47 25.11
C GLU K 70 34.41 37.40 26.22
N LYS K 71 35.62 36.95 25.91
CA LYS K 71 36.68 36.85 26.92
C LYS K 71 36.15 36.29 28.24
N GLU K 72 35.37 35.22 28.14
CA GLU K 72 34.80 34.59 29.31
C GLU K 72 34.36 33.15 29.02
N ARG K 73 34.51 32.29 30.01
CA ARG K 73 34.15 30.88 29.89
C ARG K 73 32.64 30.75 29.66
N ILE K 74 32.27 29.97 28.64
CA ILE K 74 30.86 29.77 28.30
C ILE K 74 30.10 28.95 29.34
N SER K 75 28.83 29.30 29.55
CA SER K 75 28.01 28.59 30.52
C SER K 75 27.49 27.29 29.95
N VAL K 76 27.25 26.31 30.82
CA VAL K 76 26.73 25.02 30.38
C VAL K 76 25.36 25.23 29.77
N ALA K 77 24.60 26.18 30.31
CA ALA K 77 23.26 26.46 29.79
C ALA K 77 23.35 26.92 28.33
N ALA K 78 24.27 27.84 28.04
CA ALA K 78 24.45 28.35 26.70
C ALA K 78 25.06 27.34 25.73
N ALA K 79 26.03 26.55 26.19
CA ALA K 79 26.67 25.57 25.31
C ALA K 79 25.63 24.54 24.85
N SER K 80 24.76 24.15 25.77
CA SER K 80 23.74 23.17 25.48
C SER K 80 22.68 23.75 24.53
N LYS K 81 22.27 24.99 24.77
CA LYS K 81 21.26 25.59 23.90
C LYS K 81 21.75 25.77 22.47
N ILE K 82 23.06 25.98 22.30
CA ILE K 82 23.61 26.12 20.97
C ILE K 82 23.41 24.81 20.21
N LEU K 83 23.70 23.69 20.90
CA LEU K 83 23.53 22.37 20.29
C LEU K 83 22.05 22.11 20.07
N SER K 84 21.25 22.47 21.06
CA SER K 84 19.81 22.29 21.01
C SER K 84 19.17 23.04 19.83
N ASN K 85 19.52 24.31 19.67
CA ASN K 85 18.95 25.10 18.59
C ASN K 85 19.41 24.63 17.21
N LEU K 86 20.66 24.17 17.10
CA LEU K 86 21.18 23.68 15.82
C LEU K 86 20.36 22.47 15.45
N VAL K 87 20.37 21.49 16.34
CA VAL K 87 19.62 20.26 16.14
C VAL K 87 18.15 20.52 15.79
N TYR K 88 17.54 21.54 16.40
CA TYR K 88 16.15 21.82 16.12
C TYR K 88 15.97 22.34 14.71
N GLN K 89 17.02 22.95 14.16
CA GLN K 89 16.96 23.46 12.80
C GLN K 89 16.82 22.29 11.82
N TYR K 90 17.28 21.11 12.24
CA TYR K 90 17.22 19.92 11.41
C TYR K 90 16.05 19.01 11.76
N LYS K 91 15.19 19.42 12.68
CA LYS K 91 14.07 18.56 13.08
C LYS K 91 13.32 18.07 11.86
N GLY K 92 13.21 16.75 11.75
CA GLY K 92 12.53 16.14 10.62
C GLY K 92 13.50 15.54 9.61
N ALA K 93 14.71 16.09 9.52
CA ALA K 93 15.70 15.61 8.56
C ALA K 93 16.26 14.22 8.84
N GLY K 94 16.15 13.74 10.06
CA GLY K 94 16.70 12.42 10.35
C GLY K 94 17.88 12.30 11.30
N LEU K 95 18.30 13.40 11.93
CA LEU K 95 19.41 13.33 12.88
C LEU K 95 18.99 12.40 14.00
N SER K 96 19.95 11.72 14.61
CA SER K 96 19.65 10.83 15.71
C SER K 96 20.63 10.97 16.87
N MET K 97 20.17 11.63 17.92
CA MET K 97 21.03 11.84 19.06
C MET K 97 20.32 12.11 20.37
N GLY K 98 20.78 11.41 21.39
CA GLY K 98 20.29 11.54 22.76
C GLY K 98 21.59 11.82 23.50
N THR K 99 21.76 13.04 23.99
CA THR K 99 23.01 13.36 24.63
C THR K 99 22.93 14.21 25.89
N MET K 100 23.93 14.06 26.75
CA MET K 100 24.02 14.83 27.99
C MET K 100 25.18 15.80 27.86
N ILE K 101 24.89 17.09 27.98
CA ILE K 101 25.96 18.08 27.90
C ILE K 101 26.27 18.39 29.37
N CYS K 102 27.51 18.09 29.76
CA CYS K 102 27.94 18.26 31.15
C CYS K 102 29.06 19.25 31.40
N GLY K 103 28.85 20.09 32.40
CA GLY K 103 29.83 21.09 32.76
C GLY K 103 29.74 21.54 34.20
N TYR K 104 30.76 22.28 34.65
CA TYR K 104 30.81 22.76 36.02
C TYR K 104 31.41 24.16 36.06
N THR K 105 30.55 25.18 36.06
CA THR K 105 31.03 26.55 36.08
C THR K 105 30.81 27.22 37.41
N ARG K 106 31.66 28.20 37.71
CA ARG K 106 31.59 28.95 38.96
C ARG K 106 30.17 29.47 39.15
N LYS K 107 29.64 30.04 38.09
CA LYS K 107 28.30 30.62 38.09
C LYS K 107 27.18 29.61 38.28
N GLU K 108 27.29 28.44 37.62
CA GLU K 108 26.24 27.42 37.68
C GLU K 108 26.48 26.23 38.60
N GLY K 109 27.74 25.84 38.78
CA GLY K 109 28.02 24.68 39.60
C GLY K 109 27.89 23.44 38.73
N PRO K 110 27.70 22.25 39.31
CA PRO K 110 27.58 21.07 38.45
C PRO K 110 26.28 21.16 37.65
N THR K 111 26.37 21.08 36.33
CA THR K 111 25.16 21.16 35.52
C THR K 111 25.11 20.16 34.37
N ILE K 112 23.94 19.56 34.19
CA ILE K 112 23.74 18.59 33.13
C ILE K 112 22.48 18.89 32.33
N TYR K 113 22.63 18.88 31.01
CA TYR K 113 21.50 19.12 30.13
C TYR K 113 21.33 17.94 29.20
N TYR K 114 20.13 17.40 29.19
CA TYR K 114 19.83 16.29 28.29
C TYR K 114 19.32 16.96 27.02
N VAL K 115 19.94 16.62 25.89
CA VAL K 115 19.55 17.18 24.60
C VAL K 115 19.41 16.08 23.56
N ASP K 116 18.24 16.00 22.91
CA ASP K 116 18.05 15.00 21.87
C ASP K 116 17.62 15.67 20.57
N SER K 117 17.70 14.91 19.47
CA SER K 117 17.35 15.41 18.15
C SER K 117 15.88 15.78 17.92
N ASP K 118 15.07 15.70 18.97
CA ASP K 118 13.66 16.08 18.90
C ASP K 118 13.56 17.57 19.13
N GLY K 119 14.56 18.12 19.80
CA GLY K 119 14.57 19.53 20.12
C GLY K 119 14.42 19.68 21.63
N THR K 120 14.40 18.53 22.31
CA THR K 120 14.28 18.49 23.74
C THR K 120 15.57 18.92 24.42
N ARG K 121 15.44 19.76 25.44
CA ARG K 121 16.57 20.24 26.22
C ARG K 121 16.09 20.29 27.66
N LEU K 122 16.63 19.42 28.52
CA LEU K 122 16.25 19.34 29.93
C LEU K 122 17.39 19.37 30.92
N LYS K 123 17.24 20.18 31.97
CA LYS K 123 18.25 20.22 33.01
C LYS K 123 17.83 19.17 34.04
N GLY K 124 18.80 18.46 34.60
CA GLY K 124 18.50 17.45 35.60
C GLY K 124 19.71 17.03 36.39
N ASP K 125 19.49 16.18 37.40
CA ASP K 125 20.58 15.71 38.25
C ASP K 125 21.09 14.35 37.81
N ILE K 126 20.17 13.53 37.29
CA ILE K 126 20.52 12.20 36.80
C ILE K 126 19.88 11.93 35.44
N PHE K 127 20.66 11.36 34.52
CA PHE K 127 20.16 11.02 33.18
C PHE K 127 20.82 9.77 32.64
N CYS K 128 19.99 8.87 32.13
CA CYS K 128 20.47 7.62 31.52
C CYS K 128 19.88 7.54 30.12
N VAL K 129 20.72 7.34 29.13
CA VAL K 129 20.24 7.27 27.76
C VAL K 129 20.84 6.10 26.99
N GLY K 130 19.98 5.38 26.27
CA GLY K 130 20.44 4.25 25.49
C GLY K 130 19.55 3.04 25.65
N SER K 131 19.82 1.99 24.87
CA SER K 131 19.04 0.77 24.96
C SER K 131 19.23 0.12 26.33
N GLY K 132 20.29 0.50 27.03
CA GLY K 132 20.57 -0.07 28.32
C GLY K 132 20.19 0.87 29.45
N GLN K 133 19.56 1.98 29.10
CA GLN K 133 19.19 2.98 30.08
C GLN K 133 18.44 2.49 31.31
N THR K 134 17.32 1.79 31.14
CA THR K 134 16.54 1.35 32.30
C THR K 134 17.36 0.56 33.34
N PHE K 135 18.36 -0.17 32.88
CA PHE K 135 19.18 -0.97 33.78
C PHE K 135 20.07 -0.05 34.61
N ALA K 136 20.71 0.92 33.95
CA ALA K 136 21.56 1.87 34.63
C ALA K 136 20.75 2.64 35.67
N TYR K 137 19.50 2.95 35.33
CA TYR K 137 18.61 3.69 36.22
C TYR K 137 18.34 2.89 37.48
N GLY K 138 18.13 1.58 37.33
CA GLY K 138 17.86 0.74 38.48
C GLY K 138 18.96 0.83 39.51
N VAL K 139 20.21 0.68 39.08
CA VAL K 139 21.36 0.75 39.95
C VAL K 139 21.46 2.14 40.59
N LEU K 140 21.47 3.18 39.76
CA LEU K 140 21.55 4.56 40.23
C LEU K 140 20.46 4.98 41.21
N ASP K 141 19.20 4.81 40.81
CA ASP K 141 18.10 5.22 41.66
C ASP K 141 18.12 4.66 43.07
N SER K 142 18.81 3.54 43.28
CA SER K 142 18.82 2.94 44.61
C SER K 142 20.10 3.12 45.42
N ASN K 143 21.11 3.78 44.85
CA ASN K 143 22.36 3.99 45.55
C ASN K 143 22.80 5.44 45.48
N TYR K 144 22.04 6.26 44.75
CA TYR K 144 22.41 7.64 44.62
C TYR K 144 22.09 8.50 45.84
N LYS K 145 23.08 9.29 46.24
CA LYS K 145 22.97 10.22 47.35
C LYS K 145 23.81 11.40 46.88
N TRP K 146 23.39 12.62 47.23
CA TRP K 146 24.15 13.79 46.83
C TRP K 146 25.49 13.81 47.57
N ASP K 147 25.55 13.07 48.67
CA ASP K 147 26.74 13.02 49.50
C ASP K 147 27.79 12.00 49.14
N LEU K 148 27.65 11.33 48.00
CA LEU K 148 28.65 10.34 47.62
C LEU K 148 30.03 10.95 47.51
N SER K 149 31.04 10.17 47.87
CA SER K 149 32.40 10.66 47.76
C SER K 149 32.76 10.53 46.28
N VAL K 150 33.75 11.28 45.82
CA VAL K 150 34.14 11.17 44.42
C VAL K 150 34.51 9.74 44.09
N GLU K 151 35.16 9.05 45.02
CA GLU K 151 35.57 7.67 44.81
C GLU K 151 34.36 6.73 44.72
N ASP K 152 33.39 6.94 45.60
CA ASP K 152 32.17 6.13 45.62
C ASP K 152 31.28 6.44 44.42
N ALA K 153 31.18 7.73 44.09
CA ALA K 153 30.38 8.18 42.96
C ALA K 153 30.88 7.53 41.68
N LEU K 154 32.20 7.56 41.48
CA LEU K 154 32.80 6.95 40.30
C LEU K 154 32.40 5.48 40.19
N TYR K 155 32.48 4.76 41.31
CA TYR K 155 32.14 3.34 41.30
C TYR K 155 30.65 3.13 40.99
N LEU K 156 29.77 3.93 41.59
CA LEU K 156 28.34 3.80 41.34
C LEU K 156 28.08 3.90 39.84
N GLY K 157 28.73 4.86 39.20
CA GLY K 157 28.56 5.04 37.78
C GLY K 157 29.09 3.84 37.03
N LYS K 158 30.30 3.41 37.37
CA LYS K 158 30.90 2.26 36.72
C LYS K 158 30.04 1.01 36.91
N ARG K 159 29.40 0.92 38.07
CA ARG K 159 28.57 -0.24 38.38
C ARG K 159 27.27 -0.23 37.58
N SER K 160 26.70 0.95 37.38
CA SER K 160 25.46 1.09 36.62
C SER K 160 25.63 0.66 35.16
N ILE K 161 26.80 0.92 34.59
CA ILE K 161 27.05 0.53 33.23
C ILE K 161 27.26 -0.98 33.20
N LEU K 162 27.97 -1.50 34.19
CA LEU K 162 28.21 -2.95 34.25
C LEU K 162 26.86 -3.67 34.21
N ALA K 163 25.88 -3.14 34.95
CA ALA K 163 24.55 -3.73 35.00
C ALA K 163 23.95 -3.74 33.60
N ALA K 164 23.94 -2.59 32.95
CA ALA K 164 23.39 -2.47 31.60
C ALA K 164 24.10 -3.41 30.63
N ALA K 165 25.43 -3.33 30.56
CA ALA K 165 26.18 -4.21 29.65
C ALA K 165 25.77 -5.66 29.80
N HIS K 166 25.55 -6.08 31.04
CA HIS K 166 25.17 -7.46 31.33
C HIS K 166 23.84 -7.89 30.72
N ARG K 167 22.77 -7.14 31.02
CA ARG K 167 21.44 -7.44 30.51
C ARG K 167 21.21 -7.05 29.05
N ASP K 168 21.60 -5.81 28.70
CA ASP K 168 21.43 -5.31 27.34
C ASP K 168 22.41 -5.92 26.36
N ALA K 169 21.87 -6.42 25.25
CA ALA K 169 22.69 -7.06 24.24
C ALA K 169 23.44 -6.03 23.42
N TYR K 170 22.96 -4.79 23.44
CA TYR K 170 23.57 -3.72 22.66
C TYR K 170 24.58 -2.87 23.41
N SER K 171 24.79 -3.19 24.68
CA SER K 171 25.76 -2.46 25.49
C SER K 171 26.85 -3.44 25.91
N GLY K 172 28.03 -2.91 26.18
CA GLY K 172 29.13 -3.76 26.59
C GLY K 172 30.47 -3.25 26.12
N GLY K 173 31.44 -4.15 26.09
CA GLY K 173 32.80 -3.79 25.68
C GLY K 173 33.63 -3.35 26.88
N SER K 174 33.64 -2.05 27.12
CA SER K 174 34.38 -1.48 28.24
C SER K 174 33.59 -0.30 28.79
N VAL K 175 33.99 0.17 29.97
CA VAL K 175 33.35 1.31 30.59
C VAL K 175 34.34 2.47 30.55
N ASN K 176 33.84 3.68 30.34
CA ASN K 176 34.69 4.86 30.32
C ASN K 176 34.14 5.82 31.36
N LEU K 177 35.02 6.25 32.26
CA LEU K 177 34.65 7.13 33.36
C LEU K 177 35.27 8.50 33.30
N TYR K 178 34.49 9.48 33.77
CA TYR K 178 34.93 10.86 33.83
C TYR K 178 34.36 11.52 35.06
N HIS K 179 35.13 12.44 35.62
CA HIS K 179 34.71 13.21 36.77
C HIS K 179 34.85 14.65 36.32
N VAL K 180 33.76 15.39 36.44
CA VAL K 180 33.76 16.79 36.02
C VAL K 180 33.79 17.68 37.23
N THR K 181 34.84 18.50 37.30
CA THR K 181 35.05 19.44 38.39
C THR K 181 35.05 20.83 37.79
N GLU K 182 34.95 21.85 38.64
CA GLU K 182 34.94 23.22 38.14
C GLU K 182 36.21 23.56 37.36
N ASP K 183 37.31 22.88 37.66
CA ASP K 183 38.58 23.15 36.97
C ASP K 183 38.78 22.34 35.70
N GLY K 184 37.75 21.57 35.35
CA GLY K 184 37.83 20.74 34.16
C GLY K 184 37.42 19.32 34.50
N TRP K 185 37.46 18.42 33.53
CA TRP K 185 37.10 17.05 33.79
C TRP K 185 38.37 16.22 33.90
N ILE K 186 38.28 15.10 34.61
CA ILE K 186 39.43 14.22 34.77
C ILE K 186 39.06 12.82 34.31
N TYR K 187 39.81 12.28 33.37
CA TYR K 187 39.54 10.94 32.87
C TYR K 187 39.83 9.91 33.94
N HIS K 188 38.91 8.98 34.14
CA HIS K 188 39.12 7.95 35.14
C HIS K 188 39.16 6.55 34.54
N GLY K 189 39.83 6.45 33.39
CA GLY K 189 40.04 5.18 32.73
C GLY K 189 38.98 4.37 32.01
N ASN K 190 39.50 3.40 31.27
CA ASN K 190 38.72 2.46 30.47
C ASN K 190 38.76 1.07 31.13
N HIS K 191 37.59 0.60 31.54
CA HIS K 191 37.48 -0.68 32.22
C HIS K 191 36.74 -1.76 31.42
N ASP K 192 37.48 -2.77 30.95
CA ASP K 192 36.88 -3.85 30.19
C ASP K 192 35.75 -4.48 30.99
N VAL K 193 34.55 -4.51 30.41
CA VAL K 193 33.39 -5.08 31.09
C VAL K 193 33.61 -6.57 31.37
N GLY K 194 34.37 -7.22 30.49
CA GLY K 194 34.64 -8.63 30.66
C GLY K 194 35.27 -8.90 32.01
N GLU K 195 36.42 -8.29 32.26
CA GLU K 195 37.14 -8.45 33.52
C GLU K 195 36.44 -7.82 34.71
N LEU K 196 35.79 -6.69 34.48
CA LEU K 196 35.09 -6.00 35.54
C LEU K 196 33.94 -6.84 36.10
N PHE K 197 33.28 -7.61 35.23
CA PHE K 197 32.15 -8.45 35.66
C PHE K 197 32.53 -9.53 36.67
N TRP K 198 33.56 -10.31 36.33
CA TRP K 198 34.02 -11.39 37.21
C TRP K 198 34.54 -10.81 38.52
N LYS K 199 35.29 -9.71 38.41
CA LYS K 199 35.82 -9.04 39.57
C LYS K 199 34.66 -8.64 40.48
N VAL K 200 33.81 -7.75 39.98
CA VAL K 200 32.65 -7.28 40.74
C VAL K 200 31.83 -8.42 41.28
N LYS K 201 31.75 -9.52 40.52
CA LYS K 201 30.96 -10.65 40.98
C LYS K 201 31.48 -11.20 42.30
N GLU K 202 32.74 -11.61 42.29
CA GLU K 202 33.41 -12.16 43.47
C GLU K 202 33.42 -11.19 44.65
N GLU K 203 34.07 -10.05 44.45
CA GLU K 203 34.19 -9.05 45.50
C GLU K 203 32.88 -8.54 46.12
N GLU K 204 31.80 -8.59 45.35
CA GLU K 204 30.51 -8.06 45.79
C GLU K 204 29.48 -9.13 46.13
N GLY K 205 29.64 -10.31 45.53
CA GLY K 205 28.73 -11.41 45.78
C GLY K 205 27.50 -11.43 44.87
N SER K 206 27.32 -10.33 44.13
CA SER K 206 26.19 -10.18 43.22
C SER K 206 26.37 -11.00 41.95
N PHE K 207 25.36 -10.97 41.08
CA PHE K 207 25.37 -11.74 39.84
C PHE K 207 25.52 -13.18 40.25
N ASN K 208 24.87 -13.52 41.36
CA ASN K 208 24.92 -14.87 41.91
C ASN K 208 24.55 -15.95 40.91
N ASN K 209 23.39 -15.79 40.28
CA ASN K 209 22.88 -16.77 39.34
C ASN K 209 23.82 -17.12 38.18
N VAL K 210 24.72 -16.22 37.82
CA VAL K 210 25.66 -16.50 36.74
C VAL K 210 26.71 -17.50 37.23
N ILE K 211 26.95 -18.56 36.48
CA ILE K 211 27.95 -19.55 36.88
C ILE K 211 29.38 -19.02 36.71
N GLY K 212 30.11 -18.98 37.82
CA GLY K 212 31.48 -18.52 37.78
C GLY K 212 32.44 -19.53 38.37
N GLN L 1 11.12 2.05 -9.56
CA GLN L 1 11.60 3.45 -9.37
C GLN L 1 13.14 3.48 -9.50
N PHE L 2 13.74 4.66 -9.38
CA PHE L 2 15.19 4.74 -9.51
C PHE L 2 15.97 4.62 -8.21
N ASN L 3 16.85 3.63 -8.15
CA ASN L 3 17.68 3.41 -6.98
C ASN L 3 19.07 3.89 -7.31
N PRO L 4 19.50 5.01 -6.71
CA PRO L 4 20.80 5.61 -6.94
C PRO L 4 21.97 4.80 -6.41
N TYR L 5 21.66 3.78 -5.61
CA TYR L 5 22.72 2.96 -5.03
C TYR L 5 22.86 1.56 -5.60
N GLY L 6 24.06 1.01 -5.41
CA GLY L 6 24.37 -0.33 -5.88
C GLY L 6 25.39 -0.94 -4.93
N ASP L 7 25.72 -2.21 -5.14
CA ASP L 7 26.68 -2.90 -4.29
C ASP L 7 27.67 -3.63 -5.20
N ASN L 8 28.94 -3.29 -5.10
CA ASN L 8 29.94 -3.93 -5.93
C ASN L 8 30.78 -4.96 -5.17
N GLY L 9 30.33 -5.32 -3.98
CA GLY L 9 31.03 -6.30 -3.17
C GLY L 9 32.36 -5.81 -2.62
N GLY L 10 33.37 -6.67 -2.70
CA GLY L 10 34.68 -6.32 -2.20
C GLY L 10 34.79 -6.42 -0.70
N THR L 11 36.03 -6.66 -0.23
CA THR L 11 36.32 -6.76 1.19
C THR L 11 37.69 -6.14 1.43
N ILE L 12 37.78 -5.28 2.44
CA ILE L 12 39.06 -4.65 2.73
C ILE L 12 39.51 -4.91 4.16
N LEU L 13 40.83 -4.86 4.38
CA LEU L 13 41.39 -5.11 5.71
C LEU L 13 42.57 -4.17 6.03
N GLY L 14 42.53 -3.60 7.23
CA GLY L 14 43.59 -2.71 7.66
C GLY L 14 44.15 -3.10 9.01
N ILE L 15 45.47 -3.29 9.07
CA ILE L 15 46.14 -3.65 10.33
C ILE L 15 47.32 -2.73 10.57
N ALA L 16 47.44 -2.23 11.80
CA ALA L 16 48.51 -1.31 12.15
C ALA L 16 49.61 -1.99 12.98
N GLY L 17 50.84 -1.94 12.47
CA GLY L 17 51.98 -2.50 13.17
C GLY L 17 52.54 -1.42 14.09
N GLU L 18 53.66 -1.69 14.76
CA GLU L 18 54.25 -0.70 15.66
C GLU L 18 54.95 0.43 14.90
N ASP L 19 55.49 0.12 13.72
CA ASP L 19 56.18 1.13 12.94
C ASP L 19 55.80 0.99 11.46
N PHE L 20 54.61 0.47 11.22
CA PHE L 20 54.10 0.28 9.86
C PHE L 20 52.60 0.02 9.94
N ALA L 21 51.95 -0.05 8.78
CA ALA L 21 50.52 -0.31 8.70
C ALA L 21 50.24 -0.88 7.33
N VAL L 22 49.20 -1.69 7.23
CA VAL L 22 48.85 -2.29 5.94
C VAL L 22 47.36 -2.15 5.68
N LEU L 23 47.01 -1.98 4.41
CA LEU L 23 45.62 -1.87 3.98
C LEU L 23 45.51 -2.78 2.76
N ALA L 24 44.71 -3.83 2.87
CA ALA L 24 44.55 -4.77 1.77
C ALA L 24 43.09 -4.88 1.30
N GLY L 25 42.93 -5.49 0.13
CA GLY L 25 41.60 -5.69 -0.40
C GLY L 25 41.64 -6.62 -1.59
N ASP L 26 40.55 -7.35 -1.82
CA ASP L 26 40.50 -8.25 -2.97
C ASP L 26 40.36 -7.34 -4.20
N THR L 27 40.65 -7.87 -5.37
CA THR L 27 40.55 -7.06 -6.56
C THR L 27 39.34 -7.41 -7.43
N ARG L 28 38.36 -8.10 -6.83
CA ARG L 28 37.15 -8.49 -7.56
C ARG L 28 36.02 -7.47 -7.37
N ASN L 29 35.41 -7.09 -8.50
CA ASN L 29 34.32 -6.13 -8.50
C ASN L 29 33.10 -6.87 -9.04
N ILE L 30 31.98 -6.82 -8.31
CA ILE L 30 30.79 -7.54 -8.76
C ILE L 30 29.48 -6.76 -8.83
N THR L 31 28.49 -7.38 -9.48
CA THR L 31 27.15 -6.82 -9.60
C THR L 31 26.25 -8.05 -9.53
N ASP L 32 25.47 -8.16 -8.47
CA ASP L 32 24.59 -9.31 -8.27
C ASP L 32 25.41 -10.59 -8.31
N TYR L 33 25.16 -11.47 -9.27
CA TYR L 33 25.91 -12.72 -9.35
C TYR L 33 26.96 -12.75 -10.45
N SER L 34 27.20 -11.61 -11.08
CA SER L 34 28.20 -11.54 -12.13
C SER L 34 29.47 -10.89 -11.65
N ILE L 35 30.57 -11.19 -12.34
CA ILE L 35 31.87 -10.60 -12.02
C ILE L 35 32.13 -9.54 -13.07
N ASN L 36 32.31 -8.30 -12.63
CA ASN L 36 32.57 -7.19 -13.55
C ASN L 36 34.04 -7.16 -13.94
N SER L 37 34.89 -7.47 -12.98
CA SER L 37 36.32 -7.48 -13.20
C SER L 37 37.00 -8.32 -12.13
N ARG L 38 38.02 -9.06 -12.54
CA ARG L 38 38.77 -9.90 -11.62
C ARG L 38 39.90 -9.06 -11.05
N TYR L 39 40.18 -7.94 -11.71
CA TYR L 39 41.22 -7.03 -11.23
C TYR L 39 40.87 -5.56 -11.40
N GLU L 40 40.32 -4.99 -10.34
CA GLU L 40 39.95 -3.58 -10.32
C GLU L 40 40.45 -3.06 -8.98
N PRO L 41 41.65 -2.46 -8.96
CA PRO L 41 42.23 -1.93 -7.72
C PRO L 41 41.22 -1.18 -6.86
N LYS L 42 41.31 -1.41 -5.56
CA LYS L 42 40.40 -0.83 -4.59
C LYS L 42 41.11 -0.02 -3.49
N VAL L 43 42.39 -0.30 -3.25
CA VAL L 43 43.19 0.41 -2.25
C VAL L 43 44.11 1.40 -2.98
N PHE L 44 44.12 2.65 -2.55
CA PHE L 44 44.91 3.69 -3.22
C PHE L 44 45.93 4.48 -2.38
N ASP L 45 47.05 4.82 -3.00
CA ASP L 45 48.09 5.63 -2.36
C ASP L 45 47.69 7.07 -2.70
N CYS L 46 47.36 7.86 -1.67
CA CYS L 46 46.94 9.24 -1.90
C CYS L 46 48.01 10.28 -1.62
N GLY L 47 49.24 9.83 -1.38
CA GLY L 47 50.32 10.75 -1.10
C GLY L 47 50.55 10.91 0.39
N ASP L 48 51.61 11.62 0.74
CA ASP L 48 51.97 11.85 2.14
C ASP L 48 51.87 10.58 2.98
N ASN L 49 52.22 9.44 2.39
CA ASN L 49 52.16 8.16 3.08
C ASN L 49 50.80 7.83 3.65
N ILE L 50 49.77 8.06 2.87
CA ILE L 50 48.42 7.74 3.32
C ILE L 50 47.79 6.83 2.27
N VAL L 51 47.29 5.69 2.72
CA VAL L 51 46.62 4.77 1.83
C VAL L 51 45.17 4.78 2.26
N MET L 52 44.27 4.69 1.28
CA MET L 52 42.84 4.74 1.53
C MET L 52 42.02 3.79 0.65
N SER L 53 40.87 3.38 1.16
CA SER L 53 39.96 2.52 0.41
C SER L 53 38.53 2.76 0.89
N ALA L 54 37.64 3.07 -0.07
CA ALA L 54 36.23 3.33 0.21
C ALA L 54 35.45 2.19 -0.40
N ASN L 55 35.15 1.18 0.40
CA ASN L 55 34.47 0.00 -0.11
C ASN L 55 32.96 0.00 0.04
N GLY L 56 32.30 -0.69 -0.90
CA GLY L 56 30.85 -0.79 -0.90
C GLY L 56 30.35 -0.50 -2.30
N PHE L 57 29.74 0.68 -2.48
CA PHE L 57 29.22 1.10 -3.78
C PHE L 57 30.36 1.83 -4.51
N ALA L 58 30.98 1.13 -5.46
CA ALA L 58 32.11 1.67 -6.23
C ALA L 58 32.01 3.09 -6.77
N ALA L 59 30.85 3.46 -7.30
CA ALA L 59 30.72 4.81 -7.85
C ALA L 59 31.02 5.82 -6.75
N ASP L 60 30.45 5.59 -5.58
CA ASP L 60 30.64 6.49 -4.47
C ASP L 60 32.06 6.41 -3.93
N GLY L 61 32.60 5.19 -3.86
CA GLY L 61 33.94 5.00 -3.37
C GLY L 61 34.97 5.75 -4.22
N ASP L 62 34.76 5.76 -5.53
CA ASP L 62 35.68 6.46 -6.41
C ASP L 62 35.54 7.95 -6.20
N ALA L 63 34.30 8.40 -6.04
CA ALA L 63 34.01 9.81 -5.83
C ALA L 63 34.75 10.30 -4.59
N LEU L 64 34.60 9.55 -3.50
CA LEU L 64 35.25 9.91 -2.26
C LEU L 64 36.77 9.96 -2.39
N VAL L 65 37.40 8.84 -2.78
CA VAL L 65 38.85 8.81 -2.93
C VAL L 65 39.36 9.95 -3.80
N LYS L 66 38.67 10.19 -4.91
CA LYS L 66 39.04 11.24 -5.84
C LYS L 66 39.00 12.60 -5.13
N ARG L 67 37.94 12.82 -4.38
CA ARG L 67 37.72 14.05 -3.65
C ARG L 67 38.75 14.25 -2.54
N PHE L 68 39.12 13.17 -1.85
CA PHE L 68 40.11 13.27 -0.78
C PHE L 68 41.49 13.60 -1.37
N LYS L 69 41.89 12.86 -2.41
CA LYS L 69 43.18 13.11 -3.04
C LYS L 69 43.29 14.56 -3.43
N ASN L 70 42.17 15.11 -3.89
CA ASN L 70 42.16 16.49 -4.30
C ASN L 70 42.34 17.38 -3.11
N SER L 71 41.81 16.96 -1.97
CA SER L 71 41.94 17.76 -0.76
C SER L 71 43.41 17.81 -0.33
N VAL L 72 44.13 16.72 -0.56
CA VAL L 72 45.55 16.64 -0.24
C VAL L 72 46.29 17.61 -1.17
N LYS L 73 45.88 17.62 -2.44
CA LYS L 73 46.52 18.51 -3.41
C LYS L 73 46.42 19.97 -2.96
N TRP L 74 45.24 20.38 -2.51
CA TRP L 74 45.08 21.76 -2.08
C TRP L 74 45.76 22.03 -0.76
N TYR L 75 45.84 21.00 0.08
CA TYR L 75 46.49 21.17 1.37
C TYR L 75 47.96 21.52 1.11
N HIS L 76 48.52 20.98 0.04
CA HIS L 76 49.91 21.28 -0.27
C HIS L 76 49.99 22.71 -0.78
N PHE L 77 49.06 23.09 -1.65
CA PHE L 77 49.06 24.45 -2.17
C PHE L 77 48.96 25.43 -1.03
N ASP L 78 47.83 25.36 -0.31
CA ASP L 78 47.57 26.26 0.81
C ASP L 78 48.59 26.28 1.96
N HIS L 79 49.18 25.14 2.31
CA HIS L 79 50.15 25.12 3.41
C HIS L 79 51.56 24.72 3.05
N ASN L 80 52.05 25.30 1.98
CA ASN L 80 53.41 25.11 1.52
C ASN L 80 53.91 23.66 1.40
N ASP L 81 53.13 22.81 0.74
CA ASP L 81 53.50 21.41 0.59
C ASP L 81 53.66 20.67 1.90
N LYS L 82 53.13 21.24 2.98
CA LYS L 82 53.19 20.59 4.30
C LYS L 82 52.55 19.21 4.21
N LYS L 83 53.15 18.24 4.88
CA LYS L 83 52.60 16.89 4.88
C LYS L 83 51.31 16.80 5.68
N LEU L 84 50.32 16.10 5.15
CA LEU L 84 49.05 15.93 5.83
C LEU L 84 49.16 14.74 6.77
N SER L 85 49.07 14.99 8.07
CA SER L 85 49.17 13.91 9.05
C SER L 85 47.94 13.02 8.99
N ILE L 86 48.12 11.75 9.28
CA ILE L 86 47.04 10.79 9.25
C ILE L 86 45.80 11.27 10.04
N ASN L 87 46.01 11.86 11.21
CA ASN L 87 44.90 12.34 12.03
C ASN L 87 44.14 13.44 11.30
N SER L 88 44.89 14.34 10.67
CA SER L 88 44.27 15.44 9.95
C SER L 88 43.45 14.92 8.77
N ALA L 89 43.96 13.88 8.11
CA ALA L 89 43.26 13.27 6.98
C ALA L 89 41.96 12.68 7.48
N ALA L 90 42.02 11.96 8.59
CA ALA L 90 40.83 11.36 9.16
C ALA L 90 39.77 12.41 9.44
N ARG L 91 40.17 13.53 10.03
CA ARG L 91 39.19 14.57 10.34
C ARG L 91 38.62 15.16 9.06
N ASN L 92 39.48 15.35 8.07
CA ASN L 92 39.02 15.91 6.83
C ASN L 92 37.98 15.00 6.18
N ILE L 93 38.27 13.70 6.15
CA ILE L 93 37.37 12.73 5.56
C ILE L 93 36.03 12.73 6.29
N GLN L 94 36.06 12.90 7.60
CA GLN L 94 34.81 12.93 8.35
C GLN L 94 33.93 14.04 7.79
N HIS L 95 34.54 15.17 7.45
CA HIS L 95 33.77 16.26 6.89
C HIS L 95 33.28 15.98 5.48
N LEU L 96 34.14 15.38 4.67
CA LEU L 96 33.76 15.02 3.30
C LEU L 96 32.50 14.15 3.38
N LEU L 97 32.54 13.14 4.24
CA LEU L 97 31.41 12.23 4.40
C LEU L 97 30.17 12.90 4.99
N TYR L 98 30.32 13.53 6.14
CA TYR L 98 29.16 14.14 6.79
C TYR L 98 28.57 15.26 5.94
N GLY L 99 29.35 15.77 5.01
CA GLY L 99 28.85 16.82 4.15
C GLY L 99 27.75 16.28 3.25
N LYS L 100 27.61 14.96 3.21
CA LYS L 100 26.57 14.32 2.42
C LYS L 100 25.73 13.43 3.34
N ARG L 101 25.57 13.93 4.56
CA ARG L 101 24.81 13.23 5.61
C ARG L 101 23.43 12.80 5.20
N PHE L 102 22.83 13.49 4.26
CA PHE L 102 21.48 13.12 3.88
C PHE L 102 21.32 12.45 2.52
N PHE L 103 22.46 12.07 1.94
CA PHE L 103 22.55 11.37 0.67
C PHE L 103 24.02 10.96 0.66
N PRO L 104 24.36 10.03 1.57
CA PRO L 104 25.68 9.45 1.83
C PRO L 104 26.42 8.74 0.73
N TYR L 105 27.73 8.65 0.90
CA TYR L 105 28.57 7.91 -0.01
C TYR L 105 28.38 6.52 0.61
N TYR L 106 27.67 5.63 -0.08
CA TYR L 106 27.41 4.30 0.47
C TYR L 106 28.66 3.42 0.51
N VAL L 107 29.62 3.83 1.33
CA VAL L 107 30.87 3.08 1.47
C VAL L 107 31.37 3.05 2.89
N HIS L 108 32.16 2.02 3.20
CA HIS L 108 32.79 1.89 4.51
C HIS L 108 34.23 2.21 4.16
N THR L 109 34.72 3.36 4.59
CA THR L 109 36.08 3.71 4.24
C THR L 109 37.11 3.50 5.37
N ILE L 110 38.30 3.04 4.97
CA ILE L 110 39.43 2.82 5.87
C ILE L 110 40.68 3.45 5.27
N ILE L 111 41.50 4.06 6.11
CA ILE L 111 42.77 4.64 5.68
C ILE L 111 43.86 4.17 6.63
N ALA L 112 45.09 4.10 6.13
CA ALA L 112 46.21 3.66 6.93
C ALA L 112 47.44 4.54 6.71
N GLY L 113 48.32 4.54 7.70
CA GLY L 113 49.54 5.33 7.62
C GLY L 113 50.26 5.31 8.95
N LEU L 114 51.14 6.29 9.17
CA LEU L 114 51.90 6.37 10.41
C LEU L 114 51.52 7.67 11.09
N ASP L 115 51.32 7.63 12.40
CA ASP L 115 50.96 8.84 13.13
C ASP L 115 52.19 9.75 13.21
N GLU L 116 52.10 10.79 14.03
CA GLU L 116 53.22 11.72 14.15
C GLU L 116 54.37 11.23 15.02
N ASP L 117 54.36 9.95 15.38
CA ASP L 117 55.43 9.38 16.19
C ASP L 117 56.01 8.18 15.46
N GLY L 118 55.56 7.97 14.23
CA GLY L 118 56.04 6.86 13.43
C GLY L 118 55.31 5.57 13.71
N LYS L 119 54.32 5.62 14.62
CA LYS L 119 53.56 4.44 14.97
C LYS L 119 52.51 4.11 13.92
N GLY L 120 52.29 2.81 13.69
CA GLY L 120 51.31 2.39 12.72
C GLY L 120 49.92 2.87 13.11
N ALA L 121 49.13 3.27 12.12
CA ALA L 121 47.79 3.75 12.39
C ALA L 121 46.74 3.37 11.35
N VAL L 122 45.56 3.02 11.83
CA VAL L 122 44.46 2.67 10.95
C VAL L 122 43.22 3.40 11.45
N TYR L 123 42.47 3.98 10.52
CA TYR L 123 41.25 4.71 10.82
C TYR L 123 40.12 4.14 9.98
N SER L 124 38.99 3.87 10.59
CA SER L 124 37.86 3.34 9.83
C SER L 124 36.69 4.29 10.01
N PHE L 125 35.93 4.50 8.93
CA PHE L 125 34.80 5.41 8.95
C PHE L 125 33.42 4.80 8.72
N ASP L 126 32.44 5.64 8.95
CA ASP L 126 31.01 5.37 8.84
C ASP L 126 30.59 5.87 7.47
N PRO L 127 29.43 5.39 6.97
CA PRO L 127 29.09 5.94 5.67
C PRO L 127 28.77 7.43 5.86
N VAL L 128 28.47 7.84 7.09
CA VAL L 128 28.18 9.25 7.33
C VAL L 128 29.23 10.03 8.13
N GLY L 129 30.42 9.46 8.29
CA GLY L 129 31.47 10.20 8.97
C GLY L 129 31.99 9.78 10.33
N SER L 130 31.27 8.93 11.06
CA SER L 130 31.77 8.52 12.36
C SER L 130 33.10 7.82 12.13
N TYR L 131 34.11 8.12 12.94
CA TYR L 131 35.41 7.48 12.76
C TYR L 131 36.14 7.22 14.08
N GLU L 132 36.96 6.17 14.07
CA GLU L 132 37.73 5.75 15.24
C GLU L 132 39.11 5.28 14.81
N ARG L 133 40.11 5.43 15.66
CA ARG L 133 41.42 4.92 15.29
C ARG L 133 41.39 3.48 15.78
N GLU L 134 42.00 2.56 15.06
CA GLU L 134 41.97 1.16 15.48
C GLU L 134 43.24 0.37 15.22
N GLN L 135 43.32 -0.77 15.90
CA GLN L 135 44.47 -1.66 15.78
C GLN L 135 44.40 -2.34 14.42
N CYS L 136 43.22 -2.86 14.12
CA CYS L 136 42.95 -3.51 12.85
C CYS L 136 41.44 -3.47 12.61
N ARG L 137 41.05 -3.48 11.34
CA ARG L 137 39.65 -3.42 10.97
C ARG L 137 39.40 -3.99 9.58
N ALA L 138 38.38 -4.85 9.48
CA ALA L 138 38.01 -5.43 8.20
C ALA L 138 36.73 -4.73 7.79
N GLY L 139 36.58 -4.47 6.50
CA GLY L 139 35.38 -3.81 6.01
C GLY L 139 34.90 -4.45 4.73
N GLY L 140 33.61 -4.41 4.49
CA GLY L 140 33.09 -5.00 3.28
C GLY L 140 32.37 -6.31 3.46
N ALA L 141 32.24 -7.04 2.36
CA ALA L 141 31.54 -8.32 2.31
C ALA L 141 31.85 -9.33 3.43
N ALA L 142 33.10 -9.78 3.50
CA ALA L 142 33.50 -10.77 4.49
C ALA L 142 33.99 -10.21 5.83
N ALA L 143 33.60 -8.97 6.14
CA ALA L 143 34.04 -8.36 7.39
C ALA L 143 33.62 -9.21 8.58
N SER L 144 32.39 -9.70 8.56
CA SER L 144 31.90 -10.52 9.66
C SER L 144 32.63 -11.87 9.74
N LEU L 145 33.27 -12.26 8.65
CA LEU L 145 34.01 -13.51 8.65
C LEU L 145 35.44 -13.29 9.13
N ILE L 146 36.02 -12.14 8.79
CA ILE L 146 37.38 -11.83 9.19
C ILE L 146 37.58 -11.22 10.58
N MET L 147 36.74 -10.27 10.97
CA MET L 147 36.93 -9.64 12.27
C MET L 147 37.09 -10.57 13.47
N PRO L 148 36.19 -11.56 13.63
CA PRO L 148 36.33 -12.46 14.78
C PRO L 148 37.71 -13.09 14.79
N PHE L 149 38.20 -13.42 13.60
CA PHE L 149 39.53 -14.02 13.43
C PHE L 149 40.60 -13.04 13.92
N LEU L 150 40.52 -11.80 13.45
CA LEU L 150 41.48 -10.77 13.86
C LEU L 150 41.39 -10.48 15.36
N ASP L 151 40.21 -10.60 15.96
CA ASP L 151 40.10 -10.35 17.39
C ASP L 151 40.93 -11.39 18.13
N ASN L 152 40.90 -12.61 17.61
CA ASN L 152 41.59 -13.76 18.20
C ASN L 152 43.09 -13.82 17.93
N GLN L 153 43.49 -13.67 16.69
CA GLN L 153 44.89 -13.77 16.31
C GLN L 153 45.71 -12.48 16.35
N VAL L 154 45.05 -11.33 16.43
CA VAL L 154 45.79 -10.07 16.47
C VAL L 154 45.77 -9.44 17.86
N ASN L 155 44.67 -9.59 18.58
CA ASN L 155 44.53 -9.02 19.92
C ASN L 155 44.46 -10.13 20.97
N PHE L 156 44.74 -11.35 20.54
CA PHE L 156 44.74 -12.52 21.42
C PHE L 156 43.54 -12.66 22.34
N LYS L 157 42.37 -12.22 21.88
CA LYS L 157 41.15 -12.31 22.67
C LYS L 157 40.79 -13.77 23.01
N ASN L 158 40.24 -13.97 24.21
CA ASN L 158 39.84 -15.30 24.67
C ASN L 158 40.99 -16.29 24.75
N GLN L 159 42.20 -15.78 24.66
CA GLN L 159 43.39 -16.61 24.76
C GLN L 159 44.07 -16.37 26.12
N TYR L 160 44.38 -17.47 26.82
CA TYR L 160 45.04 -17.41 28.13
C TYR L 160 46.34 -18.19 28.18
N GLU L 161 47.08 -17.98 29.26
CA GLU L 161 48.34 -18.66 29.48
C GLU L 161 48.05 -20.08 29.95
N PRO L 162 48.58 -21.07 29.23
CA PRO L 162 48.35 -22.46 29.62
C PRO L 162 48.81 -22.69 31.06
N GLY L 163 48.02 -23.43 31.82
CA GLY L 163 48.40 -23.71 33.19
C GLY L 163 48.09 -22.62 34.19
N THR L 164 47.85 -21.40 33.74
CA THR L 164 47.56 -20.32 34.68
C THR L 164 46.11 -20.35 35.15
N ASN L 165 45.42 -21.44 34.83
CA ASN L 165 44.02 -21.57 35.25
C ASN L 165 43.22 -20.40 34.68
N GLY L 166 43.38 -20.14 33.39
CA GLY L 166 42.66 -19.06 32.76
C GLY L 166 42.60 -17.82 33.63
N LYS L 167 43.75 -17.45 34.19
CA LYS L 167 43.85 -16.28 35.07
C LYS L 167 44.82 -15.26 34.46
N VAL L 168 45.69 -15.74 33.59
CA VAL L 168 46.67 -14.88 32.95
C VAL L 168 46.39 -14.81 31.45
N LYS L 169 45.88 -13.68 30.99
CA LYS L 169 45.60 -13.52 29.56
C LYS L 169 46.89 -13.65 28.81
N LYS L 170 46.80 -13.97 27.53
CA LYS L 170 48.01 -14.09 26.73
C LYS L 170 48.54 -12.69 26.47
N PRO L 171 49.86 -12.48 26.69
CA PRO L 171 50.51 -11.18 26.48
C PRO L 171 50.38 -10.65 25.04
N LEU L 172 50.12 -9.35 24.92
CA LEU L 172 49.94 -8.68 23.63
C LEU L 172 51.19 -8.40 22.80
N LYS L 173 52.18 -9.28 22.84
CA LYS L 173 53.42 -9.09 22.05
C LYS L 173 52.98 -8.61 20.67
N TYR L 174 53.63 -7.58 20.12
CA TYR L 174 53.21 -7.12 18.81
C TYR L 174 53.83 -7.75 17.57
N LEU L 175 53.01 -7.81 16.53
CA LEU L 175 53.35 -8.43 15.26
C LEU L 175 54.24 -7.63 14.35
N SER L 176 54.98 -8.36 13.52
CA SER L 176 55.88 -7.80 12.54
C SER L 176 55.19 -7.79 11.18
N VAL L 177 55.66 -6.96 10.27
CA VAL L 177 55.03 -6.88 8.96
C VAL L 177 54.89 -8.27 8.33
N GLU L 178 55.88 -9.13 8.53
CA GLU L 178 55.82 -10.47 7.95
C GLU L 178 54.71 -11.31 8.58
N GLU L 179 54.57 -11.19 9.89
CA GLU L 179 53.54 -11.94 10.61
C GLU L 179 52.16 -11.42 10.19
N VAL L 180 52.05 -10.10 10.11
CA VAL L 180 50.79 -9.45 9.70
C VAL L 180 50.37 -9.92 8.32
N ILE L 181 51.26 -9.83 7.34
CA ILE L 181 50.94 -10.25 5.98
C ILE L 181 50.48 -11.71 5.91
N LYS L 182 50.85 -12.53 6.88
CA LYS L 182 50.43 -13.94 6.88
C LYS L 182 48.96 -14.01 7.27
N LEU L 183 48.59 -13.26 8.31
CA LEU L 183 47.22 -13.22 8.78
C LEU L 183 46.33 -12.62 7.70
N VAL L 184 46.85 -11.63 7.00
CA VAL L 184 46.09 -10.99 5.94
C VAL L 184 45.80 -12.01 4.82
N ARG L 185 46.81 -12.70 4.34
CA ARG L 185 46.63 -13.69 3.29
C ARG L 185 45.71 -14.81 3.73
N ASP L 186 45.86 -15.25 4.97
CA ASP L 186 45.01 -16.32 5.47
C ASP L 186 43.59 -15.81 5.63
N SER L 187 43.46 -14.56 6.05
CA SER L 187 42.14 -13.95 6.21
C SER L 187 41.41 -13.94 4.89
N PHE L 188 42.13 -13.65 3.81
CA PHE L 188 41.49 -13.62 2.52
C PHE L 188 41.30 -14.97 1.89
N THR L 189 42.22 -15.90 2.09
CA THR L 189 42.01 -17.22 1.48
C THR L 189 40.81 -17.84 2.18
N SER L 190 40.61 -17.52 3.45
CA SER L 190 39.47 -18.05 4.18
C SER L 190 38.19 -17.43 3.67
N ALA L 191 38.17 -16.10 3.56
CA ALA L 191 36.99 -15.40 3.08
C ALA L 191 36.62 -15.91 1.68
N THR L 192 37.62 -16.01 0.81
CA THR L 192 37.41 -16.49 -0.55
C THR L 192 36.75 -17.87 -0.59
N GLU L 193 36.92 -18.63 0.48
CA GLU L 193 36.34 -19.97 0.57
C GLU L 193 34.88 -19.94 0.96
N ARG L 194 34.52 -19.03 1.86
CA ARG L 194 33.16 -19.00 2.34
C ARG L 194 32.26 -17.86 1.88
N HIS L 195 32.82 -16.91 1.13
CA HIS L 195 32.03 -15.79 0.63
C HIS L 195 32.14 -15.67 -0.89
N ILE L 196 31.00 -15.78 -1.56
CA ILE L 196 30.98 -15.74 -3.01
C ILE L 196 31.45 -14.47 -3.67
N GLN L 197 31.49 -13.37 -2.92
CA GLN L 197 31.93 -12.10 -3.49
C GLN L 197 33.43 -11.85 -3.34
N VAL L 198 34.11 -12.70 -2.59
CA VAL L 198 35.56 -12.54 -2.38
C VAL L 198 36.36 -13.55 -3.22
N GLY L 199 37.39 -13.05 -3.91
CA GLY L 199 38.24 -13.90 -4.72
C GLY L 199 39.09 -13.17 -5.76
N ASP L 200 39.55 -13.90 -6.76
CA ASP L 200 40.37 -13.36 -7.85
C ASP L 200 41.78 -12.88 -7.46
N GLY L 201 41.86 -11.87 -6.60
CA GLY L 201 43.17 -11.35 -6.23
C GLY L 201 43.18 -10.54 -4.96
N LEU L 202 44.37 -10.47 -4.35
CA LEU L 202 44.59 -9.74 -3.11
C LEU L 202 45.73 -8.76 -3.30
N GLU L 203 45.45 -7.48 -3.12
CA GLU L 203 46.46 -6.45 -3.28
C GLU L 203 46.67 -5.80 -1.91
N ILE L 204 47.92 -5.74 -1.48
CA ILE L 204 48.23 -5.14 -0.19
C ILE L 204 49.19 -3.98 -0.33
N LEU L 205 48.94 -2.92 0.44
CA LEU L 205 49.79 -1.74 0.45
C LEU L 205 50.40 -1.64 1.85
N ILE L 206 51.73 -1.56 1.92
CA ILE L 206 52.39 -1.46 3.20
C ILE L 206 53.01 -0.06 3.37
N VAL L 207 52.64 0.61 4.44
CA VAL L 207 53.12 1.96 4.71
C VAL L 207 54.18 1.95 5.83
N THR L 208 55.36 2.47 5.51
CA THR L 208 56.45 2.57 6.45
C THR L 208 57.05 3.94 6.26
N LYS L 209 58.02 4.31 7.09
CA LYS L 209 58.67 5.61 6.96
C LYS L 209 59.37 5.76 5.61
N ASP L 210 59.55 4.66 4.89
CA ASP L 210 60.21 4.70 3.59
C ASP L 210 59.24 4.85 2.43
N GLY L 211 57.95 4.95 2.75
CA GLY L 211 56.95 5.11 1.71
C GLY L 211 55.91 4.00 1.67
N VAL L 212 55.33 3.81 0.49
CA VAL L 212 54.31 2.79 0.30
C VAL L 212 54.78 1.70 -0.64
N ARG L 213 54.59 0.45 -0.24
CA ARG L 213 55.01 -0.69 -1.05
C ARG L 213 53.80 -1.57 -1.35
N LYS L 214 53.75 -2.16 -2.54
CA LYS L 214 52.63 -3.01 -2.94
C LYS L 214 53.00 -4.49 -3.05
N GLU L 215 52.02 -5.34 -2.81
CA GLU L 215 52.17 -6.78 -2.92
C GLU L 215 50.87 -7.33 -3.48
N PHE L 216 50.97 -8.36 -4.33
CA PHE L 216 49.78 -8.94 -4.91
C PHE L 216 49.79 -10.46 -4.92
N TYR L 217 48.66 -11.04 -4.54
CA TYR L 217 48.50 -12.48 -4.53
C TYR L 217 47.19 -12.87 -5.21
N GLU L 218 47.22 -13.97 -5.95
CA GLU L 218 46.03 -14.44 -6.62
C GLU L 218 45.11 -15.11 -5.59
N LEU L 219 43.82 -15.12 -5.86
CA LEU L 219 42.83 -15.77 -5.01
C LEU L 219 42.01 -16.64 -5.95
N LYS L 220 41.33 -17.65 -5.41
CA LYS L 220 40.53 -18.55 -6.23
C LYS L 220 39.53 -17.74 -7.05
N ARG L 221 39.39 -18.11 -8.33
CA ARG L 221 38.48 -17.39 -9.24
C ARG L 221 37.05 -17.90 -9.42
N ASP L 222 36.61 -18.84 -8.57
CA ASP L 222 35.26 -19.38 -8.70
C ASP L 222 34.17 -18.59 -7.96
N THR M 1 14.34 10.82 -11.94
CA THR M 1 14.01 9.38 -12.09
C THR M 1 13.17 9.24 -13.33
N GLN M 2 13.35 8.14 -14.04
CA GLN M 2 12.63 7.91 -15.26
C GLN M 2 12.57 6.41 -15.46
N GLN M 3 12.25 6.00 -16.68
CA GLN M 3 12.19 4.60 -17.04
C GLN M 3 12.41 4.56 -18.53
N PRO M 4 13.33 3.72 -18.99
CA PRO M 4 13.63 3.60 -20.42
C PRO M 4 12.40 3.21 -21.25
N ILE M 5 12.36 3.67 -22.51
CA ILE M 5 11.25 3.37 -23.41
C ILE M 5 11.79 2.56 -24.57
N VAL M 6 12.50 3.21 -25.48
CA VAL M 6 13.09 2.52 -26.63
C VAL M 6 14.50 2.12 -26.18
N THR M 7 14.82 0.83 -26.23
CA THR M 7 16.13 0.39 -25.77
C THR M 7 16.94 -0.51 -26.67
N GLY M 8 18.26 -0.49 -26.45
CA GLY M 8 19.19 -1.32 -27.20
C GLY M 8 19.73 -2.36 -26.23
N THR M 9 19.92 -3.59 -26.70
CA THR M 9 20.43 -4.63 -25.83
C THR M 9 21.96 -4.61 -25.69
N SER M 10 22.55 -5.76 -25.44
CA SER M 10 23.99 -5.93 -25.23
C SER M 10 24.99 -5.21 -26.11
N VAL M 11 26.13 -4.89 -25.50
CA VAL M 11 27.28 -4.28 -26.16
C VAL M 11 28.41 -5.16 -25.64
N ILE M 12 29.09 -5.88 -26.53
CA ILE M 12 30.19 -6.75 -26.08
C ILE M 12 31.53 -6.27 -26.61
N SER M 13 32.60 -6.61 -25.90
CA SER M 13 33.94 -6.17 -26.29
C SER M 13 35.06 -6.91 -25.59
N MET M 14 36.23 -6.91 -26.23
CA MET M 14 37.41 -7.55 -25.65
C MET M 14 38.61 -6.88 -26.29
N LYS M 15 39.80 -7.18 -25.79
CA LYS M 15 40.97 -6.59 -26.38
C LYS M 15 41.94 -7.70 -26.79
N TYR M 16 42.58 -7.53 -27.94
CA TYR M 16 43.56 -8.50 -28.42
C TYR M 16 44.95 -7.89 -28.28
N ASP M 17 45.94 -8.45 -28.96
CA ASP M 17 47.31 -7.96 -28.84
C ASP M 17 47.60 -6.55 -29.36
N ASN M 18 46.90 -6.13 -30.41
CA ASN M 18 47.16 -4.81 -30.97
C ASN M 18 46.05 -3.78 -30.77
N GLY M 19 44.87 -4.24 -30.36
CA GLY M 19 43.78 -3.31 -30.18
C GLY M 19 42.63 -3.84 -29.36
N VAL M 20 41.44 -3.39 -29.72
CA VAL M 20 40.22 -3.79 -29.04
C VAL M 20 39.10 -3.93 -30.08
N ILE M 21 38.14 -4.80 -29.80
CA ILE M 21 37.02 -5.00 -30.71
C ILE M 21 35.75 -4.74 -29.91
N ILE M 22 34.74 -4.21 -30.58
CA ILE M 22 33.48 -3.91 -29.90
C ILE M 22 32.34 -4.12 -30.90
N ALA M 23 31.21 -4.64 -30.41
CA ALA M 23 30.07 -4.88 -31.28
C ALA M 23 28.74 -4.71 -30.55
N ALA M 24 27.68 -4.45 -31.33
CA ALA M 24 26.33 -4.25 -30.82
C ALA M 24 25.35 -4.39 -31.98
N ASP M 25 24.25 -5.12 -31.78
CA ASP M 25 23.28 -5.28 -32.86
C ASP M 25 22.58 -3.97 -33.15
N ASN M 26 21.90 -3.90 -34.29
CA ASN M 26 21.23 -2.68 -34.72
C ASN M 26 19.78 -2.53 -34.32
N LEU M 27 19.38 -3.13 -33.20
CA LEU M 27 17.99 -3.06 -32.78
C LEU M 27 17.65 -2.01 -31.75
N GLY M 28 16.47 -1.43 -31.89
CA GLY M 28 15.97 -0.43 -30.97
C GLY M 28 14.62 -0.95 -30.54
N SER M 29 14.57 -1.68 -29.44
CA SER M 29 13.33 -2.27 -28.95
C SER M 29 12.42 -1.33 -28.19
N TYR M 30 11.14 -1.67 -28.20
CA TYR M 30 10.10 -0.90 -27.53
C TYR M 30 9.34 -1.93 -26.72
N GLY M 31 9.95 -2.36 -25.61
CA GLY M 31 9.32 -3.39 -24.81
C GLY M 31 9.55 -4.69 -25.56
N SER M 32 8.51 -5.48 -25.81
CA SER M 32 8.68 -6.74 -26.52
C SER M 32 8.57 -6.53 -28.03
N LEU M 33 8.20 -5.32 -28.43
CA LEU M 33 8.09 -4.99 -29.84
C LEU M 33 9.47 -4.63 -30.40
N LEU M 34 9.96 -5.40 -31.36
CA LEU M 34 11.26 -5.13 -31.98
C LEU M 34 11.02 -4.01 -33.00
N ARG M 35 10.62 -2.86 -32.49
CA ARG M 35 10.28 -1.68 -33.26
C ARG M 35 11.23 -1.10 -34.32
N PHE M 36 12.46 -0.74 -33.96
CA PHE M 36 13.37 -0.15 -34.94
C PHE M 36 14.57 -1.02 -35.29
N ASN M 37 14.91 -1.08 -36.57
CA ASN M 37 16.03 -1.92 -36.97
C ASN M 37 17.29 -1.30 -37.54
N GLY M 38 17.30 -0.02 -37.84
CA GLY M 38 18.53 0.54 -38.36
C GLY M 38 19.25 1.38 -37.32
N VAL M 39 19.29 0.90 -36.09
CA VAL M 39 19.92 1.66 -35.02
C VAL M 39 21.40 1.34 -34.82
N GLU M 40 22.26 2.33 -35.05
CA GLU M 40 23.68 2.13 -34.85
C GLU M 40 23.97 2.50 -33.42
N ARG M 41 24.45 1.54 -32.64
CA ARG M 41 24.76 1.81 -31.25
C ARG M 41 26.25 1.89 -30.99
N LEU M 42 27.02 2.08 -32.05
CA LEU M 42 28.48 2.23 -31.93
C LEU M 42 28.84 3.63 -32.45
N ILE M 43 29.26 4.50 -31.53
CA ILE M 43 29.63 5.85 -31.89
C ILE M 43 31.13 6.03 -31.95
N PRO M 44 31.68 6.26 -33.15
CA PRO M 44 33.12 6.43 -33.27
C PRO M 44 33.41 7.89 -32.94
N VAL M 45 34.41 8.11 -32.09
CA VAL M 45 34.81 9.47 -31.72
C VAL M 45 36.24 9.60 -32.24
N GLY M 46 36.42 10.45 -33.23
CA GLY M 46 37.73 10.59 -33.82
C GLY M 46 37.93 9.28 -34.56
N ASP M 47 39.11 8.69 -34.48
CA ASP M 47 39.34 7.43 -35.15
C ASP M 47 40.29 6.56 -34.33
N ASN M 48 40.19 6.70 -33.02
CA ASN M 48 40.99 5.95 -32.08
C ASN M 48 40.07 5.52 -30.95
N THR M 49 38.80 5.94 -31.04
CA THR M 49 37.81 5.62 -30.02
C THR M 49 36.46 5.23 -30.63
N VAL M 50 35.79 4.28 -30.00
CA VAL M 50 34.46 3.85 -30.42
C VAL M 50 33.67 3.64 -29.13
N VAL M 51 32.53 4.32 -29.02
CA VAL M 51 31.69 4.21 -27.83
C VAL M 51 30.46 3.35 -28.12
N GLY M 52 30.33 2.26 -27.38
CA GLY M 52 29.20 1.35 -27.55
C GLY M 52 28.18 1.61 -26.45
N ILE M 53 26.94 1.89 -26.86
CA ILE M 53 25.90 2.21 -25.89
C ILE M 53 24.67 1.27 -25.89
N SER M 54 24.19 0.97 -24.69
CA SER M 54 23.00 0.15 -24.52
C SER M 54 22.06 0.89 -23.57
N GLY M 55 20.80 0.52 -23.57
CA GLY M 55 19.86 1.19 -22.70
C GLY M 55 18.92 2.09 -23.49
N ASP M 56 18.39 3.10 -22.82
CA ASP M 56 17.46 4.02 -23.46
C ASP M 56 18.09 4.67 -24.68
N ILE M 57 17.41 4.55 -25.81
CA ILE M 57 17.90 5.11 -27.07
C ILE M 57 17.82 6.63 -27.14
N SER M 58 16.82 7.24 -26.52
CA SER M 58 16.72 8.70 -26.57
C SER M 58 17.90 9.28 -25.80
N ASP M 59 18.28 8.61 -24.72
CA ASP M 59 19.41 9.06 -23.93
C ASP M 59 20.67 8.80 -24.73
N MET M 60 20.69 7.71 -25.48
CA MET M 60 21.85 7.39 -26.30
C MET M 60 22.06 8.50 -27.34
N GLN M 61 20.99 8.89 -28.02
CA GLN M 61 21.08 9.94 -29.03
C GLN M 61 21.61 11.21 -28.40
N HIS M 62 21.22 11.46 -27.16
CA HIS M 62 21.66 12.63 -26.42
C HIS M 62 23.18 12.57 -26.14
N ILE M 63 23.65 11.40 -25.74
CA ILE M 63 25.07 11.19 -25.45
C ILE M 63 25.88 11.26 -26.74
N GLU M 64 25.22 10.96 -27.84
CA GLU M 64 25.87 11.02 -29.13
C GLU M 64 26.18 12.47 -29.50
N ARG M 65 25.19 13.35 -29.34
CA ARG M 65 25.34 14.77 -29.64
C ARG M 65 26.41 15.32 -28.70
N LEU M 66 26.44 14.82 -27.47
CA LEU M 66 27.42 15.27 -26.51
C LEU M 66 28.83 14.97 -27.01
N LEU M 67 29.01 13.78 -27.57
CA LEU M 67 30.30 13.35 -28.08
C LEU M 67 30.71 14.21 -29.27
N LYS M 68 29.78 14.46 -30.17
CA LYS M 68 30.10 15.28 -31.32
C LYS M 68 30.50 16.68 -30.90
N ASP M 69 29.85 17.21 -29.86
CA ASP M 69 30.18 18.54 -29.39
C ASP M 69 31.57 18.53 -28.80
N LEU M 70 31.92 17.46 -28.10
CA LEU M 70 33.23 17.34 -27.51
C LEU M 70 34.28 17.50 -28.60
N VAL M 71 34.04 16.85 -29.75
CA VAL M 71 34.96 16.92 -30.86
C VAL M 71 35.08 18.35 -31.39
N THR M 72 33.95 18.98 -31.65
CA THR M 72 33.94 20.35 -32.14
C THR M 72 34.73 21.25 -31.18
N GLU M 73 34.45 21.12 -29.89
CA GLU M 73 35.08 21.92 -28.86
C GLU M 73 36.59 21.76 -28.79
N ASN M 74 37.05 20.51 -28.75
CA ASN M 74 38.47 20.22 -28.68
C ASN M 74 39.24 20.88 -29.81
N ALA M 75 38.57 21.08 -30.93
CA ALA M 75 39.19 21.70 -32.09
C ALA M 75 39.39 23.20 -31.93
N TYR M 76 38.53 23.85 -31.15
CA TYR M 76 38.65 25.29 -30.96
C TYR M 76 40.02 25.74 -30.45
N ASP M 77 40.60 26.73 -31.12
CA ASP M 77 41.89 27.29 -30.72
C ASP M 77 42.90 26.17 -30.46
N ASN M 78 42.78 25.07 -31.18
CA ASN M 78 43.68 23.93 -30.97
C ASN M 78 44.40 23.54 -32.27
N PRO M 79 45.58 24.13 -32.50
CA PRO M 79 46.37 23.85 -33.71
C PRO M 79 46.86 22.39 -33.80
N LEU M 80 46.75 21.66 -32.69
CA LEU M 80 47.18 20.27 -32.66
C LEU M 80 45.97 19.35 -32.44
N ALA M 81 44.80 19.81 -32.86
CA ALA M 81 43.55 19.07 -32.72
C ALA M 81 43.59 17.66 -33.31
N ASP M 82 44.33 17.50 -34.39
CA ASP M 82 44.44 16.20 -35.01
C ASP M 82 45.86 15.69 -34.86
N ALA M 83 46.46 15.95 -33.71
CA ALA M 83 47.82 15.53 -33.42
C ALA M 83 47.95 15.28 -31.92
N GLU M 84 48.97 15.90 -31.30
CA GLU M 84 49.20 15.73 -29.88
C GLU M 84 48.02 16.11 -29.00
N GLU M 85 47.17 17.01 -29.47
CA GLU M 85 46.03 17.42 -28.66
C GLU M 85 44.68 16.97 -29.18
N ALA M 86 44.65 15.76 -29.74
CA ALA M 86 43.41 15.18 -30.25
C ALA M 86 42.79 14.39 -29.09
N LEU M 87 41.48 14.21 -29.12
CA LEU M 87 40.82 13.47 -28.06
C LEU M 87 41.37 12.06 -27.92
N GLU M 88 41.58 11.64 -26.67
CA GLU M 88 42.08 10.31 -26.34
C GLU M 88 40.91 9.51 -25.80
N PRO M 89 40.97 8.18 -25.93
CA PRO M 89 39.84 7.42 -25.39
C PRO M 89 39.62 7.77 -23.92
N SER M 90 40.71 7.75 -23.15
CA SER M 90 40.62 8.05 -21.72
C SER M 90 39.92 9.39 -21.43
N TYR M 91 40.15 10.39 -22.26
CA TYR M 91 39.51 11.69 -22.05
C TYR M 91 38.01 11.52 -22.21
N ILE M 92 37.62 10.91 -23.32
CA ILE M 92 36.22 10.69 -23.65
C ILE M 92 35.52 9.90 -22.54
N PHE M 93 36.18 8.87 -22.04
CA PHE M 93 35.58 8.06 -21.00
C PHE M 93 35.37 8.88 -19.72
N GLU M 94 36.43 9.53 -19.25
CA GLU M 94 36.34 10.31 -18.04
C GLU M 94 35.19 11.31 -18.10
N TYR M 95 35.02 11.93 -19.25
CA TYR M 95 33.95 12.90 -19.45
C TYR M 95 32.59 12.22 -19.27
N LEU M 96 32.38 11.14 -20.00
CA LEU M 96 31.12 10.40 -19.89
C LEU M 96 30.89 9.93 -18.46
N ALA M 97 31.96 9.41 -17.86
CA ALA M 97 31.86 8.91 -16.49
C ALA M 97 31.43 10.06 -15.60
N THR M 98 32.03 11.22 -15.80
CA THR M 98 31.68 12.36 -14.99
C THR M 98 30.19 12.63 -15.16
N VAL M 99 29.79 12.85 -16.40
CA VAL M 99 28.39 13.12 -16.68
C VAL M 99 27.46 12.08 -16.09
N MET M 100 27.77 10.80 -16.31
CA MET M 100 26.90 9.75 -15.80
C MET M 100 26.68 9.83 -14.29
N TYR M 101 27.76 9.96 -13.55
CA TYR M 101 27.66 10.01 -12.11
C TYR M 101 26.93 11.26 -11.64
N GLN M 102 27.17 12.38 -12.30
CA GLN M 102 26.51 13.62 -11.93
C GLN M 102 25.00 13.49 -12.10
N ARG M 103 24.62 12.91 -13.23
CA ARG M 103 23.23 12.71 -13.55
C ARG M 103 22.54 11.76 -12.56
N ARG M 104 23.20 10.68 -12.16
CA ARG M 104 22.55 9.78 -11.21
C ARG M 104 22.44 10.49 -9.88
N SER M 105 23.45 11.32 -9.60
CA SER M 105 23.46 12.07 -8.34
C SER M 105 22.39 13.14 -8.28
N LYS M 106 21.84 13.52 -9.43
CA LYS M 106 20.78 14.50 -9.45
C LYS M 106 19.47 13.74 -9.56
N MET M 107 19.54 12.42 -9.42
CA MET M 107 18.36 11.57 -9.50
C MET M 107 17.64 11.71 -10.83
N ASN M 108 18.42 11.89 -11.89
CA ASN M 108 17.90 12.02 -13.24
C ASN M 108 18.98 11.39 -14.13
N PRO M 109 19.11 10.07 -14.06
CA PRO M 109 20.12 9.34 -14.83
C PRO M 109 19.90 9.20 -16.32
N LEU M 110 21.01 8.96 -17.03
CA LEU M 110 21.00 8.69 -18.45
C LEU M 110 20.93 7.16 -18.37
N TRP M 111 19.78 6.61 -18.72
CA TRP M 111 19.57 5.18 -18.61
C TRP M 111 20.37 4.30 -19.57
N ASN M 112 21.69 4.25 -19.36
CA ASN M 112 22.56 3.47 -20.22
C ASN M 112 23.68 2.71 -19.56
N ALA M 113 24.22 1.76 -20.31
CA ALA M 113 25.39 0.99 -19.90
C ALA M 113 26.28 1.34 -21.09
N ILE M 114 27.47 1.86 -20.81
CA ILE M 114 28.37 2.28 -21.87
C ILE M 114 29.76 1.64 -21.82
N ILE M 115 30.30 1.34 -23.00
CA ILE M 115 31.65 0.79 -23.09
C ILE M 115 32.47 1.61 -24.05
N VAL M 116 33.55 2.19 -23.53
CA VAL M 116 34.44 3.00 -24.35
C VAL M 116 35.62 2.12 -24.72
N ALA M 117 35.82 1.92 -26.02
CA ALA M 117 36.91 1.10 -26.50
C ALA M 117 37.78 1.92 -27.44
N GLY M 118 39.09 1.76 -27.33
CA GLY M 118 39.98 2.50 -28.20
C GLY M 118 41.45 2.27 -27.95
N VAL M 119 42.29 3.02 -28.67
CA VAL M 119 43.73 2.92 -28.54
C VAL M 119 44.35 4.26 -28.15
N GLN M 120 45.05 4.27 -27.03
CA GLN M 120 45.69 5.48 -26.54
C GLN M 120 46.81 5.87 -27.49
N SER M 121 47.14 7.16 -27.53
CA SER M 121 48.19 7.65 -28.40
C SER M 121 49.49 6.84 -28.25
N ASN M 122 49.79 6.41 -27.03
CA ASN M 122 50.99 5.64 -26.78
C ASN M 122 50.81 4.19 -27.21
N GLY M 123 49.74 3.90 -27.92
CA GLY M 123 49.49 2.55 -28.40
C GLY M 123 48.74 1.61 -27.46
N ASP M 124 48.59 2.00 -26.19
CA ASP M 124 47.87 1.15 -25.21
C ASP M 124 46.41 0.95 -25.58
N GLN M 125 45.87 -0.22 -25.24
CA GLN M 125 44.48 -0.48 -25.50
C GLN M 125 43.67 0.06 -24.34
N PHE M 126 42.57 0.72 -24.65
CA PHE M 126 41.71 1.28 -23.62
C PHE M 126 40.34 0.60 -23.71
N LEU M 127 39.85 0.16 -22.56
CA LEU M 127 38.55 -0.49 -22.49
C LEU M 127 38.01 -0.32 -21.09
N ARG M 128 36.99 0.51 -20.95
CA ARG M 128 36.39 0.72 -19.64
C ARG M 128 34.89 0.91 -19.82
N TYR M 129 34.15 0.56 -18.77
CA TYR M 129 32.69 0.61 -18.75
C TYR M 129 32.13 1.61 -17.74
N VAL M 130 30.95 2.14 -18.02
CA VAL M 130 30.27 3.05 -17.08
C VAL M 130 28.78 2.92 -17.31
N ASN M 131 28.00 2.97 -16.24
CA ASN M 131 26.56 2.84 -16.39
C ASN M 131 25.76 3.96 -15.75
N LEU M 132 24.44 3.85 -15.83
CA LEU M 132 23.53 4.86 -15.30
C LEU M 132 23.78 5.26 -13.86
N LEU M 133 24.48 4.42 -13.11
CA LEU M 133 24.78 4.71 -11.71
C LEU M 133 26.14 5.39 -11.57
N GLY M 134 26.92 5.43 -12.64
CA GLY M 134 28.23 6.05 -12.58
C GLY M 134 29.28 5.04 -12.20
N VAL M 135 28.89 3.77 -12.12
CA VAL M 135 29.83 2.72 -11.75
C VAL M 135 30.79 2.47 -12.90
N THR M 136 32.06 2.23 -12.59
CA THR M 136 33.04 1.96 -13.64
C THR M 136 34.01 0.84 -13.30
N TYR M 137 34.55 0.21 -14.34
CA TYR M 137 35.52 -0.87 -14.19
C TYR M 137 36.11 -1.31 -15.50
N SER M 138 37.27 -1.96 -15.42
CA SER M 138 37.95 -2.46 -16.61
C SER M 138 38.24 -3.94 -16.45
N SER M 139 38.41 -4.62 -17.59
CA SER M 139 38.69 -6.05 -17.64
C SER M 139 39.04 -6.36 -19.09
N PRO M 140 39.77 -7.48 -19.34
CA PRO M 140 40.13 -7.85 -20.71
C PRO M 140 38.92 -7.97 -21.63
N THR M 141 37.76 -8.23 -21.04
CA THR M 141 36.50 -8.32 -21.78
C THR M 141 35.44 -7.55 -20.98
N LEU M 142 34.54 -6.88 -21.68
CA LEU M 142 33.47 -6.12 -21.05
C LEU M 142 32.23 -6.26 -21.90
N ALA M 143 31.10 -6.52 -21.26
CA ALA M 143 29.84 -6.66 -21.95
C ALA M 143 28.76 -6.08 -21.05
N THR M 144 27.73 -5.49 -21.66
CA THR M 144 26.63 -4.92 -20.87
C THR M 144 25.42 -5.82 -20.97
N GLY M 145 24.49 -5.65 -20.03
CA GLY M 145 23.28 -6.44 -20.02
C GLY M 145 23.45 -7.92 -20.23
N PHE M 146 22.70 -8.46 -21.19
CA PHE M 146 22.73 -9.89 -21.49
C PHE M 146 24.12 -10.40 -21.80
N GLY M 147 24.88 -9.60 -22.54
CA GLY M 147 26.23 -9.99 -22.90
C GLY M 147 27.09 -10.23 -21.69
N ALA M 148 26.80 -9.55 -20.59
CA ALA M 148 27.59 -9.74 -19.40
C ALA M 148 27.45 -11.16 -18.90
N HIS M 149 26.27 -11.75 -19.11
CA HIS M 149 26.00 -13.10 -18.66
C HIS M 149 26.41 -14.21 -19.61
N MET M 150 26.25 -13.99 -20.92
CA MET M 150 26.61 -15.02 -21.90
C MET M 150 27.86 -14.74 -22.71
N ALA M 151 28.07 -13.49 -23.09
CA ALA M 151 29.23 -13.15 -23.88
C ALA M 151 30.53 -13.27 -23.10
N ASN M 152 30.59 -12.68 -21.91
CA ASN M 152 31.80 -12.74 -21.08
C ASN M 152 32.37 -14.12 -20.89
N PRO M 153 31.51 -15.10 -20.49
CA PRO M 153 32.00 -16.46 -20.28
C PRO M 153 32.76 -17.02 -21.49
N LEU M 154 32.33 -16.62 -22.68
CA LEU M 154 32.96 -17.09 -23.91
C LEU M 154 34.25 -16.33 -24.16
N LEU M 155 34.15 -15.00 -24.17
CA LEU M 155 35.30 -14.15 -24.41
C LEU M 155 36.41 -14.38 -23.40
N ARG M 156 36.03 -14.68 -22.16
CA ARG M 156 37.02 -14.91 -21.13
C ARG M 156 37.81 -16.19 -21.34
N LYS M 157 37.26 -17.12 -22.12
CA LYS M 157 37.96 -18.36 -22.40
C LYS M 157 39.13 -18.05 -23.34
N VAL M 158 39.04 -16.93 -24.06
CA VAL M 158 40.10 -16.52 -24.97
C VAL M 158 41.12 -15.67 -24.23
N VAL M 159 40.66 -14.62 -23.55
CA VAL M 159 41.55 -13.76 -22.77
C VAL M 159 41.10 -13.83 -21.31
N ASP M 160 41.61 -14.84 -20.60
CA ASP M 160 41.25 -15.07 -19.21
C ASP M 160 42.01 -14.14 -18.28
N ARG M 161 43.28 -13.92 -18.57
CA ARG M 161 44.05 -13.00 -17.73
C ARG M 161 44.95 -12.16 -18.61
N GLU M 162 45.45 -11.07 -18.03
CA GLU M 162 46.29 -10.12 -18.75
C GLU M 162 47.31 -10.70 -19.72
N SER M 163 47.95 -11.79 -19.32
CA SER M 163 48.97 -12.43 -20.17
C SER M 163 48.47 -13.02 -21.48
N ASP M 164 47.15 -13.14 -21.63
CA ASP M 164 46.57 -13.72 -22.84
C ASP M 164 46.38 -12.71 -23.98
N ILE M 165 46.39 -11.44 -23.64
CA ILE M 165 46.17 -10.39 -24.62
C ILE M 165 47.19 -10.37 -25.75
N PRO M 166 48.49 -10.40 -25.42
CA PRO M 166 49.48 -10.39 -26.50
C PRO M 166 49.47 -11.66 -27.33
N LYS M 167 48.86 -12.71 -26.79
CA LYS M 167 48.77 -14.00 -27.48
C LYS M 167 47.54 -14.09 -28.39
N THR M 168 46.64 -13.12 -28.27
CA THR M 168 45.42 -13.13 -29.08
C THR M 168 45.53 -12.22 -30.29
N THR M 169 45.19 -12.74 -31.46
CA THR M 169 45.24 -11.97 -32.68
C THR M 169 43.85 -11.45 -33.02
N VAL M 170 43.80 -10.44 -33.88
CA VAL M 170 42.53 -9.86 -34.30
C VAL M 170 41.61 -10.94 -34.87
N GLN M 171 42.19 -11.93 -35.54
CA GLN M 171 41.43 -13.01 -36.16
C GLN M 171 40.72 -13.82 -35.09
N VAL M 172 41.48 -14.28 -34.12
CA VAL M 172 40.92 -15.07 -33.03
C VAL M 172 39.86 -14.24 -32.33
N ALA M 173 40.23 -13.03 -31.92
CA ALA M 173 39.33 -12.13 -31.23
C ALA M 173 38.05 -11.83 -32.02
N GLU M 174 38.19 -11.33 -33.24
CA GLU M 174 37.00 -11.03 -34.03
C GLU M 174 36.09 -12.22 -34.15
N GLU M 175 36.67 -13.40 -34.14
CA GLU M 175 35.89 -14.61 -34.27
C GLU M 175 35.11 -14.86 -32.98
N ALA M 176 35.78 -14.73 -31.86
CA ALA M 176 35.14 -14.91 -30.58
C ALA M 176 33.93 -13.96 -30.52
N ILE M 177 34.17 -12.68 -30.81
CA ILE M 177 33.12 -11.69 -30.80
C ILE M 177 31.95 -12.09 -31.67
N VAL M 178 32.22 -12.48 -32.90
CA VAL M 178 31.15 -12.87 -33.81
C VAL M 178 30.36 -14.07 -33.33
N ASN M 179 31.04 -15.00 -32.67
CA ASN M 179 30.34 -16.18 -32.18
C ASN M 179 29.43 -15.79 -31.01
N ALA M 180 29.92 -14.85 -30.21
CA ALA M 180 29.16 -14.39 -29.05
C ALA M 180 27.86 -13.74 -29.57
N MET M 181 27.97 -12.90 -30.59
CA MET M 181 26.81 -12.25 -31.15
C MET M 181 25.78 -13.29 -31.58
N ARG M 182 26.26 -14.44 -32.02
CA ARG M 182 25.35 -15.51 -32.44
C ARG M 182 24.64 -16.09 -31.23
N VAL M 183 25.41 -16.46 -30.21
CA VAL M 183 24.83 -17.02 -28.99
C VAL M 183 23.77 -16.05 -28.44
N LEU M 184 24.11 -14.76 -28.38
CA LEU M 184 23.15 -13.78 -27.88
C LEU M 184 21.91 -13.78 -28.77
N TYR M 185 22.09 -13.96 -30.07
CA TYR M 185 20.96 -13.99 -30.99
C TYR M 185 20.08 -15.20 -30.69
N TYR M 186 20.68 -16.27 -30.20
CA TYR M 186 19.96 -17.49 -29.88
C TYR M 186 19.12 -17.39 -28.62
N ARG M 187 19.70 -16.81 -27.56
CA ARG M 187 18.99 -16.75 -26.28
C ARG M 187 18.50 -15.40 -25.75
N ASP M 188 18.79 -14.29 -26.44
CA ASP M 188 18.30 -12.99 -26.00
C ASP M 188 17.06 -12.64 -26.84
N ALA M 189 15.91 -12.53 -26.18
CA ALA M 189 14.65 -12.24 -26.86
C ALA M 189 14.53 -10.81 -27.37
N ARG M 190 15.52 -9.98 -27.06
CA ARG M 190 15.50 -8.60 -27.52
C ARG M 190 16.63 -8.31 -28.50
N SER M 191 17.14 -9.36 -29.15
CA SER M 191 18.24 -9.20 -30.10
C SER M 191 17.86 -9.26 -31.58
N SER M 192 18.73 -8.69 -32.40
CA SER M 192 18.57 -8.64 -33.86
C SER M 192 19.66 -9.50 -34.50
N ARG M 193 19.45 -9.92 -35.73
CA ARG M 193 20.43 -10.75 -36.41
C ARG M 193 21.50 -9.86 -37.02
N ASN M 194 21.15 -8.59 -37.21
CA ASN M 194 22.07 -7.61 -37.77
C ASN M 194 22.79 -6.84 -36.70
N PHE M 195 24.08 -6.65 -36.91
CA PHE M 195 24.87 -5.95 -35.93
C PHE M 195 26.06 -5.24 -36.55
N SER M 196 26.70 -4.39 -35.77
CA SER M 196 27.87 -3.67 -36.22
C SER M 196 29.04 -4.12 -35.36
N LEU M 197 30.22 -4.13 -35.96
CA LEU M 197 31.41 -4.54 -35.24
C LEU M 197 32.49 -3.54 -35.61
N ALA M 198 33.31 -3.14 -34.65
CA ALA M 198 34.38 -2.20 -34.92
C ALA M 198 35.71 -2.65 -34.30
N ILE M 199 36.79 -2.39 -35.03
CA ILE M 199 38.11 -2.76 -34.55
C ILE M 199 38.96 -1.50 -34.48
N ILE M 200 39.67 -1.31 -33.35
CA ILE M 200 40.55 -0.17 -33.21
C ILE M 200 41.91 -0.82 -32.97
N ASP M 201 42.73 -0.81 -34.01
CA ASP M 201 44.05 -1.40 -33.98
C ASP M 201 45.11 -0.31 -33.97
N LYS M 202 46.17 -0.50 -33.17
CA LYS M 202 47.22 0.50 -33.09
C LYS M 202 48.03 0.62 -34.37
N ASN M 203 47.76 -0.23 -35.36
CA ASN M 203 48.47 -0.20 -36.63
C ASN M 203 47.53 0.08 -37.78
N THR M 204 46.47 -0.71 -37.87
CA THR M 204 45.51 -0.56 -38.96
C THR M 204 44.48 0.54 -38.77
N GLY M 205 44.41 1.08 -37.55
CA GLY M 205 43.44 2.13 -37.29
C GLY M 205 42.06 1.66 -36.89
N LEU M 206 41.04 2.39 -37.33
CA LEU M 206 39.68 2.03 -37.00
C LEU M 206 38.94 1.47 -38.19
N THR M 207 38.56 0.20 -38.07
CA THR M 207 37.82 -0.50 -39.12
C THR M 207 36.42 -0.63 -38.55
N PHE M 208 35.45 -0.05 -39.24
CA PHE M 208 34.08 -0.09 -38.77
C PHE M 208 33.19 -0.88 -39.73
N LYS M 209 32.81 -2.08 -39.31
CA LYS M 209 31.96 -2.96 -40.13
C LYS M 209 30.47 -2.86 -39.79
N LYS M 210 29.68 -2.44 -40.77
CA LYS M 210 28.24 -2.31 -40.62
C LYS M 210 27.52 -3.42 -41.36
N ASN M 211 26.27 -3.64 -41.01
CA ASN M 211 25.43 -4.65 -41.63
C ASN M 211 25.88 -6.10 -41.61
N LEU M 212 26.61 -6.49 -40.57
CA LEU M 212 27.02 -7.87 -40.46
C LEU M 212 25.75 -8.65 -40.11
N GLN M 213 25.83 -9.98 -40.18
CA GLN M 213 24.69 -10.81 -39.87
C GLN M 213 25.11 -12.10 -39.22
N VAL M 214 24.28 -12.59 -38.32
CA VAL M 214 24.56 -13.85 -37.67
C VAL M 214 24.45 -14.92 -38.75
N GLU M 215 25.53 -15.67 -38.94
CA GLU M 215 25.55 -16.74 -39.95
C GLU M 215 25.91 -18.08 -39.33
N ASN M 216 25.74 -19.13 -40.12
CA ASN M 216 26.08 -20.48 -39.69
C ASN M 216 25.38 -20.92 -38.41
N MET M 217 24.07 -20.74 -38.37
CA MET M 217 23.31 -21.13 -37.19
C MET M 217 22.89 -22.59 -37.29
N LYS M 218 22.75 -23.23 -36.14
CA LYS M 218 22.33 -24.62 -36.09
C LYS M 218 20.85 -24.68 -35.69
N TRP M 219 20.00 -25.13 -36.60
CA TRP M 219 18.57 -25.24 -36.34
C TRP M 219 18.01 -26.58 -36.72
N ASP M 220 18.75 -27.33 -37.55
CA ASP M 220 18.29 -28.63 -38.01
C ASP M 220 17.77 -29.60 -36.94
N PHE M 221 18.48 -29.73 -35.82
CA PHE M 221 18.06 -30.62 -34.75
C PHE M 221 16.63 -30.34 -34.27
N ALA M 222 16.14 -29.14 -34.56
CA ALA M 222 14.80 -28.74 -34.16
C ALA M 222 13.73 -29.67 -34.71
N LYS M 223 14.00 -30.28 -35.86
CA LYS M 223 13.02 -31.17 -36.50
C LYS M 223 12.79 -32.47 -35.73
N ASP M 224 13.78 -32.84 -34.92
CA ASP M 224 13.71 -34.08 -34.14
C ASP M 224 13.04 -33.90 -32.80
N ILE M 225 12.59 -32.68 -32.52
CA ILE M 225 11.94 -32.42 -31.25
C ILE M 225 10.43 -32.33 -31.39
N LYS M 226 9.74 -33.22 -30.70
CA LYS M 226 8.29 -33.22 -30.72
C LYS M 226 7.75 -33.36 -29.30
N GLY M 227 6.61 -32.70 -29.06
CA GLY M 227 5.98 -32.75 -27.76
C GLY M 227 6.83 -32.16 -26.65
N TYR M 228 6.41 -32.36 -25.42
CA TYR M 228 7.14 -31.85 -24.27
C TYR M 228 7.40 -32.95 -23.25
N GLY M 229 7.39 -34.20 -23.73
CA GLY M 229 7.64 -35.32 -22.85
C GLY M 229 7.23 -36.69 -23.39
N THR M 230 5.92 -36.93 -23.51
CA THR M 230 5.43 -38.21 -23.97
C THR M 230 5.04 -38.31 -25.44
N GLN M 231 4.58 -37.19 -26.01
CA GLN M 231 4.16 -37.19 -27.42
C GLN M 231 5.22 -37.78 -28.33
N LYS M 232 4.82 -38.71 -29.18
CA LYS M 232 5.76 -39.35 -30.10
C LYS M 232 5.75 -38.80 -31.52
N ILE M 233 4.60 -38.35 -32.02
CA ILE M 233 4.54 -37.83 -33.38
C ILE M 233 4.65 -36.30 -33.46
N THR N 1 -6.27 5.51 -31.58
CA THR N 1 -5.74 6.31 -32.71
C THR N 1 -4.86 5.50 -33.64
N SER N 2 -4.94 5.83 -34.93
CA SER N 2 -4.13 5.18 -35.95
C SER N 2 -3.65 6.28 -36.87
N ILE N 3 -2.33 6.44 -36.94
CA ILE N 3 -1.73 7.47 -37.78
C ILE N 3 -0.51 6.91 -38.48
N MET N 4 -0.22 7.43 -39.66
CA MET N 4 0.93 6.98 -40.42
C MET N 4 1.32 8.04 -41.44
N ALA N 5 2.56 7.96 -41.90
CA ALA N 5 3.08 8.86 -42.90
C ALA N 5 3.94 8.01 -43.83
N VAL N 6 3.71 8.15 -45.13
CA VAL N 6 4.45 7.38 -46.12
C VAL N 6 5.09 8.31 -47.15
N THR N 7 6.37 8.08 -47.43
CA THR N 7 7.04 8.89 -48.42
C THR N 7 6.84 8.15 -49.72
N PHE N 8 6.72 8.88 -50.82
CA PHE N 8 6.53 8.25 -52.12
C PHE N 8 7.19 9.11 -53.18
N LYS N 9 7.28 8.57 -54.38
CA LYS N 9 7.91 9.25 -55.51
C LYS N 9 7.77 10.78 -55.57
N ASP N 10 6.58 11.31 -55.36
CA ASP N 10 6.36 12.77 -55.46
C ASP N 10 6.42 13.57 -54.17
N GLY N 11 6.57 12.89 -53.03
CA GLY N 11 6.63 13.59 -51.77
C GLY N 11 6.29 12.71 -50.57
N VAL N 12 5.19 13.04 -49.89
CA VAL N 12 4.76 12.28 -48.72
C VAL N 12 3.28 12.51 -48.42
N ILE N 13 2.67 11.53 -47.76
CA ILE N 13 1.27 11.62 -47.37
C ILE N 13 1.05 11.21 -45.90
N LEU N 14 0.26 12.01 -45.19
CA LEU N 14 -0.06 11.74 -43.79
C LEU N 14 -1.49 11.26 -43.70
N GLY N 15 -1.71 10.20 -42.92
CA GLY N 15 -3.05 9.67 -42.75
C GLY N 15 -3.35 9.46 -41.28
N ALA N 16 -4.64 9.48 -40.93
CA ALA N 16 -5.06 9.29 -39.55
C ALA N 16 -6.56 9.04 -39.45
N ASP N 17 -6.98 8.35 -38.40
CA ASP N 17 -8.40 8.09 -38.20
C ASP N 17 -8.90 9.41 -37.60
N SER N 18 -10.14 9.45 -37.12
CA SER N 18 -10.65 10.68 -36.54
C SER N 18 -11.35 10.48 -35.21
N ARG N 19 -11.02 9.38 -34.54
CA ARG N 19 -11.67 9.09 -33.27
C ARG N 19 -10.83 9.42 -32.04
N THR N 20 -11.46 10.09 -31.08
CA THR N 20 -10.80 10.40 -29.81
C THR N 20 -11.79 9.97 -28.75
N THR N 21 -11.29 9.16 -27.81
CA THR N 21 -12.10 8.62 -26.73
C THR N 21 -11.63 8.99 -25.34
N THR N 22 -12.54 8.83 -24.39
CA THR N 22 -12.26 9.03 -22.97
C THR N 22 -12.93 7.76 -22.44
N GLY N 23 -12.13 6.71 -22.28
CA GLY N 23 -12.68 5.45 -21.84
C GLY N 23 -13.28 4.81 -23.06
N ALA N 24 -14.53 4.37 -22.97
CA ALA N 24 -15.16 3.75 -24.11
C ALA N 24 -16.06 4.76 -24.82
N TYR N 25 -16.14 5.98 -24.30
CA TYR N 25 -16.96 7.00 -24.93
C TYR N 25 -16.17 7.74 -26.00
N ILE N 26 -16.78 7.90 -27.16
CA ILE N 26 -16.12 8.59 -28.25
C ILE N 26 -16.44 10.06 -28.11
N ALA N 27 -15.50 10.80 -27.52
CA ALA N 27 -15.66 12.22 -27.28
C ALA N 27 -15.80 13.01 -28.58
N ASN N 28 -14.97 12.66 -29.55
CA ASN N 28 -14.98 13.29 -30.85
C ASN N 28 -14.87 12.20 -31.91
N ARG N 29 -15.81 12.16 -32.85
CA ARG N 29 -15.74 11.14 -33.89
C ARG N 29 -15.25 11.71 -35.21
N VAL N 30 -15.02 13.01 -35.25
CA VAL N 30 -14.53 13.65 -36.45
C VAL N 30 -13.29 14.51 -36.18
N THR N 31 -12.44 14.01 -35.28
CA THR N 31 -11.21 14.71 -34.91
C THR N 31 -10.27 14.85 -36.09
N ASP N 32 -9.47 15.92 -36.08
CA ASP N 32 -8.49 16.14 -37.14
C ASP N 32 -7.11 16.02 -36.52
N LYS N 33 -6.51 14.85 -36.69
CA LYS N 33 -5.20 14.58 -36.11
C LYS N 33 -4.02 14.94 -37.02
N LEU N 34 -4.31 15.56 -38.16
CA LEU N 34 -3.27 15.99 -39.09
C LEU N 34 -3.03 17.48 -38.86
N THR N 35 -1.98 17.78 -38.09
CA THR N 35 -1.67 19.15 -37.73
C THR N 35 -0.53 19.80 -38.53
N ARG N 36 -0.79 21.05 -38.92
CA ARG N 36 0.13 21.84 -39.71
C ARG N 36 1.05 22.70 -38.86
N VAL N 37 2.37 22.56 -39.03
CA VAL N 37 3.31 23.36 -38.27
C VAL N 37 4.02 24.33 -39.20
N HIS N 38 3.87 24.11 -40.50
CA HIS N 38 4.44 24.98 -41.53
C HIS N 38 3.78 24.63 -42.85
N ASP N 39 3.86 25.52 -43.82
CA ASP N 39 3.26 25.31 -45.13
C ASP N 39 3.38 23.87 -45.60
N LYS N 40 4.59 23.33 -45.58
CA LYS N 40 4.75 21.97 -46.02
C LYS N 40 5.40 21.00 -45.05
N ILE N 41 5.10 21.21 -43.77
CA ILE N 41 5.57 20.34 -42.72
C ILE N 41 4.36 20.14 -41.81
N TRP N 42 3.89 18.91 -41.73
CA TRP N 42 2.73 18.56 -40.91
C TRP N 42 3.11 17.44 -39.98
N CYS N 43 2.23 17.12 -39.04
CA CYS N 43 2.52 16.05 -38.10
C CYS N 43 1.27 15.28 -37.76
N CYS N 44 1.46 14.04 -37.30
CA CYS N 44 0.37 13.18 -36.89
C CYS N 44 0.51 13.12 -35.38
N ARG N 45 -0.61 13.37 -34.71
CA ARG N 45 -0.61 13.37 -33.26
C ARG N 45 -1.22 12.13 -32.61
N SER N 46 -0.52 11.62 -31.60
CA SER N 46 -0.98 10.46 -30.82
C SER N 46 -0.52 10.69 -29.36
N GLY N 47 -1.25 10.14 -28.41
CA GLY N 47 -0.92 10.32 -27.01
C GLY N 47 -1.91 11.32 -26.41
N SER N 48 -1.51 12.04 -25.38
CA SER N 48 -2.40 13.02 -24.77
C SER N 48 -2.73 14.14 -25.75
N ALA N 49 -4.01 14.36 -26.02
CA ALA N 49 -4.42 15.42 -26.94
C ALA N 49 -3.98 16.77 -26.38
N ALA N 50 -4.08 16.93 -25.07
CA ALA N 50 -3.66 18.17 -24.46
C ALA N 50 -2.17 18.35 -24.72
N ASP N 51 -1.41 17.29 -24.49
CA ASP N 51 0.05 17.33 -24.67
C ASP N 51 0.49 17.63 -26.09
N THR N 52 -0.01 16.84 -27.04
CA THR N 52 0.38 17.04 -28.43
C THR N 52 -0.07 18.37 -29.02
N GLN N 53 -1.25 18.84 -28.63
CA GLN N 53 -1.74 20.13 -29.12
C GLN N 53 -0.80 21.25 -28.61
N ALA N 54 -0.48 21.21 -27.32
CA ALA N 54 0.41 22.22 -26.74
C ALA N 54 1.78 22.17 -27.40
N ILE N 55 2.26 20.95 -27.64
CA ILE N 55 3.56 20.77 -28.29
C ILE N 55 3.55 21.29 -29.73
N ALA N 56 2.52 20.91 -30.50
CA ALA N 56 2.42 21.36 -31.87
C ALA N 56 2.31 22.88 -31.92
N ASP N 57 1.48 23.45 -31.05
CA ASP N 57 1.29 24.89 -31.02
C ASP N 57 2.65 25.57 -30.84
N ILE N 58 3.44 25.08 -29.89
CA ILE N 58 4.76 25.66 -29.64
C ILE N 58 5.71 25.47 -30.81
N VAL N 59 5.69 24.29 -31.44
CA VAL N 59 6.57 24.02 -32.58
C VAL N 59 6.21 24.98 -33.71
N GLN N 60 4.92 25.13 -33.96
CA GLN N 60 4.47 26.04 -35.03
C GLN N 60 4.98 27.45 -34.79
N TYR N 61 4.95 27.86 -33.52
CA TYR N 61 5.44 29.17 -33.13
C TYR N 61 6.94 29.27 -33.43
N HIS N 62 7.71 28.27 -33.00
CA HIS N 62 9.15 28.24 -33.23
C HIS N 62 9.55 28.31 -34.69
N LEU N 63 8.82 27.59 -35.54
CA LEU N 63 9.12 27.59 -36.96
C LEU N 63 8.71 28.91 -37.61
N GLU N 64 7.63 29.52 -37.12
CA GLU N 64 7.20 30.80 -37.65
C GLU N 64 8.28 31.84 -37.37
N LEU N 65 8.83 31.80 -36.16
CA LEU N 65 9.88 32.74 -35.79
C LEU N 65 11.16 32.40 -36.56
N TYR N 66 11.44 31.11 -36.68
CA TYR N 66 12.62 30.63 -37.40
C TYR N 66 12.58 31.22 -38.81
N THR N 67 11.41 31.14 -39.43
CA THR N 67 11.25 31.64 -40.78
C THR N 67 11.48 33.15 -40.85
N SER N 68 10.93 33.90 -39.90
CA SER N 68 11.10 35.35 -39.86
C SER N 68 12.57 35.71 -39.94
N GLN N 69 13.41 34.87 -39.36
CA GLN N 69 14.83 35.16 -39.31
C GLN N 69 15.75 34.42 -40.28
N TYR N 70 15.49 33.14 -40.55
CA TYR N 70 16.40 32.41 -41.41
C TYR N 70 15.77 31.78 -42.63
N GLY N 71 14.54 32.16 -42.93
CA GLY N 71 13.88 31.58 -44.07
C GLY N 71 13.25 30.24 -43.76
N THR N 72 12.85 29.55 -44.82
CA THR N 72 12.20 28.26 -44.67
C THR N 72 13.03 27.21 -43.94
N PRO N 73 12.42 26.58 -42.93
CA PRO N 73 13.04 25.53 -42.12
C PRO N 73 12.94 24.19 -42.82
N SER N 74 13.92 23.31 -42.61
CA SER N 74 13.88 21.99 -43.25
C SER N 74 12.92 21.10 -42.48
N THR N 75 12.62 19.93 -43.03
CA THR N 75 11.73 19.01 -42.35
C THR N 75 12.51 18.50 -41.14
N GLU N 76 13.82 18.30 -41.35
CA GLU N 76 14.70 17.81 -40.29
C GLU N 76 14.71 18.76 -39.09
N THR N 77 14.71 20.06 -39.35
CA THR N 77 14.71 21.07 -38.30
C THR N 77 13.43 20.98 -37.46
N ALA N 78 12.29 20.79 -38.13
CA ALA N 78 11.00 20.68 -37.45
C ALA N 78 10.99 19.46 -36.55
N ALA N 79 11.57 18.37 -37.03
CA ALA N 79 11.63 17.15 -36.22
C ALA N 79 12.52 17.43 -35.01
N SER N 80 13.55 18.24 -35.20
CA SER N 80 14.48 18.58 -34.13
C SER N 80 13.77 19.34 -32.99
N VAL N 81 12.96 20.32 -33.35
CA VAL N 81 12.22 21.10 -32.35
C VAL N 81 11.22 20.19 -31.62
N PHE N 82 10.48 19.39 -32.37
CA PHE N 82 9.51 18.47 -31.76
C PHE N 82 10.22 17.59 -30.77
N LYS N 83 11.34 17.02 -31.21
CA LYS N 83 12.14 16.13 -30.39
C LYS N 83 12.71 16.81 -29.14
N GLU N 84 13.25 18.00 -29.30
CA GLU N 84 13.81 18.72 -28.17
C GLU N 84 12.74 18.84 -27.10
N LEU N 85 11.53 19.20 -27.50
CA LEU N 85 10.41 19.35 -26.58
C LEU N 85 9.99 18.04 -25.92
N CYS N 86 9.86 16.99 -26.73
CA CYS N 86 9.44 15.69 -26.23
C CYS N 86 10.46 14.99 -25.34
N TYR N 87 11.74 15.22 -25.60
CA TYR N 87 12.81 14.60 -24.82
C TYR N 87 13.02 15.33 -23.50
N GLU N 88 13.29 16.61 -23.61
CA GLU N 88 13.51 17.46 -22.46
C GLU N 88 12.35 17.42 -21.46
N ASN N 89 11.15 17.11 -21.94
CA ASN N 89 9.97 17.05 -21.06
C ASN N 89 9.35 15.67 -20.99
N LYS N 90 10.14 14.64 -21.20
CA LYS N 90 9.64 13.26 -21.18
C LYS N 90 8.88 12.86 -19.93
N ASP N 91 9.19 13.49 -18.80
CA ASP N 91 8.51 13.14 -17.56
C ASP N 91 7.10 13.71 -17.41
N ASN N 92 6.75 14.70 -18.20
CA ASN N 92 5.44 15.29 -18.10
C ASN N 92 4.71 15.28 -19.42
N LEU N 93 5.05 14.33 -20.28
CA LEU N 93 4.40 14.24 -21.58
C LEU N 93 4.13 12.81 -21.99
N THR N 94 3.05 12.65 -22.75
CA THR N 94 2.66 11.37 -23.30
C THR N 94 2.29 11.76 -24.72
N ALA N 95 3.33 11.90 -25.55
CA ALA N 95 3.18 12.29 -26.93
C ALA N 95 3.92 11.39 -27.91
N GLY N 96 3.17 10.88 -28.89
CA GLY N 96 3.73 10.04 -29.93
C GLY N 96 3.48 10.81 -31.21
N ILE N 97 4.53 11.43 -31.74
CA ILE N 97 4.37 12.25 -32.93
C ILE N 97 5.11 11.84 -34.20
N ILE N 98 4.43 11.93 -35.33
CA ILE N 98 5.05 11.62 -36.62
C ILE N 98 5.16 12.92 -37.42
N VAL N 99 6.39 13.28 -37.77
CA VAL N 99 6.63 14.50 -38.53
C VAL N 99 6.86 14.16 -40.00
N ALA N 100 6.13 14.84 -40.87
CA ALA N 100 6.26 14.60 -42.32
C ALA N 100 6.34 15.93 -43.03
N GLY N 101 7.19 16.00 -44.05
CA GLY N 101 7.31 17.24 -44.79
C GLY N 101 7.83 17.07 -46.20
N TYR N 102 7.49 18.04 -47.05
CA TYR N 102 7.97 18.02 -48.43
C TYR N 102 9.00 19.11 -48.67
N ASP N 103 10.06 18.70 -49.34
CA ASP N 103 11.17 19.56 -49.64
C ASP N 103 11.53 19.34 -51.11
N ASP N 104 11.87 20.41 -51.81
CA ASP N 104 12.20 20.30 -53.22
C ASP N 104 13.47 19.51 -53.48
N LYS N 105 14.42 19.62 -52.56
CA LYS N 105 15.68 18.91 -52.68
C LYS N 105 15.56 17.48 -52.18
N ASN N 106 14.96 17.29 -51.00
CA ASN N 106 14.83 15.97 -50.39
C ASN N 106 13.53 15.26 -50.72
N LYS N 107 12.65 15.93 -51.46
CA LYS N 107 11.37 15.32 -51.80
C LYS N 107 10.58 15.13 -50.49
N GLY N 108 10.13 13.92 -50.19
CA GLY N 108 9.39 13.72 -48.94
C GLY N 108 10.24 13.11 -47.84
N GLU N 109 10.01 13.51 -46.60
CA GLU N 109 10.74 12.93 -45.46
C GLU N 109 9.81 12.62 -44.31
N VAL N 110 10.15 11.59 -43.54
CA VAL N 110 9.32 11.20 -42.42
C VAL N 110 10.14 10.88 -41.17
N TYR N 111 9.83 11.60 -40.10
CA TYR N 111 10.50 11.39 -38.82
C TYR N 111 9.46 10.96 -37.79
N THR N 112 9.80 9.94 -37.02
CA THR N 112 8.89 9.48 -36.00
C THR N 112 9.53 9.72 -34.65
N ILE N 113 8.77 10.33 -33.75
CA ILE N 113 9.23 10.63 -32.41
C ILE N 113 8.34 9.87 -31.42
N PRO N 114 8.82 8.70 -30.96
CA PRO N 114 8.07 7.87 -30.01
C PRO N 114 8.11 8.43 -28.60
N LEU N 115 7.39 7.76 -27.71
CA LEU N 115 7.30 8.17 -26.31
C LEU N 115 8.58 8.68 -25.65
N GLY N 116 9.64 7.89 -25.67
CA GLY N 116 10.85 8.35 -25.02
C GLY N 116 11.40 9.73 -25.39
N GLY N 117 11.17 10.15 -26.63
CA GLY N 117 11.69 11.43 -27.06
C GLY N 117 12.85 11.25 -28.02
N SER N 118 12.97 10.07 -28.59
CA SER N 118 14.04 9.78 -29.57
C SER N 118 13.50 10.11 -30.96
N VAL N 119 14.37 10.21 -31.95
CA VAL N 119 13.91 10.51 -33.31
C VAL N 119 14.36 9.43 -34.27
N HIS N 120 13.52 9.12 -35.24
CA HIS N 120 13.84 8.08 -36.22
C HIS N 120 13.36 8.49 -37.59
N LYS N 121 14.28 8.61 -38.54
CA LYS N 121 13.92 8.98 -39.91
C LYS N 121 13.64 7.67 -40.64
N LEU N 122 12.49 7.58 -41.30
CA LEU N 122 12.12 6.35 -41.99
C LEU N 122 11.37 6.61 -43.31
N PRO N 123 11.25 5.58 -44.15
CA PRO N 123 10.56 5.66 -45.44
C PRO N 123 9.08 5.90 -45.18
N TYR N 124 8.63 5.39 -44.05
CA TYR N 124 7.26 5.54 -43.61
C TYR N 124 7.20 5.15 -42.14
N ALA N 125 6.12 5.56 -41.46
CA ALA N 125 5.98 5.25 -40.04
C ALA N 125 4.53 5.14 -39.69
N ILE N 126 4.27 4.31 -38.68
CA ILE N 126 2.93 4.10 -38.17
C ILE N 126 2.97 4.25 -36.65
N ALA N 127 1.87 4.70 -36.06
CA ALA N 127 1.83 4.89 -34.63
C ALA N 127 0.40 5.01 -34.14
N GLY N 128 0.22 4.97 -32.83
CA GLY N 128 -1.11 5.06 -32.26
C GLY N 128 -1.54 3.68 -31.81
N SER N 129 -2.60 3.61 -31.01
CA SER N 129 -3.10 2.35 -30.52
C SER N 129 -3.34 1.32 -31.64
N GLY N 130 -3.94 1.76 -32.75
CA GLY N 130 -4.21 0.83 -33.84
C GLY N 130 -3.01 0.31 -34.64
N SER N 131 -1.90 1.01 -34.59
CA SER N 131 -0.73 0.63 -35.34
C SER N 131 -0.23 -0.80 -35.13
N THR N 132 -0.37 -1.32 -33.92
CA THR N 132 0.12 -2.68 -33.64
C THR N 132 -0.49 -3.73 -34.55
N PHE N 133 -1.74 -3.49 -34.94
CA PHE N 133 -2.46 -4.43 -35.77
C PHE N 133 -2.05 -4.43 -37.23
N ILE N 134 -1.44 -3.35 -37.68
CA ILE N 134 -1.05 -3.27 -39.08
C ILE N 134 0.46 -3.32 -39.34
N TYR N 135 1.22 -3.81 -38.37
CA TYR N 135 2.66 -3.93 -38.54
C TYR N 135 2.97 -4.91 -39.66
N GLY N 136 2.50 -6.14 -39.53
CA GLY N 136 2.74 -7.13 -40.56
C GLY N 136 2.20 -6.70 -41.91
N TYR N 137 0.99 -6.15 -41.93
CA TYR N 137 0.38 -5.71 -43.17
C TYR N 137 1.20 -4.63 -43.87
N CYS N 138 1.62 -3.60 -43.13
CA CYS N 138 2.40 -2.52 -43.70
C CYS N 138 3.78 -2.95 -44.17
N ASP N 139 4.43 -3.82 -43.39
CA ASP N 139 5.76 -4.27 -43.76
C ASP N 139 5.72 -5.08 -45.05
N LYS N 140 4.59 -5.75 -45.31
CA LYS N 140 4.45 -6.57 -46.50
C LYS N 140 3.87 -5.85 -47.70
N ASN N 141 3.41 -4.62 -47.52
CA ASN N 141 2.81 -3.89 -48.64
C ASN N 141 3.45 -2.55 -48.97
N PHE N 142 4.39 -2.09 -48.17
CA PHE N 142 5.03 -0.84 -48.47
C PHE N 142 6.11 -1.07 -49.51
N ARG N 143 6.29 -0.08 -50.37
CA ARG N 143 7.29 -0.09 -51.43
C ARG N 143 7.78 1.34 -51.51
N GLU N 144 9.04 1.53 -51.84
CA GLU N 144 9.54 2.88 -51.96
C GLU N 144 9.19 3.48 -53.30
N ASN N 145 9.01 4.79 -53.32
CA ASN N 145 8.67 5.51 -54.55
C ASN N 145 7.42 5.02 -55.25
N MET N 146 6.35 4.85 -54.49
CA MET N 146 5.08 4.44 -55.08
C MET N 146 4.51 5.70 -55.71
N SER N 147 3.42 5.57 -56.45
CA SER N 147 2.82 6.74 -57.06
C SER N 147 1.83 7.31 -56.07
N LYS N 148 1.35 8.51 -56.32
CA LYS N 148 0.38 9.10 -55.42
C LYS N 148 -0.79 8.14 -55.19
N GLU N 149 -1.39 7.66 -56.28
CA GLU N 149 -2.53 6.77 -56.18
C GLU N 149 -2.22 5.48 -55.41
N GLU N 150 -1.04 4.91 -55.64
CA GLU N 150 -0.66 3.69 -54.95
C GLU N 150 -0.54 3.94 -53.46
N THR N 151 0.07 5.08 -53.12
CA THR N 151 0.28 5.48 -51.73
C THR N 151 -1.04 5.77 -51.02
N VAL N 152 -1.94 6.49 -51.68
CA VAL N 152 -3.23 6.81 -51.08
C VAL N 152 -3.98 5.50 -50.79
N ASP N 153 -3.72 4.49 -51.61
CA ASP N 153 -4.38 3.21 -51.42
C ASP N 153 -3.78 2.41 -50.29
N PHE N 154 -2.46 2.49 -50.17
CA PHE N 154 -1.73 1.79 -49.11
C PHE N 154 -2.17 2.31 -47.74
N ILE N 155 -2.24 3.63 -47.63
CA ILE N 155 -2.66 4.27 -46.40
C ILE N 155 -4.13 3.96 -46.11
N LYS N 156 -4.98 4.05 -47.13
CA LYS N 156 -6.40 3.77 -46.95
C LYS N 156 -6.63 2.34 -46.47
N HIS N 157 -5.86 1.41 -47.01
CA HIS N 157 -5.97 0.00 -46.63
C HIS N 157 -5.44 -0.23 -45.23
N SER N 158 -4.22 0.23 -44.98
CA SER N 158 -3.59 0.09 -43.67
C SER N 158 -4.49 0.62 -42.57
N LEU N 159 -4.88 1.88 -42.66
CA LEU N 159 -5.71 2.48 -41.63
C LEU N 159 -7.10 1.88 -41.50
N SER N 160 -7.66 1.35 -42.58
CA SER N 160 -8.98 0.76 -42.45
C SER N 160 -8.85 -0.50 -41.59
N GLN N 161 -7.74 -1.22 -41.74
CA GLN N 161 -7.53 -2.41 -40.95
C GLN N 161 -7.30 -2.04 -39.49
N ALA N 162 -6.50 -1.00 -39.26
CA ALA N 162 -6.24 -0.54 -37.91
C ALA N 162 -7.58 -0.17 -37.28
N ILE N 163 -8.42 0.51 -38.04
CA ILE N 163 -9.74 0.91 -37.55
C ILE N 163 -10.62 -0.29 -37.27
N LYS N 164 -10.45 -1.33 -38.09
CA LYS N 164 -11.24 -2.54 -37.95
C LYS N 164 -11.02 -3.26 -36.66
N TRP N 165 -9.77 -3.33 -36.24
CA TRP N 165 -9.41 -4.05 -35.03
C TRP N 165 -9.26 -3.23 -33.74
N ASP N 166 -8.90 -1.96 -33.84
CA ASP N 166 -8.71 -1.11 -32.67
C ASP N 166 -9.89 -0.23 -32.33
N GLY N 167 -10.59 -0.55 -31.25
CA GLY N 167 -11.74 0.21 -30.85
C GLY N 167 -11.42 1.66 -30.53
N SER N 168 -10.13 1.98 -30.44
CA SER N 168 -9.73 3.34 -30.14
C SER N 168 -9.55 4.19 -31.40
N SER N 169 -9.76 3.56 -32.55
CA SER N 169 -9.65 4.24 -33.83
C SER N 169 -10.97 4.08 -34.57
N GLY N 170 -11.26 5.04 -35.45
CA GLY N 170 -12.50 4.98 -36.21
C GLY N 170 -12.89 6.31 -36.82
N GLY N 171 -14.11 6.36 -37.36
CA GLY N 171 -14.62 7.57 -37.98
C GLY N 171 -14.21 7.63 -39.44
N VAL N 172 -13.68 8.76 -39.87
CA VAL N 172 -13.24 8.90 -41.23
C VAL N 172 -11.73 8.77 -41.30
N ILE N 173 -11.19 8.58 -42.50
CA ILE N 173 -9.75 8.52 -42.64
C ILE N 173 -9.42 9.84 -43.31
N ARG N 174 -8.52 10.62 -42.71
CA ARG N 174 -8.10 11.90 -43.28
C ARG N 174 -6.68 11.75 -43.82
N MET N 175 -6.38 12.44 -44.92
CA MET N 175 -5.05 12.40 -45.48
C MET N 175 -4.66 13.80 -45.89
N VAL N 176 -3.36 14.02 -46.02
CA VAL N 176 -2.83 15.29 -46.44
C VAL N 176 -1.67 14.95 -47.37
N VAL N 177 -1.70 15.48 -48.58
CA VAL N 177 -0.65 15.19 -49.54
C VAL N 177 0.34 16.34 -49.68
N LEU N 178 1.61 16.02 -49.47
CA LEU N 178 2.66 17.02 -49.55
C LEU N 178 3.60 16.75 -50.72
N THR N 179 3.47 17.57 -51.75
CA THR N 179 4.30 17.46 -52.95
C THR N 179 4.67 18.86 -53.45
N ALA N 180 5.49 18.91 -54.49
CA ALA N 180 5.89 20.20 -55.04
C ALA N 180 4.67 20.95 -55.56
N ALA N 181 3.60 20.21 -55.84
CA ALA N 181 2.38 20.81 -56.39
C ALA N 181 1.50 21.54 -55.39
N GLY N 182 1.78 21.42 -54.10
CA GLY N 182 0.94 22.08 -53.11
C GLY N 182 0.50 21.18 -51.97
N VAL N 183 -0.61 21.54 -51.35
CA VAL N 183 -1.14 20.76 -50.23
C VAL N 183 -2.55 20.30 -50.53
N GLU N 184 -2.78 18.98 -50.43
CA GLU N 184 -4.10 18.43 -50.70
C GLU N 184 -4.65 17.61 -49.54
N ARG N 185 -5.90 17.89 -49.17
CA ARG N 185 -6.58 17.18 -48.11
C ARG N 185 -7.56 16.18 -48.68
N LEU N 186 -7.48 14.94 -48.20
CA LEU N 186 -8.37 13.89 -48.65
C LEU N 186 -9.15 13.35 -47.46
N ILE N 187 -10.37 12.88 -47.70
CA ILE N 187 -11.17 12.31 -46.63
C ILE N 187 -11.91 11.10 -47.21
N PHE N 188 -12.02 10.04 -46.43
CA PHE N 188 -12.70 8.82 -46.88
C PHE N 188 -13.64 8.39 -45.78
N TYR N 189 -14.88 8.10 -46.15
CA TYR N 189 -15.87 7.71 -45.18
C TYR N 189 -15.94 6.20 -44.97
N PRO N 190 -16.55 5.77 -43.86
CA PRO N 190 -16.69 4.34 -43.54
C PRO N 190 -17.15 3.48 -44.71
N ASP N 191 -18.31 3.81 -45.27
CA ASP N 191 -18.82 3.04 -46.39
C ASP N 191 -17.78 2.77 -47.46
N GLU N 192 -16.79 3.65 -47.60
CA GLU N 192 -15.78 3.40 -48.60
C GLU N 192 -14.66 2.48 -48.12
N TYR N 193 -13.90 2.91 -47.12
CA TYR N 193 -12.78 2.09 -46.65
C TYR N 193 -13.15 0.80 -45.93
N GLU N 194 -14.36 0.70 -45.39
CA GLU N 194 -14.77 -0.50 -44.67
C GLU N 194 -14.69 -1.76 -45.51
N GLN N 195 -15.34 -1.74 -46.67
CA GLN N 195 -15.35 -2.91 -47.54
C GLN N 195 -14.13 -3.05 -48.43
N LEU N 196 -12.97 -2.61 -47.93
CA LEU N 196 -11.74 -2.72 -48.69
C LEU N 196 -11.01 -4.00 -48.31
N MET O 1 -25.82 -49.44 -1.18
CA MET O 1 -24.34 -49.58 -1.28
C MET O 1 -23.75 -49.36 0.11
N THR O 2 -22.60 -48.71 0.15
CA THR O 2 -21.89 -48.41 1.39
C THR O 2 -21.77 -49.66 2.25
N ASP O 3 -20.54 -50.14 2.37
CA ASP O 3 -20.25 -51.31 3.17
C ASP O 3 -20.98 -51.16 4.51
N ARG O 4 -21.87 -52.10 4.79
CA ARG O 4 -22.64 -52.08 6.04
C ARG O 4 -22.09 -53.17 6.97
N TYR O 5 -20.97 -53.76 6.56
CA TYR O 5 -20.29 -54.81 7.30
C TYR O 5 -19.21 -54.17 8.17
N SER O 6 -19.65 -53.42 9.17
CA SER O 6 -18.74 -52.72 10.08
C SER O 6 -18.44 -53.56 11.32
N PHE O 7 -18.95 -54.79 11.36
CA PHE O 7 -18.74 -55.70 12.48
C PHE O 7 -17.76 -56.79 12.11
N SER O 8 -17.14 -57.40 13.12
CA SER O 8 -16.17 -58.46 12.90
C SER O 8 -16.79 -59.73 12.31
N LEU O 9 -16.11 -60.30 11.32
CA LEU O 9 -16.56 -61.54 10.71
C LEU O 9 -15.81 -62.72 11.33
N THR O 10 -14.88 -62.40 12.24
CA THR O 10 -14.11 -63.42 12.95
C THR O 10 -14.39 -63.17 14.42
N THR O 11 -15.00 -64.12 15.10
CA THR O 11 -15.33 -63.95 16.53
C THR O 11 -14.97 -65.19 17.33
N PHE O 12 -15.00 -65.08 18.65
CA PHE O 12 -14.67 -66.20 19.51
C PHE O 12 -15.82 -67.18 19.64
N SER O 13 -15.52 -68.46 19.51
CA SER O 13 -16.56 -69.48 19.65
C SER O 13 -16.55 -69.82 21.13
N PRO O 14 -17.63 -70.43 21.64
CA PRO O 14 -17.66 -70.77 23.07
C PRO O 14 -16.44 -71.54 23.56
N SER O 15 -15.77 -72.26 22.66
CA SER O 15 -14.59 -73.02 23.07
C SER O 15 -13.35 -72.15 23.02
N GLY O 16 -13.53 -70.88 22.64
CA GLY O 16 -12.41 -69.96 22.55
C GLY O 16 -11.70 -69.96 21.22
N LYS O 17 -12.21 -70.70 20.24
CA LYS O 17 -11.59 -70.75 18.94
C LYS O 17 -12.02 -69.58 18.05
N LEU O 18 -11.11 -69.11 17.21
CA LEU O 18 -11.44 -68.05 16.26
C LEU O 18 -11.57 -68.77 14.91
N GLY O 19 -12.80 -69.23 14.64
CA GLY O 19 -13.09 -69.98 13.43
C GLY O 19 -12.36 -69.65 12.15
N GLN O 20 -12.60 -68.43 11.67
CA GLN O 20 -12.01 -67.97 10.42
C GLN O 20 -10.49 -68.12 10.33
N ILE O 21 -9.79 -67.90 11.44
CA ILE O 21 -8.35 -68.02 11.45
C ILE O 21 -8.00 -69.50 11.30
N ASP O 22 -8.76 -70.35 11.99
CA ASP O 22 -8.52 -71.77 11.88
C ASP O 22 -8.70 -72.20 10.44
N TYR O 23 -9.87 -71.92 9.88
CA TYR O 23 -10.16 -72.29 8.50
C TYR O 23 -9.08 -71.78 7.56
N ALA O 24 -8.65 -70.54 7.78
CA ALA O 24 -7.61 -69.94 6.95
C ALA O 24 -6.36 -70.84 7.01
N LEU O 25 -6.04 -71.34 8.19
CA LEU O 25 -4.87 -72.21 8.36
C LEU O 25 -5.07 -73.51 7.58
N THR O 26 -6.31 -73.99 7.55
CA THR O 26 -6.64 -75.19 6.82
C THR O 26 -6.32 -74.97 5.34
N ALA O 27 -6.72 -73.81 4.84
CA ALA O 27 -6.48 -73.47 3.45
C ALA O 27 -4.98 -73.49 3.17
N VAL O 28 -4.20 -73.10 4.17
CA VAL O 28 -2.74 -73.08 4.02
C VAL O 28 -2.19 -74.49 3.90
N LYS O 29 -2.73 -75.40 4.72
CA LYS O 29 -2.29 -76.79 4.68
C LYS O 29 -2.51 -77.40 3.31
N GLN O 30 -3.63 -77.05 2.67
CA GLN O 30 -3.95 -77.57 1.33
C GLN O 30 -2.97 -77.02 0.30
N GLY O 31 -2.32 -75.91 0.65
CA GLY O 31 -1.40 -75.27 -0.28
C GLY O 31 -0.16 -76.05 -0.62
N VAL O 32 0.48 -75.65 -1.71
CA VAL O 32 1.70 -76.29 -2.15
C VAL O 32 2.81 -76.02 -1.14
N THR O 33 3.68 -77.01 -0.94
CA THR O 33 4.77 -76.87 0.01
C THR O 33 5.75 -75.78 -0.40
N SER O 34 6.29 -75.08 0.60
CA SER O 34 7.30 -74.04 0.41
C SER O 34 8.15 -74.10 1.68
N LEU O 35 9.45 -73.86 1.56
CA LEU O 35 10.32 -73.94 2.72
C LEU O 35 11.39 -72.87 2.79
N GLY O 36 12.12 -72.85 3.90
CA GLY O 36 13.17 -71.88 4.10
C GLY O 36 14.26 -72.44 5.01
N ILE O 37 15.51 -72.22 4.63
CA ILE O 37 16.64 -72.70 5.41
C ILE O 37 17.66 -71.60 5.61
N LYS O 38 18.01 -71.35 6.86
CA LYS O 38 18.99 -70.31 7.18
C LYS O 38 20.37 -70.92 7.35
N ALA O 39 21.35 -70.39 6.61
CA ALA O 39 22.73 -70.87 6.71
C ALA O 39 23.51 -69.83 7.50
N THR O 40 24.83 -69.97 7.54
CA THR O 40 25.63 -69.01 8.28
C THR O 40 25.87 -67.76 7.43
N ASN O 41 25.89 -67.93 6.12
CA ASN O 41 26.14 -66.79 5.24
C ASN O 41 25.04 -66.59 4.22
N GLY O 42 23.81 -66.87 4.62
CA GLY O 42 22.70 -66.69 3.71
C GLY O 42 21.45 -67.45 4.13
N VAL O 43 20.37 -67.25 3.38
CA VAL O 43 19.12 -67.94 3.66
C VAL O 43 18.59 -68.35 2.29
N VAL O 44 17.72 -69.34 2.26
CA VAL O 44 17.15 -69.78 1.00
C VAL O 44 15.69 -70.12 1.21
N ILE O 45 14.84 -69.67 0.28
CA ILE O 45 13.42 -69.96 0.33
C ILE O 45 13.08 -70.61 -1.00
N ALA O 46 12.24 -71.63 -0.96
CA ALA O 46 11.88 -72.34 -2.19
C ALA O 46 10.47 -72.89 -2.11
N THR O 47 9.92 -73.19 -3.29
CA THR O 47 8.59 -73.74 -3.40
C THR O 47 8.47 -74.37 -4.78
N GLU O 48 7.38 -75.10 -4.99
CA GLU O 48 7.13 -75.76 -6.26
C GLU O 48 6.18 -74.89 -7.09
N LYS O 49 6.41 -74.83 -8.40
CA LYS O 49 5.55 -74.06 -9.28
C LYS O 49 4.53 -75.03 -9.89
N LYS O 50 3.44 -75.23 -9.15
CA LYS O 50 2.35 -76.12 -9.53
C LYS O 50 1.57 -75.56 -10.72
N SER O 51 2.20 -75.56 -11.90
CA SER O 51 1.56 -75.05 -13.11
C SER O 51 0.12 -75.56 -13.26
N SER O 52 -0.84 -74.65 -13.14
CA SER O 52 -2.27 -75.00 -13.25
C SER O 52 -2.77 -75.34 -14.67
N SER O 53 -1.84 -75.48 -15.59
CA SER O 53 -2.14 -75.81 -16.99
C SER O 53 -0.84 -75.84 -17.79
N PRO O 54 -0.70 -76.81 -18.69
CA PRO O 54 0.53 -76.89 -19.50
C PRO O 54 0.61 -75.73 -20.49
N LEU O 55 -0.51 -75.04 -20.71
CA LEU O 55 -0.53 -73.91 -21.61
C LEU O 55 -0.17 -72.61 -20.90
N ALA O 56 -0.15 -72.65 -19.57
CA ALA O 56 0.21 -71.50 -18.78
C ALA O 56 1.72 -71.34 -18.87
N MET O 57 2.22 -70.19 -18.45
CA MET O 57 3.65 -69.94 -18.50
C MET O 57 4.15 -69.66 -17.11
N SER O 58 4.59 -70.72 -16.45
CA SER O 58 5.08 -70.68 -15.08
C SER O 58 5.94 -69.47 -14.72
N GLU O 59 6.71 -68.95 -15.66
CA GLU O 59 7.57 -67.78 -15.37
C GLU O 59 6.72 -66.54 -15.08
N THR O 60 5.61 -66.37 -15.79
CA THR O 60 4.74 -65.21 -15.60
C THR O 60 4.12 -65.17 -14.22
N LEU O 61 4.29 -66.23 -13.44
CA LEU O 61 3.71 -66.25 -12.09
C LEU O 61 4.78 -66.67 -11.10
N SER O 62 5.31 -65.70 -10.37
CA SER O 62 6.35 -65.98 -9.39
C SER O 62 5.80 -66.08 -7.98
N LYS O 63 6.18 -67.15 -7.29
CA LYS O 63 5.75 -67.39 -5.92
C LYS O 63 6.78 -66.84 -4.94
N VAL O 64 7.96 -66.51 -5.46
CA VAL O 64 9.04 -65.95 -4.66
C VAL O 64 9.22 -64.48 -5.03
N SER O 65 8.84 -63.59 -4.12
CA SER O 65 8.90 -62.16 -4.38
C SER O 65 9.91 -61.35 -3.57
N LEU O 66 10.54 -60.39 -4.25
CA LEU O 66 11.49 -59.50 -3.60
C LEU O 66 10.65 -58.41 -2.92
N LEU O 67 10.88 -58.21 -1.63
CA LEU O 67 10.15 -57.19 -0.89
C LEU O 67 10.98 -55.91 -0.82
N THR O 68 12.26 -56.06 -0.52
CA THR O 68 13.21 -54.96 -0.48
C THR O 68 14.44 -55.59 -1.11
N PRO O 69 15.51 -54.81 -1.33
CA PRO O 69 16.66 -55.49 -1.94
C PRO O 69 17.39 -56.54 -1.09
N ASP O 70 16.97 -56.70 0.16
CA ASP O 70 17.59 -57.70 1.04
C ASP O 70 16.53 -58.56 1.71
N ILE O 71 15.32 -58.56 1.17
CA ILE O 71 14.26 -59.36 1.76
C ILE O 71 13.41 -60.02 0.69
N GLY O 72 13.14 -61.29 0.89
CA GLY O 72 12.35 -62.04 -0.06
C GLY O 72 11.22 -62.74 0.68
N ALA O 73 10.18 -63.13 -0.04
CA ALA O 73 9.06 -63.79 0.58
C ALA O 73 8.54 -64.92 -0.30
N VAL O 74 7.98 -65.93 0.35
CA VAL O 74 7.41 -67.09 -0.32
C VAL O 74 6.19 -67.52 0.51
N TYR O 75 5.26 -68.24 -0.09
CA TYR O 75 4.06 -68.61 0.64
C TYR O 75 3.50 -69.99 0.35
N SER O 76 2.40 -70.27 1.05
CA SER O 76 1.64 -71.49 0.90
C SER O 76 0.21 -71.08 1.23
N GLY O 77 -0.72 -71.45 0.36
CA GLY O 77 -2.10 -71.10 0.60
C GLY O 77 -2.68 -70.40 -0.63
N MET O 78 -3.45 -69.35 -0.39
CA MET O 78 -4.08 -68.62 -1.48
C MET O 78 -3.21 -67.61 -2.23
N GLY O 79 -2.78 -68.00 -3.43
CA GLY O 79 -1.96 -67.14 -4.27
C GLY O 79 -2.42 -65.70 -4.39
N PRO O 80 -3.70 -65.45 -4.71
CA PRO O 80 -4.16 -64.06 -4.82
C PRO O 80 -3.97 -63.26 -3.54
N ASP O 81 -4.25 -63.86 -2.39
CA ASP O 81 -4.06 -63.16 -1.13
C ASP O 81 -2.58 -62.77 -0.97
N TYR O 82 -1.69 -63.70 -1.32
CA TYR O 82 -0.26 -63.45 -1.22
C TYR O 82 0.15 -62.30 -2.14
N ARG O 83 -0.41 -62.26 -3.34
CA ARG O 83 -0.06 -61.23 -4.29
C ARG O 83 -0.31 -59.82 -3.74
N VAL O 84 -1.50 -59.58 -3.19
CA VAL O 84 -1.79 -58.25 -2.63
C VAL O 84 -0.94 -57.99 -1.38
N LEU O 85 -0.67 -59.03 -0.60
CA LEU O 85 0.15 -58.86 0.59
C LEU O 85 1.54 -58.42 0.15
N VAL O 86 2.04 -58.99 -0.94
CA VAL O 86 3.35 -58.62 -1.46
C VAL O 86 3.39 -57.14 -1.85
N ASP O 87 2.31 -56.64 -2.45
CA ASP O 87 2.27 -55.24 -2.84
C ASP O 87 2.21 -54.36 -1.60
N LYS O 88 1.35 -54.73 -0.65
CA LYS O 88 1.22 -53.98 0.58
C LYS O 88 2.55 -53.94 1.33
N SER O 89 3.22 -55.09 1.36
CA SER O 89 4.51 -55.21 2.02
C SER O 89 5.56 -54.33 1.39
N ARG O 90 5.65 -54.33 0.07
CA ARG O 90 6.62 -53.50 -0.60
C ARG O 90 6.35 -52.03 -0.32
N LYS O 91 5.08 -51.67 -0.29
CA LYS O 91 4.71 -50.28 -0.05
C LYS O 91 5.00 -49.86 1.37
N VAL O 92 4.56 -50.68 2.33
CA VAL O 92 4.77 -50.36 3.74
C VAL O 92 6.25 -50.23 4.06
N ALA O 93 7.10 -50.95 3.35
CA ALA O 93 8.53 -50.89 3.57
C ALA O 93 9.02 -49.48 3.24
N HIS O 94 8.29 -48.77 2.39
CA HIS O 94 8.66 -47.40 2.00
C HIS O 94 7.98 -46.36 2.87
N THR O 95 6.65 -46.34 2.82
CA THR O 95 5.88 -45.36 3.57
C THR O 95 6.19 -45.32 5.06
N SER O 96 6.38 -46.50 5.66
CA SER O 96 6.64 -46.57 7.09
C SER O 96 8.10 -46.71 7.48
N TYR O 97 9.00 -46.59 6.53
CA TYR O 97 10.40 -46.72 6.88
C TYR O 97 11.37 -45.97 5.97
N LYS O 98 11.57 -46.45 4.75
CA LYS O 98 12.51 -45.80 3.85
C LYS O 98 12.24 -44.30 3.65
N ARG O 99 10.98 -43.89 3.72
CA ARG O 99 10.65 -42.47 3.54
C ARG O 99 10.89 -41.65 4.79
N ILE O 100 11.23 -42.34 5.88
CA ILE O 100 11.47 -41.69 7.14
C ILE O 100 12.95 -41.70 7.50
N TYR O 101 13.53 -42.89 7.51
CA TYR O 101 14.94 -43.06 7.89
C TYR O 101 15.88 -43.14 6.71
N GLY O 102 15.33 -43.15 5.51
CA GLY O 102 16.20 -43.20 4.35
C GLY O 102 16.89 -44.53 4.14
N GLU O 103 16.36 -45.59 4.74
CA GLU O 103 16.94 -46.91 4.57
C GLU O 103 15.82 -47.95 4.64
N TYR O 104 16.04 -49.12 4.04
CA TYR O 104 15.05 -50.19 4.05
C TYR O 104 14.93 -50.77 5.45
N PRO O 105 13.74 -51.20 5.84
CA PRO O 105 13.54 -51.76 7.19
C PRO O 105 14.27 -53.08 7.44
N PRO O 106 14.57 -53.37 8.72
CA PRO O 106 15.26 -54.62 9.05
C PRO O 106 14.19 -55.71 8.95
N THR O 107 14.60 -56.91 8.55
CA THR O 107 13.68 -58.03 8.39
C THR O 107 12.58 -58.16 9.44
N LYS O 108 12.94 -58.27 10.71
CA LYS O 108 11.94 -58.40 11.76
C LYS O 108 10.85 -57.33 11.73
N LEU O 109 11.23 -56.08 11.50
CA LEU O 109 10.25 -55.01 11.47
C LEU O 109 9.28 -55.08 10.29
N LEU O 110 9.81 -55.29 9.08
CA LEU O 110 8.96 -55.40 7.90
C LEU O 110 7.98 -56.55 8.16
N VAL O 111 8.54 -57.66 8.66
CA VAL O 111 7.77 -58.86 9.00
C VAL O 111 6.68 -58.47 9.98
N SER O 112 7.04 -57.59 10.90
CA SER O 112 6.11 -57.14 11.91
C SER O 112 4.97 -56.34 11.26
N GLU O 113 5.33 -55.48 10.30
CA GLU O 113 4.36 -54.67 9.60
C GLU O 113 3.38 -55.58 8.87
N VAL O 114 3.92 -56.55 8.14
CA VAL O 114 3.12 -57.51 7.40
C VAL O 114 2.15 -58.21 8.33
N ALA O 115 2.69 -58.73 9.43
CA ALA O 115 1.89 -59.43 10.42
C ALA O 115 0.75 -58.55 10.89
N LYS O 116 1.02 -57.26 11.10
CA LYS O 116 -0.01 -56.36 11.55
C LYS O 116 -1.16 -56.30 10.54
N ILE O 117 -0.81 -56.17 9.27
CA ILE O 117 -1.81 -56.12 8.20
C ILE O 117 -2.70 -57.36 8.29
N MET O 118 -2.07 -58.50 8.53
CA MET O 118 -2.84 -59.73 8.66
C MET O 118 -3.69 -59.73 9.92
N GLN O 119 -3.12 -59.27 11.03
CA GLN O 119 -3.86 -59.23 12.28
C GLN O 119 -5.15 -58.45 12.09
N GLU O 120 -5.05 -57.29 11.44
CA GLU O 120 -6.20 -56.46 11.23
C GLU O 120 -7.31 -57.13 10.43
N ALA O 121 -6.92 -58.00 9.50
CA ALA O 121 -7.89 -58.72 8.68
C ALA O 121 -8.57 -59.81 9.51
N THR O 122 -8.19 -59.86 10.77
CA THR O 122 -8.70 -60.85 11.71
C THR O 122 -9.69 -60.21 12.69
N GLN O 123 -9.72 -58.88 12.70
CA GLN O 123 -10.56 -58.13 13.61
C GLN O 123 -11.38 -56.99 12.98
N SER O 124 -10.85 -56.38 11.93
CA SER O 124 -11.54 -55.28 11.25
C SER O 124 -12.93 -55.70 10.83
N GLY O 125 -13.80 -54.73 10.60
CA GLY O 125 -15.16 -55.05 10.20
C GLY O 125 -15.26 -55.47 8.75
N GLY O 126 -16.17 -56.40 8.46
CA GLY O 126 -16.42 -56.84 7.10
C GLY O 126 -15.38 -57.57 6.26
N VAL O 127 -14.38 -58.18 6.86
CA VAL O 127 -13.41 -58.92 6.05
C VAL O 127 -13.11 -60.29 6.64
N ARG O 128 -12.31 -61.06 5.90
CA ARG O 128 -11.93 -62.40 6.33
C ARG O 128 -10.42 -62.37 6.44
N PRO O 129 -9.84 -63.29 7.21
CA PRO O 129 -8.39 -63.35 7.36
C PRO O 129 -7.76 -63.70 6.02
N PHE O 130 -6.47 -63.45 5.89
CA PHE O 130 -5.78 -63.83 4.66
C PHE O 130 -5.59 -65.34 4.75
N GLY O 131 -5.78 -66.03 3.63
CA GLY O 131 -5.62 -67.48 3.62
C GLY O 131 -4.21 -67.89 3.23
N VAL O 132 -3.20 -67.27 3.83
CA VAL O 132 -1.83 -67.64 3.50
C VAL O 132 -0.89 -67.52 4.69
N SER O 133 0.22 -68.24 4.61
CA SER O 133 1.27 -68.19 5.62
C SER O 133 2.46 -67.79 4.80
N LEU O 134 3.30 -66.93 5.34
CA LEU O 134 4.47 -66.49 4.60
C LEU O 134 5.76 -66.92 5.27
N LEU O 135 6.81 -66.96 4.47
CA LEU O 135 8.16 -67.26 4.93
C LEU O 135 8.96 -66.12 4.35
N ILE O 136 9.45 -65.24 5.22
CA ILE O 136 10.23 -64.08 4.80
C ILE O 136 11.68 -64.26 5.22
N ALA O 137 12.58 -64.13 4.27
CA ALA O 137 13.99 -64.28 4.55
C ALA O 137 14.70 -63.01 4.12
N GLY O 138 15.50 -62.46 5.02
CA GLY O 138 16.22 -61.25 4.68
C GLY O 138 17.50 -61.09 5.47
N HIS O 139 18.08 -59.91 5.34
CA HIS O 139 19.32 -59.60 6.04
C HIS O 139 19.43 -58.11 6.23
N ASP O 140 19.82 -57.72 7.43
CA ASP O 140 20.03 -56.32 7.72
C ASP O 140 21.34 -56.23 8.49
N GLU O 141 22.03 -55.11 8.34
CA GLU O 141 23.33 -54.91 8.96
C GLU O 141 23.47 -55.25 10.43
N PHE O 142 22.50 -54.89 11.25
CA PHE O 142 22.63 -55.19 12.67
C PHE O 142 22.04 -56.53 13.14
N ASN O 143 21.35 -57.25 12.27
CA ASN O 143 20.77 -58.52 12.69
C ASN O 143 21.20 -59.68 11.81
N GLY O 144 22.05 -59.40 10.83
CA GLY O 144 22.51 -60.45 9.94
C GLY O 144 21.36 -61.10 9.17
N PHE O 145 21.45 -62.42 8.95
CA PHE O 145 20.43 -63.14 8.23
C PHE O 145 19.34 -63.63 9.16
N SER O 146 18.12 -63.69 8.66
CA SER O 146 17.00 -64.18 9.46
C SER O 146 15.92 -64.80 8.57
N LEU O 147 15.08 -65.63 9.17
CA LEU O 147 13.98 -66.29 8.47
C LEU O 147 12.75 -66.25 9.37
N TYR O 148 11.64 -65.76 8.83
CA TYR O 148 10.42 -65.67 9.62
C TYR O 148 9.23 -66.33 8.97
N GLN O 149 8.26 -66.72 9.79
CA GLN O 149 7.04 -67.32 9.30
C GLN O 149 5.92 -66.45 9.82
N VAL O 150 4.99 -66.05 8.95
CA VAL O 150 3.88 -65.22 9.38
C VAL O 150 2.59 -65.98 9.07
N ASP O 151 1.73 -66.09 10.06
CA ASP O 151 0.47 -66.82 9.92
C ASP O 151 -0.76 -65.94 9.79
N PRO O 152 -1.86 -66.52 9.29
CA PRO O 152 -3.14 -65.84 9.09
C PRO O 152 -3.62 -65.07 10.31
N SER O 153 -3.20 -65.50 11.48
CA SER O 153 -3.61 -64.84 12.71
C SER O 153 -2.82 -63.56 12.91
N GLY O 154 -1.64 -63.50 12.30
CA GLY O 154 -0.82 -62.32 12.44
C GLY O 154 0.36 -62.61 13.33
N SER O 155 0.54 -63.89 13.65
CA SER O 155 1.64 -64.29 14.49
C SER O 155 2.85 -64.56 13.60
N TYR O 156 4.03 -64.43 14.16
CA TYR O 156 5.24 -64.72 13.41
C TYR O 156 6.31 -65.21 14.37
N PHE O 157 7.23 -66.01 13.85
CA PHE O 157 8.29 -66.57 14.65
C PHE O 157 9.52 -66.80 13.80
N PRO O 158 10.71 -66.70 14.40
CA PRO O 158 11.98 -66.90 13.71
C PRO O 158 12.30 -68.38 13.60
N TRP O 159 12.94 -68.77 12.50
CA TRP O 159 13.29 -70.17 12.29
C TRP O 159 14.70 -70.36 11.78
N LYS O 160 15.27 -71.52 12.05
CA LYS O 160 16.59 -71.86 11.56
C LYS O 160 16.27 -72.49 10.21
N ALA O 161 15.14 -73.21 10.18
CA ALA O 161 14.64 -73.87 8.98
C ALA O 161 13.21 -74.35 9.24
N THR O 162 12.38 -74.36 8.21
CA THR O 162 11.00 -74.83 8.37
C THR O 162 10.29 -74.96 7.03
N ALA O 163 9.08 -75.51 7.08
CA ALA O 163 8.28 -75.70 5.89
C ALA O 163 6.82 -75.46 6.23
N ILE O 164 6.03 -75.13 5.21
CA ILE O 164 4.60 -74.90 5.39
C ILE O 164 3.92 -75.47 4.16
N GLY O 165 2.63 -75.74 4.28
CA GLY O 165 1.89 -76.28 3.15
C GLY O 165 1.66 -77.78 3.25
N LYS O 166 1.29 -78.38 2.12
CA LYS O 166 1.02 -79.82 2.01
C LYS O 166 1.90 -80.74 2.85
N GLY O 167 3.16 -80.91 2.45
CA GLY O 167 4.03 -81.81 3.17
C GLY O 167 4.94 -81.21 4.23
N SER O 168 4.45 -80.19 4.92
CA SER O 168 5.24 -79.52 5.95
C SER O 168 5.70 -80.46 7.08
N VAL O 169 4.81 -81.36 7.50
CA VAL O 169 5.16 -82.27 8.60
C VAL O 169 6.39 -83.09 8.25
N ALA O 170 6.36 -83.74 7.09
CA ALA O 170 7.47 -84.56 6.63
C ALA O 170 8.72 -83.73 6.39
N ALA O 171 8.56 -82.65 5.62
CA ALA O 171 9.68 -81.77 5.31
C ALA O 171 10.33 -81.23 6.58
N LYS O 172 9.52 -80.79 7.55
CA LYS O 172 10.08 -80.26 8.79
C LYS O 172 10.96 -81.32 9.45
N THR O 173 10.50 -82.57 9.42
CA THR O 173 11.27 -83.67 10.01
C THR O 173 12.56 -83.90 9.24
N PHE O 174 12.51 -83.86 7.92
CA PHE O 174 13.72 -84.07 7.13
C PHE O 174 14.73 -82.97 7.41
N LEU O 175 14.23 -81.75 7.59
CA LEU O 175 15.11 -80.62 7.85
C LEU O 175 15.77 -80.72 9.23
N GLU O 176 15.01 -81.16 10.23
CA GLU O 176 15.55 -81.29 11.57
C GLU O 176 16.74 -82.25 11.58
N LYS O 177 16.73 -83.22 10.67
CA LYS O 177 17.81 -84.18 10.56
C LYS O 177 19.04 -83.61 9.86
N ARG O 178 18.83 -82.79 8.84
CA ARG O 178 19.93 -82.24 8.07
C ARG O 178 20.44 -80.86 8.47
N TRP O 179 19.73 -80.16 9.33
CA TRP O 179 20.17 -78.81 9.72
C TRP O 179 21.17 -78.80 10.88
N ASN O 180 22.10 -77.85 10.82
CA ASN O 180 23.09 -77.67 11.88
C ASN O 180 23.51 -76.20 11.83
N ASP O 181 24.14 -75.71 12.90
CA ASP O 181 24.53 -74.31 12.95
C ASP O 181 25.85 -74.02 12.23
N GLU O 182 26.24 -74.89 11.32
CA GLU O 182 27.49 -74.67 10.57
C GLU O 182 27.32 -74.79 9.06
N LEU O 183 26.07 -74.73 8.60
CA LEU O 183 25.77 -74.82 7.17
C LEU O 183 26.21 -73.59 6.40
N GLU O 184 26.77 -73.81 5.23
CA GLU O 184 27.20 -72.72 4.36
C GLU O 184 25.99 -72.59 3.43
N LEU O 185 25.83 -71.45 2.77
CA LEU O 185 24.66 -71.26 1.89
C LEU O 185 24.44 -72.38 0.86
N GLU O 186 25.52 -72.84 0.21
CA GLU O 186 25.41 -73.91 -0.78
C GLU O 186 24.82 -75.17 -0.17
N ASP O 187 25.19 -75.44 1.06
CA ASP O 187 24.71 -76.61 1.78
C ASP O 187 23.20 -76.52 2.00
N ALA O 188 22.73 -75.32 2.34
CA ALA O 188 21.31 -75.09 2.58
C ALA O 188 20.52 -75.21 1.28
N ILE O 189 21.08 -74.71 0.19
CA ILE O 189 20.41 -74.79 -1.10
C ILE O 189 20.28 -76.25 -1.51
N HIS O 190 21.32 -77.02 -1.20
CA HIS O 190 21.35 -78.44 -1.51
C HIS O 190 20.25 -79.13 -0.72
N ILE O 191 20.29 -78.97 0.60
CA ILE O 191 19.29 -79.56 1.49
C ILE O 191 17.88 -79.11 1.08
N ALA O 192 17.78 -77.87 0.62
CA ALA O 192 16.50 -77.32 0.17
C ALA O 192 15.98 -78.16 -0.97
N LEU O 193 16.80 -78.34 -2.00
CA LEU O 193 16.42 -79.14 -3.16
C LEU O 193 16.05 -80.56 -2.79
N LEU O 194 16.79 -81.16 -1.85
CA LEU O 194 16.51 -82.51 -1.41
C LEU O 194 15.15 -82.54 -0.75
N THR O 195 14.93 -81.65 0.21
CA THR O 195 13.66 -81.57 0.92
C THR O 195 12.47 -81.41 -0.01
N LEU O 196 12.64 -80.54 -1.00
CA LEU O 196 11.57 -80.28 -1.95
C LEU O 196 11.26 -81.49 -2.83
N LYS O 197 12.29 -82.30 -3.13
CA LYS O 197 12.10 -83.48 -3.97
C LYS O 197 11.02 -84.41 -3.44
N GLU O 198 11.03 -84.68 -2.13
CA GLU O 198 10.03 -85.57 -1.53
C GLU O 198 8.61 -85.05 -1.75
N SER O 199 8.43 -83.74 -1.62
CA SER O 199 7.13 -83.11 -1.78
C SER O 199 6.64 -83.02 -3.23
N VAL O 200 7.54 -83.16 -4.19
CA VAL O 200 7.17 -83.09 -5.60
C VAL O 200 6.80 -84.44 -6.18
N GLU O 201 5.71 -84.45 -6.93
CA GLU O 201 5.18 -85.66 -7.55
C GLU O 201 5.82 -85.96 -8.92
N GLY O 202 5.53 -85.11 -9.89
CA GLY O 202 6.05 -85.30 -11.24
C GLY O 202 7.40 -84.70 -11.56
N GLU O 203 7.41 -83.81 -12.55
CA GLU O 203 8.65 -83.17 -12.97
C GLU O 203 9.31 -82.35 -11.88
N PHE O 204 10.63 -82.46 -11.81
CA PHE O 204 11.40 -81.73 -10.83
C PHE O 204 12.59 -81.15 -11.58
N ASN O 205 12.46 -79.90 -12.01
CA ASN O 205 13.53 -79.23 -12.74
C ASN O 205 13.50 -77.73 -12.50
N GLY O 206 14.46 -77.03 -13.09
CA GLY O 206 14.53 -75.59 -12.92
C GLY O 206 13.30 -74.84 -13.40
N ASP O 207 12.43 -75.52 -14.14
CA ASP O 207 11.23 -74.88 -14.66
C ASP O 207 9.99 -75.15 -13.80
N THR O 208 10.10 -76.10 -12.88
CA THR O 208 8.99 -76.44 -11.99
C THR O 208 9.31 -76.04 -10.55
N ILE O 209 10.54 -75.60 -10.34
CA ILE O 209 11.01 -75.17 -9.02
C ILE O 209 11.36 -73.68 -9.01
N GLU O 210 10.97 -73.02 -7.93
CA GLU O 210 11.25 -71.60 -7.77
C GLU O 210 12.07 -71.46 -6.48
N LEU O 211 13.26 -70.89 -6.60
CA LEU O 211 14.13 -70.76 -5.44
C LEU O 211 14.96 -69.47 -5.48
N ALA O 212 14.95 -68.75 -4.35
CA ALA O 212 15.69 -67.51 -4.22
C ALA O 212 16.55 -67.55 -2.97
N ILE O 213 17.56 -66.67 -2.91
CA ILE O 213 18.44 -66.63 -1.75
C ILE O 213 18.72 -65.21 -1.27
N ILE O 214 19.23 -65.13 -0.05
CA ILE O 214 19.62 -63.86 0.55
C ILE O 214 21.07 -64.15 0.94
N GLY O 215 22.02 -63.62 0.18
CA GLY O 215 23.41 -63.86 0.48
C GLY O 215 24.27 -62.63 0.35
N ASP O 216 25.35 -62.75 -0.39
CA ASP O 216 26.25 -61.61 -0.57
C ASP O 216 25.56 -60.53 -1.39
N GLU O 217 26.20 -59.37 -1.42
CA GLU O 217 25.69 -58.23 -2.17
C GLU O 217 26.08 -58.41 -3.64
N ASN O 218 25.13 -58.16 -4.54
CA ASN O 218 25.37 -58.29 -5.96
C ASN O 218 25.61 -56.94 -6.62
N PRO O 219 26.84 -56.42 -6.53
CA PRO O 219 27.12 -55.12 -7.14
C PRO O 219 26.71 -55.13 -8.62
N ASP O 220 26.92 -56.26 -9.26
CA ASP O 220 26.59 -56.41 -10.68
C ASP O 220 25.10 -56.31 -10.95
N LEU O 221 24.29 -56.23 -9.89
CA LEU O 221 22.84 -56.11 -10.05
C LEU O 221 22.34 -54.76 -9.53
N LEU O 222 23.28 -53.88 -9.20
CA LEU O 222 22.95 -52.56 -8.68
C LEU O 222 22.42 -51.64 -9.76
N GLY O 223 23.01 -51.69 -10.95
CA GLY O 223 22.56 -50.85 -12.05
C GLY O 223 23.38 -49.60 -12.32
N TYR O 224 24.22 -49.23 -11.36
CA TYR O 224 25.08 -48.07 -11.50
C TYR O 224 26.36 -48.22 -10.66
N THR O 225 27.41 -47.50 -11.04
CA THR O 225 28.66 -47.54 -10.31
C THR O 225 29.00 -46.11 -9.94
N GLY O 226 29.84 -45.94 -8.92
CA GLY O 226 30.24 -44.60 -8.51
C GLY O 226 30.05 -44.30 -7.04
N ILE O 227 29.29 -45.13 -6.35
CA ILE O 227 29.04 -44.91 -4.93
C ILE O 227 29.52 -46.11 -4.11
N PRO O 228 30.73 -46.02 -3.54
CA PRO O 228 31.37 -47.06 -2.73
C PRO O 228 30.48 -47.74 -1.69
N THR O 229 29.79 -46.93 -0.88
CA THR O 229 28.91 -47.46 0.16
C THR O 229 27.74 -48.30 -0.36
N ASP O 230 27.39 -48.10 -1.63
CA ASP O 230 26.30 -48.86 -2.26
C ASP O 230 26.92 -50.06 -2.96
N LYS O 231 26.56 -51.27 -2.53
CA LYS O 231 27.16 -52.45 -3.13
C LYS O 231 26.25 -53.46 -3.83
N GLY O 232 24.94 -53.23 -3.82
CA GLY O 232 24.04 -54.15 -4.49
C GLY O 232 23.13 -54.93 -3.57
N PRO O 233 22.08 -55.57 -4.12
CA PRO O 233 21.11 -56.37 -3.36
C PRO O 233 21.62 -57.74 -2.93
N ARG O 234 21.13 -58.22 -1.80
CA ARG O 234 21.51 -59.52 -1.30
C ARG O 234 20.55 -60.56 -1.83
N PHE O 235 19.34 -60.13 -2.17
CA PHE O 235 18.32 -61.02 -2.71
C PHE O 235 18.62 -61.38 -4.15
N ARG O 236 18.53 -62.67 -4.47
CA ARG O 236 18.75 -63.10 -5.84
C ARG O 236 18.00 -64.38 -6.12
N LYS O 237 17.18 -64.33 -7.16
CA LYS O 237 16.39 -65.47 -7.56
C LYS O 237 17.25 -66.31 -8.50
N LEU O 238 17.33 -67.61 -8.26
CA LEU O 238 18.14 -68.46 -9.11
C LEU O 238 17.45 -68.68 -10.45
N THR O 239 18.26 -68.90 -11.47
CA THR O 239 17.73 -69.13 -12.81
C THR O 239 17.38 -70.59 -13.00
N SER O 240 16.54 -70.88 -13.98
CA SER O 240 16.15 -72.25 -14.25
C SER O 240 17.44 -73.04 -14.48
N GLN O 241 18.35 -72.46 -15.27
CA GLN O 241 19.62 -73.10 -15.58
C GLN O 241 20.42 -73.38 -14.31
N GLU O 242 20.51 -72.39 -13.43
CA GLU O 242 21.25 -72.57 -12.18
C GLU O 242 20.69 -73.72 -11.35
N ILE O 243 19.36 -73.85 -11.34
CA ILE O 243 18.71 -74.91 -10.58
C ILE O 243 19.07 -76.27 -11.15
N ASN O 244 19.00 -76.39 -12.47
CA ASN O 244 19.32 -77.66 -13.13
C ASN O 244 20.78 -78.06 -12.89
N ASP O 245 21.70 -77.12 -13.05
CA ASP O 245 23.10 -77.43 -12.83
C ASP O 245 23.28 -78.05 -11.44
N ARG O 246 22.46 -77.60 -10.49
CA ARG O 246 22.55 -78.11 -9.14
C ARG O 246 21.85 -79.44 -8.97
N LEU O 247 20.80 -79.65 -9.74
CA LEU O 247 20.05 -80.90 -9.65
C LEU O 247 20.92 -82.09 -10.05
N GLU O 248 21.95 -81.83 -10.84
CA GLU O 248 22.87 -82.88 -11.26
C GLU O 248 23.71 -83.40 -10.10
N ALA O 249 24.14 -82.50 -9.22
CA ALA O 249 24.94 -82.87 -8.05
C ALA O 249 24.01 -83.17 -6.87
N LEU O 250 22.78 -83.54 -7.17
CA LEU O 250 21.77 -83.82 -6.15
C LEU O 250 21.91 -85.24 -5.57
N GLY P 1 -30.36 -56.99 4.31
CA GLY P 1 -29.06 -56.27 4.51
C GLY P 1 -27.95 -57.11 5.10
N SER P 2 -27.07 -56.48 5.87
CA SER P 2 -25.92 -57.14 6.51
C SER P 2 -26.26 -57.78 7.87
N ARG P 3 -27.26 -57.22 8.54
CA ARG P 3 -27.72 -57.68 9.85
C ARG P 3 -27.66 -59.21 10.01
N ARG P 4 -27.91 -59.91 8.91
CA ARG P 4 -27.93 -61.36 8.86
C ARG P 4 -26.66 -62.07 9.35
N TYR P 5 -25.50 -61.48 9.08
CA TYR P 5 -24.23 -62.09 9.47
C TYR P 5 -23.56 -61.42 10.65
N ASP P 6 -24.27 -60.51 11.32
CA ASP P 6 -23.72 -59.80 12.47
C ASP P 6 -23.82 -60.63 13.74
N SER P 7 -22.66 -61.06 14.25
CA SER P 7 -22.56 -61.88 15.45
C SER P 7 -22.99 -61.17 16.73
N ARG P 8 -22.81 -59.84 16.75
CA ARG P 8 -23.14 -59.00 17.91
C ARG P 8 -22.19 -59.30 19.07
N THR P 9 -20.92 -58.99 18.85
CA THR P 9 -19.86 -59.22 19.82
C THR P 9 -19.94 -58.40 21.08
N THR P 10 -20.92 -57.50 21.18
CA THR P 10 -21.01 -56.67 22.40
C THR P 10 -22.37 -56.63 23.08
N ILE P 11 -22.87 -57.80 23.48
CA ILE P 11 -24.16 -57.86 24.16
C ILE P 11 -24.07 -58.72 25.41
N PHE P 12 -25.04 -58.54 26.30
CA PHE P 12 -25.12 -59.29 27.55
C PHE P 12 -25.84 -60.62 27.37
N SER P 13 -25.43 -61.62 28.13
CA SER P 13 -26.10 -62.92 28.10
C SER P 13 -27.28 -62.71 29.04
N PRO P 14 -28.24 -63.63 29.07
CA PRO P 14 -29.35 -63.39 29.99
C PRO P 14 -28.87 -63.34 31.44
N GLU P 15 -27.67 -63.87 31.67
CA GLU P 15 -27.09 -63.90 33.01
C GLU P 15 -26.23 -62.66 33.28
N GLY P 16 -26.20 -61.74 32.33
CA GLY P 16 -25.44 -60.52 32.50
C GLY P 16 -23.96 -60.68 32.24
N ARG P 17 -23.59 -61.65 31.40
CA ARG P 17 -22.19 -61.88 31.07
C ARG P 17 -21.90 -61.43 29.66
N LEU P 18 -20.63 -61.25 29.34
CA LEU P 18 -20.23 -60.82 28.01
C LEU P 18 -19.58 -61.98 27.26
N TYR P 19 -20.40 -62.69 26.50
CA TYR P 19 -19.95 -63.84 25.72
C TYR P 19 -18.52 -63.78 25.21
N GLN P 20 -18.25 -62.84 24.31
CA GLN P 20 -16.93 -62.72 23.73
C GLN P 20 -15.81 -62.61 24.75
N VAL P 21 -16.03 -61.83 25.81
CA VAL P 21 -15.02 -61.70 26.84
C VAL P 21 -14.81 -63.08 27.46
N GLU P 22 -15.92 -63.76 27.73
CA GLU P 22 -15.87 -65.09 28.32
C GLU P 22 -15.05 -66.02 27.43
N TYR P 23 -15.43 -66.06 26.15
CA TYR P 23 -14.75 -66.93 25.20
C TYR P 23 -13.31 -66.54 24.97
N ALA P 24 -13.04 -65.23 24.99
CA ALA P 24 -11.69 -64.75 24.81
C ALA P 24 -10.85 -65.35 25.92
N LEU P 25 -11.39 -65.31 27.13
CA LEU P 25 -10.71 -65.87 28.30
C LEU P 25 -10.48 -67.36 28.11
N GLU P 26 -11.50 -68.03 27.59
CA GLU P 26 -11.39 -69.46 27.33
C GLU P 26 -10.23 -69.70 26.38
N SER P 27 -9.99 -68.77 25.49
CA SER P 27 -8.90 -68.87 24.53
C SER P 27 -7.57 -68.71 25.23
N ILE P 28 -7.52 -67.68 26.07
CA ILE P 28 -6.32 -67.34 26.82
C ILE P 28 -5.88 -68.45 27.78
N SER P 29 -6.85 -69.22 28.25
CA SER P 29 -6.58 -70.31 29.17
C SER P 29 -5.77 -71.44 28.53
N HIS P 30 -5.54 -71.37 27.23
CA HIS P 30 -4.75 -72.41 26.56
C HIS P 30 -3.39 -71.86 26.14
N ALA P 31 -3.13 -70.61 26.47
CA ALA P 31 -1.87 -69.97 26.14
C ALA P 31 -0.76 -70.30 27.15
N GLY P 32 0.48 -70.35 26.68
CA GLY P 32 1.59 -70.61 27.56
C GLY P 32 1.45 -69.81 28.85
N THR P 33 1.78 -70.43 29.97
CA THR P 33 1.65 -69.76 31.26
C THR P 33 2.62 -68.61 31.48
N ALA P 34 2.10 -67.54 32.07
CA ALA P 34 2.88 -66.34 32.37
C ALA P 34 2.74 -66.04 33.85
N ILE P 35 3.87 -65.82 34.52
CA ILE P 35 3.88 -65.54 35.95
C ILE P 35 4.58 -64.24 36.32
N GLY P 36 3.99 -63.53 37.27
CA GLY P 36 4.56 -62.29 37.75
C GLY P 36 4.64 -62.34 39.27
N ILE P 37 5.85 -62.20 39.81
CA ILE P 37 6.06 -62.22 41.26
C ILE P 37 6.76 -60.95 41.66
N MET P 38 6.15 -60.24 42.59
CA MET P 38 6.72 -58.98 43.06
C MET P 38 7.35 -59.07 44.47
N ALA P 39 8.67 -58.91 44.52
CA ALA P 39 9.41 -58.94 45.78
C ALA P 39 9.45 -57.53 46.37
N SER P 40 10.31 -57.32 47.35
CA SER P 40 10.42 -56.00 47.98
C SER P 40 11.44 -55.11 47.27
N ASP P 41 12.43 -55.76 46.65
CA ASP P 41 13.48 -55.05 45.94
C ASP P 41 13.46 -55.30 44.44
N GLY P 42 12.31 -55.71 43.90
CA GLY P 42 12.21 -55.95 42.47
C GLY P 42 11.03 -56.79 42.04
N ILE P 43 10.87 -56.99 40.74
CA ILE P 43 9.77 -57.80 40.23
C ILE P 43 10.31 -58.83 39.24
N VAL P 44 9.61 -59.96 39.14
CA VAL P 44 10.02 -61.02 38.24
C VAL P 44 8.90 -61.42 37.29
N LEU P 45 9.25 -61.52 36.00
CA LEU P 45 8.31 -61.95 34.98
C LEU P 45 8.87 -63.20 34.33
N ALA P 46 8.05 -64.25 34.30
CA ALA P 46 8.43 -65.52 33.71
C ALA P 46 7.29 -66.07 32.85
N ALA P 47 7.62 -66.53 31.65
CA ALA P 47 6.63 -67.07 30.73
C ALA P 47 7.14 -68.34 30.05
N GLU P 48 6.22 -69.25 29.76
CA GLU P 48 6.56 -70.50 29.10
C GLU P 48 6.18 -70.40 27.63
N ARG P 49 7.17 -70.55 26.75
CA ARG P 49 6.95 -70.47 25.31
C ARG P 49 6.07 -71.63 24.85
N LYS P 50 4.86 -71.33 24.39
CA LYS P 50 3.99 -72.40 23.91
C LYS P 50 4.46 -72.80 22.50
N VAL P 51 4.58 -74.11 22.30
CA VAL P 51 5.03 -74.69 21.01
C VAL P 51 6.42 -74.19 20.58
N THR P 52 7.35 -75.14 20.47
CA THR P 52 8.72 -74.84 20.06
C THR P 52 9.27 -75.99 19.20
N SER P 53 10.44 -75.77 18.63
CA SER P 53 11.09 -76.77 17.79
C SER P 53 12.60 -76.64 17.86
N THR P 54 13.28 -77.62 17.28
CA THR P 54 14.74 -77.60 17.27
C THR P 54 15.20 -76.41 16.45
N LEU P 55 14.52 -76.20 15.32
CA LEU P 55 14.83 -75.13 14.41
C LEU P 55 14.41 -73.72 14.82
N LEU P 56 13.40 -73.61 15.69
CA LEU P 56 12.97 -72.30 16.13
C LEU P 56 14.14 -71.49 16.68
N GLU P 57 14.46 -70.39 16.01
CA GLU P 57 15.55 -69.49 16.40
C GLU P 57 15.13 -68.81 17.71
N GLN P 58 15.78 -69.15 18.81
CA GLN P 58 15.40 -68.57 20.08
C GLN P 58 16.04 -67.23 20.43
N ASP P 59 17.26 -67.01 19.95
CA ASP P 59 17.95 -65.76 20.23
C ASP P 59 17.22 -64.56 19.63
N THR P 60 16.49 -64.79 18.55
CA THR P 60 15.76 -63.72 17.89
C THR P 60 14.27 -63.78 18.21
N SER P 61 13.90 -64.64 19.15
CA SER P 61 12.49 -64.80 19.50
C SER P 61 12.04 -64.05 20.76
N THR P 62 10.86 -63.45 20.69
CA THR P 62 10.26 -62.69 21.79
C THR P 62 8.74 -62.77 21.62
N GLU P 63 8.13 -63.82 22.15
CA GLU P 63 6.68 -64.00 22.02
C GLU P 63 5.88 -63.70 23.29
N LYS P 64 6.53 -63.40 24.40
CA LYS P 64 5.76 -63.17 25.63
C LYS P 64 6.19 -62.01 26.52
N LEU P 65 7.45 -61.59 26.42
CA LEU P 65 7.94 -60.47 27.23
C LEU P 65 8.30 -59.28 26.37
N TYR P 66 7.59 -58.18 26.57
CA TYR P 66 7.83 -56.97 25.80
C TYR P 66 8.11 -55.78 26.70
N LYS P 67 9.11 -55.00 26.32
CA LYS P 67 9.50 -53.81 27.05
C LYS P 67 8.58 -52.70 26.57
N LEU P 68 7.83 -52.08 27.48
CA LEU P 68 6.94 -50.99 27.09
C LEU P 68 7.59 -49.62 27.23
N ASN P 69 8.35 -49.50 28.30
CA ASN P 69 9.01 -48.25 28.70
C ASN P 69 10.32 -48.71 29.33
N ASP P 70 11.11 -47.79 29.88
CA ASP P 70 12.35 -48.18 30.52
C ASP P 70 12.08 -48.76 31.91
N LYS P 71 10.90 -48.47 32.44
CA LYS P 71 10.55 -48.96 33.77
C LYS P 71 9.32 -49.84 33.81
N ILE P 72 8.77 -50.17 32.64
CA ILE P 72 7.58 -51.02 32.57
C ILE P 72 7.69 -52.08 31.48
N ALA P 73 7.36 -53.33 31.83
CA ALA P 73 7.38 -54.43 30.87
C ALA P 73 6.12 -55.24 31.09
N VAL P 74 5.70 -56.01 30.09
CA VAL P 74 4.51 -56.82 30.23
C VAL P 74 4.77 -58.23 29.77
N ALA P 75 4.02 -59.16 30.36
CA ALA P 75 4.10 -60.55 30.00
C ALA P 75 2.76 -60.79 29.32
N VAL P 76 2.82 -61.40 28.13
CA VAL P 76 1.63 -61.67 27.33
C VAL P 76 1.11 -63.10 27.40
N ALA P 77 -0.21 -63.23 27.41
CA ALA P 77 -0.85 -64.55 27.43
C ALA P 77 -2.05 -64.49 26.48
N GLY P 78 -1.90 -65.11 25.31
CA GLY P 78 -2.98 -65.10 24.33
C GLY P 78 -2.51 -64.89 22.90
N LEU P 79 -3.29 -64.17 22.10
CA LEU P 79 -2.94 -63.89 20.71
C LEU P 79 -1.80 -62.89 20.58
N THR P 80 -0.61 -63.35 20.22
CA THR P 80 0.54 -62.46 20.07
C THR P 80 0.26 -61.24 19.20
N ALA P 81 -0.35 -61.49 18.04
CA ALA P 81 -0.67 -60.42 17.09
C ALA P 81 -1.54 -59.37 17.75
N ASP P 82 -2.55 -59.79 18.52
CA ASP P 82 -3.44 -58.83 19.21
C ASP P 82 -2.62 -58.04 20.22
N ALA P 83 -1.78 -58.75 20.96
CA ALA P 83 -0.94 -58.15 21.97
C ALA P 83 -0.11 -57.03 21.36
N GLU P 84 0.60 -57.29 20.27
CA GLU P 84 1.43 -56.25 19.65
C GLU P 84 0.64 -54.98 19.32
N ILE P 85 -0.58 -55.09 18.83
CA ILE P 85 -1.36 -53.89 18.54
C ILE P 85 -1.46 -53.08 19.83
N LEU P 86 -1.89 -53.73 20.91
CA LEU P 86 -2.03 -53.06 22.20
C LEU P 86 -0.71 -52.53 22.75
N ILE P 87 0.30 -53.39 22.73
CA ILE P 87 1.63 -53.04 23.23
C ILE P 87 2.12 -51.75 22.58
N ASN P 88 1.96 -51.64 21.27
CA ASN P 88 2.41 -50.45 20.61
C ASN P 88 1.65 -49.18 21.02
N THR P 89 0.33 -49.24 21.13
CA THR P 89 -0.39 -48.03 21.52
C THR P 89 0.07 -47.64 22.92
N ALA P 90 0.50 -48.65 23.69
CA ALA P 90 0.99 -48.43 25.05
C ALA P 90 2.34 -47.67 25.00
N ARG P 91 3.29 -48.17 24.24
CA ARG P 91 4.58 -47.52 24.15
C ARG P 91 4.40 -46.05 23.78
N ILE P 92 3.48 -45.79 22.86
CA ILE P 92 3.21 -44.43 22.41
C ILE P 92 2.62 -43.61 23.56
N HIS P 93 1.65 -44.19 24.26
CA HIS P 93 1.02 -43.48 25.38
C HIS P 93 2.09 -43.04 26.38
N ALA P 94 3.06 -43.91 26.65
CA ALA P 94 4.12 -43.60 27.60
C ALA P 94 4.87 -42.36 27.16
N GLN P 95 5.24 -42.33 25.88
CA GLN P 95 5.96 -41.20 25.33
C GLN P 95 5.15 -39.91 25.31
N ASN P 96 3.85 -40.01 25.07
CA ASN P 96 3.02 -38.80 25.04
C ASN P 96 3.02 -38.18 26.42
N TYR P 97 2.92 -39.02 27.45
CA TYR P 97 2.92 -38.54 28.83
C TYR P 97 4.24 -37.82 29.11
N LEU P 98 5.34 -38.48 28.76
CA LEU P 98 6.67 -37.93 28.96
C LEU P 98 6.81 -36.61 28.23
N LYS P 99 6.34 -36.54 26.99
CA LYS P 99 6.43 -35.32 26.21
C LYS P 99 5.61 -34.19 26.85
N THR P 100 4.43 -34.52 27.37
CA THR P 100 3.57 -33.52 27.98
C THR P 100 4.03 -33.00 29.33
N TYR P 101 4.50 -33.91 30.19
CA TYR P 101 4.92 -33.56 31.54
C TYR P 101 6.40 -33.57 31.86
N ASN P 102 7.19 -34.27 31.06
CA ASN P 102 8.62 -34.37 31.30
C ASN P 102 8.89 -35.25 32.51
N GLU P 103 7.97 -36.18 32.72
CA GLU P 103 8.05 -37.14 33.81
C GLU P 103 7.58 -38.49 33.28
N ASP P 104 8.32 -39.55 33.62
CA ASP P 104 7.94 -40.89 33.16
C ASP P 104 6.54 -41.19 33.64
N ILE P 105 5.79 -41.88 32.79
CA ILE P 105 4.42 -42.22 33.12
C ILE P 105 4.25 -43.18 34.29
N PRO P 106 3.45 -42.79 35.30
CA PRO P 106 3.20 -43.64 36.47
C PRO P 106 2.63 -44.96 35.97
N VAL P 107 3.12 -46.08 36.51
CA VAL P 107 2.69 -47.39 36.07
C VAL P 107 1.18 -47.61 35.94
N GLU P 108 0.41 -47.27 36.97
CA GLU P 108 -1.02 -47.49 36.86
C GLU P 108 -1.65 -46.70 35.74
N ILE P 109 -1.24 -45.45 35.57
CA ILE P 109 -1.79 -44.60 34.52
C ILE P 109 -1.71 -45.29 33.13
N LEU P 110 -0.56 -45.91 32.83
CA LEU P 110 -0.40 -46.62 31.57
C LEU P 110 -1.32 -47.84 31.56
N VAL P 111 -1.42 -48.54 32.68
CA VAL P 111 -2.28 -49.72 32.75
C VAL P 111 -3.76 -49.38 32.59
N ARG P 112 -4.22 -48.29 33.21
CA ARG P 112 -5.63 -47.93 33.10
C ARG P 112 -6.07 -47.58 31.67
N ARG P 113 -5.18 -46.95 30.93
CA ARG P 113 -5.48 -46.56 29.56
C ARG P 113 -5.61 -47.80 28.69
N LEU P 114 -4.59 -48.65 28.73
CA LEU P 114 -4.60 -49.86 27.93
C LEU P 114 -5.83 -50.68 28.25
N SER P 115 -6.21 -50.70 29.52
CA SER P 115 -7.38 -51.46 29.94
C SER P 115 -8.62 -50.79 29.39
N ASP P 116 -8.63 -49.47 29.38
CA ASP P 116 -9.77 -48.72 28.85
C ASP P 116 -10.01 -49.03 27.36
N ILE P 117 -8.91 -49.18 26.61
CA ILE P 117 -9.00 -49.49 25.19
C ILE P 117 -9.69 -50.83 25.03
N LYS P 118 -9.28 -51.81 25.83
CA LYS P 118 -9.88 -53.14 25.80
C LYS P 118 -11.36 -53.02 26.11
N GLN P 119 -11.68 -52.27 27.16
CA GLN P 119 -13.05 -52.09 27.59
C GLN P 119 -13.92 -51.60 26.47
N GLY P 120 -13.36 -50.73 25.62
CA GLY P 120 -14.11 -50.19 24.49
C GLY P 120 -14.64 -51.26 23.53
N TYR P 121 -13.77 -52.15 23.09
CA TYR P 121 -14.17 -53.21 22.18
C TYR P 121 -15.23 -54.09 22.81
N THR P 122 -15.57 -53.75 24.04
CA THR P 122 -16.55 -54.48 24.81
C THR P 122 -17.91 -53.81 24.81
N GLN P 123 -17.93 -52.50 24.56
CA GLN P 123 -19.18 -51.78 24.63
C GLN P 123 -19.71 -51.17 23.34
N HIS P 124 -18.86 -51.04 22.33
CA HIS P 124 -19.30 -50.46 21.07
C HIS P 124 -18.40 -50.87 19.92
N GLY P 125 -18.89 -50.66 18.69
CA GLY P 125 -18.08 -50.98 17.54
C GLY P 125 -18.30 -52.31 16.84
N GLY P 126 -19.04 -53.21 17.48
CA GLY P 126 -19.30 -54.50 16.86
C GLY P 126 -18.10 -55.32 16.42
N LEU P 127 -16.93 -55.10 17.03
CA LEU P 127 -15.74 -55.86 16.70
C LEU P 127 -15.44 -56.86 17.83
N ARG P 128 -14.60 -57.86 17.56
CA ARG P 128 -14.26 -58.83 18.59
C ARG P 128 -13.25 -58.22 19.56
N PRO P 129 -13.21 -58.70 20.81
CA PRO P 129 -12.26 -58.15 21.80
C PRO P 129 -10.87 -58.65 21.45
N PHE P 130 -9.86 -58.13 22.15
CA PHE P 130 -8.50 -58.60 21.90
C PHE P 130 -8.33 -59.85 22.77
N GLY P 131 -7.92 -60.96 22.17
CA GLY P 131 -7.74 -62.18 22.93
C GLY P 131 -6.41 -62.18 23.66
N VAL P 132 -6.28 -61.24 24.61
CA VAL P 132 -5.04 -61.07 25.35
C VAL P 132 -5.23 -60.71 26.83
N SER P 133 -4.32 -61.21 27.65
CA SER P 133 -4.28 -60.91 29.08
C SER P 133 -2.85 -60.49 29.34
N PHE P 134 -2.71 -59.41 30.10
CA PHE P 134 -1.39 -58.88 30.42
C PHE P 134 -1.04 -58.93 31.89
N ILE P 135 0.26 -59.03 32.15
CA ILE P 135 0.80 -58.97 33.50
C ILE P 135 1.79 -57.85 33.35
N TYR P 136 1.55 -56.74 34.04
CA TYR P 136 2.47 -55.61 33.96
C TYR P 136 3.39 -55.57 35.16
N ALA P 137 4.68 -55.44 34.90
CA ALA P 137 5.70 -55.35 35.94
C ALA P 137 6.37 -54.00 35.70
N GLY P 138 6.21 -53.08 36.64
CA GLY P 138 6.80 -51.78 36.45
C GLY P 138 7.14 -51.09 37.75
N TYR P 139 7.78 -49.95 37.64
CA TYR P 139 8.19 -49.20 38.81
C TYR P 139 8.12 -47.69 38.65
N ASP P 140 7.65 -47.01 39.68
CA ASP P 140 7.61 -45.55 39.65
C ASP P 140 7.81 -45.02 41.06
N ASP P 141 8.25 -43.76 41.15
CA ASP P 141 8.54 -43.15 42.43
C ASP P 141 7.33 -42.78 43.28
N ARG P 142 6.18 -43.38 43.02
CA ARG P 142 5.00 -43.07 43.83
C ARG P 142 4.48 -44.30 44.55
N TYR P 143 4.59 -45.45 43.91
CA TYR P 143 4.11 -46.69 44.49
C TYR P 143 5.19 -47.75 44.42
N GLY P 144 6.37 -47.36 43.91
CA GLY P 144 7.46 -48.30 43.78
C GLY P 144 7.07 -49.48 42.91
N TYR P 145 7.76 -50.61 43.06
CA TYR P 145 7.47 -51.80 42.27
C TYR P 145 6.01 -52.15 42.35
N GLN P 146 5.40 -52.36 41.17
CA GLN P 146 3.98 -52.72 41.10
C GLN P 146 3.77 -53.87 40.14
N LEU P 147 2.72 -54.64 40.40
CA LEU P 147 2.39 -55.77 39.54
C LEU P 147 0.89 -55.69 39.27
N TYR P 148 0.54 -55.58 37.99
CA TYR P 148 -0.86 -55.48 37.57
C TYR P 148 -1.24 -56.56 36.56
N THR P 149 -2.52 -56.65 36.29
CA THR P 149 -3.01 -57.64 35.35
C THR P 149 -4.29 -57.13 34.67
N SER P 150 -4.40 -57.35 33.36
CA SER P 150 -5.60 -56.95 32.62
C SER P 150 -5.96 -58.08 31.67
N ASN P 151 -7.25 -58.19 31.37
CA ASN P 151 -7.74 -59.23 30.47
C ASN P 151 -8.71 -58.62 29.45
N PRO P 152 -9.23 -59.43 28.52
CA PRO P 152 -10.18 -58.95 27.50
C PRO P 152 -11.33 -58.07 27.99
N SER P 153 -11.80 -58.29 29.22
CA SER P 153 -12.90 -57.50 29.75
C SER P 153 -12.55 -56.02 29.86
N GLY P 154 -11.28 -55.75 30.17
CA GLY P 154 -10.84 -54.37 30.31
C GLY P 154 -10.70 -54.04 31.78
N ASN P 155 -10.81 -55.06 32.61
CA ASN P 155 -10.66 -54.86 34.04
C ASN P 155 -9.21 -55.15 34.41
N TYR P 156 -8.70 -54.44 35.40
CA TYR P 156 -7.34 -54.67 35.85
C TYR P 156 -7.28 -54.60 37.37
N THR P 157 -6.30 -55.31 37.93
CA THR P 157 -6.10 -55.38 39.38
C THR P 157 -4.62 -55.50 39.72
N GLY P 158 -4.30 -55.29 41.00
CA GLY P 158 -2.92 -55.38 41.44
C GLY P 158 -2.66 -56.66 42.20
N TRP P 159 -1.41 -57.15 42.15
CA TRP P 159 -1.06 -58.40 42.82
C TRP P 159 0.32 -58.39 43.42
N LYS P 160 0.56 -59.33 44.33
CA LYS P 160 1.87 -59.50 44.94
C LYS P 160 2.52 -60.58 44.06
N ALA P 161 1.68 -61.53 43.64
CA ALA P 161 2.08 -62.63 42.76
C ALA P 161 0.82 -63.07 41.99
N ILE P 162 1.01 -63.38 40.70
CA ILE P 162 -0.12 -63.76 39.85
C ILE P 162 0.35 -64.48 38.59
N SER P 163 -0.56 -65.23 37.99
CA SER P 163 -0.26 -65.94 36.77
C SER P 163 -1.46 -65.82 35.84
N VAL P 164 -1.20 -65.93 34.54
CA VAL P 164 -2.26 -65.86 33.54
C VAL P 164 -1.95 -66.91 32.49
N GLY P 165 -2.98 -67.31 31.74
CA GLY P 165 -2.77 -68.30 30.70
C GLY P 165 -3.23 -69.67 31.16
N ALA P 166 -2.47 -70.69 30.78
CA ALA P 166 -2.79 -72.05 31.14
C ALA P 166 -2.47 -72.43 32.59
N ASN P 167 -3.25 -73.36 33.13
CA ASN P 167 -3.06 -73.86 34.47
C ASN P 167 -2.91 -72.81 35.55
N THR P 168 -3.66 -71.72 35.44
CA THR P 168 -3.56 -70.66 36.44
C THR P 168 -4.04 -71.14 37.79
N SER P 169 -5.08 -71.96 37.79
CA SER P 169 -5.62 -72.49 39.02
C SER P 169 -4.50 -73.16 39.81
N ALA P 170 -3.81 -74.09 39.17
CA ALA P 170 -2.69 -74.78 39.80
C ALA P 170 -1.61 -73.81 40.25
N ALA P 171 -1.13 -72.98 39.32
CA ALA P 171 -0.08 -72.00 39.60
C ALA P 171 -0.42 -71.06 40.75
N GLN P 172 -1.67 -70.58 40.77
CA GLN P 172 -2.12 -69.66 41.81
C GLN P 172 -2.05 -70.32 43.19
N THR P 173 -2.45 -71.59 43.26
CA THR P 173 -2.41 -72.34 44.51
C THR P 173 -0.96 -72.44 45.00
N LEU P 174 -0.08 -72.86 44.11
CA LEU P 174 1.33 -72.99 44.44
C LEU P 174 1.97 -71.67 44.92
N LEU P 175 1.55 -70.56 44.33
CA LEU P 175 2.11 -69.26 44.70
C LEU P 175 1.57 -68.79 46.04
N GLN P 176 0.30 -69.06 46.28
CA GLN P 176 -0.36 -68.66 47.51
C GLN P 176 0.14 -69.53 48.67
N MET P 177 0.90 -70.54 48.31
CA MET P 177 1.43 -71.50 49.27
C MET P 177 2.85 -71.16 49.71
N ASP P 178 3.63 -70.53 48.84
CA ASP P 178 5.02 -70.20 49.18
C ASP P 178 5.41 -68.72 49.10
N TYR P 179 4.45 -67.86 48.83
CA TYR P 179 4.78 -66.45 48.75
C TYR P 179 4.86 -65.87 50.15
N LYS P 180 5.79 -64.94 50.35
CA LYS P 180 5.96 -64.28 51.64
C LYS P 180 6.38 -62.83 51.40
N ASP P 181 5.64 -61.89 52.00
CA ASP P 181 5.89 -60.45 51.86
C ASP P 181 7.35 -60.03 51.91
N ASP P 182 8.13 -60.69 52.74
CA ASP P 182 9.55 -60.36 52.90
C ASP P 182 10.46 -60.93 51.81
N MET P 183 9.87 -61.55 50.79
CA MET P 183 10.66 -62.13 49.71
C MET P 183 11.61 -61.14 49.07
N LYS P 184 12.76 -61.66 48.64
CA LYS P 184 13.75 -60.85 47.97
C LYS P 184 13.70 -61.31 46.53
N VAL P 185 13.98 -60.40 45.60
CA VAL P 185 13.96 -60.71 44.17
C VAL P 185 14.39 -62.13 43.82
N ASP P 186 15.60 -62.50 44.24
CA ASP P 186 16.10 -63.84 43.94
C ASP P 186 15.22 -64.94 44.48
N ASP P 187 14.57 -64.68 45.61
CA ASP P 187 13.66 -65.66 46.19
C ASP P 187 12.47 -65.79 45.23
N ALA P 188 12.00 -64.64 44.75
CA ALA P 188 10.88 -64.57 43.82
C ALA P 188 11.24 -65.25 42.50
N ILE P 189 12.47 -65.05 42.04
CA ILE P 189 12.92 -65.65 40.80
C ILE P 189 12.81 -67.16 40.91
N GLU P 190 13.28 -67.68 42.03
CA GLU P 190 13.25 -69.11 42.28
C GLU P 190 11.83 -69.63 42.39
N LEU P 191 10.96 -68.90 43.10
CA LEU P 191 9.57 -69.29 43.26
C LEU P 191 8.89 -69.41 41.88
N ALA P 192 9.15 -68.42 41.02
CA ALA P 192 8.58 -68.39 39.68
C ALA P 192 8.95 -69.64 38.87
N LEU P 193 10.25 -69.92 38.76
CA LEU P 193 10.68 -71.10 38.00
C LEU P 193 10.11 -72.39 38.55
N LYS P 194 10.01 -72.48 39.87
CA LYS P 194 9.48 -73.66 40.49
C LYS P 194 8.01 -73.84 40.12
N THR P 195 7.23 -72.76 40.25
CA THR P 195 5.81 -72.82 39.94
C THR P 195 5.59 -73.29 38.52
N LEU P 196 6.28 -72.66 37.57
CA LEU P 196 6.16 -73.04 36.17
C LEU P 196 6.55 -74.50 36.00
N SER P 197 7.66 -74.89 36.60
CA SER P 197 8.16 -76.26 36.53
C SER P 197 7.14 -77.29 36.97
N LYS P 198 6.24 -76.89 37.89
CA LYS P 198 5.22 -77.80 38.38
C LYS P 198 3.91 -77.75 37.61
N THR P 199 3.65 -76.65 36.91
CA THR P 199 2.42 -76.50 36.15
C THR P 199 2.55 -76.85 34.67
N THR P 200 3.77 -77.01 34.20
CA THR P 200 4.02 -77.34 32.80
C THR P 200 3.27 -78.56 32.30
N ASP P 201 3.03 -78.59 30.99
CA ASP P 201 2.38 -79.73 30.37
C ASP P 201 3.53 -80.49 29.74
N SER P 202 4.70 -79.85 29.69
CA SER P 202 5.90 -80.44 29.12
C SER P 202 6.56 -81.44 30.04
N SER P 203 7.54 -82.13 29.49
CA SER P 203 8.29 -83.13 30.24
C SER P 203 9.12 -82.40 31.29
N ALA P 204 10.19 -81.75 30.82
CA ALA P 204 11.05 -80.98 31.70
C ALA P 204 10.91 -79.51 31.33
N LEU P 205 11.46 -78.65 32.17
CA LEU P 205 11.39 -77.22 31.92
C LEU P 205 12.77 -76.75 31.52
N THR P 206 13.04 -76.73 30.22
CA THR P 206 14.33 -76.29 29.72
C THR P 206 14.27 -74.81 29.34
N TYR P 207 15.43 -74.18 29.19
CA TYR P 207 15.53 -72.77 28.86
C TYR P 207 14.93 -72.38 27.50
N ASP P 208 15.08 -73.26 26.52
CA ASP P 208 14.57 -72.99 25.19
C ASP P 208 13.04 -72.84 25.14
N ARG P 209 12.41 -72.96 26.30
CA ARG P 209 10.96 -72.85 26.36
C ARG P 209 10.57 -71.77 27.36
N LEU P 210 11.53 -70.92 27.71
CA LEU P 210 11.29 -69.87 28.69
C LEU P 210 11.73 -68.46 28.32
N GLU P 211 11.02 -67.50 28.89
CA GLU P 211 11.33 -66.09 28.70
C GLU P 211 11.36 -65.52 30.12
N PHE P 212 12.36 -64.69 30.39
CA PHE P 212 12.53 -64.16 31.73
C PHE P 212 12.95 -62.69 31.77
N ALA P 213 12.42 -61.97 32.75
CA ALA P 213 12.74 -60.56 32.92
C ALA P 213 12.65 -60.15 34.39
N THR P 214 13.51 -59.22 34.79
CA THR P 214 13.53 -58.72 36.16
C THR P 214 13.67 -57.21 36.20
N ILE P 215 12.94 -56.58 37.11
CA ILE P 215 13.01 -55.14 37.27
C ILE P 215 13.52 -54.87 38.68
N ARG P 216 14.83 -54.81 38.81
CA ARG P 216 15.46 -54.56 40.10
C ARG P 216 16.06 -53.20 40.16
N LYS P 217 16.54 -52.84 41.33
CA LYS P 217 17.18 -51.55 41.52
C LYS P 217 18.64 -51.81 41.78
N GLY P 218 19.43 -51.95 40.72
CA GLY P 218 20.86 -52.20 40.86
C GLY P 218 21.47 -51.30 41.92
N ALA P 219 21.51 -51.80 43.16
CA ALA P 219 22.04 -51.09 44.33
C ALA P 219 23.19 -50.15 44.01
N ASN P 220 24.17 -50.65 43.27
CA ASN P 220 25.31 -49.84 42.87
C ASN P 220 24.85 -48.93 41.72
N ASP P 221 24.04 -47.94 42.07
CA ASP P 221 23.51 -46.99 41.10
C ASP P 221 22.48 -46.04 41.71
N GLY P 222 21.36 -46.59 42.19
CA GLY P 222 20.31 -45.77 42.76
C GLY P 222 19.11 -45.67 41.84
N GLU P 223 19.22 -46.32 40.67
CA GLU P 223 18.16 -46.32 39.67
C GLU P 223 17.69 -47.76 39.42
N VAL P 224 16.51 -47.90 38.85
CA VAL P 224 15.92 -49.21 38.54
C VAL P 224 16.39 -49.69 37.17
N TYR P 225 16.44 -51.00 36.98
CA TYR P 225 16.92 -51.56 35.72
C TYR P 225 16.11 -52.77 35.24
N GLN P 226 15.70 -52.74 33.97
CA GLN P 226 14.96 -53.85 33.37
C GLN P 226 15.97 -54.75 32.72
N LYS P 227 15.72 -56.05 32.73
CA LYS P 227 16.64 -56.97 32.13
C LYS P 227 15.87 -58.17 31.60
N ILE P 228 15.83 -58.31 30.27
CA ILE P 228 15.17 -59.45 29.69
C ILE P 228 16.26 -60.48 29.44
N PHE P 229 16.29 -61.50 30.29
CA PHE P 229 17.30 -62.55 30.21
C PHE P 229 17.45 -63.12 28.83
N LYS P 230 18.70 -63.43 28.48
CA LYS P 230 19.02 -64.01 27.19
C LYS P 230 19.00 -65.52 27.36
N PRO P 231 18.92 -66.27 26.25
CA PRO P 231 18.88 -67.73 26.32
C PRO P 231 19.87 -68.37 27.30
N GLN P 232 21.13 -67.96 27.25
CA GLN P 232 22.14 -68.52 28.15
C GLN P 232 21.92 -68.07 29.59
N GLU P 233 21.39 -66.86 29.77
CA GLU P 233 21.13 -66.34 31.11
C GLU P 233 20.01 -67.11 31.78
N ILE P 234 19.04 -67.56 30.99
CA ILE P 234 17.93 -68.34 31.49
C ILE P 234 18.44 -69.75 31.77
N LYS P 235 19.37 -70.20 30.94
CA LYS P 235 19.95 -71.53 31.07
C LYS P 235 20.73 -71.61 32.38
N ASP P 236 21.45 -70.54 32.71
CA ASP P 236 22.23 -70.46 33.95
C ASP P 236 21.30 -70.48 35.16
N ILE P 237 20.47 -69.44 35.27
CA ILE P 237 19.53 -69.31 36.38
C ILE P 237 18.76 -70.61 36.59
N LEU P 238 18.55 -71.35 35.50
CA LEU P 238 17.82 -72.61 35.57
C LEU P 238 18.62 -73.68 36.32
N VAL P 239 19.94 -73.69 36.10
CA VAL P 239 20.81 -74.65 36.76
C VAL P 239 20.93 -74.33 38.25
N LYS P 240 21.15 -73.05 38.53
CA LYS P 240 21.32 -72.58 39.90
C LYS P 240 20.13 -72.86 40.81
N THR P 241 18.93 -72.49 40.36
CA THR P 241 17.74 -72.73 41.19
C THR P 241 17.50 -74.23 41.35
N GLY P 242 18.40 -75.03 40.78
CA GLY P 242 18.29 -76.47 40.92
C GLY P 242 17.26 -77.15 40.03
N ILE P 243 17.18 -76.74 38.78
CA ILE P 243 16.25 -77.36 37.85
C ILE P 243 17.12 -77.85 36.69
N THR P 244 18.40 -77.49 36.76
CA THR P 244 19.42 -77.83 35.77
C THR P 244 18.91 -77.71 34.33
N GLY Q 1 -19.57 -45.94 12.12
CA GLY Q 1 -19.74 -47.14 11.28
C GLY Q 1 -20.79 -48.11 11.82
N TYR Q 2 -20.46 -48.82 12.89
CA TYR Q 2 -21.38 -49.78 13.48
C TYR Q 2 -22.50 -49.10 14.26
N ASP Q 3 -23.74 -49.27 13.81
CA ASP Q 3 -24.86 -48.65 14.51
C ASP Q 3 -26.06 -49.57 14.72
N ARG Q 4 -25.82 -50.87 14.78
CA ARG Q 4 -26.91 -51.83 15.00
C ARG Q 4 -27.63 -51.49 16.28
N ALA Q 5 -28.96 -51.50 16.25
CA ALA Q 5 -29.75 -51.20 17.44
C ALA Q 5 -29.66 -52.41 18.35
N LEU Q 6 -28.80 -52.32 19.38
CA LEU Q 6 -28.61 -53.43 20.31
C LEU Q 6 -29.60 -53.45 21.46
N SER Q 7 -30.26 -52.33 21.72
CA SER Q 7 -31.26 -52.27 22.77
C SER Q 7 -32.57 -51.94 22.10
N ILE Q 8 -33.46 -52.92 22.00
CA ILE Q 8 -34.76 -52.72 21.36
C ILE Q 8 -35.90 -53.35 22.16
N PHE Q 9 -37.13 -53.05 21.77
CA PHE Q 9 -38.29 -53.59 22.46
C PHE Q 9 -38.64 -55.01 22.00
N SER Q 10 -39.13 -55.81 22.93
CA SER Q 10 -39.55 -57.17 22.65
C SER Q 10 -41.06 -57.11 22.88
N PRO Q 11 -41.82 -58.05 22.29
CA PRO Q 11 -43.29 -58.13 22.40
C PRO Q 11 -43.97 -57.66 23.68
N ASP Q 12 -43.42 -58.05 24.83
CA ASP Q 12 -44.01 -57.67 26.11
C ASP Q 12 -43.63 -56.27 26.58
N GLY Q 13 -42.89 -55.54 25.75
CA GLY Q 13 -42.49 -54.19 26.10
C GLY Q 13 -41.22 -54.10 26.92
N HIS Q 14 -40.35 -55.10 26.82
CA HIS Q 14 -39.09 -55.08 27.58
C HIS Q 14 -37.91 -54.77 26.69
N ILE Q 15 -36.81 -54.37 27.31
CA ILE Q 15 -35.59 -54.08 26.59
C ILE Q 15 -34.56 -54.95 27.28
N PHE Q 16 -34.52 -56.20 26.86
CA PHE Q 16 -33.62 -57.19 27.45
C PHE Q 16 -32.18 -56.78 27.70
N GLN Q 17 -31.57 -56.02 26.78
CA GLN Q 17 -30.19 -55.63 27.02
C GLN Q 17 -30.06 -54.81 28.30
N VAL Q 18 -31.05 -53.97 28.58
CA VAL Q 18 -31.01 -53.16 29.78
C VAL Q 18 -31.30 -54.06 30.98
N GLU Q 19 -32.24 -54.98 30.81
CA GLU Q 19 -32.60 -55.92 31.86
C GLU Q 19 -31.39 -56.82 32.18
N TYR Q 20 -30.70 -57.26 31.13
CA TYR Q 20 -29.54 -58.10 31.31
C TYR Q 20 -28.41 -57.27 31.92
N ALA Q 21 -28.47 -55.97 31.71
CA ALA Q 21 -27.46 -55.08 32.28
C ALA Q 21 -27.60 -55.13 33.80
N LEU Q 22 -28.84 -55.19 34.29
CA LEU Q 22 -29.10 -55.28 35.72
C LEU Q 22 -28.58 -56.60 36.29
N GLU Q 23 -28.68 -57.68 35.49
CA GLU Q 23 -28.20 -58.98 35.93
C GLU Q 23 -26.71 -58.86 36.25
N ALA Q 24 -25.99 -58.08 35.46
CA ALA Q 24 -24.57 -57.88 35.69
C ALA Q 24 -24.38 -57.19 37.03
N VAL Q 25 -25.28 -56.27 37.36
CA VAL Q 25 -25.23 -55.53 38.62
C VAL Q 25 -25.50 -56.49 39.78
N LYS Q 26 -26.53 -57.33 39.66
CA LYS Q 26 -26.87 -58.28 40.71
C LYS Q 26 -25.65 -59.14 41.08
N ARG Q 27 -24.83 -59.48 40.10
CA ARG Q 27 -23.65 -60.31 40.33
C ARG Q 27 -22.47 -59.54 40.93
N GLY Q 28 -22.52 -58.22 40.89
CA GLY Q 28 -21.42 -57.44 41.43
C GLY Q 28 -21.37 -57.42 42.95
N THR Q 29 -20.20 -57.10 43.48
CA THR Q 29 -20.02 -57.03 44.94
C THR Q 29 -21.01 -56.01 45.48
N CYS Q 30 -21.49 -56.24 46.70
CA CYS Q 30 -22.46 -55.36 47.32
C CYS Q 30 -21.93 -53.98 47.66
N ALA Q 31 -22.81 -52.99 47.51
CA ALA Q 31 -22.48 -51.60 47.83
C ALA Q 31 -23.65 -51.07 48.63
N VAL Q 32 -23.37 -50.21 49.59
CA VAL Q 32 -24.42 -49.66 50.43
C VAL Q 32 -24.08 -48.23 50.84
N GLY Q 33 -25.11 -47.47 51.14
CA GLY Q 33 -24.91 -46.09 51.56
C GLY Q 33 -26.02 -45.64 52.48
N VAL Q 34 -25.65 -44.99 53.57
CA VAL Q 34 -26.64 -44.51 54.52
C VAL Q 34 -26.31 -43.08 54.91
N LYS Q 35 -27.33 -42.24 54.93
CA LYS Q 35 -27.09 -40.86 55.29
C LYS Q 35 -27.44 -40.61 56.76
N GLY Q 36 -26.53 -39.93 57.45
CA GLY Q 36 -26.74 -39.62 58.85
C GLY Q 36 -27.44 -38.28 58.97
N LYS Q 37 -27.19 -37.58 60.07
CA LYS Q 37 -27.81 -36.29 60.29
C LYS Q 37 -26.89 -35.19 59.76
N ASN Q 38 -25.62 -35.54 59.56
CA ASN Q 38 -24.65 -34.58 59.07
C ASN Q 38 -23.47 -35.33 58.46
N CYS Q 39 -23.80 -36.33 57.66
CA CYS Q 39 -22.79 -37.11 56.97
C CYS Q 39 -23.47 -38.20 56.15
N VAL Q 40 -22.70 -38.84 55.28
CA VAL Q 40 -23.20 -39.93 54.46
C VAL Q 40 -22.05 -40.92 54.48
N VAL Q 41 -22.37 -42.20 54.54
CA VAL Q 41 -21.32 -43.21 54.57
C VAL Q 41 -21.56 -44.21 53.45
N LEU Q 42 -20.48 -44.62 52.82
CA LEU Q 42 -20.55 -45.59 51.74
C LEU Q 42 -19.72 -46.81 52.08
N GLY Q 43 -20.35 -47.97 52.01
CA GLY Q 43 -19.65 -49.21 52.30
C GLY Q 43 -19.75 -50.13 51.10
N CYS Q 44 -18.67 -50.88 50.84
CA CYS Q 44 -18.60 -51.80 49.73
C CYS Q 44 -17.90 -53.06 50.21
N GLU Q 45 -18.27 -54.21 49.65
CA GLU Q 45 -17.63 -55.46 50.05
C GLU Q 45 -16.55 -55.82 49.03
N ARG Q 46 -15.62 -56.67 49.44
CA ARG Q 46 -14.54 -57.09 48.56
C ARG Q 46 -14.67 -58.59 48.29
N ARG Q 47 -14.57 -58.95 47.02
CA ARG Q 47 -14.67 -60.35 46.63
C ARG Q 47 -13.48 -61.10 47.24
N SER Q 48 -13.48 -62.42 47.11
CA SER Q 48 -12.39 -63.25 47.62
C SER Q 48 -12.12 -64.47 46.72
N THR Q 49 -12.71 -64.47 45.53
CA THR Q 49 -12.52 -65.55 44.54
C THR Q 49 -11.02 -65.87 44.42
N LEU Q 50 -10.20 -64.85 44.71
CA LEU Q 50 -8.74 -64.94 44.69
C LEU Q 50 -8.25 -63.88 45.68
N LYS Q 51 -7.30 -64.25 46.52
CA LYS Q 51 -6.74 -63.32 47.50
C LYS Q 51 -5.22 -63.50 47.53
N LEU Q 52 -4.51 -62.45 47.13
CA LEU Q 52 -3.05 -62.42 47.09
C LEU Q 52 -2.77 -61.12 46.33
N GLN Q 53 -3.75 -60.23 46.43
CA GLN Q 53 -3.74 -58.93 45.78
C GLN Q 53 -2.87 -57.92 46.49
N ASP Q 54 -2.69 -56.79 45.84
CA ASP Q 54 -1.92 -55.72 46.42
C ASP Q 54 -2.89 -54.56 46.62
N THR Q 55 -3.60 -54.60 47.74
CA THR Q 55 -4.59 -53.60 48.10
C THR Q 55 -4.15 -52.14 47.96
N ARG Q 56 -2.84 -51.89 48.02
CA ARG Q 56 -2.33 -50.54 47.88
C ARG Q 56 -2.70 -49.96 46.51
N ILE Q 57 -2.35 -50.71 45.47
CA ILE Q 57 -2.58 -50.30 44.09
C ILE Q 57 -3.89 -50.75 43.42
N THR Q 58 -4.48 -51.85 43.89
CA THR Q 58 -5.74 -52.30 43.28
C THR Q 58 -6.81 -51.21 43.45
N PRO Q 59 -7.41 -50.79 42.33
CA PRO Q 59 -8.46 -49.75 42.34
C PRO Q 59 -9.59 -50.02 43.34
N SER Q 60 -9.88 -49.04 44.19
CA SER Q 60 -10.94 -49.17 45.20
C SER Q 60 -12.33 -48.91 44.61
N LYS Q 61 -13.36 -49.26 45.36
CA LYS Q 61 -14.73 -49.10 44.89
C LYS Q 61 -15.35 -47.70 45.01
N VAL Q 62 -14.97 -46.96 46.04
CA VAL Q 62 -15.51 -45.62 46.21
C VAL Q 62 -14.59 -44.62 45.51
N SER Q 63 -15.14 -43.85 44.57
CA SER Q 63 -14.37 -42.86 43.83
C SER Q 63 -14.84 -41.43 44.04
N LYS Q 64 -13.90 -40.51 44.10
CA LYS Q 64 -14.21 -39.09 44.26
C LYS Q 64 -14.44 -38.50 42.87
N ILE Q 65 -15.53 -37.74 42.73
CA ILE Q 65 -15.85 -37.10 41.47
C ILE Q 65 -15.32 -35.68 41.60
N ASP Q 66 -15.56 -35.09 42.77
CA ASP Q 66 -15.04 -33.76 43.08
C ASP Q 66 -14.72 -33.84 44.58
N SER Q 67 -14.07 -32.81 45.10
CA SER Q 67 -13.70 -32.81 46.50
C SER Q 67 -14.88 -33.03 47.46
N HIS Q 68 -16.10 -32.81 46.99
CA HIS Q 68 -17.28 -32.95 47.85
C HIS Q 68 -18.28 -34.03 47.46
N VAL Q 69 -18.01 -34.79 46.40
CA VAL Q 69 -18.96 -35.83 45.99
C VAL Q 69 -18.24 -37.11 45.62
N VAL Q 70 -18.81 -38.25 46.02
CA VAL Q 70 -18.20 -39.54 45.70
C VAL Q 70 -19.17 -40.49 45.05
N LEU Q 71 -18.62 -41.52 44.42
CA LEU Q 71 -19.43 -42.49 43.72
C LEU Q 71 -18.88 -43.90 43.89
N SER Q 72 -19.78 -44.81 44.28
CA SER Q 72 -19.46 -46.22 44.44
C SER Q 72 -20.42 -46.91 43.48
N PHE Q 73 -20.24 -48.20 43.24
CA PHE Q 73 -21.10 -48.90 42.30
C PHE Q 73 -21.06 -50.42 42.46
N SER Q 74 -21.96 -51.07 41.73
CA SER Q 74 -22.03 -52.53 41.70
C SER Q 74 -22.20 -52.91 40.24
N GLY Q 75 -21.44 -53.90 39.79
CA GLY Q 75 -21.52 -54.33 38.41
C GLY Q 75 -20.15 -54.43 37.78
N LEU Q 76 -20.10 -54.27 36.46
CA LEU Q 76 -18.84 -54.37 35.72
C LEU Q 76 -17.89 -53.24 36.10
N ASN Q 77 -16.67 -53.61 36.45
CA ASN Q 77 -15.68 -52.62 36.84
C ASN Q 77 -15.21 -51.82 35.65
N ALA Q 78 -14.89 -52.51 34.57
CA ALA Q 78 -14.43 -51.82 33.37
C ALA Q 78 -15.43 -50.72 32.98
N ASP Q 79 -16.73 -51.00 33.11
CA ASP Q 79 -17.77 -50.04 32.77
C ASP Q 79 -17.78 -48.86 33.72
N SER Q 80 -17.67 -49.13 35.01
CA SER Q 80 -17.70 -48.06 36.00
C SER Q 80 -16.67 -46.97 35.72
N ARG Q 81 -15.47 -47.36 35.27
CA ARG Q 81 -14.42 -46.39 34.98
C ARG Q 81 -14.86 -45.33 33.96
N ILE Q 82 -15.50 -45.79 32.90
CA ILE Q 82 -15.98 -44.89 31.86
C ILE Q 82 -16.99 -43.91 32.45
N LEU Q 83 -17.91 -44.38 33.29
CA LEU Q 83 -18.88 -43.47 33.90
C LEU Q 83 -18.18 -42.51 34.86
N ILE Q 84 -17.25 -43.02 35.63
CA ILE Q 84 -16.53 -42.19 36.57
C ILE Q 84 -15.70 -41.12 35.88
N GLU Q 85 -15.00 -41.48 34.80
CA GLU Q 85 -14.21 -40.50 34.08
C GLU Q 85 -15.11 -39.39 33.55
N LYS Q 86 -16.20 -39.76 32.88
CA LYS Q 86 -17.15 -38.79 32.34
C LYS Q 86 -17.69 -37.86 33.41
N ALA Q 87 -18.01 -38.40 34.57
CA ALA Q 87 -18.55 -37.60 35.66
C ALA Q 87 -17.51 -36.58 36.17
N ARG Q 88 -16.27 -37.04 36.29
CA ARG Q 88 -15.20 -36.18 36.78
C ARG Q 88 -14.93 -35.02 35.84
N VAL Q 89 -15.02 -35.31 34.54
CA VAL Q 89 -14.80 -34.30 33.54
C VAL Q 89 -15.94 -33.30 33.56
N GLU Q 90 -17.17 -33.79 33.68
CA GLU Q 90 -18.32 -32.91 33.72
C GLU Q 90 -18.25 -32.01 34.96
N ALA Q 91 -17.70 -32.54 36.05
CA ALA Q 91 -17.58 -31.80 37.29
C ALA Q 91 -16.69 -30.56 37.12
N GLN Q 92 -15.56 -30.74 36.44
CA GLN Q 92 -14.65 -29.63 36.21
C GLN Q 92 -15.27 -28.63 35.23
N SER Q 93 -15.97 -29.16 34.23
CA SER Q 93 -16.61 -28.32 33.24
C SER Q 93 -17.68 -27.43 33.87
N HIS Q 94 -18.42 -27.98 34.84
CA HIS Q 94 -19.47 -27.22 35.50
C HIS Q 94 -18.86 -26.09 36.31
N ARG Q 95 -17.76 -26.38 36.99
CA ARG Q 95 -17.07 -25.36 37.80
C ARG Q 95 -16.59 -24.26 36.87
N LEU Q 96 -16.00 -24.66 35.76
CA LEU Q 96 -15.46 -23.72 34.78
C LEU Q 96 -16.49 -22.83 34.09
N THR Q 97 -17.68 -23.33 33.84
CA THR Q 97 -18.67 -22.52 33.15
C THR Q 97 -19.68 -21.80 34.05
N LEU Q 98 -20.08 -22.44 35.15
CA LEU Q 98 -21.03 -21.82 36.06
C LEU Q 98 -20.35 -21.23 37.29
N GLU Q 99 -19.04 -21.45 37.39
CA GLU Q 99 -18.28 -20.96 38.53
C GLU Q 99 -18.93 -21.44 39.84
N ASP Q 100 -19.18 -22.75 39.92
CA ASP Q 100 -19.78 -23.33 41.10
C ASP Q 100 -19.78 -24.85 40.97
N PRO Q 101 -19.28 -25.56 41.99
CA PRO Q 101 -19.27 -27.03 41.90
C PRO Q 101 -20.68 -27.59 41.74
N VAL Q 102 -20.75 -28.78 41.17
CA VAL Q 102 -22.02 -29.46 40.94
C VAL Q 102 -22.75 -29.84 42.22
N THR Q 103 -24.09 -29.83 42.18
CA THR Q 103 -24.85 -30.25 43.33
C THR Q 103 -24.81 -31.77 43.18
N VAL Q 104 -25.02 -32.52 44.26
CA VAL Q 104 -24.98 -33.97 44.16
C VAL Q 104 -26.07 -34.47 43.20
N GLU Q 105 -27.23 -33.83 43.26
CA GLU Q 105 -28.34 -34.21 42.40
C GLU Q 105 -28.00 -34.00 40.92
N TYR Q 106 -27.28 -32.93 40.62
CA TYR Q 106 -26.90 -32.64 39.24
C TYR Q 106 -25.90 -33.68 38.72
N LEU Q 107 -24.84 -33.91 39.47
CA LEU Q 107 -23.83 -34.88 39.06
C LEU Q 107 -24.50 -36.24 38.85
N THR Q 108 -25.58 -36.47 39.58
CA THR Q 108 -26.33 -37.72 39.48
C THR Q 108 -27.16 -37.73 38.22
N ARG Q 109 -27.89 -36.64 37.99
CA ARG Q 109 -28.71 -36.52 36.79
C ARG Q 109 -27.85 -36.67 35.54
N TYR Q 110 -26.61 -36.19 35.61
CA TYR Q 110 -25.70 -36.30 34.49
C TYR Q 110 -25.36 -37.75 34.20
N VAL Q 111 -24.91 -38.46 35.24
CA VAL Q 111 -24.53 -39.85 35.09
C VAL Q 111 -25.70 -40.70 34.64
N ALA Q 112 -26.87 -40.42 35.20
CA ALA Q 112 -28.07 -41.16 34.82
C ALA Q 112 -28.35 -40.90 33.34
N GLY Q 113 -28.08 -39.67 32.91
CA GLY Q 113 -28.29 -39.32 31.52
C GLY Q 113 -27.41 -40.12 30.58
N VAL Q 114 -26.13 -40.24 30.93
CA VAL Q 114 -25.21 -41.01 30.10
C VAL Q 114 -25.72 -42.44 29.99
N GLN Q 115 -26.06 -43.04 31.12
CA GLN Q 115 -26.56 -44.40 31.10
C GLN Q 115 -27.79 -44.55 30.21
N GLN Q 116 -28.76 -43.66 30.37
CA GLN Q 116 -29.97 -43.73 29.56
C GLN Q 116 -29.64 -43.68 28.08
N ARG Q 117 -28.78 -42.74 27.72
CA ARG Q 117 -28.36 -42.53 26.33
C ARG Q 117 -27.77 -43.80 25.74
N TYR Q 118 -27.10 -44.61 26.56
CA TYR Q 118 -26.52 -45.85 26.07
C TYR Q 118 -27.55 -46.97 25.95
N THR Q 119 -28.82 -46.64 26.11
CA THR Q 119 -29.86 -47.64 25.98
C THR Q 119 -30.71 -47.39 24.73
N GLN Q 120 -30.51 -46.24 24.07
CA GLN Q 120 -31.26 -45.97 22.84
C GLN Q 120 -30.39 -45.33 21.76
N SER Q 121 -29.13 -45.76 21.75
CA SER Q 121 -28.15 -45.30 20.77
C SER Q 121 -27.63 -46.51 20.01
N GLY Q 122 -27.42 -46.36 18.71
CA GLY Q 122 -26.94 -47.48 17.94
C GLY Q 122 -25.49 -47.89 18.16
N GLY Q 123 -25.24 -49.19 17.99
CA GLY Q 123 -23.90 -49.74 18.15
C GLY Q 123 -23.27 -49.82 19.53
N VAL Q 124 -24.06 -49.67 20.58
CA VAL Q 124 -23.52 -49.72 21.93
C VAL Q 124 -24.42 -50.49 22.90
N ARG Q 125 -23.82 -51.12 23.91
CA ARG Q 125 -24.60 -51.85 24.90
C ARG Q 125 -24.70 -50.98 26.16
N PRO Q 126 -25.77 -51.16 26.94
CA PRO Q 126 -25.96 -50.38 28.16
C PRO Q 126 -24.86 -50.69 29.15
N PHE Q 127 -24.64 -49.79 30.10
CA PHE Q 127 -23.63 -49.99 31.13
C PHE Q 127 -24.14 -51.04 32.10
N GLY Q 128 -23.30 -52.02 32.43
CA GLY Q 128 -23.70 -53.05 33.38
C GLY Q 128 -23.29 -52.51 34.73
N VAL Q 129 -23.89 -51.38 35.11
CA VAL Q 129 -23.58 -50.71 36.37
C VAL Q 129 -24.72 -49.93 37.00
N SER Q 130 -24.75 -49.96 38.33
CA SER Q 130 -25.72 -49.20 39.12
C SER Q 130 -24.79 -48.43 40.05
N THR Q 131 -25.12 -47.18 40.33
CA THR Q 131 -24.25 -46.40 41.19
C THR Q 131 -24.93 -45.74 42.38
N LEU Q 132 -24.10 -45.38 43.35
CA LEU Q 132 -24.51 -44.67 44.55
C LEU Q 132 -23.65 -43.42 44.54
N ILE Q 133 -24.30 -42.27 44.49
CA ILE Q 133 -23.59 -41.02 44.45
C ILE Q 133 -24.00 -40.28 45.71
N ALA Q 134 -23.03 -39.77 46.46
CA ALA Q 134 -23.30 -39.06 47.70
C ALA Q 134 -22.30 -37.96 48.04
N GLY Q 135 -22.78 -36.98 48.78
CA GLY Q 135 -21.95 -35.86 49.19
C GLY Q 135 -22.80 -34.69 49.65
N PHE Q 136 -22.20 -33.50 49.73
CA PHE Q 136 -22.92 -32.30 50.17
C PHE Q 136 -22.83 -31.20 49.13
N ASP Q 137 -23.97 -30.58 48.82
CA ASP Q 137 -24.01 -29.50 47.86
C ASP Q 137 -23.17 -28.37 48.41
N PRO Q 138 -22.61 -27.53 47.53
CA PRO Q 138 -21.77 -26.41 47.94
C PRO Q 138 -22.47 -25.53 48.97
N ARG Q 139 -21.78 -25.26 50.08
CA ARG Q 139 -22.34 -24.41 51.14
C ARG Q 139 -23.72 -24.88 51.59
N ASP Q 140 -23.83 -26.18 51.90
CA ASP Q 140 -25.07 -26.79 52.38
C ASP Q 140 -24.62 -27.92 53.28
N ASP Q 141 -25.40 -28.21 54.32
CA ASP Q 141 -25.04 -29.24 55.29
C ASP Q 141 -25.97 -30.45 55.29
N GLU Q 142 -26.97 -30.42 54.41
CA GLU Q 142 -27.93 -31.52 54.28
C GLU Q 142 -27.38 -32.63 53.39
N PRO Q 143 -27.07 -33.81 53.96
CA PRO Q 143 -26.53 -34.94 53.19
C PRO Q 143 -27.39 -35.39 52.01
N LYS Q 144 -26.72 -35.77 50.94
CA LYS Q 144 -27.36 -36.22 49.72
C LYS Q 144 -26.91 -37.64 49.35
N LEU Q 145 -27.87 -38.47 48.97
CA LEU Q 145 -27.58 -39.84 48.56
C LEU Q 145 -28.51 -40.21 47.42
N TYR Q 146 -27.94 -40.51 46.26
CA TYR Q 146 -28.71 -40.89 45.08
C TYR Q 146 -28.22 -42.21 44.52
N GLN Q 147 -29.07 -42.82 43.68
CA GLN Q 147 -28.73 -44.08 43.05
C GLN Q 147 -29.16 -44.09 41.59
N THR Q 148 -28.34 -44.70 40.73
CA THR Q 148 -28.68 -44.78 39.33
C THR Q 148 -28.54 -46.22 38.84
N GLU Q 149 -29.25 -46.56 37.78
CA GLU Q 149 -29.19 -47.90 37.22
C GLU Q 149 -29.04 -47.89 35.70
N PRO Q 150 -28.73 -49.05 35.10
CA PRO Q 150 -28.55 -49.12 33.64
C PRO Q 150 -29.63 -48.42 32.81
N SER Q 151 -30.87 -48.51 33.23
CA SER Q 151 -31.99 -47.89 32.50
C SER Q 151 -31.81 -46.37 32.39
N GLY Q 152 -31.10 -45.79 33.34
CA GLY Q 152 -30.89 -44.36 33.33
C GLY Q 152 -31.75 -43.65 34.36
N ILE Q 153 -32.52 -44.44 35.11
CA ILE Q 153 -33.39 -43.94 36.15
C ILE Q 153 -32.61 -43.69 37.45
N TYR Q 154 -33.00 -42.66 38.19
CA TYR Q 154 -32.32 -42.37 39.45
C TYR Q 154 -33.30 -41.77 40.45
N SER Q 155 -32.85 -41.67 41.70
CA SER Q 155 -33.65 -41.11 42.80
C SER Q 155 -32.83 -41.10 44.07
N SER Q 156 -33.28 -40.34 45.07
CA SER Q 156 -32.53 -40.27 46.33
C SER Q 156 -33.08 -41.24 47.38
N TRP Q 157 -32.18 -41.66 48.26
CA TRP Q 157 -32.53 -42.61 49.32
C TRP Q 157 -31.95 -42.18 50.65
N SER Q 158 -32.63 -42.55 51.73
CA SER Q 158 -32.16 -42.25 53.08
C SER Q 158 -31.01 -43.23 53.29
N ALA Q 159 -31.19 -44.41 52.71
CA ALA Q 159 -30.20 -45.48 52.77
C ALA Q 159 -30.57 -46.45 51.65
N GLN Q 160 -29.56 -47.02 51.02
CA GLN Q 160 -29.81 -47.94 49.92
C GLN Q 160 -28.60 -48.83 49.68
N THR Q 161 -28.83 -49.94 48.99
CA THR Q 161 -27.77 -50.89 48.70
C THR Q 161 -28.00 -51.52 47.33
N ILE Q 162 -26.93 -51.87 46.65
CA ILE Q 162 -27.01 -52.48 45.34
C ILE Q 162 -25.99 -53.59 45.26
N GLY Q 163 -26.21 -54.55 44.36
CA GLY Q 163 -25.27 -55.64 44.22
C GLY Q 163 -25.83 -56.94 44.78
N ARG Q 164 -24.99 -57.97 44.84
CA ARG Q 164 -25.41 -59.27 45.33
C ARG Q 164 -25.88 -59.22 46.77
N ASN Q 165 -27.00 -59.89 47.04
CA ASN Q 165 -27.58 -59.95 48.37
C ASN Q 165 -28.07 -58.59 48.85
N SER Q 166 -28.16 -57.63 47.93
CA SER Q 166 -28.64 -56.30 48.29
C SER Q 166 -30.07 -56.40 48.81
N LYS Q 167 -30.74 -57.51 48.49
CA LYS Q 167 -32.12 -57.73 48.93
C LYS Q 167 -32.05 -57.91 50.45
N THR Q 168 -31.10 -58.74 50.86
CA THR Q 168 -30.88 -59.02 52.27
C THR Q 168 -30.57 -57.74 53.01
N VAL Q 169 -29.41 -57.15 52.72
CA VAL Q 169 -28.99 -55.92 53.39
C VAL Q 169 -30.01 -54.78 53.29
N ARG Q 170 -30.91 -54.81 52.30
CA ARG Q 170 -31.91 -53.75 52.20
C ARG Q 170 -32.95 -53.97 53.29
N GLU Q 171 -33.37 -55.23 53.43
CA GLU Q 171 -34.36 -55.61 54.43
C GLU Q 171 -33.82 -55.14 55.78
N PHE Q 172 -32.56 -55.46 56.04
CA PHE Q 172 -31.91 -55.05 57.28
C PHE Q 172 -32.18 -53.57 57.46
N LEU Q 173 -31.75 -52.78 56.49
CA LEU Q 173 -31.91 -51.34 56.53
C LEU Q 173 -33.34 -50.85 56.70
N GLU Q 174 -34.28 -51.52 56.07
CA GLU Q 174 -35.68 -51.11 56.20
C GLU Q 174 -36.20 -51.20 57.62
N LYS Q 175 -35.65 -52.15 58.39
CA LYS Q 175 -36.05 -52.32 59.78
C LYS Q 175 -34.84 -52.09 60.68
N ASN Q 176 -34.18 -50.97 60.47
CA ASN Q 176 -32.99 -50.59 61.24
C ASN Q 176 -32.63 -49.14 60.99
N TYR Q 177 -33.41 -48.48 60.14
CA TYR Q 177 -33.20 -47.07 59.82
C TYR Q 177 -34.51 -46.33 60.03
N ASP Q 178 -34.46 -45.33 60.89
CA ASP Q 178 -35.62 -44.52 61.19
C ASP Q 178 -35.36 -43.14 60.62
N ARG Q 179 -36.22 -42.69 59.72
CA ARG Q 179 -36.05 -41.35 59.14
C ARG Q 179 -36.27 -40.33 60.23
N LYS Q 180 -37.10 -40.68 61.20
CA LYS Q 180 -37.40 -39.80 62.33
C LYS Q 180 -36.09 -39.47 63.05
N GLU Q 181 -35.22 -40.47 63.19
CA GLU Q 181 -33.96 -40.28 63.88
C GLU Q 181 -32.79 -40.95 63.15
N PRO Q 182 -32.22 -40.26 62.16
CA PRO Q 182 -31.08 -40.79 61.38
C PRO Q 182 -29.82 -40.80 62.24
N PRO Q 183 -28.90 -41.74 61.99
CA PRO Q 183 -27.64 -41.84 62.73
C PRO Q 183 -27.03 -40.46 62.98
N ALA Q 184 -27.39 -39.84 64.10
CA ALA Q 184 -26.90 -38.52 64.46
C ALA Q 184 -25.39 -38.41 64.66
N THR Q 185 -24.66 -39.49 64.43
CA THR Q 185 -23.22 -39.47 64.59
C THR Q 185 -22.48 -40.24 63.54
N VAL Q 186 -21.34 -39.69 63.12
CA VAL Q 186 -20.51 -40.33 62.12
C VAL Q 186 -20.26 -41.77 62.57
N GLU Q 187 -19.94 -41.94 63.85
CA GLU Q 187 -19.66 -43.27 64.40
C GLU Q 187 -20.89 -44.18 64.38
N GLU Q 188 -22.03 -43.68 64.82
CA GLU Q 188 -23.23 -44.51 64.83
C GLU Q 188 -23.80 -44.72 63.44
N CYS Q 189 -23.33 -43.94 62.48
CA CYS Q 189 -23.77 -44.06 61.10
C CYS Q 189 -22.87 -45.10 60.43
N VAL Q 190 -21.58 -45.06 60.73
CA VAL Q 190 -20.64 -45.99 60.15
C VAL Q 190 -20.88 -47.38 60.75
N LYS Q 191 -21.49 -47.40 61.93
CA LYS Q 191 -21.78 -48.67 62.61
C LYS Q 191 -22.95 -49.36 61.89
N LEU Q 192 -24.04 -48.62 61.70
CA LEU Q 192 -25.22 -49.15 61.03
C LEU Q 192 -24.84 -49.68 59.65
N THR Q 193 -23.90 -48.99 59.00
CA THR Q 193 -23.41 -49.40 57.67
C THR Q 193 -22.73 -50.76 57.76
N VAL Q 194 -21.74 -50.87 58.65
CA VAL Q 194 -21.01 -52.12 58.81
C VAL Q 194 -21.95 -53.25 59.23
N ARG Q 195 -22.93 -52.95 60.07
CA ARG Q 195 -23.90 -53.95 60.51
C ARG Q 195 -24.62 -54.54 59.30
N SER Q 196 -25.08 -53.66 58.40
CA SER Q 196 -25.78 -54.08 57.21
C SER Q 196 -24.90 -54.92 56.30
N LEU Q 197 -23.62 -54.56 56.20
CA LEU Q 197 -22.70 -55.32 55.35
C LEU Q 197 -22.38 -56.69 55.94
N LEU Q 198 -22.27 -56.76 57.26
CA LEU Q 198 -21.95 -58.02 57.94
C LEU Q 198 -23.06 -59.04 57.70
N GLU Q 199 -24.27 -58.56 57.46
CA GLU Q 199 -25.40 -59.43 57.20
C GLU Q 199 -25.15 -60.28 55.96
N VAL Q 200 -24.15 -59.88 55.17
CA VAL Q 200 -23.84 -60.60 53.93
C VAL Q 200 -22.35 -60.87 53.67
N VAL Q 201 -21.46 -60.01 54.15
CA VAL Q 201 -20.03 -60.20 53.91
C VAL Q 201 -19.50 -61.49 54.54
N GLN Q 202 -20.15 -61.92 55.61
CA GLN Q 202 -19.73 -63.13 56.31
C GLN Q 202 -18.29 -62.97 56.80
N THR Q 203 -18.16 -62.32 57.96
CA THR Q 203 -16.86 -62.06 58.58
C THR Q 203 -15.81 -61.69 57.54
N GLY Q 204 -15.70 -60.40 57.28
CA GLY Q 204 -14.75 -59.90 56.32
C GLY Q 204 -14.23 -58.54 56.70
N ALA Q 205 -13.29 -58.51 57.66
CA ALA Q 205 -12.71 -57.26 58.11
C ALA Q 205 -11.94 -56.62 56.96
N LYS Q 206 -11.21 -57.45 56.20
CA LYS Q 206 -10.44 -56.98 55.05
C LYS Q 206 -11.30 -57.04 53.79
N ASN Q 207 -12.56 -57.45 53.96
CA ASN Q 207 -13.50 -57.55 52.85
C ASN Q 207 -14.49 -56.39 52.86
N ILE Q 208 -14.39 -55.55 53.90
CA ILE Q 208 -15.27 -54.40 54.03
C ILE Q 208 -14.49 -53.09 54.10
N GLU Q 209 -14.84 -52.13 53.24
CA GLU Q 209 -14.20 -50.83 53.26
C GLU Q 209 -15.26 -49.75 53.42
N ILE Q 210 -14.92 -48.71 54.18
CA ILE Q 210 -15.85 -47.62 54.44
C ILE Q 210 -15.25 -46.27 54.08
N THR Q 211 -16.12 -45.33 53.71
CA THR Q 211 -15.69 -43.97 53.38
C THR Q 211 -16.73 -43.02 53.93
N VAL Q 212 -16.26 -42.07 54.72
CA VAL Q 212 -17.15 -41.08 55.35
C VAL Q 212 -17.07 -39.73 54.66
N VAL Q 213 -18.22 -39.12 54.44
CA VAL Q 213 -18.27 -37.82 53.81
C VAL Q 213 -18.99 -36.85 54.74
N LYS Q 214 -18.32 -35.73 55.02
CA LYS Q 214 -18.86 -34.68 55.88
C LYS Q 214 -18.94 -33.39 55.06
N PRO Q 215 -19.78 -32.43 55.48
CA PRO Q 215 -19.92 -31.17 54.76
C PRO Q 215 -18.58 -30.49 54.46
N ASP Q 216 -18.57 -29.66 53.43
CA ASP Q 216 -17.38 -28.93 53.01
C ASP Q 216 -16.16 -29.76 52.62
N SER Q 217 -16.36 -30.64 51.63
CA SER Q 217 -15.29 -31.47 51.10
C SER Q 217 -14.45 -32.25 52.12
N ASP Q 218 -15.11 -32.86 53.10
CA ASP Q 218 -14.41 -33.64 54.11
C ASP Q 218 -14.65 -35.11 53.80
N ILE Q 219 -13.79 -35.69 52.99
CA ILE Q 219 -13.93 -37.09 52.60
C ILE Q 219 -12.72 -37.90 53.04
N VAL Q 220 -13.01 -39.02 53.71
CA VAL Q 220 -11.95 -39.90 54.20
C VAL Q 220 -12.36 -41.38 54.24
N ALA Q 221 -11.41 -42.24 53.90
CA ALA Q 221 -11.65 -43.67 53.89
C ALA Q 221 -10.97 -44.32 55.10
N LEU Q 222 -11.75 -45.05 55.89
CA LEU Q 222 -11.25 -45.72 57.09
C LEU Q 222 -10.27 -46.83 56.72
N SER Q 223 -9.45 -47.24 57.69
CA SER Q 223 -8.47 -48.30 57.49
C SER Q 223 -8.98 -49.58 58.15
N SER Q 224 -8.40 -50.71 57.75
CA SER Q 224 -8.79 -52.00 58.29
C SER Q 224 -9.15 -51.93 59.76
N GLU Q 225 -8.19 -51.49 60.57
CA GLU Q 225 -8.36 -51.39 62.03
C GLU Q 225 -9.62 -50.63 62.41
N GLU Q 226 -9.70 -49.36 62.03
CA GLU Q 226 -10.85 -48.53 62.34
C GLU Q 226 -12.13 -49.30 62.09
N ILE Q 227 -12.15 -50.02 60.96
CA ILE Q 227 -13.30 -50.81 60.57
C ILE Q 227 -13.37 -52.08 61.41
N ASN Q 228 -12.23 -52.73 61.57
CA ASN Q 228 -12.14 -53.96 62.34
C ASN Q 228 -12.70 -53.73 63.74
N GLN Q 229 -12.54 -52.50 64.24
CA GLN Q 229 -13.03 -52.14 65.55
C GLN Q 229 -14.55 -52.18 65.57
N TYR Q 230 -15.17 -51.56 64.55
CA TYR Q 230 -16.63 -51.56 64.45
C TYR Q 230 -17.16 -52.98 64.40
N VAL Q 231 -16.46 -53.84 63.67
CA VAL Q 231 -16.85 -55.24 63.54
C VAL Q 231 -16.88 -55.86 64.94
N THR Q 232 -15.80 -55.62 65.69
CA THR Q 232 -15.66 -56.12 67.06
C THR Q 232 -16.82 -55.70 67.95
N GLN Q 233 -16.93 -54.41 68.21
CA GLN Q 233 -18.00 -53.87 69.06
C GLN Q 233 -19.37 -54.40 68.66
N ILE Q 234 -19.55 -54.74 67.38
CA ILE Q 234 -20.82 -55.24 66.89
C ILE Q 234 -21.05 -56.72 67.23
N GLU Q 235 -19.99 -57.52 67.17
CA GLU Q 235 -20.09 -58.94 67.48
C GLU Q 235 -20.39 -59.21 68.95
N GLN Q 236 -20.12 -58.20 69.78
CA GLN Q 236 -20.38 -58.32 71.21
C GLN Q 236 -21.85 -58.04 71.46
N GLU Q 237 -22.40 -57.06 70.75
CA GLU Q 237 -23.81 -56.71 70.88
C GLU Q 237 -24.64 -57.98 70.78
N LYS Q 238 -24.23 -58.88 69.89
CA LYS Q 238 -24.90 -60.16 69.66
C LYS Q 238 -24.70 -61.12 70.84
N GLN Q 239 -23.44 -61.46 71.12
CA GLN Q 239 -23.10 -62.37 72.21
C GLN Q 239 -23.72 -61.91 73.53
N GLU Q 240 -23.72 -60.59 73.75
CA GLU Q 240 -24.31 -60.02 74.96
C GLU Q 240 -25.82 -60.17 74.83
N GLN Q 241 -26.26 -61.39 74.54
CA GLN Q 241 -27.68 -61.70 74.38
C GLN Q 241 -27.86 -63.15 73.93
N ASP R 1 -31.56 -60.65 12.36
CA ASP R 1 -32.83 -60.45 13.12
C ASP R 1 -33.91 -59.80 12.23
N ARG R 2 -34.39 -58.63 12.64
CA ARG R 2 -35.43 -57.91 11.88
C ARG R 2 -35.31 -56.41 12.17
N GLY R 3 -35.20 -55.61 11.11
CA GLY R 3 -35.05 -54.17 11.26
C GLY R 3 -35.93 -53.55 12.33
N VAL R 4 -35.44 -52.47 12.95
CA VAL R 4 -36.20 -51.80 14.00
C VAL R 4 -37.36 -50.99 13.44
N SER R 5 -37.38 -50.80 12.12
CA SER R 5 -38.46 -50.03 11.52
C SER R 5 -39.24 -50.86 10.49
N THR R 6 -39.45 -52.13 10.81
CA THR R 6 -40.19 -53.05 9.95
C THR R 6 -41.69 -52.97 10.20
N PHE R 7 -42.47 -53.32 9.18
CA PHE R 7 -43.94 -53.31 9.26
C PHE R 7 -44.44 -54.72 9.51
N SER R 8 -45.53 -54.83 10.26
CA SER R 8 -46.13 -56.12 10.55
C SER R 8 -47.06 -56.40 9.38
N PRO R 9 -47.51 -57.66 9.25
CA PRO R 9 -48.42 -57.92 8.13
C PRO R 9 -49.71 -57.14 8.26
N GLU R 10 -49.97 -56.58 9.43
CA GLU R 10 -51.18 -55.79 9.66
C GLU R 10 -50.96 -54.29 9.49
N GLY R 11 -49.80 -53.92 8.94
CA GLY R 11 -49.53 -52.51 8.71
C GLY R 11 -49.14 -51.69 9.91
N ARG R 12 -48.49 -52.32 10.88
CA ARG R 12 -48.07 -51.58 12.05
C ARG R 12 -46.58 -51.74 12.24
N LEU R 13 -45.97 -50.76 12.90
CA LEU R 13 -44.53 -50.81 13.15
C LEU R 13 -44.28 -51.55 14.47
N PHE R 14 -43.68 -52.73 14.35
CA PHE R 14 -43.37 -53.58 15.51
C PHE R 14 -42.81 -52.80 16.69
N GLN R 15 -41.64 -52.18 16.52
CA GLN R 15 -41.04 -51.44 17.62
C GLN R 15 -41.98 -50.44 18.28
N VAL R 16 -42.84 -49.80 17.51
CA VAL R 16 -43.76 -48.84 18.10
C VAL R 16 -44.83 -49.53 18.91
N GLU R 17 -45.35 -50.64 18.38
CA GLU R 17 -46.38 -51.39 19.08
C GLU R 17 -45.85 -51.91 20.42
N TYR R 18 -44.66 -52.51 20.39
CA TYR R 18 -44.05 -53.04 21.60
C TYR R 18 -43.80 -51.89 22.56
N SER R 19 -43.42 -50.75 22.01
CA SER R 19 -43.19 -49.56 22.80
C SER R 19 -44.42 -49.32 23.66
N LEU R 20 -45.59 -49.35 23.01
CA LEU R 20 -46.85 -49.15 23.72
C LEU R 20 -47.06 -50.12 24.88
N GLU R 21 -46.56 -51.35 24.76
CA GLU R 21 -46.71 -52.33 25.84
C GLU R 21 -45.97 -51.87 27.08
N ALA R 22 -44.72 -51.45 26.92
CA ALA R 22 -43.93 -50.99 28.04
C ALA R 22 -44.66 -49.88 28.80
N ILE R 23 -45.39 -49.04 28.06
CA ILE R 23 -46.11 -47.93 28.66
C ILE R 23 -47.31 -48.38 29.50
N LYS R 24 -47.90 -49.53 29.15
CA LYS R 24 -49.04 -50.04 29.91
C LYS R 24 -48.62 -50.42 31.32
N LEU R 25 -47.33 -50.74 31.47
CA LEU R 25 -46.78 -51.14 32.77
C LEU R 25 -46.39 -49.93 33.63
N GLY R 26 -46.42 -48.74 33.04
CA GLY R 26 -46.03 -47.56 33.77
C GLY R 26 -47.01 -47.08 34.82
N SER R 27 -46.52 -46.22 35.70
CA SER R 27 -47.33 -45.66 36.76
C SER R 27 -48.46 -44.85 36.16
N THR R 28 -49.59 -44.83 36.83
CA THR R 28 -50.76 -44.11 36.36
C THR R 28 -50.55 -42.60 36.31
N ALA R 29 -51.04 -41.99 35.24
CA ALA R 29 -50.96 -40.55 35.06
C ALA R 29 -52.33 -40.13 34.56
N ILE R 30 -52.88 -39.06 35.12
CA ILE R 30 -54.20 -38.59 34.74
C ILE R 30 -54.25 -37.08 34.52
N GLY R 31 -54.99 -36.66 33.50
CA GLY R 31 -55.13 -35.24 33.22
C GLY R 31 -56.59 -34.87 32.95
N ILE R 32 -57.04 -33.77 33.54
CA ILE R 32 -58.41 -33.31 33.33
C ILE R 32 -58.45 -31.82 32.97
N ALA R 33 -59.18 -31.49 31.90
CA ALA R 33 -59.27 -30.11 31.47
C ALA R 33 -60.60 -29.48 31.89
N THR R 34 -60.55 -28.22 32.28
CA THR R 34 -61.75 -27.48 32.70
C THR R 34 -61.56 -26.02 32.32
N LYS R 35 -62.66 -25.32 32.04
CA LYS R 35 -62.58 -23.90 31.66
C LYS R 35 -61.91 -23.03 32.74
N GLU R 36 -61.50 -23.66 33.84
CA GLU R 36 -60.84 -22.95 34.93
C GLU R 36 -59.38 -23.36 35.04
N GLY R 37 -58.96 -24.28 34.17
CA GLY R 37 -57.58 -24.74 34.21
C GLY R 37 -57.49 -26.23 33.93
N VAL R 38 -56.27 -26.77 33.97
CA VAL R 38 -56.08 -28.18 33.72
C VAL R 38 -55.32 -28.81 34.87
N VAL R 39 -55.82 -29.94 35.36
CA VAL R 39 -55.18 -30.65 36.47
C VAL R 39 -54.40 -31.84 35.91
N LEU R 40 -53.24 -32.09 36.51
CA LEU R 40 -52.38 -33.19 36.09
C LEU R 40 -51.97 -33.94 37.35
N GLY R 41 -52.27 -35.23 37.41
CA GLY R 41 -51.91 -36.01 38.57
C GLY R 41 -51.19 -37.29 38.19
N VAL R 42 -50.29 -37.76 39.07
CA VAL R 42 -49.55 -38.98 38.80
C VAL R 42 -49.36 -39.84 40.05
N GLU R 43 -49.08 -41.12 39.83
CA GLU R 43 -48.82 -42.08 40.91
C GLU R 43 -47.31 -42.19 41.06
N LYS R 44 -46.76 -41.70 42.18
CA LYS R 44 -45.33 -41.78 42.39
C LYS R 44 -44.85 -43.23 42.26
N ARG R 45 -45.32 -44.07 43.17
CA ARG R 45 -44.96 -45.49 43.18
C ARG R 45 -43.49 -45.74 43.53
N ALA R 46 -43.16 -45.60 44.80
CA ALA R 46 -41.81 -45.85 45.26
C ALA R 46 -41.60 -47.36 45.37
N THR R 47 -40.38 -47.83 45.08
CA THR R 47 -40.11 -49.26 45.14
C THR R 47 -39.60 -49.70 46.50
N SER R 48 -39.62 -48.79 47.47
CA SER R 48 -39.14 -49.08 48.82
C SER R 48 -39.41 -47.90 49.74
N PRO R 49 -39.56 -48.15 51.05
CA PRO R 49 -39.82 -47.07 52.00
C PRO R 49 -38.60 -46.16 52.21
N LEU R 50 -37.42 -46.66 51.85
CA LEU R 50 -36.18 -45.88 52.00
C LEU R 50 -35.98 -44.87 50.89
N LEU R 51 -36.83 -44.94 49.87
CA LEU R 51 -36.77 -44.03 48.74
C LEU R 51 -37.50 -42.73 49.11
N GLU R 52 -36.77 -41.62 49.09
CA GLU R 52 -37.37 -40.34 49.42
C GLU R 52 -38.33 -40.02 48.28
N SER R 53 -39.62 -40.24 48.54
CA SER R 53 -40.66 -40.04 47.53
C SER R 53 -40.69 -38.73 46.76
N ASP R 54 -40.14 -37.65 47.32
CA ASP R 54 -40.17 -36.39 46.59
C ASP R 54 -39.10 -36.30 45.49
N SER R 55 -38.19 -37.27 45.45
CA SER R 55 -37.16 -37.27 44.42
C SER R 55 -37.73 -37.97 43.18
N ILE R 56 -39.04 -38.19 43.18
CA ILE R 56 -39.75 -38.83 42.06
C ILE R 56 -40.45 -37.75 41.25
N GLU R 57 -39.79 -37.32 40.17
CA GLU R 57 -40.31 -36.27 39.29
C GLU R 57 -41.01 -36.81 38.05
N LYS R 58 -42.33 -36.92 38.10
CA LYS R 58 -43.09 -37.40 36.96
C LYS R 58 -44.03 -36.35 36.40
N ILE R 59 -43.89 -35.13 36.91
CA ILE R 59 -44.66 -33.99 36.44
C ILE R 59 -43.63 -32.88 36.32
N VAL R 60 -43.48 -32.33 35.13
CA VAL R 60 -42.49 -31.29 34.91
C VAL R 60 -43.01 -30.06 34.19
N GLU R 61 -42.31 -28.95 34.39
CA GLU R 61 -42.64 -27.68 33.75
C GLU R 61 -41.87 -27.58 32.44
N ILE R 62 -42.61 -27.29 31.37
CA ILE R 62 -42.03 -27.13 30.04
C ILE R 62 -41.82 -25.63 29.85
N ASP R 63 -42.83 -24.87 30.25
CA ASP R 63 -42.79 -23.42 30.19
C ASP R 63 -43.74 -22.96 31.29
N ARG R 64 -43.92 -21.66 31.44
CA ARG R 64 -44.79 -21.15 32.50
C ARG R 64 -46.26 -21.48 32.27
N HIS R 65 -46.62 -21.71 31.01
CA HIS R 65 -48.00 -22.02 30.66
C HIS R 65 -48.14 -23.43 30.09
N ILE R 66 -47.13 -24.28 30.34
CA ILE R 66 -47.15 -25.65 29.84
C ILE R 66 -46.40 -26.61 30.75
N GLY R 67 -47.07 -27.68 31.16
CA GLY R 67 -46.44 -28.68 32.01
C GLY R 67 -46.87 -30.02 31.48
N CYS R 68 -46.20 -31.10 31.90
CA CYS R 68 -46.62 -32.41 31.42
C CYS R 68 -46.36 -33.51 32.42
N ALA R 69 -47.09 -34.62 32.27
CA ALA R 69 -46.94 -35.78 33.14
C ALA R 69 -46.53 -36.95 32.26
N MET R 70 -45.70 -37.83 32.78
CA MET R 70 -45.22 -38.98 32.00
C MET R 70 -45.58 -40.34 32.58
N SER R 71 -45.52 -41.38 31.74
CA SER R 71 -45.81 -42.75 32.15
C SER R 71 -45.07 -43.73 31.23
N GLY R 72 -44.37 -44.69 31.82
CA GLY R 72 -43.63 -45.66 31.04
C GLY R 72 -42.18 -45.63 31.46
N LEU R 73 -41.25 -45.96 30.56
CA LEU R 73 -39.83 -45.90 30.89
C LEU R 73 -39.50 -44.42 31.00
N THR R 74 -39.64 -43.86 32.19
CA THR R 74 -39.43 -42.43 32.40
C THR R 74 -38.05 -41.84 32.12
N ALA R 75 -37.02 -42.67 32.08
CA ALA R 75 -35.69 -42.14 31.79
C ALA R 75 -35.70 -41.63 30.35
N ASP R 76 -36.47 -42.28 29.49
CA ASP R 76 -36.59 -41.89 28.09
C ASP R 76 -37.13 -40.48 27.89
N ALA R 77 -37.93 -39.99 28.84
CA ALA R 77 -38.54 -38.68 28.73
C ALA R 77 -37.63 -37.48 28.95
N ARG R 78 -36.40 -37.71 29.41
CA ARG R 78 -35.49 -36.60 29.67
C ARG R 78 -35.21 -35.77 28.43
N SER R 79 -34.78 -36.41 27.35
CA SER R 79 -34.49 -35.70 26.11
C SER R 79 -35.77 -35.10 25.53
N MET R 80 -36.89 -35.75 25.75
CA MET R 80 -38.16 -35.25 25.25
C MET R 80 -38.48 -33.91 25.90
N ILE R 81 -38.31 -33.86 27.23
CA ILE R 81 -38.57 -32.64 27.98
C ILE R 81 -37.60 -31.54 27.54
N GLU R 82 -36.32 -31.90 27.43
CA GLU R 82 -35.28 -30.97 27.01
C GLU R 82 -35.65 -30.33 25.67
N HIS R 83 -36.01 -31.17 24.71
CA HIS R 83 -36.41 -30.69 23.41
C HIS R 83 -37.58 -29.74 23.56
N ALA R 84 -38.59 -30.18 24.30
CA ALA R 84 -39.81 -29.40 24.53
C ALA R 84 -39.57 -28.03 25.13
N ARG R 85 -38.73 -27.98 26.16
CA ARG R 85 -38.42 -26.71 26.82
C ARG R 85 -37.67 -25.80 25.88
N THR R 86 -36.71 -26.36 25.15
CA THR R 86 -35.94 -25.59 24.19
C THR R 86 -36.85 -25.02 23.09
N ALA R 87 -37.85 -25.81 22.67
CA ALA R 87 -38.77 -25.36 21.63
C ALA R 87 -39.59 -24.16 22.13
N ALA R 88 -40.12 -24.28 23.34
CA ALA R 88 -40.93 -23.21 23.90
C ALA R 88 -40.11 -21.94 24.05
N VAL R 89 -38.91 -22.08 24.59
CA VAL R 89 -38.00 -20.96 24.81
C VAL R 89 -37.55 -20.34 23.49
N THR R 90 -37.14 -21.21 22.57
CA THR R 90 -36.69 -20.76 21.25
C THR R 90 -37.78 -20.01 20.51
N HIS R 91 -39.01 -20.53 20.54
CA HIS R 91 -40.09 -19.86 19.86
C HIS R 91 -40.25 -18.45 20.42
N ASN R 92 -40.05 -18.30 21.72
CA ASN R 92 -40.19 -16.99 22.33
C ASN R 92 -39.10 -16.06 21.83
N LEU R 93 -37.88 -16.59 21.74
CA LEU R 93 -36.75 -15.80 21.28
C LEU R 93 -36.93 -15.33 19.83
N TYR R 94 -37.47 -16.21 18.99
CA TYR R 94 -37.68 -15.88 17.59
C TYR R 94 -38.96 -15.12 17.27
N TYR R 95 -39.98 -15.23 18.10
CA TYR R 95 -41.24 -14.54 17.81
C TYR R 95 -41.78 -13.60 18.86
N ASP R 96 -41.03 -13.44 19.94
CA ASP R 96 -41.46 -12.55 21.01
C ASP R 96 -42.89 -12.88 21.44
N GLU R 97 -43.15 -14.17 21.67
CA GLU R 97 -44.47 -14.60 22.09
C GLU R 97 -44.38 -16.05 22.60
N ASP R 98 -45.42 -16.47 23.31
CA ASP R 98 -45.48 -17.84 23.85
C ASP R 98 -45.78 -18.82 22.74
N ILE R 99 -45.33 -20.05 22.92
CA ILE R 99 -45.56 -21.09 21.94
C ILE R 99 -46.96 -21.67 22.19
N ASN R 100 -47.70 -21.97 21.14
CA ASN R 100 -49.03 -22.53 21.31
C ASN R 100 -48.89 -23.93 21.84
N VAL R 101 -49.78 -24.32 22.73
CA VAL R 101 -49.69 -25.66 23.31
C VAL R 101 -49.67 -26.76 22.25
N GLU R 102 -50.52 -26.62 21.24
CA GLU R 102 -50.56 -27.64 20.21
C GLU R 102 -49.22 -27.74 19.47
N SER R 103 -48.65 -26.59 19.12
CA SER R 103 -47.36 -26.57 18.42
C SER R 103 -46.30 -27.29 19.24
N LEU R 104 -46.21 -26.93 20.51
CA LEU R 104 -45.25 -27.56 21.38
C LEU R 104 -45.42 -29.07 21.29
N THR R 105 -46.67 -29.52 21.32
CA THR R 105 -46.95 -30.95 21.26
C THR R 105 -46.48 -31.56 19.94
N GLN R 106 -46.80 -30.89 18.84
CA GLN R 106 -46.42 -31.34 17.50
C GLN R 106 -44.88 -31.47 17.42
N SER R 107 -44.20 -30.49 18.00
CA SER R 107 -42.75 -30.45 18.03
C SER R 107 -42.18 -31.70 18.69
N VAL R 108 -42.76 -32.08 19.82
CA VAL R 108 -42.32 -33.25 20.56
C VAL R 108 -42.61 -34.54 19.78
N CYS R 109 -43.79 -34.59 19.16
CA CYS R 109 -44.16 -35.76 18.39
C CYS R 109 -43.27 -35.97 17.19
N ASP R 110 -42.68 -34.89 16.71
CA ASP R 110 -41.79 -34.95 15.55
C ASP R 110 -40.50 -35.73 15.82
N LEU R 111 -40.13 -35.87 17.09
CA LEU R 111 -38.94 -36.61 17.46
C LEU R 111 -39.24 -38.10 17.47
N ALA R 112 -40.47 -38.40 17.85
CA ALA R 112 -40.96 -39.76 17.95
C ALA R 112 -40.50 -40.76 16.89
N LEU R 113 -40.81 -40.53 15.61
CA LEU R 113 -40.41 -41.49 14.58
C LEU R 113 -38.97 -41.35 14.09
N ARG R 114 -38.20 -40.50 14.77
CA ARG R 114 -36.80 -40.31 14.41
C ARG R 114 -35.90 -41.43 14.88
N PHE R 115 -36.27 -42.68 14.59
CA PHE R 115 -35.44 -43.79 15.00
C PHE R 115 -35.17 -44.73 13.83
N GLY R 116 -34.16 -45.57 13.99
CA GLY R 116 -33.79 -46.52 12.96
C GLY R 116 -32.30 -46.82 12.92
N GLU R 117 -31.90 -47.65 11.96
CA GLU R 117 -30.51 -48.03 11.76
C GLU R 117 -29.99 -47.46 10.43
N GLY R 118 -30.84 -46.68 9.77
CA GLY R 118 -30.48 -46.08 8.49
C GLY R 118 -31.70 -45.88 7.60
N ALA R 119 -32.74 -45.25 8.16
CA ALA R 119 -33.99 -45.00 7.44
C ALA R 119 -33.89 -43.82 6.45
N SER R 120 -34.05 -44.13 5.15
CA SER R 120 -33.98 -43.16 4.07
C SER R 120 -35.05 -42.06 4.16
N GLY R 121 -34.65 -40.86 4.59
CA GLY R 121 -35.58 -39.76 4.72
C GLY R 121 -34.93 -38.52 5.32
N GLU R 122 -33.78 -38.73 5.94
CA GLU R 122 -33.00 -37.66 6.58
C GLU R 122 -31.84 -38.34 7.33
N GLU R 123 -31.76 -38.13 8.64
CA GLU R 123 -30.71 -38.76 9.42
C GLU R 123 -31.23 -39.12 10.82
N ARG R 124 -32.25 -39.97 10.85
CA ARG R 124 -32.85 -40.42 12.10
C ARG R 124 -31.93 -41.30 12.94
N LEU R 125 -31.22 -40.67 13.87
CA LEU R 125 -30.31 -41.39 14.75
C LEU R 125 -30.91 -41.48 16.17
N MET R 126 -31.24 -42.72 16.53
CA MET R 126 -31.84 -43.09 17.81
C MET R 126 -32.22 -44.53 17.48
N SER R 127 -31.62 -45.49 18.17
CA SER R 127 -31.86 -46.90 17.87
C SER R 127 -33.25 -47.46 18.09
N ARG R 128 -34.04 -46.83 18.95
CA ARG R 128 -35.38 -47.35 19.23
C ARG R 128 -36.33 -46.21 19.55
N PRO R 129 -37.65 -46.50 19.54
CA PRO R 129 -38.65 -45.48 19.85
C PRO R 129 -38.59 -45.20 21.34
N PHE R 130 -39.29 -44.16 21.79
CA PHE R 130 -39.32 -43.84 23.21
C PHE R 130 -40.29 -44.81 23.85
N GLY R 131 -40.04 -45.17 25.11
CA GLY R 131 -40.94 -46.08 25.80
C GLY R 131 -41.76 -45.35 26.85
N VAL R 132 -42.21 -44.15 26.53
CA VAL R 132 -42.97 -43.36 27.47
C VAL R 132 -43.97 -42.46 26.77
N ALA R 133 -45.15 -42.31 27.36
CA ALA R 133 -46.19 -41.44 26.80
C ALA R 133 -46.23 -40.17 27.65
N LEU R 134 -46.81 -39.11 27.12
CA LEU R 134 -46.88 -37.86 27.85
C LEU R 134 -48.24 -37.20 27.77
N LEU R 135 -48.62 -36.54 28.86
CA LEU R 135 -49.85 -35.79 28.92
C LEU R 135 -49.35 -34.35 29.01
N ILE R 136 -49.53 -33.60 27.93
CA ILE R 136 -49.07 -32.23 27.90
C ILE R 136 -50.26 -31.33 28.14
N ALA R 137 -50.20 -30.57 29.23
CA ALA R 137 -51.29 -29.67 29.61
C ALA R 137 -50.79 -28.25 29.64
N GLY R 138 -51.61 -27.34 29.14
CA GLY R 138 -51.22 -25.94 29.13
C GLY R 138 -52.32 -25.02 28.67
N HIS R 139 -51.96 -23.75 28.50
CA HIS R 139 -52.91 -22.74 28.06
C HIS R 139 -52.25 -21.71 27.16
N ASP R 140 -52.99 -21.24 26.15
CA ASP R 140 -52.51 -20.22 25.26
C ASP R 140 -53.69 -19.38 24.84
N ALA R 141 -53.42 -18.15 24.39
CA ALA R 141 -54.49 -17.23 23.99
C ALA R 141 -55.35 -17.73 22.84
N ASP R 142 -54.82 -18.64 22.03
CA ASP R 142 -55.59 -19.12 20.89
C ASP R 142 -56.70 -20.12 21.18
N ASP R 143 -56.41 -21.17 21.95
CA ASP R 143 -57.41 -22.17 22.27
C ASP R 143 -57.52 -22.43 23.76
N GLY R 144 -57.11 -21.45 24.55
CA GLY R 144 -57.17 -21.57 26.00
C GLY R 144 -56.60 -22.86 26.58
N TYR R 145 -57.29 -23.39 27.59
CA TYR R 145 -56.86 -24.61 28.27
C TYR R 145 -56.93 -25.83 27.39
N GLN R 146 -55.82 -26.55 27.31
CA GLN R 146 -55.73 -27.75 26.48
C GLN R 146 -54.98 -28.88 27.16
N LEU R 147 -55.32 -30.10 26.75
CA LEU R 147 -54.68 -31.29 27.28
C LEU R 147 -54.37 -32.19 26.09
N PHE R 148 -53.12 -32.65 26.00
CA PHE R 148 -52.71 -33.50 24.89
C PHE R 148 -52.08 -34.79 25.35
N HIS R 149 -52.28 -35.83 24.55
CA HIS R 149 -51.71 -37.14 24.82
C HIS R 149 -50.78 -37.42 23.64
N ALA R 150 -49.48 -37.47 23.90
CA ALA R 150 -48.48 -37.71 22.85
C ALA R 150 -47.82 -39.07 23.04
N GLU R 151 -47.87 -39.90 22.01
CA GLU R 151 -47.30 -41.24 22.09
C GLU R 151 -46.04 -41.46 21.26
N PRO R 152 -45.34 -42.57 21.48
CA PRO R 152 -44.10 -42.91 20.75
C PRO R 152 -44.37 -43.15 19.26
N SER R 153 -45.65 -43.16 18.89
CA SER R 153 -46.07 -43.37 17.51
C SER R 153 -45.89 -42.08 16.71
N GLY R 154 -45.72 -40.98 17.42
CA GLY R 154 -45.55 -39.71 16.75
C GLY R 154 -46.88 -39.00 16.62
N THR R 155 -47.95 -39.68 17.01
CA THR R 155 -49.27 -39.08 16.94
C THR R 155 -49.67 -38.53 18.29
N PHE R 156 -50.61 -37.59 18.30
CA PHE R 156 -51.08 -37.01 19.54
C PHE R 156 -52.56 -36.65 19.38
N TYR R 157 -53.28 -36.70 20.49
CA TYR R 157 -54.70 -36.40 20.48
C TYR R 157 -54.99 -35.37 21.55
N ARG R 158 -56.06 -34.62 21.36
CA ARG R 158 -56.46 -33.63 22.34
C ARG R 158 -57.55 -34.32 23.18
N TYR R 159 -57.53 -34.11 24.48
CA TYR R 159 -58.53 -34.72 25.37
C TYR R 159 -59.11 -33.74 26.38
N ASN R 160 -60.31 -34.06 26.86
CA ASN R 160 -60.98 -33.27 27.87
C ASN R 160 -60.52 -33.87 29.18
N ALA R 161 -60.22 -35.17 29.10
CA ALA R 161 -59.74 -35.93 30.23
C ALA R 161 -59.02 -37.13 29.64
N LYS R 162 -57.97 -37.60 30.29
CA LYS R 162 -57.22 -38.75 29.79
C LYS R 162 -56.38 -39.38 30.87
N ALA R 163 -56.31 -40.70 30.86
CA ALA R 163 -55.54 -41.44 31.83
C ALA R 163 -54.69 -42.45 31.07
N ILE R 164 -53.41 -42.50 31.43
CA ILE R 164 -52.46 -43.42 30.82
C ILE R 164 -51.72 -44.12 31.93
N GLY R 165 -51.19 -45.30 31.65
CA GLY R 165 -50.48 -46.05 32.68
C GLY R 165 -51.23 -47.31 33.07
N SER R 166 -50.65 -48.08 33.98
CA SER R 166 -51.26 -49.34 34.42
C SER R 166 -52.77 -49.31 34.70
N GLY R 167 -53.29 -48.25 35.30
CA GLY R 167 -54.72 -48.24 35.57
C GLY R 167 -55.61 -47.59 34.51
N SER R 168 -54.99 -47.06 33.46
CA SER R 168 -55.71 -46.36 32.38
C SER R 168 -57.09 -46.83 31.91
N GLU R 169 -57.19 -48.03 31.32
CA GLU R 169 -58.47 -48.54 30.80
C GLU R 169 -59.63 -48.35 31.77
N GLY R 170 -59.44 -48.73 33.02
CA GLY R 170 -60.50 -48.57 34.00
C GLY R 170 -60.73 -47.10 34.27
N ALA R 171 -59.64 -46.37 34.49
CA ALA R 171 -59.72 -44.94 34.78
C ALA R 171 -60.35 -44.14 33.65
N GLN R 172 -60.12 -44.58 32.41
CA GLN R 172 -60.67 -43.86 31.27
C GLN R 172 -62.18 -44.01 31.24
N ALA R 173 -62.66 -45.22 31.51
CA ALA R 173 -64.09 -45.51 31.52
C ALA R 173 -64.73 -44.60 32.57
N GLU R 174 -64.04 -44.49 33.70
CA GLU R 174 -64.50 -43.64 34.78
C GLU R 174 -64.70 -42.23 34.21
N LEU R 175 -63.59 -41.64 33.77
CA LEU R 175 -63.59 -40.30 33.20
C LEU R 175 -64.67 -40.11 32.17
N LEU R 176 -64.88 -41.14 31.37
CA LEU R 176 -65.91 -41.11 30.34
C LEU R 176 -67.24 -40.63 30.89
N ASN R 177 -67.53 -41.04 32.12
CA ASN R 177 -68.78 -40.66 32.79
C ASN R 177 -68.65 -39.42 33.66
N GLU R 178 -67.68 -39.43 34.57
CA GLU R 178 -67.44 -38.33 35.49
C GLU R 178 -67.29 -36.95 34.85
N TRP R 179 -66.59 -36.90 33.71
CA TRP R 179 -66.32 -35.64 33.03
C TRP R 179 -67.50 -34.98 32.32
N HIS R 180 -67.60 -33.66 32.47
CA HIS R 180 -68.63 -32.87 31.82
C HIS R 180 -68.05 -31.46 31.68
N SER R 181 -68.43 -30.79 30.61
CA SER R 181 -67.92 -29.45 30.30
C SER R 181 -68.10 -28.33 31.31
N SER R 182 -68.65 -28.60 32.48
CA SER R 182 -68.83 -27.54 33.48
C SER R 182 -68.08 -27.78 34.80
N LEU R 183 -67.16 -28.74 34.78
CA LEU R 183 -66.37 -29.04 35.97
C LEU R 183 -65.59 -27.81 36.39
N THR R 184 -65.35 -27.69 37.69
CA THR R 184 -64.57 -26.56 38.20
C THR R 184 -63.19 -27.15 38.46
N LEU R 185 -62.19 -26.30 38.61
CA LEU R 185 -60.87 -26.80 38.87
C LEU R 185 -60.87 -27.72 40.09
N LYS R 186 -61.48 -27.24 41.18
CA LYS R 186 -61.55 -28.01 42.42
C LYS R 186 -62.19 -29.38 42.22
N GLU R 187 -63.26 -29.42 41.42
CA GLU R 187 -63.94 -30.68 41.17
C GLU R 187 -62.99 -31.61 40.45
N ALA R 188 -62.28 -31.06 39.47
CA ALA R 188 -61.30 -31.81 38.68
C ALA R 188 -60.21 -32.38 39.58
N GLU R 189 -59.72 -31.56 40.50
CA GLU R 189 -58.68 -31.99 41.43
C GLU R 189 -59.11 -33.25 42.18
N LEU R 190 -60.29 -33.20 42.79
CA LEU R 190 -60.83 -34.32 43.54
C LEU R 190 -61.05 -35.55 42.67
N LEU R 191 -61.62 -35.34 41.48
CA LEU R 191 -61.87 -36.43 40.56
C LEU R 191 -60.58 -37.19 40.20
N VAL R 192 -59.50 -36.44 39.96
CA VAL R 192 -58.22 -37.07 39.65
C VAL R 192 -57.76 -37.87 40.85
N LEU R 193 -57.75 -37.21 42.00
CA LEU R 193 -57.35 -37.81 43.26
C LEU R 193 -58.18 -39.07 43.51
N LYS R 194 -59.46 -39.01 43.19
CA LYS R 194 -60.35 -40.15 43.38
C LYS R 194 -59.98 -41.35 42.50
N ILE R 195 -59.89 -41.13 41.20
CA ILE R 195 -59.55 -42.19 40.26
C ILE R 195 -58.18 -42.79 40.52
N LEU R 196 -57.23 -41.94 40.90
CA LEU R 196 -55.88 -42.42 41.21
C LEU R 196 -56.01 -43.40 42.36
N LYS R 197 -56.76 -42.99 43.37
CA LYS R 197 -57.00 -43.80 44.57
C LYS R 197 -57.55 -45.18 44.21
N GLN R 198 -58.54 -45.20 43.31
CA GLN R 198 -59.16 -46.46 42.90
C GLN R 198 -58.25 -47.41 42.18
N VAL R 199 -57.37 -46.89 41.32
CA VAL R 199 -56.48 -47.76 40.55
C VAL R 199 -55.14 -48.07 41.17
N MET R 200 -54.75 -47.32 42.20
CA MET R 200 -53.47 -47.54 42.86
C MET R 200 -53.49 -48.71 43.84
N GLU R 201 -52.44 -49.53 43.78
CA GLU R 201 -52.32 -50.66 44.70
C GLU R 201 -52.20 -50.07 46.09
N GLU R 202 -51.34 -49.06 46.19
CA GLU R 202 -51.07 -48.35 47.44
C GLU R 202 -52.21 -47.49 47.90
N LYS R 203 -52.24 -47.19 49.20
CA LYS R 203 -53.29 -46.34 49.73
C LYS R 203 -52.84 -44.92 49.49
N LEU R 204 -53.52 -44.27 48.57
CA LEU R 204 -53.21 -42.89 48.19
C LEU R 204 -53.10 -41.93 49.36
N ASP R 205 -51.94 -41.31 49.47
CA ASP R 205 -51.67 -40.30 50.50
C ASP R 205 -50.87 -39.22 49.76
N GLU R 206 -50.46 -38.17 50.45
CA GLU R 206 -49.72 -37.11 49.76
C GLU R 206 -48.24 -37.42 49.56
N ASN R 207 -47.87 -38.70 49.59
CA ASN R 207 -46.48 -39.07 49.39
C ASN R 207 -46.27 -39.97 48.20
N ASN R 208 -47.29 -40.75 47.85
CA ASN R 208 -47.19 -41.62 46.69
C ASN R 208 -48.08 -41.13 45.55
N ALA R 209 -48.56 -39.90 45.69
CA ALA R 209 -49.40 -39.28 44.68
C ALA R 209 -49.01 -37.82 44.62
N GLN R 210 -49.22 -37.19 43.46
CA GLN R 210 -48.87 -35.79 43.30
C GLN R 210 -49.80 -35.08 42.33
N LEU R 211 -50.21 -33.87 42.70
CA LEU R 211 -51.09 -33.05 41.88
C LEU R 211 -50.38 -31.80 41.38
N SER R 212 -50.95 -31.18 40.36
CA SER R 212 -50.40 -29.97 39.78
C SER R 212 -51.45 -29.44 38.82
N CYS R 213 -51.30 -28.20 38.40
CA CYS R 213 -52.25 -27.63 37.46
C CYS R 213 -51.63 -26.47 36.71
N ILE R 214 -52.36 -26.01 35.70
CA ILE R 214 -51.95 -24.88 34.88
C ILE R 214 -53.17 -23.99 34.73
N THR R 215 -53.01 -22.74 35.13
CA THR R 215 -54.07 -21.75 35.02
C THR R 215 -53.48 -20.50 34.39
N LYS R 216 -54.31 -19.82 33.61
CA LYS R 216 -53.87 -18.61 32.93
C LYS R 216 -53.17 -17.64 33.85
N GLN R 217 -53.76 -17.39 35.02
CA GLN R 217 -53.19 -16.45 35.96
C GLN R 217 -51.87 -16.83 36.59
N ASP R 218 -51.79 -18.01 37.20
CA ASP R 218 -50.57 -18.43 37.87
C ASP R 218 -49.70 -19.41 37.12
N GLY R 219 -50.18 -19.85 35.96
CA GLY R 219 -49.42 -20.79 35.14
C GLY R 219 -49.33 -22.19 35.71
N PHE R 220 -48.27 -22.90 35.34
CA PHE R 220 -48.08 -24.26 35.81
C PHE R 220 -47.47 -24.31 37.20
N LYS R 221 -48.16 -25.02 38.10
CA LYS R 221 -47.73 -25.16 39.49
C LYS R 221 -47.91 -26.61 39.97
N ILE R 222 -46.95 -27.10 40.72
CA ILE R 222 -47.02 -28.44 41.27
C ILE R 222 -47.41 -28.29 42.73
N TYR R 223 -48.57 -28.84 43.10
CA TYR R 223 -49.03 -28.75 44.49
C TYR R 223 -48.07 -29.41 45.45
N ASP R 224 -47.74 -28.73 46.55
CA ASP R 224 -46.86 -29.32 47.56
C ASP R 224 -47.71 -30.28 48.39
N ASN R 225 -47.05 -31.24 49.04
CA ASN R 225 -47.72 -32.23 49.85
C ASN R 225 -48.86 -31.75 50.74
N GLU R 226 -48.60 -30.71 51.54
CA GLU R 226 -49.61 -30.17 52.43
C GLU R 226 -50.89 -29.85 51.65
N LYS R 227 -50.76 -29.06 50.60
CA LYS R 227 -51.92 -28.69 49.81
C LYS R 227 -52.69 -29.90 49.29
N THR R 228 -51.95 -30.94 48.90
CA THR R 228 -52.58 -32.15 48.39
C THR R 228 -53.20 -32.97 49.51
N ALA R 229 -52.48 -33.10 50.61
CA ALA R 229 -52.99 -33.86 51.76
C ALA R 229 -54.42 -33.41 52.09
N GLU R 230 -54.61 -32.11 52.20
CA GLU R 230 -55.92 -31.55 52.53
C GLU R 230 -56.97 -31.91 51.50
N LEU R 231 -56.58 -31.93 50.24
CA LEU R 231 -57.50 -32.28 49.18
C LEU R 231 -57.87 -33.76 49.31
N ILE R 232 -56.92 -34.56 49.76
CA ILE R 232 -57.15 -35.99 49.94
C ILE R 232 -58.20 -36.13 51.06
N LYS R 233 -57.93 -35.48 52.20
CA LYS R 233 -58.83 -35.49 53.34
C LYS R 233 -60.22 -35.05 52.87
N GLU R 234 -60.27 -33.86 52.29
CA GLU R 234 -61.52 -33.31 51.77
C GLU R 234 -62.27 -34.32 50.92
N LEU R 235 -61.52 -35.20 50.25
CA LEU R 235 -62.12 -36.22 49.39
C LEU R 235 -62.75 -37.35 50.21
N LYS R 236 -62.01 -37.85 51.19
CA LYS R 236 -62.48 -38.94 52.05
C LYS R 236 -63.81 -38.56 52.71
N GLU R 237 -63.91 -37.29 53.12
CA GLU R 237 -65.09 -36.79 53.78
C GLU R 237 -66.29 -36.74 52.84
N LYS R 238 -66.08 -36.24 51.62
CA LYS R 238 -67.17 -36.16 50.68
C LYS R 238 -67.64 -37.55 50.25
N GLU R 239 -66.72 -38.51 50.16
CA GLU R 239 -67.09 -39.87 49.76
C GLU R 239 -67.90 -40.56 50.85
N ALA R 240 -67.39 -40.48 52.08
CA ALA R 240 -68.08 -41.09 53.21
C ALA R 240 -69.41 -40.39 53.43
N ALA R 241 -69.57 -39.22 52.82
CA ALA R 241 -70.79 -38.43 52.95
C ALA R 241 -71.99 -39.09 52.28
N GLU R 242 -71.74 -40.24 51.63
CA GLU R 242 -72.79 -41.00 50.95
C GLU R 242 -72.18 -42.03 50.01
N PHE S 1 -42.98 -69.56 3.65
CA PHE S 1 -42.99 -68.67 2.46
C PHE S 1 -42.78 -67.20 2.86
N ARG S 2 -43.81 -66.39 2.64
CA ARG S 2 -43.83 -64.96 2.93
C ARG S 2 -42.94 -64.53 4.09
N ASN S 3 -42.95 -65.33 5.15
CA ASN S 3 -42.15 -65.04 6.34
C ASN S 3 -40.68 -64.79 6.02
N ASN S 4 -40.14 -65.56 5.08
CA ASN S 4 -38.74 -65.44 4.68
C ASN S 4 -38.44 -64.31 3.72
N TYR S 5 -39.46 -63.57 3.30
CA TYR S 5 -39.27 -62.49 2.35
C TYR S 5 -39.87 -61.15 2.74
N ASP S 6 -40.50 -61.06 3.89
CA ASP S 6 -41.12 -59.80 4.31
C ASP S 6 -40.41 -59.04 5.43
N GLY S 7 -39.11 -59.28 5.57
CA GLY S 7 -38.34 -58.61 6.62
C GLY S 7 -37.83 -57.22 6.29
N ASP S 8 -37.92 -56.83 5.02
CA ASP S 8 -37.47 -55.53 4.57
C ASP S 8 -37.92 -55.26 3.13
N THR S 9 -37.62 -54.08 2.62
CA THR S 9 -38.04 -53.76 1.26
C THR S 9 -36.96 -54.03 0.24
N VAL S 10 -35.83 -54.51 0.69
CA VAL S 10 -34.75 -54.77 -0.22
C VAL S 10 -34.79 -56.24 -0.66
N THR S 11 -35.93 -56.88 -0.43
CA THR S 11 -36.12 -58.30 -0.78
C THR S 11 -37.38 -58.60 -1.59
N PHE S 12 -37.20 -59.30 -2.71
CA PHE S 12 -38.30 -59.69 -3.60
C PHE S 12 -38.76 -61.08 -3.19
N SER S 13 -40.05 -61.36 -3.33
CA SER S 13 -40.55 -62.69 -3.02
C SER S 13 -40.36 -63.51 -4.29
N PRO S 14 -40.47 -64.84 -4.19
CA PRO S 14 -40.30 -65.69 -5.39
C PRO S 14 -41.27 -65.35 -6.53
N THR S 15 -42.34 -64.64 -6.20
CA THR S 15 -43.32 -64.25 -7.20
C THR S 15 -43.18 -62.79 -7.62
N GLY S 16 -42.09 -62.16 -7.17
CA GLY S 16 -41.83 -60.77 -7.53
C GLY S 16 -42.55 -59.72 -6.71
N ARG S 17 -42.98 -60.05 -5.51
CA ARG S 17 -43.68 -59.07 -4.67
C ARG S 17 -42.77 -58.45 -3.62
N LEU S 18 -43.19 -57.29 -3.10
CA LEU S 18 -42.45 -56.57 -2.06
C LEU S 18 -43.39 -56.43 -0.87
N PHE S 19 -43.36 -57.42 0.01
CA PHE S 19 -44.23 -57.48 1.17
C PHE S 19 -44.22 -56.30 2.10
N GLN S 20 -43.03 -55.80 2.44
CA GLN S 20 -42.98 -54.64 3.32
C GLN S 20 -43.83 -53.53 2.74
N VAL S 21 -43.79 -53.40 1.42
CA VAL S 21 -44.58 -52.37 0.75
C VAL S 21 -46.05 -52.72 0.85
N GLU S 22 -46.37 -53.98 0.60
CA GLU S 22 -47.74 -54.43 0.70
C GLU S 22 -48.29 -54.23 2.11
N TYR S 23 -47.48 -54.50 3.12
CA TYR S 23 -47.92 -54.31 4.49
C TYR S 23 -48.19 -52.83 4.71
N ALA S 24 -47.35 -51.99 4.12
CA ALA S 24 -47.55 -50.56 4.25
C ALA S 24 -48.94 -50.23 3.73
N LEU S 25 -49.24 -50.76 2.54
CA LEU S 25 -50.54 -50.54 1.92
C LEU S 25 -51.70 -50.94 2.84
N GLU S 26 -51.47 -51.95 3.65
CA GLU S 26 -52.52 -52.40 4.56
C GLU S 26 -52.87 -51.30 5.55
N ALA S 27 -51.85 -50.58 6.01
CA ALA S 27 -52.08 -49.51 6.97
C ALA S 27 -53.14 -48.55 6.46
N ILE S 28 -53.17 -48.37 5.15
CA ILE S 28 -54.13 -47.46 4.55
C ILE S 28 -55.53 -48.03 4.68
N LYS S 29 -55.71 -49.28 4.26
CA LYS S 29 -57.01 -49.93 4.33
C LYS S 29 -57.61 -49.80 5.73
N GLN S 30 -56.76 -49.94 6.73
CA GLN S 30 -57.16 -49.86 8.13
C GLN S 30 -57.50 -48.42 8.54
N GLY S 31 -57.17 -47.47 7.67
CA GLY S 31 -57.45 -46.07 7.96
C GLY S 31 -58.88 -45.65 7.68
N SER S 32 -59.21 -44.42 8.07
CA SER S 32 -60.55 -43.88 7.89
C SER S 32 -60.81 -43.41 6.45
N VAL S 33 -61.99 -43.73 5.94
CA VAL S 33 -62.36 -43.36 4.57
C VAL S 33 -62.28 -41.88 4.23
N THR S 34 -61.80 -41.60 3.02
CA THR S 34 -61.69 -40.24 2.51
C THR S 34 -61.98 -40.31 1.01
N VAL S 35 -62.67 -39.29 0.50
CA VAL S 35 -63.05 -39.26 -0.91
C VAL S 35 -62.55 -38.00 -1.63
N GLY S 36 -62.32 -38.14 -2.94
CA GLY S 36 -61.87 -37.02 -3.75
C GLY S 36 -62.58 -37.10 -5.09
N LEU S 37 -62.97 -35.95 -5.64
CA LEU S 37 -63.66 -35.89 -6.93
C LEU S 37 -63.56 -34.45 -7.47
N ARG S 38 -63.68 -34.29 -8.78
CA ARG S 38 -63.56 -32.97 -9.39
C ARG S 38 -64.40 -32.76 -10.63
N SER S 39 -64.76 -31.51 -10.89
CA SER S 39 -65.51 -31.16 -12.10
C SER S 39 -64.45 -30.49 -12.99
N ASN S 40 -64.82 -29.48 -13.76
CA ASN S 40 -63.85 -28.80 -14.61
C ASN S 40 -63.45 -27.50 -13.97
N THR S 41 -64.21 -27.10 -12.95
CA THR S 41 -63.94 -25.85 -12.26
C THR S 41 -63.48 -26.02 -10.81
N HIS S 42 -63.74 -27.19 -10.22
CA HIS S 42 -63.34 -27.46 -8.84
C HIS S 42 -62.93 -28.89 -8.56
N ALA S 43 -62.23 -29.07 -7.45
CA ALA S 43 -61.77 -30.38 -6.99
C ALA S 43 -62.18 -30.41 -5.53
N VAL S 44 -62.79 -31.50 -5.10
CA VAL S 44 -63.25 -31.60 -3.72
C VAL S 44 -62.70 -32.78 -2.95
N LEU S 45 -62.48 -32.57 -1.67
CA LEU S 45 -62.01 -33.60 -0.77
C LEU S 45 -62.97 -33.71 0.39
N VAL S 46 -63.43 -34.92 0.67
CA VAL S 46 -64.34 -35.16 1.78
C VAL S 46 -63.67 -36.26 2.57
N ALA S 47 -63.62 -36.11 3.89
CA ALA S 47 -62.99 -37.14 4.71
C ALA S 47 -63.74 -37.39 6.01
N LEU S 48 -63.70 -38.63 6.46
CA LEU S 48 -64.36 -39.02 7.70
C LEU S 48 -63.33 -38.98 8.83
N LYS S 49 -63.46 -38.02 9.74
CA LYS S 49 -62.52 -37.93 10.85
C LYS S 49 -62.86 -38.97 11.91
N ARG S 50 -61.82 -39.51 12.53
CA ARG S 50 -61.97 -40.55 13.54
C ARG S 50 -61.49 -40.00 14.88
N ASN S 51 -62.04 -40.54 15.98
CA ASN S 51 -61.65 -40.10 17.32
C ASN S 51 -61.30 -41.30 18.18
N ALA S 52 -60.66 -41.06 19.32
CA ALA S 52 -60.27 -42.14 20.22
C ALA S 52 -61.36 -42.47 21.25
N ASP S 53 -61.71 -41.47 22.05
CA ASP S 53 -62.75 -41.59 23.08
C ASP S 53 -63.78 -40.59 22.62
N GLU S 54 -64.64 -40.19 23.55
CA GLU S 54 -65.61 -39.17 23.24
C GLU S 54 -65.14 -37.97 24.05
N LEU S 55 -63.98 -38.14 24.66
CA LEU S 55 -63.34 -37.10 25.44
C LEU S 55 -62.19 -36.57 24.61
N SER S 56 -61.85 -37.31 23.54
CA SER S 56 -60.76 -36.94 22.66
C SER S 56 -61.31 -36.08 21.53
N SER S 57 -60.42 -35.65 20.66
CA SER S 57 -60.79 -34.85 19.51
C SER S 57 -60.78 -35.76 18.30
N TYR S 58 -61.17 -35.22 17.14
CA TYR S 58 -61.14 -35.99 15.92
C TYR S 58 -59.87 -35.62 15.16
N GLN S 59 -59.13 -36.63 14.73
CA GLN S 59 -57.88 -36.41 14.01
C GLN S 59 -58.09 -35.76 12.65
N LYS S 60 -57.32 -34.73 12.33
CA LYS S 60 -57.47 -34.05 11.06
C LYS S 60 -57.03 -34.93 9.90
N LYS S 61 -57.79 -34.90 8.80
CA LYS S 61 -57.50 -35.72 7.64
C LYS S 61 -57.13 -34.90 6.40
N ILE S 62 -57.28 -33.57 6.48
CA ILE S 62 -56.96 -32.72 5.35
C ILE S 62 -55.86 -31.69 5.64
N ILE S 63 -54.88 -31.63 4.74
CA ILE S 63 -53.76 -30.70 4.89
C ILE S 63 -53.56 -29.82 3.64
N LYS S 64 -53.36 -28.52 3.86
CA LYS S 64 -53.14 -27.58 2.77
C LYS S 64 -51.65 -27.51 2.47
N CYS S 65 -51.30 -27.63 1.21
CA CYS S 65 -49.88 -27.58 0.81
C CYS S 65 -49.49 -26.27 0.13
N ASP S 66 -50.50 -25.53 -0.33
CA ASP S 66 -50.29 -24.24 -0.98
C ASP S 66 -51.67 -23.64 -1.26
N GLU S 67 -51.72 -22.46 -1.85
CA GLU S 67 -52.99 -21.81 -2.14
C GLU S 67 -53.81 -22.49 -3.22
N HIS S 68 -53.18 -23.37 -3.99
CA HIS S 68 -53.85 -24.07 -5.08
C HIS S 68 -53.73 -25.59 -4.96
N MET S 69 -53.28 -26.08 -3.81
CA MET S 69 -53.10 -27.51 -3.64
C MET S 69 -53.21 -28.00 -2.20
N GLY S 70 -53.74 -29.20 -2.04
CA GLY S 70 -53.89 -29.78 -0.73
C GLY S 70 -54.17 -31.28 -0.85
N LEU S 71 -54.24 -31.97 0.28
CA LEU S 71 -54.51 -33.39 0.25
C LEU S 71 -55.24 -33.91 1.48
N SER S 72 -55.75 -35.14 1.38
CA SER S 72 -56.44 -35.81 2.47
C SER S 72 -55.64 -37.08 2.66
N LEU S 73 -55.62 -37.60 3.88
CA LEU S 73 -54.84 -38.78 4.20
C LEU S 73 -55.61 -39.96 4.80
N ALA S 74 -55.03 -41.14 4.66
CA ALA S 74 -55.58 -42.37 5.21
C ALA S 74 -54.35 -43.21 5.51
N GLY S 75 -54.14 -43.50 6.79
CA GLY S 75 -52.98 -44.28 7.20
C GLY S 75 -52.22 -43.60 8.32
N LEU S 76 -50.90 -43.76 8.34
CA LEU S 76 -50.05 -43.15 9.36
C LEU S 76 -50.03 -41.63 9.32
N ALA S 77 -50.78 -41.00 10.23
CA ALA S 77 -50.83 -39.54 10.28
C ALA S 77 -49.42 -38.91 10.16
N PRO S 78 -48.45 -39.37 10.96
CA PRO S 78 -47.09 -38.83 10.91
C PRO S 78 -46.53 -38.77 9.49
N ASP S 79 -46.63 -39.87 8.76
CA ASP S 79 -46.10 -39.88 7.40
C ASP S 79 -46.77 -38.82 6.53
N ALA S 80 -48.08 -38.62 6.72
CA ALA S 80 -48.81 -37.62 5.96
C ALA S 80 -48.17 -36.25 6.20
N ARG S 81 -47.73 -36.05 7.43
CA ARG S 81 -47.10 -34.79 7.81
C ARG S 81 -45.77 -34.66 7.08
N VAL S 82 -44.99 -35.74 7.07
CA VAL S 82 -43.70 -35.73 6.38
C VAL S 82 -43.88 -35.45 4.88
N LEU S 83 -44.80 -36.18 4.26
CA LEU S 83 -45.06 -36.02 2.83
C LEU S 83 -45.71 -34.67 2.45
N SER S 84 -46.73 -34.24 3.19
CA SER S 84 -47.39 -32.97 2.87
C SER S 84 -46.41 -31.82 3.09
N ASN S 85 -45.50 -32.03 4.04
CA ASN S 85 -44.54 -30.99 4.34
C ASN S 85 -43.51 -30.92 3.21
N TYR S 86 -43.23 -32.06 2.61
CA TYR S 86 -42.30 -32.11 1.49
C TYR S 86 -42.95 -31.47 0.28
N LEU S 87 -44.26 -31.69 0.16
CA LEU S 87 -45.02 -31.12 -0.95
C LEU S 87 -45.13 -29.61 -0.80
N ARG S 88 -45.18 -29.12 0.44
CA ARG S 88 -45.24 -27.68 0.65
C ARG S 88 -43.95 -27.05 0.16
N GLN S 89 -42.82 -27.68 0.47
CA GLN S 89 -41.51 -27.18 0.06
C GLN S 89 -41.40 -27.12 -1.46
N GLN S 90 -41.86 -28.18 -2.12
CA GLN S 90 -41.81 -28.21 -3.58
C GLN S 90 -42.65 -27.09 -4.19
N CYS S 91 -43.82 -26.83 -3.62
CA CYS S 91 -44.67 -25.75 -4.12
C CYS S 91 -43.92 -24.46 -3.91
N ASN S 92 -43.35 -24.32 -2.72
CA ASN S 92 -42.60 -23.14 -2.33
C ASN S 92 -41.40 -22.91 -3.24
N TYR S 93 -40.66 -23.98 -3.51
CA TYR S 93 -39.49 -23.88 -4.37
C TYR S 93 -39.84 -23.38 -5.75
N SER S 94 -40.89 -23.95 -6.32
CA SER S 94 -41.34 -23.57 -7.66
C SER S 94 -41.69 -22.08 -7.73
N SER S 95 -42.26 -21.54 -6.64
CA SER S 95 -42.64 -20.12 -6.58
C SER S 95 -41.44 -19.21 -6.46
N LEU S 96 -40.57 -19.49 -5.50
CA LEU S 96 -39.39 -18.67 -5.27
C LEU S 96 -38.42 -18.65 -6.45
N VAL S 97 -38.07 -19.83 -6.97
CA VAL S 97 -37.12 -19.89 -8.07
C VAL S 97 -37.69 -19.56 -9.43
N PHE S 98 -38.91 -20.01 -9.70
CA PHE S 98 -39.51 -19.78 -11.01
C PHE S 98 -40.73 -18.90 -11.07
N ASN S 99 -41.21 -18.43 -9.92
CA ASN S 99 -42.41 -17.61 -9.89
C ASN S 99 -43.46 -18.40 -10.68
N ARG S 100 -43.56 -19.69 -10.36
CA ARG S 100 -44.45 -20.61 -11.05
C ARG S 100 -45.21 -21.53 -10.09
N LYS S 101 -46.52 -21.61 -10.23
CA LYS S 101 -47.28 -22.49 -9.36
C LYS S 101 -46.98 -23.92 -9.77
N LEU S 102 -46.64 -24.77 -8.80
CA LEU S 102 -46.31 -26.15 -9.09
C LEU S 102 -47.55 -26.87 -9.62
N ALA S 103 -47.40 -27.56 -10.74
CA ALA S 103 -48.51 -28.28 -11.36
C ALA S 103 -48.79 -29.55 -10.58
N VAL S 104 -50.09 -29.88 -10.45
CA VAL S 104 -50.49 -31.07 -9.73
C VAL S 104 -49.81 -32.31 -10.28
N GLU S 105 -49.74 -32.43 -11.59
CA GLU S 105 -49.11 -33.59 -12.20
C GLU S 105 -47.65 -33.69 -11.81
N ARG S 106 -46.99 -32.54 -11.70
CA ARG S 106 -45.58 -32.47 -11.33
C ARG S 106 -45.42 -32.92 -9.88
N ALA S 107 -46.26 -32.36 -9.01
CA ALA S 107 -46.24 -32.70 -7.60
C ALA S 107 -46.37 -34.21 -7.47
N GLY S 108 -47.28 -34.78 -8.25
CA GLY S 108 -47.49 -36.22 -8.22
C GLY S 108 -46.21 -36.97 -8.50
N HIS S 109 -45.46 -36.53 -9.50
CA HIS S 109 -44.19 -37.17 -9.87
C HIS S 109 -43.19 -37.08 -8.73
N LEU S 110 -43.11 -35.91 -8.12
CA LEU S 110 -42.19 -35.71 -7.02
C LEU S 110 -42.54 -36.68 -5.89
N LEU S 111 -43.83 -36.76 -5.53
CA LEU S 111 -44.26 -37.68 -4.48
C LEU S 111 -43.89 -39.09 -4.86
N CYS S 112 -44.24 -39.50 -6.07
CA CYS S 112 -43.90 -40.85 -6.49
C CYS S 112 -42.42 -41.15 -6.29
N ASP S 113 -41.56 -40.31 -6.85
CA ASP S 113 -40.13 -40.53 -6.73
C ASP S 113 -39.61 -40.56 -5.31
N LYS S 114 -40.22 -39.78 -4.42
CA LYS S 114 -39.77 -39.76 -3.02
C LYS S 114 -40.15 -41.07 -2.34
N ALA S 115 -41.39 -41.49 -2.53
CA ALA S 115 -41.87 -42.72 -1.94
C ALA S 115 -41.05 -43.89 -2.42
N GLN S 116 -40.68 -43.88 -3.69
CA GLN S 116 -39.91 -44.98 -4.28
C GLN S 116 -38.56 -45.21 -3.63
N LYS S 117 -37.92 -44.14 -3.16
CA LYS S 117 -36.60 -44.26 -2.55
C LYS S 117 -36.60 -45.13 -1.28
N ASN S 118 -37.73 -45.13 -0.57
CA ASN S 118 -37.84 -45.93 0.63
C ASN S 118 -38.38 -47.34 0.36
N THR S 119 -38.12 -47.86 -0.84
CA THR S 119 -38.59 -49.20 -1.19
C THR S 119 -37.52 -49.96 -1.97
N GLN S 120 -36.31 -49.40 -2.05
CA GLN S 120 -35.24 -50.07 -2.78
C GLN S 120 -33.91 -50.03 -2.05
N SER S 121 -33.87 -49.29 -0.94
CA SER S 121 -32.66 -49.14 -0.14
C SER S 121 -32.80 -49.71 1.27
N TYR S 122 -31.76 -50.39 1.72
CA TYR S 122 -31.74 -51.00 3.04
C TYR S 122 -31.88 -49.91 4.11
N GLY S 123 -32.52 -50.25 5.23
CA GLY S 123 -32.68 -49.28 6.29
C GLY S 123 -33.98 -48.51 6.29
N GLY S 124 -34.38 -47.98 5.14
CA GLY S 124 -35.62 -47.23 5.10
C GLY S 124 -36.85 -48.11 5.20
N ARG S 125 -38.03 -47.50 5.28
CA ARG S 125 -39.28 -48.24 5.33
C ARG S 125 -40.22 -47.49 4.41
N PRO S 126 -41.20 -48.20 3.81
CA PRO S 126 -42.13 -47.50 2.92
C PRO S 126 -43.00 -46.58 3.76
N TYR S 127 -43.63 -45.60 3.14
CA TYR S 127 -44.51 -44.72 3.89
C TYR S 127 -45.78 -45.52 4.12
N GLY S 128 -46.41 -45.33 5.27
CA GLY S 128 -47.62 -46.08 5.55
C GLY S 128 -48.85 -45.20 5.48
N VAL S 129 -48.98 -44.48 4.38
CA VAL S 129 -50.11 -43.58 4.22
C VAL S 129 -50.52 -43.40 2.76
N GLY S 130 -51.82 -43.20 2.56
CA GLY S 130 -52.36 -42.97 1.23
C GLY S 130 -52.72 -41.49 1.17
N LEU S 131 -52.64 -40.89 -0.02
CA LEU S 131 -52.95 -39.48 -0.15
C LEU S 131 -53.81 -39.17 -1.35
N LEU S 132 -54.77 -38.28 -1.16
CA LEU S 132 -55.64 -37.82 -2.23
C LEU S 132 -55.27 -36.35 -2.40
N ILE S 133 -54.75 -36.02 -3.57
CA ILE S 133 -54.32 -34.66 -3.85
C ILE S 133 -55.20 -33.94 -4.85
N ILE S 134 -55.69 -32.77 -4.47
CA ILE S 134 -56.52 -32.00 -5.38
C ILE S 134 -55.86 -30.64 -5.53
N GLY S 135 -55.97 -30.07 -6.71
CA GLY S 135 -55.38 -28.76 -6.92
C GLY S 135 -55.87 -28.17 -8.21
N TYR S 136 -55.74 -26.85 -8.35
CA TYR S 136 -56.17 -26.18 -9.56
C TYR S 136 -54.94 -25.47 -10.13
N ASP S 137 -54.54 -25.85 -11.34
CA ASP S 137 -53.36 -25.24 -11.95
C ASP S 137 -53.63 -24.73 -13.37
N LYS S 138 -52.58 -24.43 -14.12
CA LYS S 138 -52.75 -23.91 -15.47
C LYS S 138 -53.54 -24.80 -16.43
N SER S 139 -53.74 -26.07 -16.09
CA SER S 139 -54.51 -26.94 -16.97
C SER S 139 -55.84 -27.33 -16.33
N GLY S 140 -56.26 -26.59 -15.30
CA GLY S 140 -57.53 -26.87 -14.66
C GLY S 140 -57.53 -27.56 -13.31
N ALA S 141 -58.62 -28.25 -13.03
CA ALA S 141 -58.80 -28.98 -11.78
C ALA S 141 -58.16 -30.37 -11.88
N HIS S 142 -57.66 -30.89 -10.77
CA HIS S 142 -57.02 -32.19 -10.76
C HIS S 142 -57.22 -32.96 -9.46
N LEU S 143 -57.23 -34.29 -9.58
CA LEU S 143 -57.34 -35.19 -8.44
C LEU S 143 -56.31 -36.29 -8.68
N LEU S 144 -55.45 -36.51 -7.68
CA LEU S 144 -54.41 -37.51 -7.76
C LEU S 144 -54.56 -38.48 -6.61
N GLU S 145 -54.14 -39.72 -6.81
CA GLU S 145 -54.18 -40.71 -5.74
C GLU S 145 -52.77 -41.25 -5.54
N PHE S 146 -52.23 -41.02 -4.35
CA PHE S 146 -50.88 -41.46 -4.02
C PHE S 146 -50.89 -42.73 -3.18
N GLN S 147 -50.08 -43.71 -3.59
CA GLN S 147 -49.96 -44.97 -2.84
C GLN S 147 -48.50 -45.15 -2.42
N PRO S 148 -48.27 -45.65 -1.20
CA PRO S 148 -46.96 -45.91 -0.59
C PRO S 148 -45.99 -46.64 -1.49
N SER S 149 -46.53 -47.36 -2.47
CA SER S 149 -45.71 -48.11 -3.41
C SER S 149 -45.01 -47.15 -4.35
N GLY S 150 -45.59 -45.96 -4.48
CA GLY S 150 -45.03 -44.96 -5.37
C GLY S 150 -46.01 -44.63 -6.47
N ASN S 151 -46.96 -45.52 -6.71
CA ASN S 151 -47.97 -45.32 -7.74
C ASN S 151 -48.86 -44.10 -7.47
N VAL S 152 -48.83 -43.13 -8.38
CA VAL S 152 -49.66 -41.94 -8.26
C VAL S 152 -50.52 -41.91 -9.52
N THR S 153 -51.82 -41.71 -9.37
CA THR S 153 -52.71 -41.71 -10.53
C THR S 153 -53.68 -40.55 -10.58
N GLU S 154 -53.95 -40.04 -11.78
CA GLU S 154 -54.89 -38.94 -11.94
C GLU S 154 -56.26 -39.55 -12.23
N LEU S 155 -57.26 -39.12 -11.46
CA LEU S 155 -58.61 -39.63 -11.59
C LEU S 155 -59.64 -38.52 -11.52
N TYR S 156 -60.88 -38.84 -11.87
CA TYR S 156 -61.98 -37.87 -11.82
C TYR S 156 -62.45 -37.87 -10.37
N GLY S 157 -62.31 -39.02 -9.75
CA GLY S 157 -62.72 -39.18 -8.36
C GLY S 157 -62.22 -40.51 -7.87
N THR S 158 -62.17 -40.69 -6.55
CA THR S 158 -61.72 -41.95 -5.97
C THR S 158 -61.89 -41.87 -4.47
N ALA S 159 -61.55 -42.96 -3.79
CA ALA S 159 -61.65 -43.02 -2.33
C ALA S 159 -60.71 -44.09 -1.80
N ILE S 160 -60.16 -43.83 -0.61
CA ILE S 160 -59.25 -44.78 0.03
C ILE S 160 -59.64 -44.92 1.49
N GLY S 161 -59.20 -46.02 2.10
CA GLY S 161 -59.54 -46.27 3.50
C GLY S 161 -60.49 -47.44 3.66
N ALA S 162 -60.92 -47.69 4.89
CA ALA S 162 -61.82 -48.79 5.16
C ALA S 162 -63.20 -48.53 4.53
N ARG S 163 -63.73 -49.54 3.86
CA ARG S 163 -65.04 -49.45 3.20
C ARG S 163 -65.02 -48.48 2.02
N SER S 164 -63.82 -48.05 1.65
CA SER S 164 -63.68 -47.10 0.54
C SER S 164 -64.39 -47.58 -0.71
N GLN S 165 -64.37 -48.88 -0.94
CA GLN S 165 -65.01 -49.48 -2.12
C GLN S 165 -66.43 -48.95 -2.35
N GLY S 166 -67.15 -48.68 -1.26
CA GLY S 166 -68.49 -48.18 -1.39
C GLY S 166 -68.54 -46.92 -2.24
N ALA S 167 -67.88 -45.87 -1.79
CA ALA S 167 -67.85 -44.60 -2.51
C ALA S 167 -67.26 -44.75 -3.91
N LYS S 168 -66.17 -45.50 -4.02
CA LYS S 168 -65.52 -45.67 -5.32
C LYS S 168 -66.52 -46.18 -6.36
N THR S 169 -67.48 -47.01 -5.93
CA THR S 169 -68.49 -47.55 -6.85
C THR S 169 -69.48 -46.44 -7.20
N TYR S 170 -69.96 -45.75 -6.17
CA TYR S 170 -70.89 -44.65 -6.35
C TYR S 170 -70.33 -43.61 -7.31
N LEU S 171 -69.05 -43.29 -7.15
CA LEU S 171 -68.40 -42.31 -8.03
C LEU S 171 -68.28 -42.86 -9.44
N GLU S 172 -67.84 -44.09 -9.54
CA GLU S 172 -67.68 -44.74 -10.84
C GLU S 172 -69.04 -44.76 -11.53
N ARG S 173 -70.08 -44.66 -10.72
CA ARG S 173 -71.47 -44.69 -11.16
C ARG S 173 -71.98 -43.30 -11.54
N THR S 174 -71.65 -42.31 -10.72
CA THR S 174 -72.07 -40.93 -10.94
C THR S 174 -71.18 -40.14 -11.89
N LEU S 175 -70.02 -40.71 -12.22
CA LEU S 175 -69.03 -40.06 -13.08
C LEU S 175 -69.55 -39.04 -14.09
N ASP S 176 -70.37 -39.48 -15.03
CA ASP S 176 -70.90 -38.60 -16.06
C ASP S 176 -71.62 -37.36 -15.53
N THR S 177 -72.14 -37.46 -14.33
CA THR S 177 -72.88 -36.34 -13.74
C THR S 177 -72.02 -35.32 -13.00
N PHE S 178 -71.23 -35.76 -12.03
CA PHE S 178 -70.42 -34.82 -11.26
C PHE S 178 -69.28 -34.17 -12.04
N ILE S 179 -68.73 -34.87 -13.00
CA ILE S 179 -67.64 -34.35 -13.79
C ILE S 179 -68.07 -33.08 -14.51
N LYS S 180 -69.37 -32.80 -14.48
CA LYS S 180 -69.92 -31.62 -15.15
C LYS S 180 -70.47 -30.57 -14.20
N ILE S 181 -70.26 -30.74 -12.89
CA ILE S 181 -70.76 -29.77 -11.93
C ILE S 181 -69.83 -28.56 -11.86
N ASP S 182 -69.80 -27.80 -12.94
CA ASP S 182 -68.95 -26.63 -13.03
C ASP S 182 -69.63 -25.35 -12.57
N GLY S 183 -68.90 -24.52 -11.83
CA GLY S 183 -69.47 -23.27 -11.38
C GLY S 183 -70.53 -23.39 -10.30
N ASN S 184 -70.51 -24.50 -9.57
CA ASN S 184 -71.47 -24.71 -8.48
C ASN S 184 -70.81 -25.60 -7.44
N PRO S 185 -69.85 -25.04 -6.69
CA PRO S 185 -69.11 -25.76 -5.66
C PRO S 185 -69.96 -26.53 -4.65
N ASP S 186 -71.05 -25.93 -4.18
CA ASP S 186 -71.90 -26.60 -3.20
C ASP S 186 -72.45 -27.92 -3.73
N GLU S 187 -72.76 -27.97 -5.02
CA GLU S 187 -73.27 -29.19 -5.62
C GLU S 187 -72.19 -30.26 -5.64
N LEU S 188 -70.98 -29.89 -6.05
CA LEU S 188 -69.87 -30.83 -6.11
C LEU S 188 -69.58 -31.41 -4.72
N ILE S 189 -69.66 -30.57 -3.70
CA ILE S 189 -69.41 -31.01 -2.33
C ILE S 189 -70.49 -32.00 -1.90
N LYS S 190 -71.75 -31.68 -2.22
CA LYS S 190 -72.84 -32.57 -1.85
C LYS S 190 -72.66 -33.93 -2.51
N ALA S 191 -72.10 -33.92 -3.72
CA ALA S 191 -71.85 -35.16 -4.45
C ALA S 191 -70.76 -35.95 -3.73
N GLY S 192 -69.78 -35.22 -3.19
CA GLY S 192 -68.70 -35.87 -2.47
C GLY S 192 -69.20 -36.45 -1.16
N VAL S 193 -70.07 -35.69 -0.48
CA VAL S 193 -70.62 -36.13 0.79
C VAL S 193 -71.50 -37.36 0.60
N GLU S 194 -72.19 -37.40 -0.53
CA GLU S 194 -73.05 -38.52 -0.83
C GLU S 194 -72.17 -39.74 -1.10
N ALA S 195 -71.04 -39.51 -1.77
CA ALA S 195 -70.12 -40.58 -2.10
C ALA S 195 -69.51 -41.20 -0.83
N ILE S 196 -69.05 -40.36 0.08
CA ILE S 196 -68.43 -40.86 1.30
C ILE S 196 -69.42 -41.56 2.22
N SER S 197 -70.68 -41.14 2.18
CA SER S 197 -71.69 -41.76 3.04
C SER S 197 -72.01 -43.17 2.57
N GLN S 198 -71.52 -43.50 1.37
CA GLN S 198 -71.72 -44.83 0.81
C GLN S 198 -70.72 -45.80 1.44
N SER S 199 -69.88 -45.29 2.34
CA SER S 199 -68.87 -46.11 2.99
C SER S 199 -69.03 -46.10 4.50
N LEU S 200 -70.13 -45.50 4.96
CA LEU S 200 -70.43 -45.44 6.38
C LEU S 200 -70.90 -46.81 6.83
N ARG S 201 -71.12 -46.99 8.13
CA ARG S 201 -71.56 -48.29 8.64
C ARG S 201 -71.73 -48.14 10.15
N ASP S 202 -70.63 -47.81 10.79
CA ASP S 202 -70.60 -47.60 12.23
C ASP S 202 -71.64 -46.54 12.59
N GLU S 203 -71.40 -45.31 12.15
CA GLU S 203 -72.27 -44.18 12.46
C GLU S 203 -72.74 -43.41 11.23
N SER S 204 -73.15 -42.17 11.48
CA SER S 204 -73.62 -41.25 10.45
C SER S 204 -72.75 -39.99 10.57
N LEU S 205 -72.49 -39.32 9.47
CA LEU S 205 -71.64 -38.14 9.51
C LEU S 205 -72.22 -36.93 10.23
N THR S 206 -71.53 -36.54 11.31
CA THR S 206 -71.93 -35.42 12.16
C THR S 206 -71.14 -34.17 11.83
N VAL S 207 -71.34 -33.13 12.63
CA VAL S 207 -70.67 -31.85 12.42
C VAL S 207 -69.22 -31.83 12.88
N ASP S 208 -68.89 -32.52 13.96
CA ASP S 208 -67.51 -32.51 14.41
C ASP S 208 -66.80 -33.79 13.98
N ASN S 209 -67.38 -34.45 12.98
CA ASN S 209 -66.84 -35.70 12.47
C ASN S 209 -66.61 -35.64 10.95
N LEU S 210 -67.20 -34.64 10.29
CA LEU S 210 -67.06 -34.47 8.85
C LEU S 210 -66.05 -33.38 8.51
N SER S 211 -65.25 -33.62 7.47
CA SER S 211 -64.22 -32.68 7.03
C SER S 211 -64.22 -32.57 5.50
N ILE S 212 -64.39 -31.36 5.00
CA ILE S 212 -64.43 -31.11 3.56
C ILE S 212 -63.41 -30.04 3.15
N ALA S 213 -62.86 -30.19 1.96
CA ALA S 213 -61.89 -29.24 1.43
C ALA S 213 -62.22 -28.96 -0.04
N ILE S 214 -61.98 -27.74 -0.49
CA ILE S 214 -62.25 -27.38 -1.88
C ILE S 214 -61.23 -26.42 -2.48
N VAL S 215 -61.05 -26.51 -3.80
CA VAL S 215 -60.12 -25.66 -4.52
C VAL S 215 -60.63 -25.52 -5.96
N GLY S 216 -60.39 -24.37 -6.59
CA GLY S 216 -60.86 -24.20 -7.95
C GLY S 216 -60.54 -22.87 -8.58
N LYS S 217 -60.99 -22.70 -9.81
CA LYS S 217 -60.79 -21.49 -10.62
C LYS S 217 -60.44 -20.24 -9.83
N ASP S 218 -61.37 -19.73 -9.05
CA ASP S 218 -61.09 -18.53 -8.27
C ASP S 218 -61.37 -18.83 -6.81
N THR S 219 -60.93 -20.02 -6.39
CA THR S 219 -61.15 -20.48 -5.03
C THR S 219 -59.88 -21.01 -4.41
N PRO S 220 -59.22 -20.23 -3.55
CA PRO S 220 -58.01 -20.78 -2.95
C PRO S 220 -58.40 -22.00 -2.11
N PHE S 221 -57.52 -23.00 -2.08
CA PHE S 221 -57.76 -24.22 -1.33
C PHE S 221 -58.18 -23.89 0.11
N THR S 222 -59.39 -24.30 0.49
CA THR S 222 -59.86 -24.02 1.84
C THR S 222 -60.49 -25.24 2.50
N ILE S 223 -60.33 -25.33 3.82
CA ILE S 223 -60.87 -26.45 4.59
C ILE S 223 -62.05 -26.06 5.46
N TYR S 224 -63.04 -26.94 5.52
CA TYR S 224 -64.22 -26.67 6.34
C TYR S 224 -64.39 -27.76 7.40
N ASP S 225 -64.67 -27.35 8.62
CA ASP S 225 -64.86 -28.27 9.74
C ASP S 225 -65.95 -27.75 10.67
N GLY S 226 -66.52 -28.65 11.47
CA GLY S 226 -67.57 -28.26 12.39
C GLY S 226 -68.75 -27.58 11.71
N GLU S 227 -69.25 -26.55 12.36
CA GLU S 227 -70.39 -25.79 11.86
C GLU S 227 -70.26 -25.45 10.38
N ALA S 228 -69.02 -25.31 9.92
CA ALA S 228 -68.75 -24.99 8.52
C ALA S 228 -69.26 -26.05 7.57
N VAL S 229 -69.33 -27.30 8.03
CA VAL S 229 -69.81 -28.39 7.18
C VAL S 229 -71.26 -28.74 7.49
N ALA S 230 -71.82 -28.06 8.48
CA ALA S 230 -73.20 -28.29 8.90
C ALA S 230 -74.21 -28.28 7.75
N LYS S 231 -74.14 -27.25 6.91
CA LYS S 231 -75.08 -27.12 5.80
C LYS S 231 -74.98 -28.24 4.76
N TYR S 232 -74.20 -29.28 5.05
CA TYR S 232 -74.06 -30.39 4.13
C TYR S 232 -74.50 -31.71 4.75
N ILE S 233 -74.72 -31.71 6.06
CA ILE S 233 -75.14 -32.91 6.77
C ILE S 233 -76.66 -33.02 6.76
N GLY T 1 -26.83 -76.02 0.68
CA GLY T 1 -28.05 -75.82 1.53
C GLY T 1 -29.15 -75.04 0.81
N THR T 2 -29.74 -74.07 1.49
CA THR T 2 -30.80 -73.24 0.90
C THR T 2 -30.73 -71.79 1.39
N GLY T 3 -31.68 -70.97 0.94
CA GLY T 3 -31.68 -69.58 1.36
C GLY T 3 -30.79 -68.70 0.48
N TYR T 4 -30.39 -69.23 -0.67
CA TYR T 4 -29.55 -68.48 -1.59
C TYR T 4 -30.41 -67.45 -2.31
N ASP T 5 -31.68 -67.38 -1.95
CA ASP T 5 -32.60 -66.46 -2.60
C ASP T 5 -33.16 -65.39 -1.67
N LEU T 6 -32.55 -65.22 -0.49
CA LEU T 6 -33.05 -64.21 0.44
C LEU T 6 -32.23 -62.94 0.43
N SER T 7 -31.03 -63.00 -0.13
CA SER T 7 -30.13 -61.85 -0.19
C SER T 7 -29.76 -61.56 -1.65
N ASN T 8 -29.79 -60.28 -2.03
CA ASN T 8 -29.53 -59.88 -3.40
C ASN T 8 -28.22 -60.23 -4.11
N SER T 9 -27.06 -60.07 -3.51
CA SER T 9 -25.88 -60.38 -4.32
C SER T 9 -25.35 -61.80 -4.22
N VAL T 10 -26.17 -62.71 -3.71
CA VAL T 10 -25.73 -64.10 -3.52
C VAL T 10 -25.82 -65.05 -4.70
N PHE T 11 -24.70 -65.71 -5.01
CA PHE T 11 -24.65 -66.70 -6.09
C PHE T 11 -25.18 -68.00 -5.50
N SER T 12 -26.15 -68.63 -6.18
CA SER T 12 -26.66 -69.91 -5.72
C SER T 12 -25.65 -70.95 -6.20
N PRO T 13 -25.74 -72.20 -5.73
CA PRO T 13 -24.81 -73.24 -6.13
C PRO T 13 -24.68 -73.46 -7.64
N ASP T 14 -25.75 -73.16 -8.38
CA ASP T 14 -25.72 -73.29 -9.83
C ASP T 14 -25.27 -71.99 -10.50
N GLY T 15 -24.93 -70.98 -9.72
CA GLY T 15 -24.44 -69.73 -10.29
C GLY T 15 -25.47 -68.66 -10.62
N ARG T 16 -26.69 -68.83 -10.13
CA ARG T 16 -27.74 -67.86 -10.41
C ARG T 16 -27.93 -66.87 -9.26
N ASN T 17 -28.69 -65.82 -9.54
CA ASN T 17 -28.99 -64.80 -8.55
C ASN T 17 -30.52 -64.70 -8.49
N PHE T 18 -31.11 -65.55 -7.66
CA PHE T 18 -32.57 -65.60 -7.53
C PHE T 18 -33.27 -64.27 -7.33
N GLN T 19 -32.67 -63.35 -6.60
CA GLN T 19 -33.32 -62.08 -6.38
C GLN T 19 -33.56 -61.33 -7.69
N VAL T 20 -32.63 -61.46 -8.63
CA VAL T 20 -32.81 -60.82 -9.91
C VAL T 20 -33.92 -61.53 -10.64
N GLU T 21 -33.90 -62.86 -10.55
CA GLU T 21 -34.91 -63.68 -11.19
C GLU T 21 -36.30 -63.36 -10.67
N TYR T 22 -36.41 -63.12 -9.37
CA TYR T 22 -37.69 -62.79 -8.75
C TYR T 22 -38.09 -61.42 -9.25
N ALA T 23 -37.09 -60.58 -9.52
CA ALA T 23 -37.37 -59.24 -10.01
C ALA T 23 -38.03 -59.38 -11.38
N VAL T 24 -37.51 -60.29 -12.19
CA VAL T 24 -38.07 -60.53 -13.50
C VAL T 24 -39.54 -60.87 -13.37
N LYS T 25 -39.91 -61.63 -12.34
CA LYS T 25 -41.29 -62.00 -12.13
C LYS T 25 -42.17 -60.75 -12.04
N ALA T 26 -41.69 -59.73 -11.35
CA ALA T 26 -42.48 -58.50 -11.23
C ALA T 26 -42.64 -57.88 -12.61
N VAL T 27 -41.63 -58.02 -13.46
CA VAL T 27 -41.67 -57.47 -14.80
C VAL T 27 -42.71 -58.18 -15.63
N GLU T 28 -42.59 -59.50 -15.70
CA GLU T 28 -43.49 -60.32 -16.48
C GLU T 28 -44.94 -60.09 -16.08
N ASN T 29 -45.15 -59.69 -14.84
CA ASN T 29 -46.50 -59.45 -14.38
C ASN T 29 -47.01 -58.07 -14.75
N GLY T 30 -46.17 -57.27 -15.38
CA GLY T 30 -46.60 -55.94 -15.76
C GLY T 30 -47.21 -55.82 -17.15
N THR T 31 -47.72 -54.63 -17.44
CA THR T 31 -48.32 -54.33 -18.74
C THR T 31 -47.37 -54.64 -19.89
N THR T 32 -47.93 -54.83 -21.07
CA THR T 32 -47.08 -55.15 -22.20
C THR T 32 -46.67 -53.84 -22.91
N SER T 33 -45.41 -53.79 -23.33
CA SER T 33 -44.88 -52.62 -24.02
C SER T 33 -43.87 -53.08 -25.05
N ILE T 34 -43.75 -52.32 -26.13
CA ILE T 34 -42.86 -52.70 -27.22
C ILE T 34 -42.11 -51.58 -27.90
N GLY T 35 -41.16 -51.99 -28.72
CA GLY T 35 -40.35 -51.06 -29.47
C GLY T 35 -40.05 -51.66 -30.82
N ILE T 36 -40.22 -50.85 -31.87
CA ILE T 36 -39.96 -51.30 -33.24
C ILE T 36 -38.94 -50.35 -33.87
N LYS T 37 -37.86 -50.92 -34.38
CA LYS T 37 -36.83 -50.13 -35.04
C LYS T 37 -37.16 -50.02 -36.51
N CYS T 38 -37.49 -48.82 -36.99
CA CYS T 38 -37.79 -48.65 -38.40
C CYS T 38 -36.56 -48.20 -39.18
N ASN T 39 -36.74 -47.87 -40.46
CA ASN T 39 -35.61 -47.48 -41.30
C ASN T 39 -34.90 -46.15 -41.01
N ASP T 40 -35.46 -45.31 -40.16
CA ASP T 40 -34.80 -44.05 -39.83
C ASP T 40 -35.23 -43.51 -38.46
N GLY T 41 -35.54 -44.43 -37.56
CA GLY T 41 -35.96 -44.01 -36.24
C GLY T 41 -36.50 -45.19 -35.48
N VAL T 42 -37.24 -44.92 -34.41
CA VAL T 42 -37.81 -46.00 -33.61
C VAL T 42 -39.21 -45.62 -33.13
N VAL T 43 -40.00 -46.65 -32.85
CA VAL T 43 -41.36 -46.43 -32.39
C VAL T 43 -41.63 -47.18 -31.07
N PHE T 44 -42.27 -46.49 -30.14
CA PHE T 44 -42.57 -47.07 -28.84
C PHE T 44 -44.08 -47.12 -28.62
N ALA T 45 -44.54 -48.21 -28.04
CA ALA T 45 -45.96 -48.36 -27.76
C ALA T 45 -46.16 -49.11 -26.46
N VAL T 46 -47.28 -48.87 -25.80
CA VAL T 46 -47.56 -49.52 -24.54
C VAL T 46 -49.06 -49.62 -24.19
N GLU T 47 -49.39 -50.70 -23.49
CA GLU T 47 -50.74 -50.99 -23.04
C GLU T 47 -51.01 -50.27 -21.73
N LYS T 48 -52.12 -49.57 -21.64
CA LYS T 48 -52.47 -48.87 -20.41
C LYS T 48 -53.80 -49.43 -19.93
N LEU T 49 -53.75 -50.30 -18.93
CA LEU T 49 -54.97 -50.89 -18.40
C LEU T 49 -55.89 -49.88 -17.72
N ILE T 50 -57.11 -49.79 -18.21
CA ILE T 50 -58.09 -48.89 -17.63
C ILE T 50 -58.69 -49.61 -16.43
N THR T 51 -58.07 -49.42 -15.27
CA THR T 51 -58.52 -50.05 -14.04
C THR T 51 -59.95 -49.65 -13.71
N SER T 52 -60.38 -48.49 -14.20
CA SER T 52 -61.73 -48.01 -13.92
C SER T 52 -62.05 -46.77 -14.72
N LYS T 53 -63.34 -46.56 -14.96
CA LYS T 53 -63.81 -45.39 -15.71
C LYS T 53 -63.24 -44.11 -15.09
N LEU T 54 -62.93 -44.19 -13.80
CA LEU T 54 -62.42 -43.04 -13.05
C LEU T 54 -61.07 -42.49 -13.51
N LEU T 55 -60.25 -43.31 -14.16
CA LEU T 55 -58.96 -42.83 -14.66
C LEU T 55 -59.18 -41.84 -15.79
N VAL T 56 -58.70 -40.62 -15.63
CA VAL T 56 -58.86 -39.62 -16.66
C VAL T 56 -58.14 -40.13 -17.89
N PRO T 57 -58.83 -40.19 -19.04
CA PRO T 57 -58.21 -40.67 -20.28
C PRO T 57 -57.06 -39.80 -20.78
N GLN T 58 -56.09 -40.45 -21.41
CA GLN T 58 -54.93 -39.77 -21.98
C GLN T 58 -54.02 -39.06 -20.96
N LYS T 59 -54.36 -39.14 -19.68
CA LYS T 59 -53.57 -38.45 -18.66
C LYS T 59 -52.34 -39.12 -18.06
N ASN T 60 -52.51 -40.25 -17.37
CA ASN T 60 -51.37 -40.90 -16.75
C ASN T 60 -50.37 -41.44 -17.78
N VAL T 61 -49.63 -40.53 -18.42
CA VAL T 61 -48.67 -40.89 -19.47
C VAL T 61 -47.52 -41.78 -18.99
N LYS T 62 -47.29 -42.88 -19.69
CA LYS T 62 -46.23 -43.82 -19.31
C LYS T 62 -44.88 -43.61 -19.97
N ILE T 63 -44.85 -43.40 -21.28
CA ILE T 63 -43.58 -43.22 -21.98
C ILE T 63 -42.89 -41.93 -21.57
N GLN T 64 -41.59 -42.01 -21.32
CA GLN T 64 -40.81 -40.85 -20.89
C GLN T 64 -39.69 -40.52 -21.87
N VAL T 65 -39.35 -39.24 -21.95
CA VAL T 65 -38.27 -38.82 -22.83
C VAL T 65 -37.03 -38.56 -21.98
N VAL T 66 -35.87 -38.75 -22.59
CA VAL T 66 -34.60 -38.49 -21.94
C VAL T 66 -33.93 -37.51 -22.89
N ASP T 67 -33.51 -36.36 -22.37
CA ASP T 67 -32.89 -35.32 -23.19
C ASP T 67 -33.99 -34.92 -24.18
N ARG T 68 -33.65 -34.86 -25.46
CA ARG T 68 -34.64 -34.49 -26.46
C ARG T 68 -34.78 -35.54 -27.58
N HIS T 69 -33.86 -36.50 -27.62
CA HIS T 69 -33.84 -37.51 -28.67
C HIS T 69 -34.06 -38.96 -28.23
N ILE T 70 -34.27 -39.20 -26.95
CA ILE T 70 -34.42 -40.56 -26.49
C ILE T 70 -35.78 -40.86 -25.88
N GLY T 71 -36.29 -42.05 -26.20
CA GLY T 71 -37.58 -42.48 -25.67
C GLY T 71 -37.43 -43.69 -24.79
N CYS T 72 -38.19 -43.71 -23.69
CA CYS T 72 -38.13 -44.83 -22.76
C CYS T 72 -39.52 -45.31 -22.35
N VAL T 73 -39.68 -46.62 -22.35
CA VAL T 73 -40.92 -47.25 -21.95
C VAL T 73 -40.51 -48.51 -21.20
N TYR T 74 -41.29 -48.87 -20.17
CA TYR T 74 -40.96 -50.05 -19.37
C TYR T 74 -42.18 -50.78 -18.79
N SER T 75 -41.96 -52.03 -18.42
CA SER T 75 -43.00 -52.88 -17.83
C SER T 75 -42.50 -53.35 -16.48
N GLY T 76 -43.42 -53.41 -15.51
CA GLY T 76 -43.06 -53.85 -14.18
C GLY T 76 -43.47 -52.81 -13.17
N LEU T 77 -42.58 -52.56 -12.21
CA LEU T 77 -42.82 -51.58 -11.16
C LEU T 77 -42.57 -50.20 -11.72
N ILE T 78 -43.64 -49.44 -11.91
CA ILE T 78 -43.53 -48.09 -12.48
C ILE T 78 -42.58 -47.16 -11.72
N PRO T 79 -42.74 -47.06 -10.40
CA PRO T 79 -41.83 -46.16 -9.69
C PRO T 79 -40.37 -46.54 -9.94
N ASP T 80 -40.09 -47.84 -10.11
CA ASP T 80 -38.72 -48.28 -10.37
C ASP T 80 -38.29 -47.75 -11.74
N GLY T 81 -39.23 -47.73 -12.69
CA GLY T 81 -38.94 -47.24 -14.02
C GLY T 81 -38.59 -45.76 -14.01
N ARG T 82 -39.43 -44.95 -13.37
CA ARG T 82 -39.18 -43.51 -13.28
C ARG T 82 -37.78 -43.28 -12.69
N HIS T 83 -37.48 -44.00 -11.62
CA HIS T 83 -36.19 -43.89 -10.95
C HIS T 83 -35.05 -44.09 -11.96
N LEU T 84 -35.15 -45.11 -12.80
CA LEU T 84 -34.14 -45.39 -13.80
C LEU T 84 -34.06 -44.26 -14.84
N VAL T 85 -35.20 -43.68 -15.19
CA VAL T 85 -35.22 -42.59 -16.18
C VAL T 85 -34.57 -41.33 -15.59
N ASN T 86 -34.83 -41.09 -14.31
CA ASN T 86 -34.25 -39.95 -13.63
C ASN T 86 -32.74 -40.07 -13.71
N ARG T 87 -32.27 -41.29 -13.50
CA ARG T 87 -30.85 -41.55 -13.56
C ARG T 87 -30.35 -41.31 -14.98
N GLY T 88 -31.15 -41.75 -15.94
CA GLY T 88 -30.78 -41.60 -17.34
C GLY T 88 -30.69 -40.14 -17.72
N ARG T 89 -31.62 -39.33 -17.20
CA ARG T 89 -31.61 -37.92 -17.52
C ARG T 89 -30.34 -37.26 -16.97
N GLU T 90 -29.93 -37.64 -15.77
CA GLU T 90 -28.72 -37.09 -15.16
C GLU T 90 -27.53 -37.57 -15.98
N GLU T 91 -27.55 -38.86 -16.29
CA GLU T 91 -26.52 -39.51 -17.07
C GLU T 91 -26.31 -38.76 -18.40
N ALA T 92 -27.41 -38.47 -19.10
CA ALA T 92 -27.35 -37.77 -20.39
C ALA T 92 -26.92 -36.32 -20.23
N ALA T 93 -27.41 -35.68 -19.18
CA ALA T 93 -27.07 -34.28 -18.93
C ALA T 93 -25.57 -34.10 -18.70
N SER T 94 -24.99 -34.89 -17.80
CA SER T 94 -23.58 -34.76 -17.52
C SER T 94 -22.74 -35.01 -18.78
N PHE T 95 -23.18 -35.98 -19.58
CA PHE T 95 -22.48 -36.34 -20.81
C PHE T 95 -22.45 -35.14 -21.77
N LYS T 96 -23.60 -34.51 -21.97
CA LYS T 96 -23.69 -33.37 -22.87
C LYS T 96 -22.87 -32.21 -22.33
N LYS T 97 -22.91 -32.02 -21.02
CA LYS T 97 -22.19 -30.93 -20.36
C LYS T 97 -20.69 -30.96 -20.64
N LEU T 98 -20.10 -32.15 -20.69
CA LEU T 98 -18.67 -32.25 -20.94
C LEU T 98 -18.30 -32.45 -22.40
N TYR T 99 -19.15 -33.15 -23.14
CA TYR T 99 -18.87 -33.44 -24.55
C TYR T 99 -19.64 -32.62 -25.57
N LYS T 100 -20.61 -31.83 -25.11
CA LYS T 100 -21.40 -30.96 -25.97
C LYS T 100 -22.43 -31.70 -26.79
N THR T 101 -21.99 -32.77 -27.43
CA THR T 101 -22.87 -33.57 -28.25
C THR T 101 -23.91 -34.33 -27.41
N PRO T 102 -25.19 -34.31 -27.81
CA PRO T 102 -26.18 -35.05 -27.03
C PRO T 102 -25.78 -36.53 -27.04
N ILE T 103 -25.95 -37.21 -25.91
CA ILE T 103 -25.55 -38.59 -25.76
C ILE T 103 -25.99 -39.59 -26.82
N PRO T 104 -25.01 -40.30 -27.43
CA PRO T 104 -25.28 -41.32 -28.45
C PRO T 104 -26.09 -42.45 -27.80
N ILE T 105 -27.08 -42.97 -28.51
CA ILE T 105 -27.92 -44.02 -27.95
C ILE T 105 -27.14 -45.20 -27.39
N PRO T 106 -26.13 -45.70 -28.13
CA PRO T 106 -25.37 -46.83 -27.60
C PRO T 106 -24.71 -46.48 -26.24
N ALA T 107 -24.17 -45.27 -26.16
CA ALA T 107 -23.52 -44.79 -24.94
C ALA T 107 -24.54 -44.69 -23.81
N PHE T 108 -25.74 -44.22 -24.13
CA PHE T 108 -26.79 -44.08 -23.12
C PHE T 108 -27.17 -45.46 -22.62
N ALA T 109 -27.18 -46.41 -23.53
CA ALA T 109 -27.54 -47.77 -23.18
C ALA T 109 -26.59 -48.33 -22.15
N ASP T 110 -25.28 -48.14 -22.33
CA ASP T 110 -24.36 -48.69 -21.35
C ASP T 110 -24.46 -47.97 -20.00
N ARG T 111 -24.77 -46.68 -20.02
CA ARG T 111 -24.91 -45.95 -18.78
C ARG T 111 -26.02 -46.62 -17.97
N LEU T 112 -27.19 -46.82 -18.58
CA LEU T 112 -28.30 -47.47 -17.89
C LEU T 112 -27.91 -48.89 -17.49
N GLY T 113 -27.16 -49.57 -18.38
CA GLY T 113 -26.74 -50.93 -18.11
C GLY T 113 -25.86 -51.03 -16.88
N GLN T 114 -24.83 -50.19 -16.81
CA GLN T 114 -23.90 -50.18 -15.70
C GLN T 114 -24.63 -49.85 -14.41
N TYR T 115 -25.59 -48.93 -14.48
CA TYR T 115 -26.36 -48.54 -13.31
C TYR T 115 -27.22 -49.69 -12.82
N VAL T 116 -27.99 -50.30 -13.71
CA VAL T 116 -28.84 -51.41 -13.32
C VAL T 116 -28.02 -52.61 -12.84
N GLN T 117 -26.88 -52.88 -13.48
CA GLN T 117 -26.04 -54.01 -13.09
C GLN T 117 -25.48 -53.76 -11.67
N ALA T 118 -25.25 -52.49 -11.36
CA ALA T 118 -24.75 -52.12 -10.06
C ALA T 118 -25.72 -52.55 -8.95
N HIS T 119 -27.01 -52.62 -9.25
CA HIS T 119 -27.99 -53.01 -8.24
C HIS T 119 -28.12 -54.53 -8.06
N THR T 120 -27.10 -55.26 -8.48
CA THR T 120 -27.09 -56.71 -8.34
C THR T 120 -25.76 -57.10 -7.73
N LEU T 121 -25.04 -56.09 -7.23
CA LEU T 121 -23.72 -56.28 -6.62
C LEU T 121 -23.71 -56.34 -5.09
N TYR T 122 -24.71 -55.74 -4.44
CA TYR T 122 -24.77 -55.69 -2.99
C TYR T 122 -26.11 -56.15 -2.46
N ASN T 123 -26.12 -56.64 -1.23
CA ASN T 123 -27.37 -57.08 -0.62
C ASN T 123 -28.10 -55.91 0.04
N SER T 124 -27.48 -54.73 0.01
CA SER T 124 -28.08 -53.56 0.63
C SER T 124 -29.01 -52.85 -0.35
N VAL T 125 -29.12 -53.38 -1.56
CA VAL T 125 -30.02 -52.82 -2.55
C VAL T 125 -30.81 -53.93 -3.19
N ARG T 126 -31.91 -53.53 -3.82
CA ARG T 126 -32.81 -54.45 -4.49
C ARG T 126 -32.67 -54.21 -5.99
N PRO T 127 -32.75 -55.28 -6.80
CA PRO T 127 -32.63 -55.11 -8.26
C PRO T 127 -33.83 -54.33 -8.79
N PHE T 128 -33.71 -53.77 -10.00
CA PHE T 128 -34.82 -53.03 -10.58
C PHE T 128 -35.94 -53.96 -11.05
N GLY T 129 -37.17 -53.61 -10.69
CA GLY T 129 -38.31 -54.41 -11.08
C GLY T 129 -38.93 -54.01 -12.41
N VAL T 130 -38.09 -53.74 -13.41
CA VAL T 130 -38.59 -53.35 -14.73
C VAL T 130 -37.66 -53.71 -15.86
N SER T 131 -38.24 -53.95 -17.03
CA SER T 131 -37.46 -54.20 -18.23
C SER T 131 -37.77 -52.94 -19.00
N THR T 132 -36.75 -52.34 -19.58
CA THR T 132 -36.94 -51.08 -20.27
C THR T 132 -36.56 -51.13 -21.74
N ILE T 133 -37.47 -50.60 -22.55
CA ILE T 133 -37.27 -50.53 -24.00
C ILE T 133 -37.06 -49.05 -24.26
N PHE T 134 -35.93 -48.72 -24.88
CA PHE T 134 -35.60 -47.33 -25.14
C PHE T 134 -34.72 -47.23 -26.39
N GLY T 135 -34.60 -46.02 -26.91
CA GLY T 135 -33.77 -45.81 -28.08
C GLY T 135 -34.00 -44.45 -28.68
N GLY T 136 -33.36 -44.22 -29.82
CA GLY T 136 -33.52 -42.93 -30.47
C GLY T 136 -32.58 -42.83 -31.64
N VAL T 137 -32.47 -41.63 -32.20
CA VAL T 137 -31.63 -41.37 -33.35
C VAL T 137 -30.40 -40.56 -32.99
N ASP T 138 -29.26 -40.93 -33.56
CA ASP T 138 -28.05 -40.18 -33.28
C ASP T 138 -27.19 -40.05 -34.53
N LYS T 139 -25.96 -39.63 -34.35
CA LYS T 139 -25.03 -39.45 -35.45
C LYS T 139 -25.03 -40.63 -36.42
N ASN T 140 -25.29 -41.85 -35.94
CA ASN T 140 -25.27 -43.01 -36.82
C ASN T 140 -26.60 -43.75 -36.99
N GLY T 141 -27.70 -43.01 -37.09
CA GLY T 141 -28.96 -43.66 -37.30
C GLY T 141 -29.77 -44.00 -36.07
N ALA T 142 -30.67 -44.96 -36.22
CA ALA T 142 -31.55 -45.37 -35.15
C ALA T 142 -31.02 -46.56 -34.38
N HIS T 143 -31.40 -46.61 -33.10
CA HIS T 143 -31.00 -47.68 -32.21
C HIS T 143 -32.14 -47.99 -31.25
N LEU T 144 -32.43 -49.28 -31.08
CA LEU T 144 -33.48 -49.73 -30.16
C LEU T 144 -32.83 -50.72 -29.19
N TYR T 145 -33.11 -50.54 -27.90
CA TYR T 145 -32.54 -51.39 -26.85
C TYR T 145 -33.57 -51.82 -25.82
N MET T 146 -33.25 -52.92 -25.14
CA MET T 146 -34.09 -53.43 -24.07
C MET T 146 -33.13 -53.87 -22.97
N LEU T 147 -33.41 -53.37 -21.77
CA LEU T 147 -32.59 -53.62 -20.58
C LEU T 147 -33.34 -54.48 -19.56
N GLU T 148 -32.72 -55.57 -19.12
CA GLU T 148 -33.33 -56.49 -18.14
C GLU T 148 -32.89 -56.18 -16.70
N PRO T 149 -33.68 -56.59 -15.70
CA PRO T 149 -33.33 -56.34 -14.30
C PRO T 149 -31.92 -56.79 -13.95
N SER T 150 -31.38 -57.73 -14.71
CA SER T 150 -30.04 -58.22 -14.44
C SER T 150 -29.00 -57.22 -14.91
N GLY T 151 -29.43 -56.26 -15.70
CA GLY T 151 -28.50 -55.27 -16.22
C GLY T 151 -28.11 -55.59 -17.65
N SER T 152 -28.52 -56.77 -18.11
CA SER T 152 -28.23 -57.20 -19.48
C SER T 152 -29.11 -56.45 -20.49
N TYR T 153 -28.51 -56.13 -21.62
CA TYR T 153 -29.21 -55.44 -22.69
C TYR T 153 -28.49 -55.67 -24.00
N TRP T 154 -29.24 -55.59 -25.11
CA TRP T 154 -28.69 -55.75 -26.44
C TRP T 154 -29.49 -54.83 -27.38
N GLY T 155 -29.04 -54.73 -28.63
CA GLY T 155 -29.76 -53.94 -29.61
C GLY T 155 -30.79 -54.84 -30.27
N TYR T 156 -31.96 -54.29 -30.57
CA TYR T 156 -33.02 -55.08 -31.20
C TYR T 156 -33.58 -54.48 -32.47
N LYS T 157 -34.27 -55.33 -33.25
CA LYS T 157 -34.96 -54.92 -34.48
C LYS T 157 -36.36 -54.64 -33.97
N GLY T 158 -36.80 -55.46 -33.01
CA GLY T 158 -38.10 -55.31 -32.40
C GLY T 158 -37.96 -55.81 -30.97
N ALA T 159 -38.76 -55.27 -30.06
CA ALA T 159 -38.65 -55.70 -28.67
C ALA T 159 -39.95 -55.59 -27.92
N ALA T 160 -40.15 -56.54 -27.01
CA ALA T 160 -41.37 -56.58 -26.22
C ALA T 160 -41.08 -57.15 -24.84
N THR T 161 -41.88 -56.71 -23.87
CA THR T 161 -41.74 -57.16 -22.51
C THR T 161 -43.09 -56.98 -21.80
N GLY T 162 -43.36 -57.80 -20.81
CA GLY T 162 -44.62 -57.67 -20.09
C GLY T 162 -45.52 -58.90 -20.16
N LYS T 163 -46.77 -58.72 -19.75
CA LYS T 163 -47.76 -59.80 -19.73
C LYS T 163 -47.87 -60.48 -21.09
N GLY T 164 -48.14 -59.71 -22.14
CA GLY T 164 -48.29 -60.28 -23.47
C GLY T 164 -47.04 -60.28 -24.34
N ARG T 165 -45.88 -60.34 -23.70
CA ARG T 165 -44.63 -60.31 -24.43
C ARG T 165 -44.51 -61.41 -25.50
N GLN T 166 -45.14 -62.56 -25.27
CA GLN T 166 -45.08 -63.67 -26.24
C GLN T 166 -45.81 -63.34 -27.53
N SER T 167 -47.03 -62.81 -27.42
CA SER T 167 -47.80 -62.46 -28.62
C SER T 167 -46.96 -61.51 -29.43
N ALA T 168 -46.52 -60.43 -28.78
CA ALA T 168 -45.70 -59.42 -29.41
C ALA T 168 -44.49 -60.01 -30.11
N LYS T 169 -43.68 -60.79 -29.40
CA LYS T 169 -42.50 -61.35 -30.03
C LYS T 169 -42.87 -62.14 -31.26
N ALA T 170 -43.99 -62.84 -31.21
CA ALA T 170 -44.46 -63.62 -32.35
C ALA T 170 -44.74 -62.66 -33.50
N GLU T 171 -45.50 -61.60 -33.21
CA GLU T 171 -45.84 -60.60 -34.21
C GLU T 171 -44.62 -59.86 -34.72
N LEU T 172 -43.77 -59.39 -33.81
CA LEU T 172 -42.56 -58.68 -34.19
C LEU T 172 -41.73 -59.54 -35.14
N GLU T 173 -41.57 -60.82 -34.82
CA GLU T 173 -40.78 -61.70 -35.67
C GLU T 173 -41.35 -61.81 -37.07
N LYS T 174 -42.67 -61.70 -37.17
CA LYS T 174 -43.32 -61.78 -38.47
C LYS T 174 -42.92 -60.56 -39.28
N LEU T 175 -42.99 -59.38 -38.67
CA LEU T 175 -42.58 -58.15 -39.34
C LEU T 175 -41.17 -58.27 -39.88
N VAL T 176 -40.26 -58.75 -39.05
CA VAL T 176 -38.87 -58.91 -39.45
C VAL T 176 -38.74 -59.70 -40.76
N ASP T 177 -39.47 -60.81 -40.86
CA ASP T 177 -39.41 -61.64 -42.05
C ASP T 177 -40.08 -61.02 -43.28
N HIS T 178 -41.25 -60.43 -43.08
CA HIS T 178 -42.01 -59.82 -44.16
C HIS T 178 -41.56 -58.39 -44.52
N HIS T 179 -40.36 -58.02 -44.11
CA HIS T 179 -39.83 -56.70 -44.40
C HIS T 179 -38.32 -56.71 -44.29
N PRO T 180 -37.65 -57.48 -45.17
CA PRO T 180 -36.19 -57.55 -45.14
C PRO T 180 -35.53 -56.23 -45.55
N GLU T 181 -36.31 -55.38 -46.22
CA GLU T 181 -35.83 -54.09 -46.69
C GLU T 181 -36.04 -52.95 -45.69
N GLY T 182 -36.84 -53.20 -44.66
CA GLY T 182 -37.09 -52.17 -43.66
C GLY T 182 -38.51 -51.64 -43.61
N LEU T 183 -38.95 -51.25 -42.43
CA LEU T 183 -40.28 -50.70 -42.23
C LEU T 183 -40.14 -49.19 -42.12
N SER T 184 -41.19 -48.45 -42.47
CA SER T 184 -41.09 -47.00 -42.39
C SER T 184 -41.65 -46.52 -41.05
N ALA T 185 -41.34 -45.27 -40.70
CA ALA T 185 -41.82 -44.70 -39.45
C ALA T 185 -43.33 -44.75 -39.39
N ARG T 186 -44.00 -44.23 -40.42
CA ARG T 186 -45.46 -44.21 -40.50
C ARG T 186 -46.02 -45.62 -40.32
N GLU T 187 -45.39 -46.59 -40.98
CA GLU T 187 -45.81 -47.98 -40.91
C GLU T 187 -45.59 -48.62 -39.56
N ALA T 188 -44.42 -48.39 -38.97
CA ALA T 188 -44.09 -48.94 -37.66
C ALA T 188 -45.13 -48.50 -36.64
N VAL T 189 -45.59 -47.26 -36.76
CA VAL T 189 -46.61 -46.75 -35.84
C VAL T 189 -47.87 -47.61 -35.88
N LYS T 190 -48.38 -47.87 -37.08
CA LYS T 190 -49.58 -48.69 -37.25
C LYS T 190 -49.33 -50.10 -36.73
N GLN T 191 -48.26 -50.70 -37.23
CA GLN T 191 -47.86 -52.05 -36.86
C GLN T 191 -47.70 -52.19 -35.35
N ALA T 192 -47.32 -51.10 -34.70
CA ALA T 192 -47.15 -51.08 -33.25
C ALA T 192 -48.53 -51.11 -32.61
N ALA T 193 -49.42 -50.26 -33.10
CA ALA T 193 -50.77 -50.18 -32.58
C ALA T 193 -51.46 -51.54 -32.71
N LYS T 194 -51.10 -52.28 -33.75
CA LYS T 194 -51.72 -53.59 -33.96
C LYS T 194 -51.18 -54.59 -32.94
N ILE T 195 -49.87 -54.76 -32.91
CA ILE T 195 -49.24 -55.69 -32.00
C ILE T 195 -49.70 -55.48 -30.55
N ILE T 196 -49.93 -54.24 -30.16
CA ILE T 196 -50.39 -53.98 -28.80
C ILE T 196 -51.81 -54.51 -28.64
N TYR T 197 -52.64 -54.30 -29.65
CA TYR T 197 -54.03 -54.77 -29.62
C TYR T 197 -54.09 -56.30 -29.55
N LEU T 198 -53.20 -56.96 -30.28
CA LEU T 198 -53.13 -58.41 -30.28
C LEU T 198 -52.65 -58.91 -28.93
N ALA T 199 -51.59 -58.29 -28.43
CA ALA T 199 -51.01 -58.68 -27.16
C ALA T 199 -51.97 -58.44 -26.01
N HIS T 200 -52.96 -57.58 -26.22
CA HIS T 200 -53.93 -57.30 -25.17
C HIS T 200 -54.86 -58.47 -24.88
N GLU T 201 -54.71 -59.57 -25.61
CA GLU T 201 -55.56 -60.75 -25.39
C GLU T 201 -55.23 -61.50 -24.10
N ASP T 202 -53.94 -61.48 -23.74
CA ASP T 202 -53.47 -62.13 -22.52
C ASP T 202 -53.77 -61.18 -21.36
N ASN T 203 -54.87 -60.45 -21.47
CA ASN T 203 -55.26 -59.48 -20.45
C ASN T 203 -56.62 -58.89 -20.85
N LYS T 204 -57.26 -59.56 -21.80
CA LYS T 204 -58.55 -59.16 -22.37
C LYS T 204 -59.67 -58.87 -21.36
N GLU T 205 -59.38 -58.99 -20.07
CA GLU T 205 -60.39 -58.75 -19.05
C GLU T 205 -60.69 -57.27 -18.82
N LYS T 206 -59.65 -56.47 -18.61
CA LYS T 206 -59.80 -55.04 -18.38
C LYS T 206 -59.64 -54.29 -19.71
N ASP T 207 -60.37 -53.20 -19.87
CA ASP T 207 -60.26 -52.43 -21.10
C ASP T 207 -58.95 -51.64 -21.02
N PHE T 208 -58.36 -51.30 -22.16
CA PHE T 208 -57.09 -50.58 -22.14
C PHE T 208 -57.03 -49.32 -23.00
N GLU T 209 -55.94 -48.58 -22.83
CA GLU T 209 -55.68 -47.35 -23.57
C GLU T 209 -54.29 -47.44 -24.21
N LEU T 210 -54.22 -47.18 -25.51
CA LEU T 210 -52.97 -47.26 -26.24
C LEU T 210 -52.17 -45.96 -26.21
N GLU T 211 -50.85 -46.10 -26.18
CA GLU T 211 -49.96 -44.96 -26.17
C GLU T 211 -48.80 -45.24 -27.11
N ILE T 212 -48.50 -44.29 -27.98
CA ILE T 212 -47.42 -44.44 -28.94
C ILE T 212 -46.58 -43.18 -29.05
N SER T 213 -45.29 -43.37 -29.27
CA SER T 213 -44.36 -42.27 -29.43
C SER T 213 -43.35 -42.75 -30.46
N TRP T 214 -42.63 -41.81 -31.06
CA TRP T 214 -41.65 -42.17 -32.04
C TRP T 214 -40.56 -41.12 -32.17
N CYS T 215 -39.44 -41.56 -32.72
CA CYS T 215 -38.29 -40.72 -32.94
C CYS T 215 -37.83 -41.10 -34.35
N SER T 216 -38.12 -40.23 -35.30
CA SER T 216 -37.76 -40.48 -36.70
C SER T 216 -37.03 -39.30 -37.30
N LEU T 217 -36.00 -39.61 -38.07
CA LEU T 217 -35.20 -38.60 -38.72
C LEU T 217 -36.04 -37.75 -39.67
N SER T 218 -36.91 -38.40 -40.43
CA SER T 218 -37.75 -37.72 -41.40
C SER T 218 -39.10 -37.26 -40.86
N GLU T 219 -39.64 -37.96 -39.88
CA GLU T 219 -40.94 -37.58 -39.34
C GLU T 219 -40.93 -36.66 -38.12
N THR T 220 -39.86 -36.71 -37.32
CA THR T 220 -39.77 -35.89 -36.11
C THR T 220 -38.50 -35.07 -36.04
N ASN T 221 -37.65 -35.22 -37.05
CA ASN T 221 -36.39 -34.50 -37.11
C ASN T 221 -35.41 -35.00 -36.07
N GLY T 222 -35.52 -36.27 -35.72
CA GLY T 222 -34.63 -36.86 -34.75
C GLY T 222 -35.03 -36.67 -33.30
N LEU T 223 -36.01 -35.82 -33.06
CA LEU T 223 -36.46 -35.58 -31.69
C LEU T 223 -37.58 -36.53 -31.31
N HIS T 224 -37.63 -36.95 -30.05
CA HIS T 224 -38.68 -37.85 -29.59
C HIS T 224 -40.02 -37.12 -29.44
N LYS T 225 -41.09 -37.73 -29.96
CA LYS T 225 -42.41 -37.11 -29.87
C LYS T 225 -43.53 -38.14 -29.72
N PHE T 226 -44.63 -37.70 -29.11
CA PHE T 226 -45.78 -38.57 -28.93
C PHE T 226 -46.71 -38.54 -30.12
N VAL T 227 -47.19 -39.70 -30.51
CA VAL T 227 -48.13 -39.77 -31.62
C VAL T 227 -49.49 -39.40 -31.04
N LYS T 228 -50.09 -38.33 -31.56
CA LYS T 228 -51.40 -37.88 -31.06
C LYS T 228 -52.35 -37.53 -32.19
N GLY T 229 -53.55 -37.09 -31.80
CA GLY T 229 -54.58 -36.70 -32.76
C GLY T 229 -54.95 -37.68 -33.86
N ASP T 230 -54.88 -37.21 -35.10
CA ASP T 230 -55.23 -38.02 -36.27
C ASP T 230 -54.36 -39.25 -36.52
N LEU T 231 -53.05 -39.05 -36.63
CA LEU T 231 -52.16 -40.18 -36.88
C LEU T 231 -52.36 -41.28 -35.84
N LEU T 232 -52.73 -40.88 -34.62
CA LEU T 232 -52.96 -41.83 -33.55
C LEU T 232 -54.23 -42.63 -33.79
N GLN T 233 -55.36 -41.91 -33.88
CA GLN T 233 -56.65 -42.54 -34.12
C GLN T 233 -56.57 -43.46 -35.32
N GLU T 234 -55.85 -42.99 -36.33
CA GLU T 234 -55.64 -43.74 -37.55
C GLU T 234 -55.01 -45.11 -37.29
N ALA T 235 -53.96 -45.15 -36.47
CA ALA T 235 -53.30 -46.41 -36.15
C ALA T 235 -54.23 -47.25 -35.28
N ILE T 236 -55.02 -46.58 -34.45
CA ILE T 236 -55.98 -47.29 -33.59
C ILE T 236 -56.95 -48.02 -34.49
N ASP T 237 -57.31 -47.39 -35.61
CA ASP T 237 -58.23 -48.02 -36.55
C ASP T 237 -57.53 -49.19 -37.24
N PHE T 238 -56.37 -48.93 -37.85
CA PHE T 238 -55.64 -49.99 -38.52
C PHE T 238 -55.54 -51.23 -37.65
N ALA T 239 -55.53 -51.04 -36.34
CA ALA T 239 -55.43 -52.14 -35.40
C ALA T 239 -56.81 -52.76 -35.15
N GLN T 240 -57.76 -51.92 -34.78
CA GLN T 240 -59.13 -52.38 -34.51
C GLN T 240 -59.70 -53.14 -35.70
N LYS T 241 -59.19 -52.84 -36.89
CA LYS T 241 -59.64 -53.51 -38.10
C LYS T 241 -59.04 -54.90 -38.21
N GLU T 242 -57.73 -54.99 -38.08
CA GLU T 242 -57.04 -56.27 -38.18
C GLU T 242 -57.24 -57.21 -37.00
N ILE T 243 -57.87 -56.72 -35.95
CA ILE T 243 -58.12 -57.56 -34.78
C ILE T 243 -59.42 -58.33 -35.03
N ASN T 244 -60.05 -58.05 -36.18
CA ASN T 244 -61.29 -58.70 -36.58
C ASN T 244 -61.22 -59.17 -38.03
N ALA U 1 -23.89 -69.82 10.93
CA ALA U 1 -22.93 -70.96 10.73
C ALA U 1 -22.93 -71.45 9.28
N GLY U 2 -24.12 -71.58 8.70
CA GLY U 2 -24.24 -72.03 7.32
C GLY U 2 -24.19 -70.86 6.35
N TYR U 3 -23.87 -69.68 6.86
CA TYR U 3 -23.77 -68.48 6.04
C TYR U 3 -22.39 -68.34 5.43
N ASP U 4 -21.54 -69.34 5.67
CA ASP U 4 -20.20 -69.32 5.13
C ASP U 4 -20.32 -69.75 3.68
N ARG U 5 -21.55 -69.75 3.19
CA ARG U 5 -21.85 -70.12 1.82
C ARG U 5 -22.58 -69.01 1.08
N HIS U 6 -22.81 -67.89 1.76
CA HIS U 6 -23.50 -66.76 1.17
C HIS U 6 -22.60 -65.53 1.01
N ILE U 7 -21.54 -65.46 1.81
CA ILE U 7 -20.61 -64.34 1.72
C ILE U 7 -19.20 -64.90 1.62
N THR U 8 -18.26 -64.07 1.18
CA THR U 8 -16.89 -64.54 1.01
C THR U 8 -16.06 -64.77 2.27
N ILE U 9 -16.52 -65.66 3.15
CA ILE U 9 -15.76 -66.01 4.34
C ILE U 9 -15.42 -67.49 4.25
N PHE U 10 -14.41 -67.93 4.99
CA PHE U 10 -13.98 -69.32 4.95
C PHE U 10 -14.99 -70.36 5.44
N SER U 11 -14.98 -71.52 4.77
CA SER U 11 -15.83 -72.64 5.14
C SER U 11 -14.88 -73.46 6.03
N PRO U 12 -15.41 -74.38 6.83
CA PRO U 12 -14.50 -75.15 7.69
C PRO U 12 -13.38 -75.86 6.94
N GLU U 13 -13.58 -76.10 5.65
CA GLU U 13 -12.56 -76.77 4.84
C GLU U 13 -11.58 -75.76 4.25
N GLY U 14 -11.78 -74.48 4.59
CA GLY U 14 -10.91 -73.43 4.09
C GLY U 14 -11.26 -73.03 2.67
N ARG U 15 -12.53 -73.13 2.32
CA ARG U 15 -12.96 -72.80 0.98
C ARG U 15 -13.88 -71.59 0.93
N LEU U 16 -14.01 -71.02 -0.26
CA LEU U 16 -14.89 -69.87 -0.47
C LEU U 16 -15.95 -70.24 -1.51
N TYR U 17 -17.03 -70.85 -1.04
CA TYR U 17 -18.11 -71.27 -1.94
C TYR U 17 -18.59 -70.19 -2.90
N GLN U 18 -18.75 -68.96 -2.41
CA GLN U 18 -19.21 -67.89 -3.28
C GLN U 18 -18.27 -67.68 -4.45
N VAL U 19 -16.98 -67.91 -4.26
CA VAL U 19 -16.04 -67.76 -5.36
C VAL U 19 -16.24 -68.96 -6.28
N GLU U 20 -16.51 -70.11 -5.69
CA GLU U 20 -16.71 -71.32 -6.48
C GLU U 20 -17.94 -71.18 -7.37
N TYR U 21 -19.02 -70.68 -6.79
CA TYR U 21 -20.26 -70.50 -7.54
C TYR U 21 -20.12 -69.41 -8.61
N ALA U 22 -19.27 -68.42 -8.36
CA ALA U 22 -19.07 -67.35 -9.34
C ALA U 22 -18.47 -68.00 -10.59
N PHE U 23 -17.55 -68.93 -10.37
CA PHE U 23 -16.93 -69.66 -11.47
C PHE U 23 -18.06 -70.38 -12.23
N LYS U 24 -19.00 -70.93 -11.47
CA LYS U 24 -20.12 -71.64 -12.06
C LYS U 24 -20.85 -70.76 -13.06
N ALA U 25 -21.07 -69.51 -12.69
CA ALA U 25 -21.80 -68.59 -13.57
C ALA U 25 -21.06 -68.21 -14.85
N THR U 26 -19.75 -68.39 -14.89
CA THR U 26 -19.02 -68.00 -16.10
C THR U 26 -19.45 -68.80 -17.33
N ASN U 27 -20.09 -69.95 -17.12
CA ASN U 27 -20.52 -70.75 -18.24
C ASN U 27 -21.95 -70.46 -18.68
N GLN U 28 -22.65 -69.59 -17.94
CA GLN U 28 -24.03 -69.25 -18.25
C GLN U 28 -24.31 -69.02 -19.74
N THR U 29 -23.38 -68.34 -20.42
CA THR U 29 -23.51 -68.02 -21.84
C THR U 29 -23.31 -69.20 -22.78
N ASN U 30 -22.77 -70.30 -22.27
CA ASN U 30 -22.54 -71.48 -23.09
C ASN U 30 -21.73 -71.15 -24.35
N ILE U 31 -20.69 -70.36 -24.16
CA ILE U 31 -19.82 -69.92 -25.26
C ILE U 31 -18.40 -70.30 -24.92
N ASN U 32 -17.65 -70.79 -25.91
CA ASN U 32 -16.25 -71.14 -25.69
C ASN U 32 -15.41 -70.12 -26.43
N SER U 33 -14.16 -70.00 -26.03
CA SER U 33 -13.24 -69.06 -26.66
C SER U 33 -11.81 -69.57 -26.50
N LEU U 34 -10.93 -69.11 -27.37
CA LEU U 34 -9.54 -69.52 -27.26
C LEU U 34 -8.66 -68.42 -27.83
N ALA U 35 -7.44 -68.34 -27.32
CA ALA U 35 -6.49 -67.34 -27.79
C ALA U 35 -5.17 -68.01 -28.06
N VAL U 36 -4.51 -67.61 -29.14
CA VAL U 36 -3.21 -68.17 -29.48
C VAL U 36 -2.28 -67.02 -29.83
N ARG U 37 -0.99 -67.28 -29.73
CA ARG U 37 -0.01 -66.26 -30.04
C ARG U 37 0.69 -66.56 -31.35
N GLY U 38 0.78 -65.53 -32.19
CA GLY U 38 1.46 -65.67 -33.46
C GLY U 38 2.93 -65.31 -33.34
N LYS U 39 3.61 -65.17 -34.47
CA LYS U 39 5.01 -64.81 -34.46
C LYS U 39 5.08 -63.37 -33.97
N ASP U 40 4.12 -62.56 -34.40
CA ASP U 40 4.08 -61.16 -33.99
C ASP U 40 2.65 -60.59 -33.96
N CYS U 41 1.71 -61.41 -33.46
CA CYS U 41 0.32 -61.00 -33.32
C CYS U 41 -0.31 -61.90 -32.27
N THR U 42 -1.54 -61.60 -31.88
CA THR U 42 -2.25 -62.40 -30.90
C THR U 42 -3.70 -62.47 -31.37
N VAL U 43 -4.29 -63.66 -31.30
CA VAL U 43 -5.65 -63.84 -31.77
C VAL U 43 -6.57 -64.50 -30.75
N VAL U 44 -7.80 -64.01 -30.69
CA VAL U 44 -8.80 -64.56 -29.79
C VAL U 44 -10.06 -64.91 -30.55
N ILE U 45 -10.49 -66.15 -30.41
CA ILE U 45 -11.69 -66.63 -31.07
C ILE U 45 -12.73 -66.87 -29.99
N SER U 46 -13.98 -66.60 -30.32
CA SER U 46 -15.07 -66.80 -29.40
C SER U 46 -16.34 -67.15 -30.17
N GLN U 47 -17.06 -68.15 -29.70
CA GLN U 47 -18.29 -68.55 -30.35
C GLN U 47 -19.29 -67.41 -30.20
N LYS U 48 -20.18 -67.30 -31.16
CA LYS U 48 -21.21 -66.27 -31.14
C LYS U 48 -22.51 -66.98 -31.43
N LYS U 49 -23.49 -66.81 -30.54
CA LYS U 49 -24.78 -67.45 -30.70
C LYS U 49 -25.94 -66.48 -30.49
N VAL U 50 -26.52 -66.01 -31.59
CA VAL U 50 -27.64 -65.07 -31.52
C VAL U 50 -28.91 -65.70 -32.08
N PRO U 51 -29.54 -66.57 -31.29
CA PRO U 51 -30.78 -67.30 -31.62
C PRO U 51 -32.01 -66.43 -31.85
N ASP U 52 -32.22 -65.42 -31.01
CA ASP U 52 -33.39 -64.57 -31.18
C ASP U 52 -33.30 -63.83 -32.52
N LYS U 53 -34.40 -63.79 -33.25
CA LYS U 53 -34.41 -63.11 -34.56
C LYS U 53 -34.63 -61.62 -34.40
N LEU U 54 -35.13 -61.20 -33.25
CA LEU U 54 -35.41 -59.80 -32.98
C LEU U 54 -34.18 -59.01 -32.53
N LEU U 55 -33.09 -59.73 -32.27
CA LEU U 55 -31.85 -59.09 -31.84
C LEU U 55 -31.06 -58.58 -33.02
N ASP U 56 -30.33 -57.50 -32.79
CA ASP U 56 -29.48 -56.94 -33.81
C ASP U 56 -28.13 -57.59 -33.55
N PRO U 57 -27.81 -58.63 -34.31
CA PRO U 57 -26.58 -59.42 -34.23
C PRO U 57 -25.31 -58.59 -34.06
N THR U 58 -25.30 -57.41 -34.65
CA THR U 58 -24.12 -56.56 -34.59
C THR U 58 -23.85 -55.95 -33.22
N THR U 59 -24.86 -55.96 -32.35
CA THR U 59 -24.70 -55.38 -31.02
C THR U 59 -24.51 -56.47 -29.97
N VAL U 60 -24.17 -57.67 -30.43
CA VAL U 60 -23.96 -58.79 -29.53
C VAL U 60 -22.50 -59.20 -29.58
N SER U 61 -21.75 -58.89 -28.52
CA SER U 61 -20.35 -59.25 -28.50
C SER U 61 -19.82 -59.45 -27.10
N TYR U 62 -18.75 -60.23 -26.98
CA TYR U 62 -18.13 -60.47 -25.69
C TYR U 62 -16.65 -60.16 -25.82
N ILE U 63 -16.31 -59.42 -26.86
CA ILE U 63 -14.93 -59.02 -27.10
C ILE U 63 -14.92 -57.50 -26.99
N PHE U 64 -13.95 -56.96 -26.24
CA PHE U 64 -13.88 -55.53 -26.04
C PHE U 64 -12.52 -54.95 -26.41
N CYS U 65 -12.51 -53.68 -26.79
CA CYS U 65 -11.26 -53.00 -27.11
C CYS U 65 -10.99 -52.11 -25.89
N ILE U 66 -10.13 -52.57 -24.99
CA ILE U 66 -9.84 -51.80 -23.77
C ILE U 66 -9.03 -50.56 -24.11
N SER U 67 -8.09 -50.70 -25.04
CA SER U 67 -7.26 -49.59 -25.45
C SER U 67 -6.76 -49.86 -26.86
N ARG U 68 -6.07 -48.90 -27.44
CA ARG U 68 -5.53 -49.05 -28.79
C ARG U 68 -4.79 -50.38 -28.93
N THR U 69 -4.16 -50.83 -27.86
CA THR U 69 -3.37 -52.06 -27.92
C THR U 69 -3.92 -53.27 -27.17
N ILE U 70 -4.73 -53.05 -26.15
CA ILE U 70 -5.25 -54.19 -25.40
C ILE U 70 -6.69 -54.59 -25.76
N GLY U 71 -6.88 -55.90 -25.95
CA GLY U 71 -8.17 -56.45 -26.27
C GLY U 71 -8.58 -57.40 -25.16
N MET U 72 -9.87 -57.50 -24.88
CA MET U 72 -10.34 -58.38 -23.83
C MET U 72 -11.59 -59.15 -24.25
N VAL U 73 -11.55 -60.47 -24.06
CA VAL U 73 -12.70 -61.32 -24.36
C VAL U 73 -13.19 -61.85 -23.01
N VAL U 74 -14.50 -61.89 -22.83
CA VAL U 74 -15.09 -62.31 -21.58
C VAL U 74 -15.94 -63.57 -21.64
N ASN U 75 -15.71 -64.50 -20.72
CA ASN U 75 -16.52 -65.72 -20.64
C ASN U 75 -17.40 -65.53 -19.40
N GLY U 76 -18.65 -65.17 -19.61
CA GLY U 76 -19.56 -64.96 -18.48
C GLY U 76 -20.72 -64.05 -18.88
N PRO U 77 -21.72 -63.88 -18.00
CA PRO U 77 -22.90 -63.02 -18.25
C PRO U 77 -22.48 -61.65 -18.77
N ILE U 78 -23.28 -61.07 -19.66
CA ILE U 78 -22.91 -59.79 -20.24
C ILE U 78 -22.89 -58.58 -19.29
N PRO U 79 -23.81 -58.52 -18.30
CA PRO U 79 -23.72 -57.32 -17.45
C PRO U 79 -22.44 -57.27 -16.59
N ASP U 80 -21.93 -58.43 -16.17
CA ASP U 80 -20.69 -58.44 -15.39
C ASP U 80 -19.53 -58.22 -16.37
N ALA U 81 -19.67 -58.74 -17.60
CA ALA U 81 -18.64 -58.58 -18.61
C ALA U 81 -18.44 -57.10 -18.90
N ARG U 82 -19.54 -56.38 -19.07
CA ARG U 82 -19.48 -54.95 -19.36
C ARG U 82 -18.96 -54.13 -18.18
N ASN U 83 -19.26 -54.58 -16.97
CA ASN U 83 -18.77 -53.92 -15.77
C ASN U 83 -17.23 -54.05 -15.82
N ALA U 84 -16.74 -55.26 -16.01
CA ALA U 84 -15.30 -55.50 -16.07
C ALA U 84 -14.64 -54.73 -17.22
N ALA U 85 -15.35 -54.63 -18.34
CA ALA U 85 -14.81 -53.93 -19.50
C ALA U 85 -14.65 -52.44 -19.20
N LEU U 86 -15.72 -51.83 -18.71
CA LEU U 86 -15.67 -50.42 -18.37
C LEU U 86 -14.52 -50.10 -17.42
N ARG U 87 -14.39 -50.90 -16.36
CA ARG U 87 -13.35 -50.72 -15.37
C ARG U 87 -11.97 -50.78 -15.98
N ALA U 88 -11.72 -51.83 -16.75
CA ALA U 88 -10.44 -52.02 -17.40
C ALA U 88 -10.09 -50.82 -18.29
N LYS U 89 -11.08 -50.33 -19.02
CA LYS U 89 -10.87 -49.19 -19.90
C LYS U 89 -10.45 -47.97 -19.08
N ALA U 90 -11.11 -47.77 -17.95
CA ALA U 90 -10.79 -46.67 -17.06
C ALA U 90 -9.36 -46.84 -16.55
N GLU U 91 -9.06 -48.04 -16.06
CA GLU U 91 -7.74 -48.35 -15.53
C GLU U 91 -6.65 -48.10 -16.57
N ALA U 92 -6.91 -48.46 -17.82
CA ALA U 92 -5.92 -48.28 -18.88
C ALA U 92 -5.69 -46.82 -19.24
N ALA U 93 -6.76 -46.04 -19.26
CA ALA U 93 -6.66 -44.61 -19.58
C ALA U 93 -5.86 -43.92 -18.47
N GLU U 94 -6.27 -44.19 -17.23
CA GLU U 94 -5.63 -43.60 -16.08
C GLU U 94 -4.15 -43.93 -16.02
N PHE U 95 -3.81 -45.18 -16.29
CA PHE U 95 -2.41 -45.59 -16.24
C PHE U 95 -1.59 -44.78 -17.26
N ARG U 96 -2.10 -44.62 -18.47
CA ARG U 96 -1.37 -43.86 -19.48
C ARG U 96 -1.13 -42.42 -19.01
N TYR U 97 -2.17 -41.83 -18.45
CA TYR U 97 -2.12 -40.46 -17.97
C TYR U 97 -1.08 -40.24 -16.88
N LYS U 98 -1.09 -41.11 -15.88
CA LYS U 98 -0.17 -41.01 -14.75
C LYS U 98 1.27 -41.41 -15.02
N TYR U 99 1.49 -42.46 -15.78
CA TYR U 99 2.84 -42.96 -16.00
C TYR U 99 3.47 -42.66 -17.33
N GLY U 100 2.72 -42.01 -18.21
CA GLY U 100 3.27 -41.62 -19.50
C GLY U 100 3.46 -42.65 -20.58
N TYR U 101 3.00 -43.89 -20.37
CA TYR U 101 3.11 -44.90 -21.40
C TYR U 101 1.92 -45.84 -21.31
N ASP U 102 1.62 -46.49 -22.43
CA ASP U 102 0.48 -47.40 -22.53
C ASP U 102 0.56 -48.56 -21.54
N MET U 103 -0.51 -48.75 -20.79
CA MET U 103 -0.52 -49.83 -19.81
C MET U 103 -0.36 -51.18 -20.49
N PRO U 104 0.61 -51.99 -20.02
CA PRO U 104 0.86 -53.31 -20.60
C PRO U 104 -0.26 -54.29 -20.26
N CYS U 105 -0.49 -55.23 -21.16
CA CYS U 105 -1.52 -56.25 -20.99
C CYS U 105 -1.41 -57.01 -19.67
N ASP U 106 -0.19 -57.46 -19.33
CA ASP U 106 0.02 -58.21 -18.11
C ASP U 106 -0.24 -57.36 -16.87
N VAL U 107 0.04 -56.06 -16.96
CA VAL U 107 -0.18 -55.20 -15.82
C VAL U 107 -1.69 -54.96 -15.64
N LEU U 108 -2.40 -54.76 -16.74
CA LEU U 108 -3.84 -54.56 -16.64
C LEU U 108 -4.47 -55.83 -16.09
N ALA U 109 -3.93 -56.98 -16.47
CA ALA U 109 -4.47 -58.24 -15.98
C ALA U 109 -4.28 -58.30 -14.47
N LYS U 110 -3.08 -58.00 -14.01
CA LYS U 110 -2.77 -58.03 -12.58
C LYS U 110 -3.69 -57.09 -11.81
N ARG U 111 -3.81 -55.86 -12.29
CA ARG U 111 -4.67 -54.88 -11.66
C ARG U 111 -6.12 -55.37 -11.51
N MET U 112 -6.66 -55.98 -12.56
CA MET U 112 -8.04 -56.49 -12.51
C MET U 112 -8.09 -57.70 -11.59
N ALA U 113 -7.05 -58.53 -11.64
CA ALA U 113 -6.99 -59.70 -10.78
C ALA U 113 -7.01 -59.24 -9.33
N ASN U 114 -6.25 -58.19 -9.02
CA ASN U 114 -6.22 -57.66 -7.66
C ASN U 114 -7.60 -57.14 -7.25
N LEU U 115 -8.31 -56.51 -8.18
CA LEU U 115 -9.63 -56.00 -7.87
C LEU U 115 -10.55 -57.17 -7.51
N SER U 116 -10.44 -58.28 -8.24
CA SER U 116 -11.27 -59.46 -7.97
C SER U 116 -10.90 -60.09 -6.63
N GLN U 117 -9.60 -60.15 -6.37
CA GLN U 117 -9.11 -60.72 -5.12
C GLN U 117 -9.82 -60.04 -3.95
N ILE U 118 -10.05 -58.73 -4.07
CA ILE U 118 -10.74 -57.99 -3.02
C ILE U 118 -12.18 -58.46 -2.80
N TYR U 119 -12.95 -58.65 -3.87
CA TYR U 119 -14.34 -59.10 -3.69
C TYR U 119 -14.36 -60.46 -2.97
N THR U 120 -13.20 -61.11 -3.00
CA THR U 120 -12.95 -62.40 -2.39
C THR U 120 -12.76 -62.26 -0.87
N GLN U 121 -12.25 -61.09 -0.45
CA GLN U 121 -11.97 -60.83 0.96
C GLN U 121 -12.94 -59.88 1.64
N ARG U 122 -13.52 -58.94 0.89
CA ARG U 122 -14.48 -58.01 1.47
C ARG U 122 -15.89 -58.59 1.32
N ALA U 123 -16.62 -58.60 2.42
CA ALA U 123 -17.96 -59.17 2.46
C ALA U 123 -19.08 -58.53 1.63
N TYR U 124 -19.10 -57.21 1.52
CA TYR U 124 -20.20 -56.61 0.76
C TYR U 124 -20.07 -56.65 -0.76
N MET U 125 -18.87 -56.93 -1.27
CA MET U 125 -18.66 -57.01 -2.73
C MET U 125 -18.77 -58.47 -3.15
N ARG U 126 -19.63 -58.76 -4.15
CA ARG U 126 -19.77 -60.11 -4.65
C ARG U 126 -18.78 -60.31 -5.80
N PRO U 127 -18.28 -61.53 -5.99
CA PRO U 127 -17.34 -61.69 -7.10
C PRO U 127 -18.12 -61.49 -8.42
N LEU U 128 -17.41 -61.20 -9.51
CA LEU U 128 -18.04 -61.04 -10.80
C LEU U 128 -17.98 -62.43 -11.46
N GLY U 129 -19.09 -62.86 -12.06
CA GLY U 129 -19.11 -64.17 -12.68
C GLY U 129 -18.47 -64.19 -14.03
N VAL U 130 -17.19 -63.81 -14.10
CA VAL U 130 -16.54 -63.78 -15.38
C VAL U 130 -15.07 -64.13 -15.35
N ILE U 131 -14.58 -64.56 -16.50
CA ILE U 131 -13.17 -64.88 -16.67
C ILE U 131 -12.74 -63.93 -17.80
N LEU U 132 -11.66 -63.20 -17.57
CA LEU U 132 -11.18 -62.22 -18.55
C LEU U 132 -9.88 -62.61 -19.22
N THR U 133 -9.89 -62.63 -20.55
CA THR U 133 -8.70 -62.98 -21.30
C THR U 133 -8.18 -61.71 -21.97
N PHE U 134 -7.04 -61.20 -21.49
CA PHE U 134 -6.45 -60.00 -22.06
C PHE U 134 -5.38 -60.39 -23.06
N VAL U 135 -5.39 -59.72 -24.21
CA VAL U 135 -4.43 -60.00 -25.26
C VAL U 135 -3.90 -58.71 -25.89
N SER U 136 -2.68 -58.81 -26.42
CA SER U 136 -2.04 -57.66 -27.06
C SER U 136 -0.68 -58.08 -27.56
N VAL U 137 0.06 -57.10 -28.07
CA VAL U 137 1.41 -57.31 -28.54
C VAL U 137 2.22 -56.28 -27.76
N ASP U 138 2.58 -56.64 -26.53
CA ASP U 138 3.32 -55.74 -25.65
C ASP U 138 4.61 -55.21 -26.26
N GLU U 139 4.91 -53.93 -26.02
CA GLU U 139 6.12 -53.36 -26.59
C GLU U 139 7.38 -53.91 -25.96
N GLU U 140 7.24 -54.68 -24.89
CA GLU U 140 8.40 -55.27 -24.25
C GLU U 140 8.36 -56.78 -24.28
N LEU U 141 7.18 -57.35 -24.05
CA LEU U 141 7.01 -58.80 -23.99
C LEU U 141 6.52 -59.46 -25.27
N GLY U 142 6.16 -58.67 -26.27
CA GLY U 142 5.65 -59.26 -27.50
C GLY U 142 4.24 -59.80 -27.32
N PRO U 143 3.74 -60.68 -28.21
CA PRO U 143 2.39 -61.26 -28.14
C PRO U 143 2.06 -61.73 -26.73
N SER U 144 0.92 -61.32 -26.20
CA SER U 144 0.59 -61.69 -24.83
C SER U 144 -0.82 -62.10 -24.53
N ILE U 145 -0.96 -63.10 -23.67
CA ILE U 145 -2.25 -63.61 -23.23
C ILE U 145 -2.19 -63.73 -21.71
N TYR U 146 -3.08 -63.02 -21.03
CA TYR U 146 -3.15 -63.06 -19.58
C TYR U 146 -4.63 -63.18 -19.26
N LYS U 147 -4.98 -64.15 -18.43
CA LYS U 147 -6.37 -64.39 -18.07
C LYS U 147 -6.57 -64.37 -16.58
N THR U 148 -7.68 -63.77 -16.15
CA THR U 148 -8.00 -63.66 -14.73
C THR U 148 -9.37 -64.26 -14.46
N ASP U 149 -9.58 -64.71 -13.23
CA ASP U 149 -10.85 -65.33 -12.85
C ASP U 149 -11.44 -64.77 -11.55
N PRO U 150 -12.67 -65.19 -11.20
CA PRO U 150 -13.37 -64.73 -9.98
C PRO U 150 -12.60 -64.94 -8.69
N ALA U 151 -11.50 -65.67 -8.76
CA ALA U 151 -10.70 -65.96 -7.56
C ALA U 151 -9.57 -64.95 -7.36
N GLY U 152 -9.34 -64.11 -8.35
CA GLY U 152 -8.28 -63.13 -8.24
C GLY U 152 -7.00 -63.71 -8.79
N TYR U 153 -7.09 -64.90 -9.36
CA TYR U 153 -5.92 -65.56 -9.91
C TYR U 153 -5.71 -65.08 -11.34
N TYR U 154 -4.47 -65.17 -11.82
CA TYR U 154 -4.17 -64.79 -13.20
C TYR U 154 -2.77 -65.29 -13.57
N VAL U 155 -2.54 -65.50 -14.85
CA VAL U 155 -1.24 -65.96 -15.28
C VAL U 155 -1.15 -65.77 -16.79
N GLY U 156 0.06 -65.88 -17.33
CA GLY U 156 0.25 -65.72 -18.75
C GLY U 156 0.23 -67.07 -19.42
N TYR U 157 -0.18 -67.12 -20.69
CA TYR U 157 -0.25 -68.38 -21.42
C TYR U 157 0.39 -68.34 -22.81
N LYS U 158 0.73 -69.53 -23.32
CA LYS U 158 1.29 -69.70 -24.67
C LYS U 158 0.06 -69.62 -25.57
N ALA U 159 -1.04 -70.14 -25.05
CA ALA U 159 -2.36 -70.19 -25.68
C ALA U 159 -3.33 -70.59 -24.58
N THR U 160 -4.63 -70.38 -24.78
CA THR U 160 -5.58 -70.74 -23.73
C THR U 160 -7.01 -70.86 -24.24
N ALA U 161 -7.85 -71.53 -23.47
CA ALA U 161 -9.25 -71.71 -23.86
C ALA U 161 -10.15 -71.56 -22.64
N THR U 162 -11.37 -71.11 -22.86
CA THR U 162 -12.29 -70.90 -21.76
C THR U 162 -13.72 -71.19 -22.17
N GLY U 163 -14.48 -71.79 -21.26
CA GLY U 163 -15.87 -72.11 -21.57
C GLY U 163 -16.28 -73.50 -21.14
N PRO U 164 -17.53 -73.91 -21.43
CA PRO U 164 -18.03 -75.24 -21.06
C PRO U 164 -17.12 -76.34 -21.57
N LYS U 165 -16.62 -76.19 -22.78
CA LYS U 165 -15.75 -77.22 -23.35
C LYS U 165 -14.30 -76.78 -23.40
N GLN U 166 -13.93 -76.00 -22.41
CA GLN U 166 -12.56 -75.52 -22.30
C GLN U 166 -11.54 -76.65 -22.36
N GLN U 167 -11.83 -77.75 -21.67
CA GLN U 167 -10.92 -78.89 -21.62
C GLN U 167 -10.55 -79.49 -23.00
N GLU U 168 -11.55 -79.72 -23.85
CA GLU U 168 -11.31 -80.29 -25.17
C GLU U 168 -10.40 -79.38 -25.96
N ILE U 169 -10.75 -78.09 -25.99
CA ILE U 169 -9.97 -77.10 -26.73
C ILE U 169 -8.54 -77.05 -26.21
N THR U 170 -8.40 -77.13 -24.89
CA THR U 170 -7.08 -77.07 -24.27
C THR U 170 -6.19 -78.25 -24.68
N THR U 171 -6.65 -79.47 -24.44
CA THR U 171 -5.84 -80.65 -24.80
C THR U 171 -5.51 -80.66 -26.29
N ASN U 172 -6.42 -80.16 -27.13
CA ASN U 172 -6.15 -80.09 -28.56
C ASN U 172 -4.89 -79.25 -28.72
N LEU U 173 -4.94 -78.04 -28.14
CA LEU U 173 -3.83 -77.12 -28.22
C LEU U 173 -2.56 -77.68 -27.57
N GLU U 174 -2.69 -78.31 -26.40
CA GLU U 174 -1.53 -78.89 -25.74
C GLU U 174 -0.80 -79.81 -26.70
N ASN U 175 -1.57 -80.68 -27.36
CA ASN U 175 -1.01 -81.63 -28.32
C ASN U 175 -0.23 -80.93 -29.40
N HIS U 176 -0.87 -79.94 -30.01
CA HIS U 176 -0.22 -79.20 -31.07
C HIS U 176 1.14 -78.63 -30.67
N PHE U 177 1.26 -78.16 -29.43
CA PHE U 177 2.52 -77.59 -29.00
C PHE U 177 3.56 -78.65 -28.68
N LYS U 178 3.12 -79.78 -28.12
CA LYS U 178 4.06 -80.86 -27.80
C LYS U 178 4.73 -81.25 -29.11
N LYS U 179 3.97 -81.15 -30.18
CA LYS U 179 4.44 -81.49 -31.52
C LYS U 179 5.40 -80.42 -32.05
N SER U 180 4.89 -79.19 -32.23
CA SER U 180 5.68 -78.09 -32.75
C SER U 180 6.92 -77.76 -31.91
N LYS U 181 6.86 -78.04 -30.61
CA LYS U 181 7.98 -77.78 -29.72
C LYS U 181 8.28 -76.30 -29.47
N ILE U 182 7.46 -75.42 -30.04
CA ILE U 182 7.61 -73.99 -29.83
C ILE U 182 6.39 -73.47 -29.06
N ASP U 183 6.52 -72.30 -28.46
CA ASP U 183 5.45 -71.72 -27.67
C ASP U 183 4.53 -70.77 -28.45
N HIS U 184 4.44 -70.95 -29.76
CA HIS U 184 3.57 -70.08 -30.56
C HIS U 184 3.35 -70.61 -31.98
N ILE U 185 2.48 -69.94 -32.72
CA ILE U 185 2.19 -70.33 -34.09
C ILE U 185 3.19 -69.66 -35.02
N ASN U 186 4.10 -70.43 -35.60
CA ASN U 186 5.10 -69.85 -36.48
C ASN U 186 4.45 -69.37 -37.78
N GLU U 187 3.76 -68.24 -37.69
CA GLU U 187 3.08 -67.68 -38.84
C GLU U 187 3.31 -66.17 -38.88
N GLU U 188 3.61 -65.67 -40.07
CA GLU U 188 3.89 -64.24 -40.26
C GLU U 188 2.62 -63.42 -40.27
N SER U 189 1.66 -63.80 -41.09
CA SER U 189 0.41 -63.04 -41.16
C SER U 189 -0.60 -63.48 -40.12
N TRP U 190 -1.36 -62.53 -39.60
CA TRP U 190 -2.35 -62.84 -38.59
C TRP U 190 -3.52 -63.58 -39.22
N GLU U 191 -3.77 -63.32 -40.51
CA GLU U 191 -4.86 -63.99 -41.22
C GLU U 191 -4.67 -65.49 -41.06
N LYS U 192 -3.43 -65.95 -41.22
CA LYS U 192 -3.11 -67.36 -41.08
C LYS U 192 -3.23 -67.84 -39.62
N VAL U 193 -2.87 -67.00 -38.67
CA VAL U 193 -2.98 -67.38 -37.27
C VAL U 193 -4.47 -67.49 -36.91
N VAL U 194 -5.29 -66.62 -37.49
CA VAL U 194 -6.72 -66.66 -37.24
C VAL U 194 -7.26 -67.96 -37.79
N GLU U 195 -6.77 -68.36 -38.96
CA GLU U 195 -7.21 -69.60 -39.59
C GLU U 195 -6.80 -70.80 -38.74
N PHE U 196 -5.59 -70.72 -38.18
CA PHE U 196 -5.11 -71.79 -37.32
C PHE U 196 -6.07 -71.92 -36.15
N ALA U 197 -6.34 -70.79 -35.50
CA ALA U 197 -7.24 -70.75 -34.38
C ALA U 197 -8.58 -71.39 -34.69
N ILE U 198 -9.28 -70.87 -35.70
CA ILE U 198 -10.58 -71.44 -36.05
C ILE U 198 -10.52 -72.93 -36.37
N THR U 199 -9.48 -73.34 -37.10
CA THR U 199 -9.33 -74.74 -37.46
C THR U 199 -9.33 -75.63 -36.22
N HIS U 200 -8.45 -75.34 -35.27
CA HIS U 200 -8.35 -76.14 -34.07
C HIS U 200 -9.59 -76.04 -33.18
N MET U 201 -10.29 -74.93 -33.27
CA MET U 201 -11.52 -74.76 -32.51
C MET U 201 -12.52 -75.78 -33.07
N ILE U 202 -12.49 -75.95 -34.40
CA ILE U 202 -13.38 -76.89 -35.08
C ILE U 202 -13.00 -78.33 -34.75
N ASP U 203 -11.72 -78.66 -34.84
CA ASP U 203 -11.25 -80.00 -34.52
C ASP U 203 -11.65 -80.38 -33.11
N ALA U 204 -11.32 -79.50 -32.16
CA ALA U 204 -11.62 -79.74 -30.76
C ALA U 204 -13.09 -79.88 -30.43
N LEU U 205 -13.93 -79.01 -30.99
CA LEU U 205 -15.34 -79.09 -30.71
C LEU U 205 -16.10 -79.99 -31.69
N GLY U 206 -15.40 -80.48 -32.70
CA GLY U 206 -16.04 -81.32 -33.70
C GLY U 206 -17.19 -80.57 -34.35
N THR U 207 -17.01 -79.29 -34.60
CA THR U 207 -18.06 -78.49 -35.21
C THR U 207 -17.57 -77.54 -36.29
N GLU U 208 -18.43 -77.36 -37.29
CA GLU U 208 -18.13 -76.48 -38.42
C GLU U 208 -18.77 -75.14 -38.04
N PHE U 209 -18.25 -74.04 -38.58
CA PHE U 209 -18.79 -72.72 -38.27
C PHE U 209 -19.11 -71.92 -39.51
N SER U 210 -20.09 -71.04 -39.40
CA SER U 210 -20.45 -70.16 -40.51
C SER U 210 -19.86 -68.81 -40.09
N LYS U 211 -20.02 -67.77 -40.89
CA LYS U 211 -19.44 -66.47 -40.54
C LYS U 211 -20.13 -65.80 -39.36
N ASN U 212 -21.30 -66.29 -38.98
CA ASN U 212 -22.02 -65.68 -37.86
C ASN U 212 -21.92 -66.49 -36.58
N ASP U 213 -21.18 -67.59 -36.64
CA ASP U 213 -21.00 -68.47 -35.50
C ASP U 213 -19.73 -68.11 -34.70
N LEU U 214 -18.97 -67.17 -35.23
CA LEU U 214 -17.74 -66.75 -34.58
C LEU U 214 -17.62 -65.26 -34.38
N GLU U 215 -16.68 -64.90 -33.52
CA GLU U 215 -16.35 -63.53 -33.17
C GLU U 215 -14.83 -63.59 -33.12
N VAL U 216 -14.14 -62.67 -33.79
CA VAL U 216 -12.68 -62.71 -33.80
C VAL U 216 -12.02 -61.36 -33.52
N GLY U 217 -10.96 -61.42 -32.71
CA GLY U 217 -10.21 -60.23 -32.36
C GLY U 217 -8.75 -60.50 -32.67
N VAL U 218 -8.04 -59.46 -33.11
CA VAL U 218 -6.63 -59.59 -33.45
C VAL U 218 -5.84 -58.42 -32.88
N ALA U 219 -4.69 -58.73 -32.29
CA ALA U 219 -3.82 -57.71 -31.73
C ALA U 219 -2.49 -57.74 -32.47
N THR U 220 -2.08 -56.59 -32.95
CA THR U 220 -0.80 -56.47 -33.66
C THR U 220 -0.03 -55.33 -33.00
N LYS U 221 1.20 -55.11 -33.45
CA LYS U 221 2.00 -54.02 -32.92
C LYS U 221 1.16 -52.73 -33.05
N ASP U 222 0.92 -52.09 -31.91
CA ASP U 222 0.15 -50.84 -31.89
C ASP U 222 -1.28 -50.86 -32.44
N LYS U 223 -2.02 -51.95 -32.23
CA LYS U 223 -3.41 -52.01 -32.65
C LYS U 223 -4.14 -53.34 -32.47
N PHE U 224 -5.24 -53.28 -31.73
CA PHE U 224 -6.10 -54.43 -31.54
C PHE U 224 -7.39 -54.07 -32.24
N PHE U 225 -7.94 -55.02 -32.97
CA PHE U 225 -9.17 -54.80 -33.73
C PHE U 225 -9.93 -56.12 -33.84
N THR U 226 -11.20 -56.03 -34.20
CA THR U 226 -12.00 -57.23 -34.36
C THR U 226 -12.45 -57.36 -35.81
N LEU U 227 -12.55 -58.59 -36.30
CA LEU U 227 -12.96 -58.84 -37.68
C LEU U 227 -14.47 -58.73 -37.87
N SER U 228 -14.89 -58.44 -39.10
CA SER U 228 -16.31 -58.34 -39.44
C SER U 228 -16.77 -59.72 -39.92
N ALA U 229 -18.07 -59.87 -40.15
CA ALA U 229 -18.58 -61.16 -40.61
C ALA U 229 -17.86 -61.51 -41.92
N GLU U 230 -17.65 -60.51 -42.75
CA GLU U 230 -16.99 -60.72 -44.03
C GLU U 230 -15.53 -61.06 -43.89
N ASN U 231 -14.84 -60.36 -42.99
CA ASN U 231 -13.42 -60.62 -42.77
C ASN U 231 -13.27 -62.08 -42.38
N ILE U 232 -14.26 -62.56 -41.61
CA ILE U 232 -14.30 -63.93 -41.13
C ILE U 232 -14.62 -64.90 -42.26
N GLU U 233 -15.65 -64.58 -43.02
CA GLU U 233 -16.05 -65.42 -44.15
C GLU U 233 -14.83 -65.73 -45.00
N GLU U 234 -14.05 -64.70 -45.30
CA GLU U 234 -12.85 -64.88 -46.10
C GLU U 234 -11.93 -65.90 -45.41
N ARG U 235 -11.82 -65.78 -44.09
CA ARG U 235 -11.00 -66.67 -43.29
C ARG U 235 -11.54 -68.10 -43.38
N LEU U 236 -12.86 -68.23 -43.26
CA LEU U 236 -13.54 -69.51 -43.33
C LEU U 236 -13.38 -70.14 -44.71
N VAL U 237 -13.52 -69.33 -45.76
CA VAL U 237 -13.36 -69.83 -47.11
C VAL U 237 -11.94 -70.38 -47.29
N ALA U 238 -10.98 -69.69 -46.68
CA ALA U 238 -9.59 -70.10 -46.76
C ALA U 238 -9.39 -71.50 -46.17
N ILE U 239 -9.87 -71.74 -44.95
CA ILE U 239 -9.69 -73.06 -44.33
C ILE U 239 -10.40 -74.13 -45.14
N ALA U 240 -11.47 -73.75 -45.83
CA ALA U 240 -12.23 -74.69 -46.63
C ALA U 240 -11.37 -75.26 -47.75
N GLU U 241 -10.57 -74.39 -48.37
CA GLU U 241 -9.69 -74.80 -49.46
C GLU U 241 -8.36 -75.33 -48.95
N GLN U 242 -8.45 -76.35 -48.11
CA GLN U 242 -7.28 -76.99 -47.52
C GLN U 242 -7.74 -78.37 -47.03
N ASP U 243 -9.04 -78.44 -46.75
CA ASP U 243 -9.72 -79.66 -46.31
C ASP U 243 -10.43 -80.28 -47.51
N THR V 1 24.22 -22.41 -8.51
CA THR V 1 24.15 -23.78 -9.10
C THR V 1 24.22 -23.75 -10.62
N THR V 2 24.91 -24.75 -11.18
CA THR V 2 25.02 -24.90 -12.62
C THR V 2 24.84 -26.39 -12.90
N ILE V 3 23.76 -26.75 -13.59
CA ILE V 3 23.51 -28.14 -13.92
C ILE V 3 23.26 -28.17 -15.43
N VAL V 4 23.77 -29.20 -16.10
CA VAL V 4 23.58 -29.33 -17.54
C VAL V 4 23.23 -30.76 -17.93
N GLY V 5 22.65 -30.91 -19.12
CA GLY V 5 22.30 -32.22 -19.61
C GLY V 5 22.71 -32.24 -21.07
N VAL V 6 23.41 -33.28 -21.48
CA VAL V 6 23.87 -33.40 -22.86
C VAL V 6 23.65 -34.81 -23.42
N LYS V 7 22.94 -34.93 -24.53
CA LYS V 7 22.70 -36.24 -25.17
C LYS V 7 23.81 -36.54 -26.18
N PHE V 8 24.24 -37.79 -26.23
CA PHE V 8 25.26 -38.20 -27.20
C PHE V 8 24.74 -39.39 -27.99
N ASN V 9 25.47 -39.80 -29.02
CA ASN V 9 25.03 -40.89 -29.91
C ASN V 9 24.44 -42.16 -29.31
N ASN V 10 24.75 -42.47 -28.06
CA ASN V 10 24.18 -43.69 -27.50
C ASN V 10 23.88 -43.58 -26.01
N GLY V 11 23.49 -42.38 -25.59
CA GLY V 11 23.16 -42.16 -24.19
C GLY V 11 22.97 -40.70 -23.86
N VAL V 12 23.14 -40.39 -22.57
CA VAL V 12 22.97 -39.03 -22.10
C VAL V 12 23.85 -38.84 -20.89
N VAL V 13 24.32 -37.62 -20.69
CA VAL V 13 25.17 -37.30 -19.55
C VAL V 13 24.66 -36.04 -18.84
N ILE V 14 24.76 -36.01 -17.51
CA ILE V 14 24.37 -34.82 -16.74
C ILE V 14 25.51 -34.48 -15.80
N ALA V 15 25.74 -33.18 -15.61
CA ALA V 15 26.81 -32.71 -14.74
C ALA V 15 26.32 -31.51 -13.93
N ALA V 16 27.04 -31.23 -12.85
CA ALA V 16 26.70 -30.11 -11.99
C ALA V 16 27.92 -29.66 -11.20
N ASP V 17 27.83 -28.45 -10.64
CA ASP V 17 28.92 -27.93 -9.83
C ASP V 17 28.68 -28.48 -8.42
N THR V 18 29.55 -28.11 -7.48
CA THR V 18 29.40 -28.61 -6.12
C THR V 18 29.24 -27.56 -5.02
N ARG V 19 29.00 -26.31 -5.41
CA ARG V 19 28.83 -25.24 -4.44
C ARG V 19 27.39 -25.12 -3.93
N SER V 20 27.23 -25.02 -2.62
CA SER V 20 25.91 -24.88 -1.99
C SER V 20 25.97 -23.55 -1.23
N THR V 21 24.98 -22.67 -1.43
CA THR V 21 25.03 -21.36 -0.76
C THR V 21 23.80 -20.86 -0.01
N GLN V 22 24.05 -20.10 1.05
CA GLN V 22 23.00 -19.47 1.86
C GLN V 22 23.26 -17.98 1.68
N GLY V 23 22.54 -17.36 0.77
CA GLY V 23 22.75 -15.94 0.52
C GLY V 23 24.09 -15.80 -0.14
N PRO V 24 25.03 -15.04 0.45
CA PRO V 24 26.33 -14.92 -0.21
C PRO V 24 27.38 -15.83 0.43
N ILE V 25 26.93 -16.67 1.35
CA ILE V 25 27.83 -17.58 2.06
C ILE V 25 27.83 -18.99 1.51
N VAL V 26 29.01 -19.56 1.34
CA VAL V 26 29.14 -20.94 0.86
C VAL V 26 29.00 -21.86 2.07
N ALA V 27 27.86 -22.53 2.19
CA ALA V 27 27.62 -23.46 3.31
C ALA V 27 28.39 -24.76 3.06
N ASP V 28 28.12 -25.40 1.94
CA ASP V 28 28.80 -26.64 1.59
C ASP V 28 29.64 -26.38 0.36
N LYS V 29 30.95 -26.54 0.50
CA LYS V 29 31.86 -26.30 -0.61
C LYS V 29 31.93 -27.43 -1.60
N ASN V 30 31.32 -28.57 -1.25
CA ASN V 30 31.36 -29.72 -2.15
C ASN V 30 30.16 -30.64 -1.98
N CYS V 31 28.95 -30.14 -2.20
CA CYS V 31 27.80 -31.00 -2.05
C CYS V 31 27.57 -31.70 -3.38
N ALA V 32 26.74 -32.74 -3.35
CA ALA V 32 26.43 -33.49 -4.56
C ALA V 32 25.05 -33.11 -5.01
N LYS V 33 24.95 -32.49 -6.18
CA LYS V 33 23.66 -32.07 -6.69
C LYS V 33 23.03 -33.12 -7.59
N LEU V 34 23.78 -34.19 -7.84
CA LEU V 34 23.35 -35.29 -8.68
C LEU V 34 22.68 -36.40 -7.86
N HIS V 35 21.35 -36.47 -7.92
CA HIS V 35 20.58 -37.48 -7.19
C HIS V 35 20.13 -38.59 -8.14
N ARG V 36 19.80 -39.74 -7.56
CA ARG V 36 19.35 -40.87 -8.34
C ARG V 36 17.84 -41.04 -8.18
N ILE V 37 17.13 -41.24 -9.28
CA ILE V 37 15.69 -41.49 -9.20
C ILE V 37 15.51 -43.00 -9.28
N SER V 38 16.41 -43.64 -10.01
CA SER V 38 16.43 -45.08 -10.17
C SER V 38 17.85 -45.39 -10.65
N PRO V 39 18.27 -46.66 -10.65
CA PRO V 39 19.64 -46.94 -11.10
C PRO V 39 20.07 -46.19 -12.36
N LYS V 40 19.22 -46.18 -13.36
CA LYS V 40 19.60 -45.52 -14.62
C LYS V 40 18.85 -44.24 -15.01
N ILE V 41 18.31 -43.55 -14.01
CA ILE V 41 17.61 -42.30 -14.25
C ILE V 41 18.11 -41.34 -13.17
N TRP V 42 18.99 -40.42 -13.56
CA TRP V 42 19.53 -39.47 -12.61
C TRP V 42 18.93 -38.10 -12.70
N CYS V 43 19.14 -37.33 -11.64
CA CYS V 43 18.55 -36.02 -11.52
C CYS V 43 19.51 -35.00 -10.95
N ALA V 44 19.33 -33.74 -11.34
CA ALA V 44 20.15 -32.63 -10.85
C ALA V 44 19.16 -31.49 -10.62
N GLY V 45 19.29 -30.78 -9.51
CA GLY V 45 18.33 -29.71 -9.28
C GLY V 45 18.84 -28.37 -8.80
N ALA V 46 17.99 -27.37 -8.91
CA ALA V 46 18.29 -26.02 -8.48
C ALA V 46 17.02 -25.51 -7.82
N GLY V 47 17.09 -24.38 -7.14
CA GLY V 47 15.90 -23.86 -6.49
C GLY V 47 15.94 -24.27 -5.03
N THR V 48 14.80 -24.24 -4.35
CA THR V 48 14.76 -24.64 -2.94
C THR V 48 15.36 -26.04 -2.82
N ALA V 49 16.55 -26.12 -2.23
CA ALA V 49 17.26 -27.39 -2.07
C ALA V 49 16.43 -28.49 -1.39
N ALA V 50 15.83 -28.18 -0.25
CA ALA V 50 15.02 -29.17 0.46
C ALA V 50 13.97 -29.74 -0.48
N ASP V 51 13.44 -28.88 -1.35
CA ASP V 51 12.42 -29.26 -2.31
C ASP V 51 12.91 -30.18 -3.41
N THR V 52 14.04 -29.86 -4.04
CA THR V 52 14.52 -30.74 -5.09
C THR V 52 14.92 -32.09 -4.51
N GLU V 53 15.37 -32.08 -3.26
CA GLU V 53 15.77 -33.30 -2.59
C GLU V 53 14.56 -34.15 -2.26
N ALA V 54 13.56 -33.51 -1.65
CA ALA V 54 12.34 -34.18 -1.25
C ALA V 54 11.56 -34.76 -2.41
N VAL V 55 11.39 -33.98 -3.48
CA VAL V 55 10.63 -34.44 -4.61
C VAL V 55 11.36 -35.56 -5.34
N THR V 56 12.70 -35.49 -5.36
CA THR V 56 13.52 -36.52 -6.02
C THR V 56 13.32 -37.87 -5.36
N GLN V 57 13.15 -37.85 -4.05
CA GLN V 57 12.98 -39.10 -3.33
C GLN V 57 11.55 -39.60 -3.37
N LEU V 58 10.58 -38.68 -3.38
CA LEU V 58 9.18 -39.10 -3.44
C LEU V 58 8.94 -39.85 -4.73
N ILE V 59 9.28 -39.23 -5.84
CA ILE V 59 9.09 -39.87 -7.13
C ILE V 59 10.02 -41.07 -7.22
N GLY V 60 11.22 -40.96 -6.66
CA GLY V 60 12.16 -42.07 -6.71
C GLY V 60 11.55 -43.31 -6.06
N SER V 61 10.92 -43.10 -4.92
CA SER V 61 10.29 -44.18 -4.17
C SER V 61 9.11 -44.76 -4.95
N ASN V 62 8.28 -43.88 -5.52
CA ASN V 62 7.13 -44.34 -6.28
C ASN V 62 7.53 -45.07 -7.54
N ILE V 63 8.60 -44.61 -8.17
CA ILE V 63 9.09 -45.22 -9.39
C ILE V 63 9.52 -46.65 -9.07
N GLU V 64 10.16 -46.80 -7.93
CA GLU V 64 10.62 -48.12 -7.51
C GLU V 64 9.43 -49.05 -7.33
N LEU V 65 8.45 -48.63 -6.53
CA LEU V 65 7.27 -49.43 -6.30
C LEU V 65 6.56 -49.74 -7.63
N HIS V 66 6.53 -48.78 -8.54
CA HIS V 66 5.90 -48.99 -9.82
C HIS V 66 6.66 -50.07 -10.59
N SER V 67 7.98 -49.97 -10.56
CA SER V 67 8.84 -50.92 -11.24
C SER V 67 8.59 -52.33 -10.71
N LEU V 68 8.54 -52.47 -9.40
CA LEU V 68 8.27 -53.77 -8.81
C LEU V 68 6.91 -54.29 -9.23
N TYR V 69 5.92 -53.40 -9.21
CA TYR V 69 4.55 -53.77 -9.57
C TYR V 69 4.37 -54.20 -11.01
N THR V 70 5.01 -53.50 -11.93
CA THR V 70 4.87 -53.81 -13.33
C THR V 70 5.97 -54.73 -13.84
N SER V 71 6.92 -55.06 -12.98
CA SER V 71 8.00 -55.93 -13.37
C SER V 71 8.69 -55.39 -14.63
N ARG V 72 8.86 -54.07 -14.67
CA ARG V 72 9.52 -53.42 -15.78
C ARG V 72 10.51 -52.37 -15.30
N GLU V 73 11.56 -52.14 -16.07
CA GLU V 73 12.54 -51.14 -15.72
C GLU V 73 11.85 -49.78 -15.69
N PRO V 74 12.24 -48.91 -14.75
CA PRO V 74 11.62 -47.59 -14.66
C PRO V 74 11.87 -46.82 -15.95
N ARG V 75 10.89 -46.04 -16.38
CA ARG V 75 11.05 -45.24 -17.58
C ARG V 75 11.15 -43.76 -17.24
N VAL V 76 11.97 -43.05 -17.99
CA VAL V 76 12.15 -41.63 -17.75
C VAL V 76 10.85 -40.85 -17.88
N VAL V 77 10.04 -41.15 -18.89
CA VAL V 77 8.76 -40.44 -19.04
C VAL V 77 7.87 -40.59 -17.80
N SER V 78 8.02 -41.70 -17.07
CA SER V 78 7.21 -41.89 -15.88
C SER V 78 7.64 -40.93 -14.79
N ALA V 79 8.95 -40.83 -14.58
CA ALA V 79 9.47 -39.92 -13.56
C ALA V 79 9.02 -38.51 -13.91
N LEU V 80 9.02 -38.21 -15.22
CA LEU V 80 8.64 -36.90 -15.71
C LEU V 80 7.16 -36.59 -15.47
N GLN V 81 6.30 -37.56 -15.75
CA GLN V 81 4.89 -37.35 -15.58
C GLN V 81 4.53 -37.22 -14.10
N MET V 82 5.10 -38.09 -13.28
CA MET V 82 4.83 -38.08 -11.85
C MET V 82 5.31 -36.79 -11.17
N LEU V 83 6.49 -36.34 -11.57
CA LEU V 83 7.06 -35.12 -11.04
C LEU V 83 6.23 -33.89 -11.40
N LYS V 84 5.96 -33.71 -12.69
CA LYS V 84 5.20 -32.54 -13.13
C LYS V 84 3.79 -32.46 -12.56
N GLN V 85 3.06 -33.56 -12.52
CA GLN V 85 1.71 -33.50 -11.98
C GLN V 85 1.72 -33.15 -10.49
N HIS V 86 2.83 -33.49 -9.82
CA HIS V 86 3.02 -33.21 -8.41
C HIS V 86 3.32 -31.70 -8.23
N LEU V 87 4.28 -31.20 -8.99
CA LEU V 87 4.64 -29.80 -8.92
C LEU V 87 3.46 -28.93 -9.32
N PHE V 88 2.73 -29.36 -10.35
CA PHE V 88 1.58 -28.59 -10.80
C PHE V 88 0.51 -28.53 -9.71
N LYS V 89 0.32 -29.65 -9.02
CA LYS V 89 -0.67 -29.75 -7.97
C LYS V 89 -0.37 -28.71 -6.90
N TYR V 90 0.91 -28.37 -6.75
CA TYR V 90 1.32 -27.41 -5.74
C TYR V 90 1.54 -25.99 -6.24
N GLN V 91 0.86 -25.64 -7.33
CA GLN V 91 0.96 -24.31 -7.89
C GLN V 91 2.31 -23.64 -7.76
N GLY V 92 3.38 -24.38 -8.02
CA GLY V 92 4.72 -23.81 -7.94
C GLY V 92 5.29 -23.56 -6.55
N HIS V 93 4.53 -23.88 -5.50
CA HIS V 93 5.00 -23.66 -4.14
C HIS V 93 6.15 -24.56 -3.76
N ILE V 94 6.42 -25.57 -4.58
CA ILE V 94 7.53 -26.46 -4.34
C ILE V 94 8.60 -26.01 -5.31
N GLY V 95 9.54 -25.22 -4.81
CA GLY V 95 10.60 -24.68 -5.63
C GLY V 95 11.58 -25.66 -6.26
N ALA V 96 11.07 -26.65 -6.96
CA ALA V 96 11.93 -27.62 -7.59
C ALA V 96 12.11 -27.35 -9.09
N TYR V 97 13.37 -27.28 -9.50
CA TYR V 97 13.74 -27.07 -10.89
C TYR V 97 14.74 -28.20 -11.14
N LEU V 98 14.47 -29.04 -12.13
CA LEU V 98 15.34 -30.17 -12.38
C LEU V 98 15.62 -30.48 -13.82
N ILE V 99 16.73 -31.16 -14.02
CA ILE V 99 17.11 -31.66 -15.33
C ILE V 99 17.16 -33.15 -15.04
N VAL V 100 16.28 -33.91 -15.69
CA VAL V 100 16.21 -35.34 -15.50
C VAL V 100 16.67 -36.08 -16.75
N ALA V 101 17.59 -37.02 -16.57
CA ALA V 101 18.12 -37.80 -17.68
C ALA V 101 18.20 -39.27 -17.32
N GLY V 102 18.22 -40.11 -18.35
CA GLY V 102 18.30 -41.54 -18.10
C GLY V 102 18.06 -42.38 -19.33
N VAL V 103 18.30 -43.68 -19.19
CA VAL V 103 18.10 -44.61 -20.28
C VAL V 103 17.13 -45.67 -19.77
N ASP V 104 16.34 -46.24 -20.68
CA ASP V 104 15.38 -47.25 -20.29
C ASP V 104 15.02 -48.09 -21.52
N PRO V 105 14.17 -49.12 -21.38
CA PRO V 105 13.81 -49.95 -22.52
C PRO V 105 13.50 -49.19 -23.81
N THR V 106 13.11 -47.91 -23.71
CA THR V 106 12.78 -47.17 -24.92
C THR V 106 13.89 -46.29 -25.48
N GLY V 107 15.03 -46.22 -24.80
CA GLY V 107 16.13 -45.39 -25.30
C GLY V 107 16.70 -44.43 -24.27
N SER V 108 17.32 -43.35 -24.74
CA SER V 108 17.91 -42.36 -23.83
C SER V 108 17.07 -41.09 -23.84
N HIS V 109 16.88 -40.48 -22.67
CA HIS V 109 16.05 -39.29 -22.55
C HIS V 109 16.66 -38.12 -21.79
N LEU V 110 16.21 -36.92 -22.13
CA LEU V 110 16.68 -35.68 -21.49
C LEU V 110 15.54 -34.66 -21.41
N PHE V 111 15.14 -34.32 -20.18
CA PHE V 111 14.05 -33.36 -19.97
C PHE V 111 14.44 -32.38 -18.88
N SER V 112 13.63 -31.34 -18.74
CA SER V 112 13.82 -30.37 -17.68
C SER V 112 12.41 -30.12 -17.14
N ILE V 113 12.31 -29.90 -15.84
CA ILE V 113 11.03 -29.66 -15.21
C ILE V 113 11.15 -28.38 -14.40
N HIS V 114 10.12 -27.55 -14.44
CA HIS V 114 10.15 -26.30 -13.71
C HIS V 114 9.12 -26.35 -12.59
N ALA V 115 9.40 -25.57 -11.54
CA ALA V 115 8.57 -25.49 -10.35
C ALA V 115 7.07 -25.49 -10.58
N HIS V 116 6.60 -24.79 -11.61
CA HIS V 116 5.17 -24.75 -11.88
C HIS V 116 4.61 -25.98 -12.57
N GLY V 117 5.49 -26.84 -13.08
CA GLY V 117 5.01 -28.05 -13.71
C GLY V 117 5.21 -28.22 -15.19
N SER V 118 5.76 -27.22 -15.86
CA SER V 118 5.98 -27.35 -17.29
C SER V 118 7.22 -28.20 -17.50
N THR V 119 7.33 -28.82 -18.66
CA THR V 119 8.51 -29.64 -18.93
C THR V 119 8.97 -29.36 -20.34
N ASP V 120 10.25 -29.57 -20.59
CA ASP V 120 10.84 -29.34 -21.90
C ASP V 120 11.72 -30.52 -22.25
N VAL V 121 11.88 -30.76 -23.55
CA VAL V 121 12.72 -31.86 -24.00
C VAL V 121 13.78 -31.32 -24.95
N GLY V 122 14.97 -31.90 -24.93
CA GLY V 122 16.01 -31.41 -25.82
C GLY V 122 17.28 -32.22 -25.80
N TYR V 123 18.23 -31.83 -26.65
CA TYR V 123 19.52 -32.53 -26.72
C TYR V 123 20.55 -31.95 -25.76
N TYR V 124 20.29 -30.74 -25.28
CA TYR V 124 21.17 -30.09 -24.32
C TYR V 124 20.39 -29.03 -23.53
N LEU V 125 20.55 -29.07 -22.21
CA LEU V 125 19.85 -28.15 -21.32
C LEU V 125 20.74 -27.67 -20.16
N SER V 126 20.31 -26.59 -19.50
CA SER V 126 21.02 -26.07 -18.33
C SER V 126 20.03 -25.40 -17.38
N LEU V 127 20.32 -25.47 -16.08
CA LEU V 127 19.47 -24.84 -15.07
C LEU V 127 20.37 -24.28 -14.01
N GLY V 128 19.83 -23.41 -13.18
CA GLY V 128 20.61 -22.83 -12.11
C GLY V 128 21.06 -21.43 -12.42
N SER V 129 21.72 -20.78 -11.46
CA SER V 129 22.19 -19.42 -11.68
C SER V 129 23.28 -19.39 -12.76
N GLY V 130 23.99 -20.51 -12.90
CA GLY V 130 25.05 -20.59 -13.90
C GLY V 130 24.48 -20.90 -15.27
N SER V 131 23.18 -21.18 -15.28
CA SER V 131 22.43 -21.49 -16.47
C SER V 131 22.91 -20.81 -17.75
N LEU V 132 22.99 -19.48 -17.75
CA LEU V 132 23.43 -18.75 -18.93
C LEU V 132 24.87 -18.93 -19.32
N ALA V 133 25.75 -19.10 -18.34
CA ALA V 133 27.16 -19.30 -18.63
C ALA V 133 27.31 -20.65 -19.32
N ALA V 134 26.68 -21.66 -18.73
CA ALA V 134 26.75 -23.00 -19.29
C ALA V 134 26.16 -23.03 -20.69
N MET V 135 25.00 -22.40 -20.86
CA MET V 135 24.33 -22.40 -22.16
C MET V 135 25.15 -21.76 -23.25
N ALA V 136 25.96 -20.75 -22.92
CA ALA V 136 26.77 -20.10 -23.94
C ALA V 136 27.73 -21.13 -24.53
N VAL V 137 28.31 -21.95 -23.66
CA VAL V 137 29.23 -22.98 -24.10
C VAL V 137 28.50 -24.04 -24.95
N LEU V 138 27.37 -24.52 -24.47
CA LEU V 138 26.60 -25.51 -25.21
C LEU V 138 26.21 -24.99 -26.59
N GLU V 139 25.77 -23.74 -26.67
CA GLU V 139 25.38 -23.17 -27.96
C GLU V 139 26.61 -22.98 -28.84
N SER V 140 27.79 -23.06 -28.24
CA SER V 140 29.02 -22.85 -28.98
C SER V 140 29.72 -24.12 -29.42
N HIS V 141 29.43 -25.24 -28.76
CA HIS V 141 30.12 -26.46 -29.11
C HIS V 141 29.27 -27.70 -29.34
N TRP V 142 28.00 -27.66 -28.99
CA TRP V 142 27.16 -28.82 -29.21
C TRP V 142 26.99 -29.07 -30.71
N LYS V 143 26.88 -30.33 -31.07
CA LYS V 143 26.69 -30.72 -32.45
C LYS V 143 25.94 -32.03 -32.40
N GLN V 144 25.30 -32.39 -33.50
CA GLN V 144 24.56 -33.64 -33.55
C GLN V 144 25.54 -34.81 -33.59
N ASP V 145 25.17 -35.92 -32.96
CA ASP V 145 26.01 -37.11 -32.93
C ASP V 145 27.33 -36.99 -32.18
N LEU V 146 27.29 -36.51 -30.94
CA LEU V 146 28.51 -36.41 -30.15
C LEU V 146 28.85 -37.81 -29.64
N THR V 147 30.12 -38.06 -29.38
CA THR V 147 30.51 -39.38 -28.86
C THR V 147 30.55 -39.26 -27.34
N LYS V 148 30.46 -40.39 -26.65
CA LYS V 148 30.49 -40.38 -25.21
C LYS V 148 31.53 -39.41 -24.64
N GLU V 149 32.74 -39.42 -25.19
CA GLU V 149 33.79 -38.52 -24.70
C GLU V 149 33.55 -37.07 -25.04
N GLU V 150 33.03 -36.81 -26.24
CA GLU V 150 32.74 -35.44 -26.63
C GLU V 150 31.69 -34.88 -25.67
N ALA V 151 30.61 -35.65 -25.49
CA ALA V 151 29.53 -35.25 -24.61
C ALA V 151 30.02 -34.93 -23.20
N ILE V 152 30.85 -35.80 -22.64
CA ILE V 152 31.38 -35.55 -21.29
C ILE V 152 32.20 -34.26 -21.22
N LYS V 153 33.06 -34.05 -22.22
CA LYS V 153 33.89 -32.86 -22.26
C LYS V 153 32.99 -31.63 -22.23
N LEU V 154 32.04 -31.58 -23.17
CA LEU V 154 31.10 -30.47 -23.29
C LEU V 154 30.34 -30.19 -21.99
N ALA V 155 29.77 -31.23 -21.37
CA ALA V 155 29.06 -31.04 -20.12
C ALA V 155 30.01 -30.44 -19.09
N SER V 156 31.20 -31.02 -18.99
CA SER V 156 32.19 -30.54 -18.04
C SER V 156 32.61 -29.09 -18.29
N ASP V 157 32.75 -28.72 -19.56
CA ASP V 157 33.13 -27.37 -19.93
C ASP V 157 32.02 -26.39 -19.57
N ALA V 158 30.79 -26.76 -19.89
CA ALA V 158 29.65 -25.91 -19.59
C ALA V 158 29.56 -25.66 -18.08
N ILE V 159 29.75 -26.70 -17.27
CA ILE V 159 29.71 -26.53 -15.83
C ILE V 159 30.82 -25.58 -15.39
N GLN V 160 31.99 -25.70 -16.03
CA GLN V 160 33.10 -24.83 -15.69
C GLN V 160 32.76 -23.37 -15.97
N ALA V 161 32.02 -23.13 -17.06
CA ALA V 161 31.62 -21.78 -17.41
C ALA V 161 30.87 -21.21 -16.22
N GLY V 162 30.08 -22.06 -15.57
CA GLY V 162 29.30 -21.63 -14.41
C GLY V 162 30.21 -21.37 -13.22
N ILE V 163 30.99 -22.37 -12.85
CA ILE V 163 31.91 -22.26 -11.72
C ILE V 163 32.73 -20.96 -11.75
N TRP V 164 33.36 -20.70 -12.90
CA TRP V 164 34.20 -19.53 -13.04
C TRP V 164 33.48 -18.21 -13.15
N ASN V 165 32.39 -18.16 -13.91
CA ASN V 165 31.68 -16.90 -14.12
C ASN V 165 30.44 -16.60 -13.27
N ASP V 166 29.89 -17.60 -12.60
CA ASP V 166 28.71 -17.38 -11.76
C ASP V 166 29.05 -17.47 -10.29
N LEU V 167 28.67 -16.44 -9.54
CA LEU V 167 28.95 -16.40 -8.12
C LEU V 167 28.16 -17.44 -7.35
N GLY V 168 27.06 -17.90 -7.96
CA GLY V 168 26.26 -18.91 -7.28
C GLY V 168 26.76 -20.32 -7.49
N SER V 169 27.78 -20.46 -8.35
CA SER V 169 28.35 -21.75 -8.67
C SER V 169 29.85 -21.80 -8.39
N GLY V 170 30.36 -22.99 -8.11
CA GLY V 170 31.78 -23.14 -7.84
C GLY V 170 32.26 -24.53 -7.44
N SER V 171 33.53 -24.59 -7.07
CA SER V 171 34.17 -25.82 -6.63
C SER V 171 34.45 -26.84 -7.71
N ASN V 172 33.77 -27.99 -7.63
CA ASN V 172 33.99 -29.08 -8.56
C ASN V 172 32.91 -29.36 -9.59
N VAL V 173 33.20 -30.37 -10.40
CA VAL V 173 32.31 -30.83 -11.43
C VAL V 173 31.97 -32.29 -11.19
N ASP V 174 30.69 -32.59 -11.04
CA ASP V 174 30.23 -33.96 -10.84
C ASP V 174 29.55 -34.40 -12.14
N VAL V 175 29.81 -35.64 -12.56
CA VAL V 175 29.23 -36.15 -13.78
C VAL V 175 28.63 -37.53 -13.60
N CYS V 176 27.67 -37.88 -14.47
CA CYS V 176 27.04 -39.19 -14.45
C CYS V 176 26.73 -39.54 -15.89
N VAL V 177 27.36 -40.61 -16.38
CA VAL V 177 27.15 -41.02 -17.75
C VAL V 177 26.18 -42.20 -17.82
N MET V 178 25.14 -42.04 -18.63
CA MET V 178 24.15 -43.09 -18.80
C MET V 178 24.11 -43.54 -20.25
N GLU V 179 24.84 -44.61 -20.55
CA GLU V 179 24.88 -45.14 -21.90
C GLU V 179 23.80 -46.21 -22.05
N ILE V 180 23.15 -46.23 -23.20
CA ILE V 180 22.06 -47.15 -23.47
C ILE V 180 22.26 -48.62 -23.12
N GLY V 181 23.43 -49.18 -23.39
CA GLY V 181 23.59 -50.59 -23.07
C GLY V 181 24.10 -50.94 -21.68
N LYS V 182 24.91 -50.05 -21.11
CA LYS V 182 25.52 -50.31 -19.82
C LYS V 182 24.87 -49.72 -18.57
N ASP V 183 25.57 -49.86 -17.44
CA ASP V 183 25.14 -49.33 -16.15
C ASP V 183 25.45 -47.85 -16.15
N ALA V 184 24.67 -47.07 -15.41
CA ALA V 184 24.93 -45.64 -15.35
C ALA V 184 26.22 -45.48 -14.52
N GLU V 185 27.11 -44.58 -14.93
CA GLU V 185 28.31 -44.40 -14.12
C GLU V 185 28.46 -43.01 -13.53
N TYR V 186 28.28 -42.96 -12.22
CA TYR V 186 28.38 -41.75 -11.43
C TYR V 186 29.85 -41.41 -11.19
N LEU V 187 30.27 -40.26 -11.70
CA LEU V 187 31.65 -39.83 -11.55
C LEU V 187 31.76 -38.64 -10.60
N ARG V 188 31.65 -38.90 -9.30
CA ARG V 188 31.74 -37.84 -8.30
C ARG V 188 33.08 -37.11 -8.36
N ASN V 189 33.04 -35.78 -8.31
CA ASN V 189 34.24 -34.96 -8.38
C ASN V 189 35.08 -35.31 -9.59
N TYR V 190 34.41 -35.41 -10.74
CA TYR V 190 35.07 -35.71 -12.00
C TYR V 190 36.16 -34.68 -12.23
N LEU V 191 35.92 -33.45 -11.78
CA LEU V 191 36.87 -32.35 -11.90
C LEU V 191 36.99 -31.63 -10.56
N THR V 192 38.20 -31.25 -10.19
CA THR V 192 38.43 -30.58 -8.91
C THR V 192 39.48 -29.48 -9.10
N PRO V 193 39.12 -28.40 -9.81
CA PRO V 193 40.01 -27.28 -10.09
C PRO V 193 40.05 -26.16 -9.05
N ASN V 194 39.51 -26.40 -7.86
CA ASN V 194 39.50 -25.36 -6.84
C ASN V 194 40.01 -25.80 -5.47
N VAL V 195 41.28 -26.19 -5.41
CA VAL V 195 41.91 -26.62 -4.17
C VAL V 195 42.48 -25.42 -3.42
N ARG V 196 42.09 -25.27 -2.16
CA ARG V 196 42.56 -24.14 -1.35
C ARG V 196 44.07 -24.30 -1.14
N GLU V 197 44.82 -23.22 -1.36
CA GLU V 197 46.26 -23.27 -1.17
C GLU V 197 46.56 -23.56 0.29
N GLU V 198 47.75 -24.06 0.55
CA GLU V 198 48.16 -24.36 1.91
C GLU V 198 48.18 -23.04 2.68
N LYS V 199 47.52 -23.02 3.82
CA LYS V 199 47.48 -21.79 4.62
C LYS V 199 48.88 -21.36 5.02
N GLN V 200 49.02 -20.05 5.23
CA GLN V 200 50.29 -19.41 5.58
C GLN V 200 50.80 -19.73 6.99
N LYS V 201 49.93 -20.27 7.83
CA LYS V 201 50.29 -20.52 9.21
C LYS V 201 49.32 -21.55 9.80
N SER V 202 49.72 -22.22 10.87
CA SER V 202 48.83 -23.18 11.51
C SER V 202 48.18 -22.49 12.69
N TYR V 203 46.90 -22.70 12.89
CA TYR V 203 46.22 -22.03 14.00
C TYR V 203 45.87 -22.96 15.12
N LYS V 204 46.63 -24.06 15.18
CA LYS V 204 46.47 -25.07 16.22
C LYS V 204 46.89 -24.35 17.51
N PHE V 205 45.96 -24.25 18.45
CA PHE V 205 46.22 -23.57 19.71
C PHE V 205 46.99 -24.45 20.69
N PRO V 206 47.75 -23.82 21.60
CA PRO V 206 48.48 -24.64 22.58
C PRO V 206 47.45 -25.05 23.62
N ARG V 207 47.50 -26.32 24.04
CA ARG V 207 46.55 -26.81 25.02
C ARG V 207 46.55 -25.93 26.25
N GLY V 208 45.36 -25.70 26.79
CA GLY V 208 45.22 -24.87 27.96
C GLY V 208 44.94 -23.43 27.60
N THR V 209 44.91 -23.11 26.31
CA THR V 209 44.64 -21.76 25.85
C THR V 209 43.23 -21.28 26.20
N THR V 210 42.30 -22.23 26.32
CA THR V 210 40.93 -21.88 26.63
C THR V 210 40.64 -21.99 28.12
N ALA V 211 39.89 -21.02 28.65
CA ALA V 211 39.56 -21.03 30.07
C ALA V 211 38.30 -21.84 30.31
N VAL V 212 38.42 -22.86 31.16
CA VAL V 212 37.29 -23.74 31.49
C VAL V 212 36.75 -23.48 32.90
N LEU V 213 35.43 -23.38 33.03
CA LEU V 213 34.83 -23.14 34.34
C LEU V 213 34.49 -24.42 35.11
N LYS V 214 34.00 -25.43 34.39
CA LYS V 214 33.60 -26.68 35.02
C LYS V 214 33.74 -27.84 34.04
N GLU V 215 34.09 -29.01 34.55
CA GLU V 215 34.26 -30.17 33.69
C GLU V 215 33.56 -31.38 34.28
N SER V 216 33.07 -32.26 33.42
CA SER V 216 32.38 -33.46 33.87
C SER V 216 32.28 -34.47 32.74
N ILE V 217 32.02 -35.73 33.08
CA ILE V 217 31.89 -36.77 32.08
C ILE V 217 30.41 -37.06 31.91
N VAL V 218 29.98 -37.16 30.65
CA VAL V 218 28.59 -37.41 30.32
C VAL V 218 28.32 -38.91 30.21
N ASN V 219 27.17 -39.33 30.72
CA ASN V 219 26.80 -40.74 30.69
C ASN V 219 25.91 -41.05 29.47
N ILE V 220 26.49 -41.74 28.51
CA ILE V 220 25.80 -42.14 27.29
C ILE V 220 25.22 -43.55 27.43
N CYS V 221 25.86 -44.37 28.26
CA CYS V 221 25.41 -45.73 28.48
C CYS V 221 24.15 -45.73 29.35
N ASP V 222 23.10 -46.37 28.86
CA ASP V 222 21.84 -46.43 29.60
C ASP V 222 21.90 -47.44 30.75
N SER W 1 10.32 -9.81 14.56
CA SER W 1 10.07 -10.11 13.11
C SER W 1 10.64 -11.46 12.71
N ASP W 2 11.94 -11.49 12.39
CA ASP W 2 12.61 -12.73 11.99
C ASP W 2 12.64 -13.67 13.19
N PRO W 3 11.85 -14.76 13.14
CA PRO W 3 11.78 -15.74 14.22
C PRO W 3 13.13 -16.27 14.65
N SER W 4 14.07 -16.32 13.71
CA SER W 4 15.41 -16.82 14.00
C SER W 4 16.32 -15.80 14.68
N SER W 5 15.81 -14.60 14.91
CA SER W 5 16.61 -13.56 15.54
C SER W 5 15.93 -12.98 16.77
N ILE W 6 15.05 -13.77 17.37
CA ILE W 6 14.34 -13.30 18.55
C ILE W 6 15.07 -13.72 19.82
N ASN W 7 15.44 -14.99 19.88
CA ASN W 7 16.11 -15.56 21.05
C ASN W 7 17.63 -15.56 20.97
N GLY W 8 18.16 -15.67 19.76
CA GLY W 8 19.60 -15.69 19.57
C GLY W 8 20.23 -17.01 19.93
N GLY W 9 21.52 -17.14 19.68
CA GLY W 9 22.19 -18.38 20.02
C GLY W 9 22.93 -18.97 18.86
N ILE W 10 23.90 -19.84 19.14
CA ILE W 10 24.70 -20.50 18.12
C ILE W 10 25.13 -21.91 18.52
N VAL W 11 25.46 -22.71 17.53
CA VAL W 11 25.91 -24.08 17.71
C VAL W 11 26.98 -24.32 16.65
N VAL W 12 27.94 -25.18 16.95
CA VAL W 12 28.99 -25.48 15.98
C VAL W 12 29.45 -26.92 16.21
N ALA W 13 29.76 -27.63 15.14
CA ALA W 13 30.22 -29.00 15.27
C ALA W 13 31.45 -29.24 14.40
N MET W 14 32.39 -30.01 14.91
CA MET W 14 33.63 -30.30 14.19
C MET W 14 34.04 -31.73 14.34
N THR W 15 34.78 -32.24 13.36
CA THR W 15 35.26 -33.61 13.41
C THR W 15 36.76 -33.60 13.66
N GLY W 16 37.22 -34.57 14.42
CA GLY W 16 38.62 -34.69 14.72
C GLY W 16 39.02 -36.14 14.56
N LYS W 17 40.24 -36.48 14.98
CA LYS W 17 40.74 -37.84 14.86
C LYS W 17 39.98 -38.79 15.78
N ASP W 18 39.07 -39.57 15.19
CA ASP W 18 38.27 -40.52 15.93
C ASP W 18 37.43 -39.85 17.00
N CYS W 19 36.96 -38.65 16.70
CA CYS W 19 36.13 -37.91 17.64
C CYS W 19 35.39 -36.79 16.93
N VAL W 20 34.36 -36.28 17.59
CA VAL W 20 33.57 -35.18 17.07
C VAL W 20 33.35 -34.28 18.26
N ALA W 21 33.11 -33.00 17.98
CA ALA W 21 32.86 -32.05 19.04
C ALA W 21 31.68 -31.18 18.64
N ILE W 22 30.91 -30.76 19.62
CA ILE W 22 29.77 -29.91 19.36
C ILE W 22 29.62 -28.94 20.53
N ALA W 23 29.49 -27.65 20.23
CA ALA W 23 29.38 -26.64 21.29
C ALA W 23 28.26 -25.65 21.02
N CYS W 24 27.84 -24.95 22.07
CA CYS W 24 26.78 -23.97 21.96
C CYS W 24 26.89 -22.91 23.05
N ASP W 25 26.33 -21.74 22.83
CA ASP W 25 26.35 -20.69 23.85
C ASP W 25 25.20 -21.02 24.81
N LEU W 26 24.97 -20.16 25.81
CA LEU W 26 23.91 -20.47 26.76
C LEU W 26 22.84 -19.39 26.85
N ARG W 27 22.90 -18.41 25.94
CA ARG W 27 21.96 -17.32 25.96
C ARG W 27 20.56 -17.61 25.42
N LEU W 28 19.58 -16.96 26.02
CA LEU W 28 18.19 -17.04 25.62
C LEU W 28 17.73 -15.63 25.92
N GLY W 29 17.47 -14.88 24.86
CA GLY W 29 17.02 -13.51 25.06
C GLY W 29 15.68 -13.27 24.42
N SER W 30 15.21 -12.04 24.58
CA SER W 30 13.95 -11.61 24.00
C SER W 30 14.37 -10.27 23.45
N GLN W 31 14.90 -10.29 22.23
CA GLN W 31 15.40 -9.09 21.58
C GLN W 31 16.68 -8.71 22.31
N SER W 32 16.79 -7.43 22.64
CA SER W 32 17.95 -6.91 23.35
C SER W 32 18.10 -7.50 24.75
N LEU W 33 16.96 -7.72 25.42
CA LEU W 33 16.93 -8.27 26.77
C LEU W 33 17.41 -9.70 26.97
N GLY W 34 18.47 -9.86 27.75
CA GLY W 34 18.97 -11.19 28.04
C GLY W 34 18.04 -11.79 29.10
N VAL W 35 17.52 -12.99 28.83
CA VAL W 35 16.59 -13.62 29.77
C VAL W 35 17.13 -14.81 30.55
N SER W 36 18.02 -15.59 29.93
CA SER W 36 18.59 -16.73 30.61
C SER W 36 19.99 -17.05 30.12
N ASN W 37 20.81 -17.56 31.05
CA ASN W 37 22.20 -17.91 30.76
C ASN W 37 22.40 -19.40 30.97
N LYS W 38 21.30 -20.13 30.89
CA LYS W 38 21.37 -21.56 31.08
C LYS W 38 20.63 -22.34 30.01
N PHE W 39 20.24 -21.64 28.94
CA PHE W 39 19.53 -22.29 27.86
C PHE W 39 20.52 -23.04 26.98
N GLU W 40 20.76 -24.29 27.33
CA GLU W 40 21.68 -25.10 26.55
C GLU W 40 20.95 -25.50 25.27
N LYS W 41 21.69 -25.60 24.18
CA LYS W 41 21.08 -25.93 22.91
C LYS W 41 21.55 -27.26 22.40
N ILE W 42 22.15 -28.07 23.26
CA ILE W 42 22.62 -29.37 22.85
C ILE W 42 21.95 -30.51 23.65
N PHE W 43 21.44 -31.50 22.92
CA PHE W 43 20.78 -32.64 23.53
C PHE W 43 21.37 -33.89 22.92
N HIS W 44 21.03 -35.04 23.50
CA HIS W 44 21.52 -36.29 22.95
C HIS W 44 20.52 -37.40 23.22
N TYR W 45 20.45 -38.33 22.27
CA TYR W 45 19.57 -39.48 22.35
C TYR W 45 20.54 -40.62 22.11
N GLY W 46 20.83 -41.38 23.16
CA GLY W 46 21.78 -42.45 23.01
C GLY W 46 23.13 -41.79 22.86
N HIS W 47 23.86 -42.15 21.81
CA HIS W 47 25.17 -41.56 21.59
C HIS W 47 25.14 -40.53 20.46
N VAL W 48 23.95 -40.10 20.08
CA VAL W 48 23.83 -39.12 19.02
C VAL W 48 23.48 -37.76 19.63
N PHE W 49 24.24 -36.73 19.26
CA PHE W 49 23.99 -35.41 19.80
C PHE W 49 23.31 -34.49 18.81
N LEU W 50 22.42 -33.65 19.33
CA LEU W 50 21.69 -32.70 18.50
C LEU W 50 21.72 -31.30 19.05
N GLY W 51 22.21 -30.37 18.24
CA GLY W 51 22.25 -28.96 18.64
C GLY W 51 21.17 -28.24 17.84
N ILE W 52 20.40 -27.37 18.49
CA ILE W 52 19.34 -26.67 17.79
C ILE W 52 19.33 -25.16 18.07
N THR W 53 19.56 -24.35 17.04
CA THR W 53 19.52 -22.89 17.19
C THR W 53 18.19 -22.39 16.63
N GLY W 54 17.85 -21.13 16.91
CA GLY W 54 16.60 -20.60 16.40
C GLY W 54 15.60 -20.18 17.46
N LEU W 55 14.32 -20.26 17.12
CA LEU W 55 13.25 -19.89 18.06
C LEU W 55 13.27 -20.90 19.21
N ALA W 56 13.47 -20.41 20.43
CA ALA W 56 13.56 -21.27 21.61
C ALA W 56 12.43 -22.26 21.76
N THR W 57 11.20 -21.77 21.68
CA THR W 57 10.05 -22.66 21.83
C THR W 57 10.17 -23.86 20.88
N ASP W 58 10.62 -23.63 19.66
CA ASP W 58 10.79 -24.71 18.68
C ASP W 58 11.98 -25.59 19.05
N VAL W 59 13.04 -24.98 19.57
CA VAL W 59 14.20 -25.75 19.98
C VAL W 59 13.72 -26.76 21.03
N THR W 60 12.93 -26.27 21.98
CA THR W 60 12.39 -27.12 23.03
C THR W 60 11.48 -28.20 22.43
N THR W 61 10.53 -27.75 21.61
CA THR W 61 9.59 -28.68 20.98
C THR W 61 10.30 -29.77 20.17
N LEU W 62 11.29 -29.40 19.37
CA LEU W 62 11.99 -30.41 18.58
C LEU W 62 12.70 -31.42 19.47
N ASN W 63 13.38 -30.95 20.50
CA ASN W 63 14.06 -31.87 21.41
C ASN W 63 13.05 -32.87 21.99
N GLU W 64 11.94 -32.36 22.50
CA GLU W 64 10.92 -33.24 23.06
C GLU W 64 10.42 -34.26 22.02
N MET W 65 10.36 -33.83 20.75
CA MET W 65 9.90 -34.69 19.67
C MET W 65 10.90 -35.79 19.34
N PHE W 66 12.15 -35.41 19.19
CA PHE W 66 13.17 -36.40 18.87
C PHE W 66 13.43 -37.37 20.00
N ARG W 67 13.17 -36.95 21.24
CA ARG W 67 13.35 -37.86 22.35
C ARG W 67 12.28 -38.92 22.13
N TYR W 68 11.04 -38.45 21.96
CA TYR W 68 9.88 -39.32 21.71
C TYR W 68 10.15 -40.32 20.59
N LYS W 69 10.60 -39.83 19.45
CA LYS W 69 10.86 -40.69 18.32
C LYS W 69 12.01 -41.65 18.54
N THR W 70 13.12 -41.16 19.08
CA THR W 70 14.26 -42.04 19.32
C THR W 70 13.94 -43.10 20.40
N ASN W 71 13.06 -42.75 21.33
CA ASN W 71 12.69 -43.70 22.35
C ASN W 71 11.96 -44.87 21.72
N LEU W 72 10.93 -44.58 20.93
CA LEU W 72 10.16 -45.63 20.27
C LEU W 72 11.03 -46.39 19.29
N TYR W 73 11.97 -45.69 18.66
CA TYR W 73 12.85 -46.34 17.71
C TYR W 73 13.66 -47.43 18.39
N LYS W 74 14.20 -47.12 19.56
CA LYS W 74 15.00 -48.07 20.32
C LYS W 74 14.15 -49.26 20.75
N LEU W 75 12.92 -48.99 21.17
CA LEU W 75 12.01 -50.05 21.60
C LEU W 75 11.73 -51.06 20.48
N LYS W 76 11.56 -50.58 19.25
CA LYS W 76 11.28 -51.46 18.11
C LYS W 76 12.52 -52.05 17.48
N GLU W 77 13.49 -51.19 17.19
CA GLU W 77 14.73 -51.62 16.55
C GLU W 77 15.58 -52.40 17.55
N GLU W 78 15.36 -52.13 18.82
CA GLU W 78 16.11 -52.76 19.89
C GLU W 78 17.59 -52.40 19.84
N ARG W 79 17.85 -51.18 19.41
CA ARG W 79 19.21 -50.68 19.32
C ARG W 79 19.11 -49.17 19.23
N ALA W 80 20.12 -48.46 19.73
CA ALA W 80 20.12 -47.01 19.69
C ALA W 80 20.34 -46.54 18.27
N ILE W 81 19.63 -45.48 17.89
CA ILE W 81 19.74 -44.93 16.54
C ILE W 81 21.14 -44.39 16.27
N GLU W 82 21.56 -44.44 15.01
CA GLU W 82 22.88 -43.96 14.64
C GLU W 82 22.81 -42.54 14.06
N PRO W 83 23.96 -41.84 14.00
CA PRO W 83 24.03 -40.47 13.47
C PRO W 83 23.38 -40.34 12.08
N GLU W 84 23.86 -41.15 11.14
CA GLU W 84 23.34 -41.12 9.78
C GLU W 84 21.83 -41.28 9.71
N THR W 85 21.30 -42.27 10.43
CA THR W 85 19.87 -42.52 10.44
C THR W 85 19.10 -41.38 11.10
N PHE W 86 19.64 -40.89 12.20
CA PHE W 86 19.01 -39.79 12.92
C PHE W 86 18.92 -38.56 12.04
N THR W 87 19.99 -38.30 11.29
CA THR W 87 20.02 -37.16 10.39
C THR W 87 18.82 -37.26 9.44
N GLN W 88 18.62 -38.44 8.87
CA GLN W 88 17.51 -38.65 7.96
C GLN W 88 16.19 -38.40 8.67
N LEU W 89 16.09 -38.84 9.91
CA LEU W 89 14.87 -38.66 10.67
C LEU W 89 14.62 -37.17 10.90
N VAL W 90 15.68 -36.45 11.22
CA VAL W 90 15.57 -35.01 11.46
C VAL W 90 15.11 -34.34 10.18
N SER W 91 15.74 -34.74 9.08
CA SER W 91 15.41 -34.20 7.78
C SER W 91 13.93 -34.37 7.41
N SER W 92 13.46 -35.61 7.40
CA SER W 92 12.06 -35.87 7.05
C SER W 92 11.10 -35.21 8.04
N SER W 93 11.43 -35.24 9.33
CA SER W 93 10.55 -34.63 10.33
C SER W 93 10.37 -33.14 10.02
N LEU W 94 11.45 -32.48 9.64
CA LEU W 94 11.39 -31.05 9.32
C LEU W 94 10.58 -30.78 8.06
N TYR W 95 10.86 -31.53 6.98
CA TYR W 95 10.14 -31.33 5.73
C TYR W 95 8.65 -31.63 5.86
N GLU W 96 8.28 -32.36 6.88
CA GLU W 96 6.88 -32.67 7.08
C GLU W 96 6.11 -31.40 7.43
N ARG W 97 6.84 -30.34 7.74
CA ARG W 97 6.22 -29.06 8.08
C ARG W 97 6.65 -28.03 7.05
N ARG W 98 6.89 -28.49 5.84
CA ARG W 98 7.34 -27.66 4.72
C ARG W 98 6.73 -26.27 4.59
N PHE W 99 5.42 -26.17 4.81
CA PHE W 99 4.72 -24.90 4.68
C PHE W 99 4.23 -24.32 6.00
N GLY W 100 5.10 -24.34 7.00
CA GLY W 100 4.78 -23.82 8.33
C GLY W 100 5.82 -24.49 9.19
N PRO W 101 7.10 -24.32 8.82
CA PRO W 101 8.26 -24.90 9.48
C PRO W 101 8.60 -24.39 10.86
N TYR W 102 9.46 -25.15 11.53
CA TYR W 102 9.96 -24.79 12.83
C TYR W 102 11.10 -23.87 12.45
N PHE W 103 11.28 -22.79 13.20
CA PHE W 103 12.35 -21.87 12.88
C PHE W 103 13.59 -22.25 13.66
N VAL W 104 14.27 -23.29 13.16
CA VAL W 104 15.44 -23.83 13.81
C VAL W 104 16.55 -24.13 12.82
N GLY W 105 17.75 -24.34 13.35
CA GLY W 105 18.89 -24.66 12.51
C GLY W 105 19.58 -25.81 13.22
N PRO W 106 19.13 -27.06 13.00
CA PRO W 106 19.68 -28.27 13.61
C PRO W 106 21.08 -28.69 13.17
N VAL W 107 21.80 -29.32 14.09
CA VAL W 107 23.15 -29.82 13.84
C VAL W 107 23.26 -31.19 14.51
N VAL W 108 23.74 -32.18 13.77
CA VAL W 108 23.87 -33.52 14.32
C VAL W 108 25.33 -33.92 14.43
N ALA W 109 25.70 -34.50 15.57
CA ALA W 109 27.07 -34.95 15.82
C ALA W 109 27.09 -36.28 16.57
N GLY W 110 28.03 -37.13 16.18
CA GLY W 110 28.16 -38.42 16.83
C GLY W 110 29.12 -39.34 16.10
N ILE W 111 29.37 -40.50 16.70
CA ILE W 111 30.26 -41.50 16.10
C ILE W 111 29.45 -42.77 15.89
N ASN W 112 29.54 -43.33 14.69
CA ASN W 112 28.80 -44.54 14.36
C ASN W 112 29.30 -45.71 15.23
N SER W 113 28.41 -46.24 16.07
CA SER W 113 28.77 -47.34 16.96
C SER W 113 29.34 -48.57 16.23
N LYS W 114 28.91 -48.80 14.99
CA LYS W 114 29.41 -49.96 14.25
C LYS W 114 30.67 -49.67 13.44
N SER W 115 30.69 -48.55 12.71
CA SER W 115 31.85 -48.20 11.88
C SER W 115 32.88 -47.36 12.65
N GLY W 116 32.45 -46.72 13.73
CA GLY W 116 33.36 -45.91 14.52
C GLY W 116 33.72 -44.60 13.85
N LYS W 117 33.14 -44.38 12.68
CA LYS W 117 33.38 -43.18 11.89
C LYS W 117 32.70 -41.91 12.45
N PRO W 118 33.46 -40.81 12.60
CA PRO W 118 32.93 -39.54 13.11
C PRO W 118 31.93 -38.96 12.11
N PHE W 119 30.84 -38.39 12.62
CA PHE W 119 29.80 -37.83 11.76
C PHE W 119 29.17 -36.55 12.26
N ILE W 120 28.96 -35.61 11.34
CA ILE W 120 28.31 -34.32 11.65
C ILE W 120 27.47 -33.85 10.46
N ALA W 121 26.38 -33.16 10.74
CA ALA W 121 25.51 -32.66 9.68
C ALA W 121 24.65 -31.48 10.16
N GLY W 122 24.28 -30.63 9.21
CA GLY W 122 23.45 -29.48 9.51
C GLY W 122 22.24 -29.45 8.58
N PHE W 123 21.19 -28.73 8.95
CA PHE W 123 19.98 -28.67 8.12
C PHE W 123 19.38 -27.26 8.16
N ASP W 124 18.60 -26.92 7.15
CA ASP W 124 17.92 -25.63 7.16
C ASP W 124 16.54 -25.87 7.77
N LEU W 125 15.79 -24.81 8.06
CA LEU W 125 14.49 -24.98 8.71
C LEU W 125 13.54 -25.98 8.08
N ILE W 126 13.75 -26.34 6.83
CA ILE W 126 12.84 -27.30 6.21
C ILE W 126 13.45 -28.65 5.89
N GLY W 127 14.62 -28.92 6.46
CA GLY W 127 15.21 -30.23 6.27
C GLY W 127 16.37 -30.46 5.34
N CYS W 128 16.73 -29.50 4.50
CA CYS W 128 17.84 -29.73 3.59
C CYS W 128 19.10 -30.08 4.35
N ILE W 129 19.64 -31.26 4.09
CA ILE W 129 20.84 -31.74 4.77
C ILE W 129 22.17 -31.27 4.16
N ASP W 130 23.04 -30.77 5.03
CA ASP W 130 24.37 -30.31 4.65
C ASP W 130 25.29 -31.29 5.37
N GLU W 131 25.99 -32.13 4.63
CA GLU W 131 26.88 -33.09 5.27
C GLU W 131 28.34 -32.80 4.98
N ALA W 132 28.89 -31.86 5.74
CA ALA W 132 30.28 -31.50 5.58
C ALA W 132 31.08 -32.35 6.55
N LYS W 133 32.29 -32.70 6.15
CA LYS W 133 33.17 -33.51 6.98
C LYS W 133 33.86 -32.68 8.07
N ASP W 134 34.28 -31.47 7.72
CA ASP W 134 34.98 -30.62 8.67
C ASP W 134 34.14 -30.02 9.79
N PHE W 135 33.27 -29.08 9.45
CA PHE W 135 32.45 -28.42 10.46
C PHE W 135 31.09 -27.98 9.96
N ILE W 136 30.22 -27.70 10.92
CA ILE W 136 28.85 -27.27 10.67
C ILE W 136 28.57 -26.14 11.65
N VAL W 137 28.08 -25.01 11.15
CA VAL W 137 27.77 -23.87 12.02
C VAL W 137 26.30 -23.49 11.92
N SER W 138 25.78 -22.86 12.97
CA SER W 138 24.38 -22.49 13.00
C SER W 138 24.13 -21.39 14.01
N GLY W 139 23.17 -20.50 13.73
CA GLY W 139 22.87 -19.43 14.66
C GLY W 139 23.06 -17.99 14.20
N THR W 140 22.70 -17.07 15.07
CA THR W 140 22.79 -15.64 14.81
C THR W 140 24.21 -15.13 14.56
N ALA W 141 25.20 -16.01 14.71
CA ALA W 141 26.58 -15.60 14.48
C ALA W 141 27.26 -16.63 13.59
N SER W 142 26.49 -17.18 12.65
CA SER W 142 26.99 -18.18 11.74
C SER W 142 28.06 -17.65 10.80
N ASP W 143 27.91 -16.40 10.37
CA ASP W 143 28.90 -15.79 9.48
C ASP W 143 30.23 -15.77 10.22
N GLN W 144 30.19 -15.29 11.46
CA GLN W 144 31.39 -15.23 12.26
C GLN W 144 31.96 -16.63 12.43
N LEU W 145 31.09 -17.59 12.73
CA LEU W 145 31.51 -18.99 12.89
C LEU W 145 32.18 -19.55 11.65
N PHE W 146 31.62 -19.27 10.47
CA PHE W 146 32.22 -19.76 9.22
C PHE W 146 33.61 -19.18 9.13
N GLY W 147 33.73 -17.90 9.43
CA GLY W 147 35.03 -17.25 9.37
C GLY W 147 36.03 -17.89 10.31
N MET W 148 35.64 -18.08 11.56
CA MET W 148 36.53 -18.69 12.54
C MET W 148 36.91 -20.09 12.07
N CYS W 149 35.91 -20.95 11.87
CA CYS W 149 36.15 -22.31 11.44
C CYS W 149 37.02 -22.46 10.21
N GLU W 150 36.79 -21.64 9.19
CA GLU W 150 37.56 -21.74 7.96
C GLU W 150 39.05 -21.50 8.18
N SER W 151 39.36 -20.63 9.13
CA SER W 151 40.75 -20.30 9.42
C SER W 151 41.37 -21.26 10.43
N LEU W 152 40.68 -21.46 11.55
CA LEU W 152 41.19 -22.32 12.62
C LEU W 152 41.24 -23.81 12.35
N TYR W 153 40.25 -24.34 11.66
CA TYR W 153 40.19 -25.78 11.40
C TYR W 153 41.30 -26.43 10.57
N GLU W 154 41.57 -27.68 10.93
CA GLU W 154 42.53 -28.54 10.24
C GLU W 154 42.06 -29.96 10.60
N PRO W 155 42.20 -30.90 9.66
CA PRO W 155 41.82 -32.31 9.82
C PRO W 155 42.48 -33.13 10.92
N ASN W 156 41.79 -34.20 11.32
CA ASN W 156 42.27 -35.15 12.33
C ASN W 156 42.90 -34.59 13.60
N LEU W 157 42.29 -33.57 14.19
CA LEU W 157 42.84 -33.03 15.42
C LEU W 157 42.56 -34.01 16.55
N GLU W 158 43.51 -34.15 17.46
CA GLU W 158 43.29 -35.04 18.61
C GLU W 158 42.25 -34.38 19.50
N PRO W 159 41.51 -35.19 20.27
CA PRO W 159 40.47 -34.65 21.16
C PRO W 159 40.86 -33.40 21.95
N GLU W 160 42.05 -33.41 22.56
CA GLU W 160 42.52 -32.27 23.37
C GLU W 160 42.76 -31.01 22.54
N ASP W 161 43.08 -31.19 21.26
CA ASP W 161 43.33 -30.07 20.39
C ASP W 161 42.02 -29.56 19.81
N LEU W 162 41.16 -30.50 19.41
CA LEU W 162 39.86 -30.14 18.85
C LEU W 162 39.12 -29.24 19.85
N PHE W 163 39.22 -29.57 21.13
CA PHE W 163 38.58 -28.76 22.15
C PHE W 163 39.01 -27.30 22.07
N GLU W 164 40.32 -27.08 21.99
CA GLU W 164 40.85 -25.71 21.91
C GLU W 164 40.31 -25.02 20.66
N THR W 165 40.35 -25.74 19.54
CA THR W 165 39.88 -25.20 18.27
C THR W 165 38.39 -24.85 18.27
N ILE W 166 37.54 -25.79 18.59
CA ILE W 166 36.12 -25.49 18.59
C ILE W 166 35.77 -24.40 19.60
N SER W 167 36.44 -24.40 20.75
CA SER W 167 36.18 -23.41 21.79
C SER W 167 36.51 -22.00 21.35
N GLN W 168 37.65 -21.87 20.68
CA GLN W 168 38.10 -20.56 20.20
C GLN W 168 37.18 -20.07 19.10
N ALA W 169 36.68 -21.00 18.29
CA ALA W 169 35.78 -20.69 17.20
C ALA W 169 34.46 -20.16 17.79
N LEU W 170 33.92 -20.88 18.77
CA LEU W 170 32.67 -20.48 19.39
C LEU W 170 32.80 -19.14 20.12
N LEU W 171 33.78 -19.06 21.01
CA LEU W 171 34.05 -17.88 21.82
C LEU W 171 34.25 -16.58 21.04
N ASN W 172 35.09 -16.62 20.01
CA ASN W 172 35.37 -15.42 19.24
C ASN W 172 34.25 -14.98 18.32
N ALA W 173 33.42 -15.94 17.94
CA ALA W 173 32.27 -15.64 17.08
C ALA W 173 31.21 -14.97 17.96
N ALA W 174 30.85 -15.63 19.05
CA ALA W 174 29.84 -15.11 19.96
C ALA W 174 30.15 -13.71 20.47
N ASP W 175 31.43 -13.38 20.52
CA ASP W 175 31.85 -12.07 21.00
C ASP W 175 31.60 -10.96 20.00
N ARG W 176 31.30 -11.34 18.76
CA ARG W 176 31.00 -10.37 17.70
C ARG W 176 29.51 -10.39 17.41
N ASP W 177 28.77 -11.16 18.19
CA ASP W 177 27.33 -11.25 18.01
C ASP W 177 26.60 -10.76 19.26
N ALA W 178 25.75 -9.77 19.07
CA ALA W 178 25.00 -9.20 20.18
C ALA W 178 24.00 -10.18 20.78
N LEU W 179 23.60 -11.19 20.00
CA LEU W 179 22.63 -12.15 20.48
C LEU W 179 23.18 -13.51 20.93
N SER W 180 24.50 -13.61 21.02
CA SER W 180 25.17 -14.84 21.45
C SER W 180 26.13 -14.62 22.61
N GLY W 181 26.33 -15.67 23.40
CA GLY W 181 27.22 -15.61 24.54
C GLY W 181 26.54 -15.95 25.86
N TRP W 182 26.90 -15.23 26.92
CA TRP W 182 26.34 -15.47 28.23
C TRP W 182 26.63 -16.88 28.73
N GLY W 183 27.78 -17.42 28.31
CA GLY W 183 28.12 -18.77 28.72
C GLY W 183 28.26 -19.66 27.52
N ALA W 184 28.96 -20.78 27.66
CA ALA W 184 29.15 -21.70 26.55
C ALA W 184 29.52 -23.07 27.09
N VAL W 185 29.08 -24.11 26.40
CA VAL W 185 29.37 -25.47 26.81
C VAL W 185 29.94 -26.20 25.60
N VAL W 186 30.96 -27.03 25.81
CA VAL W 186 31.60 -27.77 24.73
C VAL W 186 31.60 -29.26 25.03
N TYR W 187 31.23 -30.06 24.04
CA TYR W 187 31.19 -31.51 24.17
C TYR W 187 32.26 -32.15 23.30
N ILE W 188 33.11 -32.98 23.90
CA ILE W 188 34.13 -33.70 23.14
C ILE W 188 33.64 -35.14 23.20
N ILE W 189 33.44 -35.74 22.03
CA ILE W 189 32.90 -37.09 21.95
C ILE W 189 33.84 -38.11 21.29
N LYS W 190 34.11 -39.19 22.01
CA LYS W 190 34.97 -40.28 21.55
C LYS W 190 34.15 -41.56 21.67
N LYS W 191 34.53 -42.60 20.91
CA LYS W 191 33.80 -43.89 20.96
C LYS W 191 33.46 -44.39 22.36
N ASP W 192 34.40 -44.20 23.29
CA ASP W 192 34.25 -44.66 24.66
C ASP W 192 33.73 -43.63 25.67
N GLU W 193 34.21 -42.40 25.60
CA GLU W 193 33.76 -41.40 26.56
C GLU W 193 33.38 -40.04 25.98
N VAL W 194 32.51 -39.34 26.71
CA VAL W 194 32.04 -38.02 26.33
C VAL W 194 32.27 -37.04 27.49
N VAL W 195 33.06 -36.00 27.23
CA VAL W 195 33.37 -34.99 28.23
C VAL W 195 32.65 -33.68 27.92
N LYS W 196 32.13 -33.03 28.95
CA LYS W 196 31.41 -31.77 28.81
C LYS W 196 32.09 -30.67 29.64
N ARG W 197 32.49 -29.59 28.97
CA ARG W 197 33.13 -28.49 29.66
C ARG W 197 32.43 -27.16 29.44
N TYR W 198 32.24 -26.40 30.51
CA TYR W 198 31.63 -25.07 30.41
C TYR W 198 32.80 -24.11 30.29
N LEU W 199 32.72 -23.19 29.31
CA LEU W 199 33.80 -22.24 29.10
C LEU W 199 33.60 -20.92 29.86
N LYS W 200 34.68 -20.17 30.00
CA LYS W 200 34.63 -18.87 30.68
C LYS W 200 34.71 -17.78 29.61
N MET W 201 33.72 -16.91 29.58
CA MET W 201 33.68 -15.83 28.59
C MET W 201 33.03 -14.60 29.17
N ARG W 202 33.17 -13.46 28.49
CA ARG W 202 32.56 -12.22 28.96
C ARG W 202 31.06 -12.41 29.14
N GLN W 203 30.43 -11.60 29.97
CA GLN W 203 28.99 -11.71 30.20
C GLN W 203 28.22 -10.45 29.82
N ASP W 204 28.65 -9.78 28.75
CA ASP W 204 27.99 -8.56 28.30
C ASP W 204 27.35 -8.66 26.90
N MET X 1 1.65 -3.25 28.78
CA MET X 1 1.33 -4.52 29.51
C MET X 1 1.40 -4.34 31.03
N ASP X 2 0.80 -5.30 31.73
CA ASP X 2 0.74 -5.30 33.18
C ASP X 2 2.07 -5.75 33.78
N ILE X 3 2.17 -5.73 35.11
CA ILE X 3 3.39 -6.15 35.77
C ILE X 3 3.24 -7.54 36.37
N ILE X 4 4.17 -8.40 36.00
CA ILE X 4 4.21 -9.79 36.45
C ILE X 4 5.63 -10.09 36.87
N LEU X 5 5.84 -10.11 38.18
CA LEU X 5 7.15 -10.36 38.76
C LEU X 5 7.13 -11.64 39.56
N GLY X 6 8.29 -12.28 39.62
CA GLY X 6 8.39 -13.50 40.37
C GLY X 6 9.80 -13.66 40.89
N ILE X 7 9.92 -14.10 42.13
CA ILE X 7 11.23 -14.32 42.73
C ILE X 7 11.19 -15.53 43.65
N ARG X 8 12.13 -16.44 43.39
CA ARG X 8 12.26 -17.66 44.17
C ARG X 8 13.36 -17.55 45.23
N VAL X 9 12.95 -17.56 46.49
CA VAL X 9 13.91 -17.45 47.57
C VAL X 9 14.30 -18.84 48.10
N GLN X 10 14.67 -18.91 49.37
CA GLN X 10 15.09 -20.17 49.96
C GLN X 10 14.00 -21.22 50.05
N ASP X 11 12.87 -20.87 50.64
CA ASP X 11 11.82 -21.85 50.80
C ASP X 11 10.44 -21.43 50.32
N SER X 12 10.41 -20.63 49.27
CA SER X 12 9.15 -20.20 48.70
C SER X 12 9.37 -19.38 47.45
N VAL X 13 8.27 -19.13 46.74
CA VAL X 13 8.31 -18.34 45.53
C VAL X 13 7.32 -17.21 45.78
N ILE X 14 7.72 -16.00 45.39
CA ILE X 14 6.87 -14.84 45.57
C ILE X 14 6.47 -14.28 44.22
N LEU X 15 5.17 -14.03 44.08
CA LEU X 15 4.63 -13.47 42.84
C LEU X 15 3.97 -12.14 43.14
N ALA X 16 4.34 -11.13 42.37
CA ALA X 16 3.78 -9.80 42.53
C ALA X 16 3.12 -9.48 41.20
N SER X 17 1.88 -9.00 41.24
CA SER X 17 1.13 -8.71 40.02
C SER X 17 0.37 -7.41 40.15
N SER X 18 0.53 -6.52 39.17
CA SER X 18 -0.14 -5.22 39.21
C SER X 18 -1.65 -5.40 39.33
N LYS X 19 -2.29 -4.46 40.02
CA LYS X 19 -3.72 -4.50 40.27
C LYS X 19 -4.55 -3.69 39.30
N ALA X 20 -3.91 -2.84 38.51
CA ALA X 20 -4.64 -2.00 37.57
C ALA X 20 -5.17 -2.72 36.34
N VAL X 21 -6.39 -2.34 35.94
CA VAL X 21 -7.05 -2.87 34.75
C VAL X 21 -7.49 -1.64 33.96
N THR X 22 -6.71 -1.32 32.94
CA THR X 22 -6.95 -0.16 32.10
C THR X 22 -7.56 -0.55 30.77
N ARG X 23 -8.58 0.20 30.35
CA ARG X 23 -9.23 -0.04 29.06
C ARG X 23 -9.26 1.25 28.27
N GLY X 24 -8.19 1.48 27.52
CA GLY X 24 -8.08 2.67 26.70
C GLY X 24 -7.78 3.93 27.47
N ILE X 25 -8.81 4.76 27.62
CA ILE X 25 -8.70 6.04 28.32
C ILE X 25 -8.98 5.96 29.81
N SER X 26 -9.69 4.91 30.24
CA SER X 26 -10.03 4.78 31.65
C SER X 26 -9.46 3.55 32.36
N VAL X 27 -9.14 3.73 33.64
CA VAL X 27 -8.64 2.64 34.48
C VAL X 27 -9.93 2.13 35.12
N LEU X 28 -10.39 0.96 34.68
CA LEU X 28 -11.64 0.37 35.18
C LEU X 28 -11.59 -0.23 36.58
N LYS X 29 -10.44 -0.79 36.95
CA LYS X 29 -10.32 -1.43 38.25
C LYS X 29 -8.90 -1.23 38.80
N ASP X 30 -8.74 -1.34 40.11
CA ASP X 30 -7.43 -1.16 40.75
C ASP X 30 -7.18 -2.23 41.80
N SER X 31 -7.94 -3.31 41.72
CA SER X 31 -7.83 -4.40 42.66
C SER X 31 -7.98 -5.71 41.90
N ASP X 32 -7.34 -5.81 40.76
CA ASP X 32 -7.43 -7.02 39.96
C ASP X 32 -6.36 -8.04 40.34
N ASP X 33 -6.80 -9.25 40.64
CA ASP X 33 -5.89 -10.32 41.00
C ASP X 33 -5.54 -11.15 39.75
N LYS X 34 -4.41 -10.85 39.16
CA LYS X 34 -3.98 -11.53 37.94
C LYS X 34 -3.37 -12.89 38.17
N THR X 35 -4.09 -13.74 38.88
CA THR X 35 -3.58 -15.07 39.20
C THR X 35 -4.64 -16.15 39.39
N ARG X 36 -4.27 -17.41 39.16
CA ARG X 36 -5.16 -18.55 39.38
C ARG X 36 -4.37 -19.63 40.12
N GLN X 37 -5.03 -20.37 41.00
CA GLN X 37 -4.36 -21.44 41.73
C GLN X 37 -4.59 -22.74 40.97
N LEU X 38 -3.51 -23.33 40.46
CA LEU X 38 -3.62 -24.56 39.69
C LEU X 38 -3.76 -25.79 40.59
N SER X 39 -3.17 -25.72 41.78
CA SER X 39 -3.24 -26.80 42.77
C SER X 39 -2.79 -26.22 44.10
N PRO X 40 -3.11 -26.89 45.22
CA PRO X 40 -2.72 -26.39 46.55
C PRO X 40 -1.32 -25.78 46.67
N HIS X 41 -0.35 -26.31 45.92
CA HIS X 41 1.02 -25.80 45.98
C HIS X 41 1.56 -25.19 44.68
N THR X 42 0.65 -24.85 43.76
CA THR X 42 1.05 -24.24 42.49
C THR X 42 0.16 -23.06 42.12
N LEU X 43 0.81 -21.92 41.88
CA LEU X 43 0.11 -20.69 41.51
C LEU X 43 0.64 -20.14 40.19
N MET X 44 -0.26 -19.63 39.36
CA MET X 44 0.15 -19.07 38.08
C MET X 44 -0.36 -17.65 37.89
N SER X 45 0.55 -16.74 37.56
CA SER X 45 0.20 -15.33 37.31
C SER X 45 0.20 -15.15 35.80
N PHE X 46 -0.48 -14.12 35.31
CA PHE X 46 -0.55 -13.92 33.86
C PHE X 46 -0.84 -12.49 33.37
N ALA X 47 -0.45 -12.24 32.12
CA ALA X 47 -0.66 -10.94 31.49
C ALA X 47 -0.68 -11.13 29.97
N GLY X 48 -1.36 -10.23 29.25
CA GLY X 48 -1.44 -10.33 27.80
C GLY X 48 -2.76 -9.86 27.21
N GLU X 49 -3.14 -10.44 26.08
CA GLU X 49 -4.37 -10.10 25.36
C GLU X 49 -5.62 -10.12 26.28
N ALA X 50 -6.52 -9.18 26.06
CA ALA X 50 -7.73 -9.05 26.87
C ALA X 50 -8.50 -10.30 27.25
N GLY X 51 -9.11 -10.99 26.30
CA GLY X 51 -9.88 -12.16 26.70
C GLY X 51 -9.05 -13.39 26.97
N ASP X 52 -8.08 -13.63 26.10
CA ASP X 52 -7.19 -14.78 26.15
C ASP X 52 -6.58 -15.07 27.51
N THR X 53 -6.15 -14.02 28.16
CA THR X 53 -5.52 -14.09 29.47
C THR X 53 -6.23 -15.00 30.47
N VAL X 54 -7.43 -14.63 30.90
CA VAL X 54 -8.18 -15.41 31.86
C VAL X 54 -8.69 -16.71 31.26
N GLN X 55 -9.11 -16.67 29.99
CA GLN X 55 -9.60 -17.88 29.34
C GLN X 55 -8.54 -18.97 29.40
N PHE X 56 -7.29 -18.58 29.17
CA PHE X 56 -6.20 -19.56 29.22
C PHE X 56 -5.95 -20.05 30.62
N ALA X 57 -5.83 -19.11 31.56
CA ALA X 57 -5.59 -19.46 32.94
C ALA X 57 -6.64 -20.42 33.49
N GLU X 58 -7.93 -20.12 33.30
CA GLU X 58 -8.98 -20.98 33.80
C GLU X 58 -8.98 -22.35 33.11
N TYR X 59 -8.64 -22.36 31.83
CA TYR X 59 -8.58 -23.62 31.08
C TYR X 59 -7.48 -24.49 31.68
N ILE X 60 -6.35 -23.89 32.00
CA ILE X 60 -5.25 -24.65 32.59
C ILE X 60 -5.67 -25.15 33.97
N GLN X 61 -6.25 -24.26 34.76
CA GLN X 61 -6.70 -24.62 36.09
C GLN X 61 -7.61 -25.83 36.05
N ALA X 62 -8.67 -25.73 35.27
CA ALA X 62 -9.63 -26.81 35.15
C ALA X 62 -8.92 -28.13 34.86
N ASN X 63 -7.95 -28.12 33.95
CA ASN X 63 -7.25 -29.34 33.63
C ASN X 63 -6.39 -29.92 34.74
N ILE X 64 -5.67 -29.06 35.45
CA ILE X 64 -4.83 -29.55 36.54
C ILE X 64 -5.72 -30.10 37.66
N GLN X 65 -6.86 -29.44 37.92
CA GLN X 65 -7.77 -29.91 38.95
C GLN X 65 -8.31 -31.28 38.55
N LEU X 66 -8.56 -31.49 37.26
CA LEU X 66 -9.06 -32.78 36.78
C LEU X 66 -7.99 -33.85 37.02
N TYR X 67 -6.74 -33.55 36.66
CA TYR X 67 -5.66 -34.51 36.86
C TYR X 67 -5.56 -34.89 38.34
N SER X 68 -5.65 -33.89 39.21
CA SER X 68 -5.56 -34.12 40.65
C SER X 68 -6.62 -35.11 41.11
N ILE X 69 -7.87 -34.90 40.75
CA ILE X 69 -8.90 -35.82 41.17
C ILE X 69 -8.73 -37.23 40.60
N ARG X 70 -8.46 -37.32 39.30
CA ARG X 70 -8.29 -38.63 38.68
C ARG X 70 -7.17 -39.44 39.30
N GLU X 71 -6.06 -38.77 39.58
CA GLU X 71 -4.90 -39.44 40.15
C GLU X 71 -4.76 -39.30 41.67
N ASP X 72 -5.62 -38.49 42.28
CA ASP X 72 -5.54 -38.25 43.73
C ASP X 72 -4.08 -37.94 44.01
N TYR X 73 -3.56 -36.95 43.31
CA TYR X 73 -2.15 -36.59 43.46
C TYR X 73 -1.96 -35.19 42.91
N GLU X 74 -0.94 -34.48 43.39
CA GLU X 74 -0.66 -33.15 42.90
C GLU X 74 0.60 -33.18 42.06
N LEU X 75 0.45 -32.93 40.77
CA LEU X 75 1.58 -32.93 39.85
C LEU X 75 2.64 -31.97 40.33
N SER X 76 3.91 -32.33 40.11
CA SER X 76 4.98 -31.45 40.53
C SER X 76 4.90 -30.13 39.76
N PRO X 77 5.55 -29.08 40.28
CA PRO X 77 5.51 -27.79 39.60
C PRO X 77 6.10 -27.95 38.21
N GLN X 78 7.20 -28.69 38.11
CA GLN X 78 7.85 -28.90 36.84
C GLN X 78 6.91 -29.54 35.82
N ALA X 79 6.14 -30.53 36.27
CA ALA X 79 5.21 -31.22 35.39
C ALA X 79 4.10 -30.26 34.96
N VAL X 80 3.60 -29.47 35.90
CA VAL X 80 2.55 -28.52 35.59
C VAL X 80 3.06 -27.51 34.57
N SER X 81 4.30 -27.06 34.74
CA SER X 81 4.86 -26.08 33.84
C SER X 81 5.09 -26.65 32.44
N SER X 82 5.39 -27.94 32.35
CA SER X 82 5.63 -28.56 31.04
C SER X 82 4.30 -28.67 30.29
N PHE X 83 3.24 -28.99 31.04
CA PHE X 83 1.93 -29.10 30.45
C PHE X 83 1.53 -27.74 29.89
N VAL X 84 1.75 -26.70 30.67
CA VAL X 84 1.41 -25.35 30.25
C VAL X 84 2.22 -24.89 29.03
N ARG X 85 3.50 -25.28 28.96
CA ARG X 85 4.29 -24.88 27.81
C ARG X 85 3.73 -25.55 26.57
N GLN X 86 3.45 -26.85 26.67
CA GLN X 86 2.90 -27.58 25.52
C GLN X 86 1.64 -26.90 25.02
N GLU X 87 0.75 -26.51 25.92
CA GLU X 87 -0.48 -25.84 25.52
C GLU X 87 -0.20 -24.52 24.78
N LEU X 88 0.70 -23.71 25.28
CA LEU X 88 1.01 -22.45 24.62
C LEU X 88 1.71 -22.71 23.29
N ALA X 89 2.55 -23.74 23.22
CA ALA X 89 3.24 -24.05 21.97
C ALA X 89 2.23 -24.42 20.86
N LYS X 90 1.12 -25.05 21.24
CA LYS X 90 0.07 -25.43 20.27
C LYS X 90 -0.56 -24.12 19.79
N SER X 91 -1.03 -23.34 20.76
CA SER X 91 -1.67 -22.08 20.47
C SER X 91 -0.94 -21.25 19.42
N ILE X 92 0.38 -21.28 19.47
CA ILE X 92 1.15 -20.47 18.55
C ILE X 92 0.95 -20.76 17.06
N ARG X 93 0.60 -21.99 16.73
CA ARG X 93 0.37 -22.34 15.31
C ARG X 93 -1.11 -22.64 15.04
N SER X 94 -2.00 -22.17 15.92
CA SER X 94 -3.44 -22.38 15.79
C SER X 94 -4.10 -21.26 14.97
N ARG X 95 -5.41 -21.36 14.78
CA ARG X 95 -6.14 -20.37 14.00
C ARG X 95 -6.08 -18.99 14.65
N ARG X 96 -6.25 -18.94 15.97
CA ARG X 96 -6.17 -17.67 16.69
C ARG X 96 -5.45 -17.91 18.02
N PRO X 97 -4.13 -17.71 18.03
CA PRO X 97 -3.24 -17.89 19.19
C PRO X 97 -3.54 -17.07 20.45
N TYR X 98 -3.44 -17.74 21.60
CA TYR X 98 -3.62 -17.12 22.91
C TYR X 98 -2.41 -16.21 23.09
N GLN X 99 -2.65 -14.92 23.29
CA GLN X 99 -1.53 -14.01 23.54
C GLN X 99 -1.45 -13.84 25.06
N VAL X 100 -0.85 -14.83 25.72
CA VAL X 100 -0.72 -14.83 27.16
C VAL X 100 0.68 -15.21 27.62
N ASN X 101 1.18 -14.48 28.62
CA ASN X 101 2.49 -14.73 29.20
C ASN X 101 2.24 -15.08 30.66
N VAL X 102 2.91 -16.11 31.15
CA VAL X 102 2.67 -16.52 32.52
C VAL X 102 3.92 -16.84 33.33
N LEU X 103 3.72 -16.79 34.63
CA LEU X 103 4.76 -17.12 35.59
C LEU X 103 4.14 -18.22 36.43
N ILE X 104 4.87 -19.31 36.63
CA ILE X 104 4.34 -20.36 37.46
C ILE X 104 5.24 -20.53 38.68
N GLY X 105 4.63 -20.31 39.84
CA GLY X 105 5.34 -20.44 41.11
C GLY X 105 4.78 -21.61 41.90
N GLY X 106 5.64 -22.57 42.21
CA GLY X 106 5.17 -23.73 42.97
C GLY X 106 6.20 -24.30 43.92
N TYR X 107 5.71 -25.08 44.88
CA TYR X 107 6.58 -25.72 45.85
C TYR X 107 6.43 -27.23 45.67
N ASP X 108 7.54 -27.87 45.28
CA ASP X 108 7.57 -29.32 45.06
C ASP X 108 7.63 -30.02 46.41
N LYS X 109 6.50 -30.53 46.86
CA LYS X 109 6.43 -31.21 48.16
C LYS X 109 7.28 -32.47 48.23
N LYS X 110 7.78 -32.95 47.10
CA LYS X 110 8.62 -34.14 47.09
C LYS X 110 10.10 -33.75 47.18
N LYS X 111 10.51 -32.79 46.36
CA LYS X 111 11.89 -32.30 46.36
C LYS X 111 12.10 -31.35 47.56
N ASN X 112 11.00 -30.79 48.05
CA ASN X 112 11.00 -29.84 49.16
C ASN X 112 11.77 -28.59 48.77
N LYS X 113 11.49 -28.10 47.58
CA LYS X 113 12.15 -26.92 47.05
C LYS X 113 11.16 -26.07 46.29
N PRO X 114 11.33 -24.74 46.34
CA PRO X 114 10.43 -23.84 45.63
C PRO X 114 10.92 -23.69 44.18
N GLU X 115 10.01 -23.49 43.25
CA GLU X 115 10.40 -23.35 41.85
C GLU X 115 9.63 -22.26 41.10
N LEU X 116 10.34 -21.51 40.25
CA LEU X 116 9.74 -20.45 39.46
C LEU X 116 9.92 -20.71 37.96
N TYR X 117 8.81 -20.71 37.24
CA TYR X 117 8.83 -20.93 35.80
C TYR X 117 8.26 -19.75 35.01
N GLN X 118 9.00 -19.34 33.98
CA GLN X 118 8.58 -18.25 33.14
C GLN X 118 8.28 -18.82 31.76
N ILE X 119 7.08 -18.55 31.26
CA ILE X 119 6.68 -19.03 29.95
C ILE X 119 5.94 -17.91 29.19
N ASP X 120 6.39 -17.62 27.96
CA ASP X 120 5.71 -16.58 27.16
C ASP X 120 4.71 -17.22 26.20
N TYR X 121 3.94 -16.37 25.52
CA TYR X 121 2.91 -16.83 24.60
C TYR X 121 3.39 -17.76 23.49
N LEU X 122 4.69 -17.83 23.25
CA LEU X 122 5.22 -18.72 22.22
C LEU X 122 5.49 -20.11 22.77
N GLY X 123 5.37 -20.26 24.08
CA GLY X 123 5.67 -21.54 24.69
C GLY X 123 7.17 -21.61 24.98
N THR X 124 7.77 -20.45 25.24
CA THR X 124 9.19 -20.35 25.58
C THR X 124 9.25 -20.50 27.10
N LYS X 125 9.78 -21.63 27.57
CA LYS X 125 9.86 -21.87 29.00
C LYS X 125 11.29 -21.87 29.50
N VAL X 126 11.47 -21.24 30.65
CA VAL X 126 12.77 -21.18 31.27
C VAL X 126 12.57 -21.12 32.80
N GLU X 127 13.44 -21.78 33.55
CA GLU X 127 13.35 -21.79 35.02
C GLU X 127 14.30 -20.73 35.56
N LEU X 128 13.84 -19.95 36.53
CA LEU X 128 14.67 -18.86 37.04
C LEU X 128 14.57 -18.56 38.53
N PRO X 129 15.58 -17.84 39.06
CA PRO X 129 15.67 -17.43 40.46
C PRO X 129 14.59 -16.35 40.61
N TYR X 130 14.45 -15.55 39.55
CA TYR X 130 13.49 -14.46 39.48
C TYR X 130 13.29 -14.12 38.01
N GLY X 131 12.09 -13.65 37.68
CA GLY X 131 11.79 -13.30 36.31
C GLY X 131 10.60 -12.37 36.23
N ALA X 132 10.30 -11.90 35.01
CA ALA X 132 9.19 -11.00 34.77
C ALA X 132 8.83 -11.00 33.30
N HIS X 133 7.61 -10.59 32.98
CA HIS X 133 7.19 -10.52 31.59
C HIS X 133 7.00 -9.07 31.17
N GLY X 134 7.12 -8.80 29.89
CA GLY X 134 6.92 -7.45 29.41
C GLY X 134 8.14 -6.61 29.64
N TYR X 135 7.92 -5.37 30.06
CA TYR X 135 9.00 -4.44 30.31
C TYR X 135 9.50 -4.43 31.74
N SER X 136 8.69 -5.00 32.64
CA SER X 136 9.02 -5.04 34.06
C SER X 136 10.47 -5.40 34.35
N GLY X 137 11.01 -6.38 33.64
CA GLY X 137 12.39 -6.80 33.88
C GLY X 137 13.39 -5.68 33.63
N PHE X 138 13.08 -4.84 32.65
CA PHE X 138 13.95 -3.73 32.29
C PHE X 138 14.32 -2.77 33.42
N TYR X 139 13.42 -2.62 34.40
CA TYR X 139 13.67 -1.71 35.51
C TYR X 139 14.09 -2.46 36.76
N THR X 140 13.64 -3.71 36.89
CA THR X 140 13.93 -4.51 38.07
C THR X 140 15.12 -5.49 38.02
N PHE X 141 15.42 -6.06 36.87
CA PHE X 141 16.52 -7.00 36.79
C PHE X 141 17.86 -6.52 37.34
N SER X 142 18.22 -5.27 37.09
CA SER X 142 19.50 -4.77 37.59
C SER X 142 19.55 -4.84 39.12
N LEU X 143 18.41 -4.61 39.76
CA LEU X 143 18.32 -4.69 41.22
C LEU X 143 18.49 -6.14 41.71
N LEU X 144 17.70 -7.04 41.11
CA LEU X 144 17.74 -8.45 41.47
C LEU X 144 19.12 -9.06 41.17
N ASP X 145 19.65 -8.80 39.97
CA ASP X 145 20.97 -9.34 39.62
C ASP X 145 21.98 -9.00 40.70
N HIS X 146 21.77 -7.85 41.33
CA HIS X 146 22.65 -7.36 42.37
C HIS X 146 22.44 -7.98 43.74
N HIS X 147 21.26 -7.77 44.30
CA HIS X 147 20.93 -8.26 45.63
C HIS X 147 20.40 -9.67 45.80
N TYR X 148 19.89 -10.29 44.74
CA TYR X 148 19.38 -11.64 44.88
C TYR X 148 20.41 -12.67 45.37
N ARG X 149 19.97 -13.50 46.32
CA ARG X 149 20.78 -14.57 46.90
C ARG X 149 19.87 -15.80 47.10
N PRO X 150 20.32 -16.98 46.64
CA PRO X 150 19.59 -18.25 46.74
C PRO X 150 19.07 -18.60 48.13
N ASP X 151 19.85 -18.24 49.15
CA ASP X 151 19.48 -18.53 50.54
C ASP X 151 18.64 -17.43 51.19
N MET X 152 18.13 -16.49 50.41
CA MET X 152 17.31 -15.41 50.96
C MET X 152 16.13 -15.96 51.73
N THR X 153 15.60 -15.16 52.65
CA THR X 153 14.44 -15.58 53.42
C THR X 153 13.23 -14.93 52.76
N THR X 154 12.06 -15.50 53.01
CA THR X 154 10.84 -14.96 52.45
C THR X 154 10.71 -13.48 52.79
N GLU X 155 11.22 -13.10 53.96
CA GLU X 155 11.15 -11.70 54.36
C GLU X 155 12.12 -10.84 53.56
N GLU X 156 13.33 -11.35 53.33
CA GLU X 156 14.33 -10.64 52.56
C GLU X 156 13.82 -10.48 51.14
N GLY X 157 13.21 -11.54 50.62
CA GLY X 157 12.65 -11.50 49.28
C GLY X 157 11.65 -10.37 49.22
N LEU X 158 10.61 -10.45 50.03
CA LEU X 158 9.59 -9.41 50.05
C LEU X 158 10.19 -8.01 50.13
N ASP X 159 11.36 -7.89 50.75
CA ASP X 159 12.00 -6.60 50.87
C ASP X 159 12.64 -6.19 49.54
N LEU X 160 13.33 -7.14 48.92
CA LEU X 160 13.98 -6.90 47.64
C LEU X 160 12.90 -6.60 46.61
N LEU X 161 11.73 -7.21 46.80
CA LEU X 161 10.60 -7.03 45.89
C LEU X 161 10.07 -5.61 46.05
N LYS X 162 9.87 -5.20 47.30
CA LYS X 162 9.38 -3.86 47.59
C LYS X 162 10.33 -2.87 46.93
N LEU X 163 11.60 -3.23 46.89
CA LEU X 163 12.61 -2.39 46.29
C LEU X 163 12.34 -2.25 44.80
N CYS X 164 12.00 -3.37 44.17
CA CYS X 164 11.70 -3.41 42.74
C CYS X 164 10.45 -2.60 42.42
N VAL X 165 9.38 -2.83 43.17
CA VAL X 165 8.13 -2.10 42.93
C VAL X 165 8.33 -0.60 43.02
N GLN X 166 9.25 -0.16 43.86
CA GLN X 166 9.50 1.28 44.00
C GLN X 166 10.17 1.85 42.75
N GLU X 167 11.11 1.09 42.20
CA GLU X 167 11.81 1.51 41.00
C GLU X 167 10.81 1.60 39.85
N LEU X 168 9.86 0.67 39.83
CA LEU X 168 8.83 0.66 38.79
C LEU X 168 7.90 1.86 38.98
N GLU X 169 7.67 2.24 40.22
CA GLU X 169 6.80 3.37 40.46
C GLU X 169 7.50 4.68 40.14
N LYS X 170 8.82 4.66 40.13
CA LYS X 170 9.57 5.86 39.85
C LYS X 170 9.78 6.09 38.35
N ARG X 171 10.30 5.10 37.66
CA ARG X 171 10.61 5.20 36.24
C ARG X 171 9.59 4.76 35.17
N MET X 172 8.61 3.94 35.54
CA MET X 172 7.63 3.50 34.55
C MET X 172 6.51 4.52 34.36
N PRO X 173 6.22 4.89 33.10
CA PRO X 173 5.20 5.85 32.70
C PRO X 173 3.77 5.63 33.16
N MET X 174 3.40 4.37 33.34
CA MET X 174 2.02 4.08 33.73
C MET X 174 1.80 3.81 35.22
N ASP X 175 0.60 4.14 35.67
CA ASP X 175 0.19 3.95 37.06
C ASP X 175 -0.46 2.57 37.17
N PHE X 176 0.32 1.56 37.54
CA PHE X 176 -0.22 0.21 37.64
C PHE X 176 -0.98 -0.09 38.92
N LYS X 177 -1.27 0.95 39.70
CA LYS X 177 -2.02 0.83 40.95
C LYS X 177 -1.51 -0.21 41.96
N GLY X 178 -0.19 -0.35 42.05
CA GLY X 178 0.41 -1.28 42.99
C GLY X 178 0.31 -2.74 42.59
N VAL X 179 0.84 -3.61 43.44
CA VAL X 179 0.82 -5.04 43.19
C VAL X 179 0.17 -5.85 44.30
N ILE X 180 -0.25 -7.07 43.98
CA ILE X 180 -0.81 -7.98 44.96
C ILE X 180 0.30 -9.02 45.06
N VAL X 181 0.73 -9.31 46.28
CA VAL X 181 1.81 -10.27 46.46
C VAL X 181 1.29 -11.58 47.02
N LYS X 182 1.87 -12.68 46.57
CA LYS X 182 1.47 -13.99 47.05
C LYS X 182 2.68 -14.88 47.25
N ILE X 183 2.59 -15.76 48.24
CA ILE X 183 3.69 -16.65 48.55
C ILE X 183 3.27 -18.10 48.45
N VAL X 184 4.13 -18.91 47.86
CA VAL X 184 3.89 -20.35 47.72
C VAL X 184 5.05 -21.04 48.42
N ASP X 185 4.72 -21.87 49.41
CA ASP X 185 5.73 -22.59 50.18
C ASP X 185 5.18 -23.96 50.53
N LYS X 186 5.90 -24.66 51.39
CA LYS X 186 5.51 -25.99 51.81
C LYS X 186 4.08 -26.05 52.36
N ASP X 187 3.61 -24.97 52.95
CA ASP X 187 2.27 -24.97 53.51
C ASP X 187 1.16 -24.49 52.59
N GLY X 188 1.53 -24.15 51.35
CA GLY X 188 0.52 -23.72 50.42
C GLY X 188 0.70 -22.32 49.84
N ILE X 189 -0.43 -21.70 49.51
CA ILE X 189 -0.44 -20.38 48.90
C ILE X 189 -1.12 -19.40 49.84
N ARG X 190 -0.51 -18.22 50.04
CA ARG X 190 -1.08 -17.20 50.89
C ARG X 190 -0.79 -15.80 50.32
N GLN X 191 -1.69 -14.87 50.58
CA GLN X 191 -1.53 -13.51 50.09
C GLN X 191 -1.10 -12.53 51.18
N VAL X 192 -0.05 -11.77 50.89
CA VAL X 192 0.48 -10.79 51.83
C VAL X 192 -0.37 -9.54 51.77
N ASP X 193 -1.61 -9.63 52.23
CA ASP X 193 -2.57 -8.53 52.21
C ASP X 193 -2.08 -7.17 52.73
N ASP X 194 -0.84 -7.11 53.21
CA ASP X 194 -0.27 -5.86 53.71
C ASP X 194 1.07 -5.53 53.05
N PHE X 195 1.01 -5.08 51.80
CA PHE X 195 2.21 -4.72 51.06
C PHE X 195 2.04 -3.28 50.58
N GLN X 196 0.83 -2.76 50.76
CA GLN X 196 0.48 -1.39 50.37
C GLN X 196 1.26 -0.39 51.24
N ALA X 197 2.10 -0.93 52.12
CA ALA X 197 2.94 -0.16 53.04
C ALA X 197 3.69 -1.13 53.97
N GLN X 198 4.43 -2.06 53.37
CA GLN X 198 5.19 -3.07 54.12
C GLN X 198 6.68 -2.74 54.18
N THR Y 1 -22.70 7.45 23.29
CA THR Y 1 -23.22 6.51 24.32
C THR Y 1 -22.59 6.69 25.68
N THR Y 2 -23.42 6.64 26.70
CA THR Y 2 -22.94 6.73 28.08
C THR Y 2 -23.81 5.77 28.91
N THR Y 3 -23.15 4.84 29.58
CA THR Y 3 -23.85 3.87 30.41
C THR Y 3 -23.09 3.63 31.70
N LEU Y 4 -23.79 3.59 32.81
CA LEU Y 4 -23.15 3.33 34.08
C LEU Y 4 -23.98 2.37 34.91
N ALA Y 5 -23.35 1.80 35.93
CA ALA Y 5 -24.00 0.88 36.83
C ALA Y 5 -23.10 0.79 38.05
N PHE Y 6 -23.68 1.01 39.22
CA PHE Y 6 -22.91 0.93 40.45
C PHE Y 6 -23.69 0.20 41.54
N ARG Y 7 -22.93 -0.42 42.44
CA ARG Y 7 -23.43 -1.21 43.56
C ARG Y 7 -23.51 -0.32 44.79
N PHE Y 8 -24.53 -0.52 45.62
CA PHE Y 8 -24.65 0.27 46.84
C PHE Y 8 -25.57 -0.40 47.86
N GLN Y 9 -25.61 0.17 49.06
CA GLN Y 9 -26.43 -0.33 50.16
C GLN Y 9 -27.79 -0.87 49.69
N GLY Y 10 -28.47 -0.13 48.82
CA GLY Y 10 -29.79 -0.56 48.35
C GLY Y 10 -29.87 -1.44 47.11
N GLY Y 11 -28.72 -1.91 46.62
CA GLY Y 11 -28.70 -2.75 45.44
C GLY Y 11 -27.86 -2.17 44.31
N ILE Y 12 -28.44 -2.07 43.11
CA ILE Y 12 -27.72 -1.52 41.96
C ILE Y 12 -28.52 -0.46 41.22
N ILE Y 13 -27.82 0.58 40.78
CA ILE Y 13 -28.42 1.66 40.01
C ILE Y 13 -27.88 1.56 38.59
N VAL Y 14 -28.77 1.56 37.61
CA VAL Y 14 -28.38 1.49 36.22
C VAL Y 14 -28.94 2.70 35.50
N ALA Y 15 -28.05 3.48 34.89
CA ALA Y 15 -28.43 4.69 34.17
C ALA Y 15 -27.72 4.74 32.81
N VAL Y 16 -28.49 5.03 31.77
CA VAL Y 16 -27.96 5.10 30.41
C VAL Y 16 -28.57 6.29 29.67
N ASP Y 17 -28.00 6.61 28.51
CA ASP Y 17 -28.53 7.69 27.68
C ASP Y 17 -29.31 6.99 26.58
N SER Y 18 -29.75 7.71 25.56
CA SER Y 18 -30.52 7.03 24.53
C SER Y 18 -30.32 7.55 23.13
N ARG Y 19 -29.11 8.04 22.84
CA ARG Y 19 -28.81 8.55 21.52
C ARG Y 19 -28.08 7.55 20.64
N ALA Y 20 -28.38 7.60 19.36
CA ALA Y 20 -27.76 6.74 18.37
C ALA Y 20 -27.23 7.63 17.27
N THR Y 21 -25.96 7.50 16.96
CA THR Y 21 -25.36 8.30 15.89
C THR Y 21 -24.68 7.43 14.85
N ALA Y 22 -24.80 7.84 13.60
CA ALA Y 22 -24.15 7.19 12.48
C ALA Y 22 -23.32 8.35 11.96
N GLY Y 23 -22.08 8.45 12.42
CA GLY Y 23 -21.24 9.56 12.01
C GLY Y 23 -21.68 10.74 12.83
N ASN Y 24 -22.03 11.85 12.18
CA ASN Y 24 -22.48 13.05 12.88
C ASN Y 24 -24.00 13.01 12.91
N TRP Y 25 -24.56 12.07 12.17
CA TRP Y 25 -26.01 11.95 12.08
C TRP Y 25 -26.61 11.30 13.32
N VAL Y 26 -27.54 12.01 13.93
CA VAL Y 26 -28.24 11.51 15.09
C VAL Y 26 -29.40 10.67 14.55
N ALA Y 27 -29.20 9.36 14.53
CA ALA Y 27 -30.19 8.44 14.03
C ALA Y 27 -31.39 8.29 14.97
N SER Y 28 -31.15 8.42 16.27
CA SER Y 28 -32.23 8.30 17.23
C SER Y 28 -31.86 8.81 18.61
N GLN Y 29 -32.88 9.22 19.35
CA GLN Y 29 -32.72 9.71 20.71
C GLN Y 29 -33.68 8.94 21.60
N THR Y 30 -34.20 7.83 21.06
CA THR Y 30 -35.16 6.98 21.76
C THR Y 30 -34.78 5.50 21.72
N VAL Y 31 -33.52 5.22 22.04
CA VAL Y 31 -33.00 3.86 22.05
C VAL Y 31 -32.99 3.32 23.47
N LYS Y 32 -33.38 2.07 23.64
CA LYS Y 32 -33.35 1.47 24.97
C LYS Y 32 -31.98 0.85 25.15
N LYS Y 33 -31.10 1.55 25.87
CA LYS Y 33 -29.75 1.05 26.09
C LYS Y 33 -29.66 0.13 27.30
N VAL Y 34 -30.81 -0.11 27.92
CA VAL Y 34 -30.85 -1.04 29.03
C VAL Y 34 -31.67 -2.18 28.46
N ILE Y 35 -31.11 -3.38 28.48
CA ILE Y 35 -31.81 -4.54 27.97
C ILE Y 35 -32.30 -5.37 29.14
N GLU Y 36 -33.60 -5.62 29.16
CA GLU Y 36 -34.20 -6.39 30.24
C GLU Y 36 -34.09 -7.89 30.00
N ILE Y 37 -32.93 -8.45 30.34
CA ILE Y 37 -32.65 -9.87 30.19
C ILE Y 37 -33.81 -10.71 30.71
N ASN Y 38 -34.26 -10.38 31.92
CA ASN Y 38 -35.41 -11.02 32.56
C ASN Y 38 -35.72 -10.17 33.79
N PRO Y 39 -36.81 -10.47 34.51
CA PRO Y 39 -37.18 -9.69 35.70
C PRO Y 39 -36.13 -9.44 36.78
N PHE Y 40 -35.04 -10.19 36.76
CA PHE Y 40 -34.01 -10.03 37.79
C PHE Y 40 -32.64 -9.66 37.26
N LEU Y 41 -32.51 -9.57 35.93
CA LEU Y 41 -31.23 -9.24 35.31
C LEU Y 41 -31.31 -8.13 34.29
N LEU Y 42 -30.32 -7.24 34.30
CA LEU Y 42 -30.26 -6.13 33.35
C LEU Y 42 -28.92 -6.12 32.59
N GLY Y 43 -28.96 -5.62 31.35
CA GLY Y 43 -27.78 -5.50 30.53
C GLY Y 43 -27.77 -4.11 29.92
N THR Y 44 -26.60 -3.51 29.81
CA THR Y 44 -26.48 -2.17 29.22
C THR Y 44 -25.95 -2.26 27.80
N MET Y 45 -26.36 -1.33 26.95
CA MET Y 45 -25.95 -1.31 25.55
C MET Y 45 -24.90 -0.27 25.21
N ALA Y 46 -23.73 -0.75 24.79
CA ALA Y 46 -22.63 0.14 24.38
C ALA Y 46 -21.88 -0.60 23.28
N GLY Y 47 -21.49 0.13 22.24
CA GLY Y 47 -20.81 -0.49 21.12
C GLY Y 47 -21.83 -0.67 20.00
N GLY Y 48 -22.02 -1.90 19.53
CA GLY Y 48 -22.98 -2.13 18.47
C GLY Y 48 -24.36 -2.50 19.01
N ALA Y 49 -25.36 -1.71 18.68
CA ALA Y 49 -26.74 -1.95 19.14
C ALA Y 49 -27.23 -3.37 18.87
N ALA Y 50 -27.22 -3.78 17.61
CA ALA Y 50 -27.67 -5.12 17.25
C ALA Y 50 -26.93 -6.16 18.08
N ASP Y 51 -25.60 -6.04 18.15
CA ASP Y 51 -24.81 -7.00 18.91
C ASP Y 51 -25.28 -7.16 20.36
N CYS Y 52 -25.45 -6.06 21.06
CA CYS Y 52 -25.90 -6.12 22.45
C CYS Y 52 -27.34 -6.62 22.53
N GLN Y 53 -28.22 -5.95 21.81
CA GLN Y 53 -29.63 -6.29 21.78
C GLN Y 53 -29.90 -7.78 21.49
N PHE Y 54 -29.26 -8.29 20.45
CA PHE Y 54 -29.42 -9.67 20.05
C PHE Y 54 -28.90 -10.69 21.06
N TRP Y 55 -27.61 -10.65 21.32
CA TRP Y 55 -27.01 -11.60 22.23
C TRP Y 55 -27.50 -11.53 23.66
N GLU Y 56 -27.95 -10.37 24.11
CA GLU Y 56 -28.45 -10.31 25.48
C GLU Y 56 -29.88 -10.82 25.56
N THR Y 57 -30.62 -10.73 24.45
CA THR Y 57 -31.96 -11.28 24.40
C THR Y 57 -31.73 -12.80 24.42
N TRP Y 58 -30.75 -13.24 23.63
CA TRP Y 58 -30.37 -14.66 23.57
C TRP Y 58 -30.01 -15.12 24.98
N LEU Y 59 -29.26 -14.27 25.70
CA LEU Y 59 -28.86 -14.60 27.05
C LEU Y 59 -30.09 -14.87 27.87
N GLY Y 60 -31.12 -14.04 27.70
CA GLY Y 60 -32.36 -14.22 28.44
C GLY Y 60 -32.88 -15.64 28.24
N SER Y 61 -32.80 -16.11 27.00
CA SER Y 61 -33.25 -17.44 26.68
C SER Y 61 -32.45 -18.46 27.46
N GLN Y 62 -31.14 -18.33 27.42
CA GLN Y 62 -30.24 -19.26 28.10
C GLN Y 62 -30.49 -19.31 29.61
N CYS Y 63 -30.68 -18.15 30.21
CA CYS Y 63 -30.95 -18.08 31.65
C CYS Y 63 -32.23 -18.83 31.99
N ARG Y 64 -33.29 -18.56 31.22
CA ARG Y 64 -34.58 -19.20 31.43
C ARG Y 64 -34.50 -20.72 31.31
N LEU Y 65 -33.66 -21.19 30.40
CA LEU Y 65 -33.47 -22.61 30.17
C LEU Y 65 -32.70 -23.23 31.33
N HIS Y 66 -31.72 -22.49 31.84
CA HIS Y 66 -30.92 -22.96 32.97
C HIS Y 66 -31.83 -23.14 34.17
N GLU Y 67 -32.73 -22.18 34.36
CA GLU Y 67 -33.64 -22.20 35.48
C GLU Y 67 -34.69 -23.31 35.40
N LEU Y 68 -35.18 -23.62 34.21
CA LEU Y 68 -36.15 -24.69 34.06
C LEU Y 68 -35.47 -26.02 34.35
N ARG Y 69 -34.21 -26.12 33.93
CA ARG Y 69 -33.41 -27.32 34.10
C ARG Y 69 -33.00 -27.59 35.55
N GLU Y 70 -32.49 -26.56 36.22
CA GLU Y 70 -32.03 -26.69 37.59
C GLU Y 70 -33.00 -26.24 38.66
N LYS Y 71 -34.22 -25.91 38.26
CA LYS Y 71 -35.23 -25.46 39.21
C LYS Y 71 -34.65 -24.50 40.23
N GLU Y 72 -33.87 -23.53 39.76
CA GLU Y 72 -33.26 -22.54 40.63
C GLU Y 72 -32.84 -21.29 39.86
N ARG Y 73 -32.97 -20.14 40.51
CA ARG Y 73 -32.62 -18.86 39.90
C ARG Y 73 -31.13 -18.81 39.58
N ILE Y 74 -30.80 -18.43 38.35
CA ILE Y 74 -29.41 -18.37 37.91
C ILE Y 74 -28.62 -17.26 38.58
N SER Y 75 -27.35 -17.52 38.83
CA SER Y 75 -26.47 -16.54 39.47
C SER Y 75 -25.99 -15.51 38.46
N VAL Y 76 -25.72 -14.30 38.95
CA VAL Y 76 -25.23 -13.24 38.07
C VAL Y 76 -23.88 -13.64 37.51
N ALA Y 77 -23.11 -14.38 38.31
CA ALA Y 77 -21.80 -14.84 37.87
C ALA Y 77 -21.93 -15.74 36.65
N ALA Y 78 -22.85 -16.69 36.73
CA ALA Y 78 -23.07 -17.63 35.63
C ALA Y 78 -23.72 -17.00 34.40
N ALA Y 79 -24.67 -16.10 34.61
CA ALA Y 79 -25.36 -15.45 33.49
C ALA Y 79 -24.34 -14.66 32.68
N SER Y 80 -23.45 -13.98 33.38
CA SER Y 80 -22.43 -13.16 32.72
C SER Y 80 -21.41 -14.03 31.99
N LYS Y 81 -21.01 -15.14 32.59
CA LYS Y 81 -20.02 -15.99 31.95
C LYS Y 81 -20.58 -16.66 30.70
N ILE Y 82 -21.89 -16.86 30.65
CA ILE Y 82 -22.49 -17.45 29.47
C ILE Y 82 -22.32 -16.47 28.30
N LEU Y 83 -22.59 -15.19 28.59
CA LEU Y 83 -22.46 -14.16 27.56
C LEU Y 83 -20.99 -13.99 27.21
N SER Y 84 -20.17 -14.03 28.24
CA SER Y 84 -18.73 -13.88 28.06
C SER Y 84 -18.14 -14.99 27.17
N ASN Y 85 -18.48 -16.23 27.46
CA ASN Y 85 -17.95 -17.34 26.70
C ASN Y 85 -18.47 -17.37 25.26
N LEU Y 86 -19.72 -16.94 25.07
CA LEU Y 86 -20.31 -16.90 23.73
C LEU Y 86 -19.50 -15.90 22.92
N VAL Y 87 -19.46 -14.68 23.43
CA VAL Y 87 -18.72 -13.59 22.81
C VAL Y 87 -17.27 -13.96 22.50
N TYR Y 88 -16.65 -14.73 23.38
CA TYR Y 88 -15.26 -15.11 23.17
C TYR Y 88 -15.15 -16.09 22.00
N GLN Y 89 -16.20 -16.83 21.73
CA GLN Y 89 -16.19 -17.77 20.61
C GLN Y 89 -16.10 -16.99 19.30
N TYR Y 90 -16.55 -15.75 19.32
CA TYR Y 90 -16.55 -14.89 18.14
C TYR Y 90 -15.37 -13.92 18.11
N LYS Y 91 -14.48 -14.00 19.10
CA LYS Y 91 -13.34 -13.07 19.13
C LYS Y 91 -12.65 -13.04 17.77
N GLY Y 92 -12.55 -11.83 17.21
CA GLY Y 92 -11.93 -11.63 15.92
C GLY Y 92 -12.91 -11.39 14.79
N ALA Y 93 -14.13 -11.92 14.94
CA ALA Y 93 -15.17 -11.78 13.93
C ALA Y 93 -15.72 -10.38 13.75
N GLY Y 94 -15.56 -9.51 14.75
CA GLY Y 94 -16.07 -8.17 14.61
C GLY Y 94 -17.22 -7.74 15.51
N LEU Y 95 -17.62 -8.57 16.47
CA LEU Y 95 -18.69 -8.18 17.38
C LEU Y 95 -18.24 -6.92 18.12
N SER Y 96 -19.18 -6.08 18.50
CA SER Y 96 -18.83 -4.87 19.23
C SER Y 96 -19.76 -4.62 20.39
N MET Y 97 -19.26 -4.89 21.59
CA MET Y 97 -20.07 -4.67 22.77
C MET Y 97 -19.30 -4.49 24.06
N GLY Y 98 -19.73 -3.48 24.82
CA GLY Y 98 -19.17 -3.16 26.12
C GLY Y 98 -20.43 -3.16 26.96
N THR Y 99 -20.58 -4.15 27.83
CA THR Y 99 -21.81 -4.22 28.60
C THR Y 99 -21.67 -4.59 30.07
N MET Y 100 -22.65 -4.15 30.87
CA MET Y 100 -22.67 -4.45 32.29
C MET Y 100 -23.82 -5.41 32.57
N ILE Y 101 -23.52 -6.59 33.08
CA ILE Y 101 -24.58 -7.54 33.40
C ILE Y 101 -24.84 -7.34 34.89
N CYS Y 102 -26.05 -6.90 35.22
CA CYS Y 102 -26.42 -6.59 36.59
C CYS Y 102 -27.52 -7.44 37.20
N GLY Y 103 -27.26 -7.92 38.42
CA GLY Y 103 -28.23 -8.74 39.13
C GLY Y 103 -28.09 -8.65 40.64
N TYR Y 104 -29.08 -9.18 41.34
CA TYR Y 104 -29.09 -9.17 42.81
C TYR Y 104 -29.66 -10.48 43.34
N THR Y 105 -28.79 -11.44 43.64
CA THR Y 105 -29.26 -12.72 44.15
C THR Y 105 -28.99 -12.91 45.63
N ARG Y 106 -29.81 -13.72 46.27
CA ARG Y 106 -29.68 -14.02 47.68
C ARG Y 106 -28.25 -14.44 47.97
N LYS Y 107 -27.76 -15.36 47.16
CA LYS Y 107 -26.43 -15.92 47.28
C LYS Y 107 -25.29 -14.91 47.08
N GLU Y 108 -25.43 -14.03 46.08
CA GLU Y 108 -24.39 -13.05 45.74
C GLU Y 108 -24.59 -11.61 46.21
N GLY Y 109 -25.85 -11.17 46.32
CA GLY Y 109 -26.09 -9.80 46.72
C GLY Y 109 -26.02 -8.94 45.47
N PRO Y 110 -25.82 -7.62 45.60
CA PRO Y 110 -25.75 -6.80 44.38
C PRO Y 110 -24.49 -7.16 43.61
N THR Y 111 -24.62 -7.53 42.35
CA THR Y 111 -23.42 -7.89 41.57
C THR Y 111 -23.44 -7.32 40.17
N ILE Y 112 -22.27 -6.85 39.72
CA ILE Y 112 -22.14 -6.28 38.39
C ILE Y 112 -20.92 -6.84 37.69
N TYR Y 113 -21.12 -7.28 36.46
CA TYR Y 113 -20.03 -7.81 35.65
C TYR Y 113 -19.90 -7.04 34.37
N TYR Y 114 -18.70 -6.52 34.13
CA TYR Y 114 -18.44 -5.79 32.91
C TYR Y 114 -17.99 -6.86 31.91
N VAL Y 115 -18.66 -6.89 30.76
CA VAL Y 115 -18.33 -7.85 29.71
C VAL Y 115 -18.23 -7.16 28.36
N ASP Y 116 -17.10 -7.33 27.67
CA ASP Y 116 -16.96 -6.74 26.35
C ASP Y 116 -16.57 -7.80 25.34
N SER Y 117 -16.71 -7.47 24.06
CA SER Y 117 -16.43 -8.39 22.96
C SER Y 117 -14.97 -8.81 22.80
N ASP Y 118 -14.13 -8.41 23.74
CA ASP Y 118 -12.71 -8.78 23.75
C ASP Y 118 -12.58 -10.11 24.43
N GLY Y 119 -13.54 -10.39 25.32
CA GLY Y 119 -13.52 -11.63 26.09
C GLY Y 119 -13.33 -11.24 27.54
N THR Y 120 -13.28 -9.94 27.79
CA THR Y 120 -13.11 -9.42 29.13
C THR Y 120 -14.38 -9.58 29.97
N ARG Y 121 -14.20 -10.03 31.21
CA ARG Y 121 -15.28 -10.21 32.16
C ARG Y 121 -14.72 -9.79 33.51
N LEU Y 122 -15.26 -8.70 34.07
CA LEU Y 122 -14.80 -8.16 35.33
C LEU Y 122 -15.89 -7.83 36.32
N LYS Y 123 -15.69 -8.22 37.57
CA LYS Y 123 -16.66 -7.91 38.60
C LYS Y 123 -16.21 -6.57 39.21
N GLY Y 124 -17.16 -5.72 39.54
CA GLY Y 124 -16.81 -4.42 40.11
C GLY Y 124 -18.00 -3.75 40.76
N ASP Y 125 -17.75 -2.63 41.42
CA ASP Y 125 -18.80 -1.90 42.11
C ASP Y 125 -19.32 -0.76 41.25
N ILE Y 126 -18.45 -0.17 40.46
CA ILE Y 126 -18.82 0.94 39.57
C ILE Y 126 -18.22 0.73 38.17
N PHE Y 127 -19.05 0.94 37.15
CA PHE Y 127 -18.61 0.81 35.76
C PHE Y 127 -19.30 1.82 34.84
N CYS Y 128 -18.51 2.51 34.02
CA CYS Y 128 -19.02 3.47 33.05
C CYS Y 128 -18.46 3.08 31.70
N VAL Y 129 -19.35 2.92 30.72
CA VAL Y 129 -18.94 2.53 29.39
C VAL Y 129 -19.56 3.40 28.31
N GLY Y 130 -18.76 3.81 27.34
CA GLY Y 130 -19.26 4.64 26.25
C GLY Y 130 -18.35 5.81 25.95
N SER Y 131 -18.68 6.56 24.89
CA SER Y 131 -17.89 7.72 24.53
C SER Y 131 -18.03 8.79 25.61
N GLY Y 132 -19.07 8.66 26.43
CA GLY Y 132 -19.28 9.65 27.46
C GLY Y 132 -18.86 9.14 28.83
N GLN Y 133 -18.24 7.97 28.85
CA GLN Y 133 -17.82 7.37 30.10
C GLN Y 133 -17.02 8.23 31.07
N THR Y 134 -15.91 8.81 30.63
CA THR Y 134 -15.08 9.62 31.54
C THR Y 134 -15.87 10.71 32.25
N PHE Y 135 -16.90 11.26 31.62
CA PHE Y 135 -17.68 12.30 32.24
C PHE Y 135 -18.54 11.73 33.35
N ALA Y 136 -19.18 10.60 33.09
CA ALA Y 136 -20.01 9.95 34.09
C ALA Y 136 -19.16 9.56 35.29
N TYR Y 137 -17.93 9.11 35.03
CA TYR Y 137 -16.99 8.72 36.08
C TYR Y 137 -16.67 9.91 37.00
N GLY Y 138 -16.47 11.08 36.40
CA GLY Y 138 -16.15 12.27 37.19
C GLY Y 138 -17.20 12.55 38.25
N VAL Y 139 -18.46 12.54 37.84
CA VAL Y 139 -19.58 12.79 38.73
C VAL Y 139 -19.65 11.70 39.80
N LEU Y 140 -19.68 10.44 39.36
CA LEU Y 140 -19.75 9.29 40.28
C LEU Y 140 -18.60 9.23 41.29
N ASP Y 141 -17.37 9.21 40.80
CA ASP Y 141 -16.21 9.12 41.68
C ASP Y 141 -16.19 10.14 42.82
N SER Y 142 -16.88 11.25 42.68
CA SER Y 142 -16.84 12.26 43.73
C SER Y 142 -18.08 12.37 44.60
N ASN Y 143 -19.10 11.56 44.33
CA ASN Y 143 -20.31 11.63 45.14
C ASN Y 143 -20.75 10.25 45.56
N TYR Y 144 -20.01 9.23 45.13
CA TYR Y 144 -20.40 7.88 45.48
C TYR Y 144 -20.02 7.47 46.90
N LYS Y 145 -20.99 6.88 47.57
CA LYS Y 145 -20.84 6.36 48.93
C LYS Y 145 -21.69 5.11 48.93
N TRP Y 146 -21.25 4.07 49.62
CA TRP Y 146 -22.02 2.84 49.68
C TRP Y 146 -23.33 3.08 50.45
N ASP Y 147 -23.35 4.14 51.23
CA ASP Y 147 -24.50 4.48 52.05
C ASP Y 147 -25.57 5.33 51.40
N LEU Y 148 -25.46 5.58 50.11
CA LEU Y 148 -26.48 6.39 49.46
C LEU Y 148 -27.86 5.79 49.62
N SER Y 149 -28.87 6.65 49.74
CA SER Y 149 -30.23 6.17 49.86
C SER Y 149 -30.66 5.80 48.44
N VAL Y 150 -31.66 4.95 48.30
CA VAL Y 150 -32.10 4.58 46.97
C VAL Y 150 -32.49 5.83 46.17
N GLU Y 151 -33.11 6.79 46.85
CA GLU Y 151 -33.54 8.04 46.20
C GLU Y 151 -32.35 8.88 45.76
N ASP Y 152 -31.33 8.97 46.61
CA ASP Y 152 -30.13 9.73 46.30
C ASP Y 152 -29.29 9.00 45.24
N ALA Y 153 -29.19 7.68 45.37
CA ALA Y 153 -28.42 6.88 44.43
C ALA Y 153 -28.98 7.06 43.02
N LEU Y 154 -30.30 7.00 42.89
CA LEU Y 154 -30.95 7.17 41.60
C LEU Y 154 -30.57 8.51 41.00
N TYR Y 155 -30.61 9.57 41.80
CA TYR Y 155 -30.27 10.89 41.31
C TYR Y 155 -28.80 10.99 40.89
N LEU Y 156 -27.90 10.40 41.67
CA LEU Y 156 -26.48 10.43 41.33
C LEU Y 156 -26.27 9.83 39.95
N GLY Y 157 -26.95 8.70 39.70
CA GLY Y 157 -26.85 8.06 38.41
C GLY Y 157 -27.42 8.96 37.32
N LYS Y 158 -28.61 9.49 37.55
CA LYS Y 158 -29.25 10.36 36.59
C LYS Y 158 -28.39 11.60 36.31
N ARG Y 159 -27.71 12.09 37.34
CA ARG Y 159 -26.87 13.27 37.21
C ARG Y 159 -25.60 12.98 36.41
N SER Y 160 -25.05 11.78 36.59
CA SER Y 160 -23.83 11.40 35.87
C SER Y 160 -24.05 11.30 34.36
N ILE Y 161 -25.25 10.88 33.98
CA ILE Y 161 -25.58 10.78 32.56
C ILE Y 161 -25.79 12.19 32.02
N LEU Y 162 -26.44 13.05 32.82
CA LEU Y 162 -26.68 14.42 32.39
C LEU Y 162 -25.35 15.08 32.06
N ALA Y 163 -24.34 14.81 32.88
CA ALA Y 163 -23.01 15.37 32.68
C ALA Y 163 -22.46 14.89 31.33
N ALA Y 164 -22.48 13.58 31.11
CA ALA Y 164 -21.99 13.02 29.87
C ALA Y 164 -22.73 13.59 28.66
N ALA Y 165 -24.07 13.52 28.68
CA ALA Y 165 -24.86 14.04 27.56
C ALA Y 165 -24.45 15.47 27.19
N HIS Y 166 -24.18 16.27 28.21
CA HIS Y 166 -23.80 17.67 28.01
C HIS Y 166 -22.51 17.85 27.23
N ARG Y 167 -21.43 17.23 27.72
CA ARG Y 167 -20.12 17.34 27.09
C ARG Y 167 -19.94 16.47 25.84
N ASP Y 168 -20.36 15.21 25.93
CA ASP Y 168 -20.23 14.27 24.83
C ASP Y 168 -21.25 14.54 23.73
N ALA Y 169 -20.76 14.63 22.50
CA ALA Y 169 -21.62 14.88 21.36
C ALA Y 169 -22.40 13.63 20.98
N TYR Y 170 -21.89 12.48 21.37
CA TYR Y 170 -22.55 11.22 21.03
C TYR Y 170 -23.52 10.68 22.07
N SER Y 171 -23.70 11.41 23.16
CA SER Y 171 -24.61 11.01 24.21
C SER Y 171 -25.68 12.09 24.32
N GLY Y 172 -26.85 11.68 24.80
CA GLY Y 172 -27.93 12.63 24.96
C GLY Y 172 -29.29 11.99 24.75
N GLY Y 173 -30.27 12.84 24.48
CA GLY Y 173 -31.63 12.36 24.27
C GLY Y 173 -32.40 12.37 25.56
N SER Y 174 -32.41 11.22 26.22
CA SER Y 174 -33.09 11.06 27.49
C SER Y 174 -32.30 10.11 28.37
N VAL Y 175 -32.63 10.10 29.65
CA VAL Y 175 -31.96 9.21 30.60
C VAL Y 175 -32.94 8.12 31.01
N ASN Y 176 -32.44 6.91 31.19
CA ASN Y 176 -33.29 5.82 31.60
C ASN Y 176 -32.69 5.25 32.88
N LEU Y 177 -33.52 5.17 33.91
CA LEU Y 177 -33.12 4.70 35.22
C LEU Y 177 -33.71 3.39 35.67
N TYR Y 178 -32.90 2.62 36.38
CA TYR Y 178 -33.35 1.34 36.92
C TYR Y 178 -32.73 1.13 38.27
N HIS Y 179 -33.47 0.45 39.15
CA HIS Y 179 -32.99 0.11 40.46
C HIS Y 179 -33.12 -1.40 40.53
N VAL Y 180 -32.01 -2.08 40.83
CA VAL Y 180 -32.03 -3.51 40.92
C VAL Y 180 -32.02 -3.96 42.36
N THR Y 181 -33.06 -4.69 42.74
CA THR Y 181 -33.21 -5.22 44.10
C THR Y 181 -33.23 -6.74 44.00
N GLU Y 182 -33.10 -7.42 45.14
CA GLU Y 182 -33.10 -8.87 45.13
C GLU Y 182 -34.41 -9.44 44.56
N ASP Y 183 -35.50 -8.70 44.66
CA ASP Y 183 -36.80 -9.16 44.16
C ASP Y 183 -37.04 -8.83 42.69
N GLY Y 184 -36.04 -8.23 42.05
CA GLY Y 184 -36.15 -7.85 40.65
C GLY Y 184 -35.75 -6.40 40.49
N TRP Y 185 -35.85 -5.89 39.27
CA TRP Y 185 -35.48 -4.50 39.03
C TRP Y 185 -36.76 -3.67 38.92
N ILE Y 186 -36.64 -2.38 39.20
CA ILE Y 186 -37.78 -1.48 39.12
C ILE Y 186 -37.45 -0.30 38.20
N TYR Y 187 -38.25 -0.12 37.16
CA TYR Y 187 -37.99 0.97 36.24
C TYR Y 187 -38.25 2.30 36.91
N HIS Y 188 -37.33 3.25 36.75
CA HIS Y 188 -37.49 4.56 37.34
C HIS Y 188 -37.56 5.68 36.32
N GLY Y 189 -38.28 5.40 35.24
CA GLY Y 189 -38.52 6.38 34.20
C GLY Y 189 -37.50 6.88 33.20
N ASN Y 190 -38.05 7.56 32.21
CA ASN Y 190 -37.32 8.15 31.10
C ASN Y 190 -37.34 9.67 31.25
N HIS Y 191 -36.15 10.25 31.42
CA HIS Y 191 -36.03 11.69 31.62
C HIS Y 191 -35.33 12.41 30.47
N ASP Y 192 -36.08 13.23 29.74
CA ASP Y 192 -35.53 13.98 28.64
C ASP Y 192 -34.37 14.84 29.13
N VAL Y 193 -33.20 14.65 28.53
CA VAL Y 193 -32.01 15.41 28.92
C VAL Y 193 -32.22 16.90 28.68
N GLY Y 194 -33.02 17.23 27.67
CA GLY Y 194 -33.28 18.62 27.38
C GLY Y 194 -33.86 19.34 28.59
N GLU Y 195 -34.99 18.86 29.08
CA GLU Y 195 -35.67 19.45 30.24
C GLU Y 195 -34.92 19.25 31.54
N LEU Y 196 -34.27 18.09 31.67
CA LEU Y 196 -33.52 17.80 32.88
C LEU Y 196 -32.37 18.77 33.07
N PHE Y 197 -31.73 19.19 31.97
CA PHE Y 197 -30.60 20.10 32.04
C PHE Y 197 -30.96 21.46 32.64
N TRP Y 198 -32.00 22.09 32.10
CA TRP Y 198 -32.43 23.40 32.59
C TRP Y 198 -32.89 23.30 34.04
N LYS Y 199 -33.62 22.24 34.34
CA LYS Y 199 -34.11 22.01 35.69
C LYS Y 199 -32.90 21.92 36.62
N VAL Y 200 -32.06 20.91 36.41
CA VAL Y 200 -30.88 20.71 37.24
C VAL Y 200 -30.04 21.97 37.32
N LYS Y 201 -30.00 22.74 36.23
CA LYS Y 201 -29.20 23.95 36.25
C LYS Y 201 -29.67 24.91 37.32
N GLU Y 202 -30.94 25.30 37.24
CA GLU Y 202 -31.54 26.23 38.19
C GLU Y 202 -31.51 25.71 39.63
N GLU Y 203 -32.16 24.58 39.86
CA GLU Y 203 -32.23 23.98 41.19
C GLU Y 203 -30.90 23.71 41.88
N GLU Y 204 -29.85 23.47 41.10
CA GLU Y 204 -28.53 23.12 41.62
C GLU Y 204 -27.50 24.25 41.54
N GLY Y 205 -27.70 25.17 40.60
CA GLY Y 205 -26.77 26.28 40.43
C GLY Y 205 -25.58 25.96 39.52
N SER Y 206 -25.42 24.68 39.18
CA SER Y 206 -24.34 24.22 38.34
C SER Y 206 -24.58 24.58 36.87
N PHE Y 207 -23.61 24.25 36.02
CA PHE Y 207 -23.67 24.55 34.59
C PHE Y 207 -23.80 26.05 34.48
N ASN Y 208 -23.12 26.74 35.40
CA ASN Y 208 -23.17 28.19 35.46
C ASN Y 208 -22.83 28.90 34.15
N ASN Y 209 -21.70 28.51 33.56
CA ASN Y 209 -21.23 29.12 32.33
C ASN Y 209 -22.22 29.07 31.16
N VAL Y 210 -23.13 28.09 31.16
CA VAL Y 210 -24.13 28.00 30.09
C VAL Y 210 -25.18 29.10 30.26
N ILE Y 211 -25.43 29.87 29.21
CA ILE Y 211 -26.41 30.94 29.30
C ILE Y 211 -27.83 30.40 29.37
N GLY Y 212 -28.52 30.75 30.44
CA GLY Y 212 -29.89 30.30 30.62
C GLY Y 212 -30.82 31.47 30.89
N GLN Z 1 -11.48 -5.07 -7.87
CA GLN Z 1 -11.95 -6.33 -7.21
C GLN Z 1 -13.48 -6.39 -7.25
N PHE Z 2 -14.08 -7.46 -6.73
CA PHE Z 2 -15.52 -7.55 -6.76
C PHE Z 2 -16.25 -7.01 -5.54
N ASN Z 3 -17.12 -6.05 -5.79
CA ASN Z 3 -17.92 -5.44 -4.73
C ASN Z 3 -19.32 -6.00 -4.83
N PRO Z 4 -19.70 -6.85 -3.88
CA PRO Z 4 -21.02 -7.49 -3.84
C PRO Z 4 -22.16 -6.53 -3.55
N TYR Z 5 -21.83 -5.30 -3.15
CA TYR Z 5 -22.87 -4.34 -2.83
C TYR Z 5 -23.05 -3.21 -3.83
N GLY Z 6 -24.24 -2.61 -3.78
CA GLY Z 6 -24.58 -1.50 -4.64
C GLY Z 6 -25.57 -0.60 -3.92
N ASP Z 7 -25.89 0.53 -4.53
CA ASP Z 7 -26.83 1.49 -3.95
C ASP Z 7 -27.86 1.88 -4.99
N ASN Z 8 -29.13 1.59 -4.73
CA ASN Z 8 -30.18 1.91 -5.68
C ASN Z 8 -31.00 3.13 -5.26
N GLY Z 9 -30.48 3.88 -4.29
CA GLY Z 9 -31.17 5.08 -3.83
C GLY Z 9 -32.47 4.82 -3.10
N GLY Z 10 -33.48 5.61 -3.42
CA GLY Z 10 -34.77 5.45 -2.78
C GLY Z 10 -34.82 6.06 -1.40
N THR Z 11 -36.03 6.43 -0.98
CA THR Z 11 -36.26 7.02 0.33
C THR Z 11 -37.62 6.53 0.83
N ILE Z 12 -37.67 6.04 2.06
CA ILE Z 12 -38.93 5.57 2.61
C ILE Z 12 -39.33 6.32 3.88
N LEU Z 13 -40.61 6.31 4.19
CA LEU Z 13 -41.14 7.00 5.36
C LEU Z 13 -42.29 6.23 6.02
N GLY Z 14 -42.20 6.10 7.34
CA GLY Z 14 -43.24 5.40 8.09
C GLY Z 14 -43.76 6.22 9.24
N ILE Z 15 -45.08 6.43 9.30
CA ILE Z 15 -45.68 7.20 10.38
C ILE Z 15 -46.84 6.42 10.97
N ALA Z 16 -46.90 6.37 12.29
CA ALA Z 16 -47.96 5.64 12.98
C ALA Z 16 -49.03 6.56 13.57
N GLY Z 17 -50.28 6.34 13.17
CA GLY Z 17 -51.38 7.12 13.71
C GLY Z 17 -51.90 6.42 14.95
N GLU Z 18 -53.00 6.91 15.54
CA GLU Z 18 -53.54 6.27 16.73
C GLU Z 18 -54.26 4.97 16.41
N ASP Z 19 -54.87 4.87 15.23
CA ASP Z 19 -55.58 3.66 14.84
C ASP Z 19 -55.26 3.28 13.39
N PHE Z 20 -54.08 3.68 12.94
CA PHE Z 20 -53.63 3.41 11.58
C PHE Z 20 -52.14 3.66 11.50
N ALA Z 21 -51.54 3.33 10.36
CA ALA Z 21 -50.11 3.55 10.14
C ALA Z 21 -49.90 3.62 8.65
N VAL Z 22 -48.87 4.34 8.23
CA VAL Z 22 -48.58 4.48 6.81
C VAL Z 22 -47.10 4.24 6.56
N LEU Z 23 -46.79 3.67 5.40
CA LEU Z 23 -45.42 3.41 4.99
C LEU Z 23 -45.36 3.85 3.53
N ALA Z 24 -44.56 4.88 3.26
CA ALA Z 24 -44.46 5.40 1.90
C ALA Z 24 -43.02 5.34 1.35
N GLY Z 25 -42.91 5.50 0.03
CA GLY Z 25 -41.61 5.48 -0.60
C GLY Z 25 -41.71 5.98 -2.04
N ASP Z 26 -40.63 6.59 -2.54
CA ASP Z 26 -40.64 7.06 -3.92
C ASP Z 26 -40.53 5.81 -4.76
N THR Z 27 -40.85 5.91 -6.04
CA THR Z 27 -40.80 4.74 -6.88
C THR Z 27 -39.64 4.77 -7.86
N ARG Z 28 -38.66 5.60 -7.56
CA ARG Z 28 -37.47 5.73 -8.41
C ARG Z 28 -36.32 4.80 -7.95
N ASN Z 29 -35.76 4.08 -8.90
CA ASN Z 29 -34.66 3.17 -8.64
C ASN Z 29 -33.46 3.67 -9.46
N ILE Z 30 -32.32 3.87 -8.80
CA ILE Z 30 -31.16 4.38 -9.52
C ILE Z 30 -29.85 3.61 -9.37
N THR Z 31 -28.88 3.96 -10.22
CA THR Z 31 -27.55 3.40 -10.21
C THR Z 31 -26.64 4.55 -10.60
N ASP Z 32 -25.85 5.03 -9.65
CA ASP Z 32 -24.96 6.16 -9.90
C ASP Z 32 -25.78 7.37 -10.32
N TYR Z 33 -25.58 7.88 -11.53
CA TYR Z 33 -26.34 9.04 -11.97
C TYR Z 33 -27.44 8.72 -12.98
N SER Z 34 -27.72 7.43 -13.18
CA SER Z 34 -28.74 7.02 -14.12
C SER Z 34 -29.99 6.57 -13.41
N ILE Z 35 -31.11 6.64 -14.12
CA ILE Z 35 -32.39 6.20 -13.56
C ILE Z 35 -32.68 4.83 -14.19
N ASN Z 36 -32.87 3.81 -13.35
CA ASN Z 36 -33.15 2.47 -13.83
C ASN Z 36 -34.62 2.32 -14.13
N SER Z 37 -35.44 2.95 -13.30
CA SER Z 37 -36.88 2.88 -13.48
C SER Z 37 -37.52 4.03 -12.72
N ARG Z 38 -38.56 4.60 -13.31
CA ARG Z 38 -39.27 5.71 -12.67
C ARG Z 38 -40.38 5.11 -11.82
N TYR Z 39 -40.67 3.83 -12.04
CA TYR Z 39 -41.69 3.16 -11.25
C TYR Z 39 -41.35 1.71 -10.95
N GLU Z 40 -40.76 1.50 -9.77
CA GLU Z 40 -40.36 0.16 -9.30
C GLU Z 40 -40.80 0.15 -7.84
N PRO Z 41 -41.98 -0.40 -7.56
CA PRO Z 41 -42.52 -0.47 -6.20
C PRO Z 41 -41.46 -0.89 -5.18
N LYS Z 42 -41.51 -0.24 -4.02
CA LYS Z 42 -40.56 -0.47 -2.95
C LYS Z 42 -41.21 -0.88 -1.61
N VAL Z 43 -42.48 -0.51 -1.43
CA VAL Z 43 -43.22 -0.85 -0.21
C VAL Z 43 -44.17 -2.00 -0.55
N PHE Z 44 -44.16 -3.05 0.26
CA PHE Z 44 -44.97 -4.26 0.02
C PHE Z 44 -45.94 -4.70 1.11
N ASP Z 45 -47.09 -5.23 0.69
CA ASP Z 45 -48.10 -5.77 1.61
C ASP Z 45 -47.69 -7.23 1.76
N CYS Z 46 -47.35 -7.65 2.97
CA CYS Z 46 -46.91 -9.03 3.20
C CYS Z 46 -47.96 -9.90 3.87
N GLY Z 47 -49.18 -9.38 3.99
CA GLY Z 47 -50.24 -10.14 4.61
C GLY Z 47 -50.41 -9.77 6.07
N ASP Z 48 -51.44 -10.33 6.69
CA ASP Z 48 -51.76 -10.09 8.10
C ASP Z 48 -51.62 -8.62 8.45
N ASN Z 49 -52.01 -7.75 7.52
CA ASN Z 49 -51.92 -6.30 7.74
C ASN Z 49 -50.55 -5.82 8.12
N ILE Z 50 -49.54 -6.30 7.40
CA ILE Z 50 -48.17 -5.87 7.66
C ILE Z 50 -47.58 -5.37 6.36
N VAL Z 51 -47.08 -4.14 6.39
CA VAL Z 51 -46.45 -3.57 5.22
C VAL Z 51 -44.98 -3.44 5.56
N MET Z 52 -44.13 -3.70 4.57
CA MET Z 52 -42.69 -3.67 4.77
C MET Z 52 -41.93 -3.08 3.59
N SER Z 53 -40.76 -2.52 3.88
CA SER Z 53 -39.88 -1.96 2.86
C SER Z 53 -38.42 -2.06 3.32
N ALA Z 54 -37.59 -2.68 2.50
CA ALA Z 54 -36.17 -2.84 2.79
C ALA Z 54 -35.42 -1.96 1.80
N ASN Z 55 -35.11 -0.74 2.21
CA ASN Z 55 -34.44 0.20 1.33
C ASN Z 55 -32.91 0.24 1.37
N GLY Z 56 -32.30 0.58 0.24
CA GLY Z 56 -30.86 0.65 0.15
C GLY Z 56 -30.40 -0.10 -1.09
N PHE Z 57 -29.81 -1.27 -0.90
CA PHE Z 57 -29.33 -2.10 -2.01
C PHE Z 57 -30.50 -3.03 -2.41
N ALA Z 58 -31.15 -2.70 -3.51
CA ALA Z 58 -32.32 -3.45 -4.00
C ALA Z 58 -32.24 -4.97 -4.05
N ALA Z 59 -31.11 -5.51 -4.49
CA ALA Z 59 -30.98 -6.96 -4.55
C ALA Z 59 -31.23 -7.56 -3.16
N ASP Z 60 -30.60 -6.96 -2.16
CA ASP Z 60 -30.75 -7.42 -0.79
C ASP Z 60 -32.16 -7.14 -0.26
N GLY Z 61 -32.68 -5.94 -0.56
CA GLY Z 61 -34.01 -5.59 -0.11
C GLY Z 61 -35.05 -6.55 -0.63
N ASP Z 62 -34.88 -7.04 -1.86
CA ASP Z 62 -35.85 -8.00 -2.42
C ASP Z 62 -35.69 -9.34 -1.73
N ALA Z 63 -34.45 -9.72 -1.51
CA ALA Z 63 -34.15 -10.98 -0.85
C ALA Z 63 -34.83 -11.00 0.50
N LEU Z 64 -34.65 -9.94 1.26
CA LEU Z 64 -35.24 -9.84 2.58
C LEU Z 64 -36.78 -9.93 2.55
N VAL Z 65 -37.42 -9.01 1.85
CA VAL Z 65 -38.87 -9.01 1.76
C VAL Z 65 -39.41 -10.39 1.35
N LYS Z 66 -38.76 -10.97 0.34
CA LYS Z 66 -39.16 -12.27 -0.16
C LYS Z 66 -39.09 -13.32 0.96
N ARG Z 67 -38.00 -13.27 1.72
CA ARG Z 67 -37.73 -14.21 2.81
C ARG Z 67 -38.71 -14.01 3.97
N PHE Z 68 -39.06 -12.76 4.26
CA PHE Z 68 -40.00 -12.49 5.33
C PHE Z 68 -41.40 -12.99 4.94
N LYS Z 69 -41.85 -12.64 3.74
CA LYS Z 69 -43.17 -13.07 3.28
C LYS Z 69 -43.28 -14.57 3.40
N ASN Z 70 -42.17 -15.24 3.10
CA ASN Z 70 -42.17 -16.69 3.17
C ASN Z 70 -42.30 -17.14 4.62
N SER Z 71 -41.73 -16.37 5.52
CA SER Z 71 -41.81 -16.70 6.93
C SER Z 71 -43.26 -16.61 7.40
N VAL Z 72 -43.99 -15.65 6.84
CA VAL Z 72 -45.40 -15.47 7.18
C VAL Z 72 -46.17 -16.66 6.67
N LYS Z 73 -45.83 -17.11 5.48
CA LYS Z 73 -46.49 -18.26 4.87
C LYS Z 73 -46.36 -19.48 5.77
N TRP Z 74 -45.16 -19.75 6.28
CA TRP Z 74 -44.98 -20.90 7.14
C TRP Z 74 -45.59 -20.70 8.50
N TYR Z 75 -45.64 -19.45 8.95
CA TYR Z 75 -46.24 -19.17 10.25
C TYR Z 75 -47.72 -19.58 10.18
N HIS Z 76 -48.33 -19.42 9.02
CA HIS Z 76 -49.72 -19.80 8.89
C HIS Z 76 -49.81 -21.32 8.89
N PHE Z 77 -48.92 -21.98 8.16
CA PHE Z 77 -48.93 -23.44 8.13
C PHE Z 77 -48.78 -23.98 9.53
N ASP Z 78 -47.63 -23.68 10.14
CA ASP Z 78 -47.31 -24.16 11.48
C ASP Z 78 -48.29 -23.78 12.59
N HIS Z 79 -48.87 -22.59 12.56
CA HIS Z 79 -49.78 -22.20 13.64
C HIS Z 79 -51.21 -21.93 13.23
N ASN Z 80 -51.74 -22.84 12.42
CA ASN Z 80 -53.13 -22.79 11.98
C ASN Z 80 -53.63 -21.46 11.42
N ASP Z 81 -52.88 -20.88 10.49
CA ASP Z 81 -53.26 -19.60 9.88
C ASP Z 81 -53.39 -18.47 10.89
N LYS Z 82 -52.80 -18.65 12.06
CA LYS Z 82 -52.83 -17.61 13.09
C LYS Z 82 -52.19 -16.34 12.53
N LYS Z 83 -52.78 -15.19 12.84
CA LYS Z 83 -52.24 -13.92 12.37
C LYS Z 83 -50.92 -13.58 13.04
N LEU Z 84 -49.96 -13.10 12.27
CA LEU Z 84 -48.66 -12.73 12.80
C LEU Z 84 -48.73 -11.29 13.31
N SER Z 85 -48.58 -11.10 14.61
CA SER Z 85 -48.64 -9.75 15.17
C SER Z 85 -47.42 -8.94 14.76
N ILE Z 86 -47.60 -7.63 14.64
CA ILE Z 86 -46.53 -6.74 14.23
C ILE Z 86 -45.26 -6.94 15.08
N ASN Z 87 -45.43 -7.11 16.38
CA ASN Z 87 -44.28 -7.30 17.27
C ASN Z 87 -43.54 -8.59 16.91
N SER Z 88 -44.30 -9.64 16.65
CA SER Z 88 -43.70 -10.93 16.31
C SER Z 88 -42.93 -10.83 15.01
N ALA Z 89 -43.48 -10.06 14.07
CA ALA Z 89 -42.83 -9.87 12.78
C ALA Z 89 -41.49 -9.16 13.00
N ALA Z 90 -41.53 -8.10 13.79
CA ALA Z 90 -40.31 -7.36 14.07
C ALA Z 90 -39.24 -8.28 14.64
N ARG Z 91 -39.61 -9.12 15.60
CA ARG Z 91 -38.62 -10.01 16.18
C ARG Z 91 -38.10 -10.97 15.15
N ASN Z 92 -39.00 -11.50 14.34
CA ASN Z 92 -38.58 -12.44 13.33
C ASN Z 92 -37.59 -11.82 12.36
N ILE Z 93 -37.91 -10.61 11.91
CA ILE Z 93 -37.02 -9.89 11.00
C ILE Z 93 -35.64 -9.67 11.63
N GLN Z 94 -35.62 -9.38 12.93
CA GLN Z 94 -34.33 -9.18 13.60
C GLN Z 94 -33.47 -10.42 13.40
N HIS Z 95 -34.08 -11.59 13.49
CA HIS Z 95 -33.32 -12.81 13.31
C HIS Z 95 -32.89 -13.01 11.87
N LEU Z 96 -33.79 -12.70 10.93
CA LEU Z 96 -33.46 -12.83 9.51
C LEU Z 96 -32.22 -12.00 9.23
N LEU Z 97 -32.23 -10.74 9.69
CA LEU Z 97 -31.12 -9.85 9.48
C LEU Z 97 -29.85 -10.29 10.22
N TYR Z 98 -29.94 -10.50 11.52
CA TYR Z 98 -28.77 -10.87 12.29
C TYR Z 98 -28.19 -12.20 11.84
N GLY Z 99 -29.00 -13.01 11.15
CA GLY Z 99 -28.54 -14.29 10.66
C GLY Z 99 -27.46 -14.09 9.61
N LYS Z 100 -27.32 -12.86 9.14
CA LYS Z 100 -26.32 -12.54 8.14
C LYS Z 100 -25.46 -11.40 8.68
N ARG Z 101 -25.25 -11.44 9.99
CA ARG Z 101 -24.47 -10.43 10.72
C ARG Z 101 -23.10 -10.16 10.11
N PHE Z 102 -22.53 -11.15 9.45
CA PHE Z 102 -21.20 -10.95 8.90
C PHE Z 102 -21.10 -10.77 7.39
N PHE Z 103 -22.25 -10.59 6.76
CA PHE Z 103 -22.41 -10.35 5.33
C PHE Z 103 -23.88 -9.95 5.26
N PRO Z 104 -24.21 -8.79 5.83
CA PRO Z 104 -25.52 -8.14 5.94
C PRO Z 104 -26.30 -7.82 4.69
N TYR Z 105 -27.61 -7.67 4.88
CA TYR Z 105 -28.48 -7.25 3.81
C TYR Z 105 -28.27 -5.74 3.90
N TYR Z 106 -27.60 -5.16 2.92
CA TYR Z 106 -27.33 -3.73 2.97
C TYR Z 106 -28.58 -2.87 2.79
N VAL Z 107 -29.50 -2.95 3.73
CA VAL Z 107 -30.75 -2.20 3.64
C VAL Z 107 -31.20 -1.69 5.00
N HIS Z 108 -31.97 -0.62 5.00
CA HIS Z 108 -32.55 -0.06 6.22
C HIS Z 108 -34.00 -0.46 6.05
N THR Z 109 -34.46 -1.40 6.85
CA THR Z 109 -35.84 -1.82 6.70
C THR Z 109 -36.83 -1.26 7.73
N ILE Z 110 -38.03 -0.94 7.25
CA ILE Z 110 -39.12 -0.43 8.08
C ILE Z 110 -40.38 -1.24 7.78
N ILE Z 111 -41.19 -1.49 8.80
CA ILE Z 111 -42.47 -2.19 8.63
C ILE Z 111 -43.51 -1.43 9.42
N ALA Z 112 -44.77 -1.53 8.98
CA ALA Z 112 -45.86 -0.83 9.65
C ALA Z 112 -47.08 -1.72 9.78
N GLY Z 113 -47.93 -1.37 10.74
CA GLY Z 113 -49.14 -2.13 10.96
C GLY Z 113 -49.82 -1.65 12.22
N LEU Z 114 -50.65 -2.50 12.81
CA LEU Z 114 -51.37 -2.17 14.03
C LEU Z 114 -50.95 -3.18 15.10
N ASP Z 115 -50.71 -2.70 16.32
CA ASP Z 115 -50.30 -3.60 17.39
C ASP Z 115 -51.53 -4.41 17.83
N GLU Z 116 -51.40 -5.13 18.94
CA GLU Z 116 -52.49 -5.94 19.40
C GLU Z 116 -53.62 -5.18 20.11
N ASP Z 117 -53.60 -3.86 20.01
CA ASP Z 117 -54.63 -3.04 20.63
C ASP Z 117 -55.25 -2.15 19.58
N GLY Z 118 -54.84 -2.37 18.34
CA GLY Z 118 -55.37 -1.60 17.22
C GLY Z 118 -54.64 -0.29 17.03
N LYS Z 119 -53.62 -0.03 17.85
CA LYS Z 119 -52.86 1.21 17.75
C LYS Z 119 -51.86 1.16 16.60
N GLY Z 120 -51.65 2.31 15.95
CA GLY Z 120 -50.71 2.36 14.85
C GLY Z 120 -49.31 2.03 15.33
N ALA Z 121 -48.55 1.34 14.49
CA ALA Z 121 -47.20 0.95 14.87
C ALA Z 121 -46.20 0.94 13.71
N VAL Z 122 -45.00 1.43 13.99
CA VAL Z 122 -43.94 1.45 13.00
C VAL Z 122 -42.67 0.91 13.66
N TYR Z 123 -41.97 0.05 12.95
CA TYR Z 123 -40.72 -0.54 13.43
C TYR Z 123 -39.63 -0.31 12.41
N SER Z 124 -38.48 0.17 12.86
CA SER Z 124 -37.37 0.39 11.93
C SER Z 124 -36.18 -0.44 12.37
N PHE Z 125 -35.49 -1.02 11.40
CA PHE Z 125 -34.34 -1.88 11.65
C PHE Z 125 -32.98 -1.39 11.18
N ASP Z 126 -32.00 -2.14 11.62
CA ASP Z 126 -30.58 -1.92 11.36
C ASP Z 126 -30.19 -2.84 10.24
N PRO Z 127 -29.07 -2.56 9.56
CA PRO Z 127 -28.77 -3.52 8.51
C PRO Z 127 -28.46 -4.86 9.17
N VAL Z 128 -28.11 -4.84 10.45
CA VAL Z 128 -27.80 -6.09 11.14
C VAL Z 128 -28.81 -6.55 12.19
N GLY Z 129 -29.98 -5.94 12.22
CA GLY Z 129 -30.99 -6.41 13.14
C GLY Z 129 -31.46 -5.55 14.29
N SER Z 130 -30.72 -4.52 14.65
CA SER Z 130 -31.18 -3.70 15.76
C SER Z 130 -32.53 -3.12 15.37
N TYR Z 131 -33.49 -3.11 16.28
CA TYR Z 131 -34.80 -2.55 15.96
C TYR Z 131 -35.49 -1.86 17.12
N GLU Z 132 -36.31 -0.87 16.80
CA GLU Z 132 -37.01 -0.08 17.81
C GLU Z 132 -38.40 0.24 17.29
N ARG Z 133 -39.38 0.37 18.18
CA ARG Z 133 -40.71 0.75 17.73
C ARG Z 133 -40.67 2.27 17.72
N GLU Z 134 -41.32 2.90 16.73
CA GLU Z 134 -41.28 4.36 16.66
C GLU Z 134 -42.57 5.02 16.21
N GLN Z 135 -42.63 6.33 16.48
CA GLN Z 135 -43.79 7.14 16.11
C GLN Z 135 -43.77 7.33 14.61
N CYS Z 136 -42.60 7.70 14.10
CA CYS Z 136 -42.39 7.89 12.67
C CYS Z 136 -40.90 7.78 12.39
N ARG Z 137 -40.56 7.35 11.18
CA ARG Z 137 -39.17 7.18 10.80
C ARG Z 137 -38.98 7.25 9.29
N ALA Z 138 -37.97 8.02 8.87
CA ALA Z 138 -37.65 8.13 7.45
C ALA Z 138 -36.39 7.30 7.24
N GLY Z 139 -36.30 6.65 6.09
CA GLY Z 139 -35.12 5.84 5.82
C GLY Z 139 -34.70 6.01 4.38
N GLY Z 140 -33.40 5.89 4.12
CA GLY Z 140 -32.95 6.01 2.75
C GLY Z 140 -32.22 7.31 2.46
N ALA Z 141 -32.15 7.64 1.17
CA ALA Z 141 -31.46 8.83 0.66
C ALA Z 141 -31.73 10.15 1.39
N ALA Z 142 -32.98 10.60 1.37
CA ALA Z 142 -33.35 11.86 1.99
C ALA Z 142 -33.78 11.77 3.44
N ALA Z 143 -33.37 10.72 4.15
CA ALA Z 143 -33.75 10.57 5.55
C ALA Z 143 -33.30 11.77 6.37
N SER Z 144 -32.07 12.22 6.14
CA SER Z 144 -31.54 13.35 6.88
C SER Z 144 -32.27 14.64 6.55
N LEU Z 145 -32.96 14.67 5.40
CA LEU Z 145 -33.72 15.85 5.01
C LEU Z 145 -35.12 15.82 5.58
N ILE Z 146 -35.69 14.62 5.70
CA ILE Z 146 -37.04 14.48 6.22
C ILE Z 146 -37.18 14.37 7.73
N MET Z 147 -36.33 13.59 8.39
CA MET Z 147 -36.45 13.43 9.83
C MET Z 147 -36.58 14.72 10.64
N PRO Z 148 -35.66 15.68 10.44
CA PRO Z 148 -35.76 16.93 11.21
C PRO Z 148 -37.16 17.52 11.08
N PHE Z 149 -37.71 17.43 9.87
CA PHE Z 149 -39.03 17.96 9.57
C PHE Z 149 -40.07 17.22 10.40
N LEU Z 150 -39.99 15.90 10.38
CA LEU Z 150 -40.91 15.07 11.13
C LEU Z 150 -40.78 15.29 12.64
N ASP Z 151 -39.58 15.59 13.12
CA ASP Z 151 -39.41 15.84 14.55
C ASP Z 151 -40.20 17.08 14.93
N ASN Z 152 -40.20 18.05 14.02
CA ASN Z 152 -40.88 19.33 14.22
C ASN Z 152 -42.39 19.31 14.01
N GLN Z 153 -42.84 18.73 12.90
CA GLN Z 153 -44.25 18.71 12.56
C GLN Z 153 -45.07 17.52 13.07
N VAL Z 154 -44.40 16.46 13.50
CA VAL Z 154 -45.13 15.31 14.00
C VAL Z 154 -45.05 15.19 15.53
N ASN Z 155 -43.91 15.55 16.10
CA ASN Z 155 -43.72 15.47 17.55
C ASN Z 155 -43.61 16.86 18.16
N PHE Z 156 -43.92 17.87 17.36
CA PHE Z 156 -43.89 19.27 17.80
C PHE Z 156 -42.66 19.69 18.58
N LYS Z 157 -41.51 19.13 18.23
CA LYS Z 157 -40.24 19.46 18.89
C LYS Z 157 -39.87 20.94 18.72
N ASN Z 158 -39.28 21.52 19.75
CA ASN Z 158 -38.88 22.94 19.73
C ASN Z 158 -40.05 23.90 19.54
N GLN Z 159 -41.26 23.40 19.68
CA GLN Z 159 -42.43 24.23 19.54
C GLN Z 159 -43.07 24.46 20.91
N TYR Z 160 -43.35 25.73 21.22
CA TYR Z 160 -43.95 26.11 22.49
C TYR Z 160 -45.25 26.89 22.33
N GLU Z 161 -45.96 27.04 23.45
CA GLU Z 161 -47.21 27.77 23.49
C GLU Z 161 -46.91 29.26 23.44
N PRO Z 162 -47.47 29.96 22.45
CA PRO Z 162 -47.22 31.40 22.35
C PRO Z 162 -47.64 32.09 23.64
N GLY Z 163 -46.81 33.03 24.09
CA GLY Z 163 -47.13 33.76 25.30
C GLY Z 163 -46.78 33.08 26.60
N THR Z 164 -46.54 31.77 26.57
CA THR Z 164 -46.21 31.06 27.80
C THR Z 164 -44.75 31.23 28.18
N ASN Z 165 -44.07 32.15 27.48
CA ASN Z 165 -42.66 32.41 27.77
C ASN Z 165 -41.87 31.11 27.59
N GLY Z 166 -42.09 30.44 26.47
CA GLY Z 166 -41.39 29.19 26.21
C GLY Z 166 -41.28 28.32 27.44
N LYS Z 167 -42.41 28.18 28.14
CA LYS Z 167 -42.47 27.37 29.35
C LYS Z 167 -43.44 26.22 29.17
N VAL Z 168 -44.36 26.38 28.22
CA VAL Z 168 -45.36 25.37 27.94
C VAL Z 168 -45.15 24.80 26.54
N LYS Z 169 -44.63 23.57 26.46
CA LYS Z 169 -44.40 22.96 25.17
C LYS Z 169 -45.74 22.83 24.46
N LYS Z 170 -45.71 22.69 23.15
CA LYS Z 170 -46.94 22.54 22.40
C LYS Z 170 -47.49 21.14 22.65
N PRO Z 171 -48.79 21.03 23.00
CA PRO Z 171 -49.44 19.74 23.25
C PRO Z 171 -49.37 18.76 22.08
N LEU Z 172 -49.11 17.49 22.39
CA LEU Z 172 -48.98 16.42 21.40
C LEU Z 172 -50.25 15.89 20.76
N LYS Z 173 -51.25 16.75 20.53
CA LYS Z 173 -52.51 16.31 19.92
C LYS Z 173 -52.15 15.39 18.74
N TYR Z 174 -52.81 14.25 18.60
CA TYR Z 174 -52.42 13.37 17.51
C TYR Z 174 -53.10 13.56 16.15
N LEU Z 175 -52.32 13.26 15.12
CA LEU Z 175 -52.70 13.41 13.72
C LEU Z 175 -53.64 12.35 13.15
N SER Z 176 -54.42 12.78 12.16
CA SER Z 176 -55.36 11.93 11.47
C SER Z 176 -54.72 11.45 10.17
N VAL Z 177 -55.23 10.37 9.61
CA VAL Z 177 -54.66 9.86 8.38
C VAL Z 177 -54.55 10.95 7.31
N GLU Z 178 -55.53 11.85 7.25
CA GLU Z 178 -55.50 12.91 6.25
C GLU Z 178 -54.37 13.90 6.52
N GLU Z 179 -54.17 14.23 7.79
CA GLU Z 179 -53.13 15.17 8.17
C GLU Z 179 -51.77 14.53 7.90
N VAL Z 180 -51.65 13.25 8.26
CA VAL Z 180 -50.41 12.51 8.04
C VAL Z 180 -50.03 12.49 6.57
N ILE Z 181 -50.97 12.07 5.72
CA ILE Z 181 -50.71 12.01 4.28
C ILE Z 181 -50.26 13.36 3.71
N LYS Z 182 -50.62 14.46 4.36
CA LYS Z 182 -50.20 15.78 3.87
C LYS Z 182 -48.71 15.97 4.13
N LEU Z 183 -48.29 15.61 5.35
CA LEU Z 183 -46.90 15.72 5.77
C LEU Z 183 -46.06 14.79 4.91
N VAL Z 184 -46.60 13.62 4.60
CA VAL Z 184 -45.88 12.66 3.79
C VAL Z 184 -45.62 13.22 2.39
N ARG Z 185 -46.67 13.76 1.76
CA ARG Z 185 -46.53 14.33 0.43
C ARG Z 185 -45.58 15.52 0.43
N ASP Z 186 -45.71 16.37 1.44
CA ASP Z 186 -44.84 17.53 1.52
C ASP Z 186 -43.42 17.10 1.79
N SER Z 187 -43.26 16.05 2.58
CA SER Z 187 -41.94 15.52 2.90
C SER Z 187 -41.25 15.07 1.62
N PHE Z 188 -42.02 14.42 0.74
CA PHE Z 188 -41.42 13.95 -0.49
C PHE Z 188 -41.26 15.01 -1.56
N THR Z 189 -42.18 15.96 -1.63
CA THR Z 189 -42.03 17.01 -2.64
C THR Z 189 -40.78 17.80 -2.25
N SER Z 190 -40.54 17.94 -0.95
CA SER Z 190 -39.38 18.68 -0.49
C SER Z 190 -38.09 17.92 -0.81
N ALA Z 191 -38.06 16.63 -0.48
CA ALA Z 191 -36.90 15.80 -0.75
C ALA Z 191 -36.61 15.82 -2.25
N THR Z 192 -37.65 15.61 -3.05
CA THR Z 192 -37.52 15.61 -4.50
C THR Z 192 -36.86 16.88 -5.04
N GLU Z 193 -36.99 17.97 -4.28
CA GLU Z 193 -36.43 19.26 -4.66
C GLU Z 193 -34.95 19.35 -4.35
N ARG Z 194 -34.54 18.79 -3.22
CA ARG Z 194 -33.15 18.90 -2.79
C ARG Z 194 -32.27 17.66 -2.90
N HIS Z 195 -32.86 16.53 -3.25
CA HIS Z 195 -32.09 15.30 -3.39
C HIS Z 195 -32.24 14.69 -4.77
N ILE Z 196 -31.14 14.56 -5.49
CA ILE Z 196 -31.18 14.04 -6.85
C ILE Z 196 -31.67 12.61 -7.02
N GLN Z 197 -31.66 11.83 -5.94
CA GLN Z 197 -32.12 10.45 -6.03
C GLN Z 197 -33.61 10.28 -5.72
N VAL Z 198 -34.26 11.34 -5.29
CA VAL Z 198 -35.69 11.28 -4.98
C VAL Z 198 -36.53 11.95 -6.06
N GLY Z 199 -37.59 11.25 -6.52
CA GLY Z 199 -38.47 11.78 -7.55
C GLY Z 199 -39.36 10.74 -8.24
N ASP Z 200 -39.89 11.11 -9.42
CA ASP Z 200 -40.74 10.23 -10.21
C ASP Z 200 -42.12 9.93 -9.64
N GLY Z 201 -42.17 9.25 -8.49
CA GLY Z 201 -43.45 8.93 -7.91
C GLY Z 201 -43.42 8.59 -6.44
N LEU Z 202 -44.56 8.73 -5.79
CA LEU Z 202 -44.72 8.46 -4.36
C LEU Z 202 -45.85 7.47 -4.17
N GLU Z 203 -45.56 6.31 -3.60
CA GLU Z 203 -46.58 5.30 -3.36
C GLU Z 203 -46.73 5.14 -1.85
N ILE Z 204 -47.96 5.24 -1.37
CA ILE Z 204 -48.22 5.12 0.06
C ILE Z 204 -49.18 3.96 0.37
N LEU Z 205 -48.88 3.22 1.44
CA LEU Z 205 -49.73 2.13 1.86
C LEU Z 205 -50.26 2.51 3.24
N ILE Z 206 -51.58 2.48 3.40
CA ILE Z 206 -52.21 2.82 4.68
C ILE Z 206 -52.80 1.56 5.30
N VAL Z 207 -52.38 1.28 6.53
CA VAL Z 207 -52.86 0.11 7.26
C VAL Z 207 -53.86 0.49 8.35
N THR Z 208 -55.05 -0.09 8.26
CA THR Z 208 -56.11 0.14 9.25
C THR Z 208 -56.71 -1.23 9.53
N LYS Z 209 -57.65 -1.29 10.47
CA LYS Z 209 -58.28 -2.56 10.81
C LYS Z 209 -59.04 -3.15 9.63
N ASP Z 210 -59.26 -2.34 8.58
CA ASP Z 210 -59.97 -2.82 7.41
C ASP Z 210 -59.04 -3.34 6.33
N GLY Z 211 -57.74 -3.33 6.60
CA GLY Z 211 -56.79 -3.83 5.63
C GLY Z 211 -55.77 -2.82 5.19
N VAL Z 212 -55.23 -3.04 3.99
CA VAL Z 212 -54.21 -2.17 3.42
C VAL Z 212 -54.74 -1.44 2.20
N ARG Z 213 -54.55 -0.13 2.15
CA ARG Z 213 -55.01 0.68 1.02
C ARG Z 213 -53.81 1.40 0.39
N LYS Z 214 -53.81 1.54 -0.94
CA LYS Z 214 -52.72 2.22 -1.64
C LYS Z 214 -53.10 3.57 -2.21
N GLU Z 215 -52.12 4.45 -2.31
CA GLU Z 215 -52.31 5.78 -2.89
C GLU Z 215 -51.03 6.11 -3.65
N PHE Z 216 -51.17 6.79 -4.79
CA PHE Z 216 -50.00 7.13 -5.58
C PHE Z 216 -50.01 8.56 -6.09
N TYR Z 217 -48.86 9.22 -5.99
CA TYR Z 217 -48.71 10.58 -6.46
C TYR Z 217 -47.45 10.71 -7.27
N GLU Z 218 -47.50 11.50 -8.35
CA GLU Z 218 -46.33 11.70 -9.18
C GLU Z 218 -45.40 12.68 -8.47
N LEU Z 219 -44.11 12.58 -8.79
CA LEU Z 219 -43.10 13.47 -8.25
C LEU Z 219 -42.33 13.99 -9.45
N LYS Z 220 -41.64 15.12 -9.31
CA LYS Z 220 -40.87 15.67 -10.42
C LYS Z 220 -39.89 14.63 -10.98
N ARG Z 221 -39.80 14.55 -12.30
CA ARG Z 221 -38.93 13.57 -12.95
C ARG Z 221 -37.51 13.98 -13.34
N ASP Z 222 -37.05 15.13 -12.87
CA ASP Z 222 -35.69 15.58 -13.24
C ASP Z 222 -34.57 15.08 -12.33
N THR AA 1 -14.79 -14.05 -7.06
CA THR AA 1 -14.47 -12.74 -7.69
C THR AA 1 -13.67 -13.04 -8.95
N GLN AA 2 -13.90 -12.23 -9.97
CA GLN AA 2 -13.22 -12.43 -11.23
C GLN AA 2 -13.20 -11.09 -11.94
N GLN AA 3 -12.94 -11.12 -13.24
CA GLN AA 3 -12.90 -9.93 -14.03
C GLN AA 3 -13.17 -10.38 -15.45
N PRO AA 4 -14.12 -9.72 -16.12
CA PRO AA 4 -14.47 -10.08 -17.49
C PRO AA 4 -13.28 -10.02 -18.44
N ILE AA 5 -13.29 -10.87 -19.46
CA ILE AA 5 -12.24 -10.90 -20.47
C ILE AA 5 -12.81 -10.52 -21.83
N VAL AA 6 -13.58 -11.43 -22.43
CA VAL AA 6 -14.22 -11.16 -23.72
C VAL AA 6 -15.61 -10.63 -23.38
N THR AA 7 -15.93 -9.43 -23.85
CA THR AA 7 -17.23 -8.85 -23.49
C THR AA 7 -18.08 -8.27 -24.60
N GLY AA 8 -19.39 -8.23 -24.33
CA GLY AA 8 -20.35 -7.69 -25.27
C GLY AA 8 -20.86 -6.39 -24.69
N THR AA 9 -21.07 -5.38 -25.53
CA THR AA 9 -21.56 -4.12 -25.06
C THR AA 9 -23.08 -4.07 -24.85
N SER AA 10 -23.67 -2.89 -24.99
CA SER AA 10 -25.10 -2.66 -24.78
C SER AA 10 -26.13 -3.63 -25.33
N VAL AA 11 -27.24 -3.71 -24.60
CA VAL AA 11 -28.41 -4.49 -24.97
C VAL AA 11 -29.53 -3.49 -24.72
N ILE AA 12 -30.25 -3.10 -25.77
CA ILE AA 12 -31.34 -2.14 -25.59
C ILE AA 12 -32.71 -2.76 -25.87
N SER AA 13 -33.75 -2.19 -25.26
CA SER AA 13 -35.08 -2.72 -25.44
C SER AA 13 -36.18 -1.77 -24.97
N MET AA 14 -37.38 -1.98 -25.51
CA MET AA 14 -38.54 -1.18 -25.14
C MET AA 14 -39.75 -2.02 -25.47
N LYS AA 15 -40.91 -1.56 -25.04
CA LYS AA 15 -42.13 -2.29 -25.33
C LYS AA 15 -43.12 -1.39 -26.05
N TYR AA 16 -43.80 -1.92 -27.07
CA TYR AA 16 -44.81 -1.16 -27.80
C TYR AA 16 -46.19 -1.67 -27.39
N ASP AA 17 -47.22 -1.36 -28.19
CA ASP AA 17 -48.57 -1.78 -27.84
C ASP AA 17 -48.88 -3.28 -27.85
N ASN AA 18 -48.21 -4.04 -28.72
CA ASN AA 18 -48.48 -5.46 -28.80
C ASN AA 18 -47.36 -6.38 -28.34
N GLY AA 19 -46.17 -5.81 -28.17
CA GLY AA 19 -45.07 -6.64 -27.72
C GLY AA 19 -43.89 -5.87 -27.16
N VAL AA 20 -42.70 -6.40 -27.41
CA VAL AA 20 -41.46 -5.81 -26.96
C VAL AA 20 -40.40 -6.04 -28.02
N ILE AA 21 -39.42 -5.14 -28.08
CA ILE AA 21 -38.35 -5.27 -29.05
C ILE AA 21 -37.05 -5.25 -28.27
N ILE AA 22 -36.07 -5.98 -28.77
CA ILE AA 22 -34.78 -6.04 -28.11
C ILE AA 22 -33.68 -6.18 -29.17
N ALA AA 23 -32.53 -5.55 -28.91
CA ALA AA 23 -31.42 -5.62 -29.86
C ALA AA 23 -30.07 -5.55 -29.16
N ALA AA 24 -29.04 -6.05 -29.86
CA ALA AA 24 -27.67 -6.08 -29.36
C ALA AA 24 -26.75 -6.35 -30.53
N ASP AA 25 -25.64 -5.61 -30.63
CA ASP AA 25 -24.72 -5.83 -31.75
C ASP AA 25 -24.01 -7.18 -31.63
N ASN AA 26 -23.37 -7.61 -32.71
CA ASN AA 26 -22.72 -8.92 -32.73
C ASN AA 26 -21.24 -8.92 -32.38
N LEU AA 27 -20.82 -7.99 -31.54
CA LEU AA 27 -19.40 -7.91 -31.18
C LEU AA 27 -19.02 -8.58 -29.86
N GLY AA 28 -17.84 -9.19 -29.86
CA GLY AA 28 -17.30 -9.83 -28.69
C GLY AA 28 -15.93 -9.20 -28.51
N SER AA 29 -15.86 -8.12 -27.72
CA SER AA 29 -14.59 -7.42 -27.50
C SER AA 29 -13.65 -8.07 -26.52
N TYR AA 30 -12.36 -7.77 -26.71
CA TYR AA 30 -11.28 -8.26 -25.86
C TYR AA 30 -10.49 -7.01 -25.46
N GLY AA 31 -11.05 -6.23 -24.56
CA GLY AA 31 -10.39 -5.00 -24.17
C GLY AA 31 -10.68 -4.02 -25.28
N SER AA 32 -9.66 -3.38 -25.83
CA SER AA 32 -9.88 -2.43 -26.90
C SER AA 32 -9.83 -3.15 -28.25
N LEU AA 33 -9.47 -4.43 -28.24
CA LEU AA 33 -9.42 -5.20 -29.47
C LEU AA 33 -10.82 -5.73 -29.81
N LEU AA 34 -11.36 -5.32 -30.96
CA LEU AA 34 -12.68 -5.77 -31.39
C LEU AA 34 -12.47 -7.17 -32.00
N ARG AA 35 -12.07 -8.09 -31.13
CA ARG AA 35 -11.74 -9.45 -31.49
C ARG AA 35 -12.72 -10.35 -32.26
N PHE AA 36 -13.93 -10.54 -31.75
CA PHE AA 36 -14.87 -11.43 -32.42
C PHE AA 36 -16.10 -10.71 -32.98
N ASN AA 37 -16.49 -11.07 -34.19
CA ASN AA 37 -17.63 -10.40 -34.81
C ASN AA 37 -18.91 -11.18 -35.08
N GLY AA 38 -18.91 -12.49 -34.92
CA GLY AA 38 -20.14 -13.20 -35.17
C GLY AA 38 -20.81 -13.63 -33.89
N VAL AA 39 -20.81 -12.75 -32.90
CA VAL AA 39 -21.40 -13.11 -31.60
C VAL AA 39 -22.87 -12.75 -31.44
N GLU AA 40 -23.71 -13.75 -31.30
CA GLU AA 40 -25.13 -13.47 -31.12
C GLU AA 40 -25.36 -13.33 -29.64
N ARG AA 41 -25.83 -12.16 -29.23
CA ARG AA 41 -26.07 -11.95 -27.81
C ARG AA 41 -27.55 -11.92 -27.46
N LEU AA 42 -28.37 -12.45 -28.37
CA LEU AA 42 -29.82 -12.54 -28.14
C LEU AA 42 -30.19 -14.03 -28.14
N ILE AA 43 -30.58 -14.53 -26.98
CA ILE AA 43 -30.94 -15.93 -26.85
C ILE AA 43 -32.45 -16.11 -26.80
N PRO AA 44 -33.02 -16.74 -27.83
CA PRO AA 44 -34.47 -16.95 -27.82
C PRO AA 44 -34.75 -18.20 -27.02
N VAL AA 45 -35.69 -18.11 -26.09
CA VAL AA 45 -36.07 -19.26 -25.27
C VAL AA 45 -37.52 -19.54 -25.65
N GLY AA 46 -37.73 -20.68 -26.30
CA GLY AA 46 -39.07 -21.00 -26.75
C GLY AA 46 -39.31 -20.01 -27.89
N ASP AA 47 -40.49 -19.43 -27.94
CA ASP AA 47 -40.76 -18.46 -28.98
C ASP AA 47 -41.69 -17.37 -28.46
N ASN AA 48 -41.52 -17.07 -27.18
CA ASN AA 48 -42.29 -16.03 -26.51
C ASN AA 48 -41.33 -15.24 -25.62
N THR AA 49 -40.07 -15.66 -25.64
CA THR AA 49 -39.02 -15.03 -24.83
C THR AA 49 -37.72 -14.90 -25.59
N VAL AA 50 -37.02 -13.79 -25.34
CA VAL AA 50 -35.71 -13.53 -25.93
C VAL AA 50 -34.88 -12.89 -24.82
N VAL AA 51 -33.73 -13.50 -24.55
CA VAL AA 51 -32.83 -13.01 -23.50
C VAL AA 51 -31.63 -12.32 -24.12
N GLY AA 52 -31.45 -11.05 -23.77
CA GLY AA 52 -30.33 -10.28 -24.29
C GLY AA 52 -29.28 -10.15 -23.21
N ILE AA 53 -28.06 -10.55 -23.55
CA ILE AA 53 -26.98 -10.53 -22.58
C ILE AA 53 -25.78 -9.68 -22.94
N SER AA 54 -25.22 -8.99 -21.94
CA SER AA 54 -24.04 -8.16 -22.12
C SER AA 54 -23.05 -8.54 -21.01
N GLY AA 55 -21.79 -8.18 -21.19
CA GLY AA 55 -20.80 -8.53 -20.20
C GLY AA 55 -19.88 -9.65 -20.66
N ASP AA 56 -19.36 -10.40 -19.71
CA ASP AA 56 -18.46 -11.49 -20.03
C ASP AA 56 -19.14 -12.51 -20.94
N ILE AA 57 -18.50 -12.78 -22.09
CA ILE AA 57 -19.03 -13.72 -23.06
C ILE AA 57 -18.93 -15.18 -22.62
N SER AA 58 -17.89 -15.55 -21.87
CA SER AA 58 -17.78 -16.95 -21.43
C SER AA 58 -18.93 -17.23 -20.45
N ASP AA 59 -19.28 -16.23 -19.66
CA ASP AA 59 -20.37 -16.37 -18.71
C ASP AA 59 -21.69 -16.37 -19.50
N MET AA 60 -21.73 -15.59 -20.57
CA MET AA 60 -22.93 -15.58 -21.40
C MET AA 60 -23.17 -16.96 -22.01
N GLN AA 61 -22.12 -17.56 -22.57
CA GLN AA 61 -22.23 -18.88 -23.16
C GLN AA 61 -22.73 -19.86 -22.10
N HIS AA 62 -22.29 -19.69 -20.87
CA HIS AA 62 -22.70 -20.55 -19.77
C HIS AA 62 -24.19 -20.39 -19.48
N ILE AA 63 -24.66 -19.14 -19.46
CA ILE AA 63 -26.07 -18.84 -19.19
C ILE AA 63 -26.94 -19.32 -20.34
N GLU AA 64 -26.32 -19.46 -21.51
CA GLU AA 64 -27.04 -19.93 -22.68
C GLU AA 64 -27.35 -21.42 -22.51
N ARG AA 65 -26.34 -22.20 -22.14
CA ARG AA 65 -26.50 -23.63 -21.93
C ARG AA 65 -27.51 -23.84 -20.83
N LEU AA 66 -27.50 -22.94 -19.85
CA LEU AA 66 -28.45 -23.03 -18.74
C LEU AA 66 -29.87 -22.90 -19.25
N LEU AA 67 -30.09 -21.95 -20.16
CA LEU AA 67 -31.41 -21.74 -20.71
C LEU AA 67 -31.86 -22.94 -21.53
N LYS AA 68 -30.96 -23.47 -22.36
CA LYS AA 68 -31.32 -24.63 -23.16
C LYS AA 68 -31.69 -25.81 -22.26
N ASP AA 69 -30.99 -25.97 -21.15
CA ASP AA 69 -31.30 -27.06 -20.24
C ASP AA 69 -32.66 -26.84 -19.63
N LEU AA 70 -32.98 -25.59 -19.31
CA LEU AA 70 -34.28 -25.28 -18.72
C LEU AA 70 -35.37 -25.78 -19.66
N VAL AA 71 -35.17 -25.56 -20.96
CA VAL AA 71 -36.13 -25.99 -21.96
C VAL AA 71 -36.28 -27.52 -21.96
N THR AA 72 -35.15 -28.22 -22.07
CA THR AA 72 -35.15 -29.68 -22.06
C THR AA 72 -35.90 -30.19 -20.84
N GLU AA 73 -35.55 -29.64 -19.68
CA GLU AA 73 -36.14 -30.04 -18.41
C GLU AA 73 -37.65 -29.86 -18.33
N ASN AA 74 -38.12 -28.66 -18.70
CA ASN AA 74 -39.53 -28.34 -18.66
C ASN AA 74 -40.35 -29.32 -19.48
N ALA AA 75 -39.71 -29.91 -20.47
CA ALA AA 75 -40.37 -30.86 -21.34
C ALA AA 75 -40.56 -32.22 -20.69
N TYR AA 76 -39.68 -32.58 -19.76
CA TYR AA 76 -39.77 -33.87 -19.08
C TYR AA 76 -41.10 -34.12 -18.38
N ASP AA 77 -41.72 -35.27 -18.67
CA ASP AA 77 -42.98 -35.65 -18.05
C ASP AA 77 -44.00 -34.51 -18.11
N ASN AA 78 -43.92 -33.71 -19.17
CA ASN AA 78 -44.80 -32.55 -19.33
C ASN AA 78 -45.59 -32.62 -20.64
N PRO AA 79 -46.78 -33.23 -20.62
CA PRO AA 79 -47.62 -33.37 -21.82
C PRO AA 79 -48.12 -32.03 -22.38
N LEU AA 80 -47.96 -30.97 -21.59
CA LEU AA 80 -48.40 -29.64 -22.00
C LEU AA 80 -47.20 -28.71 -22.17
N ALA AA 81 -46.04 -29.31 -22.46
CA ALA AA 81 -44.78 -28.58 -22.62
C ALA AA 81 -44.86 -27.45 -23.64
N ASP AA 82 -45.63 -27.65 -24.69
CA ASP AA 82 -45.79 -26.62 -25.70
C ASP AA 82 -47.22 -26.10 -25.68
N ALA AA 83 -47.76 -25.95 -24.48
CA ALA AA 83 -49.11 -25.45 -24.29
C ALA AA 83 -49.18 -24.71 -22.96
N GLU AA 84 -50.16 -25.07 -22.13
CA GLU AA 84 -50.33 -24.43 -20.82
C GLU AA 84 -49.10 -24.49 -19.92
N GLU AA 85 -48.27 -25.51 -20.10
CA GLU AA 85 -47.11 -25.65 -19.25
C GLU AA 85 -45.78 -25.40 -19.97
N ALA AA 86 -45.78 -24.44 -20.88
CA ALA AA 86 -44.57 -24.07 -21.61
C ALA AA 86 -43.92 -22.95 -20.80
N LEU AA 87 -42.61 -22.81 -20.94
CA LEU AA 87 -41.90 -21.76 -20.22
C LEU AA 87 -42.44 -20.37 -20.55
N GLU AA 88 -42.63 -19.57 -19.50
CA GLU AA 88 -43.11 -18.21 -19.62
C GLU AA 88 -41.91 -17.27 -19.43
N PRO AA 89 -42.00 -16.05 -19.99
CA PRO AA 89 -40.84 -15.17 -19.78
C PRO AA 89 -40.56 -15.01 -18.28
N SER AA 90 -41.62 -14.73 -17.51
CA SER AA 90 -41.48 -14.54 -16.07
C SER AA 90 -40.77 -15.70 -15.38
N TYR AA 91 -41.02 -16.92 -15.82
CA TYR AA 91 -40.35 -18.08 -15.21
C TYR AA 91 -38.85 -17.98 -15.49
N ILE AA 92 -38.51 -17.81 -16.77
CA ILE AA 92 -37.12 -17.70 -17.20
C ILE AA 92 -36.39 -16.59 -16.46
N PHE AA 93 -37.03 -15.44 -16.30
CA PHE AA 93 -36.39 -14.35 -15.60
C PHE AA 93 -36.13 -14.69 -14.14
N GLU AA 94 -37.17 -15.10 -13.43
CA GLU AA 94 -37.03 -15.45 -12.03
C GLU AA 94 -35.86 -16.42 -11.81
N TYR AA 95 -35.76 -17.41 -12.69
CA TYR AA 95 -34.69 -18.39 -12.61
C TYR AA 95 -33.34 -17.69 -12.73
N LEU AA 96 -33.15 -16.93 -13.80
CA LEU AA 96 -31.90 -16.20 -13.99
C LEU AA 96 -31.62 -15.26 -12.81
N ALA AA 97 -32.65 -14.56 -12.35
CA ALA AA 97 -32.49 -13.64 -11.24
C ALA AA 97 -32.01 -14.44 -10.03
N THR AA 98 -32.62 -15.59 -9.80
CA THR AA 98 -32.23 -16.41 -8.68
C THR AA 98 -30.76 -16.73 -8.82
N VAL AA 99 -30.41 -17.37 -9.93
CA VAL AA 99 -29.02 -17.72 -10.17
C VAL AA 99 -28.06 -16.53 -10.00
N MET AA 100 -28.39 -15.40 -10.62
CA MET AA 100 -27.51 -14.24 -10.53
C MET AA 100 -27.23 -13.82 -9.08
N TYR AA 101 -28.28 -13.68 -8.29
CA TYR AA 101 -28.11 -13.25 -6.91
C TYR AA 101 -27.35 -14.26 -6.08
N GLN AA 102 -27.60 -15.55 -6.31
CA GLN AA 102 -26.92 -16.60 -5.58
C GLN AA 102 -25.42 -16.55 -5.88
N ARG AA 103 -25.09 -16.38 -7.15
CA ARG AA 103 -23.70 -16.32 -7.57
C ARG AA 103 -22.98 -15.09 -6.99
N ARG AA 104 -23.63 -13.94 -6.93
CA ARG AA 104 -22.94 -12.77 -6.36
C ARG AA 104 -22.78 -13.00 -4.87
N SER AA 105 -23.77 -13.69 -4.29
CA SER AA 105 -23.72 -13.95 -2.87
C SER AA 105 -22.63 -14.96 -2.51
N LYS AA 106 -22.13 -15.69 -3.48
CA LYS AA 106 -21.08 -16.64 -3.21
C LYS AA 106 -19.77 -15.97 -3.62
N MET AA 107 -19.86 -14.69 -3.94
CA MET AA 107 -18.69 -13.93 -4.35
C MET AA 107 -18.04 -14.51 -5.59
N ASN AA 108 -18.86 -15.04 -6.48
CA ASN AA 108 -18.39 -15.60 -7.73
C ASN AA 108 -19.52 -15.30 -8.72
N PRO AA 109 -19.65 -14.02 -9.10
CA PRO AA 109 -20.70 -13.57 -10.04
C PRO AA 109 -20.54 -13.94 -11.50
N LEU AA 110 -21.67 -13.94 -12.19
CA LEU AA 110 -21.74 -14.17 -13.62
C LEU AA 110 -21.67 -12.70 -14.04
N TRP AA 111 -20.55 -12.32 -14.63
CA TRP AA 111 -20.34 -10.94 -15.01
C TRP AA 111 -21.19 -10.44 -16.17
N ASN AA 112 -22.49 -10.29 -15.91
CA ASN AA 112 -23.41 -9.85 -16.96
C ASN AA 112 -24.52 -8.91 -16.53
N ALA AA 113 -25.09 -8.24 -17.54
CA ALA AA 113 -26.24 -7.36 -17.37
C ALA AA 113 -27.17 -8.08 -18.35
N ILE AA 114 -28.34 -8.48 -17.88
CA ILE AA 114 -29.29 -9.22 -18.68
C ILE AA 114 -30.67 -8.59 -18.78
N ILE AA 115 -31.27 -8.70 -19.96
CA ILE AA 115 -32.62 -8.19 -20.17
C ILE AA 115 -33.48 -9.29 -20.76
N VAL AA 116 -34.55 -9.64 -20.06
CA VAL AA 116 -35.45 -10.68 -20.51
C VAL AA 116 -36.65 -9.98 -21.10
N ALA AA 117 -36.90 -10.24 -22.38
CA ALA AA 117 -38.02 -9.61 -23.07
C ALA AA 117 -38.91 -10.69 -23.64
N GLY AA 118 -40.22 -10.49 -23.52
CA GLY AA 118 -41.14 -11.46 -24.06
C GLY AA 118 -42.60 -11.14 -23.85
N VAL AA 119 -43.47 -12.08 -24.22
CA VAL AA 119 -44.91 -11.94 -24.08
C VAL AA 119 -45.48 -13.08 -23.25
N GLN AA 120 -46.14 -12.71 -22.16
CA GLN AA 120 -46.77 -13.67 -21.27
C GLN AA 120 -47.93 -14.35 -21.97
N SER AA 121 -48.23 -15.56 -21.56
CA SER AA 121 -49.33 -16.32 -22.18
C SER AA 121 -50.62 -15.49 -22.24
N ASN AA 122 -50.87 -14.68 -21.22
CA ASN AA 122 -52.08 -13.87 -21.20
C ASN AA 122 -51.92 -12.65 -22.10
N GLY AA 123 -50.87 -12.63 -22.91
CA GLY AA 123 -50.65 -11.51 -23.82
C GLY AA 123 -49.87 -10.32 -23.29
N ASP AA 124 -49.65 -10.25 -21.98
CA ASP AA 124 -48.92 -9.14 -21.36
C ASP AA 124 -47.47 -9.09 -21.83
N GLN AA 125 -46.93 -7.87 -21.92
CA GLN AA 125 -45.54 -7.72 -22.33
C GLN AA 125 -44.69 -7.85 -21.08
N PHE AA 126 -43.60 -8.60 -21.22
CA PHE AA 126 -42.68 -8.78 -20.10
C PHE AA 126 -41.34 -8.18 -20.48
N LEU AA 127 -40.78 -7.39 -19.55
CA LEU AA 127 -39.50 -6.76 -19.76
C LEU AA 127 -38.89 -6.46 -18.40
N ARG AA 128 -37.85 -7.20 -18.03
CA ARG AA 128 -37.21 -6.97 -16.76
C ARG AA 128 -35.71 -7.20 -16.93
N TYR AA 129 -34.94 -6.52 -16.08
CA TYR AA 129 -33.48 -6.56 -16.11
C TYR AA 129 -32.87 -7.17 -14.84
N VAL AA 130 -31.69 -7.78 -14.98
CA VAL AA 130 -30.98 -8.33 -13.83
C VAL AA 130 -29.49 -8.30 -14.15
N ASN AA 131 -28.65 -7.97 -13.16
CA ASN AA 131 -27.22 -7.91 -13.42
C ASN AA 131 -26.40 -8.78 -12.47
N LEU AA 132 -25.07 -8.73 -12.64
CA LEU AA 132 -24.15 -9.52 -11.84
C LEU AA 132 -24.34 -9.40 -10.33
N LEU AA 133 -25.00 -8.34 -9.89
CA LEU AA 133 -25.25 -8.15 -8.46
C LEU AA 133 -26.60 -8.74 -8.04
N GLY AA 134 -27.42 -9.13 -9.01
CA GLY AA 134 -28.72 -9.69 -8.69
C GLY AA 134 -29.77 -8.60 -8.60
N VAL AA 135 -29.38 -7.39 -8.98
CA VAL AA 135 -30.30 -6.26 -8.95
C VAL AA 135 -31.32 -6.40 -10.08
N THR AA 136 -32.57 -6.06 -9.81
CA THR AA 136 -33.61 -6.15 -10.85
C THR AA 136 -34.58 -4.98 -10.85
N TYR AA 137 -35.15 -4.72 -12.02
CA TYR AA 137 -36.12 -3.65 -12.18
C TYR AA 137 -36.78 -3.67 -13.55
N SER AA 138 -37.93 -3.02 -13.64
CA SER AA 138 -38.67 -2.93 -14.89
C SER AA 138 -38.95 -1.48 -15.24
N SER AA 139 -39.17 -1.23 -16.53
CA SER AA 139 -39.47 0.10 -17.04
C SER AA 139 -39.89 -0.08 -18.50
N PRO AA 140 -40.63 0.89 -19.08
CA PRO AA 140 -41.06 0.79 -20.48
C PRO AA 140 -39.88 0.58 -21.43
N THR AA 141 -38.70 1.04 -21.00
CA THR AA 141 -37.47 0.84 -21.78
C THR AA 141 -36.37 0.38 -20.81
N LEU AA 142 -35.50 -0.49 -21.30
CA LEU AA 142 -34.39 -1.00 -20.50
C LEU AA 142 -33.20 -1.17 -21.40
N ALA AA 143 -32.05 -0.71 -20.91
CA ALA AA 143 -30.82 -0.82 -21.68
C ALA AA 143 -29.69 -1.07 -20.68
N THR AA 144 -28.70 -1.85 -21.09
CA THR AA 144 -27.56 -2.13 -20.22
C THR AA 144 -26.35 -1.33 -20.66
N GLY AA 145 -25.38 -1.18 -19.77
CA GLY AA 145 -24.17 -0.46 -20.09
C GLY AA 145 -24.36 0.88 -20.77
N PHE AA 146 -23.65 1.07 -21.87
CA PHE AA 146 -23.71 2.32 -22.63
C PHE AA 146 -25.12 2.72 -23.03
N GLY AA 147 -25.90 1.72 -23.44
CA GLY AA 147 -27.27 1.98 -23.85
C GLY AA 147 -28.09 2.62 -22.75
N ALA AA 148 -27.74 2.35 -21.50
CA ALA AA 148 -28.50 2.92 -20.40
C ALA AA 148 -28.32 4.42 -20.42
N HIS AA 149 -27.16 4.89 -20.87
CA HIS AA 149 -26.90 6.32 -20.91
C HIS AA 149 -27.35 7.05 -22.17
N MET AA 150 -27.23 6.41 -23.33
CA MET AA 150 -27.63 7.06 -24.58
C MET AA 150 -28.92 6.53 -25.19
N ALA AA 151 -29.12 5.21 -25.14
CA ALA AA 151 -30.32 4.64 -25.70
C ALA AA 151 -31.59 5.02 -24.94
N ASN AA 152 -31.59 4.87 -23.62
CA ASN AA 152 -32.79 5.20 -22.83
C ASN AA 152 -33.35 6.59 -23.07
N PRO AA 153 -32.49 7.62 -23.07
CA PRO AA 153 -32.97 8.98 -23.29
C PRO AA 153 -33.79 9.12 -24.58
N LEU AA 154 -33.40 8.34 -25.60
CA LEU AA 154 -34.09 8.37 -26.88
C LEU AA 154 -35.39 7.58 -26.79
N LEU AA 155 -35.26 6.30 -26.40
CA LEU AA 155 -36.43 5.44 -26.28
C LEU AA 155 -37.50 6.01 -25.35
N ARG AA 156 -37.08 6.71 -24.31
CA ARG AA 156 -38.01 7.28 -23.37
C ARG AA 156 -38.83 8.41 -23.96
N LYS AA 157 -38.31 9.04 -25.02
CA LYS AA 157 -39.04 10.12 -25.67
C LYS AA 157 -40.24 9.52 -26.41
N VAL AA 158 -40.18 8.24 -26.72
CA VAL AA 158 -41.27 7.54 -27.41
C VAL AA 158 -42.26 6.99 -26.37
N VAL AA 159 -41.75 6.22 -25.41
CA VAL AA 159 -42.59 5.68 -24.34
C VAL AA 159 -42.07 6.23 -23.01
N ASP AA 160 -42.57 7.42 -22.65
CA ASP AA 160 -42.16 8.12 -21.44
C ASP AA 160 -42.86 7.58 -20.21
N ARG AA 161 -44.15 7.26 -20.35
CA ARG AA 161 -44.88 6.68 -19.23
C ARG AA 161 -45.81 5.58 -19.73
N GLU AA 162 -46.26 4.74 -18.81
CA GLU AA 162 -47.13 3.61 -19.13
C GLU AA 162 -48.21 3.85 -20.20
N SER AA 163 -48.85 5.01 -20.16
CA SER AA 163 -49.91 5.34 -21.12
C SER AA 163 -49.45 5.46 -22.58
N ASP AA 164 -48.14 5.53 -22.81
CA ASP AA 164 -47.61 5.66 -24.18
C ASP AA 164 -47.48 4.32 -24.92
N ILE AA 165 -47.46 3.23 -24.16
CA ILE AA 165 -47.27 1.91 -24.75
C ILE AA 165 -48.34 1.52 -25.76
N PRO AA 166 -49.62 1.67 -25.40
CA PRO AA 166 -50.66 1.30 -26.37
C PRO AA 166 -50.68 2.24 -27.60
N LYS AA 167 -50.08 3.42 -27.45
CA LYS AA 167 -50.02 4.40 -28.54
C LYS AA 167 -48.83 4.17 -29.47
N THR AA 168 -47.93 3.26 -29.10
CA THR AA 168 -46.74 3.00 -29.91
C THR AA 168 -46.90 1.75 -30.74
N THR AA 169 -46.60 1.85 -32.02
CA THR AA 169 -46.70 0.70 -32.91
C THR AA 169 -45.34 0.09 -33.13
N VAL AA 170 -45.31 -1.16 -33.59
CA VAL AA 170 -44.05 -1.85 -33.85
C VAL AA 170 -43.16 -1.03 -34.78
N GLN AA 171 -43.77 -0.31 -35.71
CA GLN AA 171 -43.05 0.50 -36.69
C GLN AA 171 -42.30 1.61 -35.99
N VAL AA 172 -43.02 2.38 -35.19
CA VAL AA 172 -42.43 3.48 -34.45
C VAL AA 172 -41.32 2.92 -33.55
N ALA AA 173 -41.68 1.91 -32.76
CA ALA AA 173 -40.73 1.27 -31.84
C ALA AA 173 -39.49 0.74 -32.55
N GLU AA 174 -39.65 -0.15 -33.51
CA GLU AA 174 -38.50 -0.71 -34.20
C GLU AA 174 -37.61 0.36 -34.76
N GLU AA 175 -38.20 1.50 -35.11
CA GLU AA 175 -37.44 2.60 -35.67
C GLU AA 175 -36.60 3.24 -34.59
N ALA AA 176 -37.24 3.52 -33.45
CA ALA AA 176 -36.53 4.11 -32.33
C ALA AA 176 -35.32 3.22 -32.02
N ILE AA 177 -35.56 1.93 -31.84
CA ILE AA 177 -34.50 0.98 -31.56
C ILE AA 177 -33.38 1.05 -32.57
N VAL AA 178 -33.71 1.02 -33.85
CA VAL AA 178 -32.68 1.06 -34.88
C VAL AA 178 -31.87 2.34 -34.86
N ASN AA 179 -32.52 3.45 -34.51
CA ASN AA 179 -31.82 4.73 -34.46
C ASN AA 179 -30.86 4.74 -33.28
N ALA AA 180 -31.29 4.12 -32.18
CA ALA AA 180 -30.48 4.05 -30.98
C ALA AA 180 -29.21 3.27 -31.30
N MET AA 181 -29.37 2.15 -31.99
CA MET AA 181 -28.21 1.34 -32.34
C MET AA 181 -27.22 2.17 -33.14
N ARG AA 182 -27.72 3.12 -33.92
CA ARG AA 182 -26.84 3.96 -34.70
C ARG AA 182 -26.08 4.91 -33.77
N VAL AA 183 -26.82 5.62 -32.91
CA VAL AA 183 -26.19 6.54 -31.98
C VAL AA 183 -25.10 5.81 -31.19
N LEU AA 184 -25.42 4.63 -30.67
CA LEU AA 184 -24.43 3.85 -29.93
C LEU AA 184 -23.24 3.53 -30.82
N TYR AA 185 -23.48 3.29 -32.10
CA TYR AA 185 -22.38 2.98 -33.02
C TYR AA 185 -21.50 4.20 -33.19
N TYR AA 186 -22.09 5.39 -33.05
CA TYR AA 186 -21.36 6.65 -33.19
C TYR AA 186 -20.47 6.98 -32.00
N ARG AA 187 -21.00 6.79 -30.78
CA ARG AA 187 -20.25 7.15 -29.59
C ARG AA 187 -19.72 6.05 -28.67
N ASP AA 188 -20.01 4.78 -28.93
CA ASP AA 188 -19.49 3.70 -28.09
C ASP AA 188 -18.29 3.08 -28.81
N ALA AA 189 -17.11 3.21 -28.22
CA ALA AA 189 -15.88 2.69 -28.81
C ALA AA 189 -15.79 1.17 -28.84
N ARG AA 190 -16.76 0.49 -28.22
CA ARG AA 190 -16.75 -0.96 -28.17
C ARG AA 190 -17.92 -1.55 -28.96
N SER AA 191 -18.46 -0.78 -29.89
CA SER AA 191 -19.59 -1.24 -30.70
C SER AA 191 -19.27 -1.68 -32.13
N SER AA 192 -20.17 -2.48 -32.67
CA SER AA 192 -20.07 -3.02 -34.02
C SER AA 192 -21.20 -2.41 -34.86
N ARG AA 193 -21.03 -2.43 -36.18
CA ARG AA 193 -22.05 -1.89 -37.07
C ARG AA 193 -23.14 -2.93 -37.29
N ASN AA 194 -22.79 -4.19 -37.06
CA ASN AA 194 -23.72 -5.29 -37.23
C ASN AA 194 -24.40 -5.65 -35.94
N PHE AA 195 -25.70 -5.87 -36.01
CA PHE AA 195 -26.44 -6.22 -34.82
C PHE AA 195 -27.64 -7.09 -35.11
N SER AA 196 -28.25 -7.62 -34.06
CA SER AA 196 -29.43 -8.44 -34.19
C SER AA 196 -30.57 -7.72 -33.47
N LEU AA 197 -31.77 -7.90 -33.97
CA LEU AA 197 -32.94 -7.28 -33.39
C LEU AA 197 -34.03 -8.33 -33.37
N ALA AA 198 -34.81 -8.36 -32.31
CA ALA AA 198 -35.89 -9.32 -32.21
C ALA AA 198 -37.19 -8.68 -31.73
N ILE AA 199 -38.30 -9.16 -32.27
CA ILE AA 199 -39.60 -8.66 -31.88
C ILE AA 199 -40.43 -9.81 -31.36
N ILE AA 200 -41.08 -9.61 -30.22
CA ILE AA 200 -41.95 -10.62 -29.65
C ILE AA 200 -43.30 -9.92 -29.58
N ASP AA 201 -44.16 -10.29 -30.51
CA ASP AA 201 -45.49 -9.69 -30.63
C ASP AA 201 -46.54 -10.71 -30.21
N LYS AA 202 -47.56 -10.26 -29.48
CA LYS AA 202 -48.60 -11.15 -29.03
C LYS AA 202 -49.47 -11.71 -30.16
N ASN AA 203 -49.24 -11.24 -31.39
CA ASN AA 203 -50.01 -11.70 -32.54
C ASN AA 203 -49.11 -12.35 -33.59
N THR AA 204 -48.06 -11.64 -33.98
CA THR AA 204 -47.15 -12.15 -35.00
C THR AA 204 -46.10 -13.11 -34.47
N GLY AA 205 -45.99 -13.22 -33.16
CA GLY AA 205 -45.01 -14.13 -32.58
C GLY AA 205 -43.60 -13.56 -32.43
N LEU AA 206 -42.60 -14.40 -32.65
CA LEU AA 206 -41.23 -13.97 -32.52
C LEU AA 206 -40.55 -13.83 -33.87
N THR AA 207 -40.18 -12.60 -34.19
CA THR AA 207 -39.48 -12.30 -35.43
C THR AA 207 -38.04 -12.01 -35.00
N PHE AA 208 -37.10 -12.79 -35.50
CA PHE AA 208 -35.71 -12.61 -35.12
C PHE AA 208 -34.88 -12.19 -36.31
N LYS AA 209 -34.49 -10.92 -36.33
CA LYS AA 209 -33.69 -10.38 -37.43
C LYS AA 209 -32.18 -10.38 -37.16
N LYS AA 210 -31.43 -11.10 -37.98
CA LYS AA 210 -29.98 -11.19 -37.86
C LYS AA 210 -29.30 -10.40 -38.97
N ASN AA 211 -28.03 -10.07 -38.76
CA ASN AA 211 -27.23 -9.33 -39.72
C ASN AA 211 -27.70 -7.96 -40.17
N LEU AA 212 -28.37 -7.23 -39.28
CA LEU AA 212 -28.79 -5.89 -39.62
C LEU AA 212 -27.53 -5.06 -39.61
N GLN AA 213 -27.61 -3.84 -40.14
CA GLN AA 213 -26.46 -2.96 -40.18
C GLN AA 213 -26.86 -1.52 -39.97
N VAL AA 214 -25.99 -0.75 -39.33
CA VAL AA 214 -26.25 0.66 -39.11
C VAL AA 214 -26.20 1.30 -40.50
N GLU AA 215 -27.29 1.96 -40.88
CA GLU AA 215 -27.37 2.62 -42.19
C GLU AA 215 -27.71 4.10 -42.05
N ASN AA 216 -27.56 4.83 -43.14
CA ASN AA 216 -27.91 6.24 -43.17
C ASN AA 216 -27.17 7.07 -42.14
N MET AA 217 -25.86 6.91 -42.10
CA MET AA 217 -25.04 7.66 -41.16
C MET AA 217 -24.63 9.00 -41.76
N LYS AA 218 -24.45 9.99 -40.89
CA LYS AA 218 -24.04 11.31 -41.32
C LYS AA 218 -22.55 11.48 -41.02
N TRP AA 219 -21.74 11.62 -42.07
CA TRP AA 219 -20.31 11.77 -41.93
C TRP AA 219 -19.77 12.92 -42.76
N ASP AA 220 -20.55 13.36 -43.75
CA ASP AA 220 -20.11 14.42 -44.64
C ASP AA 220 -19.55 15.69 -43.99
N PHE AA 221 -20.21 16.17 -42.93
CA PHE AA 221 -19.76 17.39 -42.25
C PHE AA 221 -18.31 17.27 -41.77
N ALA AA 222 -17.83 16.04 -41.66
CA ALA AA 222 -16.48 15.78 -41.22
C ALA AA 222 -15.44 16.47 -42.10
N LYS AA 223 -15.75 16.66 -43.37
CA LYS AA 223 -14.81 17.28 -44.31
C LYS AA 223 -14.55 18.76 -44.02
N ASP AA 224 -15.50 19.39 -43.34
CA ASP AA 224 -15.42 20.81 -43.02
C ASP AA 224 -14.69 21.09 -41.73
N ILE AA 225 -14.22 20.03 -41.07
CA ILE AA 225 -13.51 20.20 -39.81
C ILE AA 225 -12.00 20.06 -40.00
N LYS AA 226 -11.29 21.13 -39.67
CA LYS AA 226 -9.84 21.11 -39.74
C LYS AA 226 -9.24 21.71 -38.47
N GLY AA 227 -8.09 21.16 -38.07
CA GLY AA 227 -7.41 21.63 -36.89
C GLY AA 227 -8.20 21.43 -35.62
N TYR AA 228 -7.74 22.07 -34.55
CA TYR AA 228 -8.41 21.98 -33.26
C TYR AA 228 -8.64 23.34 -32.66
N GLY AA 229 -8.65 24.36 -33.53
CA GLY AA 229 -8.87 25.72 -33.06
C GLY AA 229 -8.51 26.83 -34.03
N THR AA 230 -7.22 26.99 -34.30
CA THR AA 230 -6.76 28.05 -35.19
C THR AA 230 -6.43 27.62 -36.61
N GLN AA 231 -5.99 26.38 -36.80
CA GLN AA 231 -5.62 25.91 -38.13
C GLN AA 231 -6.72 26.15 -39.14
N LYS AA 232 -6.35 26.76 -40.28
CA LYS AA 232 -7.32 27.07 -41.32
C LYS AA 232 -7.37 26.08 -42.47
N ILE AA 233 -6.24 25.49 -42.84
CA ILE AA 233 -6.24 24.54 -43.95
C ILE AA 233 -6.35 23.09 -43.50
N THR BA 1 4.88 -15.77 -28.15
CA THR BA 1 4.33 -16.92 -28.91
C THR BA 1 3.40 -16.46 -30.01
N SER BA 2 3.45 -17.19 -31.12
CA SER BA 2 2.58 -16.92 -32.27
C SER BA 2 2.07 -18.27 -32.75
N ILE BA 3 0.76 -18.44 -32.70
CA ILE BA 3 0.11 -19.68 -33.11
C ILE BA 3 -1.15 -19.36 -33.91
N MET BA 4 -1.49 -20.26 -34.83
CA MET BA 4 -2.66 -20.07 -35.66
C MET BA 4 -3.09 -21.40 -36.25
N ALA BA 5 -4.36 -21.47 -36.65
CA ALA BA 5 -4.91 -22.66 -37.28
C ALA BA 5 -5.80 -22.16 -38.41
N VAL BA 6 -5.62 -22.72 -39.60
CA VAL BA 6 -6.41 -22.32 -40.75
C VAL BA 6 -7.10 -23.52 -41.40
N THR BA 7 -8.40 -23.42 -41.62
CA THR BA 7 -9.12 -24.50 -42.29
C THR BA 7 -8.96 -24.25 -43.78
N PHE BA 8 -8.87 -25.31 -44.56
CA PHE BA 8 -8.74 -25.14 -46.00
C PHE BA 8 -9.45 -26.29 -46.70
N LYS BA 9 -9.59 -26.19 -48.02
CA LYS BA 9 -10.27 -27.19 -48.82
C LYS BA 9 -10.13 -28.66 -48.38
N ASP BA 10 -8.92 -29.11 -48.07
CA ASP BA 10 -8.69 -30.51 -47.67
C ASP BA 10 -8.70 -30.84 -46.17
N GLY BA 11 -8.80 -29.82 -45.32
CA GLY BA 11 -8.80 -30.05 -43.88
C GLY BA 11 -8.40 -28.82 -43.08
N VAL BA 12 -7.29 -28.93 -42.35
CA VAL BA 12 -6.81 -27.81 -41.54
C VAL BA 12 -5.32 -27.93 -41.23
N ILE BA 13 -4.68 -26.80 -40.97
CA ILE BA 13 -3.26 -26.77 -40.64
C ILE BA 13 -2.99 -25.88 -39.40
N LEU BA 14 -2.17 -26.40 -38.49
CA LEU BA 14 -1.78 -25.70 -37.29
C LEU BA 14 -0.33 -25.22 -37.42
N GLY BA 15 -0.10 -23.97 -37.06
CA GLY BA 15 1.24 -23.42 -37.14
C GLY BA 15 1.61 -22.73 -35.84
N ALA BA 16 2.91 -22.64 -35.56
CA ALA BA 16 3.38 -22.00 -34.35
C ALA BA 16 4.89 -21.72 -34.41
N ASP BA 17 5.34 -20.72 -33.67
CA ASP BA 17 6.77 -20.43 -33.61
C ASP BA 17 7.32 -21.47 -32.61
N SER BA 18 8.58 -21.37 -32.22
CA SER BA 18 9.12 -22.35 -31.27
C SER BA 18 9.86 -21.72 -30.11
N ARG BA 19 9.57 -20.46 -29.84
CA ARG BA 19 10.25 -19.77 -28.76
C ARG BA 19 9.47 -19.65 -27.46
N THR BA 20 10.14 -19.97 -26.35
CA THR BA 20 9.53 -19.84 -25.04
C THR BA 20 10.55 -19.08 -24.21
N THR BA 21 10.10 -18.01 -23.57
CA THR BA 21 10.96 -17.15 -22.78
C THR BA 21 10.56 -17.01 -21.33
N THR BA 22 11.51 -16.57 -20.53
CA THR BA 22 11.30 -16.27 -19.11
C THR BA 22 11.98 -14.91 -19.07
N GLY BA 23 11.19 -13.86 -19.21
CA GLY BA 23 11.74 -12.53 -19.24
C GLY BA 23 12.28 -12.33 -20.64
N ALA BA 24 13.53 -11.92 -20.75
CA ALA BA 24 14.12 -11.72 -22.07
C ALA BA 24 14.98 -12.91 -22.44
N TYR BA 25 15.07 -13.89 -21.55
CA TYR BA 25 15.88 -15.06 -21.84
C TYR BA 25 15.05 -16.10 -22.56
N ILE BA 26 15.61 -16.63 -23.65
CA ILE BA 26 14.91 -17.65 -24.41
C ILE BA 26 15.27 -18.99 -23.80
N ALA BA 27 14.37 -19.48 -22.95
CA ALA BA 27 14.55 -20.75 -22.26
C ALA BA 27 14.62 -21.93 -23.23
N ASN BA 28 13.75 -21.91 -24.23
CA ASN BA 28 13.72 -22.95 -25.24
C ASN BA 28 13.55 -22.26 -26.58
N ARG BA 29 14.44 -22.53 -27.53
CA ARG BA 29 14.32 -21.92 -28.84
C ARG BA 29 13.77 -22.89 -29.89
N VAL BA 30 13.54 -24.13 -29.48
CA VAL BA 30 13.01 -25.16 -30.38
C VAL BA 30 11.79 -25.85 -29.78
N THR BA 31 10.99 -25.09 -29.05
CA THR BA 31 9.78 -25.61 -28.41
C THR BA 31 8.80 -26.15 -29.43
N ASP BA 32 7.99 -27.13 -29.03
CA ASP BA 32 6.98 -27.69 -29.92
C ASP BA 32 5.61 -27.35 -29.31
N LYS BA 33 4.98 -26.30 -29.83
CA LYS BA 33 3.70 -25.83 -29.33
C LYS BA 33 2.49 -26.48 -30.00
N LEU BA 34 2.73 -27.44 -30.90
CA LEU BA 34 1.67 -28.15 -31.59
C LEU BA 34 1.45 -29.48 -30.87
N THR BA 35 0.44 -29.50 -30.01
CA THR BA 35 0.15 -30.67 -29.19
C THR BA 35 -0.99 -31.54 -29.67
N ARG BA 36 -0.75 -32.84 -29.63
CA ARG BA 36 -1.71 -33.85 -30.06
C ARG BA 36 -2.60 -34.36 -28.93
N VAL BA 37 -3.92 -34.27 -29.09
CA VAL BA 37 -4.83 -34.78 -28.07
C VAL BA 37 -5.57 -36.01 -28.60
N HIS BA 38 -5.45 -36.24 -29.90
CA HIS BA 38 -6.07 -37.38 -30.55
C HIS BA 38 -5.48 -37.49 -31.95
N ASP BA 39 -5.59 -38.67 -32.56
CA ASP BA 39 -5.04 -38.91 -33.89
C ASP BA 39 -5.18 -37.71 -34.82
N LYS BA 40 -6.40 -37.16 -34.91
CA LYS BA 40 -6.57 -36.02 -35.78
C LYS BA 40 -7.20 -34.80 -35.13
N ILE BA 41 -6.84 -34.59 -33.87
CA ILE BA 41 -7.28 -33.41 -33.15
C ILE BA 41 -6.05 -32.93 -32.42
N TRP BA 42 -5.56 -31.74 -32.79
CA TRP BA 42 -4.39 -31.15 -32.18
C TRP BA 42 -4.74 -29.76 -31.67
N CYS BA 43 -3.82 -29.16 -30.93
CA CYS BA 43 -4.07 -27.83 -30.39
C CYS BA 43 -2.81 -26.99 -30.39
N CYS BA 44 -3.00 -25.68 -30.36
CA CYS BA 44 -1.90 -24.74 -30.31
C CYS BA 44 -1.96 -24.19 -28.90
N ARG BA 45 -0.81 -24.20 -28.23
CA ARG BA 45 -0.76 -23.71 -26.86
C ARG BA 45 -0.13 -22.33 -26.68
N SER BA 46 -0.79 -21.51 -25.87
CA SER BA 46 -0.31 -20.17 -25.54
C SER BA 46 -0.70 -19.90 -24.08
N GLY BA 47 0.07 -19.06 -23.39
CA GLY BA 47 -0.22 -18.78 -22.00
C GLY BA 47 0.80 -19.53 -21.16
N SER BA 48 0.46 -19.83 -19.92
CA SER BA 48 1.38 -20.57 -19.05
C SER BA 48 1.69 -21.97 -19.61
N ALA BA 49 2.96 -22.26 -19.85
CA ALA BA 49 3.35 -23.57 -20.38
C ALA BA 49 2.95 -24.66 -19.39
N ALA BA 50 3.08 -24.37 -18.10
CA ALA BA 50 2.70 -25.33 -17.09
C ALA BA 50 1.20 -25.56 -17.21
N ASP BA 51 0.44 -24.48 -17.29
CA ASP BA 51 -1.01 -24.58 -17.39
C ASP BA 51 -1.49 -25.32 -18.63
N THR BA 52 -1.04 -24.91 -19.80
CA THR BA 52 -1.50 -25.56 -21.04
C THR BA 52 -1.07 -27.00 -21.17
N GLN BA 53 0.13 -27.34 -20.69
CA GLN BA 53 0.60 -28.72 -20.76
C GLN BA 53 -0.29 -29.59 -19.87
N ALA BA 54 -0.57 -29.12 -18.65
CA ALA BA 54 -1.42 -29.87 -17.72
C ALA BA 54 -2.81 -30.03 -18.30
N ILE BA 55 -3.32 -28.97 -18.92
CA ILE BA 55 -4.65 -29.01 -19.52
C ILE BA 55 -4.70 -29.98 -20.69
N ALA BA 56 -3.72 -29.89 -21.59
CA ALA BA 56 -3.67 -30.76 -22.76
C ALA BA 56 -3.55 -32.22 -22.30
N ASP BA 57 -2.68 -32.47 -21.33
CA ASP BA 57 -2.47 -33.81 -20.82
C ASP BA 57 -3.80 -34.39 -20.36
N ILE BA 58 -4.57 -33.61 -19.60
CA ILE BA 58 -5.87 -34.05 -19.10
C ILE BA 58 -6.88 -34.26 -20.23
N VAL BA 59 -6.91 -33.36 -21.20
CA VAL BA 59 -7.82 -33.50 -22.34
C VAL BA 59 -7.50 -34.79 -23.09
N GLN BA 60 -6.22 -35.02 -23.37
CA GLN BA 60 -5.81 -36.22 -24.07
C GLN BA 60 -6.30 -37.47 -23.35
N TYR BA 61 -6.23 -37.42 -22.02
CA TYR BA 61 -6.68 -38.52 -21.20
C TYR BA 61 -8.18 -38.70 -21.39
N HIS BA 62 -8.93 -37.61 -21.28
CA HIS BA 62 -10.38 -37.65 -21.43
C HIS BA 62 -10.86 -38.21 -22.77
N LEU BA 63 -10.16 -37.84 -23.84
CA LEU BA 63 -10.52 -38.30 -25.16
C LEU BA 63 -10.13 -39.77 -25.35
N GLU BA 64 -9.02 -40.17 -24.74
CA GLU BA 64 -8.62 -41.57 -24.84
C GLU BA 64 -9.68 -42.44 -24.18
N LEU BA 65 -10.18 -42.00 -23.02
CA LEU BA 65 -11.22 -42.75 -22.32
C LEU BA 65 -12.53 -42.67 -23.09
N TYR BA 66 -12.83 -41.50 -23.62
CA TYR BA 66 -14.04 -41.29 -24.42
C TYR BA 66 -14.05 -42.29 -25.57
N THR BA 67 -12.90 -42.44 -26.22
CA THR BA 67 -12.78 -43.37 -27.32
C THR BA 67 -13.01 -44.80 -26.88
N SER BA 68 -12.42 -45.19 -25.76
CA SER BA 68 -12.57 -46.54 -25.25
C SER BA 68 -14.04 -46.91 -25.13
N GLN BA 69 -14.86 -45.91 -24.81
CA GLN BA 69 -16.27 -46.17 -24.61
C GLN BA 69 -17.24 -45.78 -25.73
N TYR BA 70 -17.00 -44.67 -26.42
CA TYR BA 70 -17.95 -44.27 -27.44
C TYR BA 70 -17.37 -44.07 -28.82
N GLY BA 71 -16.15 -44.55 -29.03
CA GLY BA 71 -15.56 -44.39 -30.34
C GLY BA 71 -14.94 -43.02 -30.53
N THR BA 72 -14.57 -42.72 -31.77
CA THR BA 72 -13.94 -41.46 -32.08
C THR BA 72 -14.74 -40.24 -31.70
N PRO BA 73 -14.09 -39.29 -31.00
CA PRO BA 73 -14.68 -38.03 -30.54
C PRO BA 73 -14.61 -37.00 -31.66
N SER BA 74 -15.59 -36.10 -31.73
CA SER BA 74 -15.59 -35.08 -32.76
C SER BA 74 -14.61 -33.99 -32.37
N THR BA 75 -14.34 -33.06 -33.29
CA THR BA 75 -13.43 -31.97 -33.00
C THR BA 75 -14.17 -31.09 -32.03
N GLU BA 76 -15.47 -30.97 -32.22
CA GLU BA 76 -16.31 -30.15 -31.34
C GLU BA 76 -16.26 -30.64 -29.90
N THR BA 77 -16.27 -31.97 -29.72
CA THR BA 77 -16.22 -32.54 -28.37
C THR BA 77 -14.90 -32.19 -27.67
N ALA BA 78 -13.79 -32.25 -28.41
CA ALA BA 78 -12.48 -31.94 -27.86
C ALA BA 78 -12.45 -30.47 -27.42
N ALA BA 79 -13.05 -29.59 -28.21
CA ALA BA 79 -13.07 -28.19 -27.84
C ALA BA 79 -13.91 -28.04 -26.57
N SER BA 80 -14.95 -28.85 -26.45
CA SER BA 80 -15.83 -28.80 -25.28
C SER BA 80 -15.05 -29.13 -24.00
N VAL BA 81 -14.27 -30.20 -24.04
CA VAL BA 81 -13.48 -30.59 -22.88
C VAL BA 81 -12.46 -29.50 -22.53
N PHE BA 82 -11.72 -29.02 -23.53
CA PHE BA 82 -10.74 -27.97 -23.30
C PHE BA 82 -11.44 -26.80 -22.64
N LYS BA 83 -12.57 -26.39 -23.20
CA LYS BA 83 -13.35 -25.28 -22.68
C LYS BA 83 -13.85 -25.50 -21.26
N GLU BA 84 -14.40 -26.68 -21.00
CA GLU BA 84 -14.90 -26.98 -19.68
C GLU BA 84 -13.79 -26.73 -18.65
N LEU BA 85 -12.59 -27.23 -18.96
CA LEU BA 85 -11.43 -27.06 -18.09
C LEU BA 85 -11.02 -25.59 -17.92
N CYS BA 86 -10.89 -24.88 -19.04
CA CYS BA 86 -10.47 -23.49 -19.03
C CYS BA 86 -11.47 -22.53 -18.37
N TYR BA 87 -12.74 -22.84 -18.50
CA TYR BA 87 -13.78 -21.98 -17.92
C TYR BA 87 -13.93 -22.23 -16.43
N GLU BA 88 -14.20 -23.47 -16.08
CA GLU BA 88 -14.37 -23.88 -14.70
C GLU BA 88 -13.16 -23.51 -13.82
N ASN BA 89 -11.98 -23.37 -14.42
CA ASN BA 89 -10.77 -23.04 -13.67
C ASN BA 89 -10.15 -21.72 -14.10
N LYS BA 90 -10.96 -20.81 -14.60
CA LYS BA 90 -10.46 -19.52 -15.09
C LYS BA 90 -9.65 -18.73 -14.06
N ASP BA 91 -9.92 -18.94 -12.77
CA ASP BA 91 -9.20 -18.21 -11.74
C ASP BA 91 -7.78 -18.69 -11.48
N ASN BA 92 -7.46 -19.91 -11.90
CA ASN BA 92 -6.11 -20.43 -11.68
C ASN BA 92 -5.43 -20.84 -12.96
N LEU BA 93 -5.84 -20.26 -14.07
CA LEU BA 93 -5.24 -20.60 -15.34
C LEU BA 93 -5.00 -19.40 -16.22
N THR BA 94 -3.96 -19.51 -17.03
CA THR BA 94 -3.60 -18.49 -17.99
C THR BA 94 -3.30 -19.32 -19.23
N ALA BA 95 -4.37 -19.74 -19.90
CA ALA BA 95 -4.27 -20.55 -21.10
C ALA BA 95 -5.06 -20.03 -22.30
N GLY BA 96 -4.36 -19.89 -23.42
CA GLY BA 96 -4.98 -19.44 -24.65
C GLY BA 96 -4.77 -20.60 -25.60
N ILE BA 97 -5.84 -21.35 -25.86
CA ILE BA 97 -5.71 -22.53 -26.71
C ILE BA 97 -6.52 -22.55 -28.01
N ILE BA 98 -5.87 -23.01 -29.08
CA ILE BA 98 -6.55 -23.15 -30.36
C ILE BA 98 -6.71 -24.64 -30.67
N VAL BA 99 -7.95 -25.09 -30.83
CA VAL BA 99 -8.22 -26.49 -31.13
C VAL BA 99 -8.51 -26.66 -32.61
N ALA BA 100 -7.81 -27.60 -33.26
CA ALA BA 100 -8.00 -27.85 -34.68
C ALA BA 100 -8.10 -29.34 -34.91
N GLY BA 101 -9.00 -29.75 -35.80
CA GLY BA 101 -9.14 -31.17 -36.06
C GLY BA 101 -9.72 -31.47 -37.42
N TYR BA 102 -9.42 -32.66 -37.94
CA TYR BA 102 -9.94 -33.09 -39.23
C TYR BA 102 -10.96 -34.19 -39.04
N ASP BA 103 -12.06 -34.03 -39.77
CA ASP BA 103 -13.19 -34.93 -39.71
C ASP BA 103 -13.61 -35.21 -41.15
N ASP BA 104 -13.96 -36.45 -41.44
CA ASP BA 104 -14.36 -36.82 -42.80
C ASP BA 104 -15.66 -36.14 -43.24
N LYS BA 105 -16.56 -35.94 -42.29
CA LYS BA 105 -17.83 -35.30 -42.58
C LYS BA 105 -17.71 -33.77 -42.59
N ASN BA 106 -17.05 -33.22 -41.57
CA ASN BA 106 -16.91 -31.77 -41.45
C ASN BA 106 -15.63 -31.22 -42.06
N LYS BA 107 -14.77 -32.10 -42.56
CA LYS BA 107 -13.50 -31.65 -43.15
C LYS BA 107 -12.67 -31.05 -42.00
N GLY BA 108 -12.21 -29.81 -42.15
CA GLY BA 108 -11.43 -29.20 -41.09
C GLY BA 108 -12.23 -28.25 -40.22
N GLU BA 109 -11.93 -28.20 -38.92
CA GLU BA 109 -12.63 -27.29 -38.02
C GLU BA 109 -11.65 -26.58 -37.09
N VAL BA 110 -11.97 -25.37 -36.68
CA VAL BA 110 -11.09 -24.63 -35.78
C VAL BA 110 -11.86 -23.91 -34.68
N TYR BA 111 -11.50 -24.25 -33.44
CA TYR BA 111 -12.11 -23.63 -32.26
C TYR BA 111 -11.04 -22.89 -31.50
N THR BA 112 -11.34 -21.66 -31.09
CA THR BA 112 -10.39 -20.89 -30.33
C THR BA 112 -10.98 -20.66 -28.94
N ILE BA 113 -10.18 -20.94 -27.92
CA ILE BA 113 -10.58 -20.77 -26.53
C ILE BA 113 -9.66 -19.75 -25.90
N PRO BA 114 -10.12 -18.48 -25.84
CA PRO BA 114 -9.33 -17.40 -25.25
C PRO BA 114 -9.30 -17.46 -23.73
N LEU BA 115 -8.54 -16.53 -23.14
CA LEU BA 115 -8.39 -16.45 -21.70
C LEU BA 115 -9.65 -16.70 -20.86
N GLY BA 116 -10.71 -15.93 -21.08
CA GLY BA 116 -11.88 -16.16 -20.25
C GLY BA 116 -12.45 -17.57 -20.14
N GLY BA 117 -12.25 -18.39 -21.17
CA GLY BA 117 -12.78 -19.74 -21.14
C GLY BA 117 -13.99 -19.88 -22.06
N SER BA 118 -14.16 -18.95 -22.99
CA SER BA 118 -15.27 -19.00 -23.94
C SER BA 118 -14.78 -19.79 -25.16
N VAL BA 119 -15.70 -20.20 -26.03
CA VAL BA 119 -15.29 -20.94 -27.22
C VAL BA 119 -15.78 -20.23 -28.46
N HIS BA 120 -15.00 -20.28 -29.53
CA HIS BA 120 -15.37 -19.62 -30.76
C HIS BA 120 -14.93 -20.46 -31.96
N LYS BA 121 -15.90 -20.89 -32.77
CA LYS BA 121 -15.59 -21.69 -33.96
C LYS BA 121 -15.34 -20.69 -35.09
N LEU BA 122 -14.23 -20.85 -35.80
CA LEU BA 122 -13.89 -19.92 -36.86
C LEU BA 122 -13.21 -20.61 -38.04
N PRO BA 123 -13.12 -19.92 -39.19
CA PRO BA 123 -12.49 -20.43 -40.41
C PRO BA 123 -11.01 -20.60 -40.14
N TYR BA 124 -10.52 -19.74 -39.26
CA TYR BA 124 -9.11 -19.76 -38.85
C TYR BA 124 -9.02 -18.88 -37.61
N ALA BA 125 -7.92 -19.05 -36.87
CA ALA BA 125 -7.70 -18.28 -35.66
C ALA BA 125 -6.23 -18.07 -35.42
N ILE BA 126 -5.94 -16.96 -34.76
CA ILE BA 126 -4.57 -16.59 -34.42
C ILE BA 126 -4.55 -16.22 -32.94
N ALA BA 127 -3.44 -16.48 -32.27
CA ALA BA 127 -3.32 -16.18 -30.86
C ALA BA 127 -1.87 -16.15 -30.42
N GLY BA 128 -1.64 -15.66 -29.21
CA GLY BA 128 -0.28 -15.56 -28.71
C GLY BA 128 0.17 -14.11 -28.75
N SER BA 129 1.27 -13.80 -28.07
CA SER BA 129 1.76 -12.43 -28.05
C SER BA 129 1.94 -11.84 -29.45
N GLY BA 130 2.49 -12.62 -30.38
CA GLY BA 130 2.72 -12.13 -31.74
C GLY BA 130 1.50 -11.89 -32.61
N SER BA 131 0.39 -12.54 -32.30
CA SER BA 131 -0.83 -12.41 -33.07
C SER BA 131 -1.31 -10.98 -33.34
N THR BA 132 -1.15 -10.08 -32.37
CA THR BA 132 -1.62 -8.69 -32.53
C THR BA 132 -1.06 -8.01 -33.76
N PHE BA 133 0.16 -8.38 -34.11
CA PHE BA 133 0.83 -7.78 -35.24
C PHE BA 133 0.36 -8.28 -36.61
N ILE BA 134 -0.26 -9.45 -36.64
CA ILE BA 134 -0.71 -9.98 -37.91
C ILE BA 134 -2.21 -10.01 -38.10
N TYR BA 135 -2.94 -9.23 -37.31
CA TYR BA 135 -4.39 -9.16 -37.45
C TYR BA 135 -4.77 -8.62 -38.83
N GLY BA 136 -4.29 -7.41 -39.14
CA GLY BA 136 -4.58 -6.81 -40.42
C GLY BA 136 -4.09 -7.67 -41.57
N TYR BA 137 -2.88 -8.19 -41.46
CA TYR BA 137 -2.32 -9.02 -42.51
C TYR BA 137 -3.16 -10.28 -42.78
N CYS BA 138 -3.56 -10.99 -41.73
CA CYS BA 138 -4.34 -12.20 -41.87
C CYS BA 138 -5.75 -11.94 -42.39
N ASP BA 139 -6.37 -10.87 -41.92
CA ASP BA 139 -7.72 -10.55 -42.36
C ASP BA 139 -7.75 -10.20 -43.84
N LYS BA 140 -6.65 -9.67 -44.35
CA LYS BA 140 -6.55 -9.28 -45.76
C LYS BA 140 -6.03 -10.38 -46.66
N ASN BA 141 -5.54 -11.49 -46.11
CA ASN BA 141 -4.99 -12.56 -46.95
C ASN BA 141 -5.62 -13.92 -46.80
N PHE BA 142 -6.53 -14.07 -45.83
CA PHE BA 142 -7.18 -15.36 -45.68
C PHE BA 142 -8.30 -15.47 -46.68
N ARG BA 143 -8.51 -16.70 -47.15
CA ARG BA 143 -9.55 -17.02 -48.11
C ARG BA 143 -10.02 -18.40 -47.70
N GLU BA 144 -11.30 -18.68 -47.88
CA GLU BA 144 -11.80 -20.00 -47.52
C GLU BA 144 -11.50 -21.01 -48.61
N ASN BA 145 -11.31 -22.25 -48.20
CA ASN BA 145 -11.01 -23.33 -49.12
C ASN BA 145 -9.79 -23.13 -50.00
N MET BA 146 -8.69 -22.69 -49.40
CA MET BA 146 -7.46 -22.52 -50.16
C MET BA 146 -6.91 -23.93 -50.35
N SER BA 147 -5.86 -24.07 -51.14
CA SER BA 147 -5.28 -25.39 -51.34
C SER BA 147 -4.23 -25.59 -50.26
N LYS BA 148 -3.75 -26.82 -50.11
CA LYS BA 148 -2.74 -27.09 -49.10
C LYS BA 148 -1.57 -26.12 -49.28
N GLU BA 149 -1.02 -26.03 -50.48
CA GLU BA 149 0.13 -25.15 -50.73
C GLU BA 149 -0.17 -23.68 -50.44
N GLU BA 150 -1.37 -23.23 -50.77
CA GLU BA 150 -1.73 -21.85 -50.51
C GLU BA 150 -1.77 -21.59 -49.02
N THR BA 151 -2.37 -22.53 -48.29
CA THR BA 151 -2.51 -22.44 -46.83
C THR BA 151 -1.15 -22.48 -46.12
N VAL BA 152 -0.28 -23.39 -46.55
CA VAL BA 152 1.04 -23.48 -45.93
C VAL BA 152 1.79 -22.16 -46.12
N ASP BA 153 1.50 -21.49 -47.23
CA ASP BA 153 2.15 -20.21 -47.52
C ASP BA 153 1.58 -19.09 -46.68
N PHE BA 154 0.26 -19.10 -46.49
CA PHE BA 154 -0.42 -18.09 -45.70
C PHE BA 154 0.09 -18.13 -44.26
N ILE BA 155 0.17 -19.34 -43.71
CA ILE BA 155 0.65 -19.53 -42.35
C ILE BA 155 2.12 -19.15 -42.25
N LYS BA 156 2.93 -19.59 -43.21
CA LYS BA 156 4.35 -19.29 -43.21
C LYS BA 156 4.60 -17.77 -43.24
N HIS BA 157 3.78 -17.07 -44.03
CA HIS BA 157 3.92 -15.61 -44.14
C HIS BA 157 3.44 -14.93 -42.86
N SER BA 158 2.24 -15.27 -42.43
CA SER BA 158 1.68 -14.68 -41.23
C SER BA 158 2.64 -14.80 -40.03
N LEU BA 159 3.03 -16.04 -39.72
CA LEU BA 159 3.91 -16.29 -38.60
C LEU BA 159 5.29 -15.68 -38.75
N SER BA 160 5.78 -15.54 -39.97
CA SER BA 160 7.11 -14.96 -40.09
C SER BA 160 7.01 -13.49 -39.69
N GLN BA 161 5.88 -12.86 -40.01
CA GLN BA 161 5.70 -11.46 -39.66
C GLN BA 161 5.53 -11.33 -38.15
N ALA BA 162 4.75 -12.22 -37.55
CA ALA BA 162 4.55 -12.20 -36.12
C ALA BA 162 5.93 -12.34 -35.46
N ILE BA 163 6.74 -13.25 -35.98
CA ILE BA 163 8.07 -13.48 -35.44
C ILE BA 163 8.95 -12.24 -35.62
N LYS BA 164 8.75 -11.54 -36.73
CA LYS BA 164 9.53 -10.36 -37.03
C LYS BA 164 9.36 -9.24 -36.04
N TRP BA 165 8.12 -9.04 -35.61
CA TRP BA 165 7.80 -7.96 -34.71
C TRP BA 165 7.72 -8.29 -33.23
N ASP BA 166 7.38 -9.53 -32.89
CA ASP BA 166 7.25 -9.93 -31.50
C ASP BA 166 8.47 -10.65 -30.94
N GLY BA 167 9.20 -9.99 -30.04
CA GLY BA 167 10.38 -10.57 -29.45
C GLY BA 167 10.06 -11.83 -28.67
N SER BA 168 8.79 -12.09 -28.40
CA SER BA 168 8.42 -13.28 -27.66
C SER BA 168 8.19 -14.50 -28.55
N SER BA 169 8.33 -14.30 -29.86
CA SER BA 169 8.16 -15.37 -30.84
C SER BA 169 9.45 -15.49 -31.63
N GLY BA 170 9.71 -16.67 -32.17
CA GLY BA 170 10.91 -16.89 -32.94
C GLY BA 170 11.30 -18.35 -33.10
N GLY BA 171 12.50 -18.57 -33.63
CA GLY BA 171 12.99 -19.92 -33.85
C GLY BA 171 12.52 -20.45 -35.20
N VAL BA 172 11.98 -21.66 -35.18
CA VAL BA 172 11.48 -22.25 -36.42
C VAL BA 172 9.96 -22.14 -36.44
N ILE BA 173 9.37 -22.35 -37.61
CA ILE BA 173 7.93 -22.35 -37.72
C ILE BA 173 7.58 -23.82 -37.90
N ARG BA 174 6.70 -24.32 -37.03
CA ARG BA 174 6.28 -25.70 -37.12
C ARG BA 174 4.83 -25.73 -37.61
N MET BA 175 4.49 -26.76 -38.39
CA MET BA 175 3.14 -26.91 -38.88
C MET BA 175 2.74 -28.36 -38.80
N VAL BA 176 1.43 -28.58 -38.76
CA VAL BA 176 0.88 -29.93 -38.71
C VAL BA 176 -0.31 -29.91 -39.65
N VAL BA 177 -0.31 -30.81 -40.64
CA VAL BA 177 -1.40 -30.85 -41.60
C VAL BA 177 -2.38 -31.97 -41.28
N LEU BA 178 -3.65 -31.60 -41.14
CA LEU BA 178 -4.70 -32.56 -40.83
C LEU BA 178 -5.71 -32.71 -41.97
N THR BA 179 -5.60 -33.83 -42.68
CA THR BA 179 -6.49 -34.12 -43.81
C THR BA 179 -6.89 -35.60 -43.79
N ALA BA 180 -7.73 -36.00 -44.73
CA ALA BA 180 -8.15 -37.38 -44.80
C ALA BA 180 -6.94 -38.27 -45.10
N ALA BA 181 -5.89 -37.67 -45.66
CA ALA BA 181 -4.69 -38.41 -46.03
C ALA BA 181 -3.75 -38.79 -44.89
N GLY BA 182 -3.98 -38.25 -43.70
CA GLY BA 182 -3.10 -38.56 -42.58
C GLY BA 182 -2.62 -37.33 -41.84
N VAL BA 183 -1.48 -37.46 -41.16
CA VAL BA 183 -0.91 -36.35 -40.39
C VAL BA 183 0.48 -36.02 -40.89
N GLU BA 184 0.71 -34.76 -41.25
CA GLU BA 184 2.01 -34.34 -41.74
C GLU BA 184 2.60 -33.17 -40.95
N ARG BA 185 3.87 -33.33 -40.58
CA ARG BA 185 4.60 -32.31 -39.83
C ARG BA 185 5.53 -31.55 -40.75
N LEU BA 186 5.46 -30.23 -40.69
CA LEU BA 186 6.33 -29.39 -41.51
C LEU BA 186 7.15 -28.50 -40.60
N ILE BA 187 8.36 -28.14 -41.04
CA ILE BA 187 9.21 -27.25 -40.26
C ILE BA 187 9.91 -26.30 -41.24
N PHE BA 188 10.03 -25.04 -40.87
CA PHE BA 188 10.70 -24.05 -41.71
C PHE BA 188 11.67 -23.29 -40.85
N TYR BA 189 12.89 -23.14 -41.36
CA TYR BA 189 13.92 -22.46 -40.61
C TYR BA 189 13.99 -20.99 -40.93
N PRO BA 190 14.65 -20.20 -40.07
CA PRO BA 190 14.79 -18.75 -40.25
C PRO BA 190 15.19 -18.33 -41.67
N ASP BA 191 16.33 -18.83 -42.12
CA ASP BA 191 16.78 -18.49 -43.47
C ASP BA 191 15.69 -18.59 -44.51
N GLU BA 192 14.70 -19.45 -44.29
CA GLU BA 192 13.65 -19.54 -45.29
C GLU BA 192 12.54 -18.50 -45.10
N TYR BA 193 11.83 -18.56 -43.96
CA TYR BA 193 10.73 -17.63 -43.74
C TYR BA 193 11.11 -16.18 -43.50
N GLU BA 194 12.35 -15.92 -43.10
CA GLU BA 194 12.76 -14.55 -42.83
C GLU BA 194 12.66 -13.63 -44.05
N GLN BA 195 13.26 -14.05 -45.17
CA GLN BA 195 13.23 -13.24 -46.37
C GLN BA 195 11.96 -13.39 -47.22
N LEU BA 196 10.83 -13.64 -46.55
CA LEU BA 196 9.56 -13.77 -47.26
C LEU BA 196 8.85 -12.42 -47.27
C1 SLR CA . 23.33 1.27 19.89
C2 SLR CA . 22.67 1.01 18.50
C3 SLR CA . 22.58 2.41 17.95
N4 SLR CA . 23.39 3.24 18.65
C5 SLR CA . 24.13 2.64 19.75
C6 SLR CA . 23.92 3.37 21.05
O7 SLR CA . 23.24 4.39 21.11
O8 SLR CA . 24.23 0.20 20.29
C9 SLR CA . 21.27 0.35 18.62
O10 SLR CA . 21.89 2.73 16.99
C11 SLR CA . 25.67 2.49 19.33
O12 SLR CA . 25.83 1.49 18.29
C13 SLR CA . 26.41 3.77 18.75
C14 SLR CA . 26.42 5.05 19.65
C15 SLR CA . 27.90 3.46 18.41
C1 SLR DA . -22.41 5.58 20.11
C2 SLR DA . -21.80 5.35 18.69
C3 SLR DA . -21.72 3.85 18.64
N4 SLR DA . -22.49 3.32 19.61
C5 SLR DA . -23.20 4.26 20.46
C6 SLR DA . -22.95 4.01 21.92
O7 SLR DA . -22.27 3.05 22.29
O8 SLR DA . -23.27 6.72 20.15
C9 SLR DA . -20.40 6.01 18.53
O10 SLR DA . -21.07 3.21 17.82
C11 SLR DA . -24.76 4.26 20.09
O12 SLR DA . -24.96 4.85 18.78
C13 SLR DA . -25.51 2.86 20.00
C14 SLR DA . -25.47 1.96 21.28
C15 SLR DA . -27.01 3.07 19.64
#